data_2AFI
#
_entry.id   2AFI
#
_cell.length_a   72.915
_cell.length_b   141.432
_cell.length_c   165.549
_cell.angle_alpha   73.69
_cell.angle_beta   79.37
_cell.angle_gamma   76.58
#
_symmetry.space_group_name_H-M   'P 1'
#
loop_
_entity.id
_entity.type
_entity.pdbx_description
1 polymer 'Nitrogenase molybdenum-iron protein'
2 polymer 'Nitrogenase molybdenum-iron protein'
3 polymer 'Nitrogenase iron protein 1'
4 non-polymer '3-HYDROXY-3-CARBOXY-ADIPIC ACID'
5 non-polymer 'FE(7)-MO-S(9)-N CLUSTER'
6 non-polymer 'CALCIUM ION'
7 non-polymer 'FE(8)-S(7) CLUSTER'
8 non-polymer 'MAGNESIUM ION'
9 non-polymer "ADENOSINE-5'-DIPHOSPHATE"
10 non-polymer 'IRON/SULFUR CLUSTER'
11 water water
#
loop_
_entity_poly.entity_id
_entity_poly.type
_entity_poly.pdbx_seq_one_letter_code
_entity_poly.pdbx_strand_id
1 'polypeptide(L)'
;TGMSREEVESLIQEVLEVYPEKARKDRNKHLAVNDPAVTQSKKCIISNKKSQPGLMTIRGCAYAGSKGVVWGPIKDMIHI
SHGPVGCGQYSRAGRRNYYIGTTGVNAFVTMNFTSDFQEKDIVFGGDKKLAKLIDEVETLFPLNKGISVQSECPIGLIGD
DIESVSKVKGAELSKTIVPVRCEGFRGVSQSLGHHIANDAVRDWVLGKRDEDTTFASTPYDVAIIGDYNIGGDAWSSRIL
LEEMGLRCVAQWSGDGSISEIELTPKVKLNLVHCYRSMNYISRHMEEKYGIPWMEYNFFGPTKTIESLRAIAAKFDESIQ
KKCEEVIAKYKPEWEAVVAKYRPRLEGKRVMLYIGGLRPRHVIGAYEDLGMEVVGTGYEFAHNDDYDRTMKEMGDSTLLY
DDVTGYEFEEFVKRIKPDLIGSGIKEKFIFQKMGIPFREMHSWDYSGPYHGFDGFAIFARDMDMTLNNPCWKKLQAPWEA
SEGAEKVAASA
;
A,C,I,K
2 'polypeptide(L)'
;SQQVDKIKASYPLFLDQDYKDMLAKKRDGFEEKYPQDKIDEVFQWTTTKEYQELNFQREALTVNPAKACQPLGAVLCALG
FEKTMPYVHGSQGCVAYFRSYFNRHFREPVSCVSDSMTEDAAVFGGQQNMKDGLQNCKATYKPDMIAVSTTCMAEVIGDD
LNAFINNSKKEGFIPDEFPVPFAHTPSFVGSHVTGWDNMFEGIARYFTLKSMDDKVVGSNKKINIVPGFETYLGNFRVIK
RMLSEMGVGYSLLSDPEEVLDTPADGQFRMYAGGTTQEEMKDAPNALNTVLLQPWHLEKTKKFVEGTWKHEVPKLNIPMG
LDWTDEFLMKVSEISGQPIPASLTKERGRLVDMMTDSHTWLHGKRFALWGDPDFVMGLVKFLLELGCEPVHILCHNGNKR
WKKAVDAILAASPYGKNATVYIGKDLWHLRSLVFTDKPDFMIGNSYGKFIQRDTLHKGKEFEVPLIRIGFPIFDRHHLHR
STTLGYEGAMQILTTLVNSILERLDEETRGMQATDYNHDLVR
;
B,D,J,L
3 'polypeptide(L)'
;AMRQCAIYGKGGIGKSTTTQNLVAALAEMGKKVMIVGCDPKADSTRLILHSKAQNTIMEMAAEAGTVEDLELEDVLKAGY
GGVKCVESGGPEPGVGCAGRGVITAINFLEEEGAYEDDLDFVFYDVLGDVVCGGFAMPIRENKAQEIYIVCSGEMMAMYA
ANNISKGIVKYANSGSVRLGGLICNSRNTDREDELIIALANKLGTQMIHFVPRDNVVQRAEIRRMTVIEYDPKAKQADEY
RALARKVVDNKLLVIPNPITMDELEELLMEFGIMEVEDESIVGKTAEEV
;
E,F,G,H,M,N,O,P
#
loop_
_chem_comp.id
_chem_comp.type
_chem_comp.name
_chem_comp.formula
ADP non-polymer ADENOSINE-5'-DIPHOSPHATE 'C10 H15 N5 O10 P2'
CA non-polymer 'CALCIUM ION' 'Ca 2'
CFN non-polymer 'FE(7)-MO-S(9)-N CLUSTER' 'Fe7 Mo N S9'
CLF non-polymer 'FE(8)-S(7) CLUSTER' 'Fe8 S7'
HCA non-polymer '3-HYDROXY-3-CARBOXY-ADIPIC ACID' 'C7 H10 O7'
MG non-polymer 'MAGNESIUM ION' 'Mg 2'
SF4 non-polymer 'IRON/SULFUR CLUSTER' 'Fe4 S4'
#
# COMPACT_ATOMS: atom_id res chain seq x y z
N SER A 4 -33.19 58.82 17.06
CA SER A 4 -34.61 59.20 16.72
C SER A 4 -35.37 57.99 16.17
N ARG A 5 -36.69 58.09 16.09
CA ARG A 5 -37.49 56.98 15.59
C ARG A 5 -37.26 56.71 14.10
N GLU A 6 -37.16 57.76 13.30
CA GLU A 6 -36.95 57.60 11.87
C GLU A 6 -35.58 56.99 11.62
N GLU A 7 -34.61 57.42 12.40
CA GLU A 7 -33.23 56.94 12.29
C GLU A 7 -33.11 55.47 12.69
N VAL A 8 -33.76 55.06 13.76
CA VAL A 8 -33.72 53.67 14.21
C VAL A 8 -34.39 52.78 13.17
N GLU A 9 -35.55 53.23 12.67
CA GLU A 9 -36.37 52.53 11.66
C GLU A 9 -35.53 52.34 10.37
N SER A 10 -34.78 53.37 10.02
CA SER A 10 -33.93 53.34 8.83
C SER A 10 -32.80 52.32 9.07
N LEU A 11 -32.26 52.33 10.27
CA LEU A 11 -31.17 51.44 10.65
C LEU A 11 -31.63 50.01 10.52
N ILE A 12 -32.86 49.71 10.92
CA ILE A 12 -33.38 48.36 10.82
C ILE A 12 -33.52 47.97 9.35
N GLN A 13 -34.05 48.87 8.54
CA GLN A 13 -34.26 48.62 7.10
C GLN A 13 -32.94 48.45 6.38
N GLU A 14 -31.99 49.27 6.76
CA GLU A 14 -30.67 49.29 6.19
C GLU A 14 -29.97 47.98 6.43
N VAL A 15 -30.08 47.45 7.64
CA VAL A 15 -29.41 46.18 7.98
C VAL A 15 -30.02 44.98 7.24
N LEU A 16 -31.34 44.93 7.18
CA LEU A 16 -32.06 43.87 6.52
C LEU A 16 -31.77 43.71 5.05
N GLU A 17 -31.10 44.66 4.42
CA GLU A 17 -30.83 44.56 2.98
C GLU A 17 -29.93 43.43 2.49
N VAL A 18 -29.05 42.98 3.36
CA VAL A 18 -28.11 41.90 3.10
C VAL A 18 -28.78 40.54 2.94
N TYR A 19 -29.81 40.27 3.74
CA TYR A 19 -30.54 38.99 3.72
C TYR A 19 -31.38 38.68 2.46
N PRO A 20 -31.49 37.38 2.14
CA PRO A 20 -32.25 36.87 1.01
C PRO A 20 -33.67 37.20 1.46
N GLU A 21 -34.64 37.16 0.55
CA GLU A 21 -36.02 37.51 0.86
C GLU A 21 -36.83 36.73 1.91
N LYS A 22 -36.79 35.40 1.92
CA LYS A 22 -37.59 34.69 2.92
C LYS A 22 -37.06 35.06 4.30
N ALA A 23 -35.75 35.08 4.44
CA ALA A 23 -35.09 35.42 5.71
C ALA A 23 -35.33 36.92 6.04
N ARG A 24 -35.19 37.80 5.03
CA ARG A 24 -35.39 39.24 5.26
C ARG A 24 -36.84 39.52 5.64
N LYS A 25 -37.76 38.91 4.95
CA LYS A 25 -39.16 39.13 5.26
C LYS A 25 -39.47 38.70 6.69
N ASP A 26 -38.96 37.54 7.09
CA ASP A 26 -39.19 37.02 8.44
C ASP A 26 -38.53 37.84 9.54
N ARG A 27 -37.29 38.23 9.31
CA ARG A 27 -36.52 39.01 10.30
C ARG A 27 -37.13 40.37 10.64
N ASN A 28 -37.59 41.11 9.64
CA ASN A 28 -38.17 42.42 9.91
C ASN A 28 -39.27 42.34 10.99
N LYS A 29 -39.93 41.20 11.11
CA LYS A 29 -40.99 40.99 12.08
C LYS A 29 -40.40 40.95 13.49
N HIS A 30 -39.12 40.60 13.58
CA HIS A 30 -38.42 40.51 14.87
C HIS A 30 -37.64 41.73 15.37
N LEU A 31 -37.60 42.78 14.56
CA LEU A 31 -36.89 44.00 14.92
C LEU A 31 -37.85 45.15 15.04
N ALA A 32 -37.86 45.83 16.18
CA ALA A 32 -38.77 46.95 16.36
C ALA A 32 -38.22 48.17 17.09
N VAL A 33 -38.75 49.34 16.79
CA VAL A 33 -38.31 50.58 17.45
C VAL A 33 -39.36 50.66 18.57
N ASN A 34 -38.92 50.73 19.81
CA ASN A 34 -39.88 50.76 20.90
C ASN A 34 -40.74 51.93 21.21
N ASP A 35 -42.03 51.64 21.43
CA ASP A 35 -43.00 52.65 21.78
C ASP A 35 -43.45 52.19 23.15
N PRO A 36 -43.18 53.00 24.18
CA PRO A 36 -43.54 52.67 25.56
C PRO A 36 -45.03 52.67 25.78
N ALA A 37 -45.70 53.40 24.91
CA ALA A 37 -47.13 53.57 24.91
C ALA A 37 -47.87 52.28 24.57
N VAL A 38 -47.40 51.53 23.58
CA VAL A 38 -48.10 50.31 23.22
C VAL A 38 -48.28 49.21 24.25
N THR A 39 -49.56 48.90 24.44
CA THR A 39 -50.08 47.87 25.34
C THR A 39 -49.75 46.43 24.95
N GLN A 40 -49.91 46.16 23.67
CA GLN A 40 -49.67 44.86 23.08
C GLN A 40 -48.45 44.81 22.23
N SER A 41 -47.66 43.79 22.51
CA SER A 41 -46.41 43.49 21.86
C SER A 41 -46.60 43.08 20.40
N LYS A 42 -47.57 42.23 20.13
CA LYS A 42 -47.78 41.81 18.78
C LYS A 42 -47.89 42.95 17.78
N LYS A 43 -48.35 44.13 18.17
CA LYS A 43 -48.41 45.16 17.14
C LYS A 43 -46.96 45.47 16.78
N CYS A 44 -46.15 45.71 17.80
CA CYS A 44 -44.75 46.01 17.64
C CYS A 44 -43.75 44.99 17.14
N ILE A 45 -43.78 43.80 17.74
CA ILE A 45 -42.85 42.75 17.39
C ILE A 45 -43.45 41.33 17.43
N ILE A 46 -42.88 40.41 16.67
CA ILE A 46 -43.36 39.04 16.66
C ILE A 46 -42.22 38.24 17.32
N SER A 47 -42.55 37.16 18.02
CA SER A 47 -41.50 36.40 18.70
C SER A 47 -41.75 34.91 18.90
N ASN A 48 -40.70 34.18 19.31
CA ASN A 48 -40.78 32.74 19.56
C ASN A 48 -41.19 31.93 18.37
N LYS A 49 -40.48 32.15 17.25
CA LYS A 49 -40.69 31.48 15.96
C LYS A 49 -39.39 30.78 15.58
N LYS A 50 -39.49 29.76 14.73
CA LYS A 50 -38.31 29.01 14.34
C LYS A 50 -37.38 29.98 13.67
N SER A 51 -36.11 29.83 14.02
CA SER A 51 -34.99 30.64 13.53
C SER A 51 -34.68 30.30 12.09
N GLN A 52 -34.26 31.32 11.33
CA GLN A 52 -33.89 31.19 9.92
C GLN A 52 -32.51 30.53 9.89
N PRO A 53 -32.31 29.49 9.07
CA PRO A 53 -31.01 28.81 9.00
C PRO A 53 -29.82 29.59 8.41
N GLY A 54 -28.63 29.30 8.93
CA GLY A 54 -27.44 29.99 8.44
C GLY A 54 -27.23 31.40 8.89
N LEU A 55 -28.04 31.92 9.81
CA LEU A 55 -27.91 33.29 10.28
C LEU A 55 -27.21 33.54 11.60
N MET A 56 -26.69 32.46 12.20
CA MET A 56 -25.99 32.49 13.49
C MET A 56 -26.73 32.98 14.74
N THR A 57 -27.88 32.39 14.96
CA THR A 57 -28.75 32.68 16.08
C THR A 57 -28.01 32.18 17.32
N ILE A 58 -28.23 32.86 18.42
CA ILE A 58 -27.64 32.56 19.72
C ILE A 58 -28.40 31.53 20.54
N ARG A 59 -29.54 31.09 20.03
CA ARG A 59 -30.36 30.11 20.74
C ARG A 59 -29.86 28.69 20.96
N GLY A 60 -30.13 28.19 22.14
CA GLY A 60 -29.75 26.84 22.49
C GLY A 60 -30.93 25.93 22.13
N CYS A 61 -30.89 24.69 22.61
CA CYS A 61 -31.94 23.71 22.36
C CYS A 61 -32.84 23.48 23.56
N ALA A 62 -33.84 22.60 23.39
CA ALA A 62 -34.80 22.28 24.45
C ALA A 62 -34.13 21.53 25.58
N TYR A 63 -33.06 20.81 25.26
CA TYR A 63 -32.29 20.03 26.23
C TYR A 63 -31.62 21.07 27.13
N ALA A 64 -31.10 22.12 26.57
CA ALA A 64 -30.45 23.15 27.35
C ALA A 64 -31.50 23.75 28.25
N GLY A 65 -32.69 24.06 27.74
CA GLY A 65 -33.63 24.65 28.66
C GLY A 65 -34.07 23.65 29.74
N SER A 66 -34.38 22.40 29.40
CA SER A 66 -34.77 21.51 30.48
C SER A 66 -33.64 20.98 31.39
N LYS A 67 -32.58 20.40 30.83
CA LYS A 67 -31.46 19.88 31.65
C LYS A 67 -30.56 20.93 32.24
N GLY A 68 -30.26 21.90 31.39
CA GLY A 68 -29.41 23.00 31.73
C GLY A 68 -29.91 24.02 32.73
N VAL A 69 -31.17 24.43 32.59
CA VAL A 69 -31.72 25.41 33.49
C VAL A 69 -32.68 24.91 34.56
N VAL A 70 -33.81 24.29 34.23
CA VAL A 70 -34.66 23.83 35.34
C VAL A 70 -34.21 22.67 36.25
N TRP A 71 -33.85 21.56 35.63
CA TRP A 71 -33.39 20.33 36.31
C TRP A 71 -32.01 20.20 36.92
N GLY A 72 -31.01 20.66 36.17
CA GLY A 72 -29.64 20.54 36.62
C GLY A 72 -29.38 21.11 37.98
N PRO A 73 -29.91 22.28 38.32
CA PRO A 73 -29.65 22.82 39.64
C PRO A 73 -30.11 22.02 40.80
N ILE A 74 -31.06 21.08 40.66
CA ILE A 74 -31.43 20.40 41.91
C ILE A 74 -30.25 19.60 42.44
N LYS A 75 -29.84 19.88 43.67
CA LYS A 75 -28.71 19.17 44.21
C LYS A 75 -28.74 17.71 44.56
N ASP A 76 -29.82 17.27 45.21
CA ASP A 76 -29.97 15.87 45.61
C ASP A 76 -30.16 14.89 44.48
N MET A 77 -30.94 15.25 43.47
CA MET A 77 -31.16 14.34 42.35
C MET A 77 -30.03 14.21 41.35
N ILE A 78 -30.00 13.09 40.64
CA ILE A 78 -28.99 12.81 39.62
C ILE A 78 -29.66 12.93 38.24
N HIS A 79 -29.07 13.71 37.34
CA HIS A 79 -29.65 13.89 36.01
C HIS A 79 -28.79 13.24 34.94
N ILE A 80 -29.42 12.30 34.26
CA ILE A 80 -28.77 11.56 33.21
C ILE A 80 -29.03 12.22 31.85
N SER A 81 -27.96 12.50 31.12
CA SER A 81 -28.16 13.11 29.84
C SER A 81 -28.21 11.83 29.04
N HIS A 82 -29.37 11.59 28.45
CA HIS A 82 -29.61 10.39 27.66
C HIS A 82 -29.38 10.66 26.17
N GLY A 83 -28.43 9.94 25.59
CA GLY A 83 -28.10 10.11 24.19
C GLY A 83 -26.59 10.04 24.03
N PRO A 84 -26.03 10.63 22.98
CA PRO A 84 -24.58 10.65 22.71
C PRO A 84 -23.91 11.49 23.76
N VAL A 85 -22.59 11.36 23.86
CA VAL A 85 -21.75 12.05 24.85
C VAL A 85 -21.62 13.56 24.84
N GLY A 86 -21.77 14.19 23.68
CA GLY A 86 -21.62 15.63 23.64
C GLY A 86 -22.46 16.64 24.43
N CYS A 87 -23.77 16.49 24.51
CA CYS A 87 -24.66 17.43 25.20
C CYS A 87 -24.32 17.57 26.67
N GLY A 88 -24.06 16.45 27.30
CA GLY A 88 -23.72 16.46 28.72
C GLY A 88 -22.37 17.11 28.91
N GLN A 89 -21.46 16.83 28.01
CA GLN A 89 -20.13 17.37 28.10
C GLN A 89 -19.99 18.87 27.91
N TYR A 90 -20.65 19.43 26.92
CA TYR A 90 -20.57 20.87 26.65
C TYR A 90 -21.24 21.59 27.81
N SER A 91 -22.39 21.10 28.24
CA SER A 91 -23.10 21.72 29.34
C SER A 91 -22.56 21.49 30.79
N ARG A 92 -21.62 20.57 31.01
CA ARG A 92 -21.15 20.37 32.38
C ARG A 92 -20.46 21.56 33.07
N ALA A 93 -20.97 21.89 34.25
CA ALA A 93 -20.47 22.97 35.07
C ALA A 93 -20.38 24.28 34.31
N GLY A 94 -21.11 24.37 33.23
CA GLY A 94 -21.15 25.57 32.42
C GLY A 94 -21.82 26.78 33.08
N ARG A 95 -22.94 26.50 33.74
CA ARG A 95 -23.75 27.48 34.43
C ARG A 95 -23.57 27.42 35.92
N ARG A 96 -23.40 28.58 36.53
CA ARG A 96 -23.18 28.64 37.97
C ARG A 96 -24.42 28.65 38.87
N ASN A 97 -25.15 27.56 38.94
CA ASN A 97 -26.31 27.58 39.80
C ASN A 97 -25.62 27.02 41.01
N TYR A 98 -25.32 27.94 41.92
CA TYR A 98 -24.62 27.61 43.16
C TYR A 98 -25.42 26.78 44.13
N TYR A 99 -24.75 25.81 44.73
CA TYR A 99 -25.38 24.91 45.69
C TYR A 99 -24.44 24.49 46.80
N ILE A 100 -24.98 24.04 47.93
CA ILE A 100 -24.11 23.58 49.05
C ILE A 100 -24.33 22.06 49.21
N GLY A 101 -23.26 21.28 49.15
CA GLY A 101 -23.40 19.86 49.30
C GLY A 101 -22.07 19.15 49.20
N THR A 102 -22.04 17.83 49.34
CA THR A 102 -20.80 17.11 49.24
C THR A 102 -21.05 16.49 47.90
N THR A 103 -20.25 16.88 46.94
CA THR A 103 -20.41 16.40 45.61
C THR A 103 -19.94 15.02 45.35
N GLY A 104 -20.76 14.30 44.61
CA GLY A 104 -20.52 12.93 44.25
C GLY A 104 -21.00 12.06 45.40
N VAL A 105 -21.28 12.64 46.56
CA VAL A 105 -21.76 11.82 47.65
C VAL A 105 -23.25 12.09 47.89
N ASN A 106 -23.60 13.32 48.21
CA ASN A 106 -25.01 13.64 48.43
C ASN A 106 -25.52 14.71 47.44
N ALA A 107 -24.61 15.46 46.84
CA ALA A 107 -25.02 16.49 45.89
C ALA A 107 -24.26 16.22 44.57
N PHE A 108 -24.96 16.25 43.44
CA PHE A 108 -24.33 15.97 42.15
C PHE A 108 -24.42 16.99 41.00
N VAL A 109 -24.54 18.28 41.28
CA VAL A 109 -24.68 19.27 40.20
C VAL A 109 -23.62 19.42 39.15
N THR A 110 -22.35 19.50 39.54
CA THR A 110 -21.24 19.66 38.59
C THR A 110 -20.93 18.37 37.85
N MET A 111 -21.37 17.26 38.38
CA MET A 111 -21.12 15.96 37.75
C MET A 111 -21.85 15.75 36.42
N ASN A 112 -21.19 15.02 35.51
CA ASN A 112 -21.79 14.71 34.22
C ASN A 112 -22.16 13.21 34.18
N PHE A 113 -23.45 12.91 34.10
CA PHE A 113 -23.93 11.54 34.05
C PHE A 113 -24.59 11.41 32.68
N THR A 114 -24.09 10.41 31.95
CA THR A 114 -24.53 10.07 30.61
C THR A 114 -24.63 8.60 30.19
N SER A 115 -25.60 8.31 29.32
CA SER A 115 -25.83 6.98 28.78
C SER A 115 -24.74 6.67 27.76
N ASP A 116 -24.15 7.75 27.22
CA ASP A 116 -23.07 7.65 26.23
C ASP A 116 -23.33 6.75 25.02
N PHE A 117 -24.36 7.09 24.25
CA PHE A 117 -24.74 6.30 23.10
C PHE A 117 -23.66 6.19 22.06
N GLN A 118 -23.56 4.98 21.54
CA GLN A 118 -22.63 4.54 20.53
C GLN A 118 -23.61 4.07 19.48
N GLU A 119 -23.13 3.57 18.36
CA GLU A 119 -24.05 3.14 17.31
C GLU A 119 -24.92 1.90 17.61
N LYS A 120 -24.43 0.99 18.45
CA LYS A 120 -25.14 -0.22 18.82
C LYS A 120 -26.41 0.31 19.48
N ASP A 121 -26.29 1.31 20.32
CA ASP A 121 -27.43 1.90 21.02
C ASP A 121 -28.34 2.61 20.05
N ILE A 122 -27.79 3.32 19.08
CA ILE A 122 -28.67 4.00 18.15
C ILE A 122 -29.40 2.93 17.34
N VAL A 123 -28.71 1.90 16.86
CA VAL A 123 -29.45 0.91 16.10
C VAL A 123 -30.47 0.06 16.89
N PHE A 124 -30.02 -0.53 17.97
CA PHE A 124 -30.84 -1.37 18.85
C PHE A 124 -31.83 -0.62 19.74
N GLY A 125 -31.40 0.55 20.21
CA GLY A 125 -32.18 1.41 21.08
C GLY A 125 -31.58 1.40 22.47
N GLY A 126 -31.81 2.47 23.20
CA GLY A 126 -31.31 2.65 24.57
C GLY A 126 -32.06 2.35 25.85
N ASP A 127 -33.20 1.68 25.79
CA ASP A 127 -33.99 1.38 26.98
C ASP A 127 -33.36 0.41 27.94
N LYS A 128 -32.79 -0.65 27.39
CA LYS A 128 -32.15 -1.70 28.18
C LYS A 128 -30.97 -1.02 28.88
N LYS A 129 -30.24 -0.20 28.14
CA LYS A 129 -29.08 0.53 28.68
C LYS A 129 -29.49 1.51 29.79
N LEU A 130 -30.56 2.25 29.58
CA LEU A 130 -31.04 3.22 30.56
C LEU A 130 -31.36 2.50 31.85
N ALA A 131 -31.99 1.33 31.75
CA ALA A 131 -32.34 0.53 32.95
C ALA A 131 -31.05 0.07 33.63
N LYS A 132 -30.09 -0.39 32.84
CA LYS A 132 -28.81 -0.85 33.36
C LYS A 132 -28.10 0.32 34.02
N LEU A 133 -28.19 1.48 33.39
CA LEU A 133 -27.57 2.70 33.90
C LEU A 133 -28.25 3.05 35.24
N ILE A 134 -29.59 2.95 35.31
CA ILE A 134 -30.32 3.28 36.53
C ILE A 134 -29.86 2.38 37.67
N ASP A 135 -29.67 1.09 37.40
CA ASP A 135 -29.23 0.14 38.43
C ASP A 135 -27.83 0.50 38.89
N GLU A 136 -26.96 0.83 37.94
CA GLU A 136 -25.57 1.19 38.16
C GLU A 136 -25.47 2.46 38.97
N VAL A 137 -26.32 3.41 38.63
CA VAL A 137 -26.35 4.69 39.30
C VAL A 137 -26.65 4.47 40.74
N GLU A 138 -27.56 3.56 41.00
CA GLU A 138 -27.99 3.24 42.37
C GLU A 138 -26.88 2.59 43.19
N THR A 139 -26.13 1.65 42.67
CA THR A 139 -25.09 1.05 43.51
C THR A 139 -23.95 2.01 43.84
N LEU A 140 -23.47 2.76 42.84
CA LEU A 140 -22.40 3.75 42.95
C LEU A 140 -22.72 4.99 43.77
N PHE A 141 -23.91 5.55 43.61
CA PHE A 141 -24.25 6.72 44.37
C PHE A 141 -25.54 6.45 45.16
N PRO A 142 -25.37 5.84 46.33
CA PRO A 142 -26.43 5.47 47.27
C PRO A 142 -27.27 6.55 47.95
N LEU A 143 -26.74 7.76 48.07
CA LEU A 143 -27.49 8.84 48.74
C LEU A 143 -28.26 9.80 47.87
N ASN A 144 -28.31 9.53 46.58
CA ASN A 144 -29.03 10.40 45.67
C ASN A 144 -30.54 10.26 46.02
N LYS A 145 -31.26 11.37 45.94
CA LYS A 145 -32.69 11.37 46.28
C LYS A 145 -33.62 11.31 45.09
N GLY A 146 -33.08 11.20 43.89
CA GLY A 146 -33.94 11.13 42.73
C GLY A 146 -33.11 10.91 41.49
N ILE A 147 -33.77 10.66 40.36
CA ILE A 147 -33.05 10.44 39.11
C ILE A 147 -33.90 11.06 38.04
N SER A 148 -33.31 11.63 37.02
CA SER A 148 -34.10 12.24 35.96
C SER A 148 -33.39 11.87 34.70
N VAL A 149 -34.16 11.66 33.64
CA VAL A 149 -33.54 11.30 32.39
C VAL A 149 -33.87 12.44 31.47
N GLN A 150 -32.84 13.09 30.95
CA GLN A 150 -33.01 14.22 30.04
C GLN A 150 -32.73 13.66 28.64
N SER A 151 -33.75 13.70 27.80
CA SER A 151 -33.60 13.17 26.45
C SER A 151 -32.90 14.07 25.47
N GLU A 152 -31.86 13.53 24.86
CA GLU A 152 -31.08 14.23 23.88
C GLU A 152 -31.84 14.06 22.58
N CYS A 153 -31.32 14.57 21.49
CA CYS A 153 -32.07 14.45 20.25
C CYS A 153 -32.32 13.03 19.76
N PRO A 154 -31.33 12.14 19.79
CA PRO A 154 -31.62 10.79 19.30
C PRO A 154 -32.73 10.01 20.02
N ILE A 155 -33.08 10.38 21.24
CA ILE A 155 -34.11 9.61 21.96
C ILE A 155 -35.49 9.69 21.31
N GLY A 156 -35.91 10.87 20.90
CA GLY A 156 -37.20 11.06 20.28
C GLY A 156 -37.21 10.36 18.92
N LEU A 157 -36.14 10.53 18.18
CA LEU A 157 -36.02 9.95 16.85
C LEU A 157 -35.92 8.41 16.79
N ILE A 158 -35.14 7.77 17.64
CA ILE A 158 -35.04 6.30 17.57
C ILE A 158 -36.18 5.47 18.18
N GLY A 159 -37.18 6.15 18.74
CA GLY A 159 -38.30 5.43 19.33
C GLY A 159 -38.12 4.75 20.67
N ASP A 160 -37.23 5.29 21.48
CA ASP A 160 -36.94 4.76 22.81
C ASP A 160 -38.09 5.20 23.73
N ASP A 161 -38.59 4.32 24.60
CA ASP A 161 -39.68 4.70 25.50
C ASP A 161 -39.00 4.82 26.87
N ILE A 162 -38.82 6.05 27.34
CA ILE A 162 -38.16 6.19 28.64
C ILE A 162 -39.11 6.26 29.81
N GLU A 163 -40.38 6.45 29.51
CA GLU A 163 -41.41 6.55 30.50
C GLU A 163 -41.61 5.22 31.23
N SER A 164 -41.62 4.14 30.45
CA SER A 164 -41.80 2.79 30.98
C SER A 164 -40.63 2.38 31.87
N VAL A 165 -39.42 2.66 31.42
CA VAL A 165 -38.19 2.31 32.15
C VAL A 165 -38.17 3.13 33.44
N SER A 166 -38.57 4.37 33.33
CA SER A 166 -38.59 5.24 34.47
C SER A 166 -39.67 4.74 35.41
N LYS A 167 -40.81 4.35 34.87
CA LYS A 167 -41.91 3.87 35.72
C LYS A 167 -41.59 2.53 36.39
N VAL A 168 -41.03 1.59 35.64
CA VAL A 168 -40.69 0.27 36.14
C VAL A 168 -39.54 0.27 37.17
N LYS A 169 -38.46 1.01 36.89
CA LYS A 169 -37.29 1.10 37.79
C LYS A 169 -37.65 1.84 39.06
N GLY A 170 -38.38 2.93 38.87
CA GLY A 170 -38.80 3.74 39.98
C GLY A 170 -39.55 2.88 40.96
N ALA A 171 -40.38 2.02 40.41
CA ALA A 171 -41.19 1.13 41.20
C ALA A 171 -40.26 0.15 41.88
N GLU A 172 -39.31 -0.38 41.14
CA GLU A 172 -38.38 -1.35 41.68
C GLU A 172 -37.49 -0.78 42.77
N LEU A 173 -36.97 0.42 42.55
CA LEU A 173 -36.09 1.10 43.50
C LEU A 173 -36.83 1.99 44.53
N SER A 174 -38.14 2.10 44.40
CA SER A 174 -38.93 2.93 45.32
C SER A 174 -38.28 4.30 45.35
N LYS A 175 -37.82 4.66 44.17
CA LYS A 175 -37.15 5.92 43.92
C LYS A 175 -37.87 6.69 42.80
N THR A 176 -37.92 8.02 42.90
CA THR A 176 -38.59 8.78 41.86
C THR A 176 -37.67 8.98 40.69
N ILE A 177 -38.10 8.56 39.51
CA ILE A 177 -37.28 8.72 38.32
C ILE A 177 -38.12 9.54 37.38
N VAL A 178 -37.61 10.68 36.93
CA VAL A 178 -38.43 11.48 36.05
C VAL A 178 -37.97 11.47 34.61
N PRO A 179 -38.76 10.85 33.72
CA PRO A 179 -38.32 10.88 32.33
C PRO A 179 -38.62 12.28 31.83
N VAL A 180 -37.75 12.88 31.04
CA VAL A 180 -38.06 14.22 30.56
C VAL A 180 -37.74 14.24 29.06
N ARG A 181 -38.73 14.58 28.24
CA ARG A 181 -38.53 14.64 26.82
C ARG A 181 -38.12 15.97 26.25
N CYS A 182 -36.91 16.40 26.57
CA CYS A 182 -36.42 17.68 26.08
C CYS A 182 -35.51 17.40 24.89
N GLU A 183 -36.03 16.78 23.87
CA GLU A 183 -35.20 16.50 22.72
C GLU A 183 -34.90 17.83 22.08
N GLY A 184 -33.68 18.02 21.63
CA GLY A 184 -33.32 19.27 20.99
C GLY A 184 -34.20 19.70 19.84
N PHE A 185 -34.60 18.77 19.00
CA PHE A 185 -35.43 19.15 17.87
C PHE A 185 -36.80 19.67 18.31
N ARG A 186 -37.31 19.24 19.44
CA ARG A 186 -38.61 19.73 19.89
C ARG A 186 -38.45 21.24 20.23
N GLY A 187 -39.45 22.05 19.87
CA GLY A 187 -39.44 23.48 20.15
C GLY A 187 -38.53 24.24 19.20
N VAL A 188 -38.31 25.53 19.45
CA VAL A 188 -37.43 26.36 18.60
C VAL A 188 -36.37 27.11 19.40
N SER A 189 -36.33 26.90 20.70
CA SER A 189 -35.37 27.58 21.55
C SER A 189 -35.29 26.88 22.88
N GLN A 190 -34.46 27.39 23.79
CA GLN A 190 -34.33 26.82 25.15
C GLN A 190 -35.69 26.86 25.86
N SER A 191 -36.64 27.59 25.29
CA SER A 191 -37.96 27.75 25.87
C SER A 191 -38.93 26.59 26.03
N LEU A 192 -39.09 25.74 25.04
CA LEU A 192 -40.03 24.64 25.17
C LEU A 192 -39.51 23.71 26.25
N GLY A 193 -38.19 23.68 26.42
CA GLY A 193 -37.50 22.87 27.39
C GLY A 193 -38.00 23.22 28.79
N HIS A 194 -38.14 24.51 29.08
CA HIS A 194 -38.60 24.92 30.39
C HIS A 194 -39.98 24.33 30.62
N HIS A 195 -40.83 24.39 29.61
CA HIS A 195 -42.19 23.90 29.71
C HIS A 195 -42.18 22.36 29.84
N ILE A 196 -41.36 21.69 29.07
CA ILE A 196 -41.27 20.25 29.12
C ILE A 196 -40.79 19.92 30.53
N ALA A 197 -39.80 20.65 31.02
CA ALA A 197 -39.24 20.43 32.34
C ALA A 197 -40.25 20.72 33.43
N ASN A 198 -41.01 21.80 33.30
CA ASN A 198 -42.03 22.23 34.27
C ASN A 198 -43.13 21.21 34.37
N ASP A 199 -43.58 20.72 33.23
CA ASP A 199 -44.64 19.73 33.11
C ASP A 199 -44.13 18.40 33.71
N ALA A 200 -42.86 18.07 33.49
CA ALA A 200 -42.22 16.87 33.99
C ALA A 200 -42.21 16.94 35.50
N VAL A 201 -41.86 18.11 36.04
CA VAL A 201 -41.83 18.27 37.49
C VAL A 201 -43.22 18.05 38.03
N ARG A 202 -44.20 18.63 37.37
CA ARG A 202 -45.57 18.49 37.85
C ARG A 202 -46.08 17.04 37.72
N ASP A 203 -45.89 16.35 36.61
CA ASP A 203 -46.39 15.00 36.61
C ASP A 203 -45.67 14.00 37.54
N TRP A 204 -44.34 14.01 37.56
CA TRP A 204 -43.59 13.10 38.41
C TRP A 204 -43.12 13.48 39.83
N VAL A 205 -42.99 14.76 40.15
CA VAL A 205 -42.53 15.15 41.49
C VAL A 205 -43.33 16.07 42.41
N LEU A 206 -44.23 16.88 41.86
CA LEU A 206 -45.01 17.82 42.65
C LEU A 206 -46.06 17.27 43.62
N GLY A 207 -46.83 16.30 43.16
CA GLY A 207 -47.89 15.70 43.96
C GLY A 207 -47.57 14.57 44.93
N LYS A 208 -46.30 14.33 45.20
CA LYS A 208 -45.99 13.24 46.09
C LYS A 208 -46.50 13.53 47.49
N ARG A 209 -46.32 14.72 48.03
CA ARG A 209 -46.83 14.96 49.37
C ARG A 209 -48.19 15.61 49.25
N ASP A 210 -49.03 15.04 48.37
CA ASP A 210 -50.37 15.56 48.13
C ASP A 210 -51.23 15.35 49.36
N GLU A 211 -51.13 14.18 49.95
CA GLU A 211 -51.89 13.84 51.13
C GLU A 211 -51.15 13.97 52.45
N ASP A 212 -49.86 14.27 52.42
CA ASP A 212 -49.09 14.39 53.67
C ASP A 212 -49.24 15.76 54.32
N THR A 213 -49.67 15.72 55.58
CA THR A 213 -49.90 16.87 56.45
C THR A 213 -48.99 17.03 57.66
N THR A 214 -47.90 16.26 57.70
CA THR A 214 -46.94 16.28 58.80
C THR A 214 -46.14 17.56 58.91
N PHE A 215 -45.65 18.10 57.79
CA PHE A 215 -44.87 19.34 57.85
C PHE A 215 -45.73 20.47 58.41
N ALA A 216 -45.18 21.17 59.40
CA ALA A 216 -45.85 22.28 60.05
C ALA A 216 -45.67 23.55 59.25
N SER A 217 -46.78 24.17 58.89
CA SER A 217 -46.73 25.39 58.11
C SER A 217 -47.27 26.69 58.68
N THR A 218 -46.42 27.73 58.71
CA THR A 218 -46.80 29.05 59.19
C THR A 218 -47.47 29.80 58.02
N PRO A 219 -48.28 30.81 58.32
CA PRO A 219 -48.97 31.61 57.28
C PRO A 219 -48.00 32.44 56.44
N TYR A 220 -46.78 32.61 56.96
CA TYR A 220 -45.71 33.37 56.32
C TYR A 220 -44.85 32.59 55.32
N ASP A 221 -45.08 31.29 55.20
CA ASP A 221 -44.31 30.48 54.28
C ASP A 221 -44.45 30.89 52.80
N VAL A 222 -43.30 31.00 52.14
CA VAL A 222 -43.21 31.37 50.73
C VAL A 222 -42.13 30.58 49.98
N ALA A 223 -42.31 30.46 48.66
CA ALA A 223 -41.36 29.74 47.85
C ALA A 223 -40.85 30.64 46.74
N ILE A 224 -39.53 30.66 46.55
CA ILE A 224 -38.93 31.49 45.49
C ILE A 224 -39.01 30.57 44.28
N ILE A 225 -39.62 31.06 43.24
CA ILE A 225 -39.80 30.31 42.06
C ILE A 225 -39.04 30.95 40.93
N GLY A 226 -38.24 30.17 40.20
CA GLY A 226 -37.48 30.74 39.10
C GLY A 226 -36.27 31.56 39.39
N ASP A 227 -35.61 31.28 40.50
CA ASP A 227 -34.39 32.00 40.83
C ASP A 227 -33.46 30.79 40.85
N TYR A 228 -32.44 30.85 40.05
CA TYR A 228 -31.49 29.77 39.92
C TYR A 228 -30.17 29.91 40.67
N ASN A 229 -30.11 30.90 41.56
CA ASN A 229 -28.90 31.13 42.33
C ASN A 229 -27.60 31.24 41.55
N ILE A 230 -27.61 31.96 40.43
CA ILE A 230 -26.38 32.10 39.67
C ILE A 230 -25.50 33.01 40.50
N GLY A 231 -24.31 32.54 40.88
CA GLY A 231 -23.41 33.34 41.67
C GLY A 231 -24.01 33.53 43.04
N GLY A 232 -24.96 32.68 43.45
CA GLY A 232 -25.54 32.91 44.78
C GLY A 232 -26.58 34.02 44.87
N ASP A 233 -27.28 34.25 43.76
CA ASP A 233 -28.33 35.26 43.60
C ASP A 233 -29.51 34.89 44.48
N ALA A 234 -29.84 33.62 44.51
CA ALA A 234 -30.97 33.19 45.30
C ALA A 234 -30.71 33.40 46.78
N TRP A 235 -29.52 33.04 47.22
CA TRP A 235 -29.15 33.17 48.60
C TRP A 235 -29.21 34.62 49.03
N SER A 236 -28.71 35.53 48.21
CA SER A 236 -28.76 36.94 48.56
C SER A 236 -30.24 37.36 48.54
N SER A 237 -31.06 36.85 47.60
CA SER A 237 -32.49 37.19 47.52
C SER A 237 -33.21 36.60 48.76
N ARG A 238 -32.87 35.35 49.11
CA ARG A 238 -33.46 34.62 50.22
C ARG A 238 -33.25 35.27 51.58
N ILE A 239 -32.07 35.79 51.84
CA ILE A 239 -31.78 36.42 53.14
C ILE A 239 -32.69 37.65 53.33
N LEU A 240 -33.00 38.40 52.27
CA LEU A 240 -33.86 39.58 52.37
C LEU A 240 -35.29 39.19 52.78
N LEU A 241 -35.86 38.15 52.19
CA LEU A 241 -37.21 37.67 52.49
C LEU A 241 -37.27 37.15 53.92
N GLU A 242 -36.23 36.47 54.35
CA GLU A 242 -36.16 35.93 55.71
C GLU A 242 -36.09 37.08 56.73
N GLU A 243 -35.33 38.13 56.43
CA GLU A 243 -35.19 39.25 57.33
C GLU A 243 -36.52 40.01 57.44
N MET A 244 -37.33 39.96 56.38
CA MET A 244 -38.61 40.62 56.34
C MET A 244 -39.62 39.84 57.17
N GLY A 245 -39.25 38.62 57.56
CA GLY A 245 -40.12 37.77 58.35
C GLY A 245 -40.83 36.60 57.67
N LEU A 246 -40.66 36.46 56.36
CA LEU A 246 -41.28 35.38 55.62
C LEU A 246 -40.38 34.15 55.80
N ARG A 247 -40.90 32.94 55.63
CA ARG A 247 -40.08 31.74 55.77
C ARG A 247 -39.96 31.15 54.37
N CYS A 248 -38.76 30.84 53.89
CA CYS A 248 -38.68 30.30 52.52
C CYS A 248 -38.55 28.81 52.48
N VAL A 249 -39.66 28.17 52.21
CA VAL A 249 -39.69 26.74 52.12
C VAL A 249 -38.92 26.18 50.90
N ALA A 250 -39.10 26.79 49.73
CA ALA A 250 -38.42 26.29 48.53
C ALA A 250 -37.83 27.24 47.51
N GLN A 251 -36.77 26.78 46.83
CA GLN A 251 -36.08 27.55 45.80
C GLN A 251 -36.14 26.78 44.49
N TRP A 252 -36.67 27.40 43.44
CA TRP A 252 -36.73 26.70 42.18
C TRP A 252 -35.87 27.37 41.11
N SER A 253 -34.83 26.67 40.70
CA SER A 253 -34.48 25.37 41.24
C SER A 253 -33.04 25.49 41.75
N GLY A 254 -32.51 26.71 41.85
CA GLY A 254 -31.14 26.86 42.31
C GLY A 254 -30.96 26.49 43.74
N ASP A 255 -29.93 25.69 43.97
CA ASP A 255 -29.57 25.16 45.28
C ASP A 255 -30.81 24.44 45.80
N GLY A 256 -31.63 23.95 44.90
CA GLY A 256 -32.83 23.25 45.28
C GLY A 256 -32.60 21.80 45.61
N SER A 257 -33.58 21.22 46.28
CA SER A 257 -33.57 19.85 46.69
C SER A 257 -34.95 19.36 46.32
N ILE A 258 -35.10 18.06 46.10
CA ILE A 258 -36.39 17.47 45.74
C ILE A 258 -37.38 17.57 46.89
N SER A 259 -36.85 17.52 48.12
CA SER A 259 -37.67 17.60 49.32
C SER A 259 -38.30 18.99 49.40
N GLU A 260 -37.57 20.03 49.01
CA GLU A 260 -38.06 21.44 49.02
C GLU A 260 -39.18 21.58 48.00
N ILE A 261 -38.99 21.00 46.83
CA ILE A 261 -40.00 21.07 45.77
C ILE A 261 -41.26 20.35 46.19
N GLU A 262 -41.15 19.18 46.78
CA GLU A 262 -42.34 18.42 47.16
C GLU A 262 -43.11 19.15 48.27
N LEU A 263 -42.42 19.93 49.07
CA LEU A 263 -43.00 20.70 50.17
C LEU A 263 -43.51 22.06 49.69
N THR A 264 -43.32 22.39 48.44
CA THR A 264 -43.76 23.69 47.95
C THR A 264 -45.21 23.99 47.97
N PRO A 265 -46.05 23.06 47.56
CA PRO A 265 -47.47 23.37 47.55
C PRO A 265 -48.01 23.75 48.95
N LYS A 266 -47.31 23.39 50.01
CA LYS A 266 -47.70 23.71 51.38
C LYS A 266 -47.58 25.24 51.62
N VAL A 267 -46.74 25.91 50.84
CA VAL A 267 -46.55 27.35 51.00
C VAL A 267 -47.74 28.23 50.64
N LYS A 268 -47.88 29.32 51.41
CA LYS A 268 -48.93 30.34 51.25
C LYS A 268 -48.81 31.16 49.97
N LEU A 269 -47.62 31.64 49.59
CA LEU A 269 -47.50 32.44 48.35
C LEU A 269 -46.30 32.05 47.49
N ASN A 270 -46.40 32.17 46.16
CA ASN A 270 -45.24 31.80 45.35
C ASN A 270 -44.76 33.11 44.72
N LEU A 271 -43.48 33.43 44.95
CA LEU A 271 -42.86 34.65 44.44
C LEU A 271 -42.17 34.19 43.17
N VAL A 272 -42.53 34.74 42.02
CA VAL A 272 -41.89 34.28 40.81
C VAL A 272 -40.92 35.29 40.23
N HIS A 273 -39.63 34.99 40.33
CA HIS A 273 -38.59 35.88 39.78
C HIS A 273 -38.46 35.80 38.28
N CYS A 274 -38.45 34.58 37.77
CA CYS A 274 -38.31 34.43 36.31
C CYS A 274 -39.64 33.95 35.77
N TYR A 275 -40.30 34.87 35.07
CA TYR A 275 -41.60 34.56 34.52
C TYR A 275 -41.60 33.53 33.40
N ARG A 276 -40.66 33.66 32.48
CA ARG A 276 -40.60 32.77 31.35
C ARG A 276 -40.36 31.31 31.65
N SER A 277 -39.38 31.00 32.50
CA SER A 277 -39.05 29.61 32.86
C SER A 277 -40.03 28.76 33.71
N MET A 278 -40.58 29.37 34.77
CA MET A 278 -41.51 28.70 35.66
C MET A 278 -42.94 29.18 35.88
N ASN A 279 -43.44 30.02 34.98
CA ASN A 279 -44.79 30.54 35.07
C ASN A 279 -45.75 29.36 34.84
N TYR A 280 -45.31 28.35 34.08
CA TYR A 280 -46.17 27.20 33.79
C TYR A 280 -46.50 26.48 35.11
N ILE A 281 -45.49 26.28 35.94
CA ILE A 281 -45.69 25.61 37.21
C ILE A 281 -46.52 26.46 38.17
N SER A 282 -46.29 27.76 38.14
CA SER A 282 -46.98 28.70 39.02
C SER A 282 -48.47 28.72 38.78
N ARG A 283 -48.87 28.72 37.52
CA ARG A 283 -50.28 28.74 37.11
C ARG A 283 -50.93 27.43 37.57
N HIS A 284 -50.21 26.34 37.37
CA HIS A 284 -50.69 25.01 37.74
C HIS A 284 -50.95 24.93 39.24
N MET A 285 -50.03 25.47 40.01
CA MET A 285 -50.16 25.47 41.45
C MET A 285 -51.35 26.30 41.84
N GLU A 286 -51.56 27.41 41.16
CA GLU A 286 -52.69 28.21 41.53
C GLU A 286 -53.94 27.40 41.17
N GLU A 287 -54.01 26.76 40.00
CA GLU A 287 -55.24 26.00 39.73
C GLU A 287 -55.37 24.80 40.69
N LYS A 288 -54.37 23.96 40.83
CA LYS A 288 -54.54 22.83 41.75
C LYS A 288 -54.63 23.14 43.25
N TYR A 289 -53.67 23.90 43.76
CA TYR A 289 -53.66 24.22 45.18
C TYR A 289 -54.19 25.62 45.58
N GLY A 290 -54.52 26.42 44.60
CA GLY A 290 -55.01 27.72 45.00
C GLY A 290 -53.93 28.69 45.48
N ILE A 291 -52.65 28.33 45.37
CA ILE A 291 -51.64 29.23 45.82
C ILE A 291 -51.39 30.26 44.76
N PRO A 292 -51.52 31.54 45.12
CA PRO A 292 -51.32 32.72 44.29
C PRO A 292 -49.83 32.95 43.97
N TRP A 293 -49.53 33.51 42.79
CA TRP A 293 -48.13 33.78 42.43
C TRP A 293 -47.88 35.20 41.97
N MET A 294 -46.84 35.85 42.47
CA MET A 294 -46.54 37.22 42.06
C MET A 294 -45.10 37.40 41.56
N GLU A 295 -44.95 38.05 40.41
CA GLU A 295 -43.66 38.29 39.79
C GLU A 295 -42.98 39.40 40.57
N TYR A 296 -41.70 39.24 40.88
CA TYR A 296 -40.96 40.25 41.62
C TYR A 296 -39.61 40.45 41.00
N ASN A 297 -39.03 41.62 41.22
CA ASN A 297 -37.71 41.96 40.69
C ASN A 297 -36.75 42.41 41.78
N PHE A 298 -35.60 41.75 41.90
CA PHE A 298 -34.60 42.12 42.92
C PHE A 298 -33.30 42.78 42.38
N PHE A 299 -33.31 43.20 41.11
CA PHE A 299 -32.13 43.82 40.56
C PHE A 299 -32.16 45.31 40.85
N GLY A 300 -31.15 45.80 41.56
CA GLY A 300 -31.10 47.22 41.89
C GLY A 300 -31.91 47.62 43.10
N PRO A 301 -31.49 48.64 43.83
CA PRO A 301 -32.26 49.03 45.03
C PRO A 301 -33.70 49.43 44.79
N THR A 302 -33.99 50.07 43.66
CA THR A 302 -35.36 50.50 43.43
C THR A 302 -36.35 49.36 43.22
N LYS A 303 -36.00 48.36 42.44
CA LYS A 303 -36.85 47.21 42.18
C LYS A 303 -37.01 46.39 43.44
N THR A 304 -35.92 46.24 44.18
CA THR A 304 -35.94 45.45 45.40
C THR A 304 -36.87 46.09 46.43
N ILE A 305 -36.80 47.41 46.58
CA ILE A 305 -37.61 48.12 47.55
C ILE A 305 -39.03 48.03 47.12
N GLU A 306 -39.27 48.22 45.84
CA GLU A 306 -40.61 48.16 45.29
C GLU A 306 -41.11 46.70 45.48
N SER A 307 -40.25 45.72 45.21
CA SER A 307 -40.62 44.30 45.35
C SER A 307 -40.85 43.87 46.81
N LEU A 308 -39.98 44.28 47.72
CA LEU A 308 -40.13 43.92 49.12
C LEU A 308 -41.45 44.47 49.59
N ARG A 309 -41.75 45.68 49.14
CA ARG A 309 -42.98 46.34 49.52
C ARG A 309 -44.27 45.60 49.07
N ALA A 310 -44.27 45.14 47.83
CA ALA A 310 -45.39 44.43 47.26
C ALA A 310 -45.60 43.06 47.91
N ILE A 311 -44.52 42.36 48.12
CA ILE A 311 -44.63 41.08 48.73
C ILE A 311 -45.21 41.24 50.15
N ALA A 312 -44.71 42.23 50.88
CA ALA A 312 -45.14 42.49 52.26
C ALA A 312 -46.61 42.89 52.38
N ALA A 313 -47.15 43.55 51.36
CA ALA A 313 -48.54 43.99 51.37
C ALA A 313 -49.41 42.71 51.33
N LYS A 314 -49.03 41.73 50.55
CA LYS A 314 -49.79 40.50 50.46
C LYS A 314 -49.89 39.82 51.86
N PHE A 315 -49.08 40.28 52.81
CA PHE A 315 -49.03 39.76 54.19
C PHE A 315 -49.55 40.78 55.23
N ASP A 316 -49.56 40.43 56.52
CA ASP A 316 -50.05 41.34 57.56
C ASP A 316 -49.09 42.49 57.96
N GLU A 317 -49.58 43.41 58.77
CA GLU A 317 -48.81 44.57 59.23
C GLU A 317 -47.46 44.31 59.89
N SER A 318 -47.28 43.15 60.53
CA SER A 318 -46.02 42.86 61.21
C SER A 318 -44.95 42.70 60.15
N ILE A 319 -45.31 42.02 59.08
CA ILE A 319 -44.45 41.76 57.95
C ILE A 319 -44.17 43.10 57.25
N GLN A 320 -45.19 43.91 57.07
CA GLN A 320 -45.09 45.21 56.41
C GLN A 320 -44.14 46.10 57.21
N LYS A 321 -44.25 46.01 58.51
CA LYS A 321 -43.43 46.78 59.43
C LYS A 321 -41.99 46.27 59.31
N LYS A 322 -41.83 44.95 59.27
CA LYS A 322 -40.52 44.35 59.16
C LYS A 322 -39.86 44.73 57.84
N CYS A 323 -40.67 44.84 56.81
CA CYS A 323 -40.21 45.19 55.48
C CYS A 323 -39.55 46.58 55.55
N GLU A 324 -40.17 47.48 56.30
CA GLU A 324 -39.66 48.82 56.43
C GLU A 324 -38.34 48.92 57.21
N GLU A 325 -38.15 48.02 58.16
CA GLU A 325 -36.93 47.99 58.98
C GLU A 325 -35.75 47.60 58.10
N VAL A 326 -35.99 46.60 57.27
CA VAL A 326 -35.03 46.04 56.32
C VAL A 326 -34.67 47.10 55.28
N ILE A 327 -35.66 47.81 54.78
CA ILE A 327 -35.36 48.80 53.77
C ILE A 327 -34.58 49.88 54.48
N ALA A 328 -34.87 50.09 55.75
CA ALA A 328 -34.17 51.11 56.52
C ALA A 328 -32.70 50.66 56.74
N LYS A 329 -32.52 49.38 57.06
CA LYS A 329 -31.21 48.76 57.35
C LYS A 329 -30.19 48.77 56.20
N TYR A 330 -30.68 48.44 55.02
CA TYR A 330 -29.86 48.38 53.82
C TYR A 330 -29.87 49.69 53.05
N LYS A 331 -30.63 50.68 53.53
CA LYS A 331 -30.63 51.91 52.76
C LYS A 331 -29.28 52.62 52.76
N PRO A 332 -28.64 52.70 53.93
CA PRO A 332 -27.35 53.40 53.91
C PRO A 332 -26.33 52.59 53.11
N GLU A 333 -26.45 51.25 53.07
CA GLU A 333 -25.48 50.48 52.30
C GLU A 333 -25.60 50.73 50.80
N TRP A 334 -26.82 50.68 50.28
CA TRP A 334 -27.01 50.90 48.84
C TRP A 334 -26.73 52.27 48.33
N GLU A 335 -27.09 53.25 49.11
CA GLU A 335 -26.87 54.65 48.72
C GLU A 335 -25.37 54.97 48.70
N ALA A 336 -24.60 54.27 49.52
CA ALA A 336 -23.16 54.47 49.62
C ALA A 336 -22.58 54.01 48.29
N VAL A 337 -23.10 52.89 47.82
CA VAL A 337 -22.68 52.29 46.55
C VAL A 337 -23.05 53.30 45.42
N VAL A 338 -24.25 53.85 45.48
CA VAL A 338 -24.70 54.80 44.48
C VAL A 338 -23.80 56.02 44.48
N ALA A 339 -23.47 56.51 45.66
CA ALA A 339 -22.62 57.69 45.76
C ALA A 339 -21.26 57.40 45.17
N LYS A 340 -20.69 56.24 45.49
CA LYS A 340 -19.38 55.93 44.92
C LYS A 340 -19.32 55.66 43.41
N TYR A 341 -20.28 54.88 42.92
CA TYR A 341 -20.35 54.53 41.50
C TYR A 341 -21.21 55.26 40.49
N ARG A 342 -22.18 56.08 40.91
CA ARG A 342 -23.01 56.80 39.91
C ARG A 342 -22.22 57.86 39.14
N PRO A 343 -21.39 58.64 39.85
CA PRO A 343 -20.62 59.66 39.14
C PRO A 343 -19.75 58.94 38.10
N ARG A 344 -19.27 57.76 38.43
CA ARG A 344 -18.43 56.99 37.53
C ARG A 344 -19.19 56.48 36.29
N LEU A 345 -20.38 55.95 36.46
CA LEU A 345 -21.17 55.43 35.34
C LEU A 345 -22.29 56.26 34.72
N GLU A 346 -22.47 57.49 35.17
CA GLU A 346 -23.53 58.35 34.66
C GLU A 346 -23.59 58.71 33.18
N GLY A 347 -24.78 58.57 32.61
CA GLY A 347 -24.99 58.89 31.21
C GLY A 347 -24.47 57.90 30.17
N LYS A 348 -23.94 56.78 30.65
CA LYS A 348 -23.41 55.78 29.76
C LYS A 348 -24.54 54.91 29.16
N ARG A 349 -24.51 54.78 27.84
CA ARG A 349 -25.50 54.00 27.12
C ARG A 349 -25.20 52.50 27.12
N VAL A 350 -26.23 51.70 27.36
CA VAL A 350 -26.11 50.26 27.40
C VAL A 350 -27.03 49.48 26.44
N MET A 351 -26.45 48.44 25.83
CA MET A 351 -27.10 47.52 24.90
C MET A 351 -27.07 46.11 25.51
N LEU A 352 -28.22 45.49 25.59
CA LEU A 352 -28.31 44.16 26.16
C LEU A 352 -28.97 43.06 25.31
N TYR A 353 -28.35 41.88 25.26
CA TYR A 353 -28.97 40.78 24.53
C TYR A 353 -28.82 39.59 25.51
N ILE A 354 -29.92 38.95 25.87
CA ILE A 354 -29.93 37.82 26.80
C ILE A 354 -31.18 37.03 26.49
N GLY A 355 -31.29 35.80 26.93
CA GLY A 355 -32.51 35.10 26.58
C GLY A 355 -33.97 35.25 26.97
N GLY A 356 -34.31 35.45 28.25
CA GLY A 356 -35.72 35.55 28.55
C GLY A 356 -36.18 36.45 29.65
N LEU A 357 -35.48 36.44 30.77
CA LEU A 357 -35.86 37.31 31.90
C LEU A 357 -35.08 38.59 32.11
N ARG A 358 -33.78 38.47 31.91
CA ARG A 358 -32.88 39.59 32.13
C ARG A 358 -32.87 40.83 31.28
N PRO A 359 -33.22 40.73 29.98
CA PRO A 359 -33.13 42.01 29.26
C PRO A 359 -34.04 43.05 29.86
N ARG A 360 -35.25 42.68 30.21
CA ARG A 360 -36.15 43.64 30.85
C ARG A 360 -35.79 43.95 32.31
N HIS A 361 -35.48 42.90 33.06
CA HIS A 361 -35.16 43.00 34.50
C HIS A 361 -33.94 43.83 34.97
N VAL A 362 -32.79 43.72 34.35
CA VAL A 362 -31.67 44.51 34.82
C VAL A 362 -31.73 46.00 34.44
N ILE A 363 -32.80 46.43 33.82
CA ILE A 363 -32.90 47.81 33.39
C ILE A 363 -32.94 48.76 34.58
N GLY A 364 -33.72 48.42 35.60
CA GLY A 364 -33.81 49.26 36.78
C GLY A 364 -32.46 49.49 37.45
N ALA A 365 -31.66 48.43 37.59
CA ALA A 365 -30.34 48.50 38.23
C ALA A 365 -29.39 49.45 37.46
N TYR A 366 -29.38 49.35 36.12
CA TYR A 366 -28.52 50.18 35.28
C TYR A 366 -28.99 51.64 35.49
N GLU A 367 -30.29 51.87 35.51
CA GLU A 367 -30.81 53.20 35.70
C GLU A 367 -30.52 53.68 37.10
N ASP A 368 -30.40 52.77 38.03
CA ASP A 368 -30.12 53.14 39.42
C ASP A 368 -28.70 53.70 39.43
N LEU A 369 -27.91 53.32 38.45
CA LEU A 369 -26.54 53.79 38.34
C LEU A 369 -26.42 54.95 37.34
N GLY A 370 -27.55 55.40 36.82
CA GLY A 370 -27.53 56.51 35.87
C GLY A 370 -27.25 56.15 34.42
N MET A 371 -27.12 54.86 34.20
CA MET A 371 -26.86 54.34 32.86
C MET A 371 -28.20 54.25 32.16
N GLU A 372 -28.16 54.47 30.87
CA GLU A 372 -29.36 54.44 30.06
C GLU A 372 -29.32 53.23 29.13
N VAL A 373 -30.39 52.43 29.11
CA VAL A 373 -30.31 51.29 28.22
C VAL A 373 -30.94 51.68 26.87
N VAL A 374 -30.05 51.90 25.90
CA VAL A 374 -30.43 52.29 24.54
C VAL A 374 -31.16 51.18 23.80
N GLY A 375 -30.68 49.95 23.90
CA GLY A 375 -31.39 48.88 23.21
C GLY A 375 -31.36 47.59 24.02
N THR A 376 -32.30 46.67 23.76
CA THR A 376 -32.38 45.39 24.49
C THR A 376 -33.11 44.39 23.61
N GLY A 377 -32.88 43.11 23.84
CA GLY A 377 -33.53 42.09 23.05
C GLY A 377 -33.60 40.78 23.82
N TYR A 378 -34.17 39.76 23.21
CA TYR A 378 -34.30 38.46 23.84
C TYR A 378 -33.95 37.27 22.95
N GLU A 379 -33.26 36.28 23.51
CA GLU A 379 -32.91 35.10 22.74
C GLU A 379 -34.11 34.26 22.38
N PHE A 380 -34.95 33.97 23.37
CA PHE A 380 -36.13 33.17 23.14
C PHE A 380 -37.42 33.53 23.82
N ALA A 381 -37.60 34.80 24.11
CA ALA A 381 -38.81 35.30 24.79
C ALA A 381 -40.11 35.36 24.01
N HIS A 382 -41.18 34.99 24.71
CA HIS A 382 -42.52 35.01 24.17
C HIS A 382 -43.01 36.45 24.15
N ASN A 383 -44.16 36.68 23.53
CA ASN A 383 -44.73 38.01 23.45
C ASN A 383 -45.20 38.59 24.79
N ASP A 384 -45.60 37.74 25.74
CA ASP A 384 -46.06 38.27 27.03
C ASP A 384 -44.85 38.88 27.71
N ASP A 385 -43.68 38.35 27.38
CA ASP A 385 -42.41 38.82 27.91
C ASP A 385 -42.22 40.22 27.30
N TYR A 386 -42.51 40.37 26.00
CA TYR A 386 -42.38 41.63 25.28
C TYR A 386 -43.39 42.69 25.75
N ASP A 387 -44.53 42.22 26.23
CA ASP A 387 -45.58 43.11 26.71
C ASP A 387 -45.00 43.77 27.95
N ARG A 388 -44.35 42.98 28.79
CA ARG A 388 -43.73 43.49 30.02
C ARG A 388 -42.50 44.40 29.75
N THR A 389 -41.80 44.14 28.67
CA THR A 389 -40.61 44.89 28.28
C THR A 389 -40.72 46.32 27.84
N MET A 390 -41.70 46.66 27.00
CA MET A 390 -41.83 48.05 26.51
C MET A 390 -42.09 49.16 27.53
N LYS A 391 -42.74 48.84 28.63
CA LYS A 391 -43.02 49.84 29.65
C LYS A 391 -41.65 50.19 30.23
N GLU A 392 -40.84 49.18 30.47
CA GLU A 392 -39.50 49.34 31.05
C GLU A 392 -38.56 50.04 30.09
N MET A 393 -38.56 49.68 28.81
CA MET A 393 -37.69 50.32 27.81
C MET A 393 -38.10 51.78 27.50
N GLY A 394 -37.12 52.63 27.22
CA GLY A 394 -37.46 54.00 26.91
C GLY A 394 -37.98 54.12 25.50
N ASP A 395 -38.40 55.33 25.12
CA ASP A 395 -38.93 55.58 23.79
C ASP A 395 -37.90 55.59 22.69
N SER A 396 -38.29 55.07 21.55
CA SER A 396 -37.47 54.97 20.36
C SER A 396 -36.19 54.18 20.52
N THR A 397 -36.17 53.31 21.52
CA THR A 397 -35.04 52.45 21.79
C THR A 397 -35.17 51.20 20.91
N LEU A 398 -34.07 50.62 20.47
CA LEU A 398 -34.10 49.42 19.63
C LEU A 398 -34.42 48.08 20.39
N LEU A 399 -35.35 47.29 19.83
CA LEU A 399 -35.78 45.99 20.39
C LEU A 399 -35.60 44.90 19.33
N TYR A 400 -34.93 43.80 19.69
CA TYR A 400 -34.67 42.69 18.77
C TYR A 400 -34.95 41.29 19.33
N ASP A 401 -35.62 40.44 18.56
CA ASP A 401 -35.91 39.08 19.03
C ASP A 401 -35.17 38.07 18.18
N ASP A 402 -34.37 37.24 18.85
CA ASP A 402 -33.61 36.24 18.16
C ASP A 402 -32.72 36.98 17.16
N VAL A 403 -31.98 37.96 17.65
CA VAL A 403 -31.10 38.72 16.79
C VAL A 403 -29.99 37.79 16.34
N THR A 404 -29.65 37.94 15.06
CA THR A 404 -28.61 37.17 14.39
C THR A 404 -27.34 37.89 14.77
N GLY A 405 -26.24 37.20 14.57
CA GLY A 405 -24.97 37.79 14.92
C GLY A 405 -24.66 39.01 14.09
N TYR A 406 -24.90 38.91 12.78
CA TYR A 406 -24.65 39.97 11.82
C TYR A 406 -25.51 41.18 12.17
N GLU A 407 -26.77 40.98 12.49
CA GLU A 407 -27.69 42.08 12.84
C GLU A 407 -27.16 42.82 14.07
N PHE A 408 -26.72 42.04 15.05
CA PHE A 408 -26.22 42.59 16.29
C PHE A 408 -24.97 43.42 16.10
N GLU A 409 -24.02 42.96 15.29
CA GLU A 409 -22.80 43.75 15.09
C GLU A 409 -23.11 45.08 14.37
N GLU A 410 -23.95 45.03 13.37
CA GLU A 410 -24.33 46.20 12.62
C GLU A 410 -25.08 47.15 13.55
N PHE A 411 -26.01 46.66 14.36
CA PHE A 411 -26.75 47.56 15.24
C PHE A 411 -25.77 48.30 16.20
N VAL A 412 -24.83 47.56 16.76
CA VAL A 412 -23.86 48.09 17.71
C VAL A 412 -22.90 49.08 17.04
N LYS A 413 -22.55 48.83 15.78
CA LYS A 413 -21.63 49.74 15.13
C LYS A 413 -22.36 51.06 14.97
N ARG A 414 -23.62 51.04 14.53
CA ARG A 414 -24.37 52.29 14.37
C ARG A 414 -24.72 53.05 15.64
N ILE A 415 -25.28 52.35 16.61
CA ILE A 415 -25.72 52.86 17.91
C ILE A 415 -24.55 53.27 18.76
N LYS A 416 -23.49 52.47 18.72
CA LYS A 416 -22.30 52.82 19.51
C LYS A 416 -22.40 52.95 21.02
N PRO A 417 -22.93 51.94 21.66
CA PRO A 417 -23.10 51.91 23.11
C PRO A 417 -21.75 51.85 23.80
N ASP A 418 -21.70 52.46 24.98
CA ASP A 418 -20.54 52.50 25.84
C ASP A 418 -20.26 51.11 26.37
N LEU A 419 -21.30 50.40 26.80
CA LEU A 419 -21.14 49.04 27.33
C LEU A 419 -22.22 48.10 26.78
N ILE A 420 -21.86 46.83 26.60
CA ILE A 420 -22.77 45.82 26.08
C ILE A 420 -22.90 44.63 27.02
N GLY A 421 -24.12 44.26 27.40
CA GLY A 421 -24.28 43.11 28.29
C GLY A 421 -24.86 42.00 27.44
N SER A 422 -24.16 40.87 27.41
CA SER A 422 -24.62 39.74 26.62
C SER A 422 -23.91 38.47 27.04
N GLY A 423 -24.10 37.39 26.30
CA GLY A 423 -23.46 36.13 26.66
C GLY A 423 -22.01 35.93 26.16
N ILE A 424 -21.53 34.71 26.34
CA ILE A 424 -20.17 34.30 25.97
C ILE A 424 -19.91 34.29 24.50
N LYS A 425 -20.84 33.82 23.71
CA LYS A 425 -20.52 33.81 22.30
C LYS A 425 -20.33 35.28 21.79
N GLU A 426 -21.19 36.20 22.19
CA GLU A 426 -21.10 37.60 21.78
C GLU A 426 -19.93 38.42 22.33
N LYS A 427 -19.43 38.05 23.50
CA LYS A 427 -18.35 38.82 24.15
C LYS A 427 -16.99 39.06 23.52
N PHE A 428 -16.38 38.07 22.93
CA PHE A 428 -15.09 38.29 22.32
C PHE A 428 -15.09 39.19 21.08
N ILE A 429 -16.19 39.21 20.35
CA ILE A 429 -16.29 40.02 19.16
C ILE A 429 -16.28 41.47 19.56
N PHE A 430 -17.03 41.81 20.58
CA PHE A 430 -17.12 43.17 21.06
C PHE A 430 -15.89 43.74 21.71
N GLN A 431 -15.14 42.91 22.40
CA GLN A 431 -13.95 43.43 23.06
C GLN A 431 -12.97 43.81 21.95
N LYS A 432 -12.97 43.01 20.92
CA LYS A 432 -12.08 43.27 19.82
C LYS A 432 -12.47 44.59 19.25
N MET A 433 -13.75 44.81 19.12
CA MET A 433 -14.23 46.05 18.58
C MET A 433 -13.92 47.18 19.57
N GLY A 434 -13.37 46.89 20.76
CA GLY A 434 -13.09 47.96 21.70
C GLY A 434 -14.20 48.44 22.63
N ILE A 435 -15.35 47.79 22.56
CA ILE A 435 -16.50 48.13 23.37
C ILE A 435 -16.50 47.28 24.62
N PRO A 436 -16.57 47.91 25.80
CA PRO A 436 -16.60 47.17 27.07
C PRO A 436 -17.80 46.25 27.07
N PHE A 437 -17.53 45.00 27.47
CA PHE A 437 -18.52 43.93 27.55
C PHE A 437 -18.55 43.26 28.88
N ARG A 438 -19.76 43.03 29.38
CA ARG A 438 -20.00 42.37 30.66
C ARG A 438 -20.88 41.20 30.31
N GLU A 439 -20.58 40.01 30.80
CA GLU A 439 -21.47 38.92 30.45
C GLU A 439 -22.64 38.90 31.39
N MET A 440 -23.84 38.99 30.84
CA MET A 440 -25.07 38.96 31.62
C MET A 440 -25.49 37.63 32.13
N HIS A 441 -25.23 36.56 31.39
CA HIS A 441 -25.62 35.25 31.88
C HIS A 441 -24.85 34.73 33.11
N SER A 442 -23.53 34.76 33.06
CA SER A 442 -22.66 34.26 34.13
C SER A 442 -22.15 35.31 35.08
N TRP A 443 -22.63 36.52 34.84
CA TRP A 443 -22.24 37.66 35.63
C TRP A 443 -20.71 37.65 35.60
N ASP A 444 -20.16 37.25 34.44
CA ASP A 444 -18.73 37.23 34.26
C ASP A 444 -17.95 36.66 35.41
N TYR A 445 -18.44 35.54 35.93
CA TYR A 445 -17.84 34.85 37.04
C TYR A 445 -17.80 35.72 38.30
N SER A 446 -18.72 36.66 38.41
CA SER A 446 -18.72 37.46 39.61
C SER A 446 -20.04 37.21 40.39
N GLY A 447 -20.79 38.27 40.69
CA GLY A 447 -22.05 38.15 41.43
C GLY A 447 -21.97 37.85 42.93
N PRO A 448 -23.13 37.65 43.54
CA PRO A 448 -24.46 37.68 42.92
C PRO A 448 -24.87 39.11 42.59
N TYR A 449 -25.73 39.30 41.61
CA TYR A 449 -26.18 40.65 41.26
C TYR A 449 -27.55 40.92 41.94
N HIS A 450 -28.22 39.90 42.48
CA HIS A 450 -29.53 40.10 43.14
C HIS A 450 -29.47 40.68 44.52
N GLY A 451 -30.49 41.46 44.84
CA GLY A 451 -30.60 42.09 46.14
C GLY A 451 -29.68 43.28 46.32
N PHE A 452 -29.69 43.74 47.55
CA PHE A 452 -28.89 44.87 47.98
C PHE A 452 -27.39 44.52 47.96
N ASP A 453 -27.06 43.33 48.46
CA ASP A 453 -25.68 42.83 48.55
C ASP A 453 -25.20 42.60 47.11
N GLY A 454 -26.11 42.12 46.29
CA GLY A 454 -25.82 41.85 44.91
C GLY A 454 -25.57 43.17 44.18
N PHE A 455 -26.33 44.19 44.50
CA PHE A 455 -26.14 45.47 43.82
C PHE A 455 -24.76 46.13 43.94
N ALA A 456 -24.10 45.95 45.07
CA ALA A 456 -22.81 46.55 45.26
C ALA A 456 -21.84 45.92 44.28
N ILE A 457 -21.91 44.60 44.16
CA ILE A 457 -21.04 43.82 43.27
C ILE A 457 -21.32 44.29 41.84
N PHE A 458 -22.58 44.46 41.50
CA PHE A 458 -23.00 44.88 40.17
C PHE A 458 -22.50 46.31 39.78
N ALA A 459 -22.59 47.26 40.70
CA ALA A 459 -22.15 48.62 40.38
C ALA A 459 -20.63 48.60 40.20
N ARG A 460 -19.96 47.90 41.10
CA ARG A 460 -18.52 47.77 41.09
C ARG A 460 -18.08 47.10 39.78
N ASP A 461 -18.79 46.07 39.33
CA ASP A 461 -18.48 45.33 38.11
C ASP A 461 -18.69 46.17 36.87
N MET A 462 -19.77 46.93 36.79
CA MET A 462 -19.98 47.76 35.60
C MET A 462 -18.88 48.80 35.57
N ASP A 463 -18.58 49.40 36.72
CA ASP A 463 -17.53 50.40 36.79
C ASP A 463 -16.12 49.88 36.42
N MET A 464 -15.69 48.71 36.89
CA MET A 464 -14.33 48.27 36.55
C MET A 464 -14.21 47.99 35.09
N THR A 465 -15.17 47.28 34.51
CA THR A 465 -15.14 46.99 33.08
C THR A 465 -15.33 48.22 32.17
N LEU A 466 -16.29 49.07 32.51
CA LEU A 466 -16.52 50.22 31.66
C LEU A 466 -15.39 51.20 31.64
N ASN A 467 -14.79 51.41 32.81
CA ASN A 467 -13.70 52.33 32.99
C ASN A 467 -12.28 51.73 33.04
N ASN A 468 -12.17 50.48 32.67
CA ASN A 468 -10.87 49.84 32.72
C ASN A 468 -9.92 50.51 31.71
N PRO A 469 -8.66 50.69 32.12
CA PRO A 469 -7.59 51.32 31.35
C PRO A 469 -7.27 50.68 30.06
N CYS A 470 -7.65 49.44 29.88
CA CYS A 470 -7.34 48.72 28.64
C CYS A 470 -8.07 49.27 27.40
N TRP A 471 -9.23 49.89 27.55
CA TRP A 471 -9.95 50.40 26.38
C TRP A 471 -9.26 51.60 25.66
N LYS A 472 -8.51 52.40 26.39
CA LYS A 472 -7.79 53.56 25.89
C LYS A 472 -6.68 53.05 24.96
N LYS A 473 -6.04 51.96 25.35
CA LYS A 473 -4.94 51.33 24.63
C LYS A 473 -5.07 50.62 23.27
N LEU A 474 -6.29 50.50 22.72
CA LEU A 474 -6.39 49.78 21.43
C LEU A 474 -5.75 50.27 20.13
N GLN A 475 -5.80 51.55 19.77
CA GLN A 475 -5.14 51.96 18.51
C GLN A 475 -3.66 52.12 18.75
N ALA A 476 -2.84 51.65 17.84
CA ALA A 476 -1.41 51.79 18.06
C ALA A 476 -1.05 53.26 17.94
N PRO A 477 -0.07 53.73 18.75
CA PRO A 477 0.37 55.12 18.77
C PRO A 477 0.88 55.52 17.43
N TRP A 478 1.50 54.60 16.72
CA TRP A 478 2.01 55.00 15.42
C TRP A 478 0.89 54.91 14.43
N GLU A 479 -0.10 55.77 14.64
CA GLU A 479 -1.29 55.85 13.82
C GLU A 479 -2.10 54.57 13.69
N SER B 1 -24.71 42.07 53.93
CA SER B 1 -24.21 43.46 54.09
C SER B 1 -22.87 43.60 53.36
N GLN B 2 -22.62 44.79 52.82
CA GLN B 2 -21.37 45.02 52.10
C GLN B 2 -20.66 46.29 52.50
N GLN B 3 -19.37 46.23 52.83
CA GLN B 3 -18.66 47.48 53.18
C GLN B 3 -18.33 47.97 51.76
N VAL B 4 -18.64 49.21 51.45
CA VAL B 4 -18.39 49.67 50.10
C VAL B 4 -16.92 49.77 49.79
N ASP B 5 -16.09 49.94 50.81
CA ASP B 5 -14.66 50.03 50.58
C ASP B 5 -14.16 48.70 50.09
N LYS B 6 -14.56 47.59 50.71
CA LYS B 6 -14.09 46.31 50.21
C LYS B 6 -15.34 45.47 49.98
N ILE B 7 -15.77 45.39 48.74
CA ILE B 7 -16.95 44.62 48.42
C ILE B 7 -16.54 43.16 48.34
N LYS B 8 -17.44 42.29 48.73
CA LYS B 8 -17.19 40.85 48.71
C LYS B 8 -18.00 40.15 47.63
N ALA B 9 -17.32 39.30 46.86
CA ALA B 9 -17.94 38.54 45.79
C ALA B 9 -18.54 37.27 46.43
N SER B 10 -19.10 36.34 45.66
CA SER B 10 -19.72 35.15 46.30
C SER B 10 -18.79 34.62 47.37
N TYR B 11 -17.52 34.55 47.06
CA TYR B 11 -16.56 34.08 48.01
C TYR B 11 -15.79 35.39 48.27
N PRO B 12 -15.64 35.80 49.52
CA PRO B 12 -16.09 35.21 50.78
C PRO B 12 -17.36 35.82 51.35
N LEU B 13 -18.28 36.22 50.49
CA LEU B 13 -19.51 36.85 50.95
C LEU B 13 -20.42 35.91 51.71
N PHE B 14 -20.58 34.73 51.17
CA PHE B 14 -21.44 33.74 51.79
C PHE B 14 -20.85 33.15 53.06
N LEU B 15 -19.58 33.47 53.30
CA LEU B 15 -18.78 33.04 54.45
C LEU B 15 -19.18 33.84 55.69
N ASP B 16 -19.94 34.90 55.46
CA ASP B 16 -20.41 35.79 56.52
C ASP B 16 -21.35 35.03 57.40
N GLN B 17 -21.39 35.43 58.66
CA GLN B 17 -22.22 34.78 59.65
C GLN B 17 -23.74 34.79 59.40
N ASP B 18 -24.31 35.90 58.94
CA ASP B 18 -25.76 35.93 58.70
C ASP B 18 -26.13 34.90 57.64
N TYR B 19 -25.36 34.81 56.57
CA TYR B 19 -25.58 33.88 55.47
C TYR B 19 -25.36 32.45 55.95
N LYS B 20 -24.32 32.21 56.75
CA LYS B 20 -24.01 30.86 57.27
C LYS B 20 -25.20 30.40 58.08
N ASP B 21 -25.74 31.27 58.89
CA ASP B 21 -26.88 30.91 59.72
C ASP B 21 -28.05 30.61 58.81
N MET B 22 -28.25 31.43 57.79
CA MET B 22 -29.36 31.21 56.86
C MET B 22 -29.32 29.88 56.09
N LEU B 23 -28.15 29.53 55.61
CA LEU B 23 -28.00 28.31 54.86
C LEU B 23 -28.28 27.13 55.77
N ALA B 24 -27.76 27.19 56.99
CA ALA B 24 -27.96 26.09 57.94
C ALA B 24 -29.42 25.91 58.21
N LYS B 25 -30.11 27.01 58.42
CA LYS B 25 -31.52 26.94 58.70
C LYS B 25 -32.19 26.31 57.51
N LYS B 26 -31.80 26.72 56.31
CA LYS B 26 -32.38 26.19 55.09
C LYS B 26 -32.05 24.71 55.01
N ARG B 27 -30.82 24.34 55.32
CA ARG B 27 -30.46 22.93 55.24
C ARG B 27 -31.25 22.12 56.28
N ASP B 28 -31.31 22.58 57.53
CA ASP B 28 -32.04 21.88 58.58
C ASP B 28 -33.54 21.93 58.36
N GLY B 29 -34.04 23.09 58.02
CA GLY B 29 -35.46 23.19 57.76
C GLY B 29 -36.18 22.53 56.59
N PHE B 30 -35.64 22.62 55.38
CA PHE B 30 -36.29 22.03 54.21
C PHE B 30 -35.58 21.01 53.31
N GLU B 31 -34.25 20.97 53.37
CA GLU B 31 -33.41 20.09 52.58
C GLU B 31 -33.50 18.57 52.89
N GLU B 32 -33.84 18.20 54.12
CA GLU B 32 -33.94 16.79 54.50
C GLU B 32 -32.68 16.05 54.15
N LYS B 33 -31.57 16.72 54.41
CA LYS B 33 -30.26 16.20 54.14
C LYS B 33 -29.88 15.02 55.04
N TYR B 34 -29.10 14.09 54.49
CA TYR B 34 -28.64 12.90 55.18
C TYR B 34 -27.67 13.49 56.19
N PRO B 35 -27.50 12.81 57.33
CA PRO B 35 -26.62 13.27 58.38
C PRO B 35 -25.22 13.38 57.82
N GLN B 36 -24.40 14.23 58.44
CA GLN B 36 -23.03 14.47 58.01
C GLN B 36 -22.15 13.26 58.22
N ASP B 37 -22.51 12.46 59.23
CA ASP B 37 -21.79 11.26 59.57
C ASP B 37 -22.01 10.30 58.44
N LYS B 38 -23.25 10.20 57.94
CA LYS B 38 -23.58 9.29 56.82
C LYS B 38 -22.88 9.75 55.55
N ILE B 39 -22.89 11.05 55.31
CA ILE B 39 -22.24 11.60 54.16
C ILE B 39 -20.75 11.24 54.28
N ASP B 40 -20.18 11.39 55.48
CA ASP B 40 -18.79 11.07 55.72
C ASP B 40 -18.50 9.59 55.49
N GLU B 41 -19.40 8.74 55.97
CA GLU B 41 -19.27 7.28 55.86
C GLU B 41 -19.26 6.89 54.36
N VAL B 42 -20.16 7.50 53.60
CA VAL B 42 -20.26 7.24 52.17
C VAL B 42 -19.06 7.76 51.41
N PHE B 43 -18.56 8.93 51.81
CA PHE B 43 -17.40 9.51 51.13
C PHE B 43 -16.17 8.66 51.36
N GLN B 44 -15.97 8.19 52.57
CA GLN B 44 -14.78 7.38 52.80
C GLN B 44 -14.90 6.08 51.98
N TRP B 45 -16.12 5.61 51.80
CA TRP B 45 -16.41 4.37 51.04
C TRP B 45 -15.94 4.48 49.58
N THR B 46 -16.20 5.61 48.92
CA THR B 46 -15.81 5.79 47.52
C THR B 46 -14.29 5.83 47.37
N THR B 47 -13.56 6.26 48.40
CA THR B 47 -12.10 6.30 48.34
C THR B 47 -11.50 4.88 48.34
N THR B 48 -12.27 3.89 48.80
CA THR B 48 -11.81 2.50 48.88
C THR B 48 -11.74 1.66 47.60
N LYS B 49 -11.02 0.56 47.77
CA LYS B 49 -10.71 -0.47 46.81
C LYS B 49 -12.00 -1.21 46.47
N GLU B 50 -12.82 -1.49 47.47
CA GLU B 50 -14.07 -2.21 47.28
C GLU B 50 -14.96 -1.44 46.33
N TYR B 51 -15.05 -0.14 46.51
CA TYR B 51 -15.88 0.72 45.64
C TYR B 51 -15.29 0.77 44.22
N GLN B 52 -13.98 0.77 44.08
CA GLN B 52 -13.32 0.86 42.77
C GLN B 52 -13.78 -0.33 41.96
N GLU B 53 -13.85 -1.50 42.58
CA GLU B 53 -14.27 -2.66 41.83
C GLU B 53 -15.69 -2.53 41.29
N LEU B 54 -16.62 -2.04 42.09
CA LEU B 54 -18.01 -1.89 41.65
C LEU B 54 -18.00 -0.82 40.57
N ASN B 55 -17.21 0.22 40.79
CA ASN B 55 -17.11 1.34 39.87
C ASN B 55 -16.50 0.83 38.55
N PHE B 56 -15.45 0.01 38.61
CA PHE B 56 -14.86 -0.47 37.36
C PHE B 56 -15.70 -1.54 36.66
N GLN B 57 -16.71 -2.06 37.36
CA GLN B 57 -17.62 -3.10 36.85
C GLN B 57 -18.72 -2.54 35.95
N ARG B 58 -18.87 -1.22 35.89
CA ARG B 58 -19.91 -0.56 35.08
C ARG B 58 -19.85 -0.84 33.61
N GLU B 59 -21.01 -1.18 33.06
CA GLU B 59 -21.14 -1.45 31.65
C GLU B 59 -22.06 -0.46 30.93
N ALA B 60 -22.92 0.21 31.68
CA ALA B 60 -23.81 1.14 31.00
C ALA B 60 -23.78 2.63 31.34
N LEU B 61 -23.25 2.99 32.51
CA LEU B 61 -23.18 4.37 32.96
C LEU B 61 -21.80 4.99 32.91
N THR B 62 -21.72 6.14 32.25
CA THR B 62 -20.48 6.90 32.09
C THR B 62 -20.60 8.13 32.97
N VAL B 63 -19.59 8.35 33.81
CA VAL B 63 -19.58 9.48 34.70
C VAL B 63 -18.39 10.34 34.39
N ASN B 64 -18.60 11.63 34.14
CA ASN B 64 -17.46 12.52 33.83
C ASN B 64 -16.51 12.12 32.68
N PRO B 65 -17.05 11.99 31.46
CA PRO B 65 -16.26 11.61 30.29
C PRO B 65 -15.12 12.59 29.97
N ALA B 66 -14.11 12.06 29.29
CA ALA B 66 -12.90 12.72 28.83
C ALA B 66 -12.93 12.90 27.32
N LYS B 67 -14.10 12.70 26.73
CA LYS B 67 -14.25 12.85 25.28
C LYS B 67 -15.48 13.70 24.93
N ALA B 68 -15.49 14.29 23.75
CA ALA B 68 -16.62 15.13 23.30
C ALA B 68 -17.07 14.58 21.95
N CYS B 69 -18.17 15.12 21.36
CA CYS B 69 -18.68 14.62 20.07
C CYS B 69 -17.96 15.01 18.77
N GLN B 70 -18.34 14.40 17.66
CA GLN B 70 -17.69 14.65 16.38
C GLN B 70 -17.75 16.03 15.73
N PRO B 71 -18.90 16.67 15.72
CA PRO B 71 -18.99 17.98 15.09
C PRO B 71 -18.05 19.00 15.71
N LEU B 72 -17.64 18.78 16.94
CA LEU B 72 -16.75 19.76 17.55
C LEU B 72 -15.46 19.64 16.76
N GLY B 73 -15.08 18.41 16.51
CA GLY B 73 -13.89 18.09 15.78
C GLY B 73 -14.03 18.65 14.39
N ALA B 74 -15.19 18.52 13.78
CA ALA B 74 -15.46 19.00 12.41
C ALA B 74 -15.43 20.54 12.32
N VAL B 75 -16.03 21.26 13.26
CA VAL B 75 -16.05 22.72 13.25
C VAL B 75 -14.62 23.25 13.41
N LEU B 76 -13.83 22.68 14.31
CA LEU B 76 -12.45 23.15 14.49
C LEU B 76 -11.63 23.01 13.22
N CYS B 77 -11.77 21.88 12.54
CA CYS B 77 -11.03 21.62 11.31
C CYS B 77 -11.48 22.59 10.20
N ALA B 78 -12.77 22.84 10.11
CA ALA B 78 -13.32 23.73 9.09
C ALA B 78 -12.76 25.12 9.31
N LEU B 79 -12.48 25.45 10.56
CA LEU B 79 -11.96 26.75 10.91
C LEU B 79 -10.54 26.96 10.36
N GLY B 80 -9.81 25.86 10.10
CA GLY B 80 -8.44 25.88 9.56
C GLY B 80 -8.28 26.51 8.17
N PHE B 81 -9.36 26.45 7.39
CA PHE B 81 -9.38 27.00 6.02
C PHE B 81 -9.76 28.46 5.83
N GLU B 82 -9.11 29.09 4.85
CA GLU B 82 -9.34 30.51 4.56
C GLU B 82 -10.74 30.95 4.17
N LYS B 83 -11.22 31.99 4.85
CA LYS B 83 -12.56 32.54 4.57
C LYS B 83 -13.59 31.42 4.58
N THR B 84 -13.40 30.44 5.45
CA THR B 84 -14.30 29.32 5.56
C THR B 84 -15.15 29.37 6.77
N MET B 85 -16.44 29.15 6.54
CA MET B 85 -17.42 29.17 7.64
C MET B 85 -17.84 27.74 8.02
N PRO B 86 -17.63 27.35 9.28
CA PRO B 86 -18.10 25.98 9.56
C PRO B 86 -19.63 25.99 9.50
N TYR B 87 -20.22 24.95 8.95
CA TYR B 87 -21.67 24.90 8.85
C TYR B 87 -22.08 23.54 9.35
N VAL B 88 -23.00 23.49 10.32
CA VAL B 88 -23.40 22.17 10.83
C VAL B 88 -24.87 21.94 10.52
N HIS B 89 -25.13 20.83 9.82
CA HIS B 89 -26.47 20.44 9.42
C HIS B 89 -27.10 19.70 10.58
N GLY B 90 -28.25 20.15 11.03
CA GLY B 90 -28.86 19.49 12.16
C GLY B 90 -29.46 20.50 13.08
N SER B 91 -29.65 20.13 14.33
CA SER B 91 -30.21 21.04 15.32
C SER B 91 -29.22 22.09 15.84
N GLN B 92 -29.74 23.27 16.13
CA GLN B 92 -28.98 24.41 16.62
C GLN B 92 -28.32 24.44 18.00
N GLY B 93 -28.89 23.71 18.95
CA GLY B 93 -28.36 23.68 20.31
C GLY B 93 -26.92 23.18 20.32
N CYS B 94 -26.59 22.35 19.34
CA CYS B 94 -25.26 21.79 19.21
C CYS B 94 -24.25 22.92 18.86
N VAL B 95 -24.63 23.79 17.94
CA VAL B 95 -23.77 24.88 17.52
C VAL B 95 -23.49 25.84 18.68
N ALA B 96 -24.52 26.14 19.45
CA ALA B 96 -24.34 27.03 20.58
C ALA B 96 -23.32 26.42 21.53
N TYR B 97 -23.43 25.13 21.78
CA TYR B 97 -22.53 24.43 22.69
C TYR B 97 -21.10 24.40 22.11
N PHE B 98 -20.95 24.13 20.82
CA PHE B 98 -19.60 24.08 20.26
C PHE B 98 -18.96 25.48 20.36
N ARG B 99 -19.70 26.51 20.02
CA ARG B 99 -19.10 27.83 20.07
C ARG B 99 -18.72 28.17 21.50
N SER B 100 -19.58 27.90 22.45
CA SER B 100 -19.25 28.21 23.84
C SER B 100 -18.05 27.39 24.38
N TYR B 101 -18.00 26.08 24.09
CA TYR B 101 -16.90 25.25 24.58
C TYR B 101 -15.62 25.84 23.96
N PHE B 102 -15.63 26.18 22.67
CA PHE B 102 -14.47 26.75 22.02
C PHE B 102 -14.14 28.15 22.55
N ASN B 103 -15.16 28.97 22.77
CA ASN B 103 -14.98 30.33 23.25
C ASN B 103 -14.31 30.33 24.56
N ARG B 104 -14.74 29.45 25.44
CA ARG B 104 -14.10 29.43 26.75
C ARG B 104 -12.65 28.95 26.70
N HIS B 105 -12.35 27.90 25.96
CA HIS B 105 -10.99 27.49 25.93
C HIS B 105 -10.07 28.50 25.23
N PHE B 106 -10.48 29.03 24.08
CA PHE B 106 -9.64 29.98 23.36
C PHE B 106 -9.84 31.43 23.72
N ARG B 107 -10.88 31.74 24.44
CA ARG B 107 -11.12 33.13 24.82
C ARG B 107 -11.08 34.03 23.58
N GLU B 108 -11.60 33.48 22.49
CA GLU B 108 -11.69 34.10 21.20
C GLU B 108 -13.03 33.82 20.54
N PRO B 109 -13.45 34.70 19.63
CA PRO B 109 -14.73 34.37 19.04
C PRO B 109 -14.64 33.16 18.18
N VAL B 110 -15.72 32.39 18.11
CA VAL B 110 -15.74 31.18 17.27
C VAL B 110 -16.95 31.33 16.34
N SER B 111 -16.73 31.26 15.03
CA SER B 111 -17.87 31.44 14.11
C SER B 111 -18.40 30.11 13.61
N CYS B 112 -19.68 29.90 13.82
CA CYS B 112 -20.28 28.64 13.38
C CYS B 112 -21.75 28.83 13.11
N VAL B 113 -22.32 28.11 12.17
CA VAL B 113 -23.75 28.26 11.85
C VAL B 113 -24.50 26.97 11.75
N SER B 114 -25.80 27.02 11.92
CA SER B 114 -26.61 25.83 11.83
C SER B 114 -27.79 26.08 10.91
N ASP B 115 -28.31 25.02 10.31
CA ASP B 115 -29.44 25.18 9.41
C ASP B 115 -30.74 25.13 10.24
N SER B 116 -30.57 24.86 11.53
CA SER B 116 -31.68 24.80 12.48
C SER B 116 -32.80 23.84 12.28
N MET B 117 -32.50 22.55 12.06
CA MET B 117 -33.57 21.58 11.85
C MET B 117 -34.43 21.36 13.09
N THR B 118 -35.74 21.40 12.87
CA THR B 118 -36.82 21.24 13.85
C THR B 118 -37.50 19.90 13.84
N GLU B 119 -38.54 19.77 14.67
CA GLU B 119 -39.34 18.57 14.83
C GLU B 119 -39.95 18.28 13.48
N ASP B 120 -40.47 19.31 12.85
CA ASP B 120 -41.10 19.17 11.54
C ASP B 120 -40.03 18.76 10.53
N ALA B 121 -38.84 19.30 10.70
CA ALA B 121 -37.76 18.99 9.80
C ALA B 121 -37.42 17.55 10.03
N ALA B 122 -37.74 17.02 11.20
CA ALA B 122 -37.41 15.63 11.43
C ALA B 122 -38.23 14.70 10.56
N VAL B 123 -39.54 14.91 10.43
CA VAL B 123 -40.32 14.03 9.57
C VAL B 123 -40.00 14.18 8.05
N PHE B 124 -39.98 15.40 7.50
CA PHE B 124 -39.68 15.69 6.08
C PHE B 124 -38.25 15.44 5.60
N GLY B 125 -37.30 15.87 6.39
CA GLY B 125 -35.91 15.70 6.03
C GLY B 125 -35.25 17.07 6.15
N GLY B 126 -33.94 17.13 5.96
CA GLY B 126 -33.16 18.35 6.07
C GLY B 126 -32.94 19.16 4.80
N GLN B 127 -33.69 18.85 3.76
CA GLN B 127 -33.55 19.53 2.47
C GLN B 127 -33.80 21.03 2.40
N GLN B 128 -34.86 21.52 3.03
CA GLN B 128 -35.17 22.97 3.00
C GLN B 128 -34.18 23.85 3.76
N ASN B 129 -33.80 23.36 4.92
CA ASN B 129 -32.87 24.00 5.86
C ASN B 129 -31.52 24.12 5.19
N MET B 130 -31.12 23.07 4.47
CA MET B 130 -29.85 23.06 3.78
C MET B 130 -29.89 24.10 2.64
N LYS B 131 -30.95 24.18 1.83
CA LYS B 131 -30.98 25.17 0.75
C LYS B 131 -31.06 26.58 1.28
N ASP B 132 -31.96 26.81 2.23
CA ASP B 132 -32.11 28.13 2.81
C ASP B 132 -30.88 28.46 3.62
N GLY B 133 -30.43 27.50 4.40
CA GLY B 133 -29.26 27.70 5.23
C GLY B 133 -28.00 28.08 4.43
N LEU B 134 -27.80 27.38 3.34
CA LEU B 134 -26.65 27.62 2.50
C LEU B 134 -26.84 28.99 1.87
N GLN B 135 -28.04 29.30 1.43
CA GLN B 135 -28.29 30.58 0.81
C GLN B 135 -28.20 31.72 1.77
N ASN B 136 -28.77 31.57 2.96
CA ASN B 136 -28.75 32.64 3.97
C ASN B 136 -27.34 32.93 4.53
N CYS B 137 -26.61 31.87 4.82
CA CYS B 137 -25.27 31.95 5.37
C CYS B 137 -24.34 32.62 4.38
N LYS B 138 -24.42 32.26 3.12
CA LYS B 138 -23.54 32.86 2.16
C LYS B 138 -23.87 34.30 2.00
N ALA B 139 -25.14 34.65 1.92
CA ALA B 139 -25.46 36.06 1.75
C ALA B 139 -25.02 36.86 2.97
N THR B 140 -25.34 36.40 4.16
CA THR B 140 -24.95 37.09 5.38
C THR B 140 -23.48 37.19 5.85
N TYR B 141 -22.76 36.08 5.78
CA TYR B 141 -21.37 36.08 6.21
C TYR B 141 -20.27 36.13 5.18
N LYS B 142 -20.65 36.06 3.92
CA LYS B 142 -19.68 36.12 2.83
C LYS B 142 -18.49 35.19 2.92
N PRO B 143 -18.70 33.96 3.43
CA PRO B 143 -17.57 33.01 3.52
C PRO B 143 -17.19 32.52 2.12
N ASP B 144 -15.92 32.35 1.85
CA ASP B 144 -15.51 31.88 0.54
C ASP B 144 -15.98 30.46 0.38
N MET B 145 -15.78 29.70 1.44
CA MET B 145 -16.16 28.29 1.49
C MET B 145 -17.02 28.00 2.70
N ILE B 146 -17.95 27.05 2.54
CA ILE B 146 -18.83 26.62 3.61
C ILE B 146 -18.58 25.12 3.77
N ALA B 147 -18.18 24.65 4.96
CA ALA B 147 -17.93 23.21 5.13
C ALA B 147 -18.98 22.57 6.01
N VAL B 148 -19.74 21.67 5.43
CA VAL B 148 -20.79 20.98 6.16
C VAL B 148 -20.44 19.72 6.96
N SER B 149 -20.98 19.66 8.16
CA SER B 149 -20.81 18.57 9.15
C SER B 149 -22.22 18.36 9.59
N THR B 150 -22.48 17.27 10.28
CA THR B 150 -23.85 17.04 10.73
C THR B 150 -24.01 16.65 12.18
N THR B 151 -25.13 17.06 12.79
CA THR B 151 -25.48 16.74 14.19
C THR B 151 -26.19 15.38 14.26
N CYS B 152 -26.14 14.69 15.38
CA CYS B 152 -26.77 13.40 15.49
C CYS B 152 -28.22 13.26 15.09
N MET B 153 -28.99 14.31 15.19
CA MET B 153 -30.40 14.21 14.85
C MET B 153 -30.40 13.95 13.37
N ALA B 154 -29.58 14.68 12.65
CA ALA B 154 -29.47 14.57 11.20
C ALA B 154 -28.94 13.15 10.86
N GLU B 155 -27.95 12.68 11.57
CA GLU B 155 -27.40 11.37 11.28
C GLU B 155 -28.46 10.30 11.51
N VAL B 156 -29.24 10.36 12.59
CA VAL B 156 -30.23 9.34 12.82
C VAL B 156 -31.35 9.37 11.79
N ILE B 157 -31.88 10.54 11.45
CA ILE B 157 -32.96 10.58 10.46
C ILE B 157 -32.36 10.18 9.10
N GLY B 158 -31.07 10.34 8.91
CA GLY B 158 -30.51 9.96 7.64
C GLY B 158 -30.55 10.88 6.45
N ASP B 159 -30.37 12.18 6.67
CA ASP B 159 -30.39 13.12 5.55
C ASP B 159 -29.15 12.84 4.72
N ASP B 160 -29.30 12.91 3.40
CA ASP B 160 -28.16 12.68 2.49
C ASP B 160 -27.58 14.07 2.25
N LEU B 161 -26.33 14.26 2.70
CA LEU B 161 -25.62 15.53 2.59
C LEU B 161 -25.26 15.93 1.21
N ASN B 162 -24.78 14.95 0.45
CA ASN B 162 -24.33 15.09 -0.94
C ASN B 162 -25.50 15.41 -1.83
N ALA B 163 -26.62 14.73 -1.63
CA ALA B 163 -27.81 14.93 -2.42
C ALA B 163 -28.38 16.32 -2.13
N PHE B 164 -28.41 16.67 -0.85
CA PHE B 164 -28.94 17.95 -0.40
C PHE B 164 -28.15 19.13 -0.91
N ILE B 165 -26.84 19.04 -0.87
CA ILE B 165 -25.96 20.09 -1.31
C ILE B 165 -26.05 20.27 -2.81
N ASN B 166 -26.12 19.17 -3.54
CA ASN B 166 -26.20 19.22 -4.99
C ASN B 166 -27.55 19.82 -5.41
N ASN B 167 -28.61 19.43 -4.76
CA ASN B 167 -29.91 19.95 -5.13
C ASN B 167 -29.96 21.43 -4.80
N SER B 168 -29.22 21.87 -3.81
CA SER B 168 -29.26 23.28 -3.47
C SER B 168 -28.64 24.06 -4.62
N LYS B 169 -27.53 23.58 -5.14
CA LYS B 169 -26.83 24.21 -6.25
C LYS B 169 -27.67 24.10 -7.54
N LYS B 170 -28.23 22.93 -7.74
CA LYS B 170 -29.07 22.59 -8.90
C LYS B 170 -30.33 23.48 -8.93
N GLU B 171 -30.94 23.66 -7.78
CA GLU B 171 -32.13 24.47 -7.67
C GLU B 171 -31.76 25.95 -7.74
N GLY B 172 -30.47 26.26 -7.64
CA GLY B 172 -30.05 27.67 -7.69
C GLY B 172 -29.89 28.51 -6.42
N PHE B 173 -29.90 27.84 -5.28
CA PHE B 173 -29.76 28.53 -4.00
C PHE B 173 -28.36 29.11 -3.86
N ILE B 174 -27.35 28.34 -4.22
CA ILE B 174 -25.98 28.82 -4.13
C ILE B 174 -25.32 28.47 -5.43
N PRO B 175 -24.24 29.15 -5.82
CA PRO B 175 -23.58 28.83 -7.09
C PRO B 175 -23.08 27.38 -7.16
N ASP B 176 -22.93 26.87 -8.38
CA ASP B 176 -22.47 25.52 -8.67
C ASP B 176 -21.01 25.45 -8.25
N GLU B 177 -20.29 26.51 -8.62
CA GLU B 177 -18.88 26.71 -8.36
C GLU B 177 -18.49 26.95 -6.89
N PHE B 178 -19.39 27.48 -6.08
CA PHE B 178 -19.06 27.74 -4.68
C PHE B 178 -18.69 26.46 -3.97
N PRO B 179 -17.50 26.47 -3.31
CA PRO B 179 -17.08 25.24 -2.61
C PRO B 179 -17.91 24.87 -1.39
N VAL B 180 -18.35 23.62 -1.34
CA VAL B 180 -19.15 23.12 -0.24
C VAL B 180 -18.74 21.72 0.16
N PRO B 181 -17.55 21.53 0.72
CA PRO B 181 -17.12 20.18 1.11
C PRO B 181 -18.05 19.80 2.28
N PHE B 182 -18.38 18.51 2.42
CA PHE B 182 -19.26 18.03 3.52
C PHE B 182 -18.76 16.71 4.08
N ALA B 183 -18.95 16.47 5.36
CA ALA B 183 -18.53 15.21 5.96
C ALA B 183 -19.59 14.80 6.94
N HIS B 184 -20.03 13.54 6.92
CA HIS B 184 -21.05 13.08 7.90
C HIS B 184 -20.29 12.90 9.20
N THR B 185 -20.81 13.43 10.29
CA THR B 185 -20.10 13.29 11.53
C THR B 185 -20.95 12.83 12.68
N PRO B 186 -21.28 11.55 12.71
CA PRO B 186 -22.09 10.98 13.79
C PRO B 186 -21.47 11.10 15.17
N SER B 187 -22.23 11.69 16.09
CA SER B 187 -21.79 11.88 17.44
C SER B 187 -21.69 10.53 18.17
N PHE B 188 -22.57 9.56 17.84
CA PHE B 188 -22.49 8.28 18.54
C PHE B 188 -21.21 7.66 18.10
N VAL B 189 -20.83 7.66 16.83
CA VAL B 189 -19.55 7.06 16.48
C VAL B 189 -18.35 7.97 16.89
N GLY B 190 -17.31 7.35 17.43
CA GLY B 190 -16.12 8.08 17.86
C GLY B 190 -16.04 9.16 18.89
N SER B 191 -15.37 10.23 18.51
CA SER B 191 -15.12 11.41 19.32
C SER B 191 -14.91 12.63 18.44
N HIS B 192 -14.51 13.73 19.05
CA HIS B 192 -14.28 14.98 18.32
C HIS B 192 -13.05 14.78 17.39
N VAL B 193 -12.14 13.91 17.79
CA VAL B 193 -10.97 13.67 16.98
C VAL B 193 -11.40 13.00 15.69
N THR B 194 -12.30 12.04 15.78
CA THR B 194 -12.79 11.33 14.60
C THR B 194 -13.57 12.39 13.84
N GLY B 195 -14.37 13.15 14.53
CA GLY B 195 -15.11 14.20 13.85
C GLY B 195 -14.15 15.07 13.00
N TRP B 196 -12.97 15.39 13.55
CA TRP B 196 -11.95 16.22 12.89
C TRP B 196 -11.39 15.50 11.70
N ASP B 197 -11.15 14.20 11.86
CA ASP B 197 -10.60 13.37 10.78
C ASP B 197 -11.56 13.34 9.58
N ASN B 198 -12.86 13.18 9.80
CA ASN B 198 -13.87 13.11 8.78
C ASN B 198 -14.02 14.36 7.99
N MET B 199 -14.01 15.47 8.68
CA MET B 199 -14.17 16.77 8.03
C MET B 199 -12.99 16.99 7.12
N PHE B 200 -11.80 16.68 7.59
CA PHE B 200 -10.61 16.86 6.80
C PHE B 200 -10.51 15.99 5.55
N GLU B 201 -10.82 14.72 5.65
CA GLU B 201 -10.73 13.83 4.50
C GLU B 201 -11.73 14.36 3.52
N GLY B 202 -12.87 14.83 4.01
CA GLY B 202 -13.90 15.36 3.12
C GLY B 202 -13.43 16.61 2.41
N ILE B 203 -12.78 17.52 3.10
CA ILE B 203 -12.32 18.76 2.45
C ILE B 203 -11.23 18.41 1.47
N ALA B 204 -10.31 17.54 1.85
CA ALA B 204 -9.18 17.11 1.01
C ALA B 204 -9.71 16.37 -0.22
N ARG B 205 -10.69 15.50 0.01
CA ARG B 205 -11.30 14.73 -1.06
C ARG B 205 -12.06 15.63 -2.03
N TYR B 206 -12.83 16.60 -1.55
CA TYR B 206 -13.61 17.48 -2.44
C TYR B 206 -12.68 18.25 -3.40
N PHE B 207 -11.64 18.88 -2.90
CA PHE B 207 -10.70 19.63 -3.73
C PHE B 207 -9.82 18.80 -4.68
N THR B 208 -9.28 17.70 -4.20
CA THR B 208 -8.43 16.83 -5.03
C THR B 208 -8.93 15.60 -5.79
N LEU B 209 -10.13 15.12 -5.52
CA LEU B 209 -10.62 13.91 -6.22
C LEU B 209 -10.93 13.88 -7.69
N LYS B 210 -11.59 14.91 -8.18
CA LYS B 210 -11.95 15.01 -9.57
C LYS B 210 -10.68 15.18 -10.39
N SER B 211 -9.73 16.01 -10.00
CA SER B 211 -8.53 16.12 -10.82
C SER B 211 -7.25 15.55 -10.18
N MET B 212 -6.81 14.41 -10.70
CA MET B 212 -5.61 13.71 -10.24
C MET B 212 -4.56 13.45 -11.31
N ASP B 213 -4.97 13.52 -12.56
CA ASP B 213 -4.09 13.28 -13.70
C ASP B 213 -3.03 14.33 -13.87
N ASP B 214 -3.43 15.57 -13.70
CA ASP B 214 -2.53 16.71 -13.82
C ASP B 214 -1.57 16.57 -12.63
N LYS B 215 -2.06 16.23 -11.44
CA LYS B 215 -1.15 16.11 -10.31
C LYS B 215 -0.10 15.01 -10.46
N VAL B 216 1.13 15.35 -10.08
CA VAL B 216 2.27 14.45 -10.11
C VAL B 216 2.94 14.60 -8.74
N VAL B 217 3.26 13.48 -8.08
CA VAL B 217 3.86 13.57 -6.74
C VAL B 217 5.27 14.18 -6.70
N GLY B 218 5.48 15.04 -5.70
CA GLY B 218 6.76 15.69 -5.50
C GLY B 218 7.06 16.85 -6.45
N SER B 219 6.08 17.16 -7.30
CA SER B 219 6.23 18.23 -8.29
C SER B 219 6.35 19.58 -7.63
N ASN B 220 5.55 19.88 -6.60
CA ASN B 220 5.66 21.19 -5.95
C ASN B 220 6.74 21.34 -4.89
N LYS B 221 7.40 20.24 -4.53
CA LYS B 221 8.48 20.22 -3.53
C LYS B 221 8.29 20.83 -2.18
N LYS B 222 7.10 20.59 -1.62
CA LYS B 222 6.65 21.07 -0.33
C LYS B 222 6.14 19.81 0.35
N ILE B 223 6.11 19.84 1.69
CA ILE B 223 5.64 18.69 2.44
C ILE B 223 4.32 19.07 3.13
N ASN B 224 3.27 18.32 2.90
CA ASN B 224 1.98 18.61 3.53
C ASN B 224 2.02 18.17 4.98
N ILE B 225 1.56 19.05 5.87
CA ILE B 225 1.52 18.73 7.28
C ILE B 225 0.06 18.74 7.71
N VAL B 226 -0.47 17.66 8.28
CA VAL B 226 -1.88 17.70 8.70
C VAL B 226 -1.81 17.63 10.24
N PRO B 227 -2.16 18.72 10.90
CA PRO B 227 -2.18 18.90 12.34
C PRO B 227 -3.06 18.02 13.17
N GLY B 228 -4.25 17.72 12.67
CA GLY B 228 -5.17 16.89 13.45
C GLY B 228 -5.97 17.84 14.34
N PHE B 229 -6.64 17.35 15.36
CA PHE B 229 -7.41 18.26 16.21
C PHE B 229 -6.43 18.83 17.20
N GLU B 230 -6.17 20.13 17.10
CA GLU B 230 -5.22 20.79 17.99
C GLU B 230 -5.72 22.09 18.64
N THR B 231 -5.62 22.19 19.95
CA THR B 231 -6.07 23.38 20.66
C THR B 231 -4.97 24.28 21.26
N TYR B 232 -3.70 24.06 20.89
CA TYR B 232 -2.58 24.87 21.40
C TYR B 232 -2.03 25.57 20.19
N LEU B 233 -1.98 26.91 20.25
CA LEU B 233 -1.50 27.71 19.15
C LEU B 233 0.00 27.51 18.93
N GLY B 234 0.72 27.38 20.02
CA GLY B 234 2.16 27.21 19.90
C GLY B 234 2.54 26.03 19.04
N ASN B 235 1.64 25.04 18.96
CA ASN B 235 1.90 23.87 18.17
C ASN B 235 1.91 24.16 16.69
N PHE B 236 0.97 24.94 16.22
CA PHE B 236 0.87 25.28 14.81
C PHE B 236 2.08 26.14 14.52
N ARG B 237 2.38 27.03 15.43
CA ARG B 237 3.49 27.93 15.30
C ARG B 237 4.85 27.24 15.30
N VAL B 238 5.03 26.28 16.20
CA VAL B 238 6.30 25.57 16.29
C VAL B 238 6.62 24.70 15.06
N ILE B 239 5.63 23.99 14.54
CA ILE B 239 5.83 23.11 13.39
C ILE B 239 6.27 23.98 12.19
N LYS B 240 5.60 25.11 12.02
CA LYS B 240 5.91 26.04 10.90
C LYS B 240 7.30 26.64 11.09
N ARG B 241 7.62 27.05 12.31
CA ARG B 241 8.92 27.67 12.59
C ARG B 241 10.09 26.72 12.30
N MET B 242 9.98 25.47 12.72
CA MET B 242 11.08 24.54 12.49
C MET B 242 11.24 24.24 10.99
N LEU B 243 10.16 24.00 10.27
CA LEU B 243 10.25 23.70 8.85
C LEU B 243 10.90 24.93 8.20
N SER B 244 10.47 26.11 8.61
CA SER B 244 10.98 27.38 8.10
C SER B 244 12.47 27.49 8.39
N GLU B 245 12.87 27.12 9.60
CA GLU B 245 14.25 27.15 10.10
C GLU B 245 15.08 26.21 9.25
N MET B 246 14.53 25.05 8.96
CA MET B 246 15.22 24.04 8.14
C MET B 246 15.21 24.41 6.64
N GLY B 247 14.38 25.36 6.24
CA GLY B 247 14.34 25.71 4.83
C GLY B 247 13.43 24.83 4.00
N VAL B 248 12.74 23.92 4.64
CA VAL B 248 11.85 23.01 3.94
C VAL B 248 10.55 23.70 3.52
N GLY B 249 10.15 23.52 2.28
CA GLY B 249 8.90 24.13 1.80
C GLY B 249 7.77 23.30 2.40
N TYR B 250 6.67 23.93 2.76
CA TYR B 250 5.58 23.16 3.35
C TYR B 250 4.21 23.74 3.22
N SER B 251 3.20 22.89 3.37
CA SER B 251 1.84 23.36 3.29
C SER B 251 1.18 22.83 4.53
N LEU B 252 0.61 23.71 5.35
CA LEU B 252 -0.03 23.18 6.55
C LEU B 252 -1.50 23.20 6.21
N LEU B 253 -2.06 22.03 6.14
CA LEU B 253 -3.46 21.92 5.80
C LEU B 253 -4.32 22.08 7.03
N SER B 254 -5.24 23.03 7.02
CA SER B 254 -6.11 23.26 8.19
C SER B 254 -5.33 23.99 9.27
N ASP B 255 -5.00 25.24 9.00
CA ASP B 255 -4.28 26.03 9.99
C ASP B 255 -5.23 27.06 10.57
N PRO B 256 -5.73 26.85 11.79
CA PRO B 256 -6.65 27.75 12.49
C PRO B 256 -5.99 28.74 13.42
N GLU B 257 -4.67 28.88 13.32
CA GLU B 257 -3.92 29.79 14.20
C GLU B 257 -4.16 31.30 14.06
N GLU B 258 -4.27 31.85 12.85
CA GLU B 258 -4.53 33.31 12.72
C GLU B 258 -5.92 33.69 13.24
N VAL B 259 -6.93 32.92 12.89
CA VAL B 259 -8.29 33.20 13.31
C VAL B 259 -8.56 33.05 14.80
N LEU B 260 -7.95 32.04 15.40
CA LEU B 260 -8.12 31.81 16.81
C LEU B 260 -7.29 32.84 17.59
N ASP B 261 -6.40 33.55 16.91
CA ASP B 261 -5.57 34.56 17.57
C ASP B 261 -5.60 35.98 17.03
N THR B 262 -6.71 36.44 16.50
CA THR B 262 -6.78 37.81 15.99
C THR B 262 -6.67 38.92 17.07
N PRO B 263 -5.94 40.00 16.75
CA PRO B 263 -5.71 41.17 17.62
C PRO B 263 -6.88 42.07 17.93
N ALA B 264 -6.91 42.66 19.11
CA ALA B 264 -8.01 43.53 19.42
C ALA B 264 -7.43 44.90 19.03
N ASP B 265 -7.76 45.34 17.84
CA ASP B 265 -7.33 46.60 17.28
C ASP B 265 -8.48 47.44 16.87
N GLY B 266 -9.64 47.19 17.44
CA GLY B 266 -10.83 47.94 17.13
C GLY B 266 -11.69 47.34 16.04
N GLN B 267 -11.22 46.33 15.33
CA GLN B 267 -12.08 45.77 14.29
C GLN B 267 -12.22 44.26 14.47
N PHE B 268 -13.45 43.76 14.37
CA PHE B 268 -13.70 42.32 14.53
C PHE B 268 -13.47 41.53 13.25
N ARG B 269 -12.61 40.53 13.29
CA ARG B 269 -12.40 39.77 12.09
C ARG B 269 -12.98 38.39 12.21
N MET B 270 -14.01 38.12 11.42
CA MET B 270 -14.63 36.83 11.44
C MET B 270 -13.67 35.82 10.87
N TYR B 271 -12.99 36.17 9.79
CA TYR B 271 -12.04 35.23 9.20
C TYR B 271 -10.61 35.73 9.16
N ALA B 272 -9.65 34.92 9.52
CA ALA B 272 -8.25 35.36 9.45
C ALA B 272 -7.39 34.17 8.99
N GLY B 273 -6.45 34.41 8.11
CA GLY B 273 -5.58 33.34 7.62
C GLY B 273 -6.30 32.17 6.99
N GLY B 274 -5.88 30.99 7.43
CA GLY B 274 -6.43 29.73 6.99
C GLY B 274 -5.70 29.14 5.82
N THR B 275 -5.93 27.86 5.59
CA THR B 275 -5.34 27.11 4.48
C THR B 275 -6.12 27.55 3.25
N THR B 276 -5.40 27.89 2.20
CA THR B 276 -6.01 28.34 0.95
C THR B 276 -6.61 27.18 0.17
N GLN B 277 -7.58 27.50 -0.67
CA GLN B 277 -8.26 26.49 -1.50
C GLN B 277 -7.20 26.00 -2.47
N GLU B 278 -6.39 26.90 -3.00
CA GLU B 278 -5.38 26.49 -3.94
C GLU B 278 -4.38 25.59 -3.25
N GLU B 279 -4.04 25.89 -2.00
CA GLU B 279 -3.08 25.07 -1.24
C GLU B 279 -3.69 23.66 -1.18
N MET B 280 -4.98 23.57 -0.94
CA MET B 280 -5.69 22.30 -0.87
C MET B 280 -5.72 21.62 -2.22
N LYS B 281 -5.93 22.37 -3.29
CA LYS B 281 -5.97 21.80 -4.63
C LYS B 281 -4.62 21.25 -5.12
N ASP B 282 -3.56 22.02 -4.88
CA ASP B 282 -2.20 21.69 -5.28
C ASP B 282 -1.48 20.76 -4.26
N ALA B 283 -2.21 20.20 -3.31
CA ALA B 283 -1.63 19.35 -2.30
C ALA B 283 -1.06 18.04 -2.82
N PRO B 284 -1.78 17.34 -3.71
CA PRO B 284 -1.24 16.05 -4.19
C PRO B 284 0.15 16.24 -4.83
N ASN B 285 0.49 17.46 -5.23
CA ASN B 285 1.82 17.71 -5.83
C ASN B 285 3.00 17.76 -4.85
N ALA B 286 2.70 17.50 -3.58
CA ALA B 286 3.72 17.52 -2.54
C ALA B 286 4.56 16.25 -2.64
N LEU B 287 5.77 16.31 -2.07
CA LEU B 287 6.71 15.19 -2.08
C LEU B 287 6.10 14.12 -1.20
N ASN B 288 5.59 14.57 -0.07
CA ASN B 288 4.96 13.70 0.91
C ASN B 288 4.01 14.47 1.88
N THR B 289 3.14 13.74 2.58
CA THR B 289 2.19 14.32 3.54
C THR B 289 2.53 13.73 4.92
N VAL B 290 2.80 14.57 5.91
CA VAL B 290 3.14 14.08 7.26
C VAL B 290 1.95 14.37 8.15
N LEU B 291 1.53 13.38 8.91
CA LEU B 291 0.37 13.57 9.79
C LEU B 291 0.92 13.70 11.20
N LEU B 292 0.64 14.82 11.85
CA LEU B 292 1.12 15.10 13.20
C LEU B 292 0.51 14.20 14.25
N GLN B 293 -0.80 13.97 14.18
CA GLN B 293 -1.41 13.09 15.18
C GLN B 293 -2.09 11.97 14.38
N PRO B 294 -1.31 10.90 14.15
CA PRO B 294 -1.71 9.72 13.40
C PRO B 294 -2.81 8.87 13.95
N TRP B 295 -2.98 8.84 15.24
CA TRP B 295 -4.03 8.01 15.76
C TRP B 295 -5.39 8.51 15.38
N HIS B 296 -5.66 9.81 15.32
CA HIS B 296 -7.03 10.17 14.91
C HIS B 296 -7.09 10.56 13.45
N LEU B 297 -5.97 10.46 12.75
CA LEU B 297 -5.90 10.80 11.32
C LEU B 297 -5.93 9.58 10.36
N GLU B 298 -6.55 8.47 10.79
CA GLU B 298 -6.67 7.22 10.03
C GLU B 298 -7.46 7.28 8.69
N LYS B 299 -8.60 7.96 8.66
CA LYS B 299 -9.41 8.06 7.45
C LYS B 299 -8.64 8.89 6.44
N THR B 300 -8.03 9.97 6.91
CA THR B 300 -7.25 10.88 6.08
C THR B 300 -6.00 10.13 5.58
N LYS B 301 -5.40 9.28 6.37
CA LYS B 301 -4.22 8.54 5.93
C LYS B 301 -4.68 7.66 4.73
N LYS B 302 -5.86 7.03 4.81
CA LYS B 302 -6.36 6.17 3.72
C LYS B 302 -6.60 6.97 2.47
N PHE B 303 -7.22 8.13 2.57
CA PHE B 303 -7.46 8.92 1.38
C PHE B 303 -6.15 9.43 0.78
N VAL B 304 -5.24 9.91 1.62
CA VAL B 304 -3.97 10.44 1.11
C VAL B 304 -3.11 9.32 0.52
N GLU B 305 -3.01 8.15 1.16
CA GLU B 305 -2.20 7.09 0.56
C GLU B 305 -2.85 6.56 -0.69
N GLY B 306 -4.15 6.27 -0.61
CA GLY B 306 -4.80 5.76 -1.80
C GLY B 306 -4.98 6.68 -2.97
N THR B 307 -5.57 7.84 -2.74
CA THR B 307 -5.77 8.80 -3.82
C THR B 307 -4.59 9.64 -4.34
N TRP B 308 -3.80 10.16 -3.42
CA TRP B 308 -2.64 11.01 -3.76
C TRP B 308 -1.38 10.23 -3.95
N LYS B 309 -1.44 8.97 -3.54
CA LYS B 309 -0.30 8.09 -3.65
C LYS B 309 0.93 8.56 -2.87
N HIS B 310 0.72 9.31 -1.79
CA HIS B 310 1.83 9.79 -0.96
C HIS B 310 2.15 8.67 -0.01
N GLU B 311 3.41 8.40 0.26
CA GLU B 311 3.68 7.32 1.20
C GLU B 311 3.85 8.07 2.51
N VAL B 312 2.80 8.08 3.33
CA VAL B 312 2.88 8.77 4.60
C VAL B 312 3.82 8.00 5.52
N PRO B 313 4.86 8.68 6.03
CA PRO B 313 5.85 8.05 6.92
C PRO B 313 5.30 7.65 8.24
N LYS B 314 5.77 6.58 8.87
CA LYS B 314 5.15 6.32 10.17
C LYS B 314 5.97 7.08 11.18
N LEU B 315 5.35 8.10 11.77
CA LEU B 315 5.97 8.92 12.75
C LEU B 315 4.93 9.18 13.80
N ASN B 316 5.43 9.23 15.03
CA ASN B 316 4.63 9.49 16.23
C ASN B 316 4.55 10.99 16.28
N ILE B 317 3.61 11.46 17.07
CA ILE B 317 3.36 12.90 17.25
C ILE B 317 4.69 13.37 17.77
N PRO B 318 5.22 14.45 17.19
CA PRO B 318 6.54 14.99 17.58
C PRO B 318 6.63 15.63 18.98
N MET B 319 6.57 14.75 19.97
CA MET B 319 6.62 15.10 21.38
C MET B 319 7.78 14.43 22.08
N GLY B 320 8.53 15.17 22.86
CA GLY B 320 9.63 14.54 23.55
C GLY B 320 10.88 14.66 22.73
N LEU B 321 11.98 14.26 23.32
CA LEU B 321 13.26 14.32 22.64
C LEU B 321 13.40 13.33 21.46
N ASP B 322 13.05 12.07 21.65
CA ASP B 322 13.18 11.09 20.56
C ASP B 322 12.24 11.26 19.36
N TRP B 323 10.98 11.54 19.62
CA TRP B 323 10.00 11.71 18.58
C TRP B 323 10.29 12.96 17.75
N THR B 324 10.69 14.04 18.37
CA THR B 324 11.01 15.24 17.63
C THR B 324 12.30 15.01 16.77
N ASP B 325 13.25 14.20 17.23
CA ASP B 325 14.50 13.91 16.50
C ASP B 325 14.09 13.15 15.25
N GLU B 326 13.14 12.23 15.44
CA GLU B 326 12.60 11.38 14.37
C GLU B 326 11.80 12.16 13.29
N PHE B 327 11.03 13.14 13.73
CA PHE B 327 10.24 13.95 12.83
C PHE B 327 11.18 14.81 11.98
N LEU B 328 12.19 15.41 12.60
CA LEU B 328 13.17 16.27 11.90
C LEU B 328 14.04 15.51 10.92
N MET B 329 14.49 14.35 11.33
CA MET B 329 15.34 13.53 10.50
C MET B 329 14.51 13.12 9.30
N LYS B 330 13.26 12.74 9.54
CA LYS B 330 12.32 12.31 8.47
C LYS B 330 12.07 13.45 7.51
N VAL B 331 11.84 14.65 8.01
CA VAL B 331 11.60 15.82 7.16
C VAL B 331 12.87 16.02 6.37
N SER B 332 14.00 15.80 6.98
CA SER B 332 15.24 15.97 6.28
C SER B 332 15.32 14.97 5.17
N GLU B 333 14.92 13.74 5.40
CA GLU B 333 15.01 12.79 4.31
C GLU B 333 14.00 13.17 3.22
N ILE B 334 12.77 13.53 3.55
CA ILE B 334 11.82 13.87 2.47
C ILE B 334 12.15 15.16 1.71
N SER B 335 12.51 16.22 2.42
CA SER B 335 12.88 17.55 1.91
C SER B 335 14.23 17.55 1.16
N GLY B 336 15.19 16.84 1.71
CA GLY B 336 16.52 16.75 1.14
C GLY B 336 17.32 17.85 1.79
N GLN B 337 16.65 18.66 2.61
CA GLN B 337 17.28 19.74 3.33
C GLN B 337 17.85 19.20 4.66
N PRO B 338 19.07 19.64 5.09
CA PRO B 338 19.74 19.23 6.34
C PRO B 338 19.15 19.91 7.58
N ILE B 339 19.35 19.30 8.75
CA ILE B 339 18.82 19.90 9.96
C ILE B 339 19.92 20.96 10.28
N PRO B 340 19.51 22.21 10.40
CA PRO B 340 20.40 23.33 10.67
C PRO B 340 21.03 23.34 12.04
N ALA B 341 22.06 24.15 12.15
CA ALA B 341 22.79 24.28 13.40
C ALA B 341 21.87 24.84 14.44
N SER B 342 20.98 25.73 14.03
CA SER B 342 20.10 26.34 14.98
C SER B 342 19.23 25.32 15.68
N LEU B 343 18.67 24.37 14.95
CA LEU B 343 17.81 23.35 15.56
C LEU B 343 18.55 22.40 16.46
N THR B 344 19.77 22.06 16.09
CA THR B 344 20.56 21.13 16.87
C THR B 344 20.90 21.80 18.19
N LYS B 345 21.02 23.12 18.21
CA LYS B 345 21.33 23.86 19.44
C LYS B 345 20.14 23.74 20.38
N GLU B 346 18.95 23.89 19.85
CA GLU B 346 17.72 23.81 20.63
C GLU B 346 17.64 22.43 21.27
N ARG B 347 17.94 21.39 20.53
CA ARG B 347 17.86 20.04 21.12
C ARG B 347 18.85 19.98 22.31
N GLY B 348 20.05 20.52 22.12
CA GLY B 348 21.07 20.52 23.17
C GLY B 348 20.60 21.14 24.48
N ARG B 349 19.87 22.22 24.32
CA ARG B 349 19.31 23.00 25.40
C ARG B 349 18.22 22.16 26.09
N LEU B 350 17.45 21.40 25.33
CA LEU B 350 16.42 20.60 25.94
C LEU B 350 17.10 19.57 26.87
N VAL B 351 18.17 18.96 26.37
CA VAL B 351 18.90 17.95 27.11
C VAL B 351 19.52 18.61 28.32
N ASP B 352 20.07 19.80 28.17
CA ASP B 352 20.68 20.51 29.30
C ASP B 352 19.56 20.74 30.36
N MET B 353 18.36 21.11 29.94
CA MET B 353 17.32 21.35 30.92
C MET B 353 16.97 19.99 31.57
N MET B 354 17.07 18.91 30.80
CA MET B 354 16.75 17.61 31.36
C MET B 354 17.80 17.20 32.39
N THR B 355 19.09 17.41 32.10
CA THR B 355 20.16 17.04 33.02
C THR B 355 20.01 17.94 34.25
N ASP B 356 19.71 19.23 34.08
CA ASP B 356 19.56 20.20 35.16
C ASP B 356 18.38 19.89 36.10
N SER B 357 17.25 19.45 35.57
CA SER B 357 16.07 19.12 36.38
C SER B 357 15.78 17.62 36.70
N HIS B 358 16.71 16.73 36.35
CA HIS B 358 16.48 15.31 36.58
C HIS B 358 16.27 14.83 38.02
N THR B 359 17.02 15.31 39.01
CA THR B 359 16.81 14.82 40.35
C THR B 359 15.38 15.09 40.88
N TRP B 360 14.82 16.26 40.67
CA TRP B 360 13.47 16.51 41.17
C TRP B 360 12.45 15.63 40.41
N LEU B 361 12.61 15.54 39.10
CA LEU B 361 11.72 14.76 38.24
C LEU B 361 11.72 13.25 38.37
N HIS B 362 12.87 12.70 38.71
CA HIS B 362 13.00 11.26 38.83
C HIS B 362 12.13 10.55 39.85
N GLY B 363 11.50 9.50 39.35
CA GLY B 363 10.64 8.69 40.16
C GLY B 363 9.27 9.29 40.44
N LYS B 364 8.93 10.45 39.91
CA LYS B 364 7.62 11.01 40.20
C LYS B 364 6.52 10.20 39.57
N ARG B 365 5.43 10.01 40.29
CA ARG B 365 4.34 9.23 39.74
C ARG B 365 3.21 10.10 39.24
N PHE B 366 2.80 9.85 37.99
CA PHE B 366 1.73 10.63 37.38
C PHE B 366 0.55 9.87 36.85
N ALA B 367 -0.62 10.44 36.95
CA ALA B 367 -1.85 9.82 36.47
C ALA B 367 -2.21 10.87 35.38
N LEU B 368 -2.37 10.45 34.14
CA LEU B 368 -2.71 11.42 33.09
C LEU B 368 -3.77 10.97 32.09
N TRP B 369 -4.45 11.91 31.47
CA TRP B 369 -5.49 11.60 30.49
C TRP B 369 -5.61 12.65 29.38
N GLY B 370 -6.17 12.22 28.26
CA GLY B 370 -6.33 13.15 27.15
C GLY B 370 -6.73 12.41 25.88
N ASP B 371 -6.44 13.00 24.72
CA ASP B 371 -6.75 12.40 23.43
C ASP B 371 -5.59 11.41 23.23
N PRO B 372 -5.78 10.38 22.41
CA PRO B 372 -4.67 9.42 22.28
C PRO B 372 -3.29 9.83 21.79
N ASP B 373 -3.19 10.72 20.83
CA ASP B 373 -1.84 11.11 20.39
C ASP B 373 -1.05 11.88 21.43
N PHE B 374 -1.74 12.79 22.08
CA PHE B 374 -1.20 13.65 23.11
C PHE B 374 -0.79 12.86 24.32
N VAL B 375 -1.61 11.93 24.75
CA VAL B 375 -1.33 11.10 25.93
C VAL B 375 -0.12 10.23 25.61
N MET B 376 -0.12 9.68 24.41
CA MET B 376 0.92 8.83 23.96
C MET B 376 2.22 9.61 23.96
N GLY B 377 2.17 10.84 23.48
CA GLY B 377 3.35 11.70 23.41
C GLY B 377 3.90 12.07 24.78
N LEU B 378 3.01 12.39 25.68
CA LEU B 378 3.31 12.78 27.04
C LEU B 378 3.94 11.58 27.78
N VAL B 379 3.36 10.39 27.59
CA VAL B 379 3.84 9.17 28.24
C VAL B 379 5.29 8.93 27.80
N LYS B 380 5.53 9.11 26.52
CA LYS B 380 6.87 8.89 25.99
C LYS B 380 7.83 9.89 26.59
N PHE B 381 7.43 11.12 26.72
CA PHE B 381 8.31 12.16 27.28
C PHE B 381 8.60 11.98 28.77
N LEU B 382 7.59 11.63 29.57
CA LEU B 382 7.75 11.43 31.01
C LEU B 382 8.77 10.28 31.19
N LEU B 383 8.65 9.21 30.42
CA LEU B 383 9.58 8.10 30.55
C LEU B 383 11.00 8.57 30.17
N GLU B 384 11.10 9.49 29.23
CA GLU B 384 12.39 10.03 28.78
C GLU B 384 12.94 10.84 29.96
N LEU B 385 12.05 11.39 30.79
CA LEU B 385 12.45 12.19 31.94
C LEU B 385 12.66 11.32 33.13
N GLY B 386 12.38 10.04 32.99
CA GLY B 386 12.57 9.18 34.15
C GLY B 386 11.45 9.26 35.18
N CYS B 387 10.37 9.89 34.81
CA CYS B 387 9.26 9.98 35.73
C CYS B 387 8.49 8.65 35.56
N GLU B 388 7.63 8.31 36.51
CA GLU B 388 6.88 7.09 36.39
C GLU B 388 5.42 7.34 36.14
N PRO B 389 4.92 7.06 34.94
CA PRO B 389 3.48 7.34 34.79
C PRO B 389 2.62 6.17 35.31
N VAL B 390 2.04 6.25 36.51
CA VAL B 390 1.24 5.13 36.99
C VAL B 390 -0.06 4.82 36.30
N HIS B 391 -0.91 5.82 36.13
CA HIS B 391 -2.21 5.63 35.48
C HIS B 391 -2.36 6.42 34.17
N ILE B 392 -2.58 5.71 33.08
CA ILE B 392 -2.73 6.37 31.77
C ILE B 392 -4.12 6.08 31.25
N LEU B 393 -4.87 7.16 31.05
CA LEU B 393 -6.20 7.00 30.58
C LEU B 393 -6.59 7.74 29.35
N CYS B 394 -7.09 7.03 28.35
CA CYS B 394 -7.53 7.70 27.14
C CYS B 394 -8.96 7.20 26.97
N HIS B 395 -9.94 8.09 27.11
CA HIS B 395 -11.35 7.72 27.00
C HIS B 395 -11.74 7.35 25.60
N ASN B 396 -11.28 8.12 24.63
CA ASN B 396 -11.57 7.88 23.24
C ASN B 396 -10.55 7.03 22.54
N GLY B 397 -9.75 6.27 23.29
CA GLY B 397 -8.73 5.43 22.68
C GLY B 397 -9.18 4.07 22.23
N ASN B 398 -8.28 3.28 21.65
CA ASN B 398 -8.62 1.92 21.19
C ASN B 398 -7.60 0.78 21.52
N LYS B 399 -7.90 -0.44 21.11
CA LYS B 399 -7.04 -1.59 21.37
C LYS B 399 -5.68 -1.48 20.69
N ARG B 400 -5.65 -1.04 19.45
CA ARG B 400 -4.39 -0.93 18.75
C ARG B 400 -3.52 0.11 19.44
N TRP B 401 -4.14 1.22 19.80
CA TRP B 401 -3.44 2.33 20.44
C TRP B 401 -2.93 1.88 21.79
N LYS B 402 -3.77 1.16 22.54
CA LYS B 402 -3.38 0.68 23.84
C LYS B 402 -2.16 -0.23 23.68
N LYS B 403 -2.20 -1.04 22.66
CA LYS B 403 -1.13 -1.97 22.37
C LYS B 403 0.14 -1.15 22.10
N ALA B 404 0.00 -0.08 21.33
CA ALA B 404 1.12 0.78 20.98
C ALA B 404 1.82 1.43 22.18
N VAL B 405 1.02 1.92 23.10
CA VAL B 405 1.45 2.57 24.32
C VAL B 405 2.13 1.53 25.23
N ASP B 406 1.54 0.35 25.37
CA ASP B 406 2.10 -0.69 26.26
C ASP B 406 3.50 -1.03 25.76
N ALA B 407 3.68 -1.04 24.45
CA ALA B 407 4.96 -1.33 23.87
C ALA B 407 5.94 -0.22 24.33
N ILE B 408 5.50 1.02 24.28
CA ILE B 408 6.31 2.14 24.66
C ILE B 408 6.75 2.00 26.13
N LEU B 409 5.80 1.62 26.95
CA LEU B 409 6.00 1.45 28.36
C LEU B 409 6.95 0.29 28.57
N ALA B 410 6.82 -0.76 27.79
CA ALA B 410 7.66 -1.93 27.97
C ALA B 410 9.11 -1.64 27.63
N ALA B 411 9.33 -0.71 26.73
CA ALA B 411 10.66 -0.33 26.29
C ALA B 411 11.44 0.38 27.38
N SER B 412 10.75 1.04 28.29
CA SER B 412 11.39 1.76 29.36
C SER B 412 11.24 1.12 30.76
N PRO B 413 12.34 1.03 31.51
CA PRO B 413 12.32 0.45 32.86
C PRO B 413 11.38 1.29 33.75
N TYR B 414 11.17 2.54 33.36
CA TYR B 414 10.32 3.51 34.03
C TYR B 414 8.83 3.21 33.98
N GLY B 415 8.36 2.57 32.90
CA GLY B 415 6.96 2.22 32.71
C GLY B 415 6.43 0.96 33.42
N LYS B 416 7.10 0.55 34.49
CA LYS B 416 6.79 -0.64 35.30
C LYS B 416 5.45 -0.64 36.07
N ASN B 417 5.11 0.44 36.74
CA ASN B 417 3.85 0.48 37.49
C ASN B 417 2.71 1.02 36.61
N ALA B 418 3.09 1.35 35.37
CA ALA B 418 2.13 1.90 34.45
C ALA B 418 1.08 1.03 33.84
N THR B 419 -0.14 1.51 33.88
CA THR B 419 -1.26 0.80 33.30
C THR B 419 -2.13 1.71 32.40
N VAL B 420 -2.46 1.24 31.19
CA VAL B 420 -3.27 2.01 30.24
C VAL B 420 -4.73 1.59 30.28
N TYR B 421 -5.62 2.55 30.40
CA TYR B 421 -7.04 2.24 30.45
C TYR B 421 -7.74 3.01 29.36
N ILE B 422 -8.62 2.34 28.64
CA ILE B 422 -9.36 3.00 27.57
C ILE B 422 -10.85 2.78 27.79
N GLY B 423 -11.68 3.73 27.39
CA GLY B 423 -13.11 3.60 27.58
C GLY B 423 -13.52 3.86 29.01
N LYS B 424 -12.57 4.31 29.82
CA LYS B 424 -12.82 4.58 31.25
C LYS B 424 -12.85 6.06 31.45
N ASP B 425 -13.85 6.53 32.19
CA ASP B 425 -14.02 7.95 32.48
C ASP B 425 -13.22 8.47 33.66
N LEU B 426 -13.40 9.75 33.93
CA LEU B 426 -12.73 10.43 35.02
C LEU B 426 -13.19 9.94 36.39
N TRP B 427 -14.37 9.35 36.44
CA TRP B 427 -14.92 8.83 37.68
C TRP B 427 -14.03 7.62 38.05
N HIS B 428 -13.63 6.84 37.05
CA HIS B 428 -12.77 5.65 37.19
C HIS B 428 -11.43 6.13 37.67
N LEU B 429 -10.95 7.19 37.07
CA LEU B 429 -9.65 7.77 37.40
C LEU B 429 -9.66 8.27 38.87
N ARG B 430 -10.78 8.81 39.30
CA ARG B 430 -10.86 9.33 40.63
C ARG B 430 -10.56 8.18 41.57
N SER B 431 -11.15 7.05 41.26
CA SER B 431 -10.99 5.86 42.06
C SER B 431 -9.54 5.45 41.99
N LEU B 432 -8.95 5.49 40.81
CA LEU B 432 -7.55 5.09 40.70
C LEU B 432 -6.65 5.98 41.51
N VAL B 433 -6.84 7.29 41.49
CA VAL B 433 -5.94 8.13 42.27
C VAL B 433 -6.17 7.81 43.74
N PHE B 434 -7.41 7.57 44.14
CA PHE B 434 -7.57 7.26 45.55
C PHE B 434 -6.94 5.90 45.92
N THR B 435 -7.16 4.81 45.17
CA THR B 435 -6.54 3.52 45.56
C THR B 435 -5.04 3.41 45.45
N ASP B 436 -4.50 3.89 44.34
CA ASP B 436 -3.06 3.87 44.12
C ASP B 436 -2.80 5.36 43.88
N LYS B 437 -2.03 6.03 44.76
CA LYS B 437 -1.81 7.46 44.58
C LYS B 437 -0.65 8.06 43.83
N PRO B 438 -0.97 8.74 42.73
CA PRO B 438 0.05 9.39 41.91
C PRO B 438 0.48 10.65 42.66
N ASP B 439 1.68 11.14 42.40
CA ASP B 439 2.19 12.35 43.01
C ASP B 439 1.37 13.51 42.43
N PHE B 440 1.17 13.43 41.12
CA PHE B 440 0.44 14.37 40.27
C PHE B 440 -0.48 13.80 39.20
N MET B 441 -1.40 14.64 38.72
CA MET B 441 -2.39 14.31 37.68
C MET B 441 -2.14 15.26 36.53
N ILE B 442 -2.00 14.78 35.29
CA ILE B 442 -1.79 15.74 34.20
C ILE B 442 -3.08 15.59 33.39
N GLY B 443 -3.77 16.72 33.19
CA GLY B 443 -5.03 16.71 32.48
C GLY B 443 -5.74 18.07 32.27
N ASN B 444 -6.96 18.02 31.76
CA ASN B 444 -7.67 19.26 31.53
C ASN B 444 -8.37 19.76 32.78
N SER B 445 -9.11 20.84 32.66
CA SER B 445 -9.80 21.41 33.79
C SER B 445 -10.81 20.53 34.49
N TYR B 446 -11.18 19.42 33.90
CA TYR B 446 -12.16 18.54 34.53
C TYR B 446 -11.58 17.89 35.78
N GLY B 447 -10.25 17.84 35.85
CA GLY B 447 -9.51 17.25 36.98
C GLY B 447 -9.47 18.12 38.24
N LYS B 448 -9.98 19.32 38.13
CA LYS B 448 -9.98 20.25 39.24
C LYS B 448 -10.81 19.58 40.34
N PHE B 449 -11.89 18.94 39.89
CA PHE B 449 -12.81 18.23 40.74
C PHE B 449 -12.19 16.98 41.36
N ILE B 450 -11.39 16.24 40.64
CA ILE B 450 -10.77 15.04 41.22
C ILE B 450 -9.82 15.55 42.35
N GLN B 451 -9.10 16.62 42.11
CA GLN B 451 -8.21 17.13 43.10
C GLN B 451 -8.96 17.52 44.34
N ARG B 452 -10.09 18.16 44.15
CA ARG B 452 -10.93 18.63 45.26
C ARG B 452 -11.35 17.44 46.09
N ASP B 453 -11.72 16.34 45.46
CA ASP B 453 -12.14 15.14 46.18
C ASP B 453 -10.98 14.57 46.98
N THR B 454 -9.79 14.48 46.42
CA THR B 454 -8.69 13.91 47.17
C THR B 454 -8.35 14.78 48.37
N LEU B 455 -8.30 16.09 48.22
CA LEU B 455 -8.00 16.95 49.36
C LEU B 455 -9.02 16.73 50.46
N HIS B 456 -10.20 16.34 50.06
CA HIS B 456 -11.26 16.11 51.02
C HIS B 456 -10.89 14.94 51.88
N LYS B 457 -10.33 13.89 51.31
CA LYS B 457 -9.99 12.77 52.17
C LYS B 457 -8.89 13.30 53.09
N GLY B 458 -7.90 13.98 52.60
CA GLY B 458 -6.93 14.49 53.53
C GLY B 458 -5.94 15.35 52.82
N LYS B 459 -5.09 16.06 53.54
CA LYS B 459 -4.12 16.89 52.86
C LYS B 459 -3.13 16.05 52.14
N GLU B 460 -2.71 15.02 52.86
CA GLU B 460 -1.72 14.06 52.42
C GLU B 460 -2.20 13.19 51.27
N PHE B 461 -3.50 13.03 51.13
CA PHE B 461 -4.01 12.20 50.04
C PHE B 461 -4.30 12.99 48.77
N GLU B 462 -4.20 14.33 48.81
CA GLU B 462 -4.49 15.19 47.65
C GLU B 462 -3.53 15.03 46.49
N VAL B 463 -4.07 15.01 45.29
CA VAL B 463 -3.21 14.88 44.12
C VAL B 463 -3.39 16.18 43.36
N PRO B 464 -2.34 17.01 43.31
CA PRO B 464 -2.49 18.27 42.60
C PRO B 464 -2.65 18.02 41.13
N LEU B 465 -3.46 18.85 40.47
CA LEU B 465 -3.73 18.72 39.03
C LEU B 465 -2.80 19.66 38.28
N ILE B 466 -2.17 19.16 37.22
CA ILE B 466 -1.27 19.97 36.43
C ILE B 466 -2.01 20.00 35.11
N ARG B 467 -2.31 21.19 34.60
CA ARG B 467 -3.05 21.28 33.35
C ARG B 467 -2.30 21.39 32.06
N ILE B 468 -2.45 20.37 31.25
CA ILE B 468 -1.85 20.31 29.94
C ILE B 468 -2.99 19.56 29.29
N GLY B 469 -3.46 20.00 28.12
CA GLY B 469 -4.57 19.26 27.55
C GLY B 469 -5.69 20.19 27.16
N PHE B 470 -6.82 19.63 26.77
CA PHE B 470 -7.98 20.41 26.38
C PHE B 470 -9.24 19.78 26.92
N PRO B 471 -10.18 20.58 27.38
CA PRO B 471 -10.26 22.03 27.53
C PRO B 471 -9.66 22.57 28.82
N ILE B 472 -9.10 23.77 28.78
CA ILE B 472 -8.58 24.34 30.04
C ILE B 472 -9.47 25.63 30.17
N PHE B 473 -10.30 25.69 31.20
CA PHE B 473 -11.17 26.86 31.42
C PHE B 473 -10.91 27.67 32.72
N ASP B 474 -10.12 27.15 33.62
CA ASP B 474 -9.90 27.91 34.83
C ASP B 474 -8.63 28.69 34.89
N ARG B 475 -7.89 28.67 33.81
CA ARG B 475 -6.65 29.40 33.82
C ARG B 475 -6.68 30.16 32.53
N HIS B 476 -5.94 31.27 32.45
CA HIS B 476 -5.90 32.09 31.24
C HIS B 476 -4.68 32.00 30.33
N HIS B 477 -4.98 31.99 29.03
CA HIS B 477 -3.99 31.93 27.98
C HIS B 477 -3.06 30.74 27.94
N LEU B 478 -3.48 29.62 28.48
CA LEU B 478 -2.58 28.51 28.42
C LEU B 478 -2.58 27.91 27.02
N HIS B 479 -3.62 28.23 26.26
CA HIS B 479 -3.77 27.75 24.91
C HIS B 479 -2.72 28.37 24.03
N ARG B 480 -1.92 29.26 24.58
CA ARG B 480 -0.88 29.92 23.81
C ARG B 480 0.40 29.11 23.96
N SER B 481 0.33 28.04 24.73
CA SER B 481 1.49 27.18 24.96
C SER B 481 1.83 26.26 23.80
N THR B 482 2.96 25.60 23.93
CA THR B 482 3.41 24.69 22.90
C THR B 482 3.75 23.34 23.50
N THR B 483 3.26 22.23 22.93
CA THR B 483 3.61 20.92 23.49
C THR B 483 4.48 20.16 22.51
N LEU B 484 4.45 20.55 21.24
CA LEU B 484 5.26 19.88 20.19
C LEU B 484 6.68 20.38 20.07
N GLY B 485 7.56 19.52 19.61
CA GLY B 485 8.93 19.94 19.43
C GLY B 485 9.73 20.08 20.69
N TYR B 486 10.94 20.63 20.54
CA TYR B 486 11.86 20.87 21.64
C TYR B 486 11.27 21.97 22.55
N GLU B 487 10.70 22.98 21.91
CA GLU B 487 10.10 24.09 22.60
C GLU B 487 8.97 23.58 23.45
N GLY B 488 8.18 22.69 22.88
CA GLY B 488 7.05 22.12 23.62
C GLY B 488 7.58 21.30 24.80
N ALA B 489 8.61 20.52 24.53
CA ALA B 489 9.21 19.67 25.53
C ALA B 489 9.72 20.59 26.63
N MET B 490 10.37 21.70 26.30
CA MET B 490 10.89 22.61 27.32
C MET B 490 9.76 23.18 28.19
N GLN B 491 8.65 23.51 27.57
CA GLN B 491 7.55 24.06 28.29
C GLN B 491 7.00 22.99 29.21
N ILE B 492 6.88 21.80 28.70
CA ILE B 492 6.33 20.73 29.51
C ILE B 492 7.28 20.42 30.65
N LEU B 493 8.58 20.39 30.41
CA LEU B 493 9.56 20.09 31.45
C LEU B 493 9.54 21.10 32.59
N THR B 494 9.46 22.38 32.25
CA THR B 494 9.44 23.50 33.21
C THR B 494 8.17 23.42 34.05
N THR B 495 7.03 23.15 33.40
CA THR B 495 5.77 23.07 34.15
C THR B 495 5.82 21.89 35.14
N LEU B 496 6.31 20.73 34.72
CA LEU B 496 6.37 19.60 35.65
C LEU B 496 7.37 19.78 36.79
N VAL B 497 8.58 20.26 36.51
CA VAL B 497 9.54 20.41 37.60
C VAL B 497 9.05 21.49 38.52
N ASN B 498 8.57 22.60 37.99
CA ASN B 498 8.07 23.68 38.83
C ASN B 498 6.78 23.27 39.54
N SER B 499 6.00 22.39 38.99
CA SER B 499 4.78 21.98 39.67
C SER B 499 5.24 21.20 40.92
N ILE B 500 6.25 20.37 40.70
CA ILE B 500 6.78 19.56 41.76
C ILE B 500 7.44 20.46 42.84
N LEU B 501 8.22 21.47 42.46
CA LEU B 501 8.85 22.36 43.42
C LEU B 501 7.84 23.27 44.19
N GLU B 502 6.76 23.65 43.52
CA GLU B 502 5.74 24.48 44.07
C GLU B 502 5.07 23.72 45.20
N ARG B 503 4.84 22.42 44.97
CA ARG B 503 4.20 21.50 45.92
C ARG B 503 5.08 21.25 47.13
N LEU B 504 6.37 21.03 46.93
CA LEU B 504 7.34 20.80 48.00
C LEU B 504 7.33 22.05 48.91
N ASP B 505 7.31 23.25 48.33
CA ASP B 505 7.31 24.50 49.12
C ASP B 505 6.05 24.54 49.97
N GLU B 506 4.92 24.18 49.40
CA GLU B 506 3.68 24.22 50.17
C GLU B 506 3.80 23.27 51.32
N GLU B 507 4.31 22.09 51.08
CA GLU B 507 4.43 21.12 52.13
C GLU B 507 5.43 21.49 53.20
N THR B 508 6.46 22.23 52.86
CA THR B 508 7.46 22.60 53.83
C THR B 508 7.33 24.01 54.40
N ARG B 509 6.25 24.68 54.08
CA ARG B 509 6.03 26.03 54.54
C ARG B 509 5.61 26.14 56.02
N GLY B 510 5.24 25.03 56.69
CA GLY B 510 4.85 25.22 58.08
C GLY B 510 6.02 25.62 58.98
N MET B 511 5.78 26.65 59.77
CA MET B 511 6.73 27.24 60.71
C MET B 511 7.06 26.34 61.86
N GLN B 512 8.36 26.12 62.00
CA GLN B 512 8.92 25.29 63.05
C GLN B 512 8.23 23.92 63.03
N ALA B 513 7.88 23.44 61.86
CA ALA B 513 7.22 22.16 61.76
C ALA B 513 7.90 21.45 60.63
N THR B 514 7.76 22.03 59.44
CA THR B 514 8.36 21.50 58.23
C THR B 514 9.25 22.45 57.46
N ASP B 515 9.43 23.65 58.00
CA ASP B 515 10.27 24.63 57.36
C ASP B 515 11.73 24.31 57.34
N TYR B 516 12.13 23.23 57.98
CA TYR B 516 13.54 22.91 58.02
C TYR B 516 13.91 22.54 56.62
N ASN B 517 12.95 22.01 55.89
CA ASN B 517 13.23 21.64 54.51
C ASN B 517 12.74 22.66 53.47
N HIS B 518 12.29 23.81 53.95
CA HIS B 518 11.80 24.90 53.09
C HIS B 518 12.98 25.71 52.62
N ASP B 519 13.79 25.08 51.77
CA ASP B 519 15.00 25.65 51.17
C ASP B 519 14.96 26.81 50.14
N LEU B 520 15.90 27.75 50.28
CA LEU B 520 16.06 28.90 49.40
C LEU B 520 16.51 28.44 48.02
N VAL B 521 17.48 27.53 47.99
CA VAL B 521 18.00 27.03 46.72
C VAL B 521 17.65 25.57 46.49
N ARG B 522 16.93 25.33 45.42
CA ARG B 522 16.51 23.99 45.04
C ARG B 522 16.99 23.70 43.59
N SER C 4 47.60 3.35 35.42
CA SER C 4 48.92 2.89 35.96
C SER C 4 49.62 4.07 36.56
N ARG C 5 50.68 3.83 37.33
CA ARG C 5 51.42 4.92 37.95
C ARG C 5 52.18 5.80 36.96
N GLU C 6 52.79 5.19 35.96
CA GLU C 6 53.55 5.93 34.96
C GLU C 6 52.59 6.77 34.13
N GLU C 7 51.41 6.24 33.86
CA GLU C 7 50.41 6.93 33.08
C GLU C 7 49.84 8.15 33.83
N VAL C 8 49.55 8.00 35.12
CA VAL C 8 49.01 9.08 35.94
C VAL C 8 50.05 10.18 36.06
N GLU C 9 51.30 9.80 36.31
CA GLU C 9 52.43 10.71 36.47
C GLU C 9 52.61 11.52 35.16
N SER C 10 52.48 10.85 34.02
CA SER C 10 52.63 11.48 32.71
C SER C 10 51.47 12.47 32.54
N LEU C 11 50.27 12.07 32.95
CA LEU C 11 49.07 12.89 32.84
C LEU C 11 49.26 14.16 33.61
N ILE C 12 49.84 14.08 34.82
CA ILE C 12 50.06 15.28 35.66
C ILE C 12 51.10 16.20 34.93
N GLN C 13 52.17 15.62 34.40
CA GLN C 13 53.20 16.37 33.71
C GLN C 13 52.66 17.02 32.44
N GLU C 14 51.87 16.27 31.69
CA GLU C 14 51.27 16.69 30.46
C GLU C 14 50.39 17.90 30.71
N VAL C 15 49.58 17.86 31.78
CA VAL C 15 48.68 18.97 32.06
C VAL C 15 49.41 20.25 32.47
N LEU C 16 50.39 20.12 33.32
CA LEU C 16 51.16 21.25 33.77
C LEU C 16 51.89 22.02 32.69
N GLU C 17 51.98 21.50 31.48
CA GLU C 17 52.71 22.21 30.42
C GLU C 17 52.18 23.59 29.99
N VAL C 18 50.88 23.78 30.13
CA VAL C 18 50.18 25.00 29.77
C VAL C 18 50.55 26.19 30.66
N TYR C 19 50.72 25.97 31.95
CA TYR C 19 51.07 27.03 32.91
C TYR C 19 52.47 27.65 32.78
N PRO C 20 52.58 28.93 33.16
CA PRO C 20 53.78 29.75 33.14
C PRO C 20 54.61 29.05 34.23
N GLU C 21 55.90 29.32 34.27
CA GLU C 21 56.77 28.66 35.24
C GLU C 21 56.57 28.82 36.74
N LYS C 22 56.31 30.02 37.26
CA LYS C 22 56.13 30.13 38.71
C LYS C 22 54.90 29.33 39.10
N ALA C 23 53.85 29.46 38.33
CA ALA C 23 52.60 28.73 38.59
C ALA C 23 52.82 27.21 38.37
N ARG C 24 53.50 26.83 37.29
CA ARG C 24 53.72 25.42 37.00
C ARG C 24 54.59 24.79 38.07
N LYS C 25 55.63 25.47 38.47
CA LYS C 25 56.50 24.94 39.48
C LYS C 25 55.74 24.70 40.76
N ASP C 26 54.91 25.66 41.16
CA ASP C 26 54.11 25.56 42.40
C ASP C 26 53.03 24.47 42.33
N ARG C 27 52.33 24.41 41.22
CA ARG C 27 51.28 23.44 41.05
C ARG C 27 51.72 21.99 41.13
N ASN C 28 52.83 21.64 40.48
CA ASN C 28 53.27 20.24 40.53
C ASN C 28 53.37 19.72 41.96
N LYS C 29 53.62 20.59 42.92
CA LYS C 29 53.73 20.23 44.33
C LYS C 29 52.38 19.79 44.87
N HIS C 30 51.31 20.28 44.24
CA HIS C 30 49.94 19.96 44.62
C HIS C 30 49.23 18.78 43.95
N LEU C 31 49.91 18.15 42.99
CA LEU C 31 49.35 17.02 42.27
C LEU C 31 50.17 15.74 42.53
N ALA C 32 49.52 14.69 43.02
CA ALA C 32 50.24 13.48 43.29
C ALA C 32 49.56 12.17 42.93
N VAL C 33 50.34 11.15 42.58
CA VAL C 33 49.80 9.83 42.23
C VAL C 33 49.85 9.15 43.60
N ASN C 34 48.73 8.64 44.09
CA ASN C 34 48.73 8.03 45.41
C ASN C 34 49.35 6.69 45.72
N ASP C 35 50.13 6.71 46.80
CA ASP C 35 50.79 5.52 47.27
C ASP C 35 50.15 5.30 48.64
N PRO C 36 49.41 4.19 48.81
CA PRO C 36 48.73 3.87 50.06
C PRO C 36 49.68 3.57 51.17
N ALA C 37 50.87 3.17 50.75
CA ALA C 37 51.95 2.80 51.63
C ALA C 37 52.50 3.99 52.41
N VAL C 38 52.68 5.14 51.76
CA VAL C 38 53.24 6.28 52.47
C VAL C 38 52.52 6.82 53.69
N THR C 39 53.31 6.83 54.77
CA THR C 39 52.94 7.31 56.09
C THR C 39 52.73 8.81 56.19
N GLN C 40 53.66 9.55 55.58
CA GLN C 40 53.64 11.00 55.57
C GLN C 40 53.26 11.58 54.24
N SER C 41 52.32 12.51 54.32
CA SER C 41 51.78 13.20 53.18
C SER C 41 52.80 14.13 52.54
N LYS C 42 53.57 14.85 53.34
CA LYS C 42 54.54 15.77 52.77
C LYS C 42 55.46 15.14 51.75
N LYS C 43 55.74 13.84 51.82
CA LYS C 43 56.62 13.29 50.79
C LYS C 43 55.81 13.37 49.48
N CYS C 44 54.59 12.88 49.52
CA CYS C 44 53.71 12.91 48.38
C CYS C 44 53.14 14.18 47.80
N ILE C 45 52.54 14.98 48.68
CA ILE C 45 51.90 16.23 48.30
C ILE C 45 52.09 17.41 49.26
N ILE C 46 52.02 18.62 48.75
CA ILE C 46 52.18 19.79 49.58
C ILE C 46 50.79 20.41 49.58
N SER C 47 50.39 21.05 50.68
CA SER C 47 49.07 21.65 50.74
C SER C 47 48.85 22.89 51.64
N ASN C 48 47.70 23.55 51.49
CA ASN C 48 47.38 24.74 52.28
C ASN C 48 48.34 25.89 52.10
N LYS C 49 48.57 26.24 50.85
CA LYS C 49 49.46 27.30 50.42
C LYS C 49 48.65 28.30 49.62
N LYS C 50 49.11 29.54 49.54
CA LYS C 50 48.35 30.55 48.80
C LYS C 50 48.23 30.10 47.37
N SER C 51 47.04 30.30 46.83
CA SER C 51 46.68 29.94 45.48
C SER C 51 47.32 30.87 44.46
N GLN C 52 47.65 30.31 43.29
CA GLN C 52 48.28 31.05 42.19
C GLN C 52 47.16 31.88 41.53
N PRO C 53 47.40 33.18 41.28
CA PRO C 53 46.37 34.02 40.66
C PRO C 53 46.01 33.73 39.19
N GLY C 54 44.72 33.93 38.86
CA GLY C 54 44.24 33.69 37.52
C GLY C 54 44.04 32.26 37.07
N LEU C 55 44.15 31.32 37.98
CA LEU C 55 43.98 29.92 37.65
C LEU C 55 42.61 29.28 37.98
N MET C 56 41.65 30.10 38.45
CA MET C 56 40.31 29.66 38.81
C MET C 56 40.14 28.60 39.91
N THR C 57 40.75 28.87 41.04
CA THR C 57 40.71 28.03 42.21
C THR C 57 39.27 28.11 42.72
N ILE C 58 38.82 27.01 43.30
CA ILE C 58 37.50 26.85 43.86
C ILE C 58 37.34 27.35 45.31
N ARG C 59 38.45 27.79 45.91
CA ARG C 59 38.46 28.28 47.29
C ARG C 59 37.70 29.55 47.68
N GLY C 60 37.07 29.49 48.82
CA GLY C 60 36.32 30.60 49.35
C GLY C 60 37.30 31.38 50.21
N CYS C 61 36.78 32.31 51.01
CA CYS C 61 37.54 33.15 51.90
C CYS C 61 37.38 32.72 53.36
N ALA C 62 38.08 33.42 54.25
CA ALA C 62 38.06 33.15 55.68
C ALA C 62 36.69 33.49 56.25
N TYR C 63 36.01 34.43 55.64
CA TYR C 63 34.68 34.86 56.08
C TYR C 63 33.74 33.67 55.84
N ALA C 64 33.90 33.01 54.70
CA ALA C 64 33.05 31.86 54.39
C ALA C 64 33.35 30.81 55.42
N GLY C 65 34.63 30.56 55.73
CA GLY C 65 34.87 29.53 56.72
C GLY C 65 34.29 29.93 58.06
N SER C 66 34.59 31.12 58.57
CA SER C 66 33.97 31.45 59.86
C SER C 66 32.44 31.74 59.97
N LYS C 67 31.92 32.67 59.13
CA LYS C 67 30.50 33.02 59.12
C LYS C 67 29.63 31.97 58.51
N GLY C 68 30.13 31.47 57.39
CA GLY C 68 29.47 30.45 56.59
C GLY C 68 29.34 29.05 57.13
N VAL C 69 30.44 28.53 57.75
CA VAL C 69 30.40 27.18 58.27
C VAL C 69 30.33 27.05 59.79
N VAL C 70 31.28 27.56 60.59
CA VAL C 70 31.12 27.40 62.04
C VAL C 70 29.99 28.18 62.80
N TRP C 71 29.96 29.49 62.60
CA TRP C 71 28.99 30.39 63.22
C TRP C 71 27.55 30.48 62.75
N GLY C 72 27.37 30.51 61.42
CA GLY C 72 26.05 30.63 60.86
C GLY C 72 25.05 29.63 61.33
N PRO C 73 25.40 28.37 61.41
CA PRO C 73 24.42 27.40 61.86
C PRO C 73 23.87 27.59 63.29
N ILE C 74 24.52 28.33 64.19
CA ILE C 74 23.89 28.38 65.52
C ILE C 74 22.54 29.07 65.40
N LYS C 75 21.48 28.39 65.81
CA LYS C 75 20.20 28.99 65.72
C LYS C 75 19.76 30.19 66.55
N ASP C 76 20.07 30.14 67.84
CA ASP C 76 19.69 31.22 68.74
C ASP C 76 20.38 32.53 68.52
N MET C 77 21.68 32.51 68.25
CA MET C 77 22.42 33.75 68.05
C MET C 77 22.20 34.44 66.70
N ILE C 78 22.48 35.74 66.66
CA ILE C 78 22.33 36.52 65.43
C ILE C 78 23.75 36.84 64.95
N HIS C 79 24.04 36.62 63.68
CA HIS C 79 25.38 36.89 63.14
C HIS C 79 25.32 38.05 62.14
N ILE C 80 26.06 39.10 62.46
CA ILE C 80 26.13 40.29 61.64
C ILE C 80 27.28 40.22 60.68
N SER C 81 27.02 40.36 59.40
CA SER C 81 28.14 40.31 58.47
C SER C 81 28.50 41.77 58.53
N HIS C 82 29.76 42.05 58.91
CA HIS C 82 30.23 43.42 59.06
C HIS C 82 31.07 43.79 57.86
N GLY C 83 30.61 44.81 57.16
CA GLY C 83 31.31 45.27 55.97
C GLY C 83 30.28 45.63 54.90
N PRO C 84 30.67 45.61 53.63
CA PRO C 84 29.74 45.91 52.54
C PRO C 84 28.68 44.83 52.43
N VAL C 85 27.60 45.13 51.73
CA VAL C 85 26.46 44.23 51.51
C VAL C 85 26.61 42.87 50.81
N GLY C 86 27.56 42.74 49.92
CA GLY C 86 27.74 41.49 49.20
C GLY C 86 28.02 40.15 49.83
N CYS C 87 28.92 40.07 50.81
CA CYS C 87 29.28 38.77 51.47
C CYS C 87 28.06 38.13 52.14
N GLY C 88 27.28 38.93 52.83
CA GLY C 88 26.11 38.46 53.52
C GLY C 88 25.10 37.98 52.50
N GLN C 89 24.99 38.74 51.43
CA GLN C 89 24.02 38.39 50.40
C GLN C 89 24.26 37.12 49.60
N TYR C 90 25.50 36.91 49.19
CA TYR C 90 25.85 35.74 48.40
C TYR C 90 25.71 34.50 49.26
N SER C 91 26.19 34.58 50.48
CA SER C 91 26.12 33.48 51.43
C SER C 91 24.73 33.22 52.11
N ARG C 92 23.76 34.12 52.02
CA ARG C 92 22.48 33.83 52.69
C ARG C 92 21.71 32.57 52.20
N ALA C 93 21.36 31.74 53.16
CA ALA C 93 20.63 30.52 52.89
C ALA C 93 21.27 29.66 51.83
N GLY C 94 22.53 29.88 51.59
CA GLY C 94 23.30 29.12 50.62
C GLY C 94 23.53 27.65 50.99
N ARG C 95 23.89 27.46 52.24
CA ARG C 95 24.21 26.17 52.87
C ARG C 95 23.09 25.65 53.73
N ARG C 96 22.77 24.38 53.54
CA ARG C 96 21.69 23.77 54.29
C ARG C 96 22.02 23.25 55.66
N ASN C 97 22.33 24.11 56.62
CA ASN C 97 22.65 23.57 57.94
C ASN C 97 21.25 23.65 58.50
N TYR C 98 20.56 22.51 58.50
CA TYR C 98 19.19 22.46 58.97
C TYR C 98 19.01 22.68 60.45
N TYR C 99 17.97 23.43 60.78
CA TYR C 99 17.66 23.75 62.16
C TYR C 99 16.14 23.81 62.44
N ILE C 100 15.75 23.71 63.71
CA ILE C 100 14.34 23.79 64.06
C ILE C 100 14.16 25.04 64.91
N GLY C 101 13.27 25.94 64.50
CA GLY C 101 13.03 27.16 65.26
C GLY C 101 12.00 28.05 64.63
N THR C 102 11.71 29.20 65.25
CA THR C 102 10.72 30.09 64.63
C THR C 102 11.68 31.16 64.15
N THR C 103 11.79 31.28 62.85
CA THR C 103 12.70 32.23 62.29
C THR C 103 12.29 33.67 62.35
N GLY C 104 13.26 34.48 62.72
CA GLY C 104 13.09 35.90 62.87
C GLY C 104 12.53 36.16 64.26
N VAL C 105 12.06 35.14 64.95
CA VAL C 105 11.57 35.36 66.28
C VAL C 105 12.58 34.77 67.28
N ASN C 106 12.85 33.46 67.22
CA ASN C 106 13.81 32.87 68.16
C ASN C 106 15.00 32.24 67.47
N ALA C 107 14.85 31.93 66.20
CA ALA C 107 15.94 31.31 65.44
C ALA C 107 16.20 32.20 64.22
N PHE C 108 17.46 32.53 63.93
CA PHE C 108 17.77 33.39 62.81
C PHE C 108 18.74 32.90 61.73
N VAL C 109 18.81 31.60 61.45
CA VAL C 109 19.78 31.13 60.45
C VAL C 109 19.69 31.58 59.00
N THR C 110 18.52 31.55 58.40
CA THR C 110 18.37 31.97 56.99
C THR C 110 18.40 33.50 56.82
N MET C 111 18.22 34.20 57.93
CA MET C 111 18.24 35.65 57.87
C MET C 111 19.61 36.27 57.55
N ASN C 112 19.59 37.40 56.84
CA ASN C 112 20.84 38.08 56.52
C ASN C 112 20.89 39.39 57.34
N PHE C 113 21.87 39.51 58.23
CA PHE C 113 22.04 40.69 59.07
C PHE C 113 23.36 41.29 58.67
N THR C 114 23.31 42.55 58.27
CA THR C 114 24.47 43.30 57.83
C THR C 114 24.59 44.77 58.21
N SER C 115 25.83 45.23 58.36
CA SER C 115 26.15 46.62 58.69
C SER C 115 25.95 47.45 57.40
N ASP C 116 26.05 46.80 56.25
CA ASP C 116 25.86 47.47 54.98
C ASP C 116 26.68 48.74 54.76
N PHE C 117 27.99 48.58 54.80
CA PHE C 117 28.92 49.69 54.62
C PHE C 117 28.78 50.37 53.27
N GLN C 118 28.81 51.68 53.37
CA GLN C 118 28.72 52.63 52.31
C GLN C 118 30.07 53.32 52.44
N GLU C 119 30.36 54.31 51.61
CA GLU C 119 31.66 54.99 51.69
C GLU C 119 31.92 55.84 52.91
N LYS C 120 30.86 56.37 53.50
CA LYS C 120 30.96 57.20 54.67
C LYS C 120 31.56 56.29 55.72
N ASP C 121 31.07 55.06 55.80
CA ASP C 121 31.52 54.07 56.77
C ASP C 121 32.94 53.68 56.46
N ILE C 122 33.28 53.51 55.19
CA ILE C 122 34.67 53.14 54.88
C ILE C 122 35.57 54.31 55.22
N VAL C 123 35.23 55.55 54.88
CA VAL C 123 36.16 56.63 55.27
C VAL C 123 36.26 56.91 56.80
N PHE C 124 35.11 57.11 57.43
CA PHE C 124 34.97 57.37 58.86
C PHE C 124 35.28 56.18 59.79
N GLY C 125 34.79 55.00 59.37
CA GLY C 125 34.95 53.75 60.09
C GLY C 125 33.58 53.30 60.61
N GLY C 126 33.45 52.00 60.80
CA GLY C 126 32.23 51.35 61.27
C GLY C 126 31.89 51.04 62.71
N ASP C 127 32.70 51.46 63.68
CA ASP C 127 32.45 51.17 65.08
C ASP C 127 31.20 51.75 65.68
N LYS C 128 30.95 53.00 65.38
CA LYS C 128 29.79 53.72 65.88
C LYS C 128 28.56 53.02 65.30
N LYS C 129 28.63 52.69 64.02
CA LYS C 129 27.54 52.01 63.33
C LYS C 129 27.28 50.63 63.94
N LEU C 130 28.35 49.87 64.21
CA LEU C 130 28.22 48.54 64.77
C LEU C 130 27.50 48.61 66.11
N ALA C 131 27.82 49.61 66.90
CA ALA C 131 27.22 49.81 68.20
C ALA C 131 25.74 50.15 68.00
N LYS C 132 25.45 51.00 67.02
CA LYS C 132 24.08 51.42 66.70
C LYS C 132 23.34 50.21 66.17
N LEU C 133 24.01 49.40 65.36
CA LEU C 133 23.40 48.19 64.81
C LEU C 133 23.09 47.22 66.00
N ILE C 134 24.01 47.07 66.96
CA ILE C 134 23.80 46.16 68.09
C ILE C 134 22.56 46.59 68.89
N ASP C 135 22.41 47.89 69.12
CA ASP C 135 21.27 48.43 69.88
C ASP C 135 19.98 48.14 69.10
N GLU C 136 20.02 48.37 67.79
CA GLU C 136 18.90 48.17 66.88
C GLU C 136 18.49 46.69 66.84
N VAL C 137 19.49 45.84 66.79
CA VAL C 137 19.28 44.39 66.73
C VAL C 137 18.52 43.98 67.96
N GLU C 138 18.91 44.55 69.08
CA GLU C 138 18.27 44.23 70.32
C GLU C 138 16.81 44.65 70.40
N THR C 139 16.45 45.85 69.95
CA THR C 139 15.03 46.20 70.06
C THR C 139 14.12 45.36 69.14
N LEU C 140 14.57 45.18 67.90
CA LEU C 140 13.84 44.42 66.89
C LEU C 140 13.75 42.94 67.14
N PHE C 141 14.83 42.30 67.58
CA PHE C 141 14.76 40.88 67.82
C PHE C 141 15.14 40.61 69.28
N PRO C 142 14.16 40.72 70.18
CA PRO C 142 14.29 40.53 71.62
C PRO C 142 14.66 39.15 72.19
N LEU C 143 14.36 38.07 71.46
CA LEU C 143 14.65 36.72 71.92
C LEU C 143 15.96 36.10 71.50
N ASN C 144 16.79 36.84 70.80
CA ASN C 144 18.05 36.29 70.35
C ASN C 144 18.91 36.02 71.59
N LYS C 145 19.67 34.94 71.58
CA LYS C 145 20.51 34.59 72.72
C LYS C 145 21.96 34.94 72.60
N GLY C 146 22.33 35.60 71.50
CA GLY C 146 23.71 36.02 71.31
C GLY C 146 23.87 36.85 70.06
N ILE C 147 25.05 37.42 69.88
CA ILE C 147 25.29 38.24 68.70
C ILE C 147 26.72 37.97 68.33
N SER C 148 27.03 37.97 67.04
CA SER C 148 28.40 37.72 66.64
C SER C 148 28.62 38.69 65.50
N VAL C 149 29.85 39.20 65.40
CA VAL C 149 30.18 40.12 64.36
C VAL C 149 31.22 39.42 63.52
N GLN C 150 30.90 39.23 62.25
CA GLN C 150 31.80 38.54 61.34
C GLN C 150 32.40 39.61 60.48
N SER C 151 33.70 39.76 60.60
CA SER C 151 34.38 40.76 59.84
C SER C 151 34.62 40.43 58.41
N GLU C 152 34.24 41.38 57.55
CA GLU C 152 34.39 41.27 56.11
C GLU C 152 35.76 41.81 55.81
N CYS C 153 36.16 41.85 54.56
CA CYS C 153 37.51 42.32 54.30
C CYS C 153 37.76 43.78 54.73
N PRO C 154 36.87 44.70 54.44
CA PRO C 154 37.20 46.05 54.87
C PRO C 154 37.44 46.31 56.35
N ILE C 155 36.95 45.45 57.23
CA ILE C 155 37.12 45.69 58.67
C ILE C 155 38.60 45.67 59.13
N GLY C 156 39.36 44.69 58.66
CA GLY C 156 40.76 44.58 59.04
C GLY C 156 41.54 45.74 58.43
N LEU C 157 41.25 46.05 57.17
CA LEU C 157 41.92 47.12 56.47
C LEU C 157 41.66 48.55 56.97
N ILE C 158 40.43 48.93 57.27
CA ILE C 158 40.17 50.30 57.74
C ILE C 158 40.50 50.62 59.22
N GLY C 159 40.98 49.62 59.97
CA GLY C 159 41.31 49.87 61.36
C GLY C 159 40.19 49.96 62.38
N ASP C 160 39.08 49.29 62.09
CA ASP C 160 37.91 49.29 62.96
C ASP C 160 38.22 48.36 64.16
N ASP C 161 37.87 48.74 65.38
CA ASP C 161 38.15 47.86 66.54
C ASP C 161 36.78 47.32 66.94
N ILE C 162 36.52 46.07 66.62
CA ILE C 162 35.22 45.51 66.97
C ILE C 162 35.17 44.82 68.31
N GLU C 163 36.35 44.57 68.89
CA GLU C 163 36.48 43.90 70.19
C GLU C 163 35.94 44.77 71.31
N SER C 164 36.27 46.05 71.24
CA SER C 164 35.87 47.05 72.21
C SER C 164 34.37 47.27 72.17
N VAL C 165 33.81 47.35 70.96
CA VAL C 165 32.38 47.56 70.78
C VAL C 165 31.62 46.35 71.31
N SER C 166 32.16 45.19 71.02
CA SER C 166 31.60 43.92 71.42
C SER C 166 31.71 43.82 72.92
N LYS C 167 32.84 44.21 73.48
CA LYS C 167 33.01 44.15 74.92
C LYS C 167 32.12 45.15 75.66
N VAL C 168 32.05 46.38 75.17
CA VAL C 168 31.27 47.43 75.78
C VAL C 168 29.76 47.20 75.70
N LYS C 169 29.28 46.81 74.52
CA LYS C 169 27.84 46.55 74.29
C LYS C 169 27.38 45.31 75.07
N GLY C 170 28.21 44.29 75.01
CA GLY C 170 27.92 43.03 75.68
C GLY C 170 27.69 43.33 77.14
N ALA C 171 28.56 44.16 77.69
CA ALA C 171 28.49 44.54 79.07
C ALA C 171 27.20 45.32 79.28
N GLU C 172 26.88 46.24 78.38
CA GLU C 172 25.68 47.05 78.50
C GLU C 172 24.40 46.25 78.39
N LEU C 173 24.35 45.34 77.44
CA LEU C 173 23.19 44.48 77.20
C LEU C 173 23.23 43.14 78.01
N SER C 174 24.31 42.90 78.75
CA SER C 174 24.42 41.65 79.53
C SER C 174 24.13 40.50 78.58
N LYS C 175 24.62 40.70 77.37
CA LYS C 175 24.48 39.74 76.30
C LYS C 175 25.86 39.40 75.74
N THR C 176 26.03 38.17 75.27
CA THR C 176 27.33 37.80 74.74
C THR C 176 27.45 38.22 73.29
N ILE C 177 28.47 39.00 72.98
CA ILE C 177 28.69 39.46 71.62
C ILE C 177 30.06 38.96 71.24
N VAL C 178 30.15 38.21 70.16
CA VAL C 178 31.44 37.71 69.80
C VAL C 178 32.06 38.36 68.60
N PRO C 179 33.12 39.14 68.81
CA PRO C 179 33.71 39.75 67.59
C PRO C 179 34.47 38.65 66.93
N VAL C 180 34.45 38.53 65.60
CA VAL C 180 35.21 37.48 64.95
C VAL C 180 35.95 38.10 63.78
N ARG C 181 37.27 37.98 63.77
CA ARG C 181 38.06 38.53 62.69
C ARG C 181 38.34 37.61 61.52
N CYS C 182 37.30 37.26 60.77
CA CYS C 182 37.47 36.40 59.63
C CYS C 182 37.51 37.26 58.39
N GLU C 183 38.47 38.17 58.30
CA GLU C 183 38.55 39.03 57.13
C GLU C 183 38.98 38.11 55.99
N GLY C 184 38.40 38.31 54.82
CA GLY C 184 38.78 37.44 53.74
C GLY C 184 40.20 37.44 53.34
N PHE C 185 40.91 38.53 53.51
CA PHE C 185 42.31 38.53 53.12
C PHE C 185 43.13 37.64 54.05
N ARG C 186 42.69 37.48 55.30
CA ARG C 186 43.43 36.66 56.24
C ARG C 186 43.34 35.20 55.77
N GLY C 187 44.45 34.48 55.89
CA GLY C 187 44.49 33.08 55.47
C GLY C 187 44.57 32.89 53.96
N VAL C 188 44.43 31.65 53.48
CA VAL C 188 44.48 31.40 52.04
C VAL C 188 43.30 30.57 51.56
N SER C 189 42.39 30.24 52.47
CA SER C 189 41.22 29.43 52.13
C SER C 189 40.20 29.53 53.19
N GLN C 190 39.10 28.82 53.03
CA GLN C 190 38.00 28.81 54.04
C GLN C 190 38.54 28.26 55.38
N SER C 191 39.75 27.70 55.33
CA SER C 191 40.36 27.11 56.50
C SER C 191 40.77 27.97 57.68
N LEU C 192 41.39 29.11 57.47
CA LEU C 192 41.81 29.90 58.62
C LEU C 192 40.59 30.42 59.34
N GLY C 193 39.50 30.59 58.59
CA GLY C 193 38.27 31.07 59.17
C GLY C 193 37.72 30.08 60.19
N HIS C 194 37.97 28.80 60.01
CA HIS C 194 37.46 27.78 60.97
C HIS C 194 38.21 28.01 62.28
N HIS C 195 39.50 28.22 62.15
CA HIS C 195 40.38 28.43 63.27
C HIS C 195 40.04 29.75 63.96
N ILE C 196 39.82 30.81 63.19
CA ILE C 196 39.48 32.12 63.73
C ILE C 196 38.16 31.94 64.44
N ALA C 197 37.24 31.23 63.83
CA ALA C 197 35.93 30.99 64.41
C ALA C 197 36.04 30.11 65.67
N ASN C 198 36.82 29.06 65.63
CA ASN C 198 36.99 28.16 66.76
C ASN C 198 37.60 28.90 67.94
N ASP C 199 38.60 29.71 67.68
CA ASP C 199 39.30 30.49 68.71
C ASP C 199 38.32 31.51 69.30
N ALA C 200 37.47 32.08 68.46
CA ALA C 200 36.49 33.07 68.85
C ALA C 200 35.50 32.39 69.78
N VAL C 201 35.08 31.20 69.46
CA VAL C 201 34.13 30.46 70.29
C VAL C 201 34.77 30.22 71.64
N ARG C 202 36.04 29.81 71.62
CA ARG C 202 36.72 29.52 72.88
C ARG C 202 36.94 30.82 73.72
N ASP C 203 37.41 31.92 73.15
CA ASP C 203 37.57 33.09 74.01
C ASP C 203 36.26 33.75 74.50
N TRP C 204 35.26 33.91 73.64
CA TRP C 204 34.01 34.51 74.07
C TRP C 204 32.80 33.69 74.53
N VAL C 205 32.68 32.40 74.14
CA VAL C 205 31.53 31.58 74.56
C VAL C 205 31.67 30.25 75.32
N LEU C 206 32.81 29.60 75.22
CA LEU C 206 33.04 28.31 75.88
C LEU C 206 33.11 28.26 77.40
N GLY C 207 33.82 29.21 77.97
CA GLY C 207 34.00 29.29 79.42
C GLY C 207 32.95 29.98 80.28
N LYS C 208 31.77 30.26 79.73
CA LYS C 208 30.79 30.93 80.54
C LYS C 208 30.28 30.06 81.66
N ARG C 209 29.99 28.79 81.41
CA ARG C 209 29.53 27.97 82.54
C ARG C 209 30.75 27.22 83.09
N ASP C 210 31.85 27.94 83.28
CA ASP C 210 33.08 27.37 83.79
C ASP C 210 32.89 26.93 85.23
N GLU C 211 32.25 27.79 86.02
CA GLU C 211 31.99 27.49 87.41
C GLU C 211 30.60 26.97 87.72
N ASP C 212 29.71 26.90 86.73
CA ASP C 212 28.36 26.40 87.00
C ASP C 212 28.24 24.86 86.95
N THR C 213 27.77 24.31 88.07
CA THR C 213 27.56 22.89 88.31
C THR C 213 26.10 22.42 88.45
N THR C 214 25.14 23.28 88.08
CA THR C 214 23.71 22.97 88.16
C THR C 214 23.25 21.89 87.20
N PHE C 215 23.70 21.94 85.93
CA PHE C 215 23.29 20.91 84.96
C PHE C 215 23.77 19.51 85.44
N ALA C 216 22.83 18.56 85.44
CA ALA C 216 23.08 17.19 85.85
C ALA C 216 23.66 16.41 84.71
N SER C 217 24.82 15.81 84.95
CA SER C 217 25.48 15.03 83.93
C SER C 217 25.74 13.55 84.14
N THR C 218 25.27 12.74 83.21
CA THR C 218 25.43 11.30 83.21
C THR C 218 26.79 10.97 82.62
N PRO C 219 27.35 9.81 82.96
CA PRO C 219 28.66 9.40 82.43
C PRO C 219 28.64 9.15 80.91
N TYR C 220 27.42 8.98 80.38
CA TYR C 220 27.18 8.72 78.96
C TYR C 220 27.07 9.93 78.05
N ASP C 221 27.09 11.11 78.64
CA ASP C 221 26.99 12.37 77.89
C ASP C 221 28.13 12.58 76.85
N VAL C 222 27.73 12.94 75.63
CA VAL C 222 28.65 13.18 74.55
C VAL C 222 28.22 14.35 73.68
N ALA C 223 29.19 14.93 72.99
CA ALA C 223 28.91 16.06 72.13
C ALA C 223 29.38 15.77 70.71
N ILE C 224 28.52 16.01 69.71
CA ILE C 224 28.89 15.79 68.31
C ILE C 224 29.60 17.09 67.95
N ILE C 225 30.81 16.97 67.49
CA ILE C 225 31.63 18.14 67.13
C ILE C 225 31.90 18.11 65.63
N GLY C 226 31.66 19.22 64.95
CA GLY C 226 31.92 19.22 63.52
C GLY C 226 30.95 18.54 62.59
N ASP C 227 29.67 18.47 62.97
CA ASP C 227 28.65 17.87 62.12
C ASP C 227 27.78 19.10 62.00
N TYR C 228 27.52 19.52 60.79
CA TYR C 228 26.73 20.71 60.53
C TYR C 228 25.31 20.50 60.09
N ASN C 229 24.83 19.27 60.22
CA ASN C 229 23.45 18.92 59.84
C ASN C 229 22.99 19.29 58.44
N ILE C 230 23.87 19.14 57.45
CA ILE C 230 23.48 19.49 56.10
C ILE C 230 22.44 18.49 55.72
N GLY C 231 21.25 18.95 55.38
CA GLY C 231 20.20 18.03 54.99
C GLY C 231 19.77 17.21 56.18
N GLY C 232 20.05 17.67 57.39
CA GLY C 232 19.65 16.85 58.55
C GLY C 232 20.58 15.67 58.85
N ASP C 233 21.86 15.78 58.50
CA ASP C 233 22.91 14.77 58.68
C ASP C 233 23.16 14.55 60.16
N ALA C 234 23.20 15.62 60.91
CA ALA C 234 23.45 15.53 62.33
C ALA C 234 22.29 14.81 63.03
N TRP C 235 21.06 15.16 62.66
CA TRP C 235 19.89 14.54 63.26
C TRP C 235 19.90 13.03 62.99
N SER C 236 20.23 12.64 61.77
CA SER C 236 20.27 11.22 61.49
C SER C 236 21.43 10.63 62.29
N SER C 237 22.55 11.32 62.43
CA SER C 237 23.72 10.84 63.19
C SER C 237 23.38 10.75 64.65
N ARG C 238 22.70 11.78 65.14
CA ARG C 238 22.29 11.91 66.54
C ARG C 238 21.36 10.80 67.02
N ILE C 239 20.40 10.38 66.20
CA ILE C 239 19.47 9.34 66.62
C ILE C 239 20.18 8.03 66.84
N LEU C 240 21.22 7.78 66.09
CA LEU C 240 21.96 6.52 66.24
C LEU C 240 22.69 6.50 67.60
N LEU C 241 23.34 7.60 68.01
CA LEU C 241 24.08 7.68 69.27
C LEU C 241 23.10 7.56 70.44
N GLU C 242 21.92 8.15 70.29
CA GLU C 242 20.91 8.11 71.32
C GLU C 242 20.39 6.68 71.46
N GLU C 243 20.20 5.97 70.36
CA GLU C 243 19.70 4.62 70.40
C GLU C 243 20.71 3.67 71.04
N MET C 244 21.98 4.01 70.91
CA MET C 244 23.08 3.22 71.45
C MET C 244 23.18 3.44 72.98
N GLY C 245 22.46 4.45 73.47
CA GLY C 245 22.42 4.79 74.88
C GLY C 245 23.22 5.99 75.37
N LEU C 246 23.92 6.68 74.47
CA LEU C 246 24.70 7.87 74.82
C LEU C 246 23.73 9.05 74.82
N ARG C 247 24.02 10.11 75.58
CA ARG C 247 23.12 11.26 75.59
C ARG C 247 23.85 12.37 74.83
N CYS C 248 23.22 13.02 73.85
CA CYS C 248 23.93 14.09 73.13
C CYS C 248 23.62 15.47 73.62
N VAL C 249 24.53 16.00 74.43
CA VAL C 249 24.40 17.33 74.96
C VAL C 249 24.53 18.43 73.92
N ALA C 250 25.51 18.30 73.04
CA ALA C 250 25.72 19.31 72.02
C ALA C 250 26.09 18.96 70.57
N GLN C 251 25.66 19.82 69.63
CA GLN C 251 25.95 19.64 68.20
C GLN C 251 26.74 20.86 67.69
N TRP C 252 27.91 20.65 67.12
CA TRP C 252 28.66 21.79 66.63
C TRP C 252 28.85 21.76 65.11
N SER C 253 28.22 22.71 64.44
CA SER C 253 27.38 23.71 65.07
C SER C 253 26.01 23.63 64.44
N GLY C 254 25.74 22.59 63.67
CA GLY C 254 24.45 22.47 63.01
C GLY C 254 23.34 22.25 63.99
N ASP C 255 22.29 23.01 63.78
CA ASP C 255 21.10 23.01 64.59
C ASP C 255 21.56 23.25 66.01
N GLY C 256 22.69 23.95 66.14
CA GLY C 256 23.19 24.23 67.46
C GLY C 256 22.59 25.46 68.13
N SER C 257 22.77 25.53 69.43
CA SER C 257 22.27 26.61 70.22
C SER C 257 23.46 27.01 71.08
N ILE C 258 23.50 28.25 71.54
CA ILE C 258 24.59 28.72 72.36
C ILE C 258 24.59 28.02 73.72
N SER C 259 23.41 27.64 74.18
CA SER C 259 23.25 26.97 75.47
C SER C 259 23.94 25.60 75.37
N GLU C 260 23.76 24.92 74.25
CA GLU C 260 24.33 23.61 74.01
C GLU C 260 25.83 23.70 74.03
N ILE C 261 26.37 24.73 73.39
CA ILE C 261 27.81 24.95 73.32
C ILE C 261 28.40 25.22 74.68
N GLU C 262 27.74 26.05 75.46
CA GLU C 262 28.23 26.40 76.78
C GLU C 262 28.20 25.18 77.73
N LEU C 263 27.27 24.26 77.49
CA LEU C 263 27.11 23.04 78.25
C LEU C 263 28.02 21.91 77.74
N THR C 264 28.76 22.13 76.66
CA THR C 264 29.61 21.09 76.11
C THR C 264 30.74 20.60 76.98
N PRO C 265 31.46 21.49 77.64
CA PRO C 265 32.58 20.99 78.47
C PRO C 265 32.16 19.98 79.55
N LYS C 266 30.89 20.00 79.91
CA LYS C 266 30.33 19.11 80.91
C LYS C 266 30.34 17.66 80.39
N VAL C 267 30.32 17.49 79.07
CA VAL C 267 30.30 16.15 78.47
C VAL C 267 31.56 15.29 78.66
N LYS C 268 31.32 13.98 78.79
CA LYS C 268 32.37 12.97 78.98
C LYS C 268 33.27 12.75 77.76
N LEU C 269 32.72 12.67 76.55
CA LEU C 269 33.55 12.46 75.34
C LEU C 269 33.13 13.35 74.16
N ASN C 270 34.08 13.74 73.33
CA ASN C 270 33.72 14.57 72.20
C ASN C 270 33.98 13.70 70.99
N LEU C 271 32.94 13.53 70.17
CA LEU C 271 33.01 12.72 68.93
C LEU C 271 33.24 13.75 67.85
N VAL C 272 34.35 13.64 67.13
CA VAL C 272 34.61 14.64 66.12
C VAL C 272 34.43 14.12 64.68
N HIS C 273 33.35 14.57 64.04
CA HIS C 273 33.09 14.17 62.68
C HIS C 273 33.97 14.85 61.65
N CYS C 274 34.10 16.16 61.79
CA CYS C 274 34.92 16.91 60.84
C CYS C 274 36.18 17.33 61.54
N TYR C 275 37.26 16.70 61.17
CA TYR C 275 38.53 17.00 61.77
C TYR C 275 39.09 18.37 61.44
N ARG C 276 39.00 18.74 60.19
CA ARG C 276 39.55 20.03 59.78
C ARG C 276 38.95 21.27 60.41
N SER C 277 37.63 21.36 60.44
CA SER C 277 36.92 22.51 61.02
C SER C 277 36.96 22.77 62.52
N MET C 278 36.80 21.71 63.30
CA MET C 278 36.79 21.83 64.75
C MET C 278 37.77 21.07 65.65
N ASN C 279 38.85 20.62 65.06
CA ASN C 279 39.89 19.91 65.78
C ASN C 279 40.54 20.93 66.73
N TYR C 280 40.59 22.20 66.34
CA TYR C 280 41.20 23.25 67.17
C TYR C 280 40.46 23.31 68.53
N ILE C 281 39.14 23.34 68.49
CA ILE C 281 38.38 23.39 69.72
C ILE C 281 38.47 22.09 70.54
N SER C 282 38.61 20.96 69.85
CA SER C 282 38.67 19.66 70.49
C SER C 282 39.92 19.51 71.31
N ARG C 283 41.05 19.93 70.75
CA ARG C 283 42.36 19.86 71.40
C ARG C 283 42.31 20.74 72.64
N HIS C 284 41.74 21.92 72.48
CA HIS C 284 41.62 22.90 73.55
C HIS C 284 40.83 22.33 74.70
N MET C 285 39.74 21.68 74.39
CA MET C 285 38.91 21.13 75.43
C MET C 285 39.66 20.03 76.13
N GLU C 286 40.44 19.25 75.39
CA GLU C 286 41.15 18.19 76.05
C GLU C 286 42.18 18.90 76.95
N GLU C 287 42.88 19.94 76.49
CA GLU C 287 43.83 20.54 77.41
C GLU C 287 43.12 21.23 78.59
N LYS C 288 42.15 22.09 78.36
CA LYS C 288 41.52 22.70 79.53
C LYS C 288 40.67 21.82 80.46
N TYR C 289 39.73 21.06 79.87
CA TYR C 289 38.84 20.19 80.64
C TYR C 289 39.20 18.71 80.68
N GLY C 290 40.20 18.30 79.92
CA GLY C 290 40.53 16.90 79.97
C GLY C 290 39.57 16.03 79.20
N ILE C 291 38.65 16.60 78.45
CA ILE C 291 37.73 15.74 77.72
C ILE C 291 38.41 15.28 76.44
N PRO C 292 38.50 13.95 76.25
CA PRO C 292 39.07 13.22 75.11
C PRO C 292 38.22 13.37 73.85
N TRP C 293 38.86 13.36 72.70
CA TRP C 293 38.10 13.49 71.46
C TRP C 293 38.45 12.42 70.40
N MET C 294 37.44 11.81 69.80
CA MET C 294 37.70 10.79 68.78
C MET C 294 36.99 11.06 67.45
N GLU C 295 37.75 10.94 66.36
CA GLU C 295 37.24 11.18 65.02
C GLU C 295 36.38 9.99 64.66
N TYR C 296 35.23 10.23 64.06
CA TYR C 296 34.35 9.13 63.67
C TYR C 296 33.77 9.37 62.29
N ASN C 297 33.38 8.30 61.60
CA ASN C 297 32.80 8.41 60.26
C ASN C 297 31.45 7.74 60.16
N PHE C 298 30.41 8.46 59.74
CA PHE C 298 29.07 7.92 59.59
C PHE C 298 28.58 7.71 58.14
N PHE C 299 29.49 7.81 57.18
CA PHE C 299 29.09 7.64 55.82
C PHE C 299 29.16 6.19 55.44
N GLY C 300 28.02 5.64 55.06
CA GLY C 300 27.96 4.25 54.66
C GLY C 300 27.82 3.27 55.81
N PRO C 301 27.19 2.12 55.57
CA PRO C 301 27.06 1.19 56.69
C PRO C 301 28.38 0.69 57.34
N THR C 302 29.44 0.50 56.54
CA THR C 302 30.68 0.01 57.10
C THR C 302 31.38 0.96 58.05
N LYS C 303 31.45 2.22 57.70
CA LYS C 303 32.07 3.22 58.56
C LYS C 303 31.23 3.45 59.81
N THR C 304 29.91 3.46 59.64
CA THR C 304 29.00 3.69 60.77
C THR C 304 29.12 2.55 61.77
N ILE C 305 29.15 1.29 61.29
CA ILE C 305 29.25 0.14 62.16
C ILE C 305 30.59 0.18 62.86
N GLU C 306 31.64 0.48 62.13
CA GLU C 306 33.00 0.56 62.66
C GLU C 306 33.00 1.74 63.66
N SER C 307 32.37 2.85 63.32
CA SER C 307 32.32 4.00 64.21
C SER C 307 31.50 3.78 65.49
N LEU C 308 30.34 3.17 65.37
CA LEU C 308 29.45 2.91 66.51
C LEU C 308 30.21 2.02 67.49
N ARG C 309 30.88 1.03 66.93
CA ARG C 309 31.66 0.07 67.69
C ARG C 309 32.81 0.75 68.50
N ALA C 310 33.56 1.66 67.89
CA ALA C 310 34.68 2.37 68.52
C ALA C 310 34.19 3.30 69.63
N ILE C 311 33.13 4.02 69.37
CA ILE C 311 32.60 4.94 70.34
C ILE C 311 32.11 4.13 71.52
N ALA C 312 31.44 3.02 71.26
CA ALA C 312 30.90 2.17 72.34
C ALA C 312 31.98 1.56 73.23
N ALA C 313 33.14 1.27 72.66
CA ALA C 313 34.22 0.67 73.42
C ALA C 313 34.66 1.69 74.45
N LYS C 314 34.75 2.94 74.09
CA LYS C 314 35.18 3.95 75.03
C LYS C 314 34.23 4.02 76.27
N PHE C 315 33.09 3.35 76.18
CA PHE C 315 32.09 3.28 77.26
C PHE C 315 31.96 1.85 77.85
N ASP C 316 31.09 1.65 78.83
CA ASP C 316 30.91 0.34 79.44
C ASP C 316 30.10 -0.70 78.62
N GLU C 317 30.10 -1.94 79.09
CA GLU C 317 29.40 -3.05 78.44
C GLU C 317 27.92 -2.88 78.10
N SER C 318 27.19 -2.06 78.85
CA SER C 318 25.77 -1.87 78.58
C SER C 318 25.66 -1.14 77.25
N ILE C 319 26.50 -0.14 77.07
CA ILE C 319 26.56 0.69 75.88
C ILE C 319 27.03 -0.18 74.70
N GLN C 320 28.02 -1.02 74.95
CA GLN C 320 28.59 -1.90 73.94
C GLN C 320 27.50 -2.88 73.48
N LYS C 321 26.71 -3.36 74.43
CA LYS C 321 25.64 -4.30 74.15
C LYS C 321 24.56 -3.57 73.34
N LYS C 322 24.24 -2.35 73.73
CA LYS C 322 23.22 -1.55 73.06
C LYS C 322 23.66 -1.28 71.62
N CYS C 323 24.95 -1.06 71.43
CA CYS C 323 25.54 -0.77 70.13
C CYS C 323 25.25 -1.96 69.21
N GLU C 324 25.37 -3.16 69.74
CA GLU C 324 25.12 -4.37 68.96
C GLU C 324 23.65 -4.56 68.55
N GLU C 325 22.74 -4.11 69.40
CA GLU C 325 21.29 -4.22 69.16
C GLU C 325 20.95 -3.32 67.99
N VAL C 326 21.50 -2.12 68.00
CA VAL C 326 21.29 -1.11 66.99
C VAL C 326 21.88 -1.59 65.66
N ILE C 327 23.07 -2.16 65.69
CA ILE C 327 23.65 -2.61 64.43
C ILE C 327 22.78 -3.74 63.95
N ALA C 328 22.20 -4.48 64.88
CA ALA C 328 21.34 -5.60 64.52
C ALA C 328 20.05 -5.07 63.87
N LYS C 329 19.48 -4.02 64.46
CA LYS C 329 18.22 -3.35 64.05
C LYS C 329 18.20 -2.73 62.67
N TYR C 330 19.28 -2.05 62.33
CA TYR C 330 19.43 -1.40 61.04
C TYR C 330 20.16 -2.29 60.05
N LYS C 331 20.56 -3.50 60.45
CA LYS C 331 21.30 -4.29 59.45
C LYS C 331 20.41 -4.70 58.31
N PRO C 332 19.18 -5.15 58.60
CA PRO C 332 18.34 -5.54 57.49
C PRO C 332 17.98 -4.36 56.64
N GLU C 333 17.88 -3.17 57.23
CA GLU C 333 17.54 -2.00 56.40
C GLU C 333 18.65 -1.64 55.42
N TRP C 334 19.90 -1.58 55.88
CA TRP C 334 21.01 -1.23 55.01
C TRP C 334 21.36 -2.23 53.91
N GLU C 335 21.31 -3.51 54.25
CA GLU C 335 21.62 -4.58 53.32
C GLU C 335 20.55 -4.61 52.22
N ALA C 336 19.34 -4.17 52.55
CA ALA C 336 18.21 -4.17 51.59
C ALA C 336 18.56 -3.13 50.54
N VAL C 337 19.11 -2.03 51.00
CA VAL C 337 19.53 -0.92 50.14
C VAL C 337 20.70 -1.43 49.26
N VAL C 338 21.64 -2.14 49.85
CA VAL C 338 22.79 -2.63 49.10
C VAL C 338 22.29 -3.61 48.04
N ALA C 339 21.38 -4.49 48.41
CA ALA C 339 20.87 -5.46 47.47
C ALA C 339 20.21 -4.74 46.30
N LYS C 340 19.38 -3.73 46.57
CA LYS C 340 18.72 -3.03 45.48
C LYS C 340 19.62 -2.17 44.58
N TYR C 341 20.52 -1.42 45.18
CA TYR C 341 21.42 -0.56 44.44
C TYR C 341 22.84 -0.97 44.06
N ARG C 342 23.41 -2.03 44.64
CA ARG C 342 24.79 -2.38 44.27
C ARG C 342 24.88 -2.89 42.85
N PRO C 343 23.94 -3.77 42.44
CA PRO C 343 24.01 -4.29 41.07
C PRO C 343 23.92 -3.09 40.12
N ARG C 344 23.17 -2.07 40.49
CA ARG C 344 23.01 -0.88 39.68
C ARG C 344 24.28 -0.02 39.56
N LEU C 345 24.98 0.19 40.66
CA LEU C 345 26.21 0.99 40.68
C LEU C 345 27.59 0.29 40.68
N GLU C 346 27.62 -1.02 40.58
CA GLU C 346 28.88 -1.79 40.60
C GLU C 346 29.95 -1.54 39.54
N GLY C 347 31.19 -1.38 40.00
CA GLY C 347 32.30 -1.14 39.10
C GLY C 347 32.42 0.25 38.51
N LYS C 348 31.56 1.16 38.93
CA LYS C 348 31.58 2.50 38.41
C LYS C 348 32.62 3.35 39.09
N ARG C 349 33.49 3.97 38.28
CA ARG C 349 34.56 4.85 38.76
C ARG C 349 34.08 6.27 39.12
N VAL C 350 34.54 6.75 40.27
CA VAL C 350 34.19 8.05 40.79
C VAL C 350 35.36 8.98 41.11
N MET C 351 35.16 10.26 40.76
CA MET C 351 36.12 11.34 40.96
C MET C 351 35.46 12.36 41.87
N LEU C 352 36.18 12.74 42.91
CA LEU C 352 35.69 13.69 43.87
C LEU C 352 36.52 14.91 44.17
N TYR C 353 35.90 16.10 44.25
CA TYR C 353 36.64 17.31 44.61
C TYR C 353 35.70 17.99 45.62
N ILE C 354 36.19 18.27 46.81
CA ILE C 354 35.40 18.92 47.85
C ILE C 354 36.42 19.58 48.79
N GLY C 355 36.03 20.52 49.63
CA GLY C 355 37.05 21.12 50.47
C GLY C 355 37.89 20.58 51.62
N GLY C 356 37.35 19.83 52.57
CA GLY C 356 38.22 19.37 53.64
C GLY C 356 37.98 18.02 54.31
N LEU C 357 36.74 17.70 54.61
CA LEU C 357 36.44 16.42 55.23
C LEU C 357 35.92 15.30 54.35
N ARG C 358 35.07 15.68 53.42
CA ARG C 358 34.45 14.73 52.55
C ARG C 358 35.20 13.96 51.47
N PRO C 359 36.28 14.51 50.92
CA PRO C 359 36.89 13.67 49.88
C PRO C 359 37.33 12.35 50.45
N ARG C 360 37.93 12.36 51.64
CA ARG C 360 38.33 11.08 52.24
C ARG C 360 37.16 10.27 52.83
N HIS C 361 36.26 10.96 53.49
CA HIS C 361 35.13 10.36 54.16
C HIS C 361 34.06 9.62 53.35
N VAL C 362 33.60 10.14 52.23
CA VAL C 362 32.60 9.42 51.49
C VAL C 362 33.11 8.23 50.71
N ILE C 363 34.38 7.91 50.82
CA ILE C 363 34.93 6.80 50.06
C ILE C 363 34.33 5.47 50.50
N GLY C 364 34.20 5.27 51.80
CA GLY C 364 33.65 4.02 52.27
C GLY C 364 32.26 3.74 51.73
N ALA C 365 31.40 4.76 51.72
CA ALA C 365 30.01 4.62 51.23
C ALA C 365 29.97 4.21 49.75
N TYR C 366 30.81 4.85 48.94
CA TYR C 366 30.85 4.56 47.53
C TYR C 366 31.27 3.12 47.36
N GLU C 367 32.27 2.71 48.12
CA GLU C 367 32.78 1.34 48.06
C GLU C 367 31.71 0.38 48.59
N ASP C 368 30.86 0.86 49.48
CA ASP C 368 29.81 0.03 50.05
C ASP C 368 28.85 -0.27 48.93
N LEU C 369 28.83 0.57 47.91
CA LEU C 369 27.95 0.40 46.75
C LEU C 369 28.70 -0.24 45.57
N GLY C 370 29.96 -0.61 45.78
CA GLY C 370 30.74 -1.22 44.71
C GLY C 370 31.40 -0.26 43.77
N MET C 371 31.25 1.03 44.06
CA MET C 371 31.85 2.07 43.25
C MET C 371 33.27 2.23 43.70
N GLU C 372 34.15 2.53 42.76
CA GLU C 372 35.57 2.72 42.99
C GLU C 372 35.93 4.18 42.84
N VAL C 373 36.62 4.73 43.82
CA VAL C 373 36.96 6.14 43.66
C VAL C 373 38.37 6.23 43.05
N VAL C 374 38.37 6.57 41.77
CA VAL C 374 39.60 6.68 41.01
C VAL C 374 40.42 7.84 41.46
N GLY C 375 39.82 9.00 41.72
CA GLY C 375 40.64 10.10 42.18
C GLY C 375 39.88 10.97 43.16
N THR C 376 40.59 11.74 43.97
CA THR C 376 40.00 12.62 44.98
C THR C 376 40.94 13.77 45.28
N GLY C 377 40.39 14.86 45.80
CA GLY C 377 41.19 16.02 46.12
C GLY C 377 40.54 16.86 47.18
N TYR C 378 41.19 17.95 47.56
CA TYR C 378 40.67 18.85 48.57
C TYR C 378 40.82 20.33 48.24
N GLU C 379 39.79 21.11 48.54
CA GLU C 379 39.84 22.53 48.27
C GLU C 379 40.86 23.25 49.17
N PHE C 380 40.78 23.00 50.48
CA PHE C 380 41.69 23.66 51.39
C PHE C 380 42.25 22.83 52.53
N ALA C 381 42.36 21.53 52.33
CA ALA C 381 42.88 20.66 53.37
C ALA C 381 44.38 20.70 53.68
N HIS C 382 44.67 20.58 54.95
CA HIS C 382 46.01 20.56 55.49
C HIS C 382 46.63 19.21 55.24
N ASN C 383 47.93 19.06 55.48
CA ASN C 383 48.61 17.78 55.27
C ASN C 383 48.18 16.69 56.24
N ASP C 384 47.72 17.01 57.43
CA ASP C 384 47.32 15.96 58.36
C ASP C 384 46.09 15.30 57.76
N ASP C 385 45.34 16.08 56.99
CA ASP C 385 44.13 15.64 56.31
C ASP C 385 44.61 14.63 55.22
N TYR C 386 45.67 14.98 54.52
CA TYR C 386 46.26 14.16 53.46
C TYR C 386 46.88 12.89 54.02
N ASP C 387 47.33 12.92 55.28
CA ASP C 387 47.93 11.75 55.91
C ASP C 387 46.80 10.74 56.07
N ARG C 388 45.66 11.20 56.52
CA ARG C 388 44.50 10.38 56.70
C ARG C 388 43.92 9.86 55.38
N THR C 389 44.08 10.63 54.32
CA THR C 389 43.56 10.29 53.00
C THR C 389 44.13 9.12 52.20
N MET C 390 45.45 9.00 52.17
CA MET C 390 46.10 7.94 51.39
C MET C 390 45.80 6.50 51.77
N LYS C 391 45.52 6.27 53.03
CA LYS C 391 45.22 4.94 53.47
C LYS C 391 43.89 4.58 52.83
N GLU C 392 42.96 5.53 52.85
CA GLU C 392 41.60 5.37 52.29
C GLU C 392 41.65 5.25 50.74
N MET C 393 42.43 6.08 50.07
CA MET C 393 42.57 6.03 48.62
C MET C 393 43.29 4.80 48.10
N GLY C 394 42.87 4.28 46.96
CA GLY C 394 43.54 3.10 46.43
C GLY C 394 44.87 3.45 45.81
N ASP C 395 45.61 2.43 45.38
CA ASP C 395 46.90 2.67 44.76
C ASP C 395 46.87 3.27 43.35
N SER C 396 47.83 4.16 43.09
CA SER C 396 47.98 4.85 41.81
C SER C 396 46.79 5.71 41.40
N THR C 397 45.99 6.07 42.37
CA THR C 397 44.83 6.89 42.16
C THR C 397 45.31 8.35 42.19
N LEU C 398 44.69 9.23 41.42
CA LEU C 398 45.06 10.65 41.37
C LEU C 398 44.61 11.50 42.58
N LEU C 399 45.51 12.31 43.14
CA LEU C 399 45.24 13.19 44.28
C LEU C 399 45.63 14.63 43.92
N TYR C 400 44.73 15.57 44.19
CA TYR C 400 44.98 16.99 43.87
C TYR C 400 44.59 17.99 44.95
N ASP C 401 45.44 18.96 45.22
CA ASP C 401 45.11 19.95 46.25
C ASP C 401 44.96 21.33 45.60
N ASP C 402 43.80 21.92 45.83
CA ASP C 402 43.51 23.22 45.28
C ASP C 402 43.62 23.11 43.79
N VAL C 403 42.92 22.13 43.24
CA VAL C 403 42.96 21.95 41.81
C VAL C 403 42.30 23.15 41.16
N THR C 404 42.91 23.57 40.08
CA THR C 404 42.45 24.70 39.29
C THR C 404 41.38 24.10 38.42
N GLY C 405 40.56 24.95 37.84
CA GLY C 405 39.50 24.47 36.98
C GLY C 405 40.01 23.73 35.75
N TYR C 406 41.03 24.31 35.12
CA TYR C 406 41.65 23.76 33.93
C TYR C 406 42.23 22.40 34.18
N GLU C 407 42.92 22.24 35.29
CA GLU C 407 43.54 20.98 35.65
C GLU C 407 42.46 19.95 35.83
N PHE C 408 41.39 20.30 36.49
CA PHE C 408 40.29 19.38 36.75
C PHE C 408 39.62 18.90 35.46
N GLU C 409 39.37 19.78 34.51
CA GLU C 409 38.72 19.34 33.29
C GLU C 409 39.62 18.39 32.53
N GLU C 410 40.89 18.72 32.46
CA GLU C 410 41.85 17.89 31.74
C GLU C 410 41.97 16.52 32.41
N PHE C 411 42.05 16.47 33.74
CA PHE C 411 42.17 15.18 34.46
C PHE C 411 40.93 14.33 34.16
N VAL C 412 39.77 14.96 34.19
CA VAL C 412 38.52 14.26 33.94
C VAL C 412 38.39 13.75 32.51
N LYS C 413 38.88 14.54 31.57
CA LYS C 413 38.76 14.11 30.20
C LYS C 413 39.61 12.86 30.04
N ARG C 414 40.83 12.85 30.59
CA ARG C 414 41.70 11.68 30.47
C ARG C 414 41.26 10.44 31.21
N ILE C 415 40.93 10.61 32.47
CA ILE C 415 40.48 9.57 33.39
C ILE C 415 39.15 9.03 33.02
N LYS C 416 38.27 9.91 32.61
CA LYS C 416 36.96 9.44 32.22
C LYS C 416 36.07 8.71 33.21
N PRO C 417 35.86 9.29 34.39
CA PRO C 417 35.03 8.72 35.44
C PRO C 417 33.55 8.70 35.03
N ASP C 418 32.87 7.68 35.51
CA ASP C 418 31.46 7.50 35.28
C ASP C 418 30.70 8.58 35.99
N LEU C 419 31.07 8.89 37.24
CA LEU C 419 30.39 9.94 38.03
C LEU C 419 31.43 10.86 38.74
N ILE C 420 31.05 12.13 38.90
CA ILE C 420 31.89 13.12 39.55
C ILE C 420 31.17 13.79 40.72
N GLY C 421 31.77 13.78 41.89
CA GLY C 421 31.11 14.43 43.02
C GLY C 421 31.91 15.69 43.30
N SER C 422 31.23 16.84 43.28
CA SER C 422 31.91 18.11 43.50
C SER C 422 30.91 19.17 43.83
N GLY C 423 31.37 20.41 43.90
CA GLY C 423 30.46 21.53 44.21
C GLY C 423 29.67 22.13 43.03
N ILE C 424 28.99 23.24 43.33
CA ILE C 424 28.16 23.94 42.37
C ILE C 424 28.90 24.60 41.24
N LYS C 425 30.08 25.15 41.51
CA LYS C 425 30.75 25.79 40.39
C LYS C 425 31.16 24.72 39.35
N GLU C 426 31.68 23.59 39.82
CA GLU C 426 32.10 22.48 38.96
C GLU C 426 31.00 21.69 38.24
N LYS C 427 29.80 21.64 38.81
CA LYS C 427 28.74 20.84 38.21
C LYS C 427 28.17 21.07 36.81
N PHE C 428 27.91 22.29 36.40
CA PHE C 428 27.39 22.55 35.08
C PHE C 428 28.36 22.26 33.95
N ILE C 429 29.65 22.37 34.21
CA ILE C 429 30.64 22.12 33.17
C ILE C 429 30.60 20.62 32.82
N PHE C 430 30.55 19.77 33.85
CA PHE C 430 30.52 18.34 33.66
C PHE C 430 29.29 17.76 33.05
N GLN C 431 28.15 18.32 33.36
CA GLN C 431 26.95 17.79 32.79
C GLN C 431 26.98 18.08 31.30
N LYS C 432 27.55 19.21 30.93
CA LYS C 432 27.59 19.54 29.53
C LYS C 432 28.44 18.50 28.91
N MET C 433 29.55 18.20 29.55
CA MET C 433 30.46 17.19 29.07
C MET C 433 29.76 15.83 29.00
N GLY C 434 28.58 15.68 29.57
CA GLY C 434 27.93 14.38 29.53
C GLY C 434 28.20 13.41 30.70
N ILE C 435 29.04 13.82 31.63
CA ILE C 435 29.39 13.05 32.82
C ILE C 435 28.42 13.33 33.98
N PRO C 436 27.78 12.27 34.52
CA PRO C 436 26.85 12.42 35.63
C PRO C 436 27.61 13.04 36.79
N PHE C 437 26.95 14.06 37.35
CA PHE C 437 27.42 14.86 38.48
C PHE C 437 26.46 14.96 39.65
N ARG C 438 27.00 14.75 40.83
CA ARG C 438 26.24 14.81 42.08
C ARG C 438 26.96 15.86 42.90
N GLU C 439 26.24 16.80 43.49
CA GLU C 439 26.95 17.79 44.25
C GLU C 439 27.22 17.25 45.65
N MET C 440 28.49 17.21 46.02
CA MET C 440 28.88 16.74 47.33
C MET C 440 28.64 17.66 48.46
N HIS C 441 28.74 18.94 48.23
CA HIS C 441 28.50 19.88 49.34
C HIS C 441 27.04 19.97 49.86
N SER C 442 26.09 20.15 48.95
CA SER C 442 24.67 20.30 49.28
C SER C 442 23.86 19.08 49.13
N TRP C 443 24.56 18.00 48.81
CA TRP C 443 23.95 16.73 48.61
C TRP C 443 22.84 16.99 47.59
N ASP C 444 23.11 17.90 46.63
CA ASP C 444 22.17 18.21 45.57
C ASP C 444 20.75 18.40 46.04
N TYR C 445 20.61 19.12 47.13
CA TYR C 445 19.33 19.40 47.75
C TYR C 445 18.60 18.11 48.21
N SER C 446 19.35 17.05 48.52
CA SER C 446 18.70 15.86 48.99
C SER C 446 19.14 15.58 50.44
N GLY C 447 19.68 14.41 50.70
CA GLY C 447 20.11 14.04 52.03
C GLY C 447 19.04 13.73 53.07
N PRO C 448 19.47 13.47 54.29
CA PRO C 448 20.85 13.45 54.75
C PRO C 448 21.55 12.22 54.24
N TYR C 449 22.86 12.32 54.11
CA TYR C 449 23.66 11.20 53.65
C TYR C 449 24.32 10.46 54.86
N HIS C 450 24.28 11.03 56.06
CA HIS C 450 24.88 10.39 57.24
C HIS C 450 24.04 9.34 57.85
N GLY C 451 24.72 8.32 58.40
CA GLY C 451 24.06 7.22 59.05
C GLY C 451 23.43 6.23 58.13
N PHE C 452 22.69 5.33 58.74
CA PHE C 452 21.97 4.27 58.05
C PHE C 452 20.81 4.79 57.19
N ASP C 453 20.06 5.71 57.75
CA ASP C 453 18.90 6.35 57.12
C ASP C 453 19.46 7.19 56.00
N GLY C 454 20.59 7.83 56.25
CA GLY C 454 21.25 8.68 55.27
C GLY C 454 21.79 7.86 54.08
N PHE C 455 22.21 6.63 54.36
CA PHE C 455 22.78 5.76 53.32
C PHE C 455 21.79 5.32 52.24
N ALA C 456 20.53 5.13 52.60
CA ALA C 456 19.50 4.72 51.64
C ALA C 456 19.31 5.88 50.64
N ILE C 457 19.26 7.10 51.12
CA ILE C 457 19.09 8.30 50.30
C ILE C 457 20.30 8.42 49.36
N PHE C 458 21.48 8.20 49.90
CA PHE C 458 22.72 8.28 49.14
C PHE C 458 22.83 7.23 48.00
N ALA C 459 22.45 6.00 48.26
CA ALA C 459 22.53 4.97 47.25
C ALA C 459 21.53 5.30 46.16
N ARG C 460 20.35 5.69 46.60
CA ARG C 460 19.28 6.03 45.69
C ARG C 460 19.68 7.20 44.81
N ASP C 461 20.32 8.21 45.39
CA ASP C 461 20.78 9.42 44.69
C ASP C 461 21.87 9.12 43.67
N MET C 462 22.85 8.29 44.01
CA MET C 462 23.91 7.97 43.08
C MET C 462 23.27 7.21 41.95
N ASP C 463 22.38 6.29 42.27
CA ASP C 463 21.74 5.51 41.23
C ASP C 463 20.85 6.33 40.27
N MET C 464 20.03 7.25 40.76
CA MET C 464 19.17 7.98 39.82
C MET C 464 20.02 8.85 38.93
N THR C 465 21.00 9.55 39.46
CA THR C 465 21.85 10.39 38.63
C THR C 465 22.76 9.65 37.69
N LEU C 466 23.40 8.59 38.16
CA LEU C 466 24.33 7.86 37.32
C LEU C 466 23.65 7.15 36.17
N ASN C 467 22.50 6.57 36.44
CA ASN C 467 21.72 5.83 35.48
C ASN C 467 20.52 6.55 34.84
N ASN C 468 20.46 7.85 35.02
CA ASN C 468 19.35 8.60 34.46
C ASN C 468 19.42 8.54 32.94
N PRO C 469 18.25 8.41 32.29
CA PRO C 469 18.06 8.31 30.85
C PRO C 469 18.56 9.50 30.06
N CYS C 470 18.76 10.64 30.70
CA CYS C 470 19.23 11.82 30.01
C CYS C 470 20.66 11.70 29.44
N TRP C 471 21.53 10.89 30.04
CA TRP C 471 22.90 10.77 29.55
C TRP C 471 23.04 10.10 28.18
N LYS C 472 22.14 9.20 27.85
CA LYS C 472 22.12 8.47 26.60
C LYS C 472 21.81 9.45 25.46
N LYS C 473 20.94 10.41 25.75
CA LYS C 473 20.51 11.42 24.77
C LYS C 473 21.35 12.61 24.30
N LEU C 474 22.61 12.74 24.74
CA LEU C 474 23.41 13.89 24.31
C LEU C 474 23.86 14.05 22.84
N GLN C 475 24.34 13.02 22.15
CA GLN C 475 24.73 13.26 20.76
C GLN C 475 23.49 13.27 19.87
N ALA C 476 23.38 14.19 18.91
CA ALA C 476 22.21 14.22 18.05
C ALA C 476 22.26 12.98 17.17
N PRO C 477 21.09 12.35 16.88
CA PRO C 477 20.99 11.13 16.06
C PRO C 477 21.56 11.40 14.67
N TRP C 478 21.42 12.61 14.16
CA TRP C 478 21.94 12.87 12.84
C TRP C 478 23.39 13.19 13.00
N GLU C 479 24.11 12.17 13.43
CA GLU C 479 25.53 12.22 13.66
C GLU C 479 26.01 13.31 14.59
N SER D 1 14.53 4.98 60.35
CA SER D 1 14.34 3.71 59.60
C SER D 1 13.84 4.06 58.21
N GLN D 2 14.23 3.27 57.20
CA GLN D 2 13.80 3.52 55.84
C GLN D 2 13.26 2.33 55.10
N GLN D 3 12.07 2.43 54.50
CA GLN D 3 11.54 1.30 53.76
C GLN D 3 12.30 1.46 52.45
N VAL D 4 12.92 0.43 51.96
CA VAL D 4 13.67 0.57 50.74
C VAL D 4 12.78 0.84 49.55
N ASP D 5 11.53 0.40 49.62
CA ASP D 5 10.63 0.64 48.50
C ASP D 5 10.35 2.13 48.37
N LYS D 6 10.07 2.82 49.47
CA LYS D 6 9.84 4.24 49.34
C LYS D 6 10.74 4.88 50.34
N ILE D 7 11.86 5.38 49.85
CA ILE D 7 12.84 6.04 50.70
C ILE D 7 12.34 7.47 50.96
N LYS D 8 12.61 7.98 52.15
CA LYS D 8 12.19 9.31 52.53
C LYS D 8 13.38 10.22 52.61
N ALA D 9 13.23 11.39 52.03
CA ALA D 9 14.25 12.42 52.02
C ALA D 9 14.10 13.20 53.36
N SER D 10 14.87 14.28 53.58
CA SER D 10 14.75 15.00 54.87
C SER D 10 13.30 15.17 55.23
N TYR D 11 12.54 15.54 54.22
CA TYR D 11 11.13 15.74 54.39
C TYR D 11 10.58 14.65 53.51
N PRO D 12 9.71 13.80 54.07
CA PRO D 12 9.15 13.74 55.42
C PRO D 12 9.83 12.72 56.37
N LEU D 13 11.15 12.55 56.24
CA LEU D 13 11.84 11.61 57.08
C LEU D 13 11.88 12.06 58.53
N PHE D 14 12.18 13.33 58.74
CA PHE D 14 12.24 13.83 60.09
C PHE D 14 10.89 13.96 60.76
N LEU D 15 9.85 13.68 59.98
CA LEU D 15 8.46 13.76 60.44
C LEU D 15 8.07 12.51 61.14
N ASP D 16 8.97 11.53 61.09
CA ASP D 16 8.77 10.23 61.70
C ASP D 16 8.78 10.41 63.19
N GLN D 17 8.04 9.57 63.88
CA GLN D 17 7.91 9.63 65.33
C GLN D 17 9.17 9.47 66.15
N ASP D 18 10.11 8.61 65.75
CA ASP D 18 11.35 8.41 66.52
C ASP D 18 12.12 9.69 66.51
N TYR D 19 12.20 10.32 65.33
CA TYR D 19 12.92 11.61 65.11
C TYR D 19 12.23 12.76 65.85
N LYS D 20 10.91 12.82 65.78
CA LYS D 20 10.16 13.86 66.44
C LYS D 20 10.46 13.77 67.93
N ASP D 21 10.46 12.56 68.50
CA ASP D 21 10.70 12.37 69.93
C ASP D 21 12.11 12.83 70.24
N MET D 22 13.06 12.47 69.39
CA MET D 22 14.46 12.84 69.59
C MET D 22 14.70 14.33 69.59
N LEU D 23 14.09 15.04 68.66
CA LEU D 23 14.24 16.47 68.54
C LEU D 23 13.66 17.15 69.77
N ALA D 24 12.48 16.70 70.20
CA ALA D 24 11.84 17.29 71.36
C ALA D 24 12.75 17.09 72.57
N LYS D 25 13.32 15.90 72.72
CA LYS D 25 14.20 15.61 73.85
C LYS D 25 15.35 16.58 73.76
N LYS D 26 15.88 16.75 72.59
CA LYS D 26 16.99 17.65 72.35
C LYS D 26 16.57 19.06 72.71
N ARG D 27 15.39 19.45 72.28
CA ARG D 27 14.97 20.79 72.58
C ARG D 27 14.78 20.97 74.05
N ASP D 28 14.09 20.04 74.70
CA ASP D 28 13.85 20.16 76.13
C ASP D 28 15.12 19.99 76.96
N GLY D 29 15.91 19.02 76.61
CA GLY D 29 17.12 18.81 77.32
C GLY D 29 18.30 19.76 77.29
N PHE D 30 18.68 20.24 76.11
CA PHE D 30 19.83 21.14 76.00
C PHE D 30 19.73 22.53 75.36
N GLU D 31 18.69 22.74 74.57
CA GLU D 31 18.42 24.00 73.88
C GLU D 31 18.05 25.23 74.75
N GLU D 32 17.45 25.01 75.92
CA GLU D 32 17.05 26.13 76.79
C GLU D 32 16.25 27.13 76.02
N LYS D 33 15.35 26.61 75.19
CA LYS D 33 14.47 27.36 74.34
C LYS D 33 13.45 28.12 75.15
N TYR D 34 13.03 29.30 74.63
CA TYR D 34 12.03 30.18 75.26
C TYR D 34 10.74 29.41 75.08
N PRO D 35 9.79 29.61 75.99
CA PRO D 35 8.51 28.89 75.90
C PRO D 35 7.84 29.25 74.57
N GLN D 36 6.97 28.35 74.11
CA GLN D 36 6.28 28.50 72.86
C GLN D 36 5.31 29.64 72.92
N ASP D 37 4.79 29.89 74.11
CA ASP D 37 3.82 30.97 74.34
C ASP D 37 4.61 32.27 74.14
N LYS D 38 5.83 32.34 74.65
CA LYS D 38 6.66 33.53 74.53
C LYS D 38 7.01 33.75 73.08
N ILE D 39 7.36 32.67 72.39
CA ILE D 39 7.73 32.75 70.99
C ILE D 39 6.48 33.23 70.26
N ASP D 40 5.32 32.73 70.62
CA ASP D 40 4.06 33.13 69.97
C ASP D 40 3.77 34.61 70.23
N GLU D 41 3.95 35.06 71.46
CA GLU D 41 3.69 36.43 71.86
C GLU D 41 4.62 37.35 71.03
N VAL D 42 5.88 36.97 70.91
CA VAL D 42 6.83 37.78 70.17
C VAL D 42 6.54 37.80 68.70
N PHE D 43 6.11 36.66 68.12
CA PHE D 43 5.81 36.59 66.70
C PHE D 43 4.58 37.45 66.39
N GLN D 44 3.58 37.45 67.23
CA GLN D 44 2.39 38.25 66.96
C GLN D 44 2.77 39.73 67.05
N TRP D 45 3.77 40.03 67.85
CA TRP D 45 4.25 41.39 68.04
C TRP D 45 4.87 41.94 66.76
N THR D 46 5.67 41.14 66.08
CA THR D 46 6.31 41.60 64.86
C THR D 46 5.29 41.88 63.76
N THR D 47 4.14 41.18 63.78
CA THR D 47 3.11 41.42 62.77
C THR D 47 2.44 42.82 62.94
N THR D 48 2.55 43.40 64.14
CA THR D 48 1.95 44.70 64.42
C THR D 48 2.58 45.97 63.88
N LYS D 49 1.75 47.00 63.96
CA LYS D 49 1.99 48.38 63.54
C LYS D 49 3.03 48.99 64.45
N GLU D 50 2.94 48.70 65.74
CA GLU D 50 3.90 49.23 66.71
C GLU D 50 5.32 48.78 66.37
N TYR D 51 5.49 47.52 66.02
CA TYR D 51 6.77 46.94 65.67
C TYR D 51 7.27 47.55 64.34
N GLN D 52 6.39 47.80 63.40
CA GLN D 52 6.74 48.36 62.10
C GLN D 52 7.40 49.71 62.32
N GLU D 53 6.90 50.50 63.25
CA GLU D 53 7.50 51.79 63.50
C GLU D 53 8.94 51.67 64.02
N LEU D 54 9.20 50.76 64.95
CA LEU D 54 10.53 50.58 65.51
C LEU D 54 11.37 50.05 64.38
N ASN D 55 10.81 49.15 63.60
CA ASN D 55 11.52 48.54 62.49
C ASN D 55 11.86 49.60 61.44
N PHE D 56 10.94 50.47 61.12
CA PHE D 56 11.24 51.49 60.12
C PHE D 56 12.12 52.60 60.67
N GLN D 57 12.30 52.64 61.98
CA GLN D 57 13.15 53.62 62.67
C GLN D 57 14.66 53.33 62.54
N ARG D 58 15.03 52.16 62.08
CA ARG D 58 16.43 51.77 61.95
C ARG D 58 17.30 52.62 61.06
N GLU D 59 18.46 52.98 61.59
CA GLU D 59 19.43 53.77 60.88
C GLU D 59 20.72 53.01 60.64
N ALA D 60 21.00 51.96 61.39
CA ALA D 60 22.27 51.24 61.16
C ALA D 60 22.26 49.75 60.78
N LEU D 61 21.17 49.05 61.08
CA LEU D 61 21.04 47.64 60.79
C LEU D 61 20.12 47.32 59.62
N THR D 62 20.68 46.55 58.67
CA THR D 62 20.01 46.11 57.45
C THR D 62 19.71 44.63 57.60
N VAL D 63 18.46 44.24 57.42
CA VAL D 63 18.07 42.85 57.54
C VAL D 63 17.51 42.34 56.18
N ASN D 64 18.08 41.26 55.65
CA ASN D 64 17.57 40.78 54.39
C ASN D 64 17.52 41.75 53.21
N PRO D 65 18.67 42.27 52.79
CA PRO D 65 18.77 43.22 51.66
C PRO D 65 18.31 42.67 50.33
N ALA D 66 17.89 43.57 49.47
CA ALA D 66 17.39 43.30 48.13
C ALA D 66 18.43 43.76 47.10
N LYS D 67 19.66 43.95 47.54
CA LYS D 67 20.74 44.38 46.65
C LYS D 67 22.02 43.57 46.89
N ALA D 68 22.89 43.51 45.88
CA ALA D 68 24.16 42.79 45.95
C ALA D 68 25.28 43.77 45.58
N CYS D 69 26.54 43.35 45.71
CA CYS D 69 27.68 44.21 45.42
C CYS D 69 28.04 44.48 43.97
N GLN D 70 28.97 45.41 43.74
CA GLN D 70 29.39 45.80 42.38
C GLN D 70 30.07 44.83 41.47
N PRO D 71 31.03 44.08 41.97
CA PRO D 71 31.73 43.14 41.09
C PRO D 71 30.80 42.08 40.44
N LEU D 72 29.65 41.83 41.04
CA LEU D 72 28.70 40.85 40.50
C LEU D 72 28.23 41.47 39.19
N GLY D 73 27.93 42.77 39.28
CA GLY D 73 27.46 43.57 38.18
C GLY D 73 28.56 43.57 37.12
N ALA D 74 29.81 43.75 37.55
CA ALA D 74 30.98 43.80 36.65
C ALA D 74 31.26 42.46 35.95
N VAL D 75 31.19 41.37 36.69
CA VAL D 75 31.43 40.04 36.13
C VAL D 75 30.38 39.71 35.06
N LEU D 76 29.11 40.00 35.33
CA LEU D 76 28.05 39.72 34.38
C LEU D 76 28.25 40.50 33.09
N CYS D 77 28.61 41.76 33.18
CA CYS D 77 28.83 42.57 31.99
C CYS D 77 30.03 42.05 31.22
N ALA D 78 31.10 41.69 31.90
CA ALA D 78 32.31 41.19 31.25
C ALA D 78 31.99 39.91 30.47
N LEU D 79 30.98 39.21 30.95
CA LEU D 79 30.54 37.98 30.34
C LEU D 79 29.90 38.27 28.97
N GLY D 80 29.35 39.46 28.77
CA GLY D 80 28.72 39.84 27.50
C GLY D 80 29.62 39.84 26.25
N PHE D 81 30.93 40.05 26.46
CA PHE D 81 31.93 40.09 25.40
C PHE D 81 32.56 38.81 24.90
N GLU D 82 32.80 38.70 23.61
CA GLU D 82 33.38 37.49 23.02
C GLU D 82 34.77 37.07 23.48
N LYS D 83 34.87 35.79 23.83
CA LYS D 83 36.10 35.18 24.30
C LYS D 83 36.67 36.02 25.43
N THR D 84 35.80 36.58 26.26
CA THR D 84 36.22 37.42 27.35
C THR D 84 36.11 36.74 28.68
N MET D 85 37.15 36.83 29.50
CA MET D 85 37.15 36.22 30.81
C MET D 85 36.99 37.28 31.87
N PRO D 86 35.97 37.19 32.72
CA PRO D 86 35.91 38.23 33.75
C PRO D 86 37.08 38.01 34.70
N TYR D 87 37.72 39.07 35.14
CA TYR D 87 38.84 38.92 36.06
C TYR D 87 38.62 39.91 37.22
N VAL D 88 38.63 39.44 38.45
CA VAL D 88 38.42 40.37 39.54
C VAL D 88 39.71 40.48 40.39
N HIS D 89 40.17 41.71 40.52
CA HIS D 89 41.38 42.03 41.27
C HIS D 89 40.96 42.15 42.72
N GLY D 90 41.60 41.37 43.58
CA GLY D 90 41.24 41.42 44.99
C GLY D 90 41.21 40.03 45.59
N SER D 91 40.47 39.85 46.68
CA SER D 91 40.40 38.54 47.31
C SER D 91 39.50 37.55 46.55
N GLN D 92 39.87 36.26 46.62
CA GLN D 92 39.19 35.12 45.99
C GLN D 92 37.81 34.67 46.47
N GLY D 93 37.49 34.85 47.74
CA GLY D 93 36.20 34.42 48.25
C GLY D 93 35.06 35.11 47.53
N CYS D 94 35.31 36.29 47.03
CA CYS D 94 34.29 37.05 46.31
C CYS D 94 33.95 36.33 44.99
N VAL D 95 34.98 35.87 44.30
CA VAL D 95 34.81 35.19 43.02
C VAL D 95 34.02 33.89 43.23
N ALA D 96 34.30 33.15 44.28
CA ALA D 96 33.59 31.90 44.54
C ALA D 96 32.13 32.22 44.72
N TYR D 97 31.84 33.28 45.48
CA TYR D 97 30.47 33.69 45.75
C TYR D 97 29.80 34.19 44.44
N PHE D 98 30.47 34.99 43.61
CA PHE D 98 29.81 35.44 42.39
C PHE D 98 29.48 34.25 41.49
N ARG D 99 30.41 33.33 41.35
CA ARG D 99 30.14 32.20 40.49
C ARG D 99 28.98 31.39 41.03
N SER D 100 28.96 31.15 42.32
CA SER D 100 27.87 30.37 42.86
C SER D 100 26.49 31.08 42.72
N TYR D 101 26.41 32.37 43.02
CA TYR D 101 25.16 33.12 42.94
C TYR D 101 24.71 33.06 41.47
N PHE D 102 25.61 33.27 40.54
CA PHE D 102 25.25 33.17 39.14
C PHE D 102 24.89 31.73 38.70
N ASN D 103 25.66 30.75 39.17
CA ASN D 103 25.42 29.35 38.80
C ASN D 103 24.02 28.90 39.23
N ARG D 104 23.64 29.28 40.42
CA ARG D 104 22.36 28.87 40.87
C ARG D 104 21.24 29.53 40.10
N HIS D 105 21.32 30.82 39.84
CA HIS D 105 20.26 31.46 39.10
C HIS D 105 20.20 30.99 37.65
N PHE D 106 21.35 30.89 36.98
CA PHE D 106 21.35 30.46 35.60
C PHE D 106 21.49 28.96 35.39
N ARG D 107 21.86 28.19 36.42
CA ARG D 107 22.02 26.74 36.29
C ARG D 107 22.91 26.42 35.11
N GLU D 108 23.91 27.26 34.95
CA GLU D 108 24.87 27.16 33.89
C GLU D 108 26.25 27.48 34.43
N PRO D 109 27.29 26.99 33.79
CA PRO D 109 28.58 27.37 34.37
C PRO D 109 28.89 28.83 34.23
N VAL D 110 29.60 29.40 35.19
CA VAL D 110 29.98 30.81 35.14
C VAL D 110 31.52 30.85 35.25
N SER D 111 32.22 31.44 34.29
CA SER D 111 33.69 31.50 34.35
C SER D 111 34.20 32.83 34.89
N CYS D 112 34.98 32.76 35.97
CA CYS D 112 35.51 33.99 36.55
C CYS D 112 36.78 33.69 37.25
N VAL D 113 37.71 34.64 37.28
CA VAL D 113 38.99 34.42 37.94
C VAL D 113 39.40 35.54 38.88
N SER D 114 40.27 35.23 39.85
CA SER D 114 40.76 36.20 40.83
C SER D 114 42.30 36.16 40.88
N ASP D 115 42.91 37.27 41.28
CA ASP D 115 44.33 37.33 41.38
C ASP D 115 44.73 36.88 42.77
N SER D 116 43.72 36.61 43.59
CA SER D 116 43.97 36.11 44.92
C SER D 116 44.80 36.88 45.89
N MET D 117 44.46 38.13 46.11
CA MET D 117 45.23 38.92 47.04
C MET D 117 45.00 38.50 48.48
N THR D 118 46.12 38.34 49.18
CA THR D 118 46.28 37.93 50.59
C THR D 118 46.60 39.06 51.58
N GLU D 119 46.80 38.67 52.83
CA GLU D 119 47.10 39.57 53.95
C GLU D 119 48.40 40.26 53.58
N ASP D 120 49.35 39.51 53.07
CA ASP D 120 50.64 40.07 52.68
C ASP D 120 50.47 41.00 51.49
N ALA D 121 49.55 40.65 50.60
CA ALA D 121 49.28 41.43 49.42
C ALA D 121 48.64 42.72 49.92
N ALA D 122 48.02 42.68 51.09
CA ALA D 122 47.40 43.90 51.59
C ALA D 122 48.45 44.95 51.95
N VAL D 123 49.52 44.58 52.62
CA VAL D 123 50.53 45.58 52.93
C VAL D 123 51.27 46.12 51.70
N PHE D 124 51.79 45.22 50.85
CA PHE D 124 52.53 45.60 49.62
C PHE D 124 51.78 46.24 48.50
N GLY D 125 50.62 45.69 48.17
CA GLY D 125 49.81 46.22 47.10
C GLY D 125 49.47 45.06 46.21
N GLY D 126 48.60 45.29 45.24
CA GLY D 126 48.15 44.26 44.31
C GLY D 126 48.94 44.08 43.02
N GLN D 127 50.14 44.64 42.96
CA GLN D 127 50.96 44.57 41.76
C GLN D 127 51.45 43.17 41.30
N GLN D 128 51.91 42.32 42.20
CA GLN D 128 52.40 41.00 41.80
C GLN D 128 51.28 40.07 41.32
N ASN D 129 50.18 40.08 42.04
CA ASN D 129 49.01 39.29 41.77
C ASN D 129 48.47 39.67 40.41
N MET D 130 48.46 40.96 40.11
CA MET D 130 47.96 41.43 38.83
C MET D 130 48.90 40.93 37.70
N LYS D 131 50.22 41.01 37.85
CA LYS D 131 51.09 40.52 36.77
C LYS D 131 51.04 39.00 36.58
N ASP D 132 51.12 38.28 37.68
CA ASP D 132 51.07 36.84 37.63
C ASP D 132 49.69 36.42 37.23
N GLY D 133 48.70 37.07 37.81
CA GLY D 133 47.31 36.74 37.53
C GLY D 133 46.96 36.92 36.07
N LEU D 134 47.40 38.02 35.50
CA LEU D 134 47.11 38.30 34.10
C LEU D 134 47.89 37.27 33.28
N GLN D 135 49.13 37.02 33.63
CA GLN D 135 49.91 36.07 32.87
C GLN D 135 49.39 34.63 32.98
N ASN D 136 49.03 34.20 34.19
CA ASN D 136 48.54 32.85 34.38
C ASN D 136 47.20 32.59 33.73
N CYS D 137 46.30 33.54 33.88
CA CYS D 137 44.95 33.48 33.35
C CYS D 137 45.00 33.40 31.84
N LYS D 138 45.84 34.21 31.22
CA LYS D 138 45.90 34.18 29.76
C LYS D 138 46.49 32.85 29.29
N ALA D 139 47.54 32.38 29.93
CA ALA D 139 48.11 31.14 29.49
C ALA D 139 47.12 30.00 29.64
N THR D 140 46.50 29.90 30.81
CA THR D 140 45.52 28.85 31.06
C THR D 140 44.15 28.82 30.35
N TYR D 141 43.44 29.94 30.30
CA TYR D 141 42.13 29.93 29.67
C TYR D 141 42.02 30.50 28.27
N LYS D 142 43.12 31.03 27.76
CA LYS D 142 43.13 31.57 26.41
C LYS D 142 42.05 32.57 26.06
N PRO D 143 41.65 33.41 27.00
CA PRO D 143 40.62 34.40 26.68
C PRO D 143 41.17 35.45 25.73
N ASP D 144 40.38 35.90 24.79
CA ASP D 144 40.84 36.93 23.87
C ASP D 144 41.03 38.20 24.65
N MET D 145 40.08 38.48 25.53
CA MET D 145 40.10 39.66 26.34
C MET D 145 39.90 39.34 27.81
N ILE D 146 40.52 40.13 28.68
CA ILE D 146 40.42 39.94 30.12
C ILE D 146 39.88 41.28 30.64
N ALA D 147 38.75 41.28 31.35
CA ALA D 147 38.22 42.54 31.85
C ALA D 147 38.30 42.61 33.34
N VAL D 148 39.11 43.55 33.85
CA VAL D 148 39.31 43.74 35.29
C VAL D 148 38.30 44.60 36.06
N SER D 149 37.95 44.09 37.24
CA SER D 149 37.01 44.68 38.16
C SER D 149 37.72 44.49 39.45
N THR D 150 37.29 45.16 40.51
CA THR D 150 37.97 44.98 41.80
C THR D 150 37.06 44.72 43.02
N THR D 151 37.57 43.93 43.98
CA THR D 151 36.88 43.59 45.21
C THR D 151 37.18 44.70 46.22
N CYS D 152 36.30 44.90 47.18
CA CYS D 152 36.50 45.94 48.20
C CYS D 152 37.82 45.98 48.96
N MET D 153 38.49 44.86 49.12
CA MET D 153 39.75 44.87 49.85
C MET D 153 40.68 45.69 48.99
N ALA D 154 40.65 45.45 47.70
CA ALA D 154 41.50 46.16 46.76
C ALA D 154 41.11 47.62 46.75
N GLU D 155 39.82 47.93 46.73
CA GLU D 155 39.41 49.32 46.72
C GLU D 155 39.88 50.04 47.98
N VAL D 156 39.74 49.43 49.16
CA VAL D 156 40.15 50.11 50.38
C VAL D 156 41.67 50.30 50.42
N ILE D 157 42.47 49.32 50.07
CA ILE D 157 43.92 49.55 50.12
C ILE D 157 44.31 50.53 49.03
N GLY D 158 43.47 50.70 48.01
CA GLY D 158 43.86 51.64 46.99
C GLY D 158 44.78 51.25 45.85
N ASP D 159 44.72 50.00 45.36
CA ASP D 159 45.61 49.60 44.26
C ASP D 159 45.19 50.34 43.02
N ASP D 160 46.16 50.77 42.24
CA ASP D 160 45.86 51.50 41.02
C ASP D 160 45.81 50.43 39.91
N LEU D 161 44.63 50.27 39.32
CA LEU D 161 44.38 49.30 38.27
C LEU D 161 45.08 49.58 36.98
N ASN D 162 45.02 50.85 36.60
CA ASN D 162 45.62 51.34 35.37
C ASN D 162 47.12 51.23 35.42
N ALA D 163 47.69 51.61 36.55
CA ALA D 163 49.13 51.55 36.71
C ALA D 163 49.56 50.08 36.72
N PHE D 164 48.85 49.23 37.44
CA PHE D 164 49.19 47.82 37.55
C PHE D 164 49.13 47.08 36.23
N ILE D 165 48.09 47.34 35.46
CA ILE D 165 47.88 46.70 34.17
C ILE D 165 48.95 47.17 33.17
N ASN D 166 49.30 48.44 33.19
CA ASN D 166 50.32 48.97 32.26
C ASN D 166 51.67 48.40 32.61
N ASN D 167 51.98 48.30 33.89
CA ASN D 167 53.26 47.76 34.32
C ASN D 167 53.34 46.28 33.99
N SER D 168 52.21 45.60 33.96
CA SER D 168 52.21 44.20 33.68
C SER D 168 52.64 44.03 32.22
N LYS D 169 52.08 44.88 31.36
CA LYS D 169 52.38 44.87 29.92
C LYS D 169 53.83 45.32 29.66
N LYS D 170 54.22 46.38 30.35
CA LYS D 170 55.53 47.04 30.30
C LYS D 170 56.62 46.06 30.74
N GLU D 171 56.34 45.33 31.81
CA GLU D 171 57.29 44.35 32.34
C GLU D 171 57.30 43.09 31.47
N GLY D 172 56.32 42.97 30.58
CA GLY D 172 56.29 41.80 29.72
C GLY D 172 55.47 40.57 30.11
N PHE D 173 54.62 40.71 31.12
CA PHE D 173 53.79 39.60 31.59
C PHE D 173 52.74 39.22 30.56
N ILE D 174 52.11 40.21 29.95
CA ILE D 174 51.10 39.97 28.93
C ILE D 174 51.43 40.91 27.77
N PRO D 175 51.00 40.60 26.54
CA PRO D 175 51.29 41.47 25.41
C PRO D 175 50.73 42.88 25.59
N ASP D 176 51.34 43.84 24.90
CA ASP D 176 50.93 45.25 24.97
C ASP D 176 49.57 45.38 24.31
N GLU D 177 49.47 44.70 23.18
CA GLU D 177 48.27 44.65 22.36
C GLU D 177 47.04 43.92 22.95
N PHE D 178 47.26 42.96 23.87
CA PHE D 178 46.15 42.20 24.48
C PHE D 178 45.19 43.11 25.23
N PRO D 179 43.91 43.06 24.86
CA PRO D 179 42.93 43.91 25.51
C PRO D 179 42.71 43.68 27.00
N VAL D 180 42.82 44.74 27.80
CA VAL D 180 42.63 44.64 29.23
C VAL D 180 41.87 45.81 29.79
N PRO D 181 40.58 45.94 29.44
CA PRO D 181 39.78 47.04 29.95
C PRO D 181 39.64 46.76 31.46
N PHE D 182 39.55 47.82 32.27
CA PHE D 182 39.42 47.69 33.72
C PHE D 182 38.47 48.74 34.29
N ALA D 183 37.76 48.42 35.35
CA ALA D 183 36.85 49.39 35.98
C ALA D 183 36.93 49.22 37.48
N HIS D 184 37.08 50.29 38.25
CA HIS D 184 37.16 50.13 39.71
C HIS D 184 35.72 49.87 40.15
N THR D 185 35.47 48.87 40.99
CA THR D 185 34.09 48.62 41.39
C THR D 185 33.90 48.45 42.88
N PRO D 186 33.95 49.54 43.62
CA PRO D 186 33.78 49.47 45.05
C PRO D 186 32.44 48.91 45.50
N SER D 187 32.49 47.91 46.34
CA SER D 187 31.30 47.28 46.87
C SER D 187 30.53 48.22 47.79
N PHE D 188 31.23 49.09 48.51
CA PHE D 188 30.52 50.00 49.41
C PHE D 188 29.72 50.96 48.56
N VAL D 189 30.26 51.48 47.50
CA VAL D 189 29.43 52.40 46.69
C VAL D 189 28.45 51.60 45.83
N GLY D 190 27.24 52.08 45.71
CA GLY D 190 26.20 51.42 44.91
C GLY D 190 25.64 50.02 45.11
N SER D 191 25.58 49.31 43.98
CA SER D 191 25.04 47.95 43.87
C SER D 191 25.64 47.22 42.69
N HIS D 192 25.12 46.05 42.39
CA HIS D 192 25.64 45.28 41.29
C HIS D 192 25.30 46.01 39.97
N VAL D 193 24.22 46.78 39.98
CA VAL D 193 23.81 47.52 38.77
C VAL D 193 24.88 48.58 38.45
N THR D 194 25.35 49.29 39.48
CA THR D 194 26.36 50.33 39.34
C THR D 194 27.64 49.59 38.95
N GLY D 195 27.89 48.45 39.57
CA GLY D 195 29.05 47.64 39.24
C GLY D 195 29.01 47.32 37.73
N TRP D 196 27.83 47.00 37.20
CA TRP D 196 27.62 46.65 35.80
C TRP D 196 27.89 47.89 34.95
N ASP D 197 27.37 49.04 35.37
CA ASP D 197 27.55 50.31 34.63
C ASP D 197 29.02 50.68 34.50
N ASN D 198 29.80 50.55 35.57
CA ASN D 198 31.22 50.87 35.58
C ASN D 198 32.06 50.01 34.66
N MET D 199 31.79 48.72 34.67
CA MET D 199 32.53 47.77 33.85
C MET D 199 32.28 48.09 32.41
N PHE D 200 31.03 48.41 32.07
CA PHE D 200 30.68 48.72 30.71
C PHE D 200 31.28 50.02 30.16
N GLU D 201 31.25 51.09 30.96
CA GLU D 201 31.77 52.38 30.51
C GLU D 201 33.25 52.17 30.32
N GLY D 202 33.85 51.35 31.17
CA GLY D 202 35.26 51.09 31.06
C GLY D 202 35.58 50.33 29.80
N ILE D 203 34.79 49.33 29.45
CA ILE D 203 35.05 48.54 28.24
C ILE D 203 34.85 49.39 27.05
N ALA D 204 33.76 50.16 27.06
CA ALA D 204 33.42 51.06 25.94
C ALA D 204 34.50 52.13 25.78
N ARG D 205 34.95 52.70 26.89
CA ARG D 205 35.96 53.74 26.93
C ARG D 205 37.29 53.19 26.44
N TYR D 206 37.69 51.99 26.84
CA TYR D 206 38.99 51.42 26.41
C TYR D 206 39.07 51.27 24.90
N PHE D 207 38.08 50.65 24.29
CA PHE D 207 38.05 50.46 22.86
C PHE D 207 37.87 51.73 22.01
N THR D 208 36.97 52.63 22.38
CA THR D 208 36.75 53.85 21.63
C THR D 208 37.41 55.19 21.95
N LEU D 209 38.06 55.32 23.11
CA LEU D 209 38.67 56.62 23.49
C LEU D 209 39.83 57.15 22.76
N LYS D 210 40.80 56.32 22.45
CA LYS D 210 41.99 56.78 21.75
C LYS D 210 41.59 57.17 20.31
N SER D 211 40.78 56.37 19.61
CA SER D 211 40.43 56.77 18.26
C SER D 211 38.99 57.26 18.05
N MET D 212 38.83 58.56 17.92
CA MET D 212 37.51 59.17 17.70
C MET D 212 37.35 60.01 16.42
N ASP D 213 38.49 60.40 15.83
CA ASP D 213 38.56 61.21 14.63
C ASP D 213 38.04 60.48 13.44
N ASP D 214 38.43 59.22 13.34
CA ASP D 214 38.00 58.40 12.24
C ASP D 214 36.50 58.20 12.43
N LYS D 215 36.06 57.95 13.64
CA LYS D 215 34.62 57.76 13.86
C LYS D 215 33.73 58.95 13.52
N VAL D 216 32.65 58.65 12.80
CA VAL D 216 31.66 59.65 12.38
C VAL D 216 30.29 59.05 12.76
N VAL D 217 29.46 59.84 13.43
CA VAL D 217 28.19 59.33 13.84
C VAL D 217 27.25 59.03 12.71
N GLY D 218 26.55 57.90 12.86
CA GLY D 218 25.57 57.44 11.87
C GLY D 218 26.14 56.82 10.61
N SER D 219 27.46 56.72 10.59
CA SER D 219 28.17 56.16 9.46
C SER D 219 27.89 54.69 9.30
N ASN D 220 27.88 53.90 10.37
CA ASN D 220 27.60 52.48 10.16
C ASN D 220 26.10 52.10 10.07
N LYS D 221 25.19 53.05 10.31
CA LYS D 221 23.73 52.83 10.24
C LYS D 221 23.12 51.67 11.03
N LYS D 222 23.59 51.52 12.27
CA LYS D 222 23.14 50.49 13.17
C LYS D 222 22.88 51.29 14.44
N ILE D 223 22.06 50.73 15.34
CA ILE D 223 21.74 51.39 16.59
C ILE D 223 22.34 50.55 17.71
N ASN D 224 23.15 51.16 18.56
CA ASN D 224 23.75 50.42 19.69
C ASN D 224 22.70 50.27 20.78
N ILE D 225 22.60 49.06 21.34
CA ILE D 225 21.66 48.75 22.42
C ILE D 225 22.50 48.33 23.62
N VAL D 226 22.29 48.96 24.78
CA VAL D 226 23.08 48.55 25.91
C VAL D 226 22.03 48.02 26.85
N PRO D 227 22.05 46.70 27.10
CA PRO D 227 21.14 45.96 27.98
C PRO D 227 21.12 46.26 29.45
N GLY D 228 22.27 46.55 30.01
CA GLY D 228 22.34 46.84 31.44
C GLY D 228 22.48 45.53 32.16
N PHE D 229 22.25 45.49 33.46
CA PHE D 229 22.41 44.22 34.15
C PHE D 229 21.10 43.47 33.92
N GLU D 230 21.19 42.36 33.20
CA GLU D 230 20.01 41.54 32.88
C GLU D 230 20.20 40.04 33.10
N THR D 231 19.29 39.43 33.87
CA THR D 231 19.32 37.98 34.16
C THR D 231 18.24 37.12 33.46
N TYR D 232 17.52 37.66 32.48
CA TYR D 232 16.49 36.91 31.74
C TYR D 232 17.02 36.83 30.29
N LEU D 233 17.14 35.62 29.78
CA LEU D 233 17.63 35.40 28.43
C LEU D 233 16.65 35.93 27.41
N GLY D 234 15.37 35.71 27.68
CA GLY D 234 14.30 36.15 26.79
C GLY D 234 14.40 37.61 26.42
N ASN D 235 14.90 38.42 27.37
CA ASN D 235 15.06 39.85 27.15
C ASN D 235 16.12 40.13 26.07
N PHE D 236 17.26 39.46 26.09
CA PHE D 236 18.29 39.71 25.08
C PHE D 236 17.69 39.24 23.77
N ARG D 237 17.05 38.09 23.82
CA ARG D 237 16.46 37.52 22.65
C ARG D 237 15.34 38.35 22.06
N VAL D 238 14.45 38.88 22.89
CA VAL D 238 13.34 39.69 22.39
C VAL D 238 13.76 41.01 21.73
N ILE D 239 14.72 41.70 22.33
CA ILE D 239 15.19 42.98 21.79
C ILE D 239 15.78 42.73 20.38
N LYS D 240 16.57 41.68 20.25
CA LYS D 240 17.18 41.38 18.96
C LYS D 240 16.13 40.98 17.96
N ARG D 241 15.18 40.16 18.38
CA ARG D 241 14.14 39.71 17.48
C ARG D 241 13.31 40.82 16.90
N MET D 242 12.91 41.77 17.72
CA MET D 242 12.10 42.85 17.20
C MET D 242 12.90 43.74 16.23
N LEU D 243 14.12 44.08 16.59
CA LEU D 243 14.93 44.93 15.73
C LEU D 243 15.07 44.20 14.42
N SER D 244 15.29 42.91 14.49
CA SER D 244 15.46 42.07 13.31
C SER D 244 14.18 42.04 12.49
N GLU D 245 13.04 41.99 13.16
CA GLU D 245 11.72 41.96 12.55
C GLU D 245 11.53 43.29 11.84
N MET D 246 11.91 44.36 12.48
CA MET D 246 11.82 45.72 11.96
C MET D 246 12.83 46.00 10.83
N GLY D 247 13.85 45.20 10.77
CA GLY D 247 14.82 45.45 9.73
C GLY D 247 15.88 46.43 10.14
N VAL D 248 15.84 46.83 11.37
CA VAL D 248 16.81 47.77 11.87
C VAL D 248 18.17 47.11 12.13
N GLY D 249 19.25 47.72 11.66
CA GLY D 249 20.59 47.17 11.88
C GLY D 249 20.93 47.50 13.34
N TYR D 250 21.61 46.62 14.05
CA TYR D 250 21.91 46.93 15.45
C TYR D 250 23.12 46.23 16.00
N SER D 251 23.63 46.80 17.10
CA SER D 251 24.77 46.20 17.76
C SER D 251 24.37 46.08 19.21
N LEU D 252 24.35 44.86 19.74
CA LEU D 252 23.99 44.72 21.13
C LEU D 252 25.33 44.64 21.87
N LEU D 253 25.57 45.64 22.69
CA LEU D 253 26.81 45.66 23.41
C LEU D 253 26.67 44.89 24.71
N SER D 254 27.51 43.90 24.92
CA SER D 254 27.41 43.10 26.12
C SER D 254 26.25 42.14 26.05
N ASP D 255 26.41 41.17 25.16
CA ASP D 255 25.37 40.17 25.02
C ASP D 255 25.89 38.86 25.61
N PRO D 256 25.41 38.47 26.79
CA PRO D 256 25.78 37.25 27.50
C PRO D 256 24.88 36.05 27.24
N GLU D 257 23.93 36.20 26.33
CA GLU D 257 23.00 35.13 26.04
C GLU D 257 23.53 33.79 25.49
N GLU D 258 24.49 33.77 24.58
CA GLU D 258 24.95 32.49 24.09
C GLU D 258 25.69 31.71 25.16
N VAL D 259 26.56 32.38 25.90
CA VAL D 259 27.35 31.74 26.94
C VAL D 259 26.56 31.25 28.15
N LEU D 260 25.56 32.00 28.55
CA LEU D 260 24.73 31.60 29.67
C LEU D 260 23.78 30.47 29.21
N ASP D 261 23.67 30.25 27.91
CA ASP D 261 22.79 29.20 27.37
C ASP D 261 23.38 28.12 26.45
N THR D 262 24.64 27.76 26.63
CA THR D 262 25.24 26.75 25.79
C THR D 262 24.65 25.33 26.00
N PRO D 263 24.47 24.58 24.89
CA PRO D 263 23.92 23.23 24.84
C PRO D 263 24.75 22.11 25.44
N ALA D 264 24.10 21.11 26.03
CA ALA D 264 24.86 20.02 26.61
C ALA D 264 24.87 18.99 25.43
N ASP D 265 25.98 19.01 24.69
CA ASP D 265 26.21 18.15 23.53
C ASP D 265 27.48 17.36 23.69
N GLY D 266 27.90 17.20 24.93
CA GLY D 266 29.11 16.48 25.21
C GLY D 266 30.34 17.33 25.27
N GLN D 267 30.30 18.61 24.91
CA GLN D 267 31.53 19.41 25.01
C GLN D 267 31.31 20.69 25.83
N PHE D 268 32.19 20.99 26.78
CA PHE D 268 32.04 22.19 27.62
C PHE D 268 32.58 23.44 26.96
N ARG D 269 31.76 24.46 26.84
CA ARG D 269 32.23 25.66 26.23
C ARG D 269 32.35 26.77 27.21
N MET D 270 33.59 27.17 27.44
CA MET D 270 33.88 28.23 28.37
C MET D 270 33.35 29.53 27.80
N TYR D 271 33.59 29.73 26.51
CA TYR D 271 33.13 30.93 25.89
C TYR D 271 32.19 30.71 24.73
N ALA D 272 31.12 31.47 24.65
CA ALA D 272 30.20 31.33 23.53
C ALA D 272 29.67 32.69 23.15
N GLY D 273 29.62 32.99 21.85
CA GLY D 273 29.10 34.27 21.37
C GLY D 273 29.81 35.50 21.90
N GLY D 274 28.98 36.43 22.36
CA GLY D 274 29.44 37.67 22.93
C GLY D 274 29.59 38.82 21.96
N THR D 275 29.73 40.03 22.51
CA THR D 275 29.90 41.23 21.72
C THR D 275 31.36 41.19 21.26
N THR D 276 31.56 41.43 19.97
CA THR D 276 32.89 41.41 19.36
C THR D 276 33.67 42.68 19.70
N GLN D 277 35.00 42.60 19.66
CA GLN D 277 35.87 43.71 19.97
C GLN D 277 35.64 44.74 18.87
N GLU D 278 35.53 44.28 17.64
CA GLU D 278 35.32 45.20 16.55
C GLU D 278 33.99 45.88 16.68
N GLU D 279 32.99 45.15 17.18
CA GLU D 279 31.66 45.73 17.35
C GLU D 279 31.80 46.90 18.33
N MET D 280 32.59 46.69 19.37
CA MET D 280 32.83 47.70 20.38
C MET D 280 33.63 48.83 19.77
N LYS D 281 34.66 48.55 18.97
CA LYS D 281 35.49 49.64 18.39
C LYS D 281 34.67 50.48 17.39
N ASP D 282 33.90 49.82 16.52
CA ASP D 282 33.05 50.49 15.54
C ASP D 282 31.75 51.12 16.07
N ALA D 283 31.57 51.07 17.39
CA ALA D 283 30.36 51.56 18.03
C ALA D 283 30.05 53.01 17.87
N PRO D 284 31.05 53.86 17.99
CA PRO D 284 30.74 55.29 17.85
C PRO D 284 30.13 55.61 16.47
N ASN D 285 30.33 54.72 15.49
CA ASN D 285 29.78 54.94 14.16
C ASN D 285 28.26 54.65 14.02
N ALA D 286 27.60 54.33 15.11
CA ALA D 286 26.20 54.04 15.07
C ALA D 286 25.43 55.37 14.97
N LEU D 287 24.17 55.31 14.53
CA LEU D 287 23.30 56.48 14.38
C LEU D 287 23.02 56.99 15.78
N ASN D 288 22.73 56.05 16.67
CA ASN D 288 22.43 56.36 18.06
C ASN D 288 22.63 55.15 19.00
N THR D 289 22.68 55.41 20.31
CA THR D 289 22.84 54.35 21.28
C THR D 289 21.61 54.35 22.19
N VAL D 290 20.91 53.23 22.29
CA VAL D 290 19.72 53.14 23.14
C VAL D 290 20.10 52.36 24.41
N LEU D 291 19.74 52.89 25.57
CA LEU D 291 20.05 52.23 26.82
C LEU D 291 18.75 51.67 27.32
N LEU D 292 18.72 50.36 27.49
CA LEU D 292 17.53 49.61 27.92
C LEU D 292 17.16 49.91 29.35
N GLN D 293 18.14 49.95 30.25
CA GLN D 293 17.79 50.25 31.65
C GLN D 293 18.61 51.47 32.01
N PRO D 294 18.06 52.64 31.75
CA PRO D 294 18.64 53.95 32.00
C PRO D 294 18.99 54.30 33.43
N TRP D 295 18.23 53.82 34.39
CA TRP D 295 18.52 54.14 35.75
C TRP D 295 19.85 53.62 36.19
N HIS D 296 20.30 52.44 35.81
CA HIS D 296 21.63 52.10 36.30
C HIS D 296 22.70 52.35 35.22
N LEU D 297 22.29 52.91 34.11
CA LEU D 297 23.22 53.17 33.02
C LEU D 297 23.70 54.65 32.89
N GLU D 298 23.71 55.35 34.01
CA GLU D 298 24.10 56.75 34.08
C GLU D 298 25.54 57.09 33.70
N LYS D 299 26.51 56.34 34.16
CA LYS D 299 27.89 56.63 33.84
C LYS D 299 28.12 56.40 32.35
N THR D 300 27.53 55.32 31.85
CA THR D 300 27.68 54.97 30.46
C THR D 300 26.96 56.01 29.62
N LYS D 301 25.89 56.61 30.13
CA LYS D 301 25.17 57.62 29.36
C LYS D 301 26.14 58.80 29.19
N LYS D 302 26.84 59.19 30.25
CA LYS D 302 27.77 60.31 30.20
C LYS D 302 28.90 60.04 29.23
N PHE D 303 29.48 58.86 29.24
CA PHE D 303 30.57 58.58 28.31
C PHE D 303 30.09 58.58 26.89
N VAL D 304 28.94 57.96 26.64
CA VAL D 304 28.40 57.87 25.28
C VAL D 304 27.97 59.23 24.76
N GLU D 305 27.29 60.03 25.58
CA GLU D 305 26.89 61.34 25.09
C GLU D 305 28.11 62.22 24.90
N GLY D 306 28.96 62.29 25.93
CA GLY D 306 30.13 63.13 25.77
C GLY D 306 31.20 62.70 24.78
N THR D 307 31.70 61.49 24.85
CA THR D 307 32.71 61.06 23.90
C THR D 307 32.31 60.71 22.46
N TRP D 308 31.21 59.95 22.33
CA TRP D 308 30.70 59.49 21.03
C TRP D 308 29.72 60.49 20.45
N LYS D 309 29.30 61.44 21.28
CA LYS D 309 28.37 62.43 20.81
C LYS D 309 27.06 61.87 20.32
N HIS D 310 26.64 60.73 20.84
CA HIS D 310 25.36 60.15 20.42
C HIS D 310 24.28 60.83 21.26
N GLU D 311 23.13 61.14 20.68
CA GLU D 311 22.14 61.78 21.54
C GLU D 311 21.28 60.57 21.99
N VAL D 312 21.49 60.13 23.22
CA VAL D 312 20.75 59.00 23.72
C VAL D 312 19.34 59.48 24.00
N PRO D 313 18.34 58.81 23.42
CA PRO D 313 16.93 59.17 23.59
C PRO D 313 16.43 58.91 24.98
N LYS D 314 15.49 59.70 25.50
CA LYS D 314 15.09 59.35 26.85
C LYS D 314 13.95 58.37 26.67
N LEU D 315 14.21 57.13 27.07
CA LEU D 315 13.23 56.10 26.95
C LEU D 315 13.35 55.29 28.19
N ASN D 316 12.18 54.82 28.65
CA ASN D 316 12.06 54.00 29.83
C ASN D 316 12.33 52.59 29.31
N ILE D 317 12.60 51.68 30.24
CA ILE D 317 12.90 50.29 29.94
C ILE D 317 11.64 49.87 29.25
N PRO D 318 11.77 49.20 28.10
CA PRO D 318 10.62 48.74 27.30
C PRO D 318 9.80 47.63 27.90
N MET D 319 9.01 47.99 28.90
CA MET D 319 8.13 47.11 29.62
C MET D 319 6.76 47.65 29.57
N GLY D 320 5.78 46.80 29.34
CA GLY D 320 4.42 47.28 29.30
C GLY D 320 4.03 47.67 27.90
N LEU D 321 2.75 47.99 27.76
CA LEU D 321 2.22 48.40 26.48
C LEU D 321 2.76 49.75 25.99
N ASP D 322 2.68 50.77 26.83
CA ASP D 322 3.14 52.11 26.43
C ASP D 322 4.64 52.26 26.21
N TRP D 323 5.44 51.73 27.11
CA TRP D 323 6.88 51.86 26.97
C TRP D 323 7.40 51.08 25.76
N THR D 324 6.82 49.95 25.43
CA THR D 324 7.21 49.17 24.27
C THR D 324 6.87 49.95 22.99
N ASP D 325 5.70 50.58 23.02
CA ASP D 325 5.26 51.36 21.85
C ASP D 325 6.29 52.48 21.59
N GLU D 326 6.69 53.13 22.67
CA GLU D 326 7.62 54.23 22.67
C GLU D 326 8.97 53.81 22.19
N PHE D 327 9.41 52.65 22.59
CA PHE D 327 10.74 52.14 22.20
C PHE D 327 10.75 51.87 20.70
N LEU D 328 9.69 51.26 20.21
CA LEU D 328 9.56 50.89 18.78
C LEU D 328 9.43 52.12 17.87
N MET D 329 8.66 53.09 18.29
CA MET D 329 8.45 54.31 17.53
C MET D 329 9.80 55.01 17.47
N LYS D 330 10.48 55.07 18.58
CA LYS D 330 11.80 55.73 18.67
C LYS D 330 12.80 55.07 17.77
N VAL D 331 12.83 53.75 17.74
CA VAL D 331 13.76 53.00 16.91
C VAL D 331 13.38 53.35 15.49
N SER D 332 12.08 53.45 15.24
CA SER D 332 11.62 53.77 13.92
C SER D 332 12.14 55.13 13.53
N GLU D 333 12.08 56.08 14.44
CA GLU D 333 12.59 57.38 14.07
C GLU D 333 14.11 57.31 13.86
N ILE D 334 14.89 56.65 14.73
CA ILE D 334 16.33 56.60 14.52
C ILE D 334 16.77 55.79 13.30
N SER D 335 16.20 54.62 13.14
CA SER D 335 16.48 53.70 12.01
C SER D 335 16.00 54.22 10.63
N GLY D 336 14.79 54.77 10.66
CA GLY D 336 14.16 55.29 9.47
C GLY D 336 13.30 54.16 8.90
N GLN D 337 13.41 52.99 9.53
CA GLN D 337 12.64 51.80 9.16
C GLN D 337 11.26 51.87 9.87
N PRO D 338 10.16 51.50 9.19
CA PRO D 338 8.79 51.47 9.72
C PRO D 338 8.53 50.28 10.66
N ILE D 339 7.50 50.39 11.49
CA ILE D 339 7.21 49.27 12.38
C ILE D 339 6.38 48.36 11.46
N PRO D 340 6.81 47.11 11.32
CA PRO D 340 6.16 46.12 10.48
C PRO D 340 4.83 45.66 10.98
N ALA D 341 4.11 45.03 10.06
CA ALA D 341 2.78 44.52 10.29
C ALA D 341 2.85 43.49 11.34
N SER D 342 3.92 42.71 11.30
CA SER D 342 4.10 41.65 12.27
C SER D 342 4.15 42.16 13.68
N LEU D 343 4.90 43.21 13.95
CA LEU D 343 4.95 43.71 15.31
C LEU D 343 3.65 44.32 15.82
N THR D 344 2.92 44.97 14.92
CA THR D 344 1.65 45.63 15.26
C THR D 344 0.63 44.54 15.63
N LYS D 345 0.74 43.37 15.03
CA LYS D 345 -0.20 42.29 15.34
C LYS D 345 0.05 41.84 16.76
N GLU D 346 1.33 41.77 17.14
CA GLU D 346 1.73 41.32 18.46
C GLU D 346 1.15 42.28 19.49
N ARG D 347 1.23 43.57 19.25
CA ARG D 347 0.71 44.52 20.18
C ARG D 347 -0.77 44.27 20.31
N GLY D 348 -1.43 43.98 19.20
CA GLY D 348 -2.88 43.72 19.18
C GLY D 348 -3.29 42.59 20.12
N ARG D 349 -2.49 41.54 20.08
CA ARG D 349 -2.66 40.35 20.87
C ARG D 349 -2.44 40.69 22.34
N LEU D 350 -1.47 41.53 22.64
CA LEU D 350 -1.24 41.85 24.02
C LEU D 350 -2.50 42.52 24.57
N VAL D 351 -3.08 43.44 23.81
CA VAL D 351 -4.28 44.16 24.25
C VAL D 351 -5.45 43.22 24.40
N ASP D 352 -5.55 42.26 23.48
CA ASP D 352 -6.62 41.26 23.48
C ASP D 352 -6.43 40.45 24.77
N MET D 353 -5.21 40.10 25.15
CA MET D 353 -5.01 39.34 26.38
C MET D 353 -5.42 40.23 27.55
N MET D 354 -5.13 41.51 27.45
CA MET D 354 -5.48 42.43 28.51
C MET D 354 -6.99 42.56 28.64
N THR D 355 -7.73 42.69 27.54
CA THR D 355 -9.17 42.83 27.62
C THR D 355 -9.72 41.52 28.18
N ASP D 356 -9.21 40.40 27.71
CA ASP D 356 -9.65 39.05 28.14
C ASP D 356 -9.45 38.77 29.62
N SER D 357 -8.33 39.18 30.20
CA SER D 357 -8.02 38.97 31.62
C SER D 357 -8.26 40.16 32.58
N HIS D 358 -8.87 41.23 32.11
CA HIS D 358 -9.08 42.41 32.98
C HIS D 358 -9.91 42.26 34.22
N THR D 359 -11.05 41.56 34.19
CA THR D 359 -11.85 41.42 35.41
C THR D 359 -11.06 40.70 36.56
N TRP D 360 -10.33 39.63 36.32
CA TRP D 360 -9.59 38.99 37.43
C TRP D 360 -8.46 39.92 37.96
N LEU D 361 -7.73 40.54 37.06
CA LEU D 361 -6.64 41.43 37.40
C LEU D 361 -7.04 42.75 38.08
N HIS D 362 -8.23 43.22 37.77
CA HIS D 362 -8.62 44.51 38.34
C HIS D 362 -8.68 44.67 39.84
N GLY D 363 -8.01 45.72 40.29
CA GLY D 363 -7.98 46.02 41.70
C GLY D 363 -7.10 45.15 42.55
N LYS D 364 -6.35 44.24 41.96
CA LYS D 364 -5.51 43.41 42.79
C LYS D 364 -4.40 44.22 43.42
N ARG D 365 -4.11 43.95 44.69
CA ARG D 365 -3.06 44.67 45.41
C ARG D 365 -1.73 43.91 45.44
N PHE D 366 -0.68 44.57 45.01
CA PHE D 366 0.65 43.97 44.97
C PHE D 366 1.73 44.72 45.71
N ALA D 367 2.63 43.96 46.31
CA ALA D 367 3.75 44.52 47.04
C ALA D 367 4.88 43.98 46.13
N LEU D 368 5.76 44.85 45.60
CA LEU D 368 6.83 44.34 44.75
C LEU D 368 8.18 45.01 44.94
N TRP D 369 9.26 44.29 44.66
CA TRP D 369 10.62 44.82 44.80
C TRP D 369 11.57 44.33 43.71
N GLY D 370 12.65 45.07 43.49
CA GLY D 370 13.61 44.65 42.48
C GLY D 370 14.64 45.72 42.27
N ASP D 371 15.27 45.71 41.09
CA ASP D 371 16.30 46.70 40.74
C ASP D 371 15.41 47.87 40.27
N PRO D 372 15.91 49.11 40.26
CA PRO D 372 14.99 50.20 39.85
C PRO D 372 14.35 50.23 38.47
N ASP D 373 15.04 49.79 37.42
CA ASP D 373 14.41 49.81 36.09
C ASP D 373 13.28 48.83 35.94
N PHE D 374 13.50 47.64 36.41
CA PHE D 374 12.57 46.53 36.36
C PHE D 374 11.35 46.86 37.21
N VAL D 375 11.57 47.40 38.41
CA VAL D 375 10.48 47.72 39.29
C VAL D 375 9.62 48.78 38.67
N MET D 376 10.29 49.75 38.12
CA MET D 376 9.67 50.88 37.47
C MET D 376 8.84 50.38 36.31
N GLY D 377 9.39 49.46 35.55
CA GLY D 377 8.69 48.91 34.40
C GLY D 377 7.46 48.10 34.81
N LEU D 378 7.58 47.33 35.89
CA LEU D 378 6.53 46.49 36.41
C LEU D 378 5.38 47.32 36.96
N VAL D 379 5.73 48.37 37.67
CA VAL D 379 4.77 49.29 38.27
C VAL D 379 3.94 49.93 37.12
N LYS D 380 4.63 50.34 36.06
CA LYS D 380 3.93 50.95 34.94
C LYS D 380 2.96 49.94 34.34
N PHE D 381 3.40 48.72 34.17
CA PHE D 381 2.56 47.70 33.58
C PHE D 381 1.34 47.34 34.42
N LEU D 382 1.52 47.19 35.71
CA LEU D 382 0.45 46.82 36.60
C LEU D 382 -0.62 47.90 36.52
N LEU D 383 -0.18 49.15 36.48
CA LEU D 383 -1.13 50.25 36.40
C LEU D 383 -1.85 50.16 35.07
N GLU D 384 -1.17 49.72 34.03
CA GLU D 384 -1.76 49.61 32.70
C GLU D 384 -2.82 48.51 32.76
N LEU D 385 -2.61 47.55 33.65
CA LEU D 385 -3.55 46.43 33.81
C LEU D 385 -4.65 46.79 34.79
N GLY D 386 -4.56 47.95 35.41
CA GLY D 386 -5.57 48.31 36.35
C GLY D 386 -5.39 47.64 37.70
N CYS D 387 -4.22 47.06 37.93
CA CYS D 387 -3.97 46.42 39.22
C CYS D 387 -3.52 47.55 40.16
N GLU D 388 -3.56 47.32 41.47
CA GLU D 388 -3.13 48.35 42.37
C GLU D 388 -1.82 48.03 43.06
N PRO D 389 -0.72 48.71 42.69
CA PRO D 389 0.49 48.32 43.44
C PRO D 389 0.62 49.03 44.79
N VAL D 390 0.28 48.38 45.89
CA VAL D 390 0.39 49.02 47.20
C VAL D 390 1.77 49.36 47.74
N HIS D 391 2.68 48.39 47.74
CA HIS D 391 4.03 48.63 48.28
C HIS D 391 5.15 48.45 47.24
N ILE D 392 5.87 49.51 46.91
CA ILE D 392 6.94 49.42 45.92
C ILE D 392 8.24 49.70 46.60
N LEU D 393 9.12 48.72 46.54
CA LEU D 393 10.38 48.85 47.17
C LEU D 393 11.59 48.58 46.33
N CYS D 394 12.49 49.56 46.26
CA CYS D 394 13.71 49.35 45.50
C CYS D 394 14.84 49.63 46.52
N HIS D 395 15.60 48.61 46.89
CA HIS D 395 16.67 48.78 47.86
C HIS D 395 17.79 49.62 47.37
N ASN D 396 18.19 49.37 46.16
CA ASN D 396 19.26 50.11 45.57
C ASN D 396 18.82 51.33 44.77
N GLY D 397 17.59 51.80 45.03
CA GLY D 397 17.10 52.99 44.31
C GLY D 397 17.53 54.34 44.88
N ASN D 398 17.11 55.43 44.24
CA ASN D 398 17.44 56.77 44.67
C ASN D 398 16.28 57.76 44.67
N LYS D 399 16.56 59.01 45.08
CA LYS D 399 15.56 60.09 45.15
C LYS D 399 15.02 60.50 43.80
N ARG D 400 15.89 60.59 42.81
CA ARG D 400 15.43 60.98 41.49
C ARG D 400 14.48 59.92 40.94
N TRP D 401 14.87 58.67 41.12
CA TRP D 401 14.13 57.50 40.66
C TRP D 401 12.81 57.44 41.39
N LYS D 402 12.84 57.67 42.69
CA LYS D 402 11.62 57.62 43.47
C LYS D 402 10.66 58.71 42.97
N LYS D 403 11.22 59.84 42.58
CA LYS D 403 10.48 60.98 42.08
C LYS D 403 9.85 60.54 40.75
N ALA D 404 10.61 59.85 39.90
CA ALA D 404 10.17 59.38 38.60
C ALA D 404 8.99 58.41 38.74
N VAL D 405 9.09 57.50 39.69
CA VAL D 405 8.06 56.52 39.95
C VAL D 405 6.78 57.15 40.50
N ASP D 406 6.91 58.09 41.43
CA ASP D 406 5.74 58.73 42.02
C ASP D 406 4.99 59.45 40.90
N ALA D 407 5.74 59.97 39.94
CA ALA D 407 5.17 60.68 38.81
C ALA D 407 4.30 59.70 38.02
N ILE D 408 4.82 58.51 37.81
CA ILE D 408 4.15 57.44 37.08
C ILE D 408 2.88 57.05 37.85
N LEU D 409 2.99 56.92 39.16
CA LEU D 409 1.86 56.55 39.95
C LEU D 409 0.81 57.67 39.96
N ALA D 410 1.26 58.91 39.93
CA ALA D 410 0.34 60.05 39.96
C ALA D 410 -0.48 60.14 38.67
N ALA D 411 0.11 59.70 37.57
CA ALA D 411 -0.52 59.73 36.27
C ALA D 411 -1.71 58.74 36.18
N SER D 412 -1.66 57.69 36.97
CA SER D 412 -2.74 56.70 36.97
C SER D 412 -3.64 56.69 38.22
N PRO D 413 -4.98 56.66 38.03
CA PRO D 413 -5.94 56.64 39.15
C PRO D 413 -5.70 55.36 40.04
N TYR D 414 -5.05 54.39 39.42
CA TYR D 414 -4.69 53.14 40.02
C TYR D 414 -3.62 53.21 41.13
N GLY D 415 -2.61 54.03 40.95
CA GLY D 415 -1.54 54.19 41.94
C GLY D 415 -1.85 55.00 43.22
N LYS D 416 -3.11 55.03 43.64
CA LYS D 416 -3.57 55.78 44.82
C LYS D 416 -3.07 55.30 46.16
N ASN D 417 -3.08 54.00 46.40
CA ASN D 417 -2.62 53.43 47.68
C ASN D 417 -1.12 53.11 47.63
N ALA D 418 -0.55 53.33 46.47
CA ALA D 418 0.85 53.05 46.28
C ALA D 418 1.87 53.94 46.94
N THR D 419 2.87 53.33 47.53
CA THR D 419 3.93 54.05 48.17
C THR D 419 5.31 53.49 47.77
N VAL D 420 6.25 54.35 47.40
CA VAL D 420 7.58 53.90 47.00
C VAL D 420 8.59 54.01 48.13
N TYR D 421 9.33 52.95 48.42
CA TYR D 421 10.32 52.99 49.49
C TYR D 421 11.69 52.64 48.92
N ILE D 422 12.71 53.38 49.34
CA ILE D 422 14.05 53.11 48.85
C ILE D 422 14.95 53.01 50.06
N GLY D 423 16.01 52.22 49.96
CA GLY D 423 16.90 52.09 51.08
C GLY D 423 16.30 51.20 52.16
N LYS D 424 15.13 50.61 51.91
CA LYS D 424 14.43 49.73 52.86
C LYS D 424 14.59 48.26 52.42
N ASP D 425 14.92 47.38 53.34
CA ASP D 425 15.11 45.96 53.06
C ASP D 425 13.84 45.13 53.10
N LEU D 426 13.99 43.82 52.91
CA LEU D 426 12.87 42.89 52.89
C LEU D 426 12.20 42.74 54.28
N TRP D 427 12.96 43.05 55.32
CA TRP D 427 12.51 42.98 56.71
C TRP D 427 11.44 44.09 56.86
N HIS D 428 11.68 45.20 56.21
CA HIS D 428 10.81 46.36 56.21
C HIS D 428 9.52 45.97 55.46
N LEU D 429 9.72 45.29 54.36
CA LEU D 429 8.65 44.83 53.49
C LEU D 429 7.78 43.81 54.22
N ARG D 430 8.41 42.96 55.01
CA ARG D 430 7.68 41.94 55.74
C ARG D 430 6.68 42.64 56.62
N SER D 431 7.14 43.70 57.26
CA SER D 431 6.32 44.50 58.16
C SER D 431 5.21 45.13 57.31
N LEU D 432 5.57 45.64 56.15
CA LEU D 432 4.53 46.25 55.35
C LEU D 432 3.44 45.26 54.92
N VAL D 433 3.80 44.06 54.48
CA VAL D 433 2.75 43.13 54.06
C VAL D 433 1.93 42.78 55.28
N PHE D 434 2.55 42.68 56.46
CA PHE D 434 1.72 42.38 57.60
C PHE D 434 0.78 43.53 57.95
N THR D 435 1.28 44.76 58.04
CA THR D 435 0.35 45.84 58.42
C THR D 435 -0.74 46.22 57.43
N ASP D 436 -0.36 46.33 56.17
CA ASP D 436 -1.29 46.68 55.12
C ASP D 436 -1.08 45.49 54.18
N LYS D 437 -2.10 44.67 53.97
CA LYS D 437 -1.91 43.49 53.13
C LYS D 437 -2.19 43.42 51.67
N PRO D 438 -1.13 43.17 50.90
CA PRO D 438 -1.23 43.04 49.46
C PRO D 438 -1.82 41.69 49.16
N ASP D 439 -2.47 41.56 48.02
CA ASP D 439 -3.03 40.29 47.59
C ASP D 439 -1.85 39.37 47.29
N PHE D 440 -0.87 39.95 46.61
CA PHE D 440 0.35 39.29 46.18
C PHE D 440 1.64 40.07 46.31
N MET D 441 2.76 39.34 46.25
CA MET D 441 4.11 39.90 46.33
C MET D 441 4.83 39.55 45.03
N ILE D 442 5.46 40.50 44.35
CA ILE D 442 6.16 40.12 43.11
C ILE D 442 7.61 40.39 43.49
N GLY D 443 8.45 39.36 43.36
CA GLY D 443 9.85 39.51 43.73
C GLY D 443 10.70 38.23 43.51
N ASN D 444 11.96 38.24 43.98
CA ASN D 444 12.84 37.09 43.83
C ASN D 444 12.60 36.07 44.92
N SER D 445 13.41 35.03 44.89
CA SER D 445 13.28 33.95 45.85
C SER D 445 13.43 34.31 47.32
N TYR D 446 13.90 35.48 47.60
CA TYR D 446 14.08 35.90 48.98
C TYR D 446 12.74 36.07 49.66
N GLY D 447 11.70 36.25 48.86
CA GLY D 447 10.34 36.42 49.37
C GLY D 447 9.61 35.16 49.78
N LYS D 448 10.24 34.05 49.55
CA LYS D 448 9.69 32.75 49.89
C LYS D 448 9.53 32.82 51.41
N PHE D 449 10.52 33.36 52.10
CA PHE D 449 10.51 33.50 53.53
C PHE D 449 9.45 34.52 54.04
N ILE D 450 9.16 35.60 53.32
CA ILE D 450 8.16 36.56 53.79
C ILE D 450 6.81 35.83 53.74
N GLN D 451 6.60 35.07 52.69
CA GLN D 451 5.35 34.32 52.50
C GLN D 451 5.18 33.34 53.65
N ARG D 452 6.26 32.66 54.03
CA ARG D 452 6.26 31.68 55.10
C ARG D 452 5.81 32.37 56.40
N ASP D 453 6.35 33.56 56.65
CA ASP D 453 6.00 34.29 57.85
C ASP D 453 4.53 34.64 57.85
N THR D 454 3.99 35.10 56.75
CA THR D 454 2.57 35.48 56.72
C THR D 454 1.66 34.29 56.94
N LEU D 455 1.95 33.18 56.29
CA LEU D 455 1.09 32.02 56.47
C LEU D 455 1.11 31.62 57.94
N HIS D 456 2.21 31.92 58.62
CA HIS D 456 2.34 31.58 60.03
C HIS D 456 1.30 32.36 60.80
N LYS D 457 1.12 33.64 60.50
CA LYS D 457 0.13 34.36 61.26
C LYS D 457 -1.17 33.67 60.96
N GLY D 458 -1.46 33.37 59.71
CA GLY D 458 -2.70 32.65 59.47
C GLY D 458 -2.88 32.35 58.02
N LYS D 459 -3.86 31.56 57.65
CA LYS D 459 -4.06 31.28 56.24
C LYS D 459 -4.50 32.47 55.48
N GLU D 460 -5.43 33.17 56.08
CA GLU D 460 -6.03 34.36 55.54
C GLU D 460 -5.04 35.52 55.46
N PHE D 461 -4.01 35.52 56.30
CA PHE D 461 -3.03 36.61 56.26
C PHE D 461 -1.86 36.33 55.29
N GLU D 462 -1.77 35.15 54.71
CA GLU D 462 -0.68 34.81 53.82
C GLU D 462 -0.68 35.56 52.50
N VAL D 463 0.51 35.99 52.10
CA VAL D 463 0.64 36.70 50.83
C VAL D 463 1.50 35.82 49.95
N PRO D 464 0.90 35.22 48.91
CA PRO D 464 1.69 34.34 48.03
C PRO D 464 2.68 35.15 47.25
N LEU D 465 3.86 34.59 47.09
CA LEU D 465 4.95 35.23 46.36
C LEU D 465 4.85 34.84 44.89
N ILE D 466 5.02 35.79 43.98
CA ILE D 466 4.98 35.53 42.55
C ILE D 466 6.39 35.87 42.17
N ARG D 467 7.12 34.95 41.55
CA ARG D 467 8.52 35.23 41.19
C ARG D 467 8.89 35.76 39.83
N ILE D 468 9.28 37.03 39.82
CA ILE D 468 9.71 37.70 38.60
C ILE D 468 10.85 38.47 39.25
N GLY D 469 12.03 38.46 38.65
CA GLY D 469 13.11 39.20 39.29
C GLY D 469 14.33 38.34 39.36
N PHE D 470 15.34 38.83 40.07
CA PHE D 470 16.58 38.10 40.25
C PHE D 470 17.06 38.28 41.68
N PRO D 471 17.60 37.22 42.29
CA PRO D 471 17.82 35.83 41.86
C PRO D 471 16.60 34.88 42.09
N ILE D 472 16.42 33.89 41.25
CA ILE D 472 15.30 32.98 41.50
C ILE D 472 16.08 31.66 41.60
N PHE D 473 16.05 31.05 42.78
CA PHE D 473 16.74 29.79 43.06
C PHE D 473 15.83 28.57 43.38
N ASP D 474 14.56 28.79 43.68
CA ASP D 474 13.70 27.67 44.02
C ASP D 474 12.79 27.13 42.94
N ARG D 475 12.97 27.63 41.73
CA ARG D 475 12.16 27.17 40.61
C ARG D 475 13.17 26.97 39.48
N HIS D 476 12.83 26.13 38.51
CA HIS D 476 13.77 25.92 37.43
C HIS D 476 13.43 26.55 36.11
N HIS D 477 14.48 26.99 35.43
CA HIS D 477 14.41 27.62 34.11
C HIS D 477 13.55 28.85 33.94
N LEU D 478 13.33 29.61 35.00
CA LEU D 478 12.52 30.79 34.86
C LEU D 478 13.36 31.85 34.17
N HIS D 479 14.69 31.73 34.23
CA HIS D 479 15.59 32.69 33.63
C HIS D 479 15.52 32.67 32.11
N ARG D 480 14.71 31.75 31.61
CA ARG D 480 14.54 31.63 30.19
C ARG D 480 13.34 32.53 29.79
N SER D 481 12.67 33.15 30.77
CA SER D 481 11.53 34.00 30.49
C SER D 481 11.91 35.35 29.91
N THR D 482 10.89 36.09 29.50
CA THR D 482 11.05 37.41 28.92
C THR D 482 10.21 38.44 29.65
N THR D 483 10.76 39.60 30.02
CA THR D 483 9.91 40.57 30.68
C THR D 483 9.75 41.79 29.78
N LEU D 484 10.66 41.96 28.82
CA LEU D 484 10.66 43.08 27.88
C LEU D 484 9.78 42.89 26.66
N GLY D 485 9.29 44.00 26.15
CA GLY D 485 8.46 43.92 24.95
C GLY D 485 7.07 43.42 25.20
N TYR D 486 6.37 43.16 24.10
CA TYR D 486 4.99 42.65 24.11
C TYR D 486 5.03 41.22 24.66
N GLU D 487 6.01 40.44 24.20
CA GLU D 487 6.16 39.07 24.61
C GLU D 487 6.37 39.03 26.13
N GLY D 488 7.21 39.92 26.61
CA GLY D 488 7.49 39.96 28.03
C GLY D 488 6.20 40.35 28.76
N ALA D 489 5.49 41.32 28.23
CA ALA D 489 4.25 41.76 28.83
C ALA D 489 3.29 40.57 28.87
N MET D 490 3.20 39.80 27.79
CA MET D 490 2.30 38.64 27.71
C MET D 490 2.67 37.60 28.77
N GLN D 491 3.97 37.38 28.97
CA GLN D 491 4.39 36.41 29.95
C GLN D 491 4.02 36.92 31.34
N ILE D 492 4.27 38.19 31.58
CA ILE D 492 3.96 38.74 32.89
C ILE D 492 2.44 38.71 33.11
N LEU D 493 1.65 39.06 32.12
CA LEU D 493 0.21 39.05 32.27
C LEU D 493 -0.33 37.62 32.59
N THR D 494 0.14 36.63 31.89
CA THR D 494 -0.30 35.26 32.09
C THR D 494 0.09 34.79 33.52
N THR D 495 1.30 35.10 33.95
CA THR D 495 1.74 34.69 35.29
C THR D 495 0.86 35.38 36.37
N LEU D 496 0.59 36.67 36.22
CA LEU D 496 -0.23 37.33 37.21
C LEU D 496 -1.68 36.86 37.22
N VAL D 497 -2.32 36.70 36.07
CA VAL D 497 -3.72 36.27 36.09
C VAL D 497 -3.78 34.84 36.59
N ASN D 498 -2.90 34.01 36.12
CA ASN D 498 -2.90 32.65 36.57
C ASN D 498 -2.51 32.51 38.07
N SER D 499 -1.68 33.39 38.57
CA SER D 499 -1.28 33.32 39.97
C SER D 499 -2.56 33.63 40.73
N ILE D 500 -3.29 34.61 40.26
CA ILE D 500 -4.53 34.98 40.92
C ILE D 500 -5.57 33.85 40.87
N LEU D 501 -5.74 33.20 39.72
CA LEU D 501 -6.71 32.10 39.58
C LEU D 501 -6.29 30.84 40.39
N GLU D 502 -5.00 30.58 40.44
CA GLU D 502 -4.44 29.45 41.13
C GLU D 502 -4.81 29.62 42.60
N ARG D 503 -4.68 30.81 43.13
CA ARG D 503 -4.98 31.13 44.51
C ARG D 503 -6.47 31.02 44.80
N LEU D 504 -7.31 31.47 43.91
CA LEU D 504 -8.75 31.41 44.13
C LEU D 504 -9.14 29.95 44.25
N ASP D 505 -8.59 29.10 43.38
CA ASP D 505 -8.88 27.66 43.39
C ASP D 505 -8.48 27.06 44.72
N GLU D 506 -7.33 27.41 45.24
CA GLU D 506 -6.90 26.87 46.52
C GLU D 506 -7.91 27.30 47.60
N GLU D 507 -8.33 28.55 47.58
CA GLU D 507 -9.24 29.03 48.57
C GLU D 507 -10.66 28.42 48.47
N THR D 508 -11.10 28.06 47.29
CA THR D 508 -12.43 27.49 47.15
C THR D 508 -12.44 25.95 47.03
N ARG D 509 -11.30 25.34 47.24
CA ARG D 509 -11.26 23.90 47.11
C ARG D 509 -11.89 23.18 48.30
N GLY D 510 -12.16 23.83 49.41
CA GLY D 510 -12.76 23.02 50.47
C GLY D 510 -14.16 22.50 50.16
N MET D 511 -14.30 21.21 50.44
CA MET D 511 -15.53 20.46 50.22
C MET D 511 -16.67 20.89 51.12
N GLN D 512 -17.76 21.22 50.45
CA GLN D 512 -18.99 21.67 51.09
C GLN D 512 -18.71 22.80 52.05
N ALA D 513 -17.74 23.65 51.72
CA ALA D 513 -17.43 24.75 52.59
C ALA D 513 -17.28 25.93 51.69
N THR D 514 -16.31 25.83 50.77
CA THR D 514 -16.07 26.89 49.83
C THR D 514 -16.10 26.46 48.36
N ASP D 515 -16.37 25.19 48.13
CA ASP D 515 -16.41 24.68 46.79
C ASP D 515 -17.56 25.21 45.96
N TYR D 516 -18.44 25.99 46.56
CA TYR D 516 -19.55 26.47 45.78
C TYR D 516 -18.95 27.43 44.75
N ASN D 517 -17.85 28.05 45.12
CA ASN D 517 -17.22 28.98 44.21
C ASN D 517 -16.03 28.40 43.45
N HIS D 518 -15.83 27.10 43.59
CA HIS D 518 -14.74 26.39 42.92
C HIS D 518 -15.19 26.04 41.50
N ASP D 519 -15.36 27.08 40.66
CA ASP D 519 -15.81 27.01 39.26
C ASP D 519 -14.95 26.38 38.15
N LEU D 520 -15.59 25.62 37.25
CA LEU D 520 -14.92 24.95 36.12
C LEU D 520 -14.40 25.97 35.13
N VAL D 521 -15.24 26.96 34.84
CA VAL D 521 -14.88 27.98 33.91
C VAL D 521 -14.71 29.30 34.60
N ARG D 522 -13.52 29.87 34.40
CA ARG D 522 -13.17 31.19 34.97
C ARG D 522 -12.64 32.07 33.84
N ALA E 1 -68.96 16.84 26.75
CA ALA E 1 -70.04 17.04 25.73
C ALA E 1 -69.68 16.40 24.39
N MET E 2 -68.50 16.74 23.87
CA MET E 2 -67.99 16.23 22.60
C MET E 2 -67.28 14.88 22.66
N ARG E 3 -67.76 13.92 21.86
CA ARG E 3 -67.16 12.60 21.86
C ARG E 3 -66.27 12.40 20.65
N GLN E 4 -65.06 11.90 20.87
CA GLN E 4 -64.13 11.68 19.77
C GLN E 4 -63.91 10.17 19.75
N CYS E 5 -64.18 9.55 18.59
CA CYS E 5 -64.02 8.10 18.45
C CYS E 5 -63.04 7.78 17.36
N ALA E 6 -62.26 6.75 17.59
CA ALA E 6 -61.25 6.34 16.63
C ALA E 6 -61.42 4.95 16.00
N ILE E 7 -61.46 4.88 14.66
CA ILE E 7 -61.61 3.61 13.94
C ILE E 7 -60.23 2.95 13.71
N TYR E 8 -60.16 1.72 14.19
CA TYR E 8 -58.99 0.84 14.16
C TYR E 8 -59.30 -0.50 13.44
N GLY E 9 -58.34 -1.04 12.68
CA GLY E 9 -58.58 -2.31 11.99
C GLY E 9 -57.35 -2.74 11.22
N LYS E 10 -57.38 -3.87 10.53
CA LYS E 10 -56.21 -4.34 9.77
C LYS E 10 -56.27 -3.62 8.44
N GLY E 11 -55.14 -3.44 7.78
CA GLY E 11 -55.21 -2.75 6.51
C GLY E 11 -55.97 -3.60 5.51
N GLY E 12 -56.67 -2.92 4.60
CA GLY E 12 -57.45 -3.60 3.59
C GLY E 12 -58.80 -4.11 4.04
N ILE E 13 -59.18 -3.84 5.28
CA ILE E 13 -60.49 -4.33 5.75
C ILE E 13 -61.61 -3.33 5.76
N GLY E 14 -61.41 -2.11 5.25
CA GLY E 14 -62.53 -1.19 5.29
C GLY E 14 -62.67 -0.05 6.29
N LYS E 15 -61.63 0.30 7.03
CA LYS E 15 -61.73 1.38 8.01
C LYS E 15 -61.92 2.76 7.31
N SER E 16 -61.18 3.04 6.24
CA SER E 16 -61.32 4.35 5.59
C SER E 16 -62.71 4.42 5.02
N THR E 17 -63.10 3.33 4.39
CA THR E 17 -64.38 3.19 3.75
C THR E 17 -65.50 3.18 4.76
N THR E 18 -65.32 2.44 5.82
CA THR E 18 -66.37 2.34 6.82
C THR E 18 -66.61 3.65 7.56
N THR E 19 -65.53 4.30 7.93
CA THR E 19 -65.58 5.55 8.67
C THR E 19 -66.24 6.67 7.89
N GLN E 20 -65.88 6.79 6.63
CA GLN E 20 -66.38 7.82 5.71
C GLN E 20 -67.88 7.70 5.55
N ASN E 21 -68.33 6.49 5.39
CA ASN E 21 -69.74 6.24 5.23
C ASN E 21 -70.60 6.54 6.45
N LEU E 22 -70.10 6.15 7.60
CA LEU E 22 -70.73 6.34 8.90
C LEU E 22 -70.81 7.85 9.16
N VAL E 23 -69.75 8.59 8.86
CA VAL E 23 -69.66 10.04 9.03
C VAL E 23 -70.61 10.76 8.06
N ALA E 24 -70.74 10.32 6.80
CA ALA E 24 -71.65 10.97 5.83
C ALA E 24 -73.12 10.73 6.29
N ALA E 25 -73.40 9.59 6.92
CA ALA E 25 -74.75 9.26 7.41
C ALA E 25 -74.98 10.26 8.54
N LEU E 26 -73.97 10.48 9.39
CA LEU E 26 -73.98 11.40 10.53
C LEU E 26 -74.17 12.85 10.04
N ALA E 27 -73.50 13.21 8.95
CA ALA E 27 -73.54 14.54 8.32
C ALA E 27 -74.93 14.83 7.71
N GLU E 28 -75.52 13.78 7.14
CA GLU E 28 -76.83 13.76 6.47
C GLU E 28 -77.82 14.00 7.62
N MET E 29 -77.42 13.49 8.79
CA MET E 29 -78.12 13.57 10.08
C MET E 29 -77.97 14.99 10.69
N GLY E 30 -77.06 15.77 10.09
CA GLY E 30 -76.80 17.13 10.54
C GLY E 30 -75.72 17.24 11.59
N LYS E 31 -75.21 16.12 12.08
CA LYS E 31 -74.16 16.21 13.07
C LYS E 31 -72.91 16.77 12.33
N LYS E 32 -72.18 17.67 13.00
CA LYS E 32 -70.95 18.32 12.50
C LYS E 32 -69.80 17.39 12.88
N VAL E 33 -69.01 16.96 11.90
CA VAL E 33 -67.90 16.05 12.15
C VAL E 33 -66.59 16.37 11.46
N MET E 34 -65.50 16.02 12.10
CA MET E 34 -64.19 16.24 11.53
C MET E 34 -63.60 14.84 11.53
N ILE E 35 -62.93 14.52 10.44
CA ILE E 35 -62.28 13.24 10.27
C ILE E 35 -60.81 13.55 10.10
N VAL E 36 -59.96 12.97 10.94
CA VAL E 36 -58.53 13.22 10.85
C VAL E 36 -57.95 11.85 10.49
N GLY E 37 -57.21 11.71 9.41
CA GLY E 37 -56.72 10.37 9.18
C GLY E 37 -55.30 10.22 9.62
N CYS E 38 -55.05 9.16 10.39
CA CYS E 38 -53.72 8.86 10.92
C CYS E 38 -53.01 7.81 10.09
N ASP E 39 -53.73 7.29 9.10
CA ASP E 39 -53.24 6.27 8.19
C ASP E 39 -52.33 6.84 7.07
N PRO E 40 -51.14 6.25 6.88
CA PRO E 40 -50.15 6.65 5.86
C PRO E 40 -50.70 6.54 4.43
N LYS E 41 -51.75 5.74 4.27
CA LYS E 41 -52.37 5.51 2.98
C LYS E 41 -52.97 6.86 2.56
N ALA E 42 -53.62 7.56 3.49
CA ALA E 42 -54.27 8.89 3.28
C ALA E 42 -55.44 8.97 2.28
N ASP E 43 -56.13 7.84 2.15
CA ASP E 43 -57.31 7.63 1.27
C ASP E 43 -58.55 7.71 2.18
N SER E 44 -58.26 8.04 3.43
CA SER E 44 -59.22 8.17 4.53
C SER E 44 -60.26 9.24 4.26
N THR E 45 -59.80 10.38 3.77
CA THR E 45 -60.62 11.54 3.47
C THR E 45 -61.03 11.68 2.03
N ARG E 46 -60.76 10.67 1.25
CA ARG E 46 -61.09 10.71 -0.16
C ARG E 46 -62.58 10.71 -0.60
N LEU E 47 -63.44 9.87 -0.04
CA LEU E 47 -64.85 9.84 -0.47
C LEU E 47 -65.66 11.10 -0.14
N ILE E 48 -65.53 11.63 1.07
CA ILE E 48 -66.28 12.82 1.45
C ILE E 48 -65.78 14.03 0.62
N LEU E 49 -64.47 14.14 0.50
CA LEU E 49 -63.81 15.20 -0.25
C LEU E 49 -64.00 15.15 -1.78
N HIS E 50 -64.03 13.94 -2.36
CA HIS E 50 -64.17 13.80 -3.81
C HIS E 50 -62.90 14.32 -4.46
N SER E 51 -61.78 14.04 -3.81
CA SER E 51 -60.47 14.47 -4.29
C SER E 51 -59.59 13.24 -4.44
N LYS E 52 -58.71 13.26 -5.43
CA LYS E 52 -57.83 12.14 -5.68
C LYS E 52 -56.96 11.90 -4.47
N ALA E 53 -56.30 12.94 -3.98
CA ALA E 53 -55.46 12.75 -2.84
C ALA E 53 -55.61 13.94 -1.92
N GLN E 54 -55.53 13.74 -0.61
CA GLN E 54 -55.64 14.91 0.23
C GLN E 54 -54.26 15.22 0.75
N ASN E 55 -53.83 16.45 0.51
CA ASN E 55 -52.51 16.83 0.95
C ASN E 55 -52.54 16.71 2.48
N THR E 56 -51.51 16.05 3.01
CA THR E 56 -51.33 15.82 4.43
C THR E 56 -50.68 17.05 5.05
N ILE E 57 -50.76 17.12 6.37
CA ILE E 57 -50.18 18.24 7.10
C ILE E 57 -48.71 18.11 6.76
N MET E 58 -48.22 16.89 6.80
CA MET E 58 -46.83 16.56 6.50
C MET E 58 -46.46 16.97 5.06
N GLU E 59 -47.29 16.72 4.06
CA GLU E 59 -46.92 17.10 2.71
C GLU E 59 -46.92 18.65 2.62
N MET E 60 -47.92 19.33 3.18
CA MET E 60 -48.00 20.80 3.14
C MET E 60 -46.91 21.48 3.97
N ALA E 61 -46.66 20.95 5.15
CA ALA E 61 -45.64 21.45 6.07
C ALA E 61 -44.21 21.23 5.57
N ALA E 62 -43.98 20.21 4.74
CA ALA E 62 -42.63 19.92 4.21
C ALA E 62 -42.13 21.01 3.26
N GLU E 63 -42.98 21.47 2.34
CA GLU E 63 -42.63 22.49 1.38
C GLU E 63 -42.41 23.79 2.12
N ALA E 64 -43.31 24.08 3.05
CA ALA E 64 -43.26 25.29 3.86
C ALA E 64 -41.99 25.06 4.70
N GLY E 65 -41.86 23.84 5.20
CA GLY E 65 -40.74 23.42 6.01
C GLY E 65 -40.89 23.50 7.51
N THR E 66 -41.92 24.15 8.01
CA THR E 66 -42.10 24.23 9.45
C THR E 66 -43.59 24.07 9.75
N VAL E 67 -43.92 23.45 10.88
CA VAL E 67 -45.31 23.24 11.24
C VAL E 67 -46.27 24.38 11.59
N GLU E 68 -45.88 25.36 12.42
CA GLU E 68 -46.81 26.46 12.78
C GLU E 68 -46.90 27.49 11.65
N ASP E 69 -45.96 27.34 10.70
CA ASP E 69 -45.80 28.19 9.52
C ASP E 69 -46.97 27.97 8.58
N LEU E 70 -47.33 26.71 8.45
CA LEU E 70 -48.43 26.25 7.61
C LEU E 70 -49.84 26.68 8.10
N GLU E 71 -50.70 27.05 7.14
CA GLU E 71 -52.09 27.50 7.34
C GLU E 71 -53.11 26.37 7.55
N LEU E 72 -54.06 26.63 8.45
CA LEU E 72 -55.15 25.70 8.84
C LEU E 72 -56.12 25.49 7.69
N GLU E 73 -56.47 26.57 6.99
CA GLU E 73 -57.41 26.51 5.88
C GLU E 73 -56.81 25.65 4.76
N ASP E 74 -55.53 25.85 4.46
CA ASP E 74 -54.97 25.05 3.39
C ASP E 74 -54.94 23.60 3.87
N VAL E 75 -54.52 23.36 5.10
CA VAL E 75 -54.49 21.98 5.64
C VAL E 75 -55.83 21.26 5.89
N LEU E 76 -56.79 21.96 6.47
CA LEU E 76 -58.11 21.39 6.76
C LEU E 76 -59.12 21.91 5.74
N LYS E 77 -59.77 21.01 5.00
CA LYS E 77 -60.74 21.40 3.98
C LYS E 77 -62.08 20.74 4.25
N ALA E 78 -63.16 21.47 4.01
CA ALA E 78 -64.50 20.95 4.21
C ALA E 78 -65.06 20.03 3.13
N GLY E 79 -65.57 18.88 3.57
CA GLY E 79 -66.17 17.84 2.73
C GLY E 79 -67.68 18.00 2.55
N TYR E 80 -68.32 16.92 2.08
CA TYR E 80 -69.77 16.82 1.84
C TYR E 80 -70.57 16.87 3.15
N GLY E 81 -71.69 17.56 3.14
CA GLY E 81 -72.51 17.65 4.33
C GLY E 81 -71.85 18.46 5.44
N GLY E 82 -70.87 19.28 5.05
CA GLY E 82 -70.14 20.11 6.00
C GLY E 82 -69.08 19.43 6.87
N VAL E 83 -68.69 18.18 6.58
CA VAL E 83 -67.68 17.43 7.37
C VAL E 83 -66.23 17.87 7.18
N LYS E 84 -65.48 17.99 8.28
CA LYS E 84 -64.07 18.42 8.20
C LYS E 84 -63.13 17.24 7.98
N CYS E 85 -62.32 17.30 6.92
CA CYS E 85 -61.38 16.22 6.62
C CYS E 85 -59.94 16.68 6.56
N VAL E 86 -59.08 15.91 7.19
CA VAL E 86 -57.66 16.22 7.22
C VAL E 86 -56.84 14.92 7.28
N GLU E 87 -55.65 14.93 6.68
CA GLU E 87 -54.78 13.76 6.68
C GLU E 87 -53.59 14.04 7.61
N SER E 88 -53.34 13.14 8.55
CA SER E 88 -52.22 13.31 9.49
C SER E 88 -50.97 13.16 8.67
N GLY E 89 -50.98 12.15 7.80
CA GLY E 89 -49.81 11.94 6.97
C GLY E 89 -48.72 11.21 7.71
N GLY E 90 -47.52 11.27 7.14
CA GLY E 90 -46.39 10.61 7.75
C GLY E 90 -45.05 10.74 7.01
N PRO E 91 -44.00 10.12 7.56
CA PRO E 91 -42.59 10.02 7.15
C PRO E 91 -42.31 9.12 5.96
N GLU E 92 -41.12 9.29 5.38
CA GLU E 92 -40.70 8.49 4.23
C GLU E 92 -40.41 7.07 4.77
N PRO E 93 -40.63 6.03 3.95
CA PRO E 93 -40.35 4.73 4.55
C PRO E 93 -38.96 4.59 5.14
N GLY E 94 -38.88 3.90 6.27
CA GLY E 94 -37.59 3.70 6.92
C GLY E 94 -36.97 4.87 7.67
N VAL E 95 -37.69 5.98 7.76
CA VAL E 95 -37.23 7.18 8.45
C VAL E 95 -38.10 7.60 9.64
N GLY E 96 -37.51 7.80 10.83
CA GLY E 96 -38.33 8.21 11.96
C GLY E 96 -39.38 7.16 12.22
N CYS E 97 -40.49 7.55 12.85
CA CYS E 97 -41.60 6.65 13.16
C CYS E 97 -42.82 7.14 12.39
N ALA E 98 -43.54 6.19 11.82
CA ALA E 98 -44.73 6.45 11.02
C ALA E 98 -45.74 6.99 11.98
N GLY E 99 -45.80 6.37 13.15
CA GLY E 99 -46.72 6.76 14.21
C GLY E 99 -46.57 8.18 14.76
N ARG E 100 -45.37 8.74 14.69
CA ARG E 100 -45.11 10.08 15.19
C ARG E 100 -45.84 11.09 14.32
N GLY E 101 -46.01 10.76 13.04
CA GLY E 101 -46.70 11.65 12.14
C GLY E 101 -48.13 11.91 12.61
N VAL E 102 -48.74 10.96 13.31
CA VAL E 102 -50.10 11.10 13.82
C VAL E 102 -50.06 12.18 14.90
N ILE E 103 -49.03 12.11 15.74
CA ILE E 103 -48.90 13.06 16.87
C ILE E 103 -48.67 14.52 16.56
N THR E 104 -47.81 14.85 15.64
CA THR E 104 -47.58 16.25 15.31
C THR E 104 -48.84 16.81 14.64
N ALA E 105 -49.47 16.00 13.81
CA ALA E 105 -50.68 16.34 13.07
C ALA E 105 -51.83 16.59 14.05
N ILE E 106 -51.99 15.76 15.08
CA ILE E 106 -53.06 15.96 16.05
C ILE E 106 -52.82 17.24 16.91
N ASN E 107 -51.57 17.49 17.34
CA ASN E 107 -51.23 18.66 18.17
C ASN E 107 -51.39 19.94 17.37
N PHE E 108 -51.07 19.91 16.08
CA PHE E 108 -51.17 21.08 15.20
C PHE E 108 -52.65 21.51 15.19
N LEU E 109 -53.56 20.57 15.07
CA LEU E 109 -54.99 20.83 15.04
C LEU E 109 -55.47 21.39 16.40
N GLU E 110 -54.98 20.88 17.51
CA GLU E 110 -55.39 21.39 18.83
C GLU E 110 -54.95 22.86 18.99
N GLU E 111 -53.70 23.14 18.59
CA GLU E 111 -53.10 24.47 18.67
C GLU E 111 -53.79 25.41 17.70
N GLU E 112 -54.13 24.90 16.54
CA GLU E 112 -54.81 25.66 15.50
C GLU E 112 -56.29 25.82 15.84
N GLY E 113 -56.78 25.08 16.83
CA GLY E 113 -58.19 25.23 17.17
C GLY E 113 -59.26 24.47 16.41
N ALA E 114 -58.93 23.29 15.89
CA ALA E 114 -59.87 22.49 15.14
C ALA E 114 -60.93 22.04 16.17
N TYR E 115 -60.49 21.62 17.35
CA TYR E 115 -61.35 21.17 18.45
C TYR E 115 -61.99 22.40 19.12
N GLU E 116 -63.02 22.19 19.97
CA GLU E 116 -63.70 23.30 20.65
C GLU E 116 -64.29 24.24 19.59
N ASP E 117 -64.65 23.62 18.48
CA ASP E 117 -65.25 24.24 17.30
C ASP E 117 -66.71 23.75 17.36
N ASP E 118 -67.12 23.22 18.52
CA ASP E 118 -68.48 22.70 18.71
C ASP E 118 -68.78 21.55 17.76
N LEU E 119 -67.73 20.80 17.46
CA LEU E 119 -67.83 19.65 16.58
C LEU E 119 -68.50 18.54 17.41
N ASP E 120 -69.53 17.93 16.83
CA ASP E 120 -70.25 16.87 17.51
C ASP E 120 -69.44 15.59 17.70
N PHE E 121 -68.76 15.19 16.62
CA PHE E 121 -67.93 13.97 16.63
C PHE E 121 -66.60 14.12 15.91
N VAL E 122 -65.61 13.36 16.37
CA VAL E 122 -64.28 13.40 15.76
C VAL E 122 -63.96 11.91 15.59
N PHE E 123 -63.51 11.54 14.39
CA PHE E 123 -63.18 10.14 14.11
C PHE E 123 -61.77 10.05 13.62
N TYR E 124 -61.03 9.07 14.09
CA TYR E 124 -59.65 8.95 13.64
C TYR E 124 -59.54 7.67 12.86
N ASP E 125 -59.09 7.80 11.61
CA ASP E 125 -58.92 6.65 10.78
C ASP E 125 -57.52 6.32 11.26
N VAL E 126 -57.33 5.11 11.78
CA VAL E 126 -56.02 4.73 12.29
C VAL E 126 -55.60 3.36 11.75
N LEU E 127 -54.30 3.13 11.66
CA LEU E 127 -53.81 1.85 11.16
C LEU E 127 -53.81 0.92 12.38
N GLY E 128 -54.50 -0.21 12.26
CA GLY E 128 -54.60 -1.17 13.34
C GLY E 128 -53.73 -2.41 13.42
N ASP E 129 -52.87 -2.62 12.43
CA ASP E 129 -52.01 -3.79 12.41
C ASP E 129 -50.90 -3.96 13.44
N VAL E 130 -50.16 -2.88 13.70
CA VAL E 130 -49.07 -2.91 14.66
C VAL E 130 -49.35 -1.97 15.85
N VAL E 131 -49.27 -2.49 17.08
CA VAL E 131 -49.51 -1.63 18.23
C VAL E 131 -48.09 -1.17 18.55
N CYS E 132 -47.92 0.15 18.49
CA CYS E 132 -46.67 0.85 18.73
C CYS E 132 -46.98 2.10 19.51
N GLY E 133 -45.98 2.63 20.20
CA GLY E 133 -46.20 3.84 20.96
C GLY E 133 -46.67 4.93 20.00
N GLY E 134 -46.01 5.02 18.85
CA GLY E 134 -46.38 6.04 17.87
C GLY E 134 -47.75 5.73 17.30
N PHE E 135 -48.02 4.48 16.95
CA PHE E 135 -49.34 4.12 16.43
C PHE E 135 -50.47 4.16 17.43
N ALA E 136 -50.13 3.80 18.66
CA ALA E 136 -51.04 3.74 19.80
C ALA E 136 -50.99 5.08 20.56
N MET E 137 -50.52 6.13 19.88
CA MET E 137 -50.44 7.44 20.50
C MET E 137 -51.84 7.97 20.74
N PRO E 138 -52.74 7.83 19.77
CA PRO E 138 -54.05 8.36 20.11
C PRO E 138 -54.59 7.68 21.39
N ILE E 139 -54.21 6.43 21.60
CA ILE E 139 -54.61 5.69 22.79
C ILE E 139 -53.93 6.29 24.07
N ARG E 140 -52.63 6.60 23.99
CA ARG E 140 -51.87 7.15 25.14
C ARG E 140 -52.28 8.52 25.61
N GLU E 141 -52.35 9.50 24.72
CA GLU E 141 -52.78 10.83 25.15
C GLU E 141 -54.24 10.49 24.95
N ASN E 142 -55.17 11.16 25.62
CA ASN E 142 -56.53 10.74 25.35
C ASN E 142 -57.07 11.42 24.10
N LYS E 143 -56.50 11.07 22.97
CA LYS E 143 -56.96 11.66 21.73
C LYS E 143 -58.37 11.10 21.51
N ALA E 144 -58.53 9.79 21.72
CA ALA E 144 -59.86 9.25 21.52
C ALA E 144 -60.42 8.37 22.65
N GLN E 145 -61.58 8.77 23.16
CA GLN E 145 -62.29 8.08 24.21
C GLN E 145 -62.89 6.72 23.89
N GLU E 146 -63.57 6.63 22.76
CA GLU E 146 -64.21 5.39 22.32
C GLU E 146 -63.56 4.92 21.05
N ILE E 147 -63.11 3.68 21.06
CA ILE E 147 -62.44 3.10 19.90
C ILE E 147 -63.26 2.01 19.26
N TYR E 148 -63.48 2.11 17.95
CA TYR E 148 -64.25 1.08 17.29
C TYR E 148 -63.31 0.38 16.34
N ILE E 149 -63.22 -0.94 16.52
CA ILE E 149 -62.37 -1.81 15.70
C ILE E 149 -63.13 -2.61 14.62
N VAL E 150 -62.70 -2.50 13.36
CA VAL E 150 -63.32 -3.20 12.24
C VAL E 150 -62.72 -4.61 12.19
N CYS E 151 -63.56 -5.63 12.23
CA CYS E 151 -63.10 -7.01 12.23
C CYS E 151 -63.97 -7.90 11.36
N SER E 152 -63.42 -9.02 10.90
CA SER E 152 -64.11 -9.99 10.05
C SER E 152 -63.77 -11.42 10.34
N GLY E 153 -64.31 -12.33 9.52
CA GLY E 153 -64.10 -13.76 9.68
C GLY E 153 -62.70 -14.43 9.64
N GLU E 154 -61.72 -13.79 9.04
CA GLU E 154 -60.35 -14.34 8.94
C GLU E 154 -59.53 -14.25 10.26
N MET E 155 -58.38 -14.90 10.29
CA MET E 155 -57.49 -14.94 11.45
C MET E 155 -56.88 -13.58 11.74
N MET E 156 -56.43 -12.88 10.71
CA MET E 156 -55.79 -11.56 10.85
C MET E 156 -56.64 -10.42 11.45
N ALA E 157 -57.90 -10.27 11.04
CA ALA E 157 -58.79 -9.21 11.54
C ALA E 157 -59.12 -9.42 13.02
N MET E 158 -59.36 -10.65 13.42
CA MET E 158 -59.68 -11.02 14.80
C MET E 158 -58.46 -10.76 15.70
N TYR E 159 -57.27 -11.15 15.23
CA TYR E 159 -55.96 -11.02 15.96
C TYR E 159 -55.57 -9.53 16.15
N ALA E 160 -55.75 -8.74 15.11
CA ALA E 160 -55.44 -7.33 15.12
C ALA E 160 -56.44 -6.72 16.11
N ALA E 161 -57.69 -7.18 16.08
CA ALA E 161 -58.76 -6.67 16.96
C ALA E 161 -58.37 -6.88 18.44
N ASN E 162 -57.85 -8.07 18.69
CA ASN E 162 -57.41 -8.51 20.00
C ASN E 162 -56.20 -7.66 20.43
N ASN E 163 -55.28 -7.42 19.51
CA ASN E 163 -54.09 -6.64 19.80
C ASN E 163 -54.39 -5.20 20.14
N ILE E 164 -55.28 -4.59 19.39
CA ILE E 164 -55.68 -3.22 19.61
C ILE E 164 -56.39 -3.21 20.96
N SER E 165 -57.15 -4.25 21.24
CA SER E 165 -57.85 -4.35 22.51
C SER E 165 -56.77 -4.51 23.62
N LYS E 166 -55.63 -5.13 23.29
CA LYS E 166 -54.53 -5.34 24.26
C LYS E 166 -54.00 -3.96 24.67
N GLY E 167 -53.88 -3.09 23.68
CA GLY E 167 -53.41 -1.70 23.79
C GLY E 167 -54.32 -0.82 24.65
N ILE E 168 -55.62 -0.97 24.44
CA ILE E 168 -56.56 -0.17 25.19
C ILE E 168 -56.40 -0.61 26.66
N VAL E 169 -56.17 -1.89 26.92
CA VAL E 169 -55.99 -2.44 28.27
C VAL E 169 -54.79 -1.86 29.05
N LYS E 170 -53.63 -1.71 28.41
CA LYS E 170 -52.41 -1.17 29.04
C LYS E 170 -52.63 0.28 29.46
N TYR E 171 -53.25 1.11 28.64
CA TYR E 171 -53.49 2.51 28.97
C TYR E 171 -54.81 2.89 29.68
N ALA E 172 -55.45 1.92 30.33
CA ALA E 172 -56.71 2.17 31.03
C ALA E 172 -56.57 3.06 32.26
N ASN E 173 -55.56 2.86 33.12
CA ASN E 173 -55.48 3.73 34.30
C ASN E 173 -55.20 5.20 33.95
N SER E 174 -54.27 5.48 33.05
CA SER E 174 -54.01 6.87 32.71
C SER E 174 -55.16 7.55 31.96
N GLY E 175 -55.70 6.84 30.97
CA GLY E 175 -56.79 7.36 30.17
C GLY E 175 -58.23 7.00 30.48
N SER E 176 -59.10 7.55 29.65
CA SER E 176 -60.54 7.40 29.67
C SER E 176 -60.89 6.52 28.45
N VAL E 177 -59.85 5.93 27.85
CA VAL E 177 -59.99 5.08 26.68
C VAL E 177 -60.76 3.76 26.92
N ARG E 178 -61.81 3.56 26.14
CA ARG E 178 -62.65 2.38 26.22
C ARG E 178 -62.93 1.85 24.82
N LEU E 179 -63.24 0.56 24.73
CA LEU E 179 -63.52 -0.01 23.41
C LEU E 179 -65.03 0.17 23.23
N GLY E 180 -65.33 0.99 22.21
CA GLY E 180 -66.68 1.33 21.81
C GLY E 180 -67.57 0.25 21.22
N GLY E 181 -67.02 -0.55 20.31
CA GLY E 181 -67.79 -1.63 19.69
C GLY E 181 -66.89 -2.37 18.71
N LEU E 182 -67.44 -3.39 18.06
CA LEU E 182 -66.71 -4.17 17.06
C LEU E 182 -67.62 -4.06 15.85
N ILE E 183 -67.11 -3.54 14.74
CA ILE E 183 -67.92 -3.40 13.54
C ILE E 183 -67.45 -4.53 12.61
N CYS E 184 -68.38 -5.36 12.16
CA CYS E 184 -67.98 -6.44 11.30
C CYS E 184 -68.22 -6.19 9.84
N ASN E 185 -67.13 -6.30 9.07
CA ASN E 185 -67.18 -6.08 7.64
C ASN E 185 -67.32 -7.47 6.99
N SER E 186 -68.26 -7.63 6.06
CA SER E 186 -68.45 -8.92 5.42
C SER E 186 -67.35 -9.32 4.45
N ARG E 187 -66.86 -10.53 4.70
CA ARG E 187 -65.82 -11.22 3.95
C ARG E 187 -66.63 -12.30 3.25
N ASN E 188 -67.94 -12.16 3.30
CA ASN E 188 -68.83 -13.14 2.71
C ASN E 188 -68.52 -14.56 3.20
N THR E 189 -68.18 -14.60 4.49
CA THR E 189 -67.84 -15.78 5.29
C THR E 189 -69.14 -16.52 5.60
N ASP E 190 -69.09 -17.84 5.77
CA ASP E 190 -70.33 -18.56 6.03
C ASP E 190 -70.90 -18.20 7.40
N ARG E 191 -70.09 -18.15 8.45
CA ARG E 191 -70.66 -17.80 9.77
C ARG E 191 -69.78 -16.74 10.41
N GLU E 192 -69.69 -15.62 9.69
CA GLU E 192 -68.93 -14.44 10.04
C GLU E 192 -69.45 -13.64 11.26
N ASP E 193 -70.78 -13.47 11.28
CA ASP E 193 -71.50 -12.73 12.30
C ASP E 193 -71.55 -13.32 13.68
N GLU E 194 -71.78 -14.62 13.75
CA GLU E 194 -71.84 -15.34 15.01
C GLU E 194 -70.41 -15.34 15.59
N LEU E 195 -69.44 -15.42 14.69
CA LEU E 195 -68.00 -15.44 15.03
C LEU E 195 -67.50 -14.13 15.63
N ILE E 196 -67.92 -13.01 15.06
CA ILE E 196 -67.49 -11.72 15.55
C ILE E 196 -68.09 -11.47 16.93
N ILE E 197 -69.37 -11.80 17.10
CA ILE E 197 -70.07 -11.64 18.37
C ILE E 197 -69.49 -12.59 19.43
N ALA E 198 -69.14 -13.80 19.02
CA ALA E 198 -68.57 -14.82 19.91
C ALA E 198 -67.19 -14.30 20.33
N LEU E 199 -66.43 -13.77 19.38
CA LEU E 199 -65.09 -13.24 19.62
C LEU E 199 -65.33 -12.01 20.51
N ALA E 200 -66.38 -11.27 20.21
CA ALA E 200 -66.79 -10.05 20.93
C ALA E 200 -67.19 -10.28 22.40
N ASN E 201 -67.98 -11.32 22.67
CA ASN E 201 -68.48 -11.67 24.01
C ASN E 201 -67.39 -12.01 24.99
N LYS E 202 -66.44 -12.80 24.52
CA LYS E 202 -65.31 -13.24 25.30
C LYS E 202 -64.56 -11.95 25.63
N LEU E 203 -64.47 -11.08 24.64
CA LEU E 203 -63.77 -9.81 24.77
C LEU E 203 -64.43 -8.88 25.80
N GLY E 204 -65.74 -8.80 25.76
CA GLY E 204 -66.45 -7.94 26.68
C GLY E 204 -67.18 -6.81 26.02
N THR E 205 -67.30 -6.85 24.71
CA THR E 205 -68.03 -5.79 24.05
C THR E 205 -68.91 -6.44 23.02
N GLN E 206 -70.07 -5.84 22.81
CA GLN E 206 -71.04 -6.31 21.86
C GLN E 206 -70.68 -5.76 20.46
N MET E 207 -70.82 -6.58 19.42
CA MET E 207 -70.50 -6.14 18.09
C MET E 207 -71.61 -5.17 17.78
N ILE E 208 -71.24 -3.94 17.44
CA ILE E 208 -72.25 -2.93 17.17
C ILE E 208 -73.13 -3.08 15.92
N HIS E 209 -72.54 -3.44 14.79
CA HIS E 209 -73.34 -3.62 13.60
C HIS E 209 -72.67 -4.56 12.57
N PHE E 210 -73.47 -5.30 11.80
CA PHE E 210 -72.94 -6.23 10.79
C PHE E 210 -73.07 -5.54 9.42
N VAL E 211 -71.96 -5.41 8.70
CA VAL E 211 -72.00 -4.76 7.38
C VAL E 211 -71.80 -5.72 6.21
N PRO E 212 -72.81 -5.81 5.35
CA PRO E 212 -72.72 -6.71 4.19
C PRO E 212 -71.83 -6.19 3.06
N ARG E 213 -71.38 -7.10 2.20
CA ARG E 213 -70.53 -6.76 1.06
C ARG E 213 -71.44 -6.35 -0.09
N ASP E 214 -71.26 -5.15 -0.64
CA ASP E 214 -72.11 -4.71 -1.74
C ASP E 214 -71.28 -4.02 -2.81
N ASN E 215 -71.71 -4.22 -4.06
CA ASN E 215 -71.06 -3.66 -5.24
C ASN E 215 -71.34 -2.19 -5.42
N VAL E 216 -72.31 -1.73 -4.66
CA VAL E 216 -72.76 -0.33 -4.65
C VAL E 216 -71.57 0.43 -4.05
N VAL E 217 -70.99 -0.14 -3.02
CA VAL E 217 -69.85 0.42 -2.30
C VAL E 217 -68.67 0.61 -3.25
N GLN E 218 -68.42 -0.37 -4.08
CA GLN E 218 -67.34 -0.37 -5.04
C GLN E 218 -67.51 0.76 -6.09
N ARG E 219 -68.73 0.89 -6.56
CA ARG E 219 -69.16 1.84 -7.58
C ARG E 219 -69.10 3.29 -7.09
N ALA E 220 -69.50 3.53 -5.85
CA ALA E 220 -69.51 4.86 -5.26
C ALA E 220 -68.06 5.30 -5.14
N GLU E 221 -67.19 4.37 -4.77
CA GLU E 221 -65.76 4.66 -4.60
C GLU E 221 -65.09 5.11 -5.89
N ILE E 222 -65.47 4.55 -7.02
CA ILE E 222 -64.84 4.94 -8.27
C ILE E 222 -65.26 6.38 -8.56
N ARG E 223 -66.52 6.72 -8.38
CA ARG E 223 -66.99 8.09 -8.61
C ARG E 223 -66.41 9.11 -7.57
N ARG E 224 -65.66 8.58 -6.59
CA ARG E 224 -65.02 9.33 -5.48
C ARG E 224 -66.00 9.93 -4.48
N MET E 225 -67.05 9.17 -4.20
CA MET E 225 -68.10 9.56 -3.27
C MET E 225 -68.60 8.42 -2.36
N THR E 226 -69.30 8.78 -1.29
CA THR E 226 -69.84 7.82 -0.33
C THR E 226 -71.10 7.12 -0.88
N VAL E 227 -71.43 5.98 -0.28
CA VAL E 227 -72.59 5.17 -0.67
C VAL E 227 -73.87 5.88 -0.33
N ILE E 228 -73.88 6.48 0.84
CA ILE E 228 -75.01 7.23 1.37
C ILE E 228 -75.19 8.32 0.32
N GLU E 229 -74.11 8.99 -0.04
CA GLU E 229 -74.20 10.02 -1.04
C GLU E 229 -74.52 9.56 -2.48
N TYR E 230 -73.88 8.50 -2.97
CA TYR E 230 -74.19 8.10 -4.34
C TYR E 230 -75.60 7.57 -4.49
N ASP E 231 -76.01 6.64 -3.62
CA ASP E 231 -77.37 6.10 -3.70
C ASP E 231 -78.03 6.10 -2.30
N PRO E 232 -78.88 7.09 -2.03
CA PRO E 232 -79.57 7.21 -0.75
C PRO E 232 -80.59 6.10 -0.51
N LYS E 233 -81.13 5.62 -1.62
CA LYS E 233 -82.16 4.60 -1.70
C LYS E 233 -81.68 3.16 -1.43
N ALA E 234 -80.37 2.95 -1.50
CA ALA E 234 -79.72 1.66 -1.30
C ALA E 234 -79.73 1.06 0.12
N LYS E 235 -79.70 -0.27 0.16
CA LYS E 235 -79.73 -1.10 1.36
C LYS E 235 -78.42 -0.90 2.14
N GLN E 236 -77.32 -0.85 1.40
CA GLN E 236 -75.99 -0.67 1.94
C GLN E 236 -75.98 0.76 2.49
N ALA E 237 -76.59 1.68 1.76
CA ALA E 237 -76.65 3.08 2.19
C ALA E 237 -77.46 3.11 3.48
N ASP E 238 -78.55 2.39 3.53
CA ASP E 238 -79.39 2.34 4.75
C ASP E 238 -78.68 1.61 5.91
N GLU E 239 -77.75 0.73 5.57
CA GLU E 239 -76.95 -0.08 6.52
C GLU E 239 -76.01 0.83 7.32
N TYR E 240 -75.38 1.74 6.61
CA TYR E 240 -74.43 2.68 7.18
C TYR E 240 -75.18 3.58 8.17
N ARG E 241 -76.39 3.96 7.83
CA ARG E 241 -77.18 4.82 8.71
C ARG E 241 -77.41 4.03 10.02
N ALA E 242 -77.49 2.70 9.93
CA ALA E 242 -77.71 1.85 11.10
C ALA E 242 -76.52 1.87 12.05
N LEU E 243 -75.33 1.82 11.48
CA LEU E 243 -74.10 1.82 12.27
C LEU E 243 -73.96 3.22 12.93
N ALA E 244 -74.24 4.26 12.16
CA ALA E 244 -74.16 5.67 12.56
C ALA E 244 -75.25 5.97 13.62
N ARG E 245 -76.43 5.38 13.41
CA ARG E 245 -77.60 5.50 14.30
C ARG E 245 -77.20 4.78 15.62
N LYS E 246 -76.58 3.61 15.47
CA LYS E 246 -76.09 2.75 16.56
C LYS E 246 -74.94 3.39 17.29
N VAL E 247 -74.05 4.08 16.59
CA VAL E 247 -72.90 4.71 17.23
C VAL E 247 -73.41 5.86 18.13
N VAL E 248 -74.38 6.67 17.68
CA VAL E 248 -74.92 7.77 18.50
C VAL E 248 -75.65 7.14 19.68
N ASP E 249 -76.42 6.11 19.40
CA ASP E 249 -77.23 5.37 20.36
C ASP E 249 -76.36 4.56 21.35
N ASN E 250 -75.31 3.86 20.89
CA ASN E 250 -74.49 3.09 21.84
C ASN E 250 -73.86 3.97 22.90
N LYS E 251 -74.04 3.48 24.12
CA LYS E 251 -73.54 4.12 25.32
C LYS E 251 -72.66 3.14 26.08
N LEU E 252 -72.21 2.06 25.44
CA LEU E 252 -71.38 1.07 26.14
C LEU E 252 -69.89 1.06 25.77
N LEU E 253 -69.09 1.53 26.72
CA LEU E 253 -67.65 1.62 26.59
C LEU E 253 -67.15 0.68 27.64
N VAL E 254 -66.34 -0.27 27.22
CA VAL E 254 -65.81 -1.25 28.15
C VAL E 254 -64.31 -1.42 28.02
N ILE E 255 -63.70 -1.75 29.14
CA ILE E 255 -62.28 -1.97 29.13
C ILE E 255 -62.29 -3.46 28.73
N PRO E 256 -61.59 -3.78 27.63
CA PRO E 256 -61.47 -5.12 27.06
C PRO E 256 -60.70 -6.16 27.82
N ASN E 257 -61.14 -7.39 27.66
CA ASN E 257 -60.41 -8.45 28.31
C ASN E 257 -59.78 -9.05 27.05
N PRO E 258 -58.45 -8.88 26.90
CA PRO E 258 -57.82 -9.44 25.69
C PRO E 258 -57.93 -10.96 25.76
N ILE E 259 -58.19 -11.62 24.64
CA ILE E 259 -58.30 -13.06 24.63
C ILE E 259 -56.99 -13.66 24.16
N THR E 260 -56.77 -14.90 24.58
CA THR E 260 -55.59 -15.71 24.28
C THR E 260 -55.68 -16.20 22.84
N MET E 261 -54.54 -16.52 22.26
CA MET E 261 -54.45 -16.99 20.89
C MET E 261 -55.23 -18.27 20.67
N ASP E 262 -55.11 -19.19 21.62
CA ASP E 262 -55.79 -20.51 21.57
C ASP E 262 -57.33 -20.43 21.58
N GLU E 263 -57.88 -19.57 22.46
CA GLU E 263 -59.31 -19.38 22.61
C GLU E 263 -59.71 -18.89 21.23
N LEU E 264 -58.84 -18.11 20.60
CA LEU E 264 -59.11 -17.59 19.28
C LEU E 264 -59.08 -18.85 18.40
N GLU E 265 -58.20 -19.82 18.68
CA GLU E 265 -58.14 -21.05 17.86
C GLU E 265 -59.42 -21.89 18.04
N GLU E 266 -59.88 -22.05 19.29
CA GLU E 266 -61.08 -22.84 19.60
C GLU E 266 -62.27 -22.15 18.97
N LEU E 267 -62.30 -20.85 19.12
CA LEU E 267 -63.34 -19.95 18.60
C LEU E 267 -63.43 -19.92 17.07
N LEU E 268 -62.31 -19.90 16.39
CA LEU E 268 -62.37 -19.86 14.94
C LEU E 268 -62.93 -21.20 14.54
N MET E 269 -62.48 -22.24 15.26
CA MET E 269 -62.86 -23.65 15.08
C MET E 269 -64.33 -23.89 15.46
N GLU E 270 -64.87 -23.12 16.39
CA GLU E 270 -66.27 -23.31 16.82
C GLU E 270 -67.28 -22.96 15.71
N PHE E 271 -67.08 -21.84 15.02
CA PHE E 271 -68.05 -21.49 13.97
C PHE E 271 -67.62 -21.74 12.52
N ALA F 1 -20.78 -19.30 0.41
CA ALA F 1 -21.30 -18.12 1.18
C ALA F 1 -22.68 -18.38 1.74
N MET F 2 -22.83 -18.18 3.04
CA MET F 2 -24.10 -18.37 3.73
C MET F 2 -25.07 -17.27 3.23
N ARG F 3 -26.35 -17.57 3.00
CA ARG F 3 -27.32 -16.58 2.50
C ARG F 3 -28.48 -16.01 3.36
N GLN F 4 -28.75 -14.70 3.28
CA GLN F 4 -29.84 -14.12 4.07
C GLN F 4 -30.97 -13.56 3.22
N CYS F 5 -32.15 -14.09 3.51
CA CYS F 5 -33.41 -13.75 2.83
C CYS F 5 -34.57 -13.29 3.71
N ALA F 6 -35.34 -12.36 3.18
CA ALA F 6 -36.50 -11.81 3.86
C ALA F 6 -37.86 -11.88 3.12
N ILE F 7 -38.93 -12.20 3.85
CA ILE F 7 -40.26 -12.28 3.26
C ILE F 7 -40.93 -11.15 4.00
N TYR F 8 -41.41 -10.17 3.25
CA TYR F 8 -42.05 -9.02 3.83
C TYR F 8 -43.42 -8.94 3.12
N GLY F 9 -44.48 -8.52 3.80
CA GLY F 9 -45.75 -8.43 3.11
C GLY F 9 -46.84 -7.95 4.02
N LYS F 10 -48.03 -7.80 3.44
CA LYS F 10 -49.19 -7.35 4.20
C LYS F 10 -49.58 -8.54 5.03
N GLY F 11 -49.98 -8.28 6.25
CA GLY F 11 -50.37 -9.37 7.13
C GLY F 11 -51.53 -10.20 6.59
N GLY F 12 -51.57 -11.50 6.94
CA GLY F 12 -52.63 -12.35 6.45
C GLY F 12 -52.54 -12.81 4.99
N ILE F 13 -51.45 -12.45 4.31
CA ILE F 13 -51.26 -12.83 2.92
C ILE F 13 -50.49 -14.12 2.71
N GLY F 14 -50.03 -14.74 3.78
CA GLY F 14 -49.30 -15.98 3.59
C GLY F 14 -47.81 -15.86 3.63
N LYS F 15 -47.31 -14.88 4.36
CA LYS F 15 -45.88 -14.72 4.40
C LYS F 15 -45.26 -15.90 5.12
N SER F 16 -45.85 -16.29 6.24
CA SER F 16 -45.38 -17.39 7.10
C SER F 16 -45.48 -18.80 6.50
N THR F 17 -46.63 -19.01 5.88
CA THR F 17 -46.94 -20.28 5.27
C THR F 17 -46.02 -20.48 4.09
N THR F 18 -45.85 -19.44 3.29
CA THR F 18 -44.99 -19.52 2.11
C THR F 18 -43.49 -19.68 2.52
N THR F 19 -43.06 -18.91 3.51
CA THR F 19 -41.69 -18.94 3.99
C THR F 19 -41.29 -20.27 4.58
N GLN F 20 -42.18 -20.84 5.38
CA GLN F 20 -41.95 -22.11 6.05
C GLN F 20 -41.92 -23.25 5.04
N ASN F 21 -42.86 -23.23 4.10
CA ASN F 21 -42.97 -24.25 3.08
C ASN F 21 -41.75 -24.24 2.15
N LEU F 22 -41.30 -23.07 1.73
CA LEU F 22 -40.13 -22.94 0.84
C LEU F 22 -38.89 -23.54 1.53
N VAL F 23 -38.72 -23.25 2.83
CA VAL F 23 -37.60 -23.71 3.66
C VAL F 23 -37.72 -25.24 3.86
N ALA F 24 -38.92 -25.78 3.87
CA ALA F 24 -39.13 -27.22 4.05
C ALA F 24 -38.55 -27.88 2.79
N ALA F 25 -38.86 -27.29 1.63
CA ALA F 25 -38.43 -27.77 0.31
C ALA F 25 -36.91 -27.75 0.19
N LEU F 26 -36.29 -26.69 0.65
CA LEU F 26 -34.84 -26.48 0.63
C LEU F 26 -34.31 -27.52 1.61
N ALA F 27 -35.06 -27.75 2.68
CA ALA F 27 -34.66 -28.73 3.67
C ALA F 27 -34.77 -30.06 2.93
N GLU F 28 -35.73 -30.20 2.00
CA GLU F 28 -35.93 -31.44 1.21
C GLU F 28 -34.69 -31.65 0.29
N MET F 29 -34.25 -30.55 -0.31
CA MET F 29 -33.10 -30.50 -1.21
C MET F 29 -31.83 -30.78 -0.39
N GLY F 30 -31.76 -30.20 0.81
CA GLY F 30 -30.60 -30.41 1.64
C GLY F 30 -29.74 -29.22 2.01
N LYS F 31 -30.25 -28.02 1.73
CA LYS F 31 -29.51 -26.84 2.07
C LYS F 31 -29.73 -26.71 3.59
N LYS F 32 -28.74 -26.27 4.35
CA LYS F 32 -28.93 -26.12 5.81
C LYS F 32 -29.61 -24.73 5.91
N VAL F 33 -30.79 -24.66 6.53
CA VAL F 33 -31.51 -23.40 6.64
C VAL F 33 -32.02 -23.09 8.05
N MET F 34 -32.05 -21.78 8.35
CA MET F 34 -32.50 -21.18 9.62
C MET F 34 -33.61 -20.16 9.41
N ILE F 35 -34.71 -20.28 10.16
CA ILE F 35 -35.83 -19.34 10.04
C ILE F 35 -36.02 -18.56 11.32
N VAL F 36 -36.10 -17.24 11.16
CA VAL F 36 -36.31 -16.30 12.24
C VAL F 36 -37.58 -15.50 11.87
N GLY F 37 -38.58 -15.46 12.75
CA GLY F 37 -39.77 -14.71 12.42
C GLY F 37 -39.71 -13.44 13.22
N CYS F 38 -39.79 -12.32 12.50
CA CYS F 38 -39.73 -10.98 13.09
C CYS F 38 -41.13 -10.41 13.22
N ASP F 39 -42.11 -11.22 12.87
CA ASP F 39 -43.52 -10.86 12.95
C ASP F 39 -43.90 -11.15 14.42
N PRO F 40 -44.75 -10.28 15.01
CA PRO F 40 -45.18 -10.50 16.40
C PRO F 40 -46.03 -11.76 16.59
N LYS F 41 -46.64 -12.28 15.54
CA LYS F 41 -47.49 -13.46 15.69
C LYS F 41 -46.73 -14.68 16.15
N ALA F 42 -45.57 -14.94 15.57
CA ALA F 42 -44.76 -16.11 15.92
C ALA F 42 -45.35 -17.51 15.56
N ASP F 43 -46.22 -17.52 14.55
CA ASP F 43 -46.87 -18.74 14.05
C ASP F 43 -46.05 -19.09 12.82
N SER F 44 -45.02 -18.28 12.69
CA SER F 44 -44.03 -18.31 11.66
C SER F 44 -43.17 -19.57 11.77
N THR F 45 -42.81 -19.96 12.98
CA THR F 45 -41.98 -21.18 13.15
C THR F 45 -42.84 -22.38 13.50
N ARG F 46 -44.16 -22.21 13.53
CA ARG F 46 -45.08 -23.31 13.89
C ARG F 46 -45.21 -24.53 12.99
N LEU F 47 -45.28 -24.37 11.69
CA LEU F 47 -45.41 -25.53 10.83
C LEU F 47 -44.14 -26.39 10.84
N ILE F 48 -42.97 -25.78 10.77
CA ILE F 48 -41.71 -26.54 10.80
C ILE F 48 -41.47 -27.19 12.17
N LEU F 49 -41.74 -26.41 13.21
CA LEU F 49 -41.57 -26.83 14.60
C LEU F 49 -42.50 -27.93 15.15
N HIS F 50 -43.76 -27.95 14.75
CA HIS F 50 -44.70 -28.96 15.27
C HIS F 50 -44.93 -28.62 16.72
N SER F 51 -45.13 -27.33 16.97
CA SER F 51 -45.37 -26.86 18.31
C SER F 51 -46.50 -25.88 18.09
N LYS F 52 -47.38 -25.79 19.06
CA LYS F 52 -48.52 -24.91 18.97
C LYS F 52 -47.95 -23.50 19.01
N ALA F 53 -47.01 -23.29 19.90
CA ALA F 53 -46.42 -21.98 20.00
C ALA F 53 -44.97 -22.09 20.23
N GLN F 54 -44.26 -21.05 19.88
CA GLN F 54 -42.86 -21.09 20.12
C GLN F 54 -42.57 -19.96 21.06
N ASN F 55 -41.86 -20.30 22.13
CA ASN F 55 -41.48 -19.33 23.16
C ASN F 55 -40.39 -18.51 22.47
N THR F 56 -40.47 -17.20 22.61
CA THR F 56 -39.51 -16.30 22.02
C THR F 56 -38.33 -15.88 22.92
N ILE F 57 -37.43 -15.14 22.28
CA ILE F 57 -36.23 -14.58 22.86
C ILE F 57 -36.77 -13.55 23.83
N MET F 58 -37.76 -12.79 23.36
CA MET F 58 -38.39 -11.74 24.17
C MET F 58 -39.04 -12.31 25.44
N GLU F 59 -39.81 -13.40 25.30
CA GLU F 59 -40.50 -14.07 26.45
C GLU F 59 -39.48 -14.72 27.38
N MET F 60 -38.53 -15.39 26.75
CA MET F 60 -37.45 -16.10 27.41
C MET F 60 -36.44 -15.17 28.11
N ALA F 61 -36.20 -14.00 27.52
CA ALA F 61 -35.27 -13.00 28.05
C ALA F 61 -35.84 -12.42 29.36
N ALA F 62 -37.17 -12.34 29.41
CA ALA F 62 -37.92 -11.83 30.57
C ALA F 62 -38.03 -13.01 31.53
N GLU F 63 -38.38 -12.80 32.80
CA GLU F 63 -38.49 -13.91 33.75
C GLU F 63 -37.02 -14.20 34.08
N ALA F 64 -36.24 -14.43 33.04
CA ALA F 64 -34.80 -14.70 33.12
C ALA F 64 -34.31 -13.31 33.60
N GLY F 65 -34.88 -12.32 32.93
CA GLY F 65 -34.62 -10.91 33.15
C GLY F 65 -33.34 -10.33 32.56
N THR F 66 -32.54 -11.16 31.89
CA THR F 66 -31.29 -10.65 31.28
C THR F 66 -31.16 -11.32 29.90
N VAL F 67 -30.81 -10.55 28.87
CA VAL F 67 -30.69 -11.14 27.54
C VAL F 67 -29.56 -12.15 27.30
N GLU F 68 -28.33 -11.87 27.71
CA GLU F 68 -27.21 -12.80 27.51
C GLU F 68 -27.18 -14.00 28.45
N ASP F 69 -27.96 -13.86 29.53
CA ASP F 69 -28.13 -14.85 30.60
C ASP F 69 -28.89 -16.03 30.00
N LEU F 70 -29.77 -15.70 29.05
CA LEU F 70 -30.61 -16.66 28.35
C LEU F 70 -29.74 -17.53 27.44
N GLU F 71 -29.98 -18.83 27.52
CA GLU F 71 -29.26 -19.83 26.74
C GLU F 71 -29.76 -20.07 25.31
N LEU F 72 -28.82 -20.36 24.41
CA LEU F 72 -29.09 -20.59 22.97
C LEU F 72 -29.88 -21.85 22.65
N GLU F 73 -29.56 -22.97 23.31
CA GLU F 73 -30.21 -24.25 23.08
C GLU F 73 -31.69 -24.01 23.43
N ASP F 74 -31.99 -23.32 24.52
CA ASP F 74 -33.39 -23.11 24.87
C ASP F 74 -34.03 -22.19 23.83
N VAL F 75 -33.33 -21.13 23.46
CA VAL F 75 -33.86 -20.20 22.48
C VAL F 75 -34.01 -20.73 21.05
N LEU F 76 -33.02 -21.46 20.52
CA LEU F 76 -33.14 -21.99 19.15
C LEU F 76 -33.32 -23.49 19.20
N LYS F 77 -34.40 -23.96 18.60
CA LYS F 77 -34.73 -25.38 18.56
C LYS F 77 -34.88 -25.83 17.12
N ALA F 78 -34.20 -26.92 16.78
CA ALA F 78 -34.22 -27.48 15.44
C ALA F 78 -35.45 -28.27 14.97
N GLY F 79 -35.90 -27.90 13.76
CA GLY F 79 -37.03 -28.49 13.08
C GLY F 79 -36.86 -29.66 12.12
N TYR F 80 -37.89 -29.79 11.28
CA TYR F 80 -38.00 -30.81 10.24
C TYR F 80 -36.94 -30.47 9.21
N GLY F 81 -36.27 -31.51 8.73
CA GLY F 81 -35.23 -31.30 7.73
C GLY F 81 -34.00 -30.75 8.41
N GLY F 82 -34.04 -30.67 9.75
CA GLY F 82 -32.92 -30.14 10.52
C GLY F 82 -32.78 -28.61 10.52
N VAL F 83 -33.78 -27.89 10.02
CA VAL F 83 -33.76 -26.44 9.96
C VAL F 83 -34.00 -25.80 11.34
N LYS F 84 -33.17 -24.84 11.70
CA LYS F 84 -33.29 -24.16 12.98
C LYS F 84 -34.46 -23.16 12.91
N CYS F 85 -35.33 -23.18 13.92
CA CYS F 85 -36.49 -22.26 13.96
C CYS F 85 -36.40 -21.41 15.21
N VAL F 86 -36.43 -20.09 15.05
CA VAL F 86 -36.34 -19.20 16.17
C VAL F 86 -37.35 -18.04 16.09
N GLU F 87 -37.76 -17.50 17.25
CA GLU F 87 -38.71 -16.39 17.27
C GLU F 87 -38.28 -15.11 17.99
N SER F 88 -38.24 -14.02 17.22
CA SER F 88 -37.85 -12.71 17.71
C SER F 88 -38.92 -12.25 18.66
N GLY F 89 -40.17 -12.45 18.25
CA GLY F 89 -41.28 -12.02 19.09
C GLY F 89 -41.24 -10.53 19.34
N GLY F 90 -41.84 -10.06 20.42
CA GLY F 90 -41.84 -8.62 20.72
C GLY F 90 -42.54 -8.15 22.00
N PRO F 91 -42.54 -6.82 22.29
CA PRO F 91 -43.18 -6.28 23.49
C PRO F 91 -44.68 -6.34 23.58
N GLU F 92 -45.18 -6.17 24.80
CA GLU F 92 -46.61 -6.21 25.04
C GLU F 92 -47.00 -4.94 24.31
N PRO F 93 -48.15 -4.94 23.62
CA PRO F 93 -48.61 -3.77 22.86
C PRO F 93 -48.71 -2.39 23.53
N GLY F 94 -48.37 -1.37 22.77
CA GLY F 94 -48.41 -0.01 23.26
C GLY F 94 -47.19 0.42 24.05
N VAL F 95 -46.34 -0.54 24.38
CA VAL F 95 -45.14 -0.27 25.13
C VAL F 95 -43.95 -0.45 24.20
N GLY F 96 -43.12 0.59 24.20
CA GLY F 96 -41.93 0.64 23.37
C GLY F 96 -42.20 0.54 21.87
N CYS F 97 -41.16 0.09 21.18
CA CYS F 97 -41.21 -0.08 19.74
C CYS F 97 -41.09 -1.57 19.48
N ALA F 98 -42.04 -2.07 18.70
CA ALA F 98 -42.16 -3.48 18.33
C ALA F 98 -41.05 -4.06 17.46
N GLY F 99 -40.66 -3.32 16.44
CA GLY F 99 -39.61 -3.76 15.53
C GLY F 99 -38.28 -3.88 16.25
N ARG F 100 -38.21 -3.19 17.38
CA ARG F 100 -37.03 -3.17 18.19
C ARG F 100 -36.77 -4.58 18.71
N GLY F 101 -37.80 -5.29 19.17
CA GLY F 101 -37.59 -6.63 19.68
C GLY F 101 -36.95 -7.54 18.62
N VAL F 102 -37.15 -7.20 17.35
CA VAL F 102 -36.61 -7.94 16.21
C VAL F 102 -35.08 -7.83 16.18
N ILE F 103 -34.61 -6.62 16.43
CA ILE F 103 -33.19 -6.27 16.43
C ILE F 103 -32.40 -6.91 17.57
N THR F 104 -32.96 -6.95 18.77
CA THR F 104 -32.29 -7.52 19.90
C THR F 104 -32.17 -9.01 19.63
N ALA F 105 -33.15 -9.57 18.94
CA ALA F 105 -33.14 -11.00 18.63
C ALA F 105 -32.04 -11.40 17.65
N ILE F 106 -31.84 -10.63 16.59
CA ILE F 106 -30.80 -10.93 15.59
C ILE F 106 -29.39 -10.76 16.16
N ASN F 107 -29.30 -9.78 17.04
CA ASN F 107 -28.09 -9.39 17.74
C ASN F 107 -27.77 -10.53 18.67
N PHE F 108 -28.81 -11.05 19.32
CA PHE F 108 -28.69 -12.17 20.25
C PHE F 108 -28.26 -13.38 19.47
N LEU F 109 -28.88 -13.57 18.31
CA LEU F 109 -28.56 -14.70 17.47
C LEU F 109 -27.12 -14.51 16.94
N GLU F 110 -26.73 -13.31 16.52
CA GLU F 110 -25.36 -13.10 16.00
C GLU F 110 -24.31 -13.27 17.10
N GLU F 111 -24.56 -12.72 18.26
CA GLU F 111 -23.62 -12.78 19.39
C GLU F 111 -23.52 -14.21 19.89
N GLU F 112 -24.64 -14.90 20.01
CA GLU F 112 -24.61 -16.29 20.50
C GLU F 112 -24.13 -17.30 19.44
N GLY F 113 -23.71 -16.80 18.26
CA GLY F 113 -23.20 -17.66 17.20
C GLY F 113 -24.02 -18.52 16.23
N ALA F 114 -25.24 -18.13 15.92
CA ALA F 114 -26.07 -18.92 15.02
C ALA F 114 -25.55 -18.93 13.57
N TYR F 115 -25.12 -17.80 13.05
CA TYR F 115 -24.60 -17.67 11.66
C TYR F 115 -23.16 -18.25 11.55
N GLU F 116 -22.61 -18.37 10.33
CA GLU F 116 -21.23 -18.92 10.17
C GLU F 116 -21.22 -20.33 10.73
N ASP F 117 -22.39 -20.93 10.65
CA ASP F 117 -22.67 -22.26 11.11
C ASP F 117 -22.83 -23.06 9.83
N ASP F 118 -22.43 -22.40 8.75
CA ASP F 118 -22.50 -22.96 7.41
C ASP F 118 -23.91 -23.31 6.96
N LEU F 119 -24.86 -22.50 7.46
CA LEU F 119 -26.24 -22.70 7.11
C LEU F 119 -26.23 -22.13 5.72
N ASP F 120 -26.81 -22.87 4.79
CA ASP F 120 -26.87 -22.46 3.42
C ASP F 120 -27.77 -21.24 3.25
N PHE F 121 -28.94 -21.25 3.90
CA PHE F 121 -29.89 -20.13 3.81
C PHE F 121 -30.48 -19.73 5.14
N VAL F 122 -30.87 -18.46 5.22
CA VAL F 122 -31.49 -17.89 6.43
C VAL F 122 -32.77 -17.16 6.03
N PHE F 123 -33.89 -17.48 6.65
CA PHE F 123 -35.11 -16.80 6.27
C PHE F 123 -35.76 -15.96 7.35
N TYR F 124 -36.07 -14.73 6.98
CA TYR F 124 -36.69 -13.78 7.89
C TYR F 124 -38.15 -13.52 7.48
N ASP F 125 -39.04 -13.65 8.45
CA ASP F 125 -40.48 -13.45 8.27
C ASP F 125 -40.63 -12.07 8.94
N VAL F 126 -41.15 -11.08 8.22
CA VAL F 126 -41.30 -9.75 8.77
C VAL F 126 -42.65 -9.12 8.46
N LEU F 127 -43.13 -8.29 9.38
CA LEU F 127 -44.41 -7.66 9.14
C LEU F 127 -44.14 -6.53 8.14
N GLY F 128 -44.77 -6.63 6.98
CA GLY F 128 -44.63 -5.64 5.94
C GLY F 128 -45.66 -4.51 5.95
N ASP F 129 -46.55 -4.43 6.93
CA ASP F 129 -47.57 -3.38 6.94
C ASP F 129 -47.01 -1.97 7.17
N VAL F 130 -46.10 -1.84 8.11
CA VAL F 130 -45.54 -0.53 8.37
C VAL F 130 -44.02 -0.51 8.37
N VAL F 131 -43.43 0.54 7.79
CA VAL F 131 -41.97 0.64 7.75
C VAL F 131 -41.60 1.87 8.56
N CYS F 132 -40.75 1.62 9.54
CA CYS F 132 -40.24 2.61 10.47
C CYS F 132 -38.96 1.90 10.87
N GLY F 133 -38.09 2.60 11.58
CA GLY F 133 -36.81 2.03 11.99
C GLY F 133 -36.72 0.69 12.70
N GLY F 134 -37.66 0.32 13.58
CA GLY F 134 -37.47 -1.00 14.17
C GLY F 134 -37.66 -2.05 13.10
N PHE F 135 -38.69 -1.89 12.29
CA PHE F 135 -39.00 -2.80 11.19
C PHE F 135 -37.99 -2.74 10.08
N ALA F 136 -37.64 -1.49 9.80
CA ALA F 136 -36.67 -1.15 8.77
C ALA F 136 -35.23 -1.43 9.25
N MET F 137 -35.08 -2.00 10.44
CA MET F 137 -33.74 -2.29 10.96
C MET F 137 -33.06 -3.39 10.13
N PRO F 138 -33.78 -4.46 9.80
CA PRO F 138 -33.10 -5.48 9.00
C PRO F 138 -32.64 -4.83 7.69
N ILE F 139 -33.43 -3.92 7.16
CA ILE F 139 -33.06 -3.22 5.93
C ILE F 139 -31.85 -2.30 6.27
N ARG F 140 -31.88 -1.60 7.41
CA ARG F 140 -30.78 -0.69 7.85
C ARG F 140 -29.45 -1.42 8.05
N GLU F 141 -29.44 -2.50 8.82
CA GLU F 141 -28.22 -3.27 9.07
C GLU F 141 -28.25 -4.17 7.81
N ASN F 142 -27.15 -4.80 7.37
CA ASN F 142 -27.38 -5.60 6.18
C ASN F 142 -27.74 -6.98 6.68
N LYS F 143 -28.90 -7.04 7.34
CA LYS F 143 -29.43 -8.28 7.87
C LYS F 143 -29.86 -9.26 6.76
N ALA F 144 -30.60 -8.75 5.78
CA ALA F 144 -31.01 -9.63 4.69
C ALA F 144 -30.59 -9.01 3.37
N GLN F 145 -29.69 -9.69 2.68
CA GLN F 145 -29.20 -9.24 1.39
C GLN F 145 -30.30 -9.29 0.28
N GLU F 146 -31.06 -10.39 0.24
CA GLU F 146 -32.12 -10.55 -0.76
C GLU F 146 -33.49 -10.49 -0.09
N ILE F 147 -34.38 -9.63 -0.63
CA ILE F 147 -35.74 -9.47 -0.10
C ILE F 147 -36.85 -9.88 -1.07
N TYR F 148 -37.77 -10.75 -0.60
CA TYR F 148 -38.90 -11.24 -1.41
C TYR F 148 -40.23 -10.78 -0.79
N ILE F 149 -41.05 -10.09 -1.58
CA ILE F 149 -42.34 -9.58 -1.09
C ILE F 149 -43.57 -10.38 -1.47
N VAL F 150 -44.26 -10.95 -0.48
CA VAL F 150 -45.45 -11.71 -0.79
C VAL F 150 -46.50 -10.65 -1.07
N CYS F 151 -47.28 -10.80 -2.13
CA CYS F 151 -48.31 -9.82 -2.44
C CYS F 151 -49.41 -10.51 -3.22
N SER F 152 -50.59 -9.90 -3.21
CA SER F 152 -51.74 -10.44 -3.90
C SER F 152 -52.47 -9.42 -4.76
N GLY F 153 -53.52 -9.93 -5.40
CA GLY F 153 -54.39 -9.15 -6.27
C GLY F 153 -55.09 -7.95 -5.63
N GLU F 154 -55.20 -7.94 -4.30
CA GLU F 154 -55.85 -6.86 -3.55
C GLU F 154 -54.94 -5.64 -3.56
N MET F 155 -55.52 -4.47 -3.40
CA MET F 155 -54.78 -3.22 -3.42
C MET F 155 -53.82 -2.99 -2.27
N MET F 156 -54.13 -3.59 -1.12
CA MET F 156 -53.35 -3.49 0.12
C MET F 156 -51.97 -4.14 0.02
N ALA F 157 -51.89 -5.28 -0.63
CA ALA F 157 -50.66 -6.01 -0.79
C ALA F 157 -49.69 -5.21 -1.65
N MET F 158 -50.19 -4.63 -2.74
CA MET F 158 -49.39 -3.85 -3.69
C MET F 158 -48.87 -2.56 -3.01
N TYR F 159 -49.67 -2.00 -2.11
CA TYR F 159 -49.30 -0.81 -1.36
C TYR F 159 -48.15 -1.26 -0.45
N ALA F 160 -48.30 -2.42 0.16
CA ALA F 160 -47.31 -3.01 1.06
C ALA F 160 -45.97 -3.30 0.33
N ALA F 161 -46.08 -3.85 -0.86
CA ALA F 161 -44.93 -4.20 -1.66
C ALA F 161 -44.21 -2.93 -2.13
N ASN F 162 -45.01 -1.99 -2.56
CA ASN F 162 -44.55 -0.72 -3.06
C ASN F 162 -43.93 0.02 -1.91
N ASN F 163 -44.53 -0.14 -0.74
CA ASN F 163 -44.05 0.53 0.44
C ASN F 163 -42.69 -0.04 0.83
N ILE F 164 -42.55 -1.37 0.80
CA ILE F 164 -41.27 -2.00 1.17
C ILE F 164 -40.15 -1.70 0.17
N SER F 165 -40.49 -1.55 -1.09
CA SER F 165 -39.47 -1.27 -2.10
C SER F 165 -38.92 0.11 -1.86
N LYS F 166 -39.75 0.99 -1.34
CA LYS F 166 -39.30 2.37 -1.07
C LYS F 166 -38.28 2.32 0.06
N GLY F 167 -38.41 1.32 0.91
CA GLY F 167 -37.52 1.13 2.06
C GLY F 167 -36.09 0.79 1.66
N ILE F 168 -36.01 -0.10 0.68
CA ILE F 168 -34.79 -0.64 0.09
C ILE F 168 -34.04 0.46 -0.63
N VAL F 169 -34.76 1.30 -1.34
CA VAL F 169 -34.20 2.42 -2.09
C VAL F 169 -33.51 3.39 -1.11
N LYS F 170 -34.15 3.65 0.03
CA LYS F 170 -33.55 4.56 0.98
C LYS F 170 -32.26 3.95 1.56
N TYR F 171 -32.25 2.69 1.93
CA TYR F 171 -31.05 2.03 2.49
C TYR F 171 -30.03 1.42 1.52
N ALA F 172 -30.21 1.75 0.25
CA ALA F 172 -29.41 1.29 -0.88
C ALA F 172 -27.98 1.80 -0.89
N ASN F 173 -27.75 3.07 -0.58
CA ASN F 173 -26.38 3.60 -0.59
C ASN F 173 -25.57 2.98 0.56
N SER F 174 -26.19 2.90 1.73
CA SER F 174 -25.57 2.32 2.90
C SER F 174 -25.34 0.83 2.81
N GLY F 175 -26.41 0.16 2.42
CA GLY F 175 -26.37 -1.29 2.30
C GLY F 175 -26.19 -2.08 1.01
N SER F 176 -26.19 -3.39 1.22
CA SER F 176 -26.06 -4.34 0.14
C SER F 176 -27.45 -4.95 -0.05
N VAL F 177 -28.43 -4.44 0.72
CA VAL F 177 -29.81 -4.92 0.68
C VAL F 177 -30.42 -4.57 -0.67
N ARG F 178 -30.98 -5.59 -1.32
CA ARG F 178 -31.61 -5.48 -2.63
C ARG F 178 -32.87 -6.35 -2.70
N LEU F 179 -33.88 -5.91 -3.48
CA LEU F 179 -35.12 -6.70 -3.58
C LEU F 179 -34.91 -7.76 -4.60
N GLY F 180 -35.11 -9.01 -4.14
CA GLY F 180 -34.98 -10.23 -4.94
C GLY F 180 -36.02 -10.51 -6.02
N GLY F 181 -37.26 -10.40 -5.56
CA GLY F 181 -38.40 -10.62 -6.42
C GLY F 181 -39.73 -10.45 -5.69
N LEU F 182 -40.82 -10.66 -6.42
CA LEU F 182 -42.12 -10.55 -5.83
C LEU F 182 -42.73 -11.92 -5.89
N ILE F 183 -43.04 -12.49 -4.73
CA ILE F 183 -43.65 -13.81 -4.66
C ILE F 183 -45.12 -13.47 -4.81
N CYS F 184 -45.93 -14.40 -5.28
CA CYS F 184 -47.34 -14.09 -5.44
C CYS F 184 -48.25 -15.16 -4.86
N ASN F 185 -49.24 -14.76 -4.08
CA ASN F 185 -50.18 -15.71 -3.49
C ASN F 185 -51.56 -15.47 -4.03
N SER F 186 -52.15 -16.51 -4.60
CA SER F 186 -53.47 -16.36 -5.16
C SER F 186 -54.64 -16.31 -4.19
N ARG F 187 -55.49 -15.33 -4.40
CA ARG F 187 -56.70 -15.11 -3.60
C ARG F 187 -57.83 -15.52 -4.52
N ASN F 188 -57.46 -16.16 -5.64
CA ASN F 188 -58.41 -16.60 -6.65
C ASN F 188 -59.07 -15.43 -7.39
N THR F 189 -58.28 -14.38 -7.60
CA THR F 189 -58.69 -13.14 -8.30
C THR F 189 -58.73 -13.44 -9.83
N ASP F 190 -59.26 -12.54 -10.65
CA ASP F 190 -59.35 -12.81 -12.10
C ASP F 190 -58.02 -12.86 -12.85
N ARG F 191 -57.14 -11.88 -12.62
CA ARG F 191 -55.85 -11.87 -13.30
C ARG F 191 -54.77 -11.44 -12.32
N GLU F 192 -54.55 -12.31 -11.34
CA GLU F 192 -53.55 -12.08 -10.32
C GLU F 192 -52.10 -12.10 -10.82
N ASP F 193 -51.80 -13.09 -11.66
CA ASP F 193 -50.46 -13.26 -12.20
C ASP F 193 -50.05 -12.14 -13.15
N GLU F 194 -50.94 -11.74 -14.04
CA GLU F 194 -50.73 -10.70 -15.03
C GLU F 194 -50.54 -9.38 -14.29
N LEU F 195 -51.36 -9.14 -13.28
CA LEU F 195 -51.31 -7.91 -12.48
C LEU F 195 -50.02 -7.81 -11.66
N ILE F 196 -49.61 -8.90 -11.02
CA ILE F 196 -48.40 -8.92 -10.20
C ILE F 196 -47.15 -8.75 -11.07
N ILE F 197 -47.11 -9.37 -12.23
CA ILE F 197 -45.94 -9.23 -13.08
C ILE F 197 -45.77 -7.82 -13.65
N ALA F 198 -46.88 -7.10 -13.90
CA ALA F 198 -46.94 -5.74 -14.43
C ALA F 198 -46.36 -4.80 -13.38
N LEU F 199 -46.74 -5.02 -12.13
CA LEU F 199 -46.30 -4.24 -10.97
C LEU F 199 -44.78 -4.54 -10.77
N ALA F 200 -44.40 -5.81 -10.88
CA ALA F 200 -43.02 -6.28 -10.71
C ALA F 200 -42.21 -5.56 -11.77
N ASN F 201 -42.75 -5.46 -12.97
CA ASN F 201 -42.07 -4.80 -14.07
C ASN F 201 -41.99 -3.31 -13.71
N LYS F 202 -43.07 -2.72 -13.20
CA LYS F 202 -43.08 -1.30 -12.83
C LYS F 202 -42.06 -1.06 -11.73
N LEU F 203 -42.00 -1.97 -10.78
CA LEU F 203 -41.08 -1.93 -9.62
C LEU F 203 -39.62 -2.15 -10.06
N GLY F 204 -39.43 -2.86 -11.18
CA GLY F 204 -38.09 -3.11 -11.67
C GLY F 204 -37.54 -4.48 -11.32
N THR F 205 -38.38 -5.30 -10.71
CA THR F 205 -37.97 -6.65 -10.32
C THR F 205 -39.02 -7.66 -10.81
N GLN F 206 -38.54 -8.85 -11.09
CA GLN F 206 -39.34 -9.97 -11.57
C GLN F 206 -40.26 -10.59 -10.57
N MET F 207 -41.44 -11.04 -10.98
CA MET F 207 -42.32 -11.67 -10.00
C MET F 207 -41.74 -13.08 -10.06
N ILE F 208 -41.28 -13.60 -8.92
CA ILE F 208 -40.69 -14.92 -8.89
C ILE F 208 -41.52 -16.14 -9.13
N HIS F 209 -42.70 -16.18 -8.52
CA HIS F 209 -43.56 -17.31 -8.69
C HIS F 209 -45.04 -17.03 -8.44
N PHE F 210 -45.90 -17.90 -8.93
CA PHE F 210 -47.33 -17.72 -8.72
C PHE F 210 -47.61 -18.95 -7.85
N VAL F 211 -48.17 -18.72 -6.67
CA VAL F 211 -48.49 -19.80 -5.73
C VAL F 211 -49.99 -19.93 -5.74
N PRO F 212 -50.52 -21.04 -6.24
CA PRO F 212 -51.96 -21.26 -6.31
C PRO F 212 -52.64 -21.43 -4.98
N ARG F 213 -53.89 -20.95 -4.90
CA ARG F 213 -54.64 -21.07 -3.67
C ARG F 213 -55.13 -22.49 -3.67
N ASP F 214 -54.83 -23.23 -2.61
CA ASP F 214 -55.25 -24.62 -2.54
C ASP F 214 -55.72 -25.00 -1.16
N ASN F 215 -56.68 -25.91 -1.10
CA ASN F 215 -57.22 -26.34 0.17
C ASN F 215 -56.28 -27.27 0.92
N VAL F 216 -55.24 -27.76 0.24
CA VAL F 216 -54.26 -28.68 0.82
C VAL F 216 -53.34 -28.10 1.90
N VAL F 217 -53.07 -26.80 1.83
CA VAL F 217 -52.21 -26.08 2.79
C VAL F 217 -52.97 -26.10 4.11
N GLN F 218 -54.25 -25.83 4.03
CA GLN F 218 -55.12 -25.80 5.19
C GLN F 218 -55.17 -27.13 5.92
N ARG F 219 -55.27 -28.23 5.21
CA ARG F 219 -55.33 -29.54 5.81
C ARG F 219 -54.06 -29.86 6.56
N ALA F 220 -52.94 -29.54 5.93
CA ALA F 220 -51.59 -29.77 6.47
C ALA F 220 -51.35 -28.87 7.68
N GLU F 221 -51.78 -27.62 7.55
CA GLU F 221 -51.65 -26.60 8.58
C GLU F 221 -52.38 -26.96 9.88
N ILE F 222 -53.61 -27.48 9.77
CA ILE F 222 -54.41 -27.85 10.96
C ILE F 222 -53.71 -29.04 11.60
N ARG F 223 -53.02 -29.83 10.80
CA ARG F 223 -52.29 -31.00 11.30
C ARG F 223 -51.02 -30.46 11.99
N ARG F 224 -50.77 -29.17 11.78
CA ARG F 224 -49.62 -28.40 12.30
C ARG F 224 -48.25 -28.78 11.76
N MET F 225 -48.29 -29.11 10.47
CA MET F 225 -47.17 -29.52 9.65
C MET F 225 -47.27 -28.90 8.24
N THR F 226 -46.12 -28.84 7.56
CA THR F 226 -45.98 -28.28 6.20
C THR F 226 -46.50 -29.20 5.10
N VAL F 227 -46.80 -28.61 3.95
CA VAL F 227 -47.33 -29.32 2.80
C VAL F 227 -46.32 -30.27 2.18
N ILE F 228 -45.08 -29.85 2.09
CA ILE F 228 -44.05 -30.68 1.50
C ILE F 228 -43.88 -31.88 2.39
N GLU F 229 -43.84 -31.67 3.69
CA GLU F 229 -43.70 -32.78 4.64
C GLU F 229 -44.96 -33.67 4.64
N TYR F 230 -46.16 -33.07 4.65
CA TYR F 230 -47.42 -33.85 4.68
C TYR F 230 -47.78 -34.68 3.44
N ASP F 231 -47.67 -34.11 2.25
CA ASP F 231 -48.00 -34.84 0.99
C ASP F 231 -46.89 -34.49 0.03
N PRO F 232 -45.76 -35.23 0.04
CA PRO F 232 -44.68 -34.85 -0.87
C PRO F 232 -45.19 -34.93 -2.27
N LYS F 233 -46.04 -35.90 -2.52
CA LYS F 233 -46.66 -36.14 -3.83
C LYS F 233 -47.64 -35.05 -4.31
N ALA F 234 -48.25 -34.31 -3.39
CA ALA F 234 -49.21 -33.26 -3.71
C ALA F 234 -48.73 -32.22 -4.72
N LYS F 235 -49.68 -31.67 -5.46
CA LYS F 235 -49.43 -30.68 -6.51
C LYS F 235 -48.91 -29.40 -5.89
N GLN F 236 -49.43 -29.04 -4.72
CA GLN F 236 -48.98 -27.83 -4.02
C GLN F 236 -47.55 -28.06 -3.55
N ALA F 237 -47.17 -29.30 -3.30
CA ALA F 237 -45.82 -29.59 -2.83
C ALA F 237 -44.83 -29.27 -3.96
N ASP F 238 -45.18 -29.56 -5.21
CA ASP F 238 -44.29 -29.29 -6.34
C ASP F 238 -44.11 -27.79 -6.55
N GLU F 239 -45.18 -27.02 -6.43
CA GLU F 239 -45.12 -25.57 -6.62
C GLU F 239 -44.16 -24.93 -5.63
N TYR F 240 -44.22 -25.35 -4.37
CA TYR F 240 -43.38 -24.80 -3.30
C TYR F 240 -41.90 -25.20 -3.56
N ARG F 241 -41.68 -26.33 -4.23
CA ARG F 241 -40.35 -26.84 -4.57
C ARG F 241 -39.74 -25.87 -5.60
N ALA F 242 -40.59 -25.41 -6.49
CA ALA F 242 -40.30 -24.50 -7.60
C ALA F 242 -39.89 -23.10 -7.14
N LEU F 243 -40.56 -22.60 -6.12
CA LEU F 243 -40.29 -21.30 -5.56
C LEU F 243 -38.89 -21.42 -4.93
N ALA F 244 -38.67 -22.54 -4.23
CA ALA F 244 -37.43 -22.87 -3.53
C ALA F 244 -36.36 -22.97 -4.59
N ARG F 245 -36.69 -23.61 -5.69
CA ARG F 245 -35.75 -23.76 -6.76
C ARG F 245 -35.49 -22.37 -7.40
N LYS F 246 -36.56 -21.59 -7.62
CA LYS F 246 -36.42 -20.28 -8.24
C LYS F 246 -35.60 -19.31 -7.41
N VAL F 247 -35.79 -19.31 -6.10
CA VAL F 247 -35.05 -18.42 -5.20
C VAL F 247 -33.51 -18.76 -5.20
N VAL F 248 -33.13 -20.02 -5.15
CA VAL F 248 -31.71 -20.42 -5.13
C VAL F 248 -31.09 -20.08 -6.51
N ASP F 249 -31.83 -20.41 -7.57
CA ASP F 249 -31.43 -20.19 -8.95
C ASP F 249 -31.36 -18.72 -9.37
N ASN F 250 -32.28 -17.90 -8.85
CA ASN F 250 -32.34 -16.48 -9.16
C ASN F 250 -31.06 -15.69 -8.76
N LYS F 251 -30.61 -14.90 -9.73
CA LYS F 251 -29.45 -14.04 -9.65
C LYS F 251 -29.80 -12.58 -9.88
N LEU F 252 -31.09 -12.25 -9.89
CA LEU F 252 -31.42 -10.86 -10.12
C LEU F 252 -31.95 -10.14 -8.88
N LEU F 253 -31.10 -9.26 -8.37
CA LEU F 253 -31.36 -8.45 -7.20
C LEU F 253 -31.31 -7.03 -7.75
N VAL F 254 -32.37 -6.25 -7.54
CA VAL F 254 -32.33 -4.91 -8.07
C VAL F 254 -32.87 -3.85 -7.13
N ILE F 255 -32.33 -2.64 -7.25
CA ILE F 255 -32.79 -1.59 -6.39
C ILE F 255 -34.04 -1.12 -7.13
N PRO F 256 -35.19 -1.18 -6.45
CA PRO F 256 -36.49 -0.80 -6.96
C PRO F 256 -36.79 0.65 -7.24
N ASN F 257 -37.57 0.86 -8.29
CA ASN F 257 -37.93 2.20 -8.63
C ASN F 257 -39.39 2.19 -8.26
N PRO F 258 -39.72 2.86 -7.15
CA PRO F 258 -41.13 2.84 -6.77
C PRO F 258 -42.10 3.61 -7.62
N ILE F 259 -43.28 3.03 -7.78
CA ILE F 259 -44.37 3.60 -8.54
C ILE F 259 -45.27 4.46 -7.62
N THR F 260 -45.97 5.43 -8.19
CA THR F 260 -46.86 6.32 -7.45
C THR F 260 -48.17 5.58 -7.12
N MET F 261 -49.02 6.18 -6.29
CA MET F 261 -50.29 5.55 -5.89
C MET F 261 -51.16 5.52 -7.15
N ASP F 262 -50.98 6.51 -8.02
CA ASP F 262 -51.74 6.64 -9.28
C ASP F 262 -51.37 5.50 -10.22
N GLU F 263 -50.07 5.18 -10.26
CA GLU F 263 -49.53 4.11 -11.11
C GLU F 263 -50.14 2.80 -10.55
N LEU F 264 -50.16 2.65 -9.24
CA LEU F 264 -50.70 1.47 -8.55
C LEU F 264 -52.20 1.46 -8.80
N GLU F 265 -52.82 2.63 -8.74
CA GLU F 265 -54.26 2.78 -8.93
C GLU F 265 -54.62 2.49 -10.37
N GLU F 266 -53.83 3.02 -11.28
CA GLU F 266 -54.01 2.85 -12.71
C GLU F 266 -53.82 1.39 -13.11
N LEU F 267 -52.79 0.76 -12.58
CA LEU F 267 -52.49 -0.63 -12.91
C LEU F 267 -53.57 -1.59 -12.38
N LEU F 268 -54.24 -1.27 -11.26
CA LEU F 268 -55.27 -2.23 -10.80
C LEU F 268 -56.45 -2.21 -11.83
N MET F 269 -56.86 -1.03 -12.29
CA MET F 269 -57.95 -0.92 -13.27
C MET F 269 -57.64 -1.46 -14.67
N GLU F 270 -56.35 -1.49 -15.01
CA GLU F 270 -55.88 -1.96 -16.31
C GLU F 270 -56.34 -3.45 -16.42
N PHE F 271 -56.41 -4.16 -15.31
CA PHE F 271 -56.86 -5.55 -15.33
C PHE F 271 -58.34 -5.64 -14.90
N GLY F 272 -58.95 -4.47 -14.70
CA GLY F 272 -60.35 -4.33 -14.29
C GLY F 272 -60.81 -4.55 -12.87
N ILE F 273 -59.90 -4.31 -11.93
CA ILE F 273 -60.21 -4.47 -10.51
C ILE F 273 -61.22 -3.38 -10.20
N MET F 274 -60.92 -2.19 -10.72
CA MET F 274 -61.74 -0.99 -10.58
C MET F 274 -61.97 -0.39 -11.96
N GLU F 275 -63.22 -0.07 -12.21
CA GLU F 275 -63.66 0.51 -13.48
C GLU F 275 -63.01 1.84 -13.91
N ALA G 1 57.51 31.94 81.73
CA ALA G 1 58.78 32.63 82.13
C ALA G 1 58.90 33.91 81.30
N MET G 2 58.45 33.81 80.06
CA MET G 2 58.47 34.87 79.08
C MET G 2 57.55 36.05 79.30
N ARG G 3 58.11 37.23 79.06
CA ARG G 3 57.41 38.49 79.21
C ARG G 3 57.77 39.22 77.93
N GLN G 4 56.89 40.09 77.49
CA GLN G 4 57.13 40.87 76.27
C GLN G 4 57.22 42.37 76.54
N CYS G 5 58.30 42.98 76.09
CA CYS G 5 58.48 44.38 76.30
C CYS G 5 58.69 45.12 74.98
N ALA G 6 58.08 46.28 74.88
CA ALA G 6 58.23 47.06 73.66
C ALA G 6 58.94 48.32 73.98
N ILE G 7 60.05 48.58 73.32
CA ILE G 7 60.70 49.83 73.65
C ILE G 7 60.11 50.84 72.63
N TYR G 8 59.45 51.91 73.10
CA TYR G 8 58.84 52.90 72.20
C TYR G 8 59.37 54.30 72.50
N GLY G 9 59.53 55.07 71.43
CA GLY G 9 60.00 56.43 71.57
C GLY G 9 60.11 57.13 70.25
N LYS G 10 60.55 58.38 70.26
CA LYS G 10 60.70 59.18 69.03
C LYS G 10 62.06 58.69 68.51
N GLY G 11 62.28 58.77 67.20
CA GLY G 11 63.54 58.32 66.63
C GLY G 11 64.75 59.13 67.02
N GLY G 12 65.91 58.50 67.07
CA GLY G 12 67.09 59.27 67.44
C GLY G 12 67.23 59.60 68.92
N ILE G 13 66.32 59.09 69.75
CA ILE G 13 66.37 59.33 71.19
C ILE G 13 66.98 58.19 71.99
N GLY G 14 67.46 57.15 71.31
CA GLY G 14 68.04 56.02 72.02
C GLY G 14 67.22 54.77 72.34
N LYS G 15 66.20 54.45 71.54
CA LYS G 15 65.44 53.24 71.88
C LYS G 15 66.31 51.99 71.66
N SER G 16 66.96 52.00 70.50
CA SER G 16 67.83 50.93 69.99
C SER G 16 69.11 50.73 70.73
N THR G 17 69.77 51.83 71.04
CA THR G 17 71.03 51.79 71.75
C THR G 17 70.70 51.21 73.11
N THR G 18 69.63 51.69 73.70
CA THR G 18 69.15 51.25 75.00
C THR G 18 68.61 49.81 75.06
N THR G 19 67.86 49.42 74.05
CA THR G 19 67.29 48.08 74.04
C THR G 19 68.42 47.07 73.95
N GLN G 20 69.40 47.33 73.08
CA GLN G 20 70.53 46.40 72.90
C GLN G 20 71.42 46.30 74.12
N ASN G 21 71.73 47.43 74.73
CA ASN G 21 72.57 47.42 75.92
C ASN G 21 71.87 46.69 77.09
N LEU G 22 70.57 46.94 77.30
CA LEU G 22 69.76 46.34 78.38
C LEU G 22 69.68 44.82 78.13
N VAL G 23 69.45 44.39 76.88
CA VAL G 23 69.33 42.98 76.49
C VAL G 23 70.67 42.33 76.79
N ALA G 24 71.76 43.05 76.58
CA ALA G 24 73.10 42.53 76.84
C ALA G 24 73.17 42.25 78.34
N ALA G 25 72.65 43.16 79.16
CA ALA G 25 72.65 43.02 80.61
C ALA G 25 71.82 41.81 81.06
N LEU G 26 70.68 41.61 80.42
CA LEU G 26 69.83 40.49 80.76
C LEU G 26 70.54 39.20 80.35
N ALA G 27 71.30 39.28 79.26
CA ALA G 27 72.10 38.19 78.66
C ALA G 27 73.25 37.83 79.62
N GLU G 28 73.85 38.88 80.16
CA GLU G 28 74.96 38.78 81.06
C GLU G 28 74.41 38.11 82.32
N MET G 29 73.22 38.49 82.75
CA MET G 29 72.62 37.89 83.93
C MET G 29 72.29 36.46 83.59
N GLY G 30 72.15 36.18 82.30
CA GLY G 30 71.84 34.83 81.91
C GLY G 30 70.44 34.50 81.44
N LYS G 31 69.58 35.51 81.32
CA LYS G 31 68.21 35.29 80.84
C LYS G 31 68.23 35.24 79.28
N LYS G 32 67.70 34.19 78.65
CA LYS G 32 67.70 34.12 77.19
C LYS G 32 66.72 35.20 76.71
N VAL G 33 67.12 35.95 75.69
CA VAL G 33 66.28 37.03 75.19
C VAL G 33 66.27 37.13 73.67
N MET G 34 65.18 37.60 73.09
CA MET G 34 65.13 37.74 71.63
C MET G 34 64.77 39.19 71.29
N ILE G 35 65.40 39.75 70.27
CA ILE G 35 65.11 41.12 69.89
C ILE G 35 64.50 41.13 68.51
N VAL G 36 63.31 41.72 68.40
CA VAL G 36 62.59 41.82 67.13
C VAL G 36 62.64 43.31 66.84
N GLY G 37 63.16 43.70 65.70
CA GLY G 37 63.19 45.11 65.43
C GLY G 37 62.03 45.42 64.52
N CYS G 38 61.25 46.42 64.85
CA CYS G 38 60.14 46.77 64.00
C CYS G 38 60.48 48.10 63.39
N ASP G 39 61.60 48.65 63.80
CA ASP G 39 62.04 49.91 63.27
C ASP G 39 62.63 49.64 61.87
N PRO G 40 62.28 50.47 60.87
CA PRO G 40 62.72 50.42 59.48
C PRO G 40 64.22 50.73 59.39
N LYS G 41 64.71 51.35 60.44
CA LYS G 41 66.09 51.75 60.60
C LYS G 41 66.90 50.48 60.54
N ALA G 42 66.41 49.43 61.19
CA ALA G 42 67.09 48.16 61.19
C ALA G 42 68.50 48.13 61.76
N ASP G 43 68.77 49.02 62.69
CA ASP G 43 70.03 49.15 63.39
C ASP G 43 69.72 48.64 64.78
N SER G 44 68.54 48.00 64.84
CA SER G 44 67.95 47.43 66.04
C SER G 44 68.77 46.26 66.54
N THR G 45 69.19 45.39 65.64
CA THR G 45 70.00 44.20 65.98
C THR G 45 71.51 44.33 65.74
N ARG G 46 71.97 45.52 65.36
CA ARG G 46 73.37 45.76 65.05
C ARG G 46 74.37 45.59 66.19
N LEU G 47 74.12 46.08 67.38
CA LEU G 47 75.09 45.89 68.46
C LEU G 47 75.34 44.48 69.04
N ILE G 48 74.27 43.74 69.26
CA ILE G 48 74.33 42.39 69.79
C ILE G 48 74.96 41.43 68.75
N LEU G 49 74.51 41.60 67.51
CA LEU G 49 74.94 40.83 66.32
C LEU G 49 76.30 41.13 65.65
N HIS G 50 76.98 42.23 65.98
CA HIS G 50 78.26 42.53 65.31
C HIS G 50 78.13 42.53 63.78
N SER G 51 77.01 43.08 63.34
CA SER G 51 76.70 43.18 61.92
C SER G 51 76.43 44.61 61.51
N LYS G 52 76.88 44.89 60.31
CA LYS G 52 76.74 46.18 59.70
C LYS G 52 75.22 46.21 59.48
N ALA G 53 74.69 45.07 59.01
CA ALA G 53 73.25 44.91 58.75
C ALA G 53 72.67 43.49 58.96
N GLN G 54 71.40 43.42 59.30
CA GLN G 54 70.75 42.13 59.51
C GLN G 54 69.77 42.04 58.37
N ASN G 55 69.75 40.92 57.66
CA ASN G 55 68.80 40.84 56.57
C ASN G 55 67.49 40.60 57.27
N THR G 56 66.50 41.37 56.86
CA THR G 56 65.16 41.34 57.38
C THR G 56 64.26 40.27 56.80
N ILE G 57 63.16 40.01 57.49
CA ILE G 57 62.19 39.02 57.08
C ILE G 57 61.59 39.56 55.81
N MET G 58 61.31 40.84 55.72
CA MET G 58 60.74 41.44 54.52
C MET G 58 61.72 41.42 53.31
N GLU G 59 63.00 41.75 53.52
CA GLU G 59 64.04 41.76 52.46
C GLU G 59 64.26 40.35 51.88
N MET G 60 64.33 39.36 52.75
CA MET G 60 64.55 37.96 52.41
C MET G 60 63.42 37.27 51.65
N ALA G 61 62.21 37.50 52.11
CA ALA G 61 61.04 36.89 51.51
C ALA G 61 60.82 37.46 50.11
N ALA G 62 61.31 38.67 49.87
CA ALA G 62 61.16 39.28 48.55
C ALA G 62 61.99 38.53 47.52
N GLU G 63 63.22 38.18 47.84
CA GLU G 63 64.08 37.46 46.91
C GLU G 63 63.52 36.04 46.68
N ALA G 64 63.12 35.38 47.76
CA ALA G 64 62.54 34.02 47.75
C ALA G 64 61.19 34.23 47.05
N GLY G 65 60.60 35.37 47.38
CA GLY G 65 59.32 35.80 46.85
C GLY G 65 58.09 35.42 47.65
N THR G 66 58.25 34.61 48.68
CA THR G 66 57.10 34.21 49.51
C THR G 66 57.42 33.99 50.97
N VAL G 67 56.42 34.23 51.81
CA VAL G 67 56.51 34.06 53.24
C VAL G 67 56.34 32.55 53.47
N GLU G 68 56.86 32.04 54.56
CA GLU G 68 56.76 30.62 54.85
C GLU G 68 57.47 29.76 53.78
N ASP G 69 58.28 30.37 52.92
CA ASP G 69 59.01 29.62 51.90
C ASP G 69 60.41 30.10 52.29
N LEU G 70 60.42 30.73 53.47
CA LEU G 70 61.57 31.32 54.10
C LEU G 70 61.90 30.60 55.39
N GLU G 71 63.14 30.13 55.52
CA GLU G 71 63.58 29.42 56.72
C GLU G 71 63.95 30.33 57.86
N LEU G 72 63.57 29.90 59.06
CA LEU G 72 63.76 30.57 60.34
C LEU G 72 65.24 30.74 60.72
N GLU G 73 66.05 29.73 60.46
CA GLU G 73 67.47 29.76 60.77
C GLU G 73 68.03 30.93 60.00
N ASP G 74 67.60 31.09 58.77
CA ASP G 74 68.07 32.19 57.93
C ASP G 74 67.59 33.53 58.45
N VAL G 75 66.31 33.58 58.84
CA VAL G 75 65.71 34.82 59.34
C VAL G 75 66.22 35.34 60.67
N LEU G 76 66.37 34.47 61.65
CA LEU G 76 66.84 34.86 62.95
C LEU G 76 68.19 34.24 63.32
N LYS G 77 69.18 35.08 63.63
CA LYS G 77 70.54 34.65 63.99
C LYS G 77 70.84 35.11 65.42
N ALA G 78 71.32 34.18 66.25
CA ALA G 78 71.64 34.48 67.65
C ALA G 78 72.85 35.36 67.86
N GLY G 79 72.67 36.34 68.72
CA GLY G 79 73.70 37.30 69.06
C GLY G 79 74.61 36.95 70.20
N TYR G 80 75.32 37.99 70.66
CA TYR G 80 76.23 37.85 71.74
C TYR G 80 75.40 37.54 72.95
N GLY G 81 75.89 36.64 73.79
CA GLY G 81 75.15 36.27 74.97
C GLY G 81 74.00 35.36 74.64
N GLY G 82 73.92 34.88 73.40
CA GLY G 82 72.81 34.01 73.08
C GLY G 82 71.47 34.72 72.87
N VAL G 83 71.46 35.98 72.44
CA VAL G 83 70.13 36.58 72.26
C VAL G 83 69.78 36.44 70.79
N LYS G 84 68.58 35.87 70.54
CA LYS G 84 68.11 35.69 69.17
C LYS G 84 67.76 37.09 68.67
N CYS G 85 68.32 37.45 67.50
CA CYS G 85 68.10 38.76 66.91
C CYS G 85 67.36 38.70 65.57
N VAL G 86 66.27 39.45 65.41
CA VAL G 86 65.52 39.44 64.16
C VAL G 86 65.00 40.83 63.74
N GLU G 87 64.90 41.09 62.45
CA GLU G 87 64.40 42.38 62.00
C GLU G 87 63.12 42.17 61.20
N SER G 88 62.08 42.93 61.48
CA SER G 88 60.82 42.76 60.73
C SER G 88 61.05 43.22 59.32
N GLY G 89 61.71 44.35 59.18
CA GLY G 89 61.98 44.89 57.87
C GLY G 89 60.71 45.62 57.54
N GLY G 90 60.56 46.16 56.34
CA GLY G 90 59.33 46.86 56.03
C GLY G 90 59.27 47.18 54.56
N PRO G 91 58.13 47.69 54.10
CA PRO G 91 58.00 48.00 52.68
C PRO G 91 58.83 49.16 52.15
N GLU G 92 58.95 49.20 50.83
CA GLU G 92 59.71 50.22 50.14
C GLU G 92 58.87 51.45 50.41
N PRO G 93 59.54 52.59 50.57
CA PRO G 93 58.85 53.85 50.84
C PRO G 93 57.80 54.16 49.81
N GLY G 94 56.66 54.68 50.28
CA GLY G 94 55.57 55.02 49.39
C GLY G 94 54.68 53.90 48.94
N VAL G 95 54.91 52.71 49.44
CA VAL G 95 54.07 51.59 49.07
C VAL G 95 53.54 50.89 50.32
N GLY G 96 52.23 50.81 50.34
CA GLY G 96 51.42 50.23 51.39
C GLY G 96 51.56 50.86 52.77
N CYS G 97 51.72 50.00 53.75
CA CYS G 97 51.87 50.42 55.12
C CYS G 97 53.12 49.74 55.64
N ALA G 98 53.97 50.54 56.26
CA ALA G 98 55.22 50.14 56.86
C ALA G 98 55.00 49.25 58.06
N GLY G 99 54.05 49.69 58.88
CA GLY G 99 53.67 49.02 60.09
C GLY G 99 53.19 47.60 59.86
N ARG G 100 52.70 47.34 58.65
CA ARG G 100 52.18 46.03 58.25
C ARG G 100 53.31 45.00 58.18
N GLY G 101 54.43 45.39 57.60
CA GLY G 101 55.54 44.46 57.48
C GLY G 101 55.89 43.97 58.87
N VAL G 102 55.57 44.78 59.85
CA VAL G 102 55.83 44.44 61.23
C VAL G 102 54.90 43.26 61.59
N ILE G 103 53.65 43.34 61.19
CA ILE G 103 52.65 42.32 61.47
C ILE G 103 52.99 41.01 60.78
N THR G 104 53.40 41.06 59.52
CA THR G 104 53.74 39.87 58.75
C THR G 104 54.91 39.16 59.41
N ALA G 105 55.90 39.91 59.83
CA ALA G 105 57.06 39.36 60.47
C ALA G 105 56.79 38.67 61.82
N ILE G 106 55.99 39.27 62.71
CA ILE G 106 55.71 38.68 64.02
C ILE G 106 54.89 37.43 63.87
N ASN G 107 53.94 37.45 62.96
CA ASN G 107 53.13 36.28 62.77
C ASN G 107 54.06 35.18 62.22
N PHE G 108 55.12 35.56 61.52
CA PHE G 108 56.09 34.62 60.93
C PHE G 108 56.84 33.84 61.99
N LEU G 109 57.28 34.55 63.01
CA LEU G 109 58.05 34.03 64.12
C LEU G 109 57.22 33.08 64.96
N GLU G 110 55.95 33.42 65.15
CA GLU G 110 55.04 32.60 65.95
C GLU G 110 54.73 31.27 65.29
N GLU G 111 54.48 31.25 64.00
CA GLU G 111 54.18 29.99 63.33
C GLU G 111 55.47 29.17 63.35
N GLU G 112 56.58 29.82 63.05
CA GLU G 112 57.87 29.16 63.03
C GLU G 112 58.42 28.69 64.37
N GLY G 113 57.71 28.98 65.46
CA GLY G 113 58.14 28.56 66.79
C GLY G 113 59.25 29.20 67.60
N ALA G 114 59.48 30.48 67.35
CA ALA G 114 60.51 31.22 68.05
C ALA G 114 60.07 31.33 69.50
N TYR G 115 58.79 31.63 69.72
CA TYR G 115 58.24 31.76 71.05
C TYR G 115 57.99 30.37 71.70
N GLU G 116 57.71 30.37 72.99
CA GLU G 116 57.47 29.13 73.76
C GLU G 116 58.71 28.25 73.66
N ASP G 117 59.83 28.95 73.48
CA ASP G 117 61.14 28.35 73.36
C ASP G 117 61.76 28.56 74.73
N ASP G 118 60.92 29.06 75.66
CA ASP G 118 61.34 29.32 77.03
C ASP G 118 62.35 30.47 77.17
N LEU G 119 62.17 31.50 76.34
CA LEU G 119 62.99 32.71 76.30
C LEU G 119 62.54 33.50 77.53
N ASP G 120 63.44 34.03 78.34
CA ASP G 120 62.97 34.76 79.49
C ASP G 120 62.25 36.05 79.09
N PHE G 121 62.84 36.81 78.15
CA PHE G 121 62.26 38.07 77.68
C PHE G 121 62.31 38.24 76.18
N VAL G 122 61.40 39.07 75.70
CA VAL G 122 61.27 39.40 74.29
C VAL G 122 61.14 40.91 74.26
N PHE G 123 61.93 41.51 73.38
CA PHE G 123 61.93 42.96 73.20
C PHE G 123 61.71 43.45 71.80
N TYR G 124 60.70 44.29 71.56
CA TYR G 124 60.45 44.79 70.23
C TYR G 124 60.85 46.22 70.23
N ASP G 125 61.74 46.59 69.30
CA ASP G 125 62.17 47.98 69.20
C ASP G 125 61.12 48.39 68.19
N VAL G 126 60.24 49.33 68.56
CA VAL G 126 59.17 49.79 67.69
C VAL G 126 59.30 51.25 67.57
N LEU G 127 59.06 51.79 66.39
CA LEU G 127 59.19 53.24 66.20
C LEU G 127 57.94 53.91 66.77
N GLY G 128 58.18 54.81 67.72
CA GLY G 128 57.15 55.60 68.41
C GLY G 128 56.81 56.97 67.81
N ASP G 129 57.37 57.28 66.65
CA ASP G 129 57.09 58.59 66.08
C ASP G 129 55.65 58.73 65.69
N VAL G 130 55.12 57.72 65.05
CA VAL G 130 53.75 57.81 64.66
C VAL G 130 52.90 56.66 65.17
N VAL G 131 51.80 56.96 65.85
CA VAL G 131 50.96 55.89 66.35
C VAL G 131 49.77 56.00 65.41
N CYS G 132 49.55 54.92 64.66
CA CYS G 132 48.49 54.75 63.67
C CYS G 132 48.31 53.22 63.60
N GLY G 133 47.47 52.70 62.73
CA GLY G 133 47.28 51.26 62.71
C GLY G 133 48.45 50.33 62.45
N GLY G 134 49.30 50.63 61.49
CA GLY G 134 50.35 49.68 61.28
C GLY G 134 51.28 49.67 62.46
N PHE G 135 51.63 50.83 62.98
CA PHE G 135 52.53 50.85 64.12
C PHE G 135 51.94 50.66 65.51
N ALA G 136 50.62 50.73 65.62
CA ALA G 136 49.98 50.56 66.91
C ALA G 136 49.45 49.13 66.94
N MET G 137 49.90 48.35 65.96
CA MET G 137 49.52 46.96 65.79
C MET G 137 50.09 46.08 66.94
N PRO G 138 51.35 46.27 67.34
CA PRO G 138 51.83 45.42 68.43
C PRO G 138 50.90 45.70 69.63
N ILE G 139 50.41 46.92 69.74
CA ILE G 139 49.49 47.35 70.77
C ILE G 139 48.11 46.69 70.62
N ARG G 140 47.59 46.64 69.38
CA ARG G 140 46.27 46.06 69.16
C ARG G 140 46.24 44.60 69.58
N GLU G 141 47.20 43.84 69.07
CA GLU G 141 47.32 42.43 69.38
C GLU G 141 48.13 42.56 70.65
N ASN G 142 48.10 41.62 71.58
CA ASN G 142 48.94 41.90 72.73
C ASN G 142 50.36 41.48 72.48
N LYS G 143 50.95 42.08 71.46
CA LYS G 143 52.31 41.73 71.18
C LYS G 143 53.24 42.20 72.26
N ALA G 144 53.09 43.42 72.75
CA ALA G 144 54.01 43.86 73.80
C ALA G 144 53.24 44.05 75.06
N GLN G 145 53.46 43.18 76.02
CA GLN G 145 52.74 43.33 77.26
C GLN G 145 53.17 44.55 78.02
N GLU G 146 54.48 44.76 78.07
CA GLU G 146 55.02 45.88 78.79
C GLU G 146 55.59 46.85 77.85
N ILE G 147 55.14 48.07 78.01
CA ILE G 147 55.59 49.10 77.14
C ILE G 147 56.42 50.02 77.98
N TYR G 148 57.68 50.25 77.60
CA TYR G 148 58.59 51.15 78.30
C TYR G 148 58.88 52.21 77.24
N ILE G 149 58.68 53.47 77.58
CA ILE G 149 58.94 54.51 76.62
C ILE G 149 60.22 55.28 76.92
N VAL G 150 61.10 55.33 75.93
CA VAL G 150 62.31 56.05 76.16
C VAL G 150 61.81 57.43 75.85
N CYS G 151 62.26 58.39 76.64
CA CYS G 151 61.87 59.76 76.46
C CYS G 151 62.97 60.64 77.05
N SER G 152 63.01 61.89 76.58
CA SER G 152 63.95 62.95 76.92
C SER G 152 63.14 64.21 77.23
N GLY G 153 63.84 65.20 77.77
CA GLY G 153 63.25 66.49 78.12
C GLY G 153 62.67 67.28 76.97
N GLU G 154 63.00 66.92 75.75
CA GLU G 154 62.51 67.64 74.60
C GLU G 154 61.01 67.48 74.36
N MET G 155 60.47 68.48 73.68
CA MET G 155 59.05 68.57 73.33
C MET G 155 58.51 67.41 72.45
N MET G 156 59.22 67.01 71.41
CA MET G 156 58.75 65.91 70.57
C MET G 156 58.76 64.60 71.37
N ALA G 157 59.75 64.46 72.25
CA ALA G 157 59.89 63.24 73.04
C ALA G 157 58.71 63.09 73.98
N MET G 158 58.34 64.18 74.62
CA MET G 158 57.24 64.19 75.54
C MET G 158 55.90 63.97 74.86
N TYR G 159 55.68 64.64 73.74
CA TYR G 159 54.44 64.55 72.98
C TYR G 159 54.32 63.14 72.43
N ALA G 160 55.42 62.55 71.95
CA ALA G 160 55.47 61.19 71.39
C ALA G 160 55.18 60.15 72.48
N ALA G 161 55.80 60.34 73.65
CA ALA G 161 55.65 59.45 74.81
C ALA G 161 54.20 59.50 75.19
N ASN G 162 53.65 60.71 75.18
CA ASN G 162 52.27 60.97 75.51
C ASN G 162 51.31 60.32 74.46
N ASN G 163 51.66 60.36 73.19
CA ASN G 163 50.86 59.80 72.08
C ASN G 163 50.81 58.26 72.15
N ILE G 164 51.90 57.63 72.60
CA ILE G 164 52.03 56.17 72.74
C ILE G 164 51.10 55.72 73.87
N SER G 165 50.89 56.60 74.84
CA SER G 165 50.04 56.39 76.03
C SER G 165 48.60 56.28 75.54
N LYS G 166 48.24 57.17 74.60
CA LYS G 166 46.92 57.29 73.97
C LYS G 166 46.68 55.95 73.25
N GLY G 167 47.72 55.43 72.63
CA GLY G 167 47.63 54.17 71.92
C GLY G 167 47.34 53.07 72.95
N ILE G 168 48.00 53.08 74.09
CA ILE G 168 47.77 52.05 75.09
C ILE G 168 46.36 52.13 75.75
N VAL G 169 45.83 53.32 75.85
CA VAL G 169 44.50 53.55 76.45
C VAL G 169 43.36 52.97 75.58
N LYS G 170 43.48 53.16 74.27
CA LYS G 170 42.49 52.68 73.30
C LYS G 170 42.38 51.14 73.32
N TYR G 171 43.47 50.42 73.46
CA TYR G 171 43.43 48.96 73.49
C TYR G 171 43.29 48.40 74.92
N ALA G 172 42.81 49.25 75.85
CA ALA G 172 42.65 48.88 77.26
C ALA G 172 41.61 47.77 77.35
N ASN G 173 40.51 47.90 76.62
CA ASN G 173 39.46 46.90 76.63
C ASN G 173 39.88 45.58 75.99
N SER G 174 40.56 45.64 74.87
CA SER G 174 40.99 44.41 74.19
C SER G 174 42.06 43.48 74.80
N GLY G 175 43.16 43.98 75.33
CA GLY G 175 44.11 43.02 75.86
C GLY G 175 44.72 43.30 77.20
N SER G 176 45.92 42.75 77.33
CA SER G 176 46.75 42.85 78.50
C SER G 176 47.84 43.91 78.37
N VAL G 177 47.87 44.66 77.27
CA VAL G 177 48.92 45.66 77.12
C VAL G 177 48.92 46.71 78.20
N ARG G 178 50.12 46.94 78.74
CA ARG G 178 50.35 47.88 79.80
C ARG G 178 51.62 48.71 79.71
N LEU G 179 51.64 49.88 80.34
CA LEU G 179 52.81 50.76 80.33
C LEU G 179 53.60 50.55 81.66
N GLY G 180 54.76 49.93 81.49
CA GLY G 180 55.72 49.62 82.55
C GLY G 180 56.50 50.70 83.28
N GLY G 181 57.01 51.65 82.52
CA GLY G 181 57.77 52.75 83.06
C GLY G 181 58.20 53.67 81.93
N LEU G 182 58.93 54.74 82.28
CA LEU G 182 59.41 55.68 81.28
C LEU G 182 60.94 55.67 81.50
N ILE G 183 61.72 55.51 80.43
CA ILE G 183 63.17 55.48 80.59
C ILE G 183 63.64 56.78 79.97
N CYS G 184 64.27 57.59 80.81
CA CYS G 184 64.77 58.86 80.36
C CYS G 184 66.18 58.67 79.85
N ASN G 185 66.39 59.07 78.61
CA ASN G 185 67.67 58.95 77.99
C ASN G 185 68.13 60.38 78.09
N SER G 186 69.28 60.59 78.71
CA SER G 186 69.75 61.95 78.86
C SER G 186 70.20 62.70 77.59
N ARG G 187 69.72 63.93 77.57
CA ARG G 187 69.96 64.92 76.52
C ARG G 187 70.88 65.99 77.07
N ASN G 188 71.49 65.74 78.21
CA ASN G 188 72.38 66.76 78.77
C ASN G 188 71.64 68.09 78.97
N THR G 189 70.37 67.95 79.34
CA THR G 189 69.43 69.07 79.60
C THR G 189 69.67 69.51 81.04
N ASP G 190 69.20 70.69 81.39
CA ASP G 190 69.40 71.20 82.75
C ASP G 190 68.69 70.49 83.91
N ARG G 191 67.38 70.33 83.75
CA ARG G 191 66.54 69.68 84.76
C ARG G 191 65.69 68.67 83.99
N GLU G 192 66.37 67.72 83.33
CA GLU G 192 65.73 66.66 82.55
C GLU G 192 64.93 65.64 83.36
N ASP G 193 65.52 65.21 84.47
CA ASP G 193 64.93 64.21 85.35
C ASP G 193 63.68 64.70 86.08
N GLU G 194 63.73 65.92 86.60
CA GLU G 194 62.58 66.43 87.30
C GLU G 194 61.51 66.61 86.22
N LEU G 195 61.89 66.96 85.00
CA LEU G 195 60.88 67.14 83.96
C LEU G 195 60.22 65.80 83.56
N ILE G 196 61.00 64.74 83.39
CA ILE G 196 60.48 63.41 82.97
C ILE G 196 59.63 62.86 84.13
N ILE G 197 60.10 62.98 85.37
CA ILE G 197 59.36 62.49 86.52
C ILE G 197 58.10 63.40 86.63
N ALA G 198 58.19 64.61 86.09
CA ALA G 198 57.01 65.49 86.14
C ALA G 198 55.98 64.82 85.20
N LEU G 199 56.45 64.38 84.03
CA LEU G 199 55.67 63.69 82.97
C LEU G 199 55.22 62.29 83.38
N ALA G 200 56.12 61.62 84.08
CA ALA G 200 55.87 60.27 84.55
C ALA G 200 54.69 60.28 85.50
N ASN G 201 54.69 61.26 86.40
CA ASN G 201 53.62 61.40 87.40
C ASN G 201 52.27 61.78 86.82
N LYS G 202 52.27 62.73 85.89
CA LYS G 202 51.05 63.21 85.25
C LYS G 202 50.37 62.11 84.41
N LEU G 203 51.19 61.23 83.82
CA LEU G 203 50.78 60.11 82.99
C LEU G 203 50.42 58.88 83.79
N GLY G 204 50.58 58.91 85.09
CA GLY G 204 50.24 57.73 85.84
C GLY G 204 51.27 56.62 85.98
N THR G 205 52.47 56.85 85.46
CA THR G 205 53.56 55.87 85.54
C THR G 205 54.85 56.49 86.00
N GLN G 206 55.71 55.67 86.58
CA GLN G 206 57.03 56.05 87.11
C GLN G 206 58.14 56.07 86.08
N MET G 207 59.21 56.84 86.29
CA MET G 207 60.31 56.87 85.32
C MET G 207 61.12 55.78 85.94
N ILE G 208 61.28 54.70 85.21
CA ILE G 208 62.00 53.59 85.74
C ILE G 208 63.46 53.91 85.94
N HIS G 209 64.13 54.58 85.01
CA HIS G 209 65.53 54.90 85.23
C HIS G 209 66.08 56.05 84.37
N PHE G 210 67.14 56.68 84.88
CA PHE G 210 67.81 57.82 84.21
C PHE G 210 69.13 57.33 83.60
N VAL G 211 69.24 57.38 82.27
CA VAL G 211 70.45 56.92 81.60
C VAL G 211 71.38 58.10 81.37
N PRO G 212 72.61 58.00 81.87
CA PRO G 212 73.58 59.09 81.69
C PRO G 212 74.01 59.22 80.25
N ARG G 213 74.31 60.43 79.81
CA ARG G 213 74.73 60.61 78.42
C ARG G 213 76.25 60.42 78.51
N ASP G 214 76.77 59.49 77.73
CA ASP G 214 78.20 59.22 77.73
C ASP G 214 78.93 58.82 76.44
N ASN G 215 80.22 59.12 76.43
CA ASN G 215 81.10 58.86 75.33
C ASN G 215 81.44 57.41 75.03
N VAL G 216 81.60 56.59 76.06
CA VAL G 216 81.93 55.19 75.86
C VAL G 216 80.95 54.48 74.91
N VAL G 217 79.72 55.00 74.90
CA VAL G 217 78.63 54.48 74.09
C VAL G 217 78.92 54.74 72.63
N GLN G 218 79.39 55.93 72.36
CA GLN G 218 79.70 56.30 71.00
C GLN G 218 80.81 55.43 70.49
N ARG G 219 81.78 55.21 71.36
CA ARG G 219 82.95 54.41 71.07
C ARG G 219 82.58 52.94 70.90
N ALA G 220 81.71 52.41 71.75
CA ALA G 220 81.32 51.01 71.63
C ALA G 220 80.57 50.80 70.31
N GLU G 221 79.71 51.75 69.95
CA GLU G 221 78.92 51.67 68.70
C GLU G 221 79.78 51.69 67.43
N ILE G 222 80.80 52.54 67.33
CA ILE G 222 81.61 52.53 66.10
C ILE G 222 82.26 51.12 66.07
N ARG G 223 82.74 50.65 67.21
CA ARG G 223 83.38 49.34 67.33
C ARG G 223 82.39 48.22 66.93
N ARG G 224 81.13 48.60 66.72
CA ARG G 224 80.04 47.68 66.33
C ARG G 224 79.69 46.71 67.41
N MET G 225 79.82 47.18 68.64
CA MET G 225 79.52 46.40 69.83
C MET G 225 78.85 47.23 70.95
N THR G 226 78.19 46.54 71.87
CA THR G 226 77.50 47.16 73.01
C THR G 226 78.49 47.60 74.09
N VAL G 227 78.07 48.58 74.88
CA VAL G 227 78.89 49.15 75.95
C VAL G 227 79.18 48.07 76.95
N ILE G 228 78.21 47.22 77.23
CA ILE G 228 78.45 46.15 78.19
C ILE G 228 79.61 45.32 77.64
N GLU G 229 79.54 44.94 76.37
CA GLU G 229 80.57 44.13 75.72
C GLU G 229 81.93 44.83 75.51
N TYR G 230 81.91 46.08 75.06
CA TYR G 230 83.12 46.85 74.82
C TYR G 230 83.81 47.16 76.14
N ASP G 231 83.08 47.57 77.17
CA ASP G 231 83.67 47.90 78.49
C ASP G 231 82.95 47.49 79.79
N PRO G 232 82.93 46.21 80.15
CA PRO G 232 82.24 45.75 81.37
C PRO G 232 82.67 46.50 82.65
N LYS G 233 83.89 46.99 82.64
CA LYS G 233 84.50 47.72 83.74
C LYS G 233 83.84 49.10 83.99
N ALA G 234 83.55 49.79 82.91
CA ALA G 234 82.93 51.13 82.90
C ALA G 234 81.64 51.41 83.70
N LYS G 235 81.47 52.70 84.04
CA LYS G 235 80.36 53.25 84.80
C LYS G 235 79.06 53.16 84.01
N GLN G 236 79.10 53.51 82.73
CA GLN G 236 77.96 53.51 81.83
C GLN G 236 77.49 52.07 81.64
N ALA G 237 78.44 51.16 81.79
CA ALA G 237 78.22 49.70 81.68
C ALA G 237 77.36 49.42 82.89
N ASP G 238 77.69 50.07 83.99
CA ASP G 238 76.97 49.89 85.25
C ASP G 238 75.54 50.43 85.18
N GLU G 239 75.31 51.48 84.42
CA GLU G 239 73.98 52.06 84.31
C GLU G 239 72.96 51.18 83.62
N TYR G 240 73.38 50.57 82.51
CA TYR G 240 72.48 49.71 81.73
C TYR G 240 72.16 48.49 82.57
N ARG G 241 73.10 48.15 83.45
CA ARG G 241 73.00 47.01 84.35
C ARG G 241 71.85 47.36 85.32
N ALA G 242 71.83 48.61 85.74
CA ALA G 242 70.85 49.14 86.65
C ALA G 242 69.49 49.17 85.97
N LEU G 243 69.49 49.52 84.70
CA LEU G 243 68.26 49.60 83.94
C LEU G 243 67.66 48.22 83.79
N ALA G 244 68.48 47.25 83.49
CA ALA G 244 67.97 45.90 83.32
C ALA G 244 67.41 45.27 84.58
N ARG G 245 68.11 45.40 85.68
CA ARG G 245 67.69 44.81 86.97
C ARG G 245 66.35 45.40 87.31
N LYS G 246 66.20 46.69 87.02
CA LYS G 246 64.99 47.46 87.27
C LYS G 246 63.84 46.92 86.41
N VAL G 247 64.03 46.61 85.13
CA VAL G 247 62.92 46.11 84.36
C VAL G 247 62.57 44.74 84.89
N VAL G 248 63.53 43.93 85.31
CA VAL G 248 63.17 42.61 85.84
C VAL G 248 62.40 42.82 87.17
N ASP G 249 62.88 43.72 88.02
CA ASP G 249 62.28 44.05 89.34
C ASP G 249 60.92 44.76 89.33
N ASN G 250 60.73 45.75 88.46
CA ASN G 250 59.47 46.50 88.44
C ASN G 250 58.22 45.67 88.19
N LYS G 251 57.29 45.78 89.14
CA LYS G 251 56.01 45.09 89.17
C LYS G 251 54.80 45.95 88.85
N LEU G 252 55.01 47.22 88.48
CA LEU G 252 53.87 48.09 88.17
C LEU G 252 53.65 48.44 86.69
N LEU G 253 52.52 47.95 86.18
CA LEU G 253 52.07 48.13 84.80
C LEU G 253 50.75 48.85 84.90
N VAL G 254 50.59 49.95 84.21
CA VAL G 254 49.34 50.69 84.29
C VAL G 254 48.83 51.26 83.00
N ILE G 255 47.53 51.42 82.90
CA ILE G 255 47.03 52.01 81.70
C ILE G 255 47.22 53.48 82.04
N PRO G 256 47.95 54.23 81.21
CA PRO G 256 48.27 55.67 81.31
C PRO G 256 47.15 56.69 81.15
N ASN G 257 47.28 57.81 81.86
CA ASN G 257 46.31 58.88 81.77
C ASN G 257 47.05 59.83 80.85
N PRO G 258 46.65 59.86 79.56
CA PRO G 258 47.36 60.78 78.67
C PRO G 258 47.02 62.20 79.07
N ILE G 259 48.04 63.05 79.22
CA ILE G 259 47.88 64.46 79.60
C ILE G 259 47.56 65.40 78.46
N THR G 260 47.04 66.55 78.83
CA THR G 260 46.68 67.59 77.89
C THR G 260 47.97 68.29 77.45
N MET G 261 47.85 69.14 76.43
CA MET G 261 49.00 69.88 75.89
C MET G 261 49.37 70.85 76.98
N ASP G 262 48.34 71.45 77.54
CA ASP G 262 48.53 72.41 78.58
C ASP G 262 49.22 71.83 79.79
N GLU G 263 48.85 70.66 80.31
CA GLU G 263 49.59 70.17 81.49
C GLU G 263 51.06 69.95 81.11
N MET H 2 49.54 78.11 39.25
CA MET H 2 49.62 77.43 40.58
C MET H 2 50.82 76.52 40.74
N ARG H 3 51.48 76.64 41.89
CA ARG H 3 52.64 75.83 42.19
C ARG H 3 52.44 75.07 43.47
N GLN H 4 52.56 73.74 43.43
CA GLN H 4 52.36 72.95 44.65
C GLN H 4 53.66 72.34 45.12
N CYS H 5 54.03 72.65 46.36
CA CYS H 5 55.25 72.13 46.93
C CYS H 5 54.88 71.52 48.25
N ALA H 6 55.61 70.48 48.58
CA ALA H 6 55.40 69.77 49.81
C ALA H 6 56.71 69.77 50.57
N ILE H 7 56.61 70.08 51.85
CA ILE H 7 57.76 70.11 52.76
C ILE H 7 57.82 68.75 53.51
N TYR H 8 58.95 68.05 53.37
CA TYR H 8 59.13 66.75 54.00
C TYR H 8 60.34 66.62 54.91
N GLY H 9 60.16 66.01 56.08
CA GLY H 9 61.29 65.85 56.98
C GLY H 9 61.00 65.15 58.30
N LYS H 10 62.06 64.91 59.07
CA LYS H 10 61.98 64.24 60.36
C LYS H 10 61.28 65.18 61.34
N GLY H 11 60.51 64.63 62.26
CA GLY H 11 59.82 65.47 63.22
C GLY H 11 60.77 66.23 64.12
N GLY H 12 60.33 67.39 64.58
CA GLY H 12 61.18 68.18 65.45
C GLY H 12 62.29 68.94 64.73
N ILE H 13 62.29 68.96 63.41
CA ILE H 13 63.35 69.68 62.74
C ILE H 13 62.99 71.01 62.09
N GLY H 14 61.81 71.57 62.37
CA GLY H 14 61.51 72.85 61.75
C GLY H 14 60.78 72.94 60.42
N LYS H 15 60.12 71.87 59.97
CA LYS H 15 59.40 71.89 58.69
C LYS H 15 58.19 72.84 58.76
N SER H 16 57.43 72.79 59.86
CA SER H 16 56.25 73.65 60.01
C SER H 16 56.69 75.11 60.16
N THR H 17 57.71 75.32 60.97
CA THR H 17 58.26 76.64 61.24
C THR H 17 58.94 77.25 60.01
N THR H 18 59.72 76.45 59.31
CA THR H 18 60.44 76.86 58.12
C THR H 18 59.40 77.16 57.05
N THR H 19 58.39 76.30 56.92
CA THR H 19 57.34 76.51 55.91
C THR H 19 56.43 77.72 56.15
N GLN H 20 56.07 78.00 57.40
CA GLN H 20 55.18 79.13 57.67
C GLN H 20 55.82 80.48 57.38
N ASN H 21 57.06 80.60 57.81
CA ASN H 21 57.84 81.80 57.64
C ASN H 21 58.09 82.04 56.13
N LEU H 22 58.41 80.98 55.40
CA LEU H 22 58.67 81.02 53.97
C LEU H 22 57.37 81.43 53.28
N VAL H 23 56.27 80.83 53.73
CA VAL H 23 54.95 81.10 53.17
C VAL H 23 54.66 82.59 53.48
N ALA H 24 54.99 83.04 54.69
CA ALA H 24 54.75 84.43 55.08
C ALA H 24 55.55 85.40 54.19
N ALA H 25 56.75 85.00 53.78
CA ALA H 25 57.64 85.79 52.91
C ALA H 25 56.97 85.88 51.53
N LEU H 26 56.41 84.79 51.04
CA LEU H 26 55.77 84.81 49.73
C LEU H 26 54.52 85.71 49.88
N ALA H 27 53.95 85.76 51.08
CA ALA H 27 52.79 86.56 51.39
C ALA H 27 53.16 88.04 51.33
N GLU H 28 54.32 88.36 51.92
CA GLU H 28 54.86 89.73 52.00
C GLU H 28 55.20 90.18 50.59
N MET H 29 55.81 89.28 49.83
CA MET H 29 56.20 89.52 48.45
C MET H 29 54.88 89.64 47.71
N GLY H 30 53.84 89.08 48.31
CA GLY H 30 52.54 89.14 47.69
C GLY H 30 51.89 88.00 46.91
N LYS H 31 52.51 86.83 46.82
CA LYS H 31 51.93 85.69 46.09
C LYS H 31 50.76 85.12 46.89
N LYS H 32 49.66 84.73 46.25
CA LYS H 32 48.53 84.18 47.01
C LYS H 32 48.97 82.76 47.37
N VAL H 33 48.79 82.40 48.65
CA VAL H 33 49.19 81.09 49.19
C VAL H 33 48.16 80.39 50.08
N MET H 34 48.20 79.05 50.07
CA MET H 34 47.34 78.15 50.85
C MET H 34 48.28 77.12 51.51
N ILE H 35 48.11 76.87 52.80
CA ILE H 35 48.97 75.93 53.50
C ILE H 35 48.06 74.80 53.95
N VAL H 36 48.40 73.58 53.55
CA VAL H 36 47.62 72.40 53.92
C VAL H 36 48.57 71.60 54.76
N GLY H 37 48.16 71.28 55.96
CA GLY H 37 49.05 70.51 56.80
C GLY H 37 48.56 69.11 57.05
N CYS H 38 49.40 68.16 56.72
CA CYS H 38 49.11 66.76 56.92
C CYS H 38 49.79 66.24 58.18
N ASP H 39 50.59 67.06 58.88
CA ASP H 39 51.26 66.59 60.08
C ASP H 39 50.19 66.36 61.13
N PRO H 40 50.25 65.21 61.83
CA PRO H 40 49.23 64.92 62.86
C PRO H 40 49.19 65.96 63.98
N LYS H 41 50.29 66.66 64.17
CA LYS H 41 50.35 67.68 65.22
C LYS H 41 49.44 68.88 64.98
N ALA H 42 49.45 69.40 63.76
CA ALA H 42 48.66 70.58 63.36
C ALA H 42 49.02 71.95 63.97
N ASP H 43 50.32 72.14 64.24
CA ASP H 43 50.93 73.36 64.79
C ASP H 43 51.53 74.07 63.58
N SER H 44 51.24 73.46 62.44
CA SER H 44 51.67 73.82 61.09
C SER H 44 51.14 75.16 60.63
N THR H 45 49.85 75.40 60.87
CA THR H 45 49.15 76.62 60.51
C THR H 45 49.11 77.64 61.66
N ARG H 46 49.78 77.33 62.76
CA ARG H 46 49.82 78.18 63.96
C ARG H 46 50.53 79.53 63.92
N LEU H 47 51.71 79.63 63.35
CA LEU H 47 52.38 80.92 63.37
C LEU H 47 51.65 81.98 62.52
N ILE H 48 51.24 81.61 61.32
CA ILE H 48 50.53 82.51 60.42
C ILE H 48 49.13 82.91 60.90
N LEU H 49 48.39 81.92 61.39
CA LEU H 49 47.01 82.04 61.91
C LEU H 49 46.71 82.81 63.20
N HIS H 50 47.63 82.79 64.16
CA HIS H 50 47.43 83.46 65.45
C HIS H 50 46.31 82.71 66.13
N SER H 51 46.28 81.41 65.87
CA SER H 51 45.30 80.49 66.42
C SER H 51 46.13 79.52 67.27
N LYS H 52 45.74 79.27 68.51
CA LYS H 52 46.53 78.35 69.33
C LYS H 52 46.43 76.93 68.77
N ALA H 53 45.22 76.50 68.43
CA ALA H 53 45.03 75.16 67.88
C ALA H 53 44.04 75.38 66.74
N GLN H 54 44.32 74.84 65.55
CA GLN H 54 43.41 75.03 64.45
C GLN H 54 42.53 73.80 64.36
N ASN H 55 41.23 74.06 64.28
CA ASN H 55 40.30 72.96 64.19
C ASN H 55 40.55 72.36 62.79
N THR H 56 40.82 71.06 62.79
CA THR H 56 41.09 70.21 61.64
C THR H 56 39.85 69.67 60.92
N ILE H 57 40.04 69.18 59.70
CA ILE H 57 38.95 68.65 58.90
C ILE H 57 38.37 67.40 59.55
N MET H 58 39.21 66.49 60.02
CA MET H 58 38.72 65.29 60.66
C MET H 58 38.03 65.62 61.99
N GLU H 59 38.59 66.57 62.74
CA GLU H 59 38.02 66.98 64.02
C GLU H 59 36.61 67.60 63.84
N MET H 60 36.51 68.50 62.87
CA MET H 60 35.29 69.24 62.52
C MET H 60 34.17 68.40 61.90
N ALA H 61 34.55 67.53 60.97
CA ALA H 61 33.63 66.66 60.26
C ALA H 61 33.17 65.55 61.19
N ALA H 62 33.94 65.33 62.25
CA ALA H 62 33.62 64.30 63.23
C ALA H 62 32.35 64.67 64.00
N GLU H 63 32.24 65.91 64.43
CA GLU H 63 31.06 66.35 65.18
C GLU H 63 29.81 66.37 64.27
N ALA H 64 29.99 66.87 63.06
CA ALA H 64 28.93 66.98 62.04
C ALA H 64 28.53 65.58 61.60
N GLY H 65 29.52 64.69 61.55
CA GLY H 65 29.27 63.33 61.14
C GLY H 65 29.43 63.00 59.68
N THR H 66 29.70 64.00 58.85
CA THR H 66 29.89 63.71 57.44
C THR H 66 30.78 64.71 56.74
N VAL H 67 31.46 64.23 55.73
CA VAL H 67 32.35 65.03 54.90
C VAL H 67 31.44 65.67 53.85
N GLU H 68 31.82 66.83 53.33
CA GLU H 68 31.03 67.55 52.31
C GLU H 68 29.65 67.89 52.85
N ASP H 69 29.52 67.83 54.17
CA ASP H 69 28.27 68.14 54.87
C ASP H 69 28.81 69.22 55.79
N LEU H 70 30.05 69.60 55.48
CA LEU H 70 30.84 70.61 56.19
C LEU H 70 31.35 71.70 55.26
N GLU H 71 31.19 72.95 55.68
CA GLU H 71 31.64 74.09 54.89
C GLU H 71 33.12 74.45 54.93
N LEU H 72 33.56 74.89 53.77
CA LEU H 72 34.92 75.32 53.54
C LEU H 72 35.23 76.59 54.30
N GLU H 73 34.23 77.45 54.49
CA GLU H 73 34.51 78.69 55.22
C GLU H 73 34.97 78.27 56.61
N ASP H 74 34.24 77.35 57.23
CA ASP H 74 34.59 76.86 58.56
C ASP H 74 35.89 76.03 58.50
N VAL H 75 35.99 75.15 57.49
CA VAL H 75 37.17 74.30 57.28
C VAL H 75 38.43 75.05 56.86
N LEU H 76 38.28 76.00 55.95
CA LEU H 76 39.46 76.75 55.53
C LEU H 76 39.31 78.19 55.97
N LYS H 77 40.31 78.62 56.72
CA LYS H 77 40.40 79.96 57.28
C LYS H 77 41.68 80.67 56.90
N ALA H 78 41.53 81.86 56.32
CA ALA H 78 42.66 82.68 55.90
C ALA H 78 43.40 83.45 56.98
N GLY H 79 44.72 83.28 56.95
CA GLY H 79 45.65 83.89 57.88
C GLY H 79 46.22 85.23 57.47
N TYR H 80 47.39 85.54 58.03
CA TYR H 80 48.13 86.78 57.78
C TYR H 80 48.69 86.73 56.35
N GLY H 81 48.73 87.88 55.67
CA GLY H 81 49.23 87.90 54.31
C GLY H 81 48.19 87.34 53.36
N GLY H 82 47.01 87.05 53.91
CA GLY H 82 45.92 86.50 53.11
C GLY H 82 46.02 85.05 52.73
N VAL H 83 46.98 84.32 53.30
CA VAL H 83 47.16 82.91 52.97
C VAL H 83 46.09 81.98 53.58
N LYS H 84 45.53 81.09 52.76
CA LYS H 84 44.51 80.16 53.21
C LYS H 84 45.16 79.03 54.03
N CYS H 85 44.58 78.73 55.20
CA CYS H 85 45.11 77.67 56.08
C CYS H 85 44.15 76.53 56.43
N VAL H 86 44.57 75.29 56.20
CA VAL H 86 43.74 74.14 56.51
C VAL H 86 44.61 73.08 57.15
N GLU H 87 44.04 72.36 58.10
CA GLU H 87 44.76 71.30 58.81
C GLU H 87 44.14 69.95 58.46
N SER H 88 44.94 69.07 57.88
CA SER H 88 44.49 67.73 57.49
C SER H 88 44.19 66.96 58.78
N GLY H 89 45.10 67.11 59.74
CA GLY H 89 44.89 66.43 61.00
C GLY H 89 44.84 64.94 60.78
N GLY H 90 44.17 64.22 61.68
CA GLY H 90 44.09 62.78 61.50
C GLY H 90 43.31 61.96 62.49
N PRO H 91 43.38 60.64 62.36
CA PRO H 91 42.69 59.67 63.23
C PRO H 91 43.21 59.57 64.65
N GLU H 92 42.39 58.97 65.49
CA GLU H 92 42.71 58.77 66.87
C GLU H 92 43.84 57.79 66.83
N PRO H 93 44.75 57.89 67.80
CA PRO H 93 45.85 56.94 67.74
C PRO H 93 45.44 55.49 67.97
N GLY H 94 46.19 54.62 67.29
CA GLY H 94 45.94 53.21 67.38
C GLY H 94 44.89 52.76 66.38
N VAL H 95 44.26 53.70 65.67
CA VAL H 95 43.24 53.38 64.69
C VAL H 95 43.34 54.07 63.37
N GLY H 96 43.13 53.30 62.34
CA GLY H 96 43.20 53.87 61.02
C GLY H 96 44.60 54.13 60.55
N CYS H 97 44.69 54.80 59.41
CA CYS H 97 45.92 55.16 58.72
C CYS H 97 45.95 56.65 58.79
N ALA H 98 47.04 57.20 59.29
CA ALA H 98 47.17 58.65 59.46
C ALA H 98 47.16 59.29 58.09
N GLY H 99 47.88 58.70 57.16
CA GLY H 99 47.94 59.20 55.80
C GLY H 99 46.58 59.18 55.09
N ARG H 100 45.67 58.31 55.54
CA ARG H 100 44.35 58.21 54.92
C ARG H 100 43.62 59.54 55.25
N GLY H 101 43.72 60.01 56.49
CA GLY H 101 43.09 61.28 56.84
C GLY H 101 43.63 62.44 55.99
N VAL H 102 44.88 62.30 55.54
CA VAL H 102 45.60 63.29 54.73
C VAL H 102 44.95 63.36 53.37
N ILE H 103 44.55 62.22 52.84
CA ILE H 103 43.89 62.13 51.53
C ILE H 103 42.47 62.73 51.45
N THR H 104 41.66 62.57 52.49
CA THR H 104 40.29 63.10 52.50
C THR H 104 40.33 64.62 52.52
N ALA H 105 41.29 65.19 53.23
CA ALA H 105 41.39 66.64 53.32
C ALA H 105 41.76 67.21 51.95
N ILE H 106 42.71 66.61 51.25
CA ILE H 106 43.09 67.12 49.93
C ILE H 106 41.91 66.95 48.96
N ASN H 107 41.23 65.80 49.01
CA ASN H 107 40.09 65.47 48.15
C ASN H 107 38.98 66.46 48.46
N PHE H 108 38.76 66.72 49.75
CA PHE H 108 37.74 67.64 50.17
C PHE H 108 38.01 69.06 49.64
N LEU H 109 39.26 69.49 49.72
CA LEU H 109 39.65 70.82 49.24
C LEU H 109 39.44 70.95 47.73
N GLU H 110 39.78 69.93 46.94
CA GLU H 110 39.61 70.01 45.49
C GLU H 110 38.12 70.05 45.09
N GLU H 111 37.30 69.22 45.71
CA GLU H 111 35.86 69.17 45.40
C GLU H 111 35.19 70.50 45.73
N GLU H 112 35.55 71.03 46.89
CA GLU H 112 35.02 72.29 47.39
C GLU H 112 35.48 73.46 46.53
N GLY H 113 36.75 73.48 46.12
CA GLY H 113 37.18 74.61 45.30
C GLY H 113 38.36 75.47 45.75
N ALA H 114 39.23 74.87 46.54
CA ALA H 114 40.42 75.54 47.08
C ALA H 114 41.40 75.82 45.95
N TYR H 115 41.57 74.83 45.09
CA TYR H 115 42.46 74.92 43.95
C TYR H 115 41.78 75.64 42.76
N GLU H 116 42.60 76.06 41.79
CA GLU H 116 42.12 76.79 40.61
C GLU H 116 41.50 78.08 41.12
N ASP H 117 42.04 78.51 42.25
CA ASP H 117 41.66 79.72 42.97
C ASP H 117 42.74 80.77 42.62
N ASP H 118 43.56 80.46 41.62
CA ASP H 118 44.65 81.32 41.17
C ASP H 118 45.53 81.68 42.33
N LEU H 119 45.69 80.69 43.20
CA LEU H 119 46.50 80.77 44.40
C LEU H 119 47.85 80.44 43.81
N ASP H 120 48.81 81.33 44.00
CA ASP H 120 50.12 81.05 43.44
C ASP H 120 50.89 79.87 44.05
N PHE H 121 50.89 79.77 45.39
CA PHE H 121 51.59 78.68 46.05
C PHE H 121 50.81 77.83 47.03
N VAL H 122 50.93 76.53 46.87
CA VAL H 122 50.25 75.62 47.77
C VAL H 122 51.38 74.85 48.46
N PHE H 123 51.41 74.89 49.78
CA PHE H 123 52.43 74.22 50.55
C PHE H 123 51.85 73.17 51.50
N TYR H 124 52.35 71.94 51.35
CA TYR H 124 51.89 70.82 52.16
C TYR H 124 52.93 70.50 53.23
N ASP H 125 52.55 70.66 54.49
CA ASP H 125 53.44 70.37 55.58
C ASP H 125 53.23 68.86 55.77
N VAL H 126 54.29 68.06 55.72
CA VAL H 126 54.17 66.60 55.87
C VAL H 126 55.16 65.99 56.86
N LEU H 127 54.82 64.83 57.42
CA LEU H 127 55.75 64.18 58.38
C LEU H 127 56.57 63.17 57.56
N GLY H 128 57.90 63.33 57.59
CA GLY H 128 58.85 62.48 56.88
C GLY H 128 59.47 61.30 57.58
N ASP H 129 59.01 61.00 58.80
CA ASP H 129 59.60 59.91 59.54
C ASP H 129 59.33 58.57 58.96
N VAL H 130 58.09 58.34 58.57
CA VAL H 130 57.76 57.06 58.00
C VAL H 130 57.18 57.27 56.61
N VAL H 131 57.70 56.55 55.63
CA VAL H 131 57.14 56.74 54.31
C VAL H 131 56.26 55.55 53.98
N CYS H 132 54.96 55.80 53.89
CA CYS H 132 53.98 54.76 53.59
C CYS H 132 52.98 55.36 52.62
N GLY H 133 52.21 54.51 51.97
CA GLY H 133 51.25 55.00 51.02
C GLY H 133 50.35 56.08 51.56
N GLY H 134 49.93 56.04 52.84
CA GLY H 134 49.08 57.11 53.31
C GLY H 134 49.86 58.41 53.38
N PHE H 135 51.07 58.33 53.91
CA PHE H 135 51.98 59.45 54.04
C PHE H 135 52.58 59.98 52.75
N ALA H 136 52.88 59.05 51.87
CA ALA H 136 53.49 59.32 50.58
C ALA H 136 52.35 59.50 49.60
N MET H 137 51.17 59.81 50.14
CA MET H 137 49.94 60.01 49.36
C MET H 137 50.11 61.28 48.53
N PRO H 138 50.68 62.36 49.08
CA PRO H 138 50.81 63.53 48.21
C PRO H 138 51.69 63.07 47.01
N ILE H 139 52.67 62.22 47.25
CA ILE H 139 53.54 61.71 46.20
C ILE H 139 52.82 60.80 45.20
N ARG H 140 51.97 59.87 45.66
CA ARG H 140 51.30 58.97 44.71
C ARG H 140 50.38 59.72 43.76
N GLU H 141 49.50 60.54 44.29
CA GLU H 141 48.62 61.31 43.42
C GLU H 141 49.55 62.48 43.11
N ASN H 142 49.38 63.25 42.05
CA ASN H 142 50.34 64.35 41.89
C ASN H 142 49.85 65.52 42.73
N LYS H 143 49.76 65.30 44.04
CA LYS H 143 49.30 66.36 44.94
C LYS H 143 50.32 67.46 45.00
N ALA H 144 51.59 67.09 45.14
CA ALA H 144 52.61 68.12 45.20
C ALA H 144 53.69 67.85 44.17
N GLN H 145 53.78 68.74 43.20
CA GLN H 145 54.79 68.58 42.17
C GLN H 145 56.23 68.77 42.63
N GLU H 146 56.47 69.80 43.43
CA GLU H 146 57.80 70.09 43.92
C GLU H 146 57.92 69.62 45.33
N ILE H 147 58.96 68.86 45.65
CA ILE H 147 59.15 68.36 47.01
C ILE H 147 60.42 68.90 47.70
N TYR H 148 60.28 69.53 48.87
CA TYR H 148 61.45 70.06 49.57
C TYR H 148 61.67 69.37 50.89
N ILE H 149 62.83 68.76 51.06
CA ILE H 149 63.15 68.03 52.30
C ILE H 149 64.01 68.81 53.30
N VAL H 150 63.46 69.06 54.49
CA VAL H 150 64.16 69.78 55.55
C VAL H 150 65.09 68.78 56.21
N CYS H 151 66.28 69.22 56.60
CA CYS H 151 67.24 68.30 57.23
C CYS H 151 68.32 68.88 58.13
N SER H 152 68.92 68.02 58.92
CA SER H 152 69.96 68.47 59.82
C SER H 152 71.25 67.68 59.77
N GLY H 153 72.17 68.15 60.60
CA GLY H 153 73.50 67.57 60.76
C GLY H 153 73.46 66.14 61.22
N GLU H 154 72.36 65.80 61.91
CA GLU H 154 72.16 64.43 62.45
C GLU H 154 71.74 63.36 61.43
N MET H 155 71.78 62.11 61.89
CA MET H 155 71.46 60.91 61.12
C MET H 155 70.02 60.78 60.71
N MET H 156 69.12 61.06 61.63
CA MET H 156 67.72 60.94 61.33
C MET H 156 67.24 61.84 60.19
N ALA H 157 67.71 63.07 60.07
CA ALA H 157 67.25 63.95 58.98
C ALA H 157 67.64 63.41 57.61
N MET H 158 68.87 62.94 57.52
CA MET H 158 69.47 62.38 56.32
C MET H 158 68.83 61.05 55.93
N TYR H 159 68.61 60.19 56.92
CA TYR H 159 68.01 58.86 56.72
C TYR H 159 66.62 59.20 56.21
N ALA H 160 65.95 60.17 56.81
CA ALA H 160 64.61 60.59 56.42
C ALA H 160 64.65 61.22 55.01
N ALA H 161 65.62 62.07 54.75
CA ALA H 161 65.76 62.74 53.46
C ALA H 161 65.96 61.69 52.38
N ASN H 162 66.80 60.70 52.65
CA ASN H 162 67.11 59.60 51.73
C ASN H 162 65.86 58.71 51.50
N ASN H 163 65.12 58.48 52.57
CA ASN H 163 63.89 57.67 52.60
C ASN H 163 62.78 58.34 51.80
N ILE H 164 62.71 59.66 51.92
CA ILE H 164 61.72 60.48 51.24
C ILE H 164 62.04 60.42 49.74
N SER H 165 63.34 60.42 49.43
CA SER H 165 63.85 60.38 48.07
C SER H 165 63.56 59.07 47.40
N LYS H 166 63.76 57.97 48.14
CA LYS H 166 63.55 56.60 47.68
C LYS H 166 62.04 56.58 47.32
N GLY H 167 61.25 57.26 48.13
CA GLY H 167 59.82 57.31 47.90
C GLY H 167 59.52 58.01 46.57
N ILE H 168 60.20 59.12 46.32
CA ILE H 168 60.01 59.91 45.10
C ILE H 168 60.50 59.17 43.86
N VAL H 169 61.50 58.33 44.04
CA VAL H 169 62.06 57.54 42.93
C VAL H 169 61.02 56.50 42.48
N LYS H 170 60.33 55.89 43.42
CA LYS H 170 59.32 54.87 43.10
C LYS H 170 58.10 55.40 42.32
N TYR H 171 57.54 56.55 42.70
CA TYR H 171 56.36 57.14 42.06
C TYR H 171 56.69 58.08 40.90
N ALA H 172 57.91 57.91 40.40
CA ALA H 172 58.53 58.65 39.30
C ALA H 172 57.86 58.41 37.93
N ASN H 173 57.55 57.15 37.64
CA ASN H 173 56.92 56.80 36.38
C ASN H 173 55.49 57.28 36.14
N SER H 174 54.60 57.13 37.14
CA SER H 174 53.22 57.58 36.98
C SER H 174 53.00 59.10 36.90
N GLY H 175 53.62 59.78 37.86
CA GLY H 175 53.59 61.23 38.04
C GLY H 175 54.72 62.11 37.59
N SER H 176 54.56 63.42 37.85
CA SER H 176 55.53 64.48 37.52
C SER H 176 56.23 65.03 38.78
N VAL H 177 56.05 64.36 39.91
CA VAL H 177 56.66 64.77 41.18
C VAL H 177 58.17 64.73 41.13
N ARG H 178 58.77 65.81 41.59
CA ARG H 178 60.22 65.95 41.61
C ARG H 178 60.73 66.62 42.89
N LEU H 179 61.98 66.33 43.22
CA LEU H 179 62.65 66.86 44.42
C LEU H 179 63.43 68.13 44.07
N GLY H 180 62.89 69.29 44.46
CA GLY H 180 63.59 70.52 44.14
C GLY H 180 64.92 70.78 44.85
N GLY H 181 64.95 70.50 46.15
CA GLY H 181 66.19 70.72 46.89
C GLY H 181 66.04 70.36 48.35
N LEU H 182 67.11 70.46 49.12
CA LEU H 182 67.02 70.12 50.53
C LEU H 182 67.30 71.32 51.38
N ILE H 183 66.31 71.68 52.18
CA ILE H 183 66.39 72.84 53.03
C ILE H 183 67.02 72.48 54.35
N CYS H 184 68.14 73.15 54.62
CA CYS H 184 68.89 72.94 55.84
C CYS H 184 68.33 73.76 57.00
N ASN H 185 68.30 73.14 58.18
CA ASN H 185 67.82 73.77 59.38
C ASN H 185 69.09 73.61 60.21
N SER H 186 69.56 74.68 60.82
CA SER H 186 70.78 74.63 61.64
C SER H 186 70.65 74.00 63.01
N ARG H 187 71.59 73.10 63.28
CA ARG H 187 71.71 72.36 64.55
C ARG H 187 72.90 72.89 65.34
N ASN H 188 73.46 74.02 64.90
CA ASN H 188 74.64 74.61 65.55
C ASN H 188 75.77 73.58 65.46
N THR H 189 75.69 72.77 64.41
CA THR H 189 76.68 71.72 64.12
C THR H 189 77.92 72.39 63.54
N ASP H 190 79.08 71.77 63.68
CA ASP H 190 80.34 72.34 63.17
C ASP H 190 80.37 72.37 61.62
N ARG H 191 79.96 71.31 60.94
CA ARG H 191 79.98 71.35 59.47
C ARG H 191 78.67 70.87 58.84
N GLU H 192 77.60 71.56 59.19
CA GLU H 192 76.25 71.28 58.73
C GLU H 192 75.95 71.52 57.25
N ASP H 193 76.44 72.65 56.76
CA ASP H 193 76.22 73.07 55.38
C ASP H 193 76.94 72.15 54.44
N GLU H 194 78.17 71.84 54.79
CA GLU H 194 79.04 70.97 54.02
C GLU H 194 78.51 69.53 54.04
N LEU H 195 78.08 69.06 55.20
CA LEU H 195 77.56 67.69 55.36
C LEU H 195 76.34 67.55 54.44
N ILE H 196 75.48 68.55 54.44
CA ILE H 196 74.27 68.57 53.63
C ILE H 196 74.59 68.66 52.14
N ILE H 197 75.53 69.51 51.78
CA ILE H 197 75.90 69.68 50.37
C ILE H 197 76.45 68.42 49.73
N ALA H 198 77.33 67.69 50.41
CA ALA H 198 77.90 66.46 49.88
C ALA H 198 76.76 65.41 49.66
N LEU H 199 75.83 65.34 50.61
CA LEU H 199 74.65 64.44 50.66
C LEU H 199 73.67 64.77 49.54
N ALA H 200 73.47 66.06 49.39
CA ALA H 200 72.56 66.64 48.40
C ALA H 200 73.16 66.35 47.03
N ASN H 201 74.47 66.57 46.98
CA ASN H 201 75.29 66.38 45.79
C ASN H 201 75.23 64.90 45.45
N LYS H 202 75.32 64.06 46.47
CA LYS H 202 75.29 62.61 46.32
C LYS H 202 73.85 62.32 45.85
N LEU H 203 72.87 62.99 46.45
CA LEU H 203 71.45 62.76 46.09
C LEU H 203 71.11 63.26 44.67
N GLY H 204 71.86 64.22 44.14
CA GLY H 204 71.56 64.71 42.80
C GLY H 204 70.79 66.01 42.71
N THR H 205 70.56 66.59 43.87
CA THR H 205 69.87 67.85 43.96
C THR H 205 70.58 68.76 44.96
N GLN H 206 70.40 70.04 44.68
CA GLN H 206 70.91 71.20 45.39
C GLN H 206 70.38 71.53 46.78
N MET H 207 71.22 72.10 47.63
CA MET H 207 70.73 72.44 48.94
C MET H 207 70.32 73.84 48.58
N ILE H 208 69.03 74.09 48.64
CA ILE H 208 68.53 75.40 48.32
C ILE H 208 68.93 76.49 49.31
N HIS H 209 68.84 76.23 50.61
CA HIS H 209 69.19 77.24 51.62
C HIS H 209 69.75 76.74 52.96
N PHE H 210 70.53 77.58 53.66
CA PHE H 210 71.13 77.25 54.97
C PHE H 210 70.46 78.26 55.89
N VAL H 211 69.80 77.78 56.96
CA VAL H 211 69.10 78.64 57.92
C VAL H 211 69.71 78.56 59.33
N PRO H 212 70.18 79.70 59.88
CA PRO H 212 70.78 79.80 61.22
C PRO H 212 69.82 79.56 62.37
N ARG H 213 70.31 78.99 63.48
CA ARG H 213 69.52 78.70 64.69
C ARG H 213 69.60 80.08 65.36
N ASP H 214 68.45 80.69 65.66
CA ASP H 214 68.41 82.01 66.32
C ASP H 214 67.23 82.01 67.30
N ASN H 215 67.33 82.82 68.36
CA ASN H 215 66.27 82.89 69.37
C ASN H 215 65.15 83.83 68.98
N VAL H 216 65.35 84.49 67.84
CA VAL H 216 64.38 85.41 67.28
C VAL H 216 63.15 84.55 66.87
N VAL H 217 63.42 83.36 66.33
CA VAL H 217 62.40 82.41 65.87
C VAL H 217 61.62 81.90 67.07
N GLN H 218 62.34 81.59 68.13
CA GLN H 218 61.83 81.07 69.40
C GLN H 218 60.99 82.09 70.18
N ARG H 219 61.46 83.33 70.25
CA ARG H 219 60.77 84.42 70.97
C ARG H 219 59.45 84.72 70.24
N ALA H 220 59.54 84.77 68.93
CA ALA H 220 58.44 85.06 68.01
C ALA H 220 57.33 83.99 68.18
N GLU H 221 57.74 82.73 68.29
CA GLU H 221 56.87 81.56 68.45
C GLU H 221 55.99 81.57 69.73
N ILE H 222 56.54 81.97 70.87
CA ILE H 222 55.79 82.01 72.15
C ILE H 222 54.69 83.01 71.84
N ARG H 223 55.04 84.10 71.15
CA ARG H 223 54.06 85.13 70.79
C ARG H 223 53.06 84.59 69.75
N ARG H 224 53.29 83.36 69.32
CA ARG H 224 52.44 82.70 68.33
C ARG H 224 52.29 83.46 66.99
N MET H 225 53.37 84.12 66.57
CA MET H 225 53.40 84.90 65.32
C MET H 225 54.72 84.66 64.55
N THR H 226 54.76 85.02 63.28
CA THR H 226 55.97 84.80 62.49
C THR H 226 57.11 85.79 62.77
N VAL H 227 58.31 85.32 62.49
CA VAL H 227 59.59 86.02 62.66
C VAL H 227 59.50 87.12 61.64
N ILE H 228 58.95 86.74 60.50
CA ILE H 228 58.82 87.66 59.40
C ILE H 228 57.80 88.70 59.88
N GLU H 229 56.69 88.30 60.50
CA GLU H 229 55.72 89.28 60.98
C GLU H 229 56.15 90.20 62.13
N TYR H 230 56.65 89.56 63.19
CA TYR H 230 57.12 90.19 64.43
C TYR H 230 58.38 91.02 64.30
N ASP H 231 59.36 90.48 63.59
CA ASP H 231 60.64 91.16 63.39
C ASP H 231 61.06 91.16 61.92
N PRO H 232 60.44 92.01 61.09
CA PRO H 232 60.77 92.11 59.67
C PRO H 232 62.14 92.69 59.40
N LYS H 233 62.61 93.52 60.31
CA LYS H 233 63.88 94.22 60.26
C LYS H 233 65.15 93.40 60.61
N ALA H 234 64.97 92.19 61.17
CA ALA H 234 66.05 91.27 61.60
C ALA H 234 66.68 90.35 60.54
N LYS H 235 67.84 89.79 60.91
CA LYS H 235 68.69 88.90 60.10
C LYS H 235 68.01 87.54 59.85
N GLN H 236 67.32 87.01 60.84
CA GLN H 236 66.66 85.73 60.66
C GLN H 236 65.51 85.90 59.64
N ALA H 237 64.81 87.03 59.72
CA ALA H 237 63.66 87.37 58.85
C ALA H 237 64.13 87.45 57.39
N ASP H 238 65.33 87.99 57.23
CA ASP H 238 66.00 88.20 55.96
C ASP H 238 66.38 86.84 55.35
N GLU H 239 66.76 85.87 56.17
CA GLU H 239 67.14 84.54 55.70
C GLU H 239 65.92 83.83 55.08
N TYR H 240 64.76 83.93 55.72
CA TYR H 240 63.53 83.30 55.23
C TYR H 240 63.06 83.96 53.90
N ARG H 241 63.38 85.24 53.69
CA ARG H 241 62.97 85.93 52.45
C ARG H 241 63.75 85.34 51.25
N ALA H 242 65.04 85.12 51.45
CA ALA H 242 65.97 84.59 50.46
C ALA H 242 65.51 83.19 50.05
N LEU H 243 65.11 82.38 51.03
CA LEU H 243 64.63 81.00 50.86
C LEU H 243 63.42 81.09 49.98
N ALA H 244 62.56 82.06 50.26
CA ALA H 244 61.36 82.25 49.49
C ALA H 244 61.76 82.70 48.06
N ARG H 245 62.70 83.63 47.95
CA ARG H 245 63.13 84.12 46.65
C ARG H 245 63.73 82.98 45.85
N LYS H 246 64.56 82.16 46.50
CA LYS H 246 65.22 81.02 45.85
C LYS H 246 64.26 79.88 45.35
N VAL H 247 63.27 79.53 46.16
CA VAL H 247 62.28 78.50 45.85
C VAL H 247 61.47 78.96 44.65
N VAL H 248 61.07 80.23 44.63
CA VAL H 248 60.30 80.75 43.51
C VAL H 248 61.28 80.73 42.34
N ASP H 249 62.49 81.18 42.59
CA ASP H 249 63.49 81.19 41.54
C ASP H 249 64.04 79.86 40.99
N ASN H 250 64.29 78.88 41.87
CA ASN H 250 64.87 77.60 41.45
C ASN H 250 64.05 76.80 40.43
N LYS H 251 64.72 76.50 39.31
CA LYS H 251 64.16 75.77 38.20
C LYS H 251 64.57 74.31 38.10
N LEU H 252 65.44 73.89 39.01
CA LEU H 252 65.91 72.52 38.96
C LEU H 252 65.17 71.53 39.83
N LEU H 253 64.52 70.57 39.18
CA LEU H 253 63.76 69.52 39.86
C LEU H 253 64.39 68.27 39.24
N VAL H 254 64.89 67.35 40.07
CA VAL H 254 65.53 66.13 39.61
C VAL H 254 65.12 64.88 40.39
N ILE H 255 65.18 63.72 39.73
CA ILE H 255 64.81 62.48 40.42
C ILE H 255 66.07 62.13 41.19
N PRO H 256 66.01 62.02 42.52
CA PRO H 256 67.16 61.69 43.37
C PRO H 256 67.64 60.27 43.25
N ASN H 257 68.94 60.06 43.32
CA ASN H 257 69.41 58.70 43.23
C ASN H 257 69.64 58.48 44.72
N PRO H 258 68.88 57.58 45.33
CA PRO H 258 69.12 57.38 46.76
C PRO H 258 70.47 56.73 47.03
N ILE H 259 71.16 57.22 48.05
CA ILE H 259 72.47 56.69 48.43
C ILE H 259 72.31 55.59 49.47
N THR H 260 73.25 54.65 49.47
CA THR H 260 73.27 53.52 50.40
C THR H 260 73.55 54.03 51.82
N MET H 261 72.98 53.34 52.80
CA MET H 261 73.13 53.71 54.20
C MET H 261 74.62 53.87 54.50
N ASP H 262 75.40 53.12 53.73
CA ASP H 262 76.86 53.08 53.78
C ASP H 262 77.51 54.40 53.30
N GLU H 263 76.94 54.91 52.21
CA GLU H 263 77.40 56.14 51.57
C GLU H 263 77.08 57.24 52.55
N LEU H 264 76.00 57.05 53.28
CA LEU H 264 75.54 58.00 54.27
C LEU H 264 76.60 57.99 55.40
N GLU H 265 77.20 56.83 55.64
CA GLU H 265 78.22 56.61 56.67
C GLU H 265 79.49 57.37 56.33
N GLU H 266 79.89 57.30 55.07
CA GLU H 266 81.10 57.96 54.60
C GLU H 266 80.90 59.44 54.87
N LEU H 267 79.70 59.90 54.59
CA LEU H 267 79.29 61.29 54.75
C LEU H 267 79.24 61.63 56.27
N LEU H 268 79.05 60.61 57.10
CA LEU H 268 78.97 60.73 58.57
C LEU H 268 80.20 61.21 59.34
N MET H 269 81.39 60.72 59.02
CA MET H 269 82.55 61.17 59.79
C MET H 269 82.94 62.64 59.59
N GLU H 270 82.96 63.11 58.35
CA GLU H 270 83.32 64.51 58.09
C GLU H 270 82.35 65.49 58.76
N SER I 4 3.36 23.49 -31.52
CA SER I 4 4.20 24.73 -31.44
C SER I 4 5.48 24.51 -30.65
N ARG I 5 6.44 25.43 -30.77
CA ARG I 5 7.70 25.27 -30.04
C ARG I 5 7.55 25.39 -28.54
N GLU I 6 6.72 26.33 -28.10
CA GLU I 6 6.51 26.53 -26.69
C GLU I 6 5.79 25.34 -26.09
N GLU I 7 4.86 24.79 -26.84
CA GLU I 7 4.08 23.65 -26.40
C GLU I 7 4.94 22.39 -26.29
N VAL I 8 5.82 22.15 -27.25
CA VAL I 8 6.70 20.98 -27.24
C VAL I 8 7.67 21.09 -26.08
N GLU I 9 8.23 22.28 -25.87
CA GLU I 9 9.19 22.58 -24.80
C GLU I 9 8.52 22.35 -23.44
N SER I 10 7.27 22.75 -23.34
CA SER I 10 6.51 22.60 -22.10
C SER I 10 6.29 21.10 -21.88
N LEU I 11 5.98 20.37 -22.96
CA LEU I 11 5.72 18.94 -22.91
C LEU I 11 6.98 18.25 -22.37
N ILE I 12 8.15 18.63 -22.84
CA ILE I 12 9.38 18.02 -22.38
C ILE I 12 9.58 18.30 -20.88
N GLN I 13 9.34 19.55 -20.48
CA GLN I 13 9.51 19.93 -19.09
C GLN I 13 8.52 19.21 -18.17
N GLU I 14 7.30 19.13 -18.65
CA GLU I 14 6.20 18.51 -17.95
C GLU I 14 6.52 17.03 -17.68
N VAL I 15 7.05 16.34 -18.67
CA VAL I 15 7.35 14.93 -18.52
C VAL I 15 8.50 14.68 -17.55
N LEU I 16 9.56 15.46 -17.64
CA LEU I 16 10.71 15.33 -16.77
C LEU I 16 10.44 15.52 -15.29
N GLU I 17 9.25 16.00 -14.93
CA GLU I 17 8.98 16.22 -13.51
C GLU I 17 8.94 14.99 -12.59
N VAL I 18 8.62 13.85 -13.16
CA VAL I 18 8.53 12.58 -12.45
C VAL I 18 9.88 12.07 -11.97
N TYR I 19 10.92 12.26 -12.75
CA TYR I 19 12.27 11.80 -12.41
C TYR I 19 12.98 12.46 -11.25
N PRO I 20 13.82 11.71 -10.55
CA PRO I 20 14.62 12.18 -9.42
C PRO I 20 15.59 13.15 -10.12
N GLU I 21 16.25 14.01 -9.36
CA GLU I 21 17.15 15.01 -9.94
C GLU I 21 18.37 14.62 -10.76
N LYS I 22 19.15 13.64 -10.38
CA LYS I 22 20.33 13.32 -11.19
C LYS I 22 19.82 12.82 -12.55
N ALA I 23 18.81 11.97 -12.53
CA ALA I 23 18.20 11.41 -13.74
C ALA I 23 17.49 12.52 -14.53
N ARG I 24 16.74 13.38 -13.85
CA ARG I 24 16.02 14.46 -14.54
C ARG I 24 17.00 15.45 -15.18
N LYS I 25 18.05 15.81 -14.45
CA LYS I 25 19.03 16.75 -14.97
C LYS I 25 19.69 16.17 -16.23
N ASP I 26 20.05 14.88 -16.20
CA ASP I 26 20.69 14.21 -17.32
C ASP I 26 19.78 14.04 -18.53
N ARG I 27 18.54 13.65 -18.28
CA ARG I 27 17.58 13.43 -19.36
C ARG I 27 17.25 14.66 -20.18
N ASN I 28 17.04 15.81 -19.54
CA ASN I 28 16.71 17.01 -20.29
C ASN I 28 17.72 17.29 -21.39
N LYS I 29 18.94 16.87 -21.21
CA LYS I 29 19.98 17.07 -22.20
C LYS I 29 19.68 16.22 -23.44
N HIS I 30 18.92 15.14 -23.27
CA HIS I 30 18.57 14.23 -24.37
C HIS I 30 17.28 14.45 -25.15
N LEU I 31 16.52 15.42 -24.70
CA LEU I 31 15.25 15.76 -25.33
C LEU I 31 15.29 17.18 -25.92
N ALA I 32 14.99 17.29 -27.20
CA ALA I 32 15.03 18.59 -27.82
C ALA I 32 13.90 18.89 -28.83
N VAL I 33 13.55 20.17 -28.98
CA VAL I 33 12.50 20.58 -29.92
C VAL I 33 13.37 20.92 -31.13
N ASN I 34 13.12 20.31 -32.28
CA ASN I 34 13.96 20.58 -33.44
C ASN I 34 13.93 21.88 -34.21
N ASP I 35 15.13 22.39 -34.45
CA ASP I 35 15.32 23.61 -35.21
C ASP I 35 16.09 23.12 -36.42
N PRO I 36 15.48 23.21 -37.61
CA PRO I 36 16.11 22.74 -38.85
C PRO I 36 17.30 23.60 -39.23
N ALA I 37 17.28 24.80 -38.71
CA ALA I 37 18.28 25.80 -38.94
C ALA I 37 19.61 25.43 -38.32
N VAL I 38 19.62 24.92 -37.09
CA VAL I 38 20.90 24.61 -36.45
C VAL I 38 21.82 23.59 -37.12
N THR I 39 23.02 24.09 -37.36
CA THR I 39 24.15 23.39 -37.95
C THR I 39 24.74 22.30 -37.10
N GLN I 40 24.90 22.62 -35.81
CA GLN I 40 25.48 21.70 -34.85
C GLN I 40 24.49 21.17 -33.89
N SER I 41 24.53 19.86 -33.74
CA SER I 41 23.66 19.10 -32.87
C SER I 41 23.89 19.37 -31.40
N LYS I 42 25.15 19.43 -31.01
CA LYS I 42 25.45 19.67 -29.61
C LYS I 42 24.72 20.90 -29.03
N LYS I 43 24.39 21.91 -29.83
CA LYS I 43 23.69 23.03 -29.20
C LYS I 43 22.35 22.45 -28.77
N CYS I 44 21.68 21.80 -29.72
CA CYS I 44 20.38 21.20 -29.47
C CYS I 44 20.18 19.99 -28.57
N ILE I 45 21.00 18.97 -28.75
CA ILE I 45 20.92 17.74 -27.99
C ILE I 45 22.23 17.09 -27.67
N ILE I 46 22.28 16.33 -26.59
CA ILE I 46 23.50 15.66 -26.21
C ILE I 46 23.19 14.19 -26.44
N SER I 47 24.17 13.38 -26.84
CA SER I 47 23.92 11.94 -27.10
C SER I 47 25.07 10.94 -26.86
N ASN I 48 24.75 9.65 -26.88
CA ASN I 48 25.75 8.59 -26.67
C ASN I 48 26.46 8.64 -25.35
N LYS I 49 25.66 8.70 -24.29
CA LYS I 49 26.09 8.77 -22.90
C LYS I 49 25.50 7.59 -22.17
N LYS I 50 26.12 7.20 -21.07
CA LYS I 50 25.61 6.06 -20.31
C LYS I 50 24.20 6.36 -19.86
N SER I 51 23.36 5.35 -19.99
CA SER I 51 21.95 5.39 -19.61
C SER I 51 21.75 5.43 -18.11
N GLN I 52 20.72 6.15 -17.67
CA GLN I 52 20.36 6.28 -16.25
C GLN I 52 19.70 4.97 -15.87
N PRO I 53 20.11 4.36 -14.75
CA PRO I 53 19.50 3.09 -14.30
C PRO I 53 18.03 3.12 -13.83
N GLY I 54 17.33 2.02 -14.11
CA GLY I 54 15.94 1.90 -13.73
C GLY I 54 14.92 2.65 -14.55
N LEU I 55 15.33 3.25 -15.65
CA LEU I 55 14.42 4.01 -16.50
C LEU I 55 13.87 3.32 -17.76
N MET I 56 14.20 2.03 -17.92
CA MET I 56 13.78 1.25 -19.08
C MET I 56 14.19 1.66 -20.49
N THR I 57 15.49 1.86 -20.65
CA THR I 57 16.09 2.23 -21.90
C THR I 57 15.95 1.01 -22.83
N ILE I 58 15.81 1.29 -24.11
CA ILE I 58 15.65 0.31 -25.17
C ILE I 58 16.96 -0.23 -25.72
N ARG I 59 18.07 0.30 -25.25
CA ARG I 59 19.41 -0.11 -25.70
C ARG I 59 19.93 -1.51 -25.40
N GLY I 60 20.59 -2.07 -26.40
CA GLY I 60 21.17 -3.38 -26.29
C GLY I 60 22.59 -3.19 -25.80
N CYS I 61 23.39 -4.26 -25.86
CA CYS I 61 24.80 -4.26 -25.43
C CYS I 61 25.76 -4.24 -26.61
N ALA I 62 27.07 -4.20 -26.30
CA ALA I 62 28.14 -4.16 -27.30
C ALA I 62 28.19 -5.46 -28.03
N TYR I 63 27.76 -6.53 -27.37
CA TYR I 63 27.73 -7.89 -27.96
C TYR I 63 26.67 -7.84 -29.09
N ALA I 64 25.54 -7.22 -28.82
CA ALA I 64 24.48 -7.15 -29.81
C ALA I 64 25.04 -6.34 -30.96
N GLY I 65 25.71 -5.23 -30.70
CA GLY I 65 26.16 -4.54 -31.88
C GLY I 65 27.23 -5.35 -32.62
N SER I 66 28.22 -5.91 -31.95
CA SER I 66 29.16 -6.67 -32.75
C SER I 66 28.73 -8.03 -33.35
N LYS I 67 28.20 -8.92 -32.49
CA LYS I 67 27.75 -10.26 -32.94
C LYS I 67 26.47 -10.25 -33.73
N GLY I 68 25.55 -9.48 -33.19
CA GLY I 68 24.23 -9.30 -33.75
C GLY I 68 24.11 -8.57 -35.04
N VAL I 69 24.85 -7.46 -35.20
CA VAL I 69 24.74 -6.72 -36.43
C VAL I 69 25.91 -6.82 -37.40
N VAL I 70 27.14 -6.43 -37.05
CA VAL I 70 28.19 -6.58 -38.07
C VAL I 70 28.66 -7.99 -38.50
N TRP I 71 29.02 -8.82 -37.51
CA TRP I 71 29.48 -10.19 -37.69
C TRP I 71 28.57 -11.35 -38.06
N GLY I 72 27.42 -11.40 -37.39
CA GLY I 72 26.47 -12.47 -37.61
C GLY I 72 26.05 -12.64 -39.05
N PRO I 73 25.75 -11.57 -39.78
CA PRO I 73 25.35 -11.79 -41.16
C PRO I 73 26.33 -12.46 -42.10
N ILE I 74 27.62 -12.48 -41.81
CA ILE I 74 28.47 -13.13 -42.80
C ILE I 74 28.10 -14.59 -42.86
N LYS I 75 27.73 -15.04 -44.05
CA LYS I 75 27.36 -16.43 -44.22
C LYS I 75 28.36 -17.57 -44.09
N ASP I 76 29.54 -17.40 -44.69
CA ASP I 76 30.57 -18.43 -44.66
C ASP I 76 31.19 -18.69 -43.33
N MET I 77 31.49 -17.64 -42.59
CA MET I 77 32.10 -17.84 -41.28
C MET I 77 31.18 -18.30 -40.16
N ILE I 78 31.78 -18.90 -39.14
CA ILE I 78 31.06 -19.39 -37.97
C ILE I 78 31.35 -18.44 -36.80
N HIS I 79 30.31 -17.98 -36.10
CA HIS I 79 30.55 -17.05 -34.99
C HIS I 79 30.19 -17.71 -33.67
N ILE I 80 31.18 -17.77 -32.79
CA ILE I 80 31.00 -18.39 -31.50
C ILE I 80 30.66 -17.35 -30.46
N SER I 81 29.58 -17.57 -29.75
CA SER I 81 29.22 -16.60 -28.73
C SER I 81 30.00 -17.22 -27.58
N HIS I 82 30.96 -16.46 -27.08
CA HIS I 82 31.81 -16.92 -26.00
C HIS I 82 31.30 -16.39 -24.67
N GLY I 83 30.95 -17.31 -23.79
CA GLY I 83 30.43 -16.96 -22.47
C GLY I 83 29.28 -17.90 -22.12
N PRO I 84 28.39 -17.48 -21.24
CA PRO I 84 27.25 -18.29 -20.84
C PRO I 84 26.29 -18.43 -22.02
N VAL I 85 25.38 -19.39 -21.93
CA VAL I 85 24.39 -19.73 -22.96
C VAL I 85 23.35 -18.71 -23.38
N GLY I 86 22.96 -17.82 -22.49
CA GLY I 86 21.94 -16.84 -22.86
C GLY I 86 22.04 -15.84 -24.02
N CYS I 87 23.17 -15.17 -24.21
CA CYS I 87 23.36 -14.16 -25.28
C CYS I 87 23.16 -14.77 -26.69
N GLY I 88 23.71 -15.94 -26.88
CA GLY I 88 23.58 -16.57 -28.16
C GLY I 88 22.14 -16.98 -28.40
N GLN I 89 21.51 -17.46 -27.33
CA GLN I 89 20.16 -17.91 -27.42
C GLN I 89 19.09 -16.89 -27.70
N TYR I 90 19.16 -15.75 -27.02
CA TYR I 90 18.17 -14.70 -27.20
C TYR I 90 18.34 -14.10 -28.60
N SER I 91 19.58 -13.87 -29.01
CA SER I 91 19.87 -13.32 -30.34
C SER I 91 19.76 -14.33 -31.54
N ARG I 92 19.66 -15.63 -31.33
CA ARG I 92 19.57 -16.50 -32.52
C ARG I 92 18.35 -16.28 -33.46
N ALA I 93 18.64 -16.10 -34.74
CA ALA I 93 17.65 -15.90 -35.81
C ALA I 93 16.69 -14.78 -35.47
N GLY I 94 17.13 -13.92 -34.56
CA GLY I 94 16.33 -12.79 -34.16
C GLY I 94 16.16 -11.73 -35.24
N ARG I 95 17.27 -11.46 -35.91
CA ARG I 95 17.37 -10.46 -36.98
C ARG I 95 17.41 -11.07 -38.37
N ARG I 96 16.60 -10.53 -39.26
CA ARG I 96 16.54 -11.06 -40.60
C ARG I 96 17.60 -10.57 -41.60
N ASN I 97 18.85 -10.93 -41.41
CA ASN I 97 19.84 -10.47 -42.38
C ASN I 97 19.78 -11.66 -43.28
N TYR I 98 19.04 -11.49 -44.38
CA TYR I 98 18.85 -12.57 -45.33
C TYR I 98 20.08 -12.98 -46.11
N TYR I 99 20.23 -14.29 -46.29
CA TYR I 99 21.35 -14.84 -47.00
C TYR I 99 21.01 -16.07 -47.81
N ILE I 100 21.85 -16.44 -48.75
CA ILE I 100 21.59 -17.63 -49.57
C ILE I 100 22.69 -18.63 -49.27
N GLY I 101 22.31 -19.83 -48.86
CA GLY I 101 23.34 -20.83 -48.58
C GLY I 101 22.76 -22.15 -48.11
N THR I 102 23.61 -23.13 -47.84
CA THR I 102 23.06 -24.40 -47.37
C THR I 102 23.49 -24.27 -45.94
N THR I 103 22.52 -24.16 -45.06
CA THR I 103 22.82 -23.99 -43.68
C THR I 103 23.29 -25.20 -42.94
N GLY I 104 24.31 -24.96 -42.13
CA GLY I 104 24.91 -25.98 -41.33
C GLY I 104 25.93 -26.68 -42.19
N VAL I 105 25.91 -26.47 -43.50
CA VAL I 105 26.93 -27.13 -44.33
C VAL I 105 27.93 -26.07 -44.82
N ASN I 106 27.47 -25.06 -45.57
CA ASN I 106 28.39 -24.01 -46.05
C ASN I 106 28.04 -22.63 -45.51
N ALA I 107 26.80 -22.44 -45.05
CA ALA I 107 26.35 -21.15 -44.51
C ALA I 107 25.79 -21.40 -43.09
N PHE I 108 26.21 -20.61 -42.10
CA PHE I 108 25.76 -20.79 -40.74
C PHE I 108 25.09 -19.62 -40.01
N VAL I 109 24.37 -18.74 -40.69
CA VAL I 109 23.78 -17.60 -39.98
C VAL I 109 22.73 -17.84 -38.93
N THR I 110 21.75 -18.71 -39.18
CA THR I 110 20.71 -18.94 -38.18
C THR I 110 21.19 -19.81 -37.05
N MET I 111 22.28 -20.49 -37.26
CA MET I 111 22.82 -21.37 -36.22
C MET I 111 23.37 -20.67 -34.99
N ASN I 112 23.24 -21.32 -33.84
CA ASN I 112 23.75 -20.73 -32.60
C ASN I 112 24.96 -21.57 -32.14
N PHE I 113 26.14 -20.94 -32.13
CA PHE I 113 27.37 -21.62 -31.71
C PHE I 113 27.82 -20.90 -30.45
N THR I 114 27.98 -21.71 -29.40
CA THR I 114 28.38 -21.25 -28.08
C THR I 114 29.32 -22.10 -27.25
N SER I 115 30.14 -21.42 -26.44
CA SER I 115 31.10 -22.07 -25.55
C SER I 115 30.33 -22.66 -24.37
N ASP I 116 29.17 -22.09 -24.10
CA ASP I 116 28.29 -22.51 -23.02
C ASP I 116 28.93 -22.62 -21.64
N PHE I 117 29.44 -21.50 -21.15
CA PHE I 117 30.10 -21.44 -19.85
C PHE I 117 29.21 -21.83 -18.67
N GLN I 118 29.82 -22.65 -17.82
CA GLN I 118 29.28 -23.22 -16.62
C GLN I 118 30.25 -22.60 -15.62
N GLU I 119 30.08 -22.89 -14.33
CA GLU I 119 30.96 -22.30 -13.32
C GLU I 119 32.42 -22.75 -13.33
N LYS I 120 32.67 -23.97 -13.77
CA LYS I 120 34.01 -24.52 -13.84
C LYS I 120 34.76 -23.58 -14.77
N ASP I 121 34.12 -23.21 -15.86
CA ASP I 121 34.71 -22.30 -16.87
C ASP I 121 34.87 -20.92 -16.27
N ILE I 122 33.90 -20.45 -15.51
CA ILE I 122 34.06 -19.14 -14.95
C ILE I 122 35.19 -19.18 -13.92
N VAL I 123 35.27 -20.18 -13.04
CA VAL I 123 36.40 -20.15 -12.10
C VAL I 123 37.80 -20.37 -12.73
N PHE I 124 37.93 -21.45 -13.49
CA PHE I 124 39.15 -21.85 -14.21
C PHE I 124 39.56 -20.94 -15.38
N GLY I 125 38.57 -20.58 -16.18
CA GLY I 125 38.72 -19.73 -17.36
C GLY I 125 38.40 -20.58 -18.59
N GLY I 126 37.96 -19.90 -19.65
CA GLY I 126 37.59 -20.48 -20.93
C GLY I 126 38.52 -20.65 -22.13
N ASP I 127 39.81 -20.38 -22.00
CA ASP I 127 40.76 -20.50 -23.12
C ASP I 127 40.97 -21.89 -23.65
N LYS I 128 41.11 -22.83 -22.73
CA LYS I 128 41.34 -24.21 -23.07
C LYS I 128 40.08 -24.68 -23.80
N LYS I 129 38.93 -24.31 -23.26
CA LYS I 129 37.66 -24.70 -23.85
C LYS I 129 37.49 -24.09 -25.23
N LEU I 130 37.85 -22.82 -25.39
CA LEU I 130 37.70 -22.14 -26.68
C LEU I 130 38.55 -22.87 -27.72
N ALA I 131 39.72 -23.31 -27.30
CA ALA I 131 40.62 -24.03 -28.22
C ALA I 131 39.98 -25.38 -28.59
N LYS I 132 39.43 -26.06 -27.60
CA LYS I 132 38.80 -27.36 -27.81
C LYS I 132 37.56 -27.16 -28.71
N LEU I 133 36.86 -26.07 -28.49
CA LEU I 133 35.67 -25.71 -29.25
C LEU I 133 36.12 -25.46 -30.71
N ILE I 134 37.21 -24.73 -30.91
CA ILE I 134 37.70 -24.44 -32.26
C ILE I 134 38.04 -25.76 -33.01
N ASP I 135 38.68 -26.69 -32.33
CA ASP I 135 39.06 -27.96 -32.94
C ASP I 135 37.79 -28.72 -33.31
N GLU I 136 36.80 -28.71 -32.41
CA GLU I 136 35.50 -29.40 -32.57
C GLU I 136 34.70 -28.79 -33.72
N VAL I 137 34.71 -27.47 -33.80
CA VAL I 137 34.01 -26.73 -34.80
C VAL I 137 34.57 -27.17 -36.11
N GLU I 138 35.88 -27.33 -36.18
CA GLU I 138 36.52 -27.74 -37.42
C GLU I 138 36.15 -29.17 -37.88
N THR I 139 36.11 -30.16 -37.00
CA THR I 139 35.76 -31.48 -37.50
C THR I 139 34.29 -31.60 -37.98
N LEU I 140 33.36 -31.04 -37.20
CA LEU I 140 31.93 -31.04 -37.49
C LEU I 140 31.50 -30.20 -38.69
N PHE I 141 32.04 -29.00 -38.84
CA PHE I 141 31.65 -28.18 -39.98
C PHE I 141 32.91 -27.84 -40.80
N PRO I 142 33.28 -28.77 -41.72
CA PRO I 142 34.44 -28.68 -42.62
C PRO I 142 34.50 -27.60 -43.68
N LEU I 143 33.36 -27.08 -44.11
CA LEU I 143 33.34 -26.05 -45.15
C LEU I 143 33.26 -24.59 -44.73
N ASN I 144 33.31 -24.35 -43.42
CA ASN I 144 33.22 -22.99 -42.94
C ASN I 144 34.52 -22.29 -43.42
N LYS I 145 34.39 -21.02 -43.79
CA LYS I 145 35.51 -20.23 -44.26
C LYS I 145 36.16 -19.31 -43.26
N GLY I 146 35.66 -19.33 -42.03
CA GLY I 146 36.23 -18.50 -40.99
C GLY I 146 35.60 -18.78 -39.64
N ILE I 147 36.16 -18.19 -38.59
CA ILE I 147 35.63 -18.40 -37.27
C ILE I 147 35.80 -17.10 -36.55
N SER I 148 34.87 -16.73 -35.69
CA SER I 148 35.01 -15.47 -34.97
C SER I 148 34.55 -15.78 -33.58
N VAL I 149 35.18 -15.13 -32.61
CA VAL I 149 34.80 -15.36 -31.24
C VAL I 149 34.27 -14.04 -30.75
N GLN I 150 33.01 -14.06 -30.32
CA GLN I 150 32.34 -12.86 -29.84
C GLN I 150 32.32 -13.01 -28.35
N SER I 151 33.00 -12.08 -27.68
CA SER I 151 33.08 -12.12 -26.25
C SER I 151 31.87 -11.59 -25.53
N GLU I 152 31.34 -12.43 -24.65
CA GLU I 152 30.20 -12.09 -23.84
C GLU I 152 30.75 -11.33 -22.64
N CYS I 153 29.90 -10.92 -21.70
CA CYS I 153 30.43 -10.17 -20.59
C CYS I 153 31.45 -10.89 -19.72
N PRO I 154 31.23 -12.13 -19.36
CA PRO I 154 32.26 -12.73 -18.52
C PRO I 154 33.69 -12.84 -19.08
N ILE I 155 33.86 -12.76 -20.38
CA ILE I 155 35.21 -12.91 -20.96
C ILE I 155 36.17 -11.80 -20.54
N GLY I 156 35.70 -10.56 -20.58
CA GLY I 156 36.52 -9.42 -20.22
C GLY I 156 36.80 -9.48 -18.72
N LEU I 157 35.79 -9.79 -17.94
CA LEU I 157 35.92 -9.88 -16.49
C LEU I 157 36.79 -11.01 -15.94
N ILE I 158 36.68 -12.23 -16.45
CA ILE I 158 37.51 -13.32 -15.91
C ILE I 158 38.98 -13.38 -16.36
N GLY I 159 39.40 -12.48 -17.24
CA GLY I 159 40.79 -12.48 -17.69
C GLY I 159 41.22 -13.51 -18.71
N ASP I 160 40.26 -13.91 -19.52
CA ASP I 160 40.48 -14.89 -20.58
C ASP I 160 41.21 -14.18 -21.73
N ASP I 161 42.23 -14.80 -22.35
CA ASP I 161 42.93 -14.13 -23.47
C ASP I 161 42.47 -14.89 -24.70
N ILE I 162 41.60 -14.29 -25.50
CA ILE I 162 41.16 -15.00 -26.68
C ILE I 162 41.97 -14.72 -27.92
N GLU I 163 42.82 -13.71 -27.84
CA GLU I 163 43.67 -13.32 -28.96
C GLU I 163 44.74 -14.37 -29.26
N SER I 164 45.31 -14.90 -28.19
CA SER I 164 46.35 -15.92 -28.28
C SER I 164 45.80 -17.23 -28.83
N VAL I 165 44.62 -17.63 -28.34
CA VAL I 165 43.97 -18.87 -28.77
C VAL I 165 43.60 -18.69 -30.26
N SER I 166 43.08 -17.53 -30.61
CA SER I 166 42.70 -17.24 -31.97
C SER I 166 43.96 -17.23 -32.81
N LYS I 167 45.03 -16.62 -32.33
CA LYS I 167 46.26 -16.59 -33.12
C LYS I 167 46.91 -17.95 -33.29
N VAL I 168 46.97 -18.71 -32.21
CA VAL I 168 47.57 -20.05 -32.22
C VAL I 168 46.80 -21.09 -33.04
N LYS I 169 45.47 -21.14 -32.87
CA LYS I 169 44.59 -22.08 -33.62
C LYS I 169 44.54 -21.71 -35.11
N GLY I 170 44.41 -20.43 -35.36
CA GLY I 170 44.35 -19.95 -36.71
C GLY I 170 45.57 -20.43 -37.45
N ALA I 171 46.71 -20.33 -36.77
CA ALA I 171 47.98 -20.73 -37.33
C ALA I 171 47.97 -22.22 -37.55
N GLU I 172 47.47 -22.97 -36.59
CA GLU I 172 47.41 -24.43 -36.66
C GLU I 172 46.46 -24.92 -37.77
N LEU I 173 45.29 -24.30 -37.86
CA LEU I 173 44.26 -24.65 -38.86
C LEU I 173 44.39 -23.86 -40.19
N SER I 174 45.35 -22.93 -40.27
CA SER I 174 45.52 -22.14 -41.49
C SER I 174 44.17 -21.57 -41.86
N LYS I 175 43.46 -21.22 -40.81
CA LYS I 175 42.13 -20.64 -40.91
C LYS I 175 42.09 -19.29 -40.17
N THR I 176 41.31 -18.33 -40.68
CA THR I 176 41.27 -17.03 -40.02
C THR I 176 40.29 -17.09 -38.86
N ILE I 177 40.77 -16.76 -37.66
CA ILE I 177 39.90 -16.78 -36.49
C ILE I 177 39.94 -15.37 -35.96
N VAL I 178 38.80 -14.73 -35.81
CA VAL I 178 38.84 -13.37 -35.33
C VAL I 178 38.35 -13.20 -33.92
N PRO I 179 39.26 -12.87 -33.00
CA PRO I 179 38.75 -12.69 -31.63
C PRO I 179 38.06 -11.33 -31.64
N VAL I 180 36.91 -11.21 -30.97
CA VAL I 180 36.28 -9.89 -30.96
C VAL I 180 35.86 -9.61 -29.54
N ARG I 181 36.33 -8.49 -28.99
CA ARG I 181 35.99 -8.12 -27.64
C ARG I 181 34.79 -7.23 -27.47
N CYS I 182 33.63 -7.76 -27.76
CA CYS I 182 32.39 -6.99 -27.62
C CYS I 182 31.74 -7.38 -26.31
N GLU I 183 32.43 -7.18 -25.21
CA GLU I 183 31.83 -7.55 -23.93
C GLU I 183 30.72 -6.54 -23.68
N GLY I 184 29.60 -7.03 -23.17
CA GLY I 184 28.46 -6.18 -22.89
C GLY I 184 28.73 -4.95 -22.07
N PHE I 185 29.59 -5.07 -21.07
CA PHE I 185 29.89 -3.95 -20.22
C PHE I 185 30.66 -2.87 -20.96
N ARG I 186 31.43 -3.24 -21.96
CA ARG I 186 32.18 -2.20 -22.69
C ARG I 186 31.16 -1.34 -23.46
N GLY I 187 31.41 -0.03 -23.49
CA GLY I 187 30.53 0.91 -24.18
C GLY I 187 29.24 1.22 -23.44
N VAL I 188 28.29 1.92 -24.06
CA VAL I 188 27.03 2.22 -23.39
C VAL I 188 25.80 1.85 -24.21
N SER I 189 26.02 1.26 -25.38
CA SER I 189 24.94 0.88 -26.29
C SER I 189 25.48 -0.08 -27.32
N GLN I 190 24.60 -0.51 -28.23
CA GLN I 190 24.99 -1.42 -29.33
C GLN I 190 26.07 -0.77 -30.17
N SER I 191 26.31 0.53 -29.97
CA SER I 191 27.31 1.26 -30.75
C SER I 191 28.80 0.97 -30.65
N LEU I 192 29.33 0.78 -29.46
CA LEU I 192 30.76 0.53 -29.37
C LEU I 192 31.05 -0.79 -30.01
N GLY I 193 30.07 -1.68 -30.01
CA GLY I 193 30.24 -3.00 -30.61
C GLY I 193 30.47 -2.92 -32.12
N HIS I 194 29.88 -1.93 -32.76
CA HIS I 194 30.04 -1.78 -34.21
C HIS I 194 31.51 -1.45 -34.43
N HIS I 195 32.01 -0.56 -33.59
CA HIS I 195 33.38 -0.11 -33.66
C HIS I 195 34.34 -1.24 -33.34
N ILE I 196 34.04 -2.01 -32.30
CA ILE I 196 34.88 -3.10 -31.89
C ILE I 196 34.88 -4.11 -33.05
N ALA I 197 33.70 -4.36 -33.61
CA ALA I 197 33.54 -5.30 -34.72
C ALA I 197 34.25 -4.74 -35.96
N ASN I 198 34.11 -3.44 -36.26
CA ASN I 198 34.76 -2.85 -37.44
C ASN I 198 36.28 -2.96 -37.35
N ASP I 199 36.81 -2.66 -36.17
CA ASP I 199 38.25 -2.67 -35.88
C ASP I 199 38.74 -4.13 -35.97
N ALA I 200 37.92 -5.07 -35.52
CA ALA I 200 38.25 -6.50 -35.53
C ALA I 200 38.34 -6.94 -36.99
N VAL I 201 37.40 -6.51 -37.82
CA VAL I 201 37.42 -6.87 -39.23
C VAL I 201 38.69 -6.30 -39.84
N ARG I 202 39.02 -5.04 -39.51
CA ARG I 202 40.21 -4.48 -40.09
C ARG I 202 41.51 -5.16 -39.61
N ASP I 203 41.69 -5.42 -38.33
CA ASP I 203 42.92 -6.08 -37.94
C ASP I 203 43.05 -7.55 -38.41
N TRP I 204 42.01 -8.36 -38.27
CA TRP I 204 42.10 -9.76 -38.70
C TRP I 204 41.66 -10.24 -40.09
N VAL I 205 40.79 -9.49 -40.77
CA VAL I 205 40.34 -9.92 -42.11
C VAL I 205 40.48 -9.05 -43.37
N LEU I 206 40.59 -7.73 -43.20
CA LEU I 206 40.72 -6.83 -44.35
C LEU I 206 41.98 -6.87 -45.22
N GLY I 207 43.13 -6.94 -44.57
CA GLY I 207 44.39 -6.97 -45.29
C GLY I 207 44.94 -8.30 -45.78
N LYS I 208 44.14 -9.34 -45.83
CA LYS I 208 44.67 -10.61 -46.29
C LYS I 208 45.03 -10.54 -47.76
N ARG I 209 44.20 -9.97 -48.61
CA ARG I 209 44.59 -9.91 -50.01
C ARG I 209 45.24 -8.53 -50.26
N ASP I 210 46.14 -8.16 -49.36
CA ASP I 210 46.83 -6.88 -49.45
C ASP I 210 47.76 -6.88 -50.66
N GLU I 211 48.49 -7.99 -50.84
CA GLU I 211 49.41 -8.12 -51.93
C GLU I 211 48.89 -8.93 -53.13
N ASP I 212 47.68 -9.49 -53.03
CA ASP I 212 47.14 -10.26 -54.14
C ASP I 212 46.47 -9.40 -55.23
N THR I 213 46.97 -9.57 -56.45
CA THR I 213 46.51 -8.86 -57.64
C THR I 213 45.82 -9.70 -58.74
N THR I 214 45.47 -10.94 -58.40
CA THR I 214 44.83 -11.86 -59.34
C THR I 214 43.41 -11.46 -59.73
N PHE I 215 42.59 -11.05 -58.79
CA PHE I 215 41.22 -10.65 -59.12
C PHE I 215 41.24 -9.47 -60.11
N ALA I 216 40.46 -9.63 -61.18
CA ALA I 216 40.37 -8.61 -62.23
C ALA I 216 39.36 -7.56 -61.84
N SER I 217 39.81 -6.32 -61.82
CA SER I 217 38.92 -5.21 -61.45
C SER I 217 38.59 -4.12 -62.46
N THR I 218 37.30 -3.91 -62.71
CA THR I 218 36.82 -2.90 -63.63
C THR I 218 36.75 -1.58 -62.86
N PRO I 219 36.78 -0.45 -63.55
CA PRO I 219 36.72 0.87 -62.91
C PRO I 219 35.38 1.12 -62.23
N TYR I 220 34.38 0.34 -62.64
CA TYR I 220 33.00 0.44 -62.11
C TYR I 220 32.68 -0.32 -60.81
N ASP I 221 33.66 -1.10 -60.34
CA ASP I 221 33.49 -1.87 -59.13
C ASP I 221 33.20 -1.02 -57.88
N VAL I 222 32.16 -1.44 -57.14
CA VAL I 222 31.73 -0.78 -55.92
C VAL I 222 31.30 -1.77 -54.85
N ALA I 223 31.38 -1.33 -53.60
CA ALA I 223 31.01 -2.19 -52.48
C ALA I 223 29.95 -1.52 -51.65
N ILE I 224 28.87 -2.25 -51.33
CA ILE I 224 27.78 -1.70 -50.51
C ILE I 224 28.29 -1.92 -49.10
N ILE I 225 28.36 -0.84 -48.33
CA ILE I 225 28.86 -0.91 -46.98
C ILE I 225 27.75 -0.54 -46.02
N GLY I 226 27.54 -1.37 -45.00
CA GLY I 226 26.48 -1.08 -44.04
C GLY I 226 25.04 -1.34 -44.44
N ASP I 227 24.82 -2.27 -45.35
CA ASP I 227 23.46 -2.60 -45.74
C ASP I 227 23.47 -4.05 -45.24
N TYR I 228 22.53 -4.38 -44.38
CA TYR I 228 22.45 -5.70 -43.82
C TYR I 228 21.42 -6.66 -44.38
N ASN I 229 20.85 -6.26 -45.52
CA ASN I 229 19.85 -7.10 -46.19
C ASN I 229 18.69 -7.58 -45.34
N ILE I 230 18.18 -6.70 -44.49
CA ILE I 230 17.06 -7.12 -43.69
C ILE I 230 15.88 -7.29 -44.65
N GLY I 231 15.30 -8.47 -44.68
CA GLY I 231 14.18 -8.65 -45.57
C GLY I 231 14.68 -8.59 -47.01
N GLY I 232 15.98 -8.79 -47.24
CA GLY I 232 16.46 -8.70 -48.61
C GLY I 232 16.61 -7.29 -49.19
N ASP I 233 16.85 -6.35 -48.30
CA ASP I 233 17.03 -4.90 -48.59
C ASP I 233 18.26 -4.71 -49.45
N ALA I 234 19.31 -5.42 -49.14
CA ALA I 234 20.54 -5.27 -49.89
C ALA I 234 20.34 -5.77 -51.31
N TRP I 235 19.70 -6.92 -51.45
CA TRP I 235 19.46 -7.51 -52.77
C TRP I 235 18.64 -6.54 -53.61
N SER I 236 17.63 -5.93 -53.03
CA SER I 236 16.82 -5.01 -53.81
C SER I 236 17.70 -3.78 -54.14
N SER I 237 18.56 -3.36 -53.21
CA SER I 237 19.47 -2.21 -53.41
C SER I 237 20.51 -2.59 -54.48
N ARG I 238 21.05 -3.79 -54.38
CA ARG I 238 22.07 -4.32 -55.27
C ARG I 238 21.63 -4.39 -56.71
N ILE I 239 20.41 -4.85 -56.99
CA ILE I 239 19.96 -4.96 -58.38
C ILE I 239 19.92 -3.58 -59.04
N LEU I 240 19.57 -2.52 -58.30
CA LEU I 240 19.53 -1.18 -58.87
C LEU I 240 20.95 -0.69 -59.32
N LEU I 241 21.99 -0.92 -58.50
CA LEU I 241 23.35 -0.51 -58.79
C LEU I 241 23.87 -1.33 -60.00
N GLU I 242 23.51 -2.59 -60.07
CA GLU I 242 23.96 -3.44 -61.18
C GLU I 242 23.29 -2.96 -62.49
N GLU I 243 22.01 -2.58 -62.42
CA GLU I 243 21.28 -2.13 -63.60
C GLU I 243 21.84 -0.82 -64.11
N MET I 244 22.38 -0.02 -63.20
CA MET I 244 22.96 1.27 -63.55
C MET I 244 24.32 1.05 -64.19
N GLY I 245 24.85 -0.15 -64.09
CA GLY I 245 26.15 -0.45 -64.69
C GLY I 245 27.35 -0.66 -63.81
N LEU I 246 27.16 -0.48 -62.51
CA LEU I 246 28.23 -0.64 -61.53
C LEU I 246 28.29 -2.14 -61.19
N ARG I 247 29.44 -2.63 -60.75
CA ARG I 247 29.55 -4.03 -60.42
C ARG I 247 29.69 -4.08 -58.90
N CYS I 248 28.89 -4.90 -58.21
CA CYS I 248 29.04 -4.93 -56.76
C CYS I 248 29.86 -6.08 -56.24
N VAL I 249 31.09 -5.76 -55.92
CA VAL I 249 32.00 -6.73 -55.37
C VAL I 249 31.63 -7.22 -53.97
N ALA I 250 31.26 -6.29 -53.07
CA ALA I 250 30.92 -6.68 -51.70
C ALA I 250 29.77 -6.04 -50.95
N GLN I 251 29.16 -6.82 -50.07
CA GLN I 251 28.06 -6.35 -49.25
C GLN I 251 28.45 -6.42 -47.75
N TRP I 252 28.36 -5.32 -47.03
CA TRP I 252 28.71 -5.40 -45.65
C TRP I 252 27.52 -5.11 -44.74
N SER I 253 27.08 -6.14 -44.00
CA SER I 253 27.67 -7.47 -44.05
C SER I 253 26.54 -8.44 -44.38
N GLY I 254 25.38 -7.91 -44.81
CA GLY I 254 24.24 -8.77 -45.13
C GLY I 254 24.52 -9.61 -46.35
N ASP I 255 24.23 -10.89 -46.19
CA ASP I 255 24.42 -11.94 -47.20
C ASP I 255 25.89 -11.87 -47.61
N GLY I 256 26.75 -11.41 -46.72
CA GLY I 256 28.16 -11.32 -47.05
C GLY I 256 28.93 -12.59 -46.87
N SER I 257 30.11 -12.59 -47.45
CA SER I 257 31.01 -13.73 -47.39
C SER I 257 32.35 -13.10 -47.04
N ILE I 258 33.23 -13.88 -46.45
CA ILE I 258 34.52 -13.36 -46.07
C ILE I 258 35.37 -13.05 -47.32
N SER I 259 35.12 -13.80 -48.41
CA SER I 259 35.83 -13.64 -49.68
C SER I 259 35.46 -12.26 -50.25
N GLU I 260 34.20 -11.86 -50.12
CA GLU I 260 33.71 -10.56 -50.63
C GLU I 260 34.38 -9.45 -49.84
N ILE I 261 34.46 -9.60 -48.53
CA ILE I 261 35.08 -8.58 -47.68
C ILE I 261 36.58 -8.43 -47.99
N GLU I 262 37.29 -9.55 -48.18
CA GLU I 262 38.72 -9.51 -48.47
C GLU I 262 38.98 -8.86 -49.83
N LEU I 263 38.03 -8.97 -50.74
CA LEU I 263 38.11 -8.40 -52.07
C LEU I 263 37.63 -6.96 -52.13
N THR I 264 37.13 -6.44 -51.02
CA THR I 264 36.60 -5.07 -51.00
C THR I 264 37.57 -3.95 -51.28
N PRO I 265 38.76 -3.99 -50.71
CA PRO I 265 39.69 -2.88 -50.98
C PRO I 265 40.01 -2.69 -52.49
N LYS I 266 39.78 -3.74 -53.29
CA LYS I 266 40.03 -3.69 -54.73
C LYS I 266 39.02 -2.73 -55.41
N VAL I 267 37.86 -2.52 -54.77
CA VAL I 267 36.83 -1.66 -55.35
C VAL I 267 37.16 -0.18 -55.42
N LYS I 268 36.66 0.43 -56.51
CA LYS I 268 36.85 1.85 -56.79
C LYS I 268 36.13 2.80 -55.83
N LEU I 269 34.87 2.53 -55.49
CA LEU I 269 34.13 3.42 -54.55
C LEU I 269 33.35 2.64 -53.46
N ASN I 270 33.20 3.22 -52.27
CA ASN I 270 32.46 2.49 -51.25
C ASN I 270 31.21 3.32 -51.02
N LEU I 271 30.04 2.70 -51.18
CA LEU I 271 28.75 3.38 -51.00
C LEU I 271 28.36 3.00 -49.56
N VAL I 272 28.17 3.98 -48.69
CA VAL I 272 27.84 3.64 -47.33
C VAL I 272 26.43 3.95 -46.97
N HIS I 273 25.62 2.90 -46.83
CA HIS I 273 24.22 3.08 -46.46
C HIS I 273 24.00 3.43 -44.99
N CYS I 274 24.70 2.72 -44.11
CA CYS I 274 24.54 2.97 -42.69
C CYS I 274 25.82 3.62 -42.21
N TYR I 275 25.70 4.90 -41.89
CA TYR I 275 26.82 5.67 -41.45
C TYR I 275 27.35 5.29 -40.08
N ARG I 276 26.43 5.08 -39.15
CA ARG I 276 26.84 4.76 -37.80
C ARG I 276 27.60 3.48 -37.61
N SER I 277 27.10 2.39 -38.16
CA SER I 277 27.74 1.08 -38.04
C SER I 277 29.10 0.81 -38.70
N MET I 278 29.25 1.26 -39.95
CA MET I 278 30.48 1.05 -40.70
C MET I 278 31.31 2.21 -41.24
N ASN I 279 31.10 3.39 -40.68
CA ASN I 279 31.84 4.57 -41.11
C ASN I 279 33.30 4.38 -40.67
N TYR I 280 33.50 3.66 -39.55
CA TYR I 280 34.85 3.42 -39.03
C TYR I 280 35.67 2.69 -40.09
N ILE I 281 35.12 1.65 -40.66
CA ILE I 281 35.84 0.91 -41.70
C ILE I 281 36.04 1.73 -42.99
N SER I 282 35.07 2.57 -43.30
CA SER I 282 35.08 3.40 -44.50
C SER I 282 36.21 4.40 -44.47
N ARG I 283 36.37 5.03 -43.31
CA ARG I 283 37.42 6.02 -43.12
C ARG I 283 38.79 5.36 -43.25
N HIS I 284 38.90 4.18 -42.64
CA HIS I 284 40.13 3.39 -42.63
C HIS I 284 40.54 3.03 -44.03
N MET I 285 39.58 2.61 -44.85
CA MET I 285 39.83 2.22 -46.23
C MET I 285 40.28 3.45 -47.00
N GLU I 286 39.67 4.59 -46.74
CA GLU I 286 40.09 5.75 -47.46
C GLU I 286 41.50 6.04 -47.00
N GLU I 287 41.83 5.99 -45.72
CA GLU I 287 43.23 6.28 -45.39
C GLU I 287 44.20 5.21 -45.93
N LYS I 288 43.97 3.94 -45.68
CA LYS I 288 44.91 2.94 -46.22
C LYS I 288 44.94 2.74 -47.75
N TYR I 289 43.76 2.55 -48.33
CA TYR I 289 43.69 2.34 -49.77
C TYR I 289 43.28 3.53 -50.65
N GLY I 290 42.95 4.63 -50.02
CA GLY I 290 42.57 5.75 -50.84
C GLY I 290 41.17 5.61 -51.43
N ILE I 291 40.42 4.57 -51.08
CA ILE I 291 39.08 4.46 -51.68
C ILE I 291 38.13 5.40 -50.95
N PRO I 292 37.47 6.29 -51.70
CA PRO I 292 36.49 7.29 -51.26
C PRO I 292 35.15 6.62 -50.86
N TRP I 293 34.45 7.20 -49.90
CA TRP I 293 33.17 6.64 -49.45
C TRP I 293 32.05 7.66 -49.42
N MET I 294 30.90 7.32 -50.00
CA MET I 294 29.78 8.25 -49.99
C MET I 294 28.50 7.65 -49.38
N GLU I 295 27.87 8.40 -48.47
CA GLU I 295 26.65 7.97 -47.83
C GLU I 295 25.50 8.09 -48.84
N TYR I 296 24.64 7.08 -48.91
CA TYR I 296 23.52 7.11 -49.84
C TYR I 296 22.26 6.61 -49.14
N ASN I 297 21.10 7.03 -49.64
CA ASN I 297 19.82 6.63 -49.07
C ASN I 297 18.90 6.02 -50.13
N PHE I 298 18.42 4.79 -49.90
CA PHE I 298 17.52 4.12 -50.84
C PHE I 298 16.06 3.98 -50.39
N PHE I 299 15.68 4.67 -49.33
CA PHE I 299 14.32 4.56 -48.88
C PHE I 299 13.48 5.53 -49.63
N GLY I 300 12.45 5.02 -50.31
CA GLY I 300 11.56 5.93 -51.04
C GLY I 300 12.05 6.31 -52.42
N PRO I 301 11.14 6.57 -53.37
CA PRO I 301 11.62 6.96 -54.71
C PRO I 301 12.50 8.23 -54.79
N THR I 302 12.21 9.24 -53.97
CA THR I 302 13.00 10.48 -54.04
C THR I 302 14.48 10.30 -53.59
N LYS I 303 14.70 9.60 -52.49
CA LYS I 303 16.04 9.39 -52.00
C LYS I 303 16.80 8.48 -52.94
N THR I 304 16.11 7.49 -53.48
CA THR I 304 16.76 6.55 -54.39
C THR I 304 17.19 7.26 -55.68
N ILE I 305 16.31 8.09 -56.22
CA ILE I 305 16.61 8.83 -57.46
C ILE I 305 17.74 9.79 -57.21
N GLU I 306 17.69 10.47 -56.08
CA GLU I 306 18.71 11.43 -55.70
C GLU I 306 20.01 10.61 -55.49
N SER I 307 19.92 9.46 -54.82
CA SER I 307 21.09 8.62 -54.55
C SER I 307 21.71 8.01 -55.81
N LEU I 308 20.89 7.50 -56.70
CA LEU I 308 21.36 6.89 -57.94
C LEU I 308 22.09 7.96 -58.74
N ARG I 309 21.53 9.15 -58.74
CA ARG I 309 22.11 10.25 -59.45
C ARG I 309 23.53 10.65 -58.94
N ALA I 310 23.69 10.70 -57.63
CA ALA I 310 24.94 11.07 -56.98
C ALA I 310 26.02 10.04 -57.19
N ILE I 311 25.65 8.80 -57.06
CA ILE I 311 26.61 7.73 -57.25
C ILE I 311 27.07 7.74 -58.68
N ALA I 312 26.14 7.93 -59.60
CA ALA I 312 26.44 7.95 -61.04
C ALA I 312 27.39 9.11 -61.48
N ALA I 313 27.26 10.27 -60.84
CA ALA I 313 28.06 11.43 -61.14
C ALA I 313 29.52 11.04 -60.81
N LYS I 314 29.74 10.33 -59.71
CA LYS I 314 31.10 9.95 -59.35
C LYS I 314 31.78 9.07 -60.45
N PHE I 315 30.95 8.61 -61.39
CA PHE I 315 31.40 7.78 -62.52
C PHE I 315 31.24 8.50 -63.88
N ASP I 316 31.61 7.84 -64.97
CA ASP I 316 31.53 8.46 -66.31
C ASP I 316 30.13 8.55 -66.94
N GLU I 317 30.03 9.29 -68.04
CA GLU I 317 28.75 9.51 -68.75
C GLU I 317 27.92 8.27 -69.14
N SER I 318 28.57 7.14 -69.35
CA SER I 318 27.85 5.91 -69.73
C SER I 318 26.99 5.48 -68.53
N ILE I 319 27.60 5.55 -67.37
CA ILE I 319 26.97 5.18 -66.11
C ILE I 319 25.85 6.19 -65.82
N GLN I 320 26.14 7.46 -66.07
CA GLN I 320 25.19 8.54 -65.84
C GLN I 320 23.98 8.36 -66.75
N LYS I 321 24.25 7.95 -67.98
CA LYS I 321 23.20 7.72 -68.95
C LYS I 321 22.38 6.49 -68.48
N LYS I 322 23.08 5.45 -68.05
CA LYS I 322 22.43 4.23 -67.59
C LYS I 322 21.53 4.51 -66.40
N CYS I 323 21.98 5.41 -65.54
CA CYS I 323 21.27 5.80 -64.33
C CYS I 323 19.91 6.40 -64.76
N GLU I 324 19.93 7.19 -65.81
CA GLU I 324 18.71 7.79 -66.28
C GLU I 324 17.69 6.79 -66.87
N GLU I 325 18.20 5.72 -67.48
CA GLU I 325 17.34 4.69 -68.10
C GLU I 325 16.58 3.95 -67.00
N VAL I 326 17.31 3.63 -65.94
CA VAL I 326 16.81 2.91 -64.76
C VAL I 326 15.78 3.81 -64.08
N ILE I 327 16.07 5.09 -63.94
CA ILE I 327 15.10 5.95 -63.27
C ILE I 327 13.89 6.02 -64.17
N ALA I 328 14.13 5.96 -65.47
CA ALA I 328 13.02 6.01 -66.41
C ALA I 328 12.17 4.70 -66.28
N LYS I 329 12.88 3.57 -66.19
CA LYS I 329 12.29 2.23 -66.10
C LYS I 329 11.38 1.96 -64.91
N TYR I 330 11.85 2.40 -63.73
CA TYR I 330 11.12 2.25 -62.49
C TYR I 330 10.23 3.43 -62.18
N LYS I 331 10.24 4.46 -63.02
CA LYS I 331 9.38 5.60 -62.66
C LYS I 331 7.89 5.26 -62.72
N PRO I 332 7.45 4.57 -63.78
CA PRO I 332 6.04 4.26 -63.82
C PRO I 332 5.68 3.31 -62.69
N GLU I 333 6.62 2.44 -62.26
CA GLU I 333 6.25 1.53 -61.18
C GLU I 333 6.02 2.25 -59.86
N TRP I 334 6.94 3.14 -59.50
CA TRP I 334 6.83 3.87 -58.23
C TRP I 334 5.68 4.87 -58.14
N GLU I 335 5.43 5.56 -59.22
CA GLU I 335 4.35 6.53 -59.26
C GLU I 335 2.97 5.82 -59.15
N ALA I 336 2.91 4.59 -59.62
CA ALA I 336 1.68 3.79 -59.61
C ALA I 336 1.36 3.51 -58.14
N VAL I 337 2.42 3.24 -57.39
CA VAL I 337 2.33 2.95 -55.96
C VAL I 337 1.88 4.21 -55.27
N VAL I 338 2.48 5.33 -55.66
CA VAL I 338 2.13 6.62 -55.05
C VAL I 338 0.66 6.94 -55.32
N ALA I 339 0.24 6.72 -56.54
CA ALA I 339 -1.14 7.00 -56.88
C ALA I 339 -2.09 6.13 -56.07
N LYS I 340 -1.82 4.84 -55.95
CA LYS I 340 -2.71 4.00 -55.15
C LYS I 340 -2.72 4.26 -53.65
N TYR I 341 -1.52 4.41 -53.06
CA TYR I 341 -1.38 4.66 -51.63
C TYR I 341 -1.30 6.04 -50.99
N ARG I 342 -0.99 7.10 -51.75
CA ARG I 342 -0.89 8.46 -51.14
C ARG I 342 -2.24 8.97 -50.67
N PRO I 343 -3.30 8.79 -51.46
CA PRO I 343 -4.61 9.29 -51.01
C PRO I 343 -4.97 8.56 -49.71
N ARG I 344 -4.58 7.30 -49.59
CA ARG I 344 -4.85 6.51 -48.40
C ARG I 344 -4.04 6.99 -47.15
N LEU I 345 -2.77 7.32 -47.32
CA LEU I 345 -1.93 7.77 -46.20
C LEU I 345 -1.64 9.28 -45.99
N GLU I 346 -2.24 10.13 -46.81
CA GLU I 346 -2.01 11.57 -46.73
C GLU I 346 -2.35 12.34 -45.47
N GLY I 347 -1.39 13.15 -45.05
CA GLY I 347 -1.60 13.94 -43.85
C GLY I 347 -1.49 13.25 -42.50
N LYS I 348 -1.14 11.97 -42.52
CA LYS I 348 -1.01 11.21 -41.31
C LYS I 348 0.34 11.45 -40.62
N ARG I 349 0.26 11.79 -39.34
CA ARG I 349 1.45 12.04 -38.54
C ARG I 349 2.14 10.75 -38.02
N VAL I 350 3.47 10.73 -38.12
CA VAL I 350 4.27 9.61 -37.70
C VAL I 350 5.37 9.92 -36.68
N MET I 351 5.50 9.00 -35.73
CA MET I 351 6.49 9.05 -34.64
C MET I 351 7.41 7.83 -34.77
N LEU I 352 8.70 8.07 -34.79
CA LEU I 352 9.65 7.00 -34.91
C LEU I 352 10.73 6.88 -33.85
N TYR I 353 11.00 5.68 -33.36
CA TYR I 353 12.07 5.49 -32.41
C TYR I 353 12.79 4.24 -32.96
N ILE I 354 14.09 4.35 -33.23
CA ILE I 354 14.92 3.27 -33.78
C ILE I 354 16.37 3.55 -33.37
N GLY I 355 17.26 2.58 -33.46
CA GLY I 355 18.61 2.88 -33.04
C GLY I 355 19.69 3.79 -33.59
N GLY I 356 19.97 3.74 -34.90
CA GLY I 356 21.02 4.61 -35.41
C GLY I 356 20.91 5.22 -36.80
N LEU I 357 20.49 4.44 -37.77
CA LEU I 357 20.36 4.96 -39.12
C LEU I 357 18.97 5.32 -39.63
N ARG I 358 18.02 4.50 -39.25
CA ARG I 358 16.67 4.66 -39.69
C ARG I 358 15.80 5.80 -39.28
N PRO I 359 15.99 6.35 -38.05
CA PRO I 359 15.06 7.46 -37.73
C PRO I 359 15.18 8.58 -38.73
N ARG I 360 16.39 8.97 -39.10
CA ARG I 360 16.55 10.01 -40.13
C ARG I 360 16.21 9.54 -41.58
N HIS I 361 16.70 8.37 -41.91
CA HIS I 361 16.53 7.78 -43.23
C HIS I 361 15.12 7.45 -43.80
N VAL I 362 14.23 6.86 -43.04
CA VAL I 362 12.92 6.57 -43.62
C VAL I 362 12.01 7.81 -43.75
N ILE I 363 12.53 9.00 -43.40
CA ILE I 363 11.70 10.19 -43.45
C ILE I 363 11.26 10.52 -44.84
N GLY I 364 12.19 10.43 -45.79
CA GLY I 364 11.83 10.72 -47.16
C GLY I 364 10.70 9.83 -47.67
N ALA I 365 10.77 8.53 -47.39
CA ALA I 365 9.75 7.59 -47.86
C ALA I 365 8.32 7.91 -47.35
N TYR I 366 8.24 8.24 -46.07
CA TYR I 366 6.98 8.58 -45.40
C TYR I 366 6.47 9.84 -46.10
N GLU I 367 7.36 10.79 -46.35
CA GLU I 367 6.95 12.03 -47.01
C GLU I 367 6.56 11.76 -48.46
N ASP I 368 7.15 10.73 -49.06
CA ASP I 368 6.84 10.41 -50.43
C ASP I 368 5.39 9.92 -50.43
N LEU I 369 4.91 9.47 -49.29
CA LEU I 369 3.55 8.98 -49.17
C LEU I 369 2.63 10.05 -48.58
N GLY I 370 3.17 11.24 -48.36
CA GLY I 370 2.36 12.32 -47.81
C GLY I 370 2.21 12.32 -46.31
N MET I 371 2.92 11.39 -45.69
CA MET I 371 2.90 11.29 -44.25
C MET I 371 3.92 12.26 -43.70
N GLU I 372 3.61 12.83 -42.55
CA GLU I 372 4.47 13.79 -41.89
C GLU I 372 5.08 13.20 -40.63
N VAL I 373 6.40 13.29 -40.51
CA VAL I 373 6.98 12.74 -39.31
C VAL I 373 7.09 13.82 -38.25
N VAL I 374 6.16 13.75 -37.29
CA VAL I 374 6.06 14.67 -36.18
C VAL I 374 7.23 14.56 -35.23
N GLY I 375 7.65 13.34 -34.88
CA GLY I 375 8.80 13.23 -33.99
C GLY I 375 9.67 12.04 -34.35
N THR I 376 10.94 12.05 -33.93
CA THR I 376 11.87 10.95 -34.23
C THR I 376 12.96 10.95 -33.18
N GLY I 377 13.60 9.80 -32.99
CA GLY I 377 14.66 9.72 -32.01
C GLY I 377 15.60 8.60 -32.33
N TYR I 378 16.62 8.40 -31.48
CA TYR I 378 17.60 7.35 -31.70
C TYR I 378 17.97 6.56 -30.43
N GLU I 379 18.11 5.24 -30.57
CA GLU I 379 18.49 4.41 -29.44
C GLU I 379 19.93 4.67 -28.98
N PHE I 380 20.86 4.65 -29.93
CA PHE I 380 22.27 4.87 -29.59
C PHE I 380 23.12 5.73 -30.53
N ALA I 381 22.47 6.65 -31.23
CA ALA I 381 23.16 7.54 -32.18
C ALA I 381 24.06 8.65 -31.61
N HIS I 382 25.18 8.82 -32.28
CA HIS I 382 26.16 9.84 -31.94
C HIS I 382 25.64 11.20 -32.42
N ASN I 383 26.31 12.28 -32.04
CA ASN I 383 25.91 13.62 -32.45
C ASN I 383 26.07 13.90 -33.96
N ASP I 384 27.00 13.22 -34.64
CA ASP I 384 27.18 13.47 -36.08
C ASP I 384 25.92 12.95 -36.75
N ASP I 385 25.31 11.95 -36.12
CA ASP I 385 24.08 11.34 -36.61
C ASP I 385 23.00 12.42 -36.45
N TYR I 386 23.01 13.11 -35.32
CA TYR I 386 22.04 14.15 -35.01
C TYR I 386 22.24 15.37 -35.90
N ASP I 387 23.46 15.57 -36.37
CA ASP I 387 23.75 16.73 -37.23
C ASP I 387 23.01 16.49 -38.53
N ARG I 388 23.09 15.26 -39.00
CA ARG I 388 22.43 14.84 -40.24
C ARG I 388 20.88 14.83 -40.11
N THR I 389 20.40 14.54 -38.92
CA THR I 389 18.99 14.49 -38.65
C THR I 389 18.13 15.73 -38.70
N MET I 390 18.59 16.82 -38.14
CA MET I 390 17.76 18.05 -38.11
C MET I 390 17.36 18.69 -39.44
N LYS I 391 18.19 18.52 -40.46
CA LYS I 391 17.89 19.08 -41.76
C LYS I 391 16.67 18.31 -42.25
N GLU I 392 16.70 16.99 -42.06
CA GLU I 392 15.65 16.09 -42.48
C GLU I 392 14.36 16.32 -41.69
N MET I 393 14.47 16.49 -40.38
CA MET I 393 13.29 16.73 -39.54
C MET I 393 12.64 18.10 -39.73
N GLY I 394 11.32 18.18 -39.62
CA GLY I 394 10.67 19.46 -39.78
C GLY I 394 10.86 20.34 -38.56
N ASP I 395 10.42 21.59 -38.65
CA ASP I 395 10.56 22.52 -37.53
C ASP I 395 9.61 22.23 -36.38
N SER I 396 10.13 22.45 -35.18
CA SER I 396 9.45 22.27 -33.90
C SER I 396 8.97 20.85 -33.65
N THR I 397 9.58 19.92 -34.33
CA THR I 397 9.24 18.52 -34.20
C THR I 397 10.05 18.00 -33.01
N LEU I 398 9.51 17.02 -32.28
CA LEU I 398 10.19 16.43 -31.12
C LEU I 398 11.34 15.47 -31.43
N LEU I 399 12.49 15.64 -30.76
CA LEU I 399 13.68 14.79 -30.95
C LEU I 399 14.11 14.19 -29.60
N TYR I 400 14.34 12.87 -29.53
CA TYR I 400 14.74 12.21 -28.28
C TYR I 400 15.88 11.21 -28.39
N ASP I 401 16.85 11.28 -27.49
CA ASP I 401 17.96 10.34 -27.56
C ASP I 401 17.92 9.40 -26.35
N ASP I 402 17.88 8.09 -26.62
CA ASP I 402 17.84 7.10 -25.56
C ASP I 402 16.59 7.41 -24.75
N VAL I 403 15.47 7.51 -25.43
CA VAL I 403 14.25 7.80 -24.73
C VAL I 403 13.91 6.58 -23.88
N THR I 404 13.43 6.89 -22.67
CA THR I 404 13.05 5.91 -21.69
C THR I 404 11.65 5.52 -22.12
N GLY I 405 11.17 4.40 -21.60
CA GLY I 405 9.85 3.92 -21.94
C GLY I 405 8.76 4.88 -21.49
N TYR I 406 8.90 5.38 -20.27
CA TYR I 406 7.94 6.30 -19.67
C TYR I 406 7.85 7.58 -20.46
N GLU I 407 9.00 8.10 -20.86
CA GLU I 407 9.04 9.36 -21.64
C GLU I 407 8.33 9.16 -22.95
N PHE I 408 8.57 8.03 -23.58
CA PHE I 408 7.96 7.70 -24.86
C PHE I 408 6.45 7.60 -24.77
N GLU I 409 5.90 6.95 -23.75
CA GLU I 409 4.45 6.82 -23.69
C GLU I 409 3.82 8.18 -23.47
N GLU I 410 4.42 8.98 -22.61
CA GLU I 410 3.90 10.29 -22.32
C GLU I 410 3.95 11.17 -23.55
N PHE I 411 5.05 11.15 -24.30
CA PHE I 411 5.17 11.98 -25.51
C PHE I 411 4.07 11.60 -26.51
N VAL I 412 3.86 10.31 -26.69
CA VAL I 412 2.88 9.75 -27.61
C VAL I 412 1.47 10.08 -27.18
N LYS I 413 1.22 10.08 -25.88
CA LYS I 413 -0.13 10.37 -25.43
C LYS I 413 -0.41 11.82 -25.79
N ARG I 414 0.55 12.70 -25.53
CA ARG I 414 0.32 14.11 -25.86
C ARG I 414 0.22 14.50 -27.33
N ILE I 415 1.21 14.01 -28.09
CA ILE I 415 1.38 14.23 -29.53
C ILE I 415 0.30 13.56 -30.33
N LYS I 416 -0.04 12.35 -29.91
CA LYS I 416 -1.10 11.63 -30.60
C LYS I 416 -0.94 11.31 -32.07
N PRO I 417 0.19 10.70 -32.43
CA PRO I 417 0.47 10.33 -33.81
C PRO I 417 -0.46 9.22 -34.29
N ASP I 418 -0.74 9.25 -35.58
CA ASP I 418 -1.57 8.29 -36.24
C ASP I 418 -0.87 6.94 -36.27
N LEU I 419 0.41 6.93 -36.59
CA LEU I 419 1.19 5.71 -36.65
C LEU I 419 2.55 5.88 -35.94
N ILE I 420 3.04 4.78 -35.36
CA ILE I 420 4.32 4.77 -34.64
C ILE I 420 5.26 3.69 -35.18
N GLY I 421 6.48 4.08 -35.56
CA GLY I 421 7.40 3.08 -36.06
C GLY I 421 8.44 2.91 -35.00
N SER I 422 8.60 1.68 -34.55
CA SER I 422 9.57 1.38 -33.52
C SER I 422 9.86 -0.11 -33.43
N GLY I 423 10.61 -0.51 -32.42
CA GLY I 423 10.91 -1.92 -32.29
C GLY I 423 9.86 -2.76 -31.60
N ILE I 424 10.25 -4.02 -31.33
CA ILE I 424 9.42 -5.07 -30.69
C ILE I 424 9.09 -4.77 -29.23
N LYS I 425 10.01 -4.25 -28.46
CA LYS I 425 9.62 -4.02 -27.10
C LYS I 425 8.51 -2.95 -27.05
N GLU I 426 8.67 -1.87 -27.81
CA GLU I 426 7.68 -0.78 -27.87
C GLU I 426 6.33 -1.06 -28.50
N LYS I 427 6.28 -2.02 -29.44
CA LYS I 427 5.05 -2.33 -30.19
C LYS I 427 3.76 -2.82 -29.48
N PHE I 428 3.84 -3.74 -28.53
CA PHE I 428 2.64 -4.17 -27.87
C PHE I 428 1.96 -3.13 -26.98
N ILE I 429 2.72 -2.19 -26.43
CA ILE I 429 2.16 -1.17 -25.55
C ILE I 429 1.28 -0.26 -26.39
N PHE I 430 1.75 0.11 -27.54
CA PHE I 430 1.03 1.00 -28.43
C PHE I 430 -0.23 0.47 -29.07
N GLN I 431 -0.21 -0.80 -29.41
CA GLN I 431 -1.40 -1.39 -30.04
C GLN I 431 -2.49 -1.42 -28.96
N LYS I 432 -2.10 -1.64 -27.72
CA LYS I 432 -3.09 -1.68 -26.68
C LYS I 432 -3.64 -0.29 -26.61
N MET I 433 -2.78 0.69 -26.66
CA MET I 433 -3.24 2.05 -26.63
C MET I 433 -4.12 2.36 -27.85
N GLY I 434 -4.14 1.50 -28.86
CA GLY I 434 -4.96 1.75 -30.04
C GLY I 434 -4.31 2.51 -31.19
N ILE I 435 -3.02 2.74 -31.06
CA ILE I 435 -2.26 3.45 -32.09
C ILE I 435 -1.61 2.44 -33.00
N PRO I 436 -1.82 2.59 -34.32
CA PRO I 436 -1.21 1.63 -35.27
C PRO I 436 0.29 1.70 -35.12
N PHE I 437 0.89 0.52 -35.12
CA PHE I 437 2.32 0.33 -34.97
C PHE I 437 2.91 -0.56 -36.01
N ARG I 438 4.05 -0.15 -36.56
CA ARG I 438 4.78 -0.88 -37.58
C ARG I 438 6.16 -1.07 -37.02
N GLU I 439 6.70 -2.25 -37.08
CA GLU I 439 8.03 -2.36 -36.52
C GLU I 439 9.07 -1.94 -37.54
N MET I 440 9.88 -0.95 -37.17
CA MET I 440 10.92 -0.46 -38.03
C MET I 440 12.13 -1.35 -38.17
N HIS I 441 12.52 -2.05 -37.11
CA HIS I 441 13.71 -2.91 -37.23
C HIS I 441 13.59 -4.14 -38.14
N SER I 442 12.52 -4.89 -37.96
CA SER I 442 12.26 -6.13 -38.72
C SER I 442 11.30 -5.96 -39.82
N TRP I 443 10.90 -4.72 -40.04
CA TRP I 443 9.97 -4.43 -41.07
C TRP I 443 8.78 -5.35 -40.86
N ASP I 444 8.48 -5.61 -39.59
CA ASP I 444 7.34 -6.45 -39.24
C ASP I 444 7.22 -7.73 -40.05
N TYR I 445 8.35 -8.38 -40.23
CA TYR I 445 8.44 -9.61 -41.00
C TYR I 445 7.99 -9.42 -42.45
N SER I 446 8.15 -8.20 -42.96
CA SER I 446 7.78 -7.97 -44.34
C SER I 446 9.03 -7.57 -45.12
N GLY I 447 8.91 -6.50 -45.91
CA GLY I 447 10.03 -6.02 -46.70
C GLY I 447 10.41 -6.80 -47.98
N PRO I 448 11.54 -6.44 -48.60
CA PRO I 448 12.48 -5.36 -48.24
C PRO I 448 11.85 -3.97 -48.44
N TYR I 449 12.27 -3.01 -47.62
CA TYR I 449 11.75 -1.67 -47.79
C TYR I 449 12.72 -0.81 -48.71
N HIS I 450 13.94 -1.27 -48.97
CA HIS I 450 14.86 -0.51 -49.82
C HIS I 450 14.60 -0.56 -51.27
N GLY I 451 14.93 0.54 -51.92
CA GLY I 451 14.76 0.65 -53.35
C GLY I 451 13.35 0.86 -53.82
N PHE I 452 13.19 0.79 -55.13
CA PHE I 452 11.92 0.96 -55.78
C PHE I 452 10.97 -0.20 -55.48
N ASP I 453 11.50 -1.43 -55.54
CA ASP I 453 10.75 -2.68 -55.29
C ASP I 453 10.39 -2.66 -53.80
N GLY I 454 11.32 -2.20 -52.98
CA GLY I 454 11.11 -2.13 -51.55
C GLY I 454 10.03 -1.10 -51.23
N PHE I 455 9.97 0.00 -51.95
CA PHE I 455 8.97 1.03 -51.69
C PHE I 455 7.50 0.61 -51.85
N ALA I 456 7.22 -0.32 -52.74
CA ALA I 456 5.85 -0.78 -52.99
C ALA I 456 5.39 -1.52 -51.77
N ILE I 457 6.27 -2.36 -51.23
CA ILE I 457 5.99 -3.17 -50.06
C ILE I 457 5.77 -2.20 -48.89
N PHE I 458 6.61 -1.20 -48.77
CA PHE I 458 6.53 -0.20 -47.69
C PHE I 458 5.21 0.64 -47.71
N ALA I 459 4.77 1.10 -48.87
CA ALA I 459 3.55 1.90 -48.95
C ALA I 459 2.39 0.99 -48.60
N ARG I 460 2.43 -0.20 -49.15
CA ARG I 460 1.38 -1.17 -48.91
C ARG I 460 1.30 -1.51 -47.39
N ASP I 461 2.47 -1.69 -46.76
CA ASP I 461 2.56 -2.03 -45.34
C ASP I 461 2.04 -0.90 -44.44
N MET I 462 2.39 0.35 -44.72
CA MET I 462 1.91 1.48 -43.91
C MET I 462 0.40 1.55 -44.09
N ASP I 463 -0.08 1.42 -45.31
CA ASP I 463 -1.50 1.47 -45.54
C ASP I 463 -2.30 0.34 -44.87
N MET I 464 -1.85 -0.92 -44.92
CA MET I 464 -2.68 -1.96 -44.28
C MET I 464 -2.74 -1.77 -42.79
N THR I 465 -1.61 -1.49 -42.17
CA THR I 465 -1.61 -1.28 -40.73
C THR I 465 -2.33 -0.02 -40.23
N LEU I 466 -2.11 1.09 -40.91
CA LEU I 466 -2.70 2.34 -40.51
C LEU I 466 -4.23 2.33 -40.68
N ASN I 467 -4.68 1.77 -41.75
CA ASN I 467 -6.10 1.71 -42.06
C ASN I 467 -6.82 0.39 -41.77
N ASN I 468 -6.16 -0.50 -41.04
CA ASN I 468 -6.77 -1.79 -40.73
C ASN I 468 -8.01 -1.56 -39.88
N PRO I 469 -9.06 -2.34 -40.17
CA PRO I 469 -10.37 -2.29 -39.50
C PRO I 469 -10.34 -2.56 -38.03
N CYS I 470 -9.29 -3.18 -37.53
CA CYS I 470 -9.20 -3.49 -36.11
C CYS I 470 -9.10 -2.24 -35.20
N TRP I 471 -8.55 -1.12 -35.66
CA TRP I 471 -8.44 0.07 -34.80
C TRP I 471 -9.80 0.73 -34.42
N LYS I 472 -10.81 0.59 -35.27
CA LYS I 472 -12.13 1.15 -35.07
C LYS I 472 -12.78 0.40 -33.89
N LYS I 473 -12.57 -0.90 -33.86
CA LYS I 473 -13.11 -1.80 -32.83
C LYS I 473 -12.70 -1.80 -31.35
N LEU I 474 -11.74 -0.98 -30.93
CA LEU I 474 -11.34 -1.00 -29.50
C LEU I 474 -12.29 -0.62 -28.37
N GLN I 475 -13.07 0.43 -28.44
CA GLN I 475 -13.96 0.71 -27.30
C GLN I 475 -15.20 -0.17 -27.41
N ALA I 476 -15.66 -0.72 -26.30
CA ALA I 476 -16.85 -1.58 -26.32
C ALA I 476 -18.04 -0.72 -26.63
N PRO I 477 -18.99 -1.22 -27.44
CA PRO I 477 -20.20 -0.49 -27.83
C PRO I 477 -21.00 -0.10 -26.65
N TRP I 478 -20.98 -0.91 -25.60
CA TRP I 478 -21.77 -0.54 -24.43
C TRP I 478 -20.92 0.41 -23.60
N GLU I 479 -20.67 1.57 -24.21
CA GLU I 479 -19.88 2.62 -23.62
C GLU I 479 -18.47 2.21 -23.18
N SER J 1 11.15 -5.36 -60.09
CA SER J 1 9.90 -4.74 -60.61
C SER J 1 8.69 -5.22 -59.80
N GLN J 2 7.70 -4.36 -59.63
CA GLN J 2 6.51 -4.75 -58.88
C GLN J 2 5.19 -4.43 -59.55
N GLN J 3 4.26 -5.37 -59.71
CA GLN J 3 2.97 -5.03 -60.32
C GLN J 3 2.29 -4.42 -59.11
N VAL J 4 1.71 -3.26 -59.24
CA VAL J 4 1.09 -2.65 -58.07
C VAL J 4 -0.14 -3.40 -57.61
N ASP J 5 -0.78 -4.10 -58.53
CA ASP J 5 -1.97 -4.85 -58.17
C ASP J 5 -1.58 -5.97 -57.23
N LYS J 6 -0.51 -6.71 -57.51
CA LYS J 6 -0.14 -7.75 -56.57
C LYS J 6 1.32 -7.55 -56.27
N ILE J 7 1.57 -6.92 -55.14
CA ILE J 7 2.93 -6.67 -54.73
C ILE J 7 3.54 -7.93 -54.17
N LYS J 8 4.83 -8.12 -54.36
CA LYS J 8 5.48 -9.32 -53.87
C LYS J 8 6.41 -9.00 -52.73
N ALA J 9 6.33 -9.77 -51.66
CA ALA J 9 7.18 -9.59 -50.49
C ALA J 9 8.50 -10.33 -50.80
N SER J 10 9.44 -10.42 -49.85
CA SER J 10 10.72 -11.08 -50.12
C SER J 10 10.45 -12.34 -50.84
N TYR J 11 9.46 -13.07 -50.39
CA TYR J 11 9.14 -14.30 -51.06
C TYR J 11 7.75 -13.97 -51.59
N PRO J 12 7.52 -14.19 -52.89
CA PRO J 12 8.38 -14.73 -53.93
C PRO J 12 9.05 -13.66 -54.82
N LEU J 13 9.41 -12.50 -54.26
CA LEU J 13 10.03 -11.44 -55.04
C LEU J 13 11.41 -11.81 -55.53
N PHE J 14 12.21 -12.38 -54.66
CA PHE J 14 13.54 -12.77 -55.05
C PHE J 14 13.56 -13.96 -55.97
N LEU J 15 12.38 -14.53 -56.19
CA LEU J 15 12.21 -15.70 -57.05
C LEU J 15 12.11 -15.28 -58.48
N ASP J 16 12.05 -13.97 -58.68
CA ASP J 16 11.94 -13.36 -60.02
C ASP J 16 13.27 -13.61 -60.76
N GLN J 17 13.18 -13.71 -62.07
CA GLN J 17 14.34 -13.98 -62.91
C GLN J 17 15.47 -12.99 -62.85
N ASP J 18 15.18 -11.70 -62.82
CA ASP J 18 16.25 -10.71 -62.77
C ASP J 18 17.07 -10.90 -61.50
N TYR J 19 16.39 -11.11 -60.39
CA TYR J 19 17.02 -11.30 -59.09
C TYR J 19 17.82 -12.61 -59.07
N LYS J 20 17.23 -13.66 -59.62
CA LYS J 20 17.87 -14.96 -59.64
C LYS J 20 19.19 -14.82 -60.40
N ASP J 21 19.16 -14.11 -61.51
CA ASP J 21 20.36 -13.91 -62.33
C ASP J 21 21.38 -13.12 -61.50
N MET J 22 20.90 -12.08 -60.81
CA MET J 22 21.77 -11.25 -60.01
C MET J 22 22.50 -11.98 -58.89
N LEU J 23 21.77 -12.82 -58.18
CA LEU J 23 22.31 -13.59 -57.07
C LEU J 23 23.36 -14.55 -57.57
N ALA J 24 23.07 -15.20 -58.68
CA ALA J 24 23.99 -16.18 -59.26
C ALA J 24 25.28 -15.46 -59.64
N LYS J 25 25.14 -14.29 -60.26
CA LYS J 25 26.32 -13.56 -60.67
C LYS J 25 27.13 -13.26 -59.43
N LYS J 26 26.43 -12.82 -58.38
CA LYS J 26 27.05 -12.48 -57.12
C LYS J 26 27.72 -13.70 -56.56
N ARG J 27 27.03 -14.82 -56.61
CA ARG J 27 27.62 -16.02 -56.07
C ARG J 27 28.85 -16.43 -56.88
N ASP J 28 28.71 -16.46 -58.20
CA ASP J 28 29.84 -16.84 -59.05
C ASP J 28 30.95 -15.80 -59.04
N GLY J 29 30.59 -14.53 -59.13
CA GLY J 29 31.61 -13.50 -59.11
C GLY J 29 32.45 -13.17 -57.87
N PHE J 30 31.85 -13.08 -56.68
CA PHE J 30 32.58 -12.74 -55.46
C PHE J 30 32.57 -13.63 -54.22
N GLU J 31 31.58 -14.50 -54.14
CA GLU J 31 31.40 -15.43 -53.02
C GLU J 31 32.44 -16.56 -52.84
N GLU J 32 33.07 -16.99 -53.94
CA GLU J 32 34.08 -18.06 -53.89
C GLU J 32 33.51 -19.25 -53.16
N LYS J 33 32.27 -19.55 -53.51
CA LYS J 33 31.53 -20.65 -52.93
C LYS J 33 32.09 -21.99 -53.32
N TYR J 34 31.98 -22.97 -52.42
CA TYR J 34 32.46 -24.34 -52.66
C TYR J 34 31.45 -24.85 -53.69
N PRO J 35 31.87 -25.82 -54.53
CA PRO J 35 31.00 -26.39 -55.55
C PRO J 35 29.76 -27.01 -54.89
N GLN J 36 28.68 -27.08 -55.66
CA GLN J 36 27.42 -27.60 -55.18
C GLN J 36 27.55 -29.07 -54.91
N ASP J 37 28.40 -29.73 -55.64
CA ASP J 37 28.63 -31.16 -55.48
C ASP J 37 29.30 -31.35 -54.14
N LYS J 38 30.23 -30.47 -53.79
CA LYS J 38 30.95 -30.55 -52.52
C LYS J 38 29.97 -30.30 -51.37
N ILE J 39 29.12 -29.30 -51.57
CA ILE J 39 28.14 -28.94 -50.58
C ILE J 39 27.24 -30.15 -50.40
N ASP J 40 26.86 -30.78 -51.49
CA ASP J 40 26.01 -31.92 -51.43
C ASP J 40 26.69 -33.10 -50.72
N GLU J 41 27.95 -33.33 -51.06
CA GLU J 41 28.71 -34.43 -50.48
C GLU J 41 28.77 -34.22 -48.95
N VAL J 42 29.03 -32.99 -48.52
CA VAL J 42 29.12 -32.69 -47.09
C VAL J 42 27.80 -32.78 -46.37
N PHE J 43 26.72 -32.40 -47.05
CA PHE J 43 25.40 -32.45 -46.44
C PHE J 43 25.02 -33.90 -46.23
N GLN J 44 25.26 -34.77 -47.20
CA GLN J 44 24.89 -36.18 -47.04
C GLN J 44 25.69 -36.78 -45.87
N TRP J 45 26.90 -36.26 -45.71
CA TRP J 45 27.80 -36.75 -44.67
C TRP J 45 27.21 -36.53 -43.26
N THR J 46 26.63 -35.34 -43.03
CA THR J 46 26.06 -35.01 -41.72
C THR J 46 24.85 -35.88 -41.42
N THR J 47 24.14 -36.33 -42.44
CA THR J 47 22.97 -37.19 -42.21
C THR J 47 23.41 -38.60 -41.69
N THR J 48 24.67 -38.96 -41.91
CA THR J 48 25.18 -40.28 -41.48
C THR J 48 25.48 -40.51 -40.04
N LYS J 49 25.63 -41.81 -39.77
CA LYS J 49 25.94 -42.47 -38.51
C LYS J 49 27.38 -42.11 -38.10
N GLU J 50 28.29 -42.11 -39.05
CA GLU J 50 29.69 -41.80 -38.77
C GLU J 50 29.78 -40.36 -38.21
N TYR J 51 29.06 -39.42 -38.82
CA TYR J 51 29.08 -38.03 -38.38
C TYR J 51 28.44 -37.88 -37.01
N GLN J 52 27.41 -38.68 -36.72
CA GLN J 52 26.70 -38.62 -35.44
C GLN J 52 27.71 -38.93 -34.34
N GLU J 53 28.57 -39.92 -34.54
CA GLU J 53 29.55 -40.27 -33.53
C GLU J 53 30.51 -39.13 -33.22
N LEU J 54 31.01 -38.45 -34.25
CA LEU J 54 31.94 -37.35 -34.05
C LEU J 54 31.15 -36.21 -33.37
N ASN J 55 29.89 -36.06 -33.79
CA ASN J 55 29.03 -35.03 -33.25
C ASN J 55 28.74 -35.33 -31.80
N PHE J 56 28.45 -36.57 -31.46
CA PHE J 56 28.16 -36.88 -30.06
C PHE J 56 29.41 -36.92 -29.18
N GLN J 57 30.59 -36.93 -29.80
CA GLN J 57 31.90 -36.95 -29.10
C GLN J 57 32.30 -35.56 -28.55
N ARG J 58 31.58 -34.51 -28.93
CA ARG J 58 31.91 -33.16 -28.47
C ARG J 58 31.85 -32.91 -26.97
N GLU J 59 32.91 -32.28 -26.49
CA GLU J 59 33.05 -31.93 -25.09
C GLU J 59 33.08 -30.42 -24.87
N ALA J 60 33.39 -29.64 -25.89
CA ALA J 60 33.44 -28.20 -25.65
C ALA J 60 32.51 -27.24 -26.41
N LEU J 61 32.00 -27.71 -27.54
CA LEU J 61 31.13 -26.91 -28.38
C LEU J 61 29.66 -27.27 -28.40
N THR J 62 28.82 -26.29 -28.10
CA THR J 62 27.37 -26.48 -28.07
C THR J 62 26.77 -25.78 -29.31
N VAL J 63 25.94 -26.49 -30.04
CA VAL J 63 25.32 -25.95 -31.23
C VAL J 63 23.80 -25.97 -31.09
N ASN J 64 23.17 -24.82 -31.24
CA ASN J 64 21.71 -24.82 -31.09
C ASN J 64 21.15 -25.38 -29.77
N PRO J 65 21.46 -24.70 -28.64
CA PRO J 65 20.99 -25.11 -27.31
C PRO J 65 19.48 -24.99 -27.14
N ALA J 66 18.94 -25.87 -26.30
CA ALA J 66 17.53 -25.98 -25.93
C ALA J 66 17.28 -25.31 -24.58
N LYS J 67 18.25 -24.55 -24.08
CA LYS J 67 18.11 -23.90 -22.80
C LYS J 67 18.51 -22.43 -22.86
N ALA J 68 18.01 -21.62 -21.93
CA ALA J 68 18.31 -20.20 -21.87
C ALA J 68 18.87 -19.88 -20.45
N CYS J 69 19.33 -18.64 -20.20
CA CYS J 69 19.89 -18.26 -18.89
C CYS J 69 18.94 -18.01 -17.72
N GLN J 70 19.50 -17.83 -16.54
CA GLN J 70 18.67 -17.64 -15.34
C GLN J 70 17.83 -16.44 -15.18
N PRO J 71 18.35 -15.27 -15.49
CA PRO J 71 17.53 -14.07 -15.31
C PRO J 71 16.19 -14.12 -16.07
N LEU J 72 16.14 -14.88 -17.15
CA LEU J 72 14.90 -14.94 -17.91
C LEU J 72 13.89 -15.57 -16.97
N GLY J 73 14.34 -16.61 -16.29
CA GLY J 73 13.58 -17.39 -15.32
C GLY J 73 13.16 -16.48 -14.20
N ALA J 74 14.08 -15.65 -13.74
CA ALA J 74 13.84 -14.70 -12.64
C ALA J 74 12.82 -13.58 -13.03
N VAL J 75 12.97 -13.01 -14.22
CA VAL J 75 12.09 -11.93 -14.70
C VAL J 75 10.66 -12.47 -14.81
N LEU J 76 10.47 -13.66 -15.36
CA LEU J 76 9.14 -14.24 -15.53
C LEU J 76 8.46 -14.43 -14.18
N CYS J 77 9.20 -14.92 -13.20
CA CYS J 77 8.65 -15.15 -11.88
C CYS J 77 8.26 -13.84 -11.20
N ALA J 78 9.10 -12.83 -11.34
CA ALA J 78 8.88 -11.53 -10.72
C ALA J 78 7.61 -10.94 -11.32
N LEU J 79 7.33 -11.32 -12.55
CA LEU J 79 6.15 -10.84 -13.25
C LEU J 79 4.88 -11.41 -12.61
N GLY J 80 4.96 -12.57 -11.95
CA GLY J 80 3.82 -13.21 -11.27
C GLY J 80 3.14 -12.40 -10.15
N PHE J 81 3.93 -11.53 -9.52
CA PHE J 81 3.49 -10.66 -8.41
C PHE J 81 2.81 -9.33 -8.69
N GLU J 82 1.81 -8.97 -7.89
CA GLU J 82 1.09 -7.72 -8.10
C GLU J 82 1.88 -6.41 -8.04
N LYS J 83 1.68 -5.57 -9.05
CA LYS J 83 2.36 -4.27 -9.13
C LYS J 83 3.83 -4.44 -8.92
N THR J 84 4.38 -5.53 -9.41
CA THR J 84 5.79 -5.82 -9.26
C THR J 84 6.56 -5.62 -10.52
N MET J 85 7.69 -4.95 -10.42
CA MET J 85 8.57 -4.68 -11.56
C MET J 85 9.77 -5.53 -11.52
N PRO J 86 10.02 -6.33 -12.57
CA PRO J 86 11.25 -7.14 -12.48
C PRO J 86 12.43 -6.16 -12.59
N TYR J 87 13.48 -6.36 -11.82
CA TYR J 87 14.61 -5.47 -11.90
C TYR J 87 15.81 -6.36 -11.98
N VAL J 88 16.67 -6.18 -12.99
CA VAL J 88 17.86 -7.03 -13.09
C VAL J 88 19.11 -6.16 -12.92
N HIS J 89 19.90 -6.56 -11.94
CA HIS J 89 21.14 -5.88 -11.58
C HIS J 89 22.19 -6.42 -12.52
N GLY J 90 22.84 -5.52 -13.24
CA GLY J 90 23.87 -5.94 -14.16
C GLY J 90 23.80 -5.12 -15.43
N SER J 91 24.33 -5.68 -16.50
CA SER J 91 24.33 -4.99 -17.78
C SER J 91 22.95 -5.03 -18.47
N GLN J 92 22.62 -3.93 -19.16
CA GLN J 92 21.37 -3.72 -19.89
C GLN J 92 21.03 -4.52 -21.14
N GLY J 93 22.03 -5.00 -21.87
CA GLY J 93 21.80 -5.79 -23.09
C GLY J 93 21.01 -7.06 -22.77
N CYS J 94 21.16 -7.54 -21.56
CA CYS J 94 20.46 -8.72 -21.13
C CYS J 94 18.93 -8.43 -21.02
N VAL J 95 18.58 -7.28 -20.44
CA VAL J 95 17.19 -6.93 -20.28
C VAL J 95 16.50 -6.74 -21.60
N ALA J 96 17.22 -6.22 -22.58
CA ALA J 96 16.62 -5.99 -23.90
C ALA J 96 16.31 -7.37 -24.48
N TYR J 97 17.24 -8.29 -24.33
CA TYR J 97 17.06 -9.64 -24.84
C TYR J 97 15.93 -10.33 -24.10
N PHE J 98 15.81 -10.22 -22.79
CA PHE J 98 14.71 -10.92 -22.11
C PHE J 98 13.37 -10.36 -22.57
N ARG J 99 13.25 -9.06 -22.67
CA ARG J 99 11.98 -8.50 -23.08
C ARG J 99 11.60 -8.94 -24.49
N SER J 100 12.55 -8.91 -25.39
CA SER J 100 12.26 -9.29 -26.74
C SER J 100 11.90 -10.75 -26.83
N TYR J 101 12.62 -11.64 -26.14
CA TYR J 101 12.33 -13.08 -26.21
C TYR J 101 10.93 -13.28 -25.67
N PHE J 102 10.61 -12.63 -24.57
CA PHE J 102 9.30 -12.77 -24.01
C PHE J 102 8.23 -12.12 -24.89
N ASN J 103 8.54 -10.95 -25.48
CA ASN J 103 7.58 -10.24 -26.32
C ASN J 103 7.15 -11.06 -27.50
N ARG J 104 8.11 -11.70 -28.14
CA ARG J 104 7.81 -12.53 -29.29
C ARG J 104 7.01 -13.75 -28.89
N HIS J 105 7.37 -14.42 -27.81
CA HIS J 105 6.57 -15.56 -27.49
C HIS J 105 5.17 -15.22 -27.05
N PHE J 106 5.01 -14.23 -26.17
CA PHE J 106 3.68 -13.81 -25.67
C PHE J 106 2.93 -12.76 -26.50
N ARG J 107 3.65 -12.09 -27.41
CA ARG J 107 3.06 -11.08 -28.25
C ARG J 107 2.32 -10.08 -27.42
N GLU J 108 2.91 -9.83 -26.24
CA GLU J 108 2.43 -8.89 -25.22
C GLU J 108 3.58 -8.06 -24.65
N PRO J 109 3.27 -6.87 -24.12
CA PRO J 109 4.42 -6.12 -23.59
C PRO J 109 5.03 -6.78 -22.39
N VAL J 110 6.34 -6.66 -22.23
CA VAL J 110 7.00 -7.24 -21.07
C VAL J 110 7.75 -6.09 -20.36
N SER J 111 7.47 -5.85 -19.10
CA SER J 111 8.16 -4.77 -18.42
C SER J 111 9.35 -5.23 -17.59
N CYS J 112 10.52 -4.69 -17.90
CA CYS J 112 11.72 -5.07 -17.15
C CYS J 112 12.68 -3.91 -17.12
N VAL J 113 13.46 -3.76 -16.07
CA VAL J 113 14.42 -2.66 -15.98
C VAL J 113 15.81 -3.12 -15.54
N SER J 114 16.81 -2.32 -15.90
CA SER J 114 18.17 -2.64 -15.56
C SER J 114 18.85 -1.46 -14.89
N ASP J 115 19.83 -1.72 -14.04
CA ASP J 115 20.55 -0.64 -13.38
C ASP J 115 21.68 -0.16 -14.30
N SER J 116 21.84 -0.84 -15.43
CA SER J 116 22.83 -0.52 -16.46
C SER J 116 24.29 -0.43 -16.10
N MET J 117 24.81 -1.45 -15.44
CA MET J 117 26.22 -1.43 -15.05
C MET J 117 27.16 -1.46 -16.26
N THR J 118 28.12 -0.54 -16.22
CA THR J 118 29.18 -0.28 -17.20
C THR J 118 30.55 -0.81 -16.86
N GLU J 119 31.49 -0.53 -17.74
CA GLU J 119 32.88 -0.97 -17.61
C GLU J 119 33.40 -0.37 -16.31
N ASP J 120 33.10 0.90 -16.08
CA ASP J 120 33.54 1.62 -14.90
C ASP J 120 32.85 0.99 -13.71
N ALA J 121 31.62 0.57 -13.90
CA ALA J 121 30.84 -0.04 -12.84
C ALA J 121 31.51 -1.37 -12.56
N ALA J 122 32.22 -1.90 -13.54
CA ALA J 122 32.87 -3.17 -13.27
C ALA J 122 33.98 -3.05 -12.27
N VAL J 123 34.82 -2.04 -12.38
CA VAL J 123 35.88 -1.91 -11.39
C VAL J 123 35.39 -1.56 -9.96
N PHE J 124 34.57 -0.52 -9.82
CA PHE J 124 34.01 -0.09 -8.53
C PHE J 124 33.01 -0.98 -7.81
N GLY J 125 32.06 -1.50 -8.58
CA GLY J 125 31.04 -2.36 -8.02
C GLY J 125 29.71 -1.81 -8.50
N GLY J 126 28.65 -2.53 -8.18
CA GLY J 126 27.29 -2.18 -8.56
C GLY J 126 26.50 -1.34 -7.58
N GLN J 127 27.16 -0.78 -6.58
CA GLN J 127 26.46 0.02 -5.55
C GLN J 127 25.72 1.29 -6.01
N GLN J 128 26.31 2.12 -6.87
CA GLN J 128 25.66 3.36 -7.32
C GLN J 128 24.43 3.13 -8.20
N ASN J 129 24.56 2.19 -9.12
CA ASN J 129 23.56 1.78 -10.09
C ASN J 129 22.36 1.23 -9.32
N MET J 130 22.64 0.46 -8.26
CA MET J 130 21.59 -0.13 -7.45
C MET J 130 20.84 0.99 -6.71
N LYS J 131 21.52 1.98 -6.11
CA LYS J 131 20.80 3.05 -5.43
C LYS J 131 20.04 3.94 -6.37
N ASP J 132 20.69 4.37 -7.43
CA ASP J 132 20.04 5.22 -8.40
C ASP J 132 18.95 4.46 -9.12
N GLY J 133 19.31 3.24 -9.50
CA GLY J 133 18.38 2.39 -10.23
C GLY J 133 17.10 2.11 -9.44
N LEU J 134 17.24 1.83 -8.17
CA LEU J 134 16.11 1.54 -7.31
C LEU J 134 15.34 2.86 -7.18
N GLN J 135 16.05 3.96 -6.99
CA GLN J 135 15.36 5.23 -6.83
C GLN J 135 14.67 5.70 -8.09
N ASN J 136 15.33 5.57 -9.22
CA ASN J 136 14.76 6.00 -10.47
C ASN J 136 13.57 5.18 -10.91
N CYS J 137 13.69 3.87 -10.78
CA CYS J 137 12.65 2.93 -11.17
C CYS J 137 11.40 3.15 -10.36
N LYS J 138 11.57 3.32 -9.07
CA LYS J 138 10.40 3.51 -8.24
C LYS J 138 9.71 4.82 -8.59
N ALA J 139 10.47 5.89 -8.76
CA ALA J 139 9.83 7.13 -9.08
C ALA J 139 9.12 7.07 -10.42
N THR J 140 9.79 6.57 -11.44
CA THR J 140 9.20 6.46 -12.75
C THR J 140 8.04 5.49 -13.05
N TYR J 141 8.15 4.25 -12.57
CA TYR J 141 7.13 3.22 -12.81
C TYR J 141 6.11 2.90 -11.70
N LYS J 142 6.35 3.48 -10.54
CA LYS J 142 5.45 3.27 -9.43
C LYS J 142 5.13 1.84 -9.08
N PRO J 143 6.10 0.92 -9.21
CA PRO J 143 5.83 -0.47 -8.86
C PRO J 143 5.70 -0.60 -7.35
N ASP J 144 4.78 -1.42 -6.86
CA ASP J 144 4.60 -1.61 -5.44
C ASP J 144 5.82 -2.31 -4.91
N MET J 145 6.25 -3.32 -5.65
CA MET J 145 7.42 -4.11 -5.32
C MET J 145 8.41 -4.19 -6.48
N ILE J 146 9.70 -4.26 -6.13
CA ILE J 146 10.78 -4.36 -7.12
C ILE J 146 11.53 -5.65 -6.79
N ALA J 147 11.63 -6.57 -7.74
CA ALA J 147 12.34 -7.81 -7.41
C ALA J 147 13.66 -7.92 -8.18
N VAL J 148 14.76 -7.91 -7.43
CA VAL J 148 16.09 -7.99 -8.02
C VAL J 148 16.68 -9.38 -8.33
N SER J 149 17.25 -9.46 -9.52
CA SER J 149 17.89 -10.64 -10.08
C SER J 149 19.17 -10.05 -10.61
N THR J 150 20.12 -10.90 -10.98
CA THR J 150 21.37 -10.36 -11.48
C THR J 150 21.92 -11.01 -12.74
N THR J 151 22.58 -10.20 -13.55
CA THR J 151 23.20 -10.66 -14.80
C THR J 151 24.61 -11.23 -14.50
N CYS J 152 25.11 -12.09 -15.35
CA CYS J 152 26.44 -12.66 -15.16
C CYS J 152 27.62 -11.73 -14.92
N MET J 153 27.55 -10.52 -15.43
CA MET J 153 28.67 -9.61 -15.23
C MET J 153 28.66 -9.34 -13.76
N ALA J 154 27.49 -9.11 -13.22
CA ALA J 154 27.33 -8.82 -11.80
C ALA J 154 27.78 -10.03 -11.00
N GLU J 155 27.38 -11.21 -11.40
CA GLU J 155 27.77 -12.40 -10.66
C GLU J 155 29.26 -12.58 -10.67
N VAL J 156 29.90 -12.38 -11.80
CA VAL J 156 31.36 -12.59 -11.81
C VAL J 156 32.10 -11.54 -10.98
N ILE J 157 31.76 -10.27 -11.08
CA ILE J 157 32.46 -9.26 -10.28
C ILE J 157 32.11 -9.46 -8.82
N GLY J 158 30.99 -10.11 -8.51
CA GLY J 158 30.64 -10.32 -7.11
C GLY J 158 29.92 -9.29 -6.27
N ASP J 159 29.03 -8.51 -6.87
CA ASP J 159 28.32 -7.49 -6.11
C ASP J 159 27.46 -8.18 -5.11
N ASP J 160 27.40 -7.61 -3.90
CA ASP J 160 26.57 -8.21 -2.86
C ASP J 160 25.21 -7.50 -2.99
N LEU J 161 24.18 -8.27 -3.34
CA LEU J 161 22.83 -7.76 -3.54
C LEU J 161 22.16 -7.28 -2.28
N ASN J 162 22.30 -8.07 -1.22
CA ASN J 162 21.73 -7.83 0.11
C ASN J 162 22.35 -6.57 0.71
N ALA J 163 23.66 -6.44 0.59
CA ALA J 163 24.36 -5.30 1.12
C ALA J 163 23.97 -4.05 0.35
N PHE J 164 23.91 -4.17 -0.96
CA PHE J 164 23.57 -3.05 -1.85
C PHE J 164 22.16 -2.53 -1.62
N ILE J 165 21.22 -3.44 -1.47
CA ILE J 165 19.82 -3.09 -1.26
C ILE J 165 19.61 -2.42 0.09
N ASN J 166 20.30 -2.94 1.10
CA ASN J 166 20.19 -2.39 2.44
C ASN J 166 20.78 -1.00 2.51
N ASN J 167 21.93 -0.81 1.87
CA ASN J 167 22.59 0.50 1.88
C ASN J 167 21.76 1.49 1.09
N SER J 168 21.00 1.02 0.11
CA SER J 168 20.19 1.94 -0.67
C SER J 168 19.08 2.49 0.26
N LYS J 169 18.49 1.60 1.04
CA LYS J 169 17.43 1.99 1.97
C LYS J 169 18.01 2.87 3.10
N LYS J 170 19.15 2.44 3.61
CA LYS J 170 19.89 3.06 4.69
C LYS J 170 20.30 4.46 4.30
N GLU J 171 20.80 4.58 3.09
CA GLU J 171 21.23 5.87 2.61
C GLU J 171 20.03 6.74 2.25
N GLY J 172 18.84 6.16 2.21
CA GLY J 172 17.64 6.93 1.88
C GLY J 172 17.14 7.06 0.45
N PHE J 173 17.66 6.22 -0.44
CA PHE J 173 17.27 6.22 -1.83
C PHE J 173 15.85 5.74 -2.01
N ILE J 174 15.47 4.68 -1.32
CA ILE J 174 14.12 4.12 -1.38
C ILE J 174 13.69 3.87 0.07
N PRO J 175 12.39 3.81 0.34
CA PRO J 175 11.93 3.57 1.72
C PRO J 175 12.43 2.23 2.30
N ASP J 176 12.50 2.17 3.63
CA ASP J 176 12.96 0.98 4.34
C ASP J 176 11.91 -0.09 4.14
N GLU J 177 10.65 0.31 4.27
CA GLU J 177 9.46 -0.53 4.14
C GLU J 177 9.18 -1.04 2.72
N PHE J 178 9.66 -0.35 1.71
CA PHE J 178 9.40 -0.81 0.34
C PHE J 178 9.98 -2.18 0.06
N PRO J 179 9.12 -3.10 -0.37
CA PRO J 179 9.63 -4.45 -0.64
C PRO J 179 10.64 -4.58 -1.77
N VAL J 180 11.75 -5.23 -1.46
CA VAL J 180 12.81 -5.44 -2.43
C VAL J 180 13.41 -6.81 -2.31
N PRO J 181 12.65 -7.87 -2.65
CA PRO J 181 13.20 -9.23 -2.55
C PRO J 181 14.30 -9.30 -3.65
N PHE J 182 15.37 -10.06 -3.42
CA PHE J 182 16.44 -10.20 -4.41
C PHE J 182 16.96 -11.66 -4.47
N ALA J 183 17.39 -12.12 -5.64
CA ALA J 183 17.90 -13.47 -5.74
C ALA J 183 19.09 -13.44 -6.67
N HIS J 184 20.21 -14.06 -6.30
CA HIS J 184 21.37 -14.04 -7.21
C HIS J 184 21.04 -15.04 -8.30
N THR J 185 21.23 -14.67 -9.55
CA THR J 185 20.90 -15.62 -10.61
C THR J 185 21.98 -15.78 -11.68
N PRO J 186 23.07 -16.46 -11.33
CA PRO J 186 24.16 -16.69 -12.25
C PRO J 186 23.74 -17.47 -13.50
N SER J 187 24.04 -16.89 -14.66
CA SER J 187 23.73 -17.48 -15.96
C SER J 187 24.56 -18.73 -16.22
N PHE J 188 25.79 -18.76 -15.70
CA PHE J 188 26.59 -19.96 -15.94
C PHE J 188 25.94 -21.10 -15.16
N VAL J 189 25.51 -20.90 -13.93
CA VAL J 189 24.87 -22.03 -13.26
C VAL J 189 23.45 -22.21 -13.78
N GLY J 190 23.05 -23.45 -13.98
CA GLY J 190 21.72 -23.78 -14.47
C GLY J 190 21.09 -23.38 -15.79
N SER J 191 19.87 -22.89 -15.68
CA SER J 191 19.02 -22.45 -16.78
C SER J 191 18.01 -21.44 -16.28
N HIS J 192 17.09 -21.10 -17.15
CA HIS J 192 16.05 -20.13 -16.84
C HIS J 192 15.13 -20.77 -15.76
N VAL J 193 14.99 -22.08 -15.77
CA VAL J 193 14.13 -22.75 -14.79
C VAL J 193 14.76 -22.55 -13.40
N THR J 194 16.06 -22.71 -13.30
CA THR J 194 16.75 -22.55 -12.01
C THR J 194 16.64 -21.06 -11.67
N GLY J 195 16.74 -20.23 -12.69
CA GLY J 195 16.64 -18.79 -12.47
C GLY J 195 15.29 -18.49 -11.82
N TRP J 196 14.25 -19.13 -12.34
CA TRP J 196 12.88 -18.95 -11.86
C TRP J 196 12.80 -19.44 -10.44
N ASP J 197 13.41 -20.60 -10.12
CA ASP J 197 13.38 -21.20 -8.78
C ASP J 197 14.02 -20.26 -7.77
N ASN J 198 15.15 -19.65 -8.11
CA ASN J 198 15.85 -18.75 -7.21
C ASN J 198 15.10 -17.50 -6.86
N MET J 199 14.49 -16.90 -7.86
CA MET J 199 13.73 -15.67 -7.67
C MET J 199 12.59 -15.95 -6.74
N PHE J 200 11.93 -17.08 -6.95
CA PHE J 200 10.81 -17.45 -6.13
C PHE J 200 11.15 -17.77 -4.69
N GLU J 201 12.21 -18.51 -4.42
CA GLU J 201 12.57 -18.86 -3.05
C GLU J 201 12.89 -17.53 -2.39
N GLY J 202 13.54 -16.64 -3.13
CA GLY J 202 13.89 -15.34 -2.59
C GLY J 202 12.65 -14.51 -2.23
N ILE J 203 11.65 -14.49 -3.10
CA ILE J 203 10.46 -13.71 -2.82
C ILE J 203 9.73 -14.31 -1.65
N ALA J 204 9.63 -15.62 -1.63
CA ALA J 204 8.93 -16.34 -0.57
C ALA J 204 9.66 -16.16 0.76
N ARG J 205 10.97 -16.24 0.69
CA ARG J 205 11.83 -16.10 1.87
C ARG J 205 11.74 -14.67 2.42
N TYR J 206 11.78 -13.65 1.56
CA TYR J 206 11.71 -12.24 2.04
C TYR J 206 10.41 -11.95 2.83
N PHE J 207 9.26 -12.29 2.28
CA PHE J 207 7.99 -12.07 2.95
C PHE J 207 7.73 -12.93 4.23
N THR J 208 8.03 -14.22 4.18
CA THR J 208 7.83 -15.10 5.32
C THR J 208 8.91 -15.44 6.36
N LEU J 209 10.18 -15.14 6.11
CA LEU J 209 11.26 -15.49 7.05
C LEU J 209 11.34 -14.82 8.40
N LYS J 210 11.14 -13.53 8.44
CA LYS J 210 11.22 -12.82 9.71
C LYS J 210 10.05 -13.22 10.62
N SER J 211 8.84 -13.33 10.10
CA SER J 211 7.74 -13.73 10.99
C SER J 211 7.17 -15.11 10.72
N MET J 212 7.49 -16.04 11.61
CA MET J 212 7.05 -17.43 11.53
C MET J 212 6.27 -17.95 12.72
N ASP J 213 6.41 -17.24 13.82
CA ASP J 213 5.76 -17.60 15.09
C ASP J 213 4.28 -17.47 15.03
N ASP J 214 3.84 -16.37 14.46
CA ASP J 214 2.43 -16.07 14.31
C ASP J 214 1.90 -17.13 13.32
N LYS J 215 2.64 -17.48 12.27
CA LYS J 215 2.09 -18.47 11.35
C LYS J 215 1.96 -19.88 11.96
N VAL J 216 0.83 -20.50 11.65
CA VAL J 216 0.45 -21.85 12.07
C VAL J 216 -0.03 -22.59 10.82
N VAL J 217 0.52 -23.78 10.56
CA VAL J 217 0.12 -24.55 9.37
C VAL J 217 -1.33 -24.99 9.32
N GLY J 218 -1.91 -24.83 8.14
CA GLY J 218 -3.31 -25.20 7.91
C GLY J 218 -4.32 -24.24 8.50
N SER J 219 -3.85 -23.14 9.07
CA SER J 219 -4.73 -22.16 9.68
C SER J 219 -5.57 -21.46 8.63
N ASN J 220 -5.01 -21.09 7.49
CA ASN J 220 -5.87 -20.40 6.50
C ASN J 220 -6.70 -21.30 5.58
N LYS J 221 -6.52 -22.62 5.67
CA LYS J 221 -7.25 -23.62 4.86
C LYS J 221 -7.30 -23.45 3.34
N LYS J 222 -6.16 -23.08 2.75
CA LYS J 222 -6.02 -22.89 1.33
C LYS J 222 -4.75 -23.66 1.03
N ILE J 223 -4.59 -24.07 -0.23
CA ILE J 223 -3.40 -24.83 -0.65
C ILE J 223 -2.54 -23.95 -1.59
N ASN J 224 -1.27 -23.76 -1.25
CA ASN J 224 -0.39 -22.97 -2.08
C ASN J 224 0.02 -23.78 -3.31
N ILE J 225 -0.04 -23.14 -4.48
CA ILE J 225 0.32 -23.79 -5.75
C ILE J 225 1.51 -22.99 -6.29
N VAL J 226 2.64 -23.61 -6.60
CA VAL J 226 3.73 -22.80 -7.14
C VAL J 226 3.85 -23.41 -8.54
N PRO J 227 3.57 -22.58 -9.56
CA PRO J 227 3.60 -22.91 -10.99
C PRO J 227 4.90 -23.30 -11.64
N GLY J 228 5.98 -22.67 -11.19
CA GLY J 228 7.30 -22.94 -11.77
C GLY J 228 7.41 -22.02 -13.00
N PHE J 229 8.34 -22.26 -13.92
CA PHE J 229 8.47 -21.39 -15.08
C PHE J 229 7.45 -21.93 -16.07
N GLU J 230 6.44 -21.12 -16.35
CA GLU J 230 5.40 -21.52 -17.26
C GLU J 230 5.05 -20.48 -18.37
N THR J 231 5.06 -20.86 -19.63
CA THR J 231 4.72 -19.93 -20.70
C THR J 231 3.37 -20.16 -21.39
N TYR J 232 2.50 -21.01 -20.85
CA TYR J 232 1.17 -21.28 -21.44
C TYR J 232 0.18 -20.71 -20.43
N LEU J 233 -0.68 -19.81 -20.89
CA LEU J 233 -1.69 -19.16 -20.05
C LEU J 233 -2.72 -20.18 -19.60
N GLY J 234 -3.11 -21.08 -20.51
CA GLY J 234 -4.10 -22.11 -20.22
C GLY J 234 -3.78 -22.91 -18.98
N ASN J 235 -2.50 -23.07 -18.69
CA ASN J 235 -2.06 -23.81 -17.53
C ASN J 235 -2.42 -23.09 -16.22
N PHE J 236 -2.21 -21.79 -16.16
CA PHE J 236 -2.51 -21.01 -14.96
C PHE J 236 -4.00 -21.05 -14.84
N ARG J 237 -4.66 -20.89 -15.95
CA ARG J 237 -6.10 -20.90 -15.94
C ARG J 237 -6.71 -22.24 -15.54
N VAL J 238 -6.18 -23.33 -16.07
CA VAL J 238 -6.73 -24.65 -15.76
C VAL J 238 -6.53 -25.06 -14.31
N ILE J 239 -5.36 -24.81 -13.74
CA ILE J 239 -5.12 -25.19 -12.37
C ILE J 239 -6.15 -24.47 -11.44
N LYS J 240 -6.37 -23.18 -11.70
CA LYS J 240 -7.29 -22.39 -10.90
C LYS J 240 -8.70 -22.87 -11.11
N ARG J 241 -9.06 -23.17 -12.34
CA ARG J 241 -10.43 -23.62 -12.63
C ARG J 241 -10.78 -24.90 -11.94
N MET J 242 -9.88 -25.86 -11.96
CA MET J 242 -10.19 -27.13 -11.29
C MET J 242 -10.29 -26.99 -9.76
N LEU J 243 -9.37 -26.28 -9.14
CA LEU J 243 -9.42 -26.14 -7.70
C LEU J 243 -10.75 -25.42 -7.41
N SER J 244 -11.12 -24.44 -8.23
CA SER J 244 -12.37 -23.69 -8.07
C SER J 244 -13.58 -24.62 -8.22
N GLU J 245 -13.49 -25.51 -9.18
CA GLU J 245 -14.53 -26.49 -9.50
C GLU J 245 -14.65 -27.40 -8.31
N MET J 246 -13.53 -27.82 -7.74
CA MET J 246 -13.52 -28.70 -6.58
C MET J 246 -13.90 -27.95 -5.30
N GLY J 247 -13.87 -26.63 -5.31
CA GLY J 247 -14.22 -25.92 -4.10
C GLY J 247 -13.09 -25.75 -3.13
N VAL J 248 -11.91 -26.17 -3.54
CA VAL J 248 -10.74 -26.05 -2.70
C VAL J 248 -10.22 -24.58 -2.67
N GLY J 249 -9.94 -24.06 -1.48
CA GLY J 249 -9.44 -22.70 -1.40
C GLY J 249 -7.98 -22.81 -1.85
N TYR J 250 -7.45 -21.79 -2.51
CA TYR J 250 -6.06 -21.84 -2.95
C TYR J 250 -5.39 -20.52 -3.16
N SER J 251 -4.07 -20.56 -3.14
CA SER J 251 -3.29 -19.38 -3.36
C SER J 251 -2.30 -19.74 -4.46
N LEU J 252 -2.34 -19.02 -5.58
CA LEU J 252 -1.39 -19.38 -6.61
C LEU J 252 -0.29 -18.32 -6.46
N LEU J 253 0.89 -18.79 -6.10
CA LEU J 253 2.02 -17.89 -5.92
C LEU J 253 2.72 -17.67 -7.23
N SER J 254 2.85 -16.41 -7.64
CA SER J 254 3.47 -16.10 -8.90
C SER J 254 2.53 -16.40 -10.05
N ASP J 255 1.46 -15.61 -10.15
CA ASP J 255 0.53 -15.80 -11.23
C ASP J 255 0.71 -14.62 -12.21
N PRO J 256 1.32 -14.85 -13.36
CA PRO J 256 1.56 -13.84 -14.39
C PRO J 256 0.54 -13.82 -15.49
N GLU J 257 -0.57 -14.51 -15.29
CA GLU J 257 -1.60 -14.59 -16.34
C GLU J 257 -2.38 -13.31 -16.69
N GLU J 258 -2.76 -12.47 -15.74
CA GLU J 258 -3.48 -11.26 -16.11
C GLU J 258 -2.59 -10.30 -16.88
N VAL J 259 -1.37 -10.10 -16.43
CA VAL J 259 -0.46 -9.19 -17.08
C VAL J 259 -0.01 -9.62 -18.45
N LEU J 260 0.21 -10.90 -18.63
CA LEU J 260 0.64 -11.42 -19.93
C LEU J 260 -0.56 -11.45 -20.89
N ASP J 261 -1.76 -11.26 -20.35
CA ASP J 261 -2.98 -11.25 -21.17
C ASP J 261 -3.91 -10.04 -21.12
N THR J 262 -3.40 -8.83 -20.89
CA THR J 262 -4.24 -7.64 -20.84
C THR J 262 -4.86 -7.26 -22.17
N PRO J 263 -6.14 -6.83 -22.14
CA PRO J 263 -6.96 -6.41 -23.30
C PRO J 263 -6.55 -5.13 -23.99
N ALA J 264 -6.76 -5.06 -25.30
CA ALA J 264 -6.42 -3.84 -25.98
C ALA J 264 -7.79 -3.09 -26.00
N ASP J 265 -7.93 -2.18 -25.05
CA ASP J 265 -9.14 -1.38 -24.87
C ASP J 265 -8.80 0.09 -24.90
N GLY J 266 -7.69 0.42 -25.51
CA GLY J 266 -7.27 1.80 -25.57
C GLY J 266 -6.35 2.24 -24.45
N GLN J 267 -6.14 1.43 -23.42
CA GLN J 267 -5.23 1.87 -22.35
C GLN J 267 -4.16 0.81 -22.05
N PHE J 268 -2.90 1.20 -21.96
CA PHE J 268 -1.79 0.29 -21.70
C PHE J 268 -1.62 0.04 -20.23
N ARG J 269 -1.66 -1.23 -19.86
CA ARG J 269 -1.50 -1.55 -18.44
C ARG J 269 -0.17 -2.19 -18.20
N MET J 270 0.69 -1.50 -17.49
CA MET J 270 2.01 -2.02 -17.18
C MET J 270 1.84 -3.20 -16.22
N TYR J 271 0.97 -3.04 -15.24
CA TYR J 271 0.75 -4.11 -14.27
C TYR J 271 -0.68 -4.60 -14.20
N ALA J 272 -0.87 -5.91 -14.17
CA ALA J 272 -2.23 -6.45 -14.07
C ALA J 272 -2.24 -7.70 -13.18
N GLY J 273 -3.20 -7.81 -12.29
CA GLY J 273 -3.32 -8.95 -11.40
C GLY J 273 -2.09 -9.15 -10.53
N GLY J 274 -1.65 -10.42 -10.53
CA GLY J 274 -0.49 -10.87 -9.80
C GLY J 274 -0.80 -11.36 -8.43
N THR J 275 0.17 -12.07 -7.83
CA THR J 275 0.07 -12.62 -6.49
C THR J 275 0.26 -11.41 -5.56
N THR J 276 -0.61 -11.28 -4.59
CA THR J 276 -0.55 -10.19 -3.63
C THR J 276 0.55 -10.42 -2.61
N GLN J 277 1.02 -9.34 -2.02
CA GLN J 277 2.09 -9.36 -1.03
C GLN J 277 1.50 -10.06 0.17
N GLU J 278 0.27 -9.76 0.50
CA GLU J 278 -0.38 -10.39 1.64
C GLU J 278 -0.54 -11.89 1.41
N GLU J 279 -0.85 -12.28 0.18
CA GLU J 279 -1.03 -13.68 -0.19
C GLU J 279 0.32 -14.33 0.10
N MET J 280 1.41 -13.66 -0.22
CA MET J 280 2.76 -14.18 0.03
C MET J 280 3.06 -14.25 1.53
N LYS J 281 2.64 -13.22 2.25
CA LYS J 281 2.91 -13.19 3.67
C LYS J 281 2.14 -14.25 4.44
N ASP J 282 0.86 -14.40 4.11
CA ASP J 282 -0.04 -15.39 4.71
C ASP J 282 0.14 -16.83 4.20
N ALA J 283 1.12 -17.04 3.34
CA ALA J 283 1.37 -18.34 2.74
C ALA J 283 1.69 -19.47 3.68
N PRO J 284 2.54 -19.24 4.68
CA PRO J 284 2.85 -20.34 5.59
C PRO J 284 1.59 -20.91 6.32
N ASN J 285 0.52 -20.14 6.39
CA ASN J 285 -0.74 -20.58 7.02
C ASN J 285 -1.57 -21.58 6.18
N ALA J 286 -1.07 -21.96 5.02
CA ALA J 286 -1.76 -22.89 4.15
C ALA J 286 -1.60 -24.30 4.73
N LEU J 287 -2.51 -25.21 4.34
CA LEU J 287 -2.54 -26.60 4.81
C LEU J 287 -1.31 -27.26 4.22
N ASN J 288 -1.06 -26.97 2.95
CA ASN J 288 0.07 -27.52 2.25
C ASN J 288 0.42 -26.69 1.00
N THR J 289 1.62 -26.89 0.46
CA THR J 289 2.09 -26.20 -0.76
C THR J 289 2.34 -27.24 -1.84
N VAL J 290 1.72 -27.12 -2.99
CA VAL J 290 1.92 -28.09 -4.07
C VAL J 290 2.77 -27.42 -5.13
N LEU J 291 3.81 -28.09 -5.59
CA LEU J 291 4.67 -27.50 -6.61
C LEU J 291 4.32 -28.22 -7.93
N LEU J 292 3.91 -27.45 -8.91
CA LEU J 292 3.52 -27.99 -10.19
C LEU J 292 4.67 -28.61 -11.00
N GLN J 293 5.82 -27.96 -11.05
CA GLN J 293 6.93 -28.55 -11.81
C GLN J 293 8.07 -28.68 -10.80
N PRO J 294 8.07 -29.79 -10.09
CA PRO J 294 9.03 -30.13 -9.06
C PRO J 294 10.48 -30.22 -9.45
N TRP J 295 10.76 -30.54 -10.70
CA TRP J 295 12.15 -30.66 -11.07
C TRP J 295 12.87 -29.39 -11.01
N HIS J 296 12.27 -28.28 -11.41
CA HIS J 296 13.09 -27.04 -11.30
C HIS J 296 12.72 -26.25 -10.02
N LEU J 297 11.84 -26.80 -9.20
CA LEU J 297 11.44 -26.12 -7.97
C LEU J 297 12.10 -26.67 -6.69
N GLU J 298 13.30 -27.23 -6.83
CA GLU J 298 14.07 -27.83 -5.72
C GLU J 298 14.50 -26.88 -4.56
N LYS J 299 14.97 -25.68 -4.88
CA LYS J 299 15.39 -24.73 -3.86
C LYS J 299 14.17 -24.29 -3.09
N THR J 300 13.09 -24.03 -3.82
CA THR J 300 11.86 -23.60 -3.21
C THR J 300 11.32 -24.74 -2.32
N LYS J 301 11.45 -25.98 -2.76
CA LYS J 301 10.96 -27.13 -1.97
C LYS J 301 11.71 -27.11 -0.63
N LYS J 302 13.01 -26.84 -0.66
CA LYS J 302 13.80 -26.81 0.59
C LYS J 302 13.36 -25.72 1.52
N PHE J 303 13.14 -24.52 0.97
CA PHE J 303 12.71 -23.41 1.80
C PHE J 303 11.32 -23.67 2.35
N VAL J 304 10.40 -24.16 1.53
CA VAL J 304 9.03 -24.40 2.00
C VAL J 304 9.00 -25.52 3.01
N GLU J 305 9.71 -26.62 2.77
CA GLU J 305 9.67 -27.68 3.76
C GLU J 305 10.38 -27.25 5.04
N GLY J 306 11.58 -26.71 4.90
CA GLY J 306 12.28 -26.32 6.11
C GLY J 306 11.72 -25.16 6.91
N THR J 307 11.47 -24.04 6.26
CA THR J 307 10.92 -22.89 6.94
C THR J 307 9.44 -22.85 7.31
N TRP J 308 8.58 -23.27 6.38
CA TRP J 308 7.14 -23.27 6.59
C TRP J 308 6.65 -24.58 7.15
N LYS J 309 7.52 -25.57 7.15
CA LYS J 309 7.16 -26.87 7.66
C LYS J 309 5.98 -27.54 6.91
N HIS J 310 5.79 -27.21 5.63
CA HIS J 310 4.70 -27.80 4.85
C HIS J 310 5.22 -29.11 4.36
N GLU J 311 4.42 -30.16 4.34
CA GLU J 311 5.02 -31.37 3.81
C GLU J 311 4.52 -31.30 2.37
N VAL J 312 5.46 -31.04 1.45
CA VAL J 312 5.12 -30.93 0.05
C VAL J 312 4.97 -32.34 -0.48
N PRO J 313 3.80 -32.65 -1.08
CA PRO J 313 3.52 -33.99 -1.62
C PRO J 313 4.36 -34.35 -2.81
N LYS J 314 4.71 -35.61 -3.01
CA LYS J 314 5.51 -35.81 -4.20
C LYS J 314 4.51 -36.11 -5.27
N LEU J 315 4.45 -35.19 -6.21
CA LEU J 315 3.55 -35.29 -7.32
C LEU J 315 4.29 -34.81 -8.54
N ASN J 316 4.01 -35.48 -9.64
CA ASN J 316 4.60 -35.17 -10.93
C ASN J 316 3.72 -34.05 -11.47
N ILE J 317 4.24 -33.39 -12.47
CA ILE J 317 3.55 -32.27 -13.10
C ILE J 317 2.27 -32.93 -13.58
N PRO J 318 1.12 -32.29 -13.31
CA PRO J 318 -0.20 -32.82 -13.70
C PRO J 318 -0.50 -32.83 -15.17
N MET J 319 0.21 -33.73 -15.86
CA MET J 319 0.13 -33.97 -17.30
C MET J 319 -0.29 -35.40 -17.62
N GLY J 320 -1.25 -35.56 -18.49
CA GLY J 320 -1.65 -36.90 -18.82
C GLY J 320 -2.77 -37.33 -17.93
N LEU J 321 -3.32 -38.51 -18.22
CA LEU J 321 -4.43 -39.08 -17.45
C LEU J 321 -4.05 -39.49 -15.99
N ASP J 322 -2.97 -40.25 -15.82
CA ASP J 322 -2.58 -40.69 -14.47
C ASP J 322 -2.07 -39.58 -13.50
N TRP J 323 -1.23 -38.70 -14.00
CA TRP J 323 -0.70 -37.65 -13.17
C TRP J 323 -1.82 -36.67 -12.77
N THR J 324 -2.76 -36.37 -13.65
CA THR J 324 -3.85 -35.45 -13.30
C THR J 324 -4.76 -36.12 -12.21
N ASP J 325 -4.99 -37.43 -12.35
CA ASP J 325 -5.82 -38.17 -11.40
C ASP J 325 -5.16 -38.05 -10.05
N GLU J 326 -3.84 -38.20 -10.05
CA GLU J 326 -2.98 -38.13 -8.85
C GLU J 326 -2.97 -36.77 -8.18
N PHE J 327 -2.95 -35.73 -9.00
CA PHE J 327 -2.94 -34.37 -8.52
C PHE J 327 -4.31 -34.05 -7.85
N LEU J 328 -5.40 -34.47 -8.48
CA LEU J 328 -6.77 -34.24 -7.99
C LEU J 328 -7.06 -35.01 -6.70
N MET J 329 -6.63 -36.25 -6.67
CA MET J 329 -6.83 -37.08 -5.52
C MET J 329 -6.06 -36.46 -4.35
N LYS J 330 -4.84 -36.05 -4.63
CA LYS J 330 -3.98 -35.45 -3.61
C LYS J 330 -4.59 -34.17 -3.07
N VAL J 331 -5.13 -33.33 -3.93
CA VAL J 331 -5.74 -32.07 -3.54
C VAL J 331 -6.93 -32.47 -2.71
N SER J 332 -7.61 -33.52 -3.11
CA SER J 332 -8.77 -33.93 -2.34
C SER J 332 -8.34 -34.34 -0.95
N GLU J 333 -7.24 -35.07 -0.80
CA GLU J 333 -6.82 -35.48 0.52
C GLU J 333 -6.39 -34.22 1.29
N ILE J 334 -5.63 -33.29 0.71
CA ILE J 334 -5.22 -32.10 1.49
C ILE J 334 -6.37 -31.15 1.84
N SER J 335 -7.22 -30.85 0.88
CA SER J 335 -8.39 -29.97 1.04
C SER J 335 -9.50 -30.55 1.90
N GLY J 336 -9.73 -31.84 1.71
CA GLY J 336 -10.78 -32.53 2.43
C GLY J 336 -12.04 -32.48 1.58
N GLN J 337 -11.95 -31.76 0.49
CA GLN J 337 -13.03 -31.59 -0.48
C GLN J 337 -12.97 -32.74 -1.49
N PRO J 338 -14.14 -33.29 -1.89
CA PRO J 338 -14.29 -34.40 -2.85
C PRO J 338 -14.11 -33.96 -4.31
N ILE J 339 -13.75 -34.88 -5.19
CA ILE J 339 -13.57 -34.50 -6.58
C ILE J 339 -15.03 -34.54 -7.07
N PRO J 340 -15.50 -33.41 -7.63
CA PRO J 340 -16.86 -33.21 -8.14
C PRO J 340 -17.19 -34.04 -9.38
N ALA J 341 -18.48 -34.11 -9.62
CA ALA J 341 -19.01 -34.88 -10.72
C ALA J 341 -18.54 -34.24 -11.96
N SER J 342 -18.47 -32.92 -11.96
CA SER J 342 -18.05 -32.24 -13.17
C SER J 342 -16.65 -32.65 -13.61
N LEU J 343 -15.69 -32.73 -12.70
CA LEU J 343 -14.34 -33.11 -13.08
C LEU J 343 -14.23 -34.57 -13.53
N THR J 344 -15.03 -35.45 -12.93
CA THR J 344 -14.98 -36.84 -13.29
C THR J 344 -15.53 -36.99 -14.72
N LYS J 345 -16.45 -36.13 -15.12
CA LYS J 345 -16.99 -36.22 -16.46
C LYS J 345 -15.90 -35.85 -17.47
N GLU J 346 -15.10 -34.84 -17.13
CA GLU J 346 -14.01 -34.37 -17.98
C GLU J 346 -13.02 -35.50 -18.18
N ARG J 347 -12.68 -36.22 -17.14
CA ARG J 347 -11.73 -37.32 -17.26
C ARG J 347 -12.30 -38.36 -18.24
N GLY J 348 -13.59 -38.63 -18.10
CA GLY J 348 -14.30 -39.58 -18.95
C GLY J 348 -14.17 -39.27 -20.43
N ARG J 349 -14.29 -37.98 -20.71
CA ARG J 349 -14.20 -37.42 -22.05
C ARG J 349 -12.77 -37.55 -22.58
N LEU J 350 -11.79 -37.31 -21.75
CA LEU J 350 -10.44 -37.44 -22.17
C LEU J 350 -10.24 -38.93 -22.60
N VAL J 351 -10.75 -39.90 -21.81
CA VAL J 351 -10.60 -41.34 -22.14
C VAL J 351 -11.34 -41.67 -23.45
N ASP J 352 -12.55 -41.14 -23.59
CA ASP J 352 -13.34 -41.36 -24.78
C ASP J 352 -12.52 -40.78 -25.97
N MET J 353 -11.88 -39.63 -25.85
CA MET J 353 -11.11 -39.11 -26.99
C MET J 353 -9.92 -40.07 -27.23
N MET J 354 -9.39 -40.69 -26.16
CA MET J 354 -8.25 -41.63 -26.30
C MET J 354 -8.69 -42.92 -27.04
N THR J 355 -9.85 -43.43 -26.68
CA THR J 355 -10.37 -44.63 -27.30
C THR J 355 -10.66 -44.29 -28.73
N ASP J 356 -11.26 -43.14 -28.99
CA ASP J 356 -11.61 -42.69 -30.36
C ASP J 356 -10.41 -42.50 -31.30
N SER J 357 -9.31 -41.93 -30.83
CA SER J 357 -8.10 -41.69 -31.63
C SER J 357 -6.94 -42.67 -31.47
N HIS J 358 -7.14 -43.77 -30.75
CA HIS J 358 -6.04 -44.73 -30.54
C HIS J 358 -5.40 -45.40 -31.76
N THR J 359 -6.18 -45.81 -32.75
CA THR J 359 -5.58 -46.47 -33.91
C THR J 359 -4.61 -45.56 -34.68
N TRP J 360 -4.92 -44.30 -34.91
CA TRP J 360 -3.96 -43.45 -35.64
C TRP J 360 -2.71 -43.19 -34.76
N LEU J 361 -2.92 -42.95 -33.47
CA LEU J 361 -1.83 -42.68 -32.52
C LEU J 361 -0.89 -43.81 -32.21
N HIS J 362 -1.41 -45.02 -32.25
CA HIS J 362 -0.59 -46.16 -31.92
C HIS J 362 0.63 -46.45 -32.69
N GLY J 363 1.70 -46.62 -31.92
CA GLY J 363 2.99 -46.93 -32.50
C GLY J 363 3.71 -45.78 -33.15
N LYS J 364 3.17 -44.57 -33.09
CA LYS J 364 3.88 -43.46 -33.71
C LYS J 364 5.16 -43.15 -32.98
N ARG J 365 6.22 -42.86 -33.71
CA ARG J 365 7.49 -42.57 -33.08
C ARG J 365 7.77 -41.08 -33.02
N PHE J 366 8.12 -40.61 -31.83
CA PHE J 366 8.40 -39.20 -31.59
C PHE J 366 9.74 -38.87 -31.02
N ALA J 367 10.29 -37.74 -31.44
CA ALA J 367 11.59 -37.25 -30.94
C ALA J 367 11.09 -35.95 -30.24
N LEU J 368 11.35 -35.79 -28.95
CA LEU J 368 10.88 -34.57 -28.31
C LEU J 368 11.86 -33.95 -27.33
N TRP J 369 11.79 -32.63 -27.15
CA TRP J 369 12.66 -31.86 -26.24
C TRP J 369 11.96 -30.71 -25.52
N GLY J 370 12.50 -30.31 -24.38
CA GLY J 370 11.89 -29.22 -23.64
C GLY J 370 12.54 -29.05 -22.29
N ASP J 371 11.82 -28.48 -21.33
CA ASP J 371 12.33 -28.29 -19.98
C ASP J 371 12.08 -29.67 -19.33
N PRO J 372 12.79 -30.01 -18.26
CA PRO J 372 12.52 -31.35 -17.74
C PRO J 372 11.11 -31.76 -17.25
N ASP J 373 10.36 -30.89 -16.60
CA ASP J 373 9.04 -31.30 -16.13
C ASP J 373 8.06 -31.56 -17.26
N PHE J 374 8.07 -30.66 -18.22
CA PHE J 374 7.21 -30.70 -19.39
C PHE J 374 7.54 -31.94 -20.25
N VAL J 375 8.80 -32.22 -20.44
CA VAL J 375 9.22 -33.34 -21.25
C VAL J 375 8.78 -34.61 -20.55
N MET J 376 9.00 -34.61 -19.26
CA MET J 376 8.67 -35.74 -18.43
C MET J 376 7.16 -36.00 -18.52
N GLY J 377 6.39 -34.94 -18.46
CA GLY J 377 4.93 -35.05 -18.52
C GLY J 377 4.43 -35.56 -19.87
N LEU J 378 5.04 -35.07 -20.93
CA LEU J 378 4.72 -35.40 -22.33
C LEU J 378 5.04 -36.88 -22.59
N VAL J 379 6.20 -37.31 -22.11
CA VAL J 379 6.66 -38.67 -22.27
C VAL J 379 5.65 -39.64 -21.58
N LYS J 380 5.22 -39.27 -20.40
CA LYS J 380 4.28 -40.11 -19.70
C LYS J 380 2.97 -40.17 -20.46
N PHE J 381 2.51 -39.04 -21.00
CA PHE J 381 1.23 -39.02 -21.73
C PHE J 381 1.29 -39.81 -23.06
N LEU J 382 2.39 -39.68 -23.81
CA LEU J 382 2.55 -40.36 -25.10
C LEU J 382 2.48 -41.85 -24.80
N LEU J 383 3.14 -42.33 -23.73
CA LEU J 383 3.12 -43.75 -23.41
C LEU J 383 1.67 -44.12 -23.02
N GLU J 384 0.95 -43.19 -22.41
CA GLU J 384 -0.41 -43.48 -22.03
C GLU J 384 -1.22 -43.63 -23.30
N LEU J 385 -0.78 -42.97 -24.39
CA LEU J 385 -1.47 -43.03 -25.68
C LEU J 385 -0.96 -44.19 -26.51
N GLY J 386 0.03 -44.88 -26.00
CA GLY J 386 0.53 -45.97 -26.80
C GLY J 386 1.46 -45.56 -27.92
N CYS J 387 1.90 -44.31 -27.90
CA CYS J 387 2.81 -43.81 -28.92
C CYS J 387 4.19 -44.21 -28.46
N GLU J 388 5.15 -44.23 -29.36
CA GLU J 388 6.49 -44.61 -28.97
C GLU J 388 7.45 -43.45 -28.97
N PRO J 389 7.88 -42.99 -27.78
CA PRO J 389 8.82 -41.86 -27.88
C PRO J 389 10.26 -42.32 -28.10
N VAL J 390 10.77 -42.28 -29.33
CA VAL J 390 12.14 -42.74 -29.57
C VAL J 390 13.26 -41.92 -28.98
N HIS J 391 13.28 -40.60 -29.22
CA HIS J 391 14.34 -39.75 -28.69
C HIS J 391 13.84 -38.67 -27.71
N ILE J 392 14.33 -38.73 -26.46
CA ILE J 392 13.91 -37.76 -25.48
C ILE J 392 15.12 -36.93 -25.08
N LEU J 393 14.98 -35.63 -25.32
CA LEU J 393 16.05 -34.74 -24.99
C LEU J 393 15.80 -33.56 -24.08
N CYS J 394 16.52 -33.50 -22.96
CA CYS J 394 16.29 -32.35 -22.13
C CYS J 394 17.67 -31.75 -21.99
N HIS J 395 17.88 -30.55 -22.50
CA HIS J 395 19.19 -29.91 -22.44
C HIS J 395 19.60 -29.51 -21.04
N ASN J 396 18.64 -28.93 -20.32
CA ASN J 396 18.90 -28.48 -18.97
C ASN J 396 18.57 -29.55 -17.92
N GLY J 397 18.49 -30.79 -18.33
CA GLY J 397 18.17 -31.83 -17.35
C GLY J 397 19.34 -32.38 -16.55
N ASN J 398 19.09 -33.36 -15.69
CA ASN J 398 20.12 -33.96 -14.85
C ASN J 398 20.03 -35.50 -14.71
N LYS J 399 20.96 -36.08 -13.93
CA LYS J 399 21.04 -37.53 -13.71
C LYS J 399 19.86 -38.11 -12.93
N ARG J 400 19.44 -37.40 -11.91
CA ARG J 400 18.34 -37.89 -11.14
C ARG J 400 17.09 -37.88 -12.01
N TRP J 401 16.88 -36.80 -12.75
CA TRP J 401 15.72 -36.63 -13.61
C TRP J 401 15.77 -37.69 -14.71
N LYS J 402 16.95 -37.91 -15.29
CA LYS J 402 17.05 -38.91 -16.33
C LYS J 402 16.65 -40.26 -15.75
N LYS J 403 17.10 -40.52 -14.55
CA LYS J 403 16.82 -41.76 -13.86
C LYS J 403 15.30 -41.88 -13.73
N ALA J 404 14.64 -40.78 -13.35
CA ALA J 404 13.18 -40.74 -13.14
C ALA J 404 12.41 -41.09 -14.40
N VAL J 405 12.85 -40.53 -15.52
CA VAL J 405 12.23 -40.72 -16.82
C VAL J 405 12.42 -42.18 -17.28
N ASP J 406 13.62 -42.71 -17.13
CA ASP J 406 13.92 -44.08 -17.56
C ASP J 406 12.99 -45.01 -16.79
N ALA J 407 12.70 -44.66 -15.56
CA ALA J 407 11.83 -45.48 -14.74
C ALA J 407 10.45 -45.46 -15.39
N ILE J 408 10.01 -44.29 -15.80
CA ILE J 408 8.71 -44.12 -16.41
C ILE J 408 8.65 -44.95 -17.69
N LEU J 409 9.73 -44.88 -18.46
CA LEU J 409 9.83 -45.58 -19.69
C LEU J 409 9.83 -47.08 -19.44
N ALA J 410 10.50 -47.52 -18.41
CA ALA J 410 10.58 -48.94 -18.08
C ALA J 410 9.22 -49.52 -17.68
N ALA J 411 8.38 -48.70 -17.09
CA ALA J 411 7.06 -49.10 -16.65
C ALA J 411 6.13 -49.43 -17.83
N SER J 412 6.37 -48.81 -18.97
CA SER J 412 5.55 -49.04 -20.14
C SER J 412 6.20 -49.84 -21.27
N PRO J 413 5.48 -50.82 -21.81
CA PRO J 413 5.99 -51.64 -22.92
C PRO J 413 6.31 -50.73 -24.12
N TYR J 414 5.64 -49.58 -24.14
CA TYR J 414 5.79 -48.55 -25.19
C TYR J 414 7.14 -47.79 -25.23
N GLY J 415 7.80 -47.68 -24.08
CA GLY J 415 9.09 -47.01 -23.91
C GLY J 415 10.33 -47.84 -24.27
N LYS J 416 10.16 -48.86 -25.08
CA LYS J 416 11.25 -49.75 -25.49
C LYS J 416 12.37 -49.18 -26.36
N ASN J 417 12.04 -48.41 -27.37
CA ASN J 417 13.06 -47.85 -28.26
C ASN J 417 13.53 -46.50 -27.71
N ALA J 418 12.86 -46.08 -26.63
CA ALA J 418 13.19 -44.81 -26.04
C ALA J 418 14.48 -44.59 -25.35
N THR J 419 15.13 -43.48 -25.63
CA THR J 419 16.39 -43.11 -25.01
C THR J 419 16.37 -41.66 -24.55
N VAL J 420 16.80 -41.39 -23.31
CA VAL J 420 16.81 -40.06 -22.74
C VAL J 420 18.22 -39.46 -22.82
N TYR J 421 18.34 -38.24 -23.33
CA TYR J 421 19.64 -37.62 -23.44
C TYR J 421 19.57 -36.31 -22.71
N ILE J 422 20.63 -35.97 -21.99
CA ILE J 422 20.67 -34.71 -21.26
C ILE J 422 21.98 -34.01 -21.58
N GLY J 423 22.00 -32.69 -21.58
CA GLY J 423 23.23 -32.00 -21.89
C GLY J 423 23.53 -32.01 -23.37
N LYS J 424 22.61 -32.51 -24.18
CA LYS J 424 22.81 -32.59 -25.63
C LYS J 424 21.93 -31.56 -26.28
N ASP J 425 22.49 -30.82 -27.23
CA ASP J 425 21.75 -29.78 -27.95
C ASP J 425 20.94 -30.29 -29.15
N LEU J 426 20.29 -29.35 -29.85
CA LEU J 426 19.45 -29.65 -31.01
C LEU J 426 20.25 -30.17 -32.22
N TRP J 427 21.53 -29.87 -32.21
CA TRP J 427 22.45 -30.29 -33.27
C TRP J 427 22.55 -31.80 -33.13
N HIS J 428 22.59 -32.28 -31.90
CA HIS J 428 22.69 -33.70 -31.53
C HIS J 428 21.42 -34.39 -31.96
N LEU J 429 20.30 -33.74 -31.69
CA LEU J 429 18.99 -34.25 -32.02
C LEU J 429 18.82 -34.29 -33.58
N ARG J 430 19.39 -33.34 -34.28
CA ARG J 430 19.24 -33.35 -35.72
C ARG J 430 19.85 -34.68 -36.17
N SER J 431 21.00 -35.00 -35.61
CA SER J 431 21.73 -36.22 -35.95
C SER J 431 20.86 -37.42 -35.61
N LEU J 432 20.24 -37.37 -34.45
CA LEU J 432 19.40 -38.48 -34.06
C LEU J 432 18.20 -38.66 -35.04
N VAL J 433 17.52 -37.60 -35.44
CA VAL J 433 16.39 -37.75 -36.33
C VAL J 433 16.91 -38.30 -37.62
N PHE J 434 18.08 -37.84 -38.11
CA PHE J 434 18.56 -38.43 -39.37
C PHE J 434 18.97 -39.92 -39.23
N THR J 435 19.73 -40.32 -38.21
CA THR J 435 20.10 -41.76 -38.11
C THR J 435 18.97 -42.74 -37.79
N ASP J 436 18.12 -42.39 -36.83
CA ASP J 436 17.01 -43.22 -36.43
C ASP J 436 15.88 -42.25 -36.62
N LYS J 437 14.96 -42.54 -37.54
CA LYS J 437 13.90 -41.58 -37.77
C LYS J 437 12.55 -41.64 -37.11
N PRO J 438 12.22 -40.59 -36.32
CA PRO J 438 10.92 -40.48 -35.65
C PRO J 438 9.89 -40.08 -36.70
N ASP J 439 8.64 -40.41 -36.46
CA ASP J 439 7.56 -40.04 -37.36
C ASP J 439 7.41 -38.50 -37.29
N PHE J 440 7.47 -38.02 -36.04
CA PHE J 440 7.37 -36.64 -35.61
C PHE J 440 8.33 -36.11 -34.54
N MET J 441 8.48 -34.79 -34.49
CA MET J 441 9.33 -34.08 -33.53
C MET J 441 8.42 -33.19 -32.66
N ILE J 442 8.47 -33.26 -31.32
CA ILE J 442 7.60 -32.36 -30.56
C ILE J 442 8.59 -31.40 -29.90
N GLY J 443 8.46 -30.11 -30.19
CA GLY J 443 9.37 -29.09 -29.63
C GLY J 443 9.00 -27.64 -29.93
N ASN J 444 9.90 -26.73 -29.60
CA ASN J 444 9.66 -25.31 -29.83
C ASN J 444 10.00 -24.94 -31.24
N SER J 445 9.94 -23.66 -31.60
CA SER J 445 10.22 -23.22 -32.96
C SER J 445 11.66 -23.39 -33.41
N TYR J 446 12.55 -23.82 -32.55
CA TYR J 446 13.93 -24.00 -33.00
C TYR J 446 14.01 -25.27 -33.85
N GLY J 447 12.96 -26.09 -33.79
CA GLY J 447 12.91 -27.34 -34.54
C GLY J 447 12.47 -27.15 -35.99
N LYS J 448 12.11 -25.92 -36.34
CA LYS J 448 11.65 -25.61 -37.69
C LYS J 448 12.87 -25.92 -38.59
N PHE J 449 14.05 -25.56 -38.11
CA PHE J 449 15.28 -25.76 -38.83
C PHE J 449 15.66 -27.23 -38.98
N ILE J 450 15.40 -28.05 -37.97
CA ILE J 450 15.74 -29.47 -38.05
C ILE J 450 14.84 -30.05 -39.13
N GLN J 451 13.58 -29.67 -39.14
CA GLN J 451 12.65 -30.17 -40.14
C GLN J 451 13.13 -29.78 -41.55
N ARG J 452 13.60 -28.55 -41.70
CA ARG J 452 14.06 -28.05 -42.98
C ARG J 452 15.23 -28.92 -43.44
N ASP J 453 16.14 -29.27 -42.54
CA ASP J 453 17.30 -30.11 -42.89
C ASP J 453 16.84 -31.51 -43.37
N THR J 454 15.90 -32.12 -42.67
CA THR J 454 15.44 -33.45 -43.07
C THR J 454 14.78 -33.42 -44.44
N LEU J 455 13.94 -32.44 -44.70
CA LEU J 455 13.29 -32.40 -45.98
C LEU J 455 14.35 -32.25 -47.05
N HIS J 456 15.46 -31.66 -46.69
CA HIS J 456 16.50 -31.49 -47.67
C HIS J 456 17.02 -32.85 -48.10
N LYS J 457 17.24 -33.76 -47.17
CA LYS J 457 17.74 -35.04 -47.60
C LYS J 457 16.67 -35.65 -48.49
N GLY J 458 15.40 -35.62 -48.09
CA GLY J 458 14.43 -36.16 -48.99
C GLY J 458 13.04 -35.92 -48.50
N LYS J 459 12.03 -36.16 -49.30
CA LYS J 459 10.68 -35.95 -48.83
C LYS J 459 10.36 -36.95 -47.77
N GLU J 460 10.78 -38.16 -48.08
CA GLU J 460 10.57 -39.33 -47.26
C GLU J 460 11.35 -39.27 -45.96
N PHE J 461 12.47 -38.56 -45.93
CA PHE J 461 13.24 -38.46 -44.70
C PHE J 461 12.83 -37.31 -43.78
N GLU J 462 11.92 -36.43 -44.22
CA GLU J 462 11.48 -35.29 -43.42
C GLU J 462 10.69 -35.63 -42.18
N VAL J 463 11.01 -34.92 -41.09
CA VAL J 463 10.30 -35.19 -39.84
C VAL J 463 9.54 -33.92 -39.54
N PRO J 464 8.21 -33.96 -39.65
CA PRO J 464 7.50 -32.72 -39.36
C PRO J 464 7.59 -32.34 -37.90
N LEU J 465 7.73 -31.04 -37.67
CA LEU J 465 7.81 -30.49 -36.32
C LEU J 465 6.41 -30.21 -35.79
N ILE J 466 6.11 -30.60 -34.55
CA ILE J 466 4.79 -30.34 -33.95
C ILE J 466 5.18 -29.39 -32.81
N ARG J 467 4.58 -28.20 -32.74
CA ARG J 467 4.98 -27.30 -31.68
C ARG J 467 4.22 -27.25 -30.37
N ILE J 468 4.91 -27.72 -29.34
CA ILE J 468 4.36 -27.71 -27.99
C ILE J 468 5.65 -27.32 -27.29
N GLY J 469 5.62 -26.33 -26.40
CA GLY J 469 6.88 -26.00 -25.78
C GLY J 469 7.11 -24.51 -25.82
N PHE J 470 8.31 -24.11 -25.42
CA PHE J 470 8.70 -22.72 -25.41
C PHE J 470 10.11 -22.54 -25.86
N PRO J 471 10.40 -21.52 -26.66
CA PRO J 471 9.56 -20.47 -27.24
C PRO J 471 8.86 -20.84 -28.57
N ILE J 472 7.68 -20.29 -28.83
CA ILE J 472 7.05 -20.62 -30.12
C ILE J 472 6.98 -19.22 -30.74
N PHE J 473 7.71 -18.98 -31.83
CA PHE J 473 7.72 -17.68 -32.53
C PHE J 473 7.14 -17.65 -33.95
N ASP J 474 6.94 -18.79 -34.59
CA ASP J 474 6.42 -18.79 -35.94
C ASP J 474 4.96 -19.06 -36.09
N ARG J 475 4.29 -19.18 -34.97
CA ARG J 475 2.86 -19.42 -35.02
C ARG J 475 2.24 -18.44 -34.03
N HIS J 476 0.98 -18.05 -34.25
CA HIS J 476 0.30 -17.11 -33.36
C HIS J 476 -0.67 -17.65 -32.35
N HIS J 477 -0.62 -17.03 -31.16
CA HIS J 477 -1.46 -17.36 -30.02
C HIS J 477 -1.44 -18.76 -29.50
N LEU J 478 -0.34 -19.50 -29.70
CA LEU J 478 -0.32 -20.86 -29.18
C LEU J 478 -0.10 -20.83 -27.65
N HIS J 479 0.43 -19.73 -27.17
CA HIS J 479 0.69 -19.56 -25.77
C HIS J 479 -0.59 -19.48 -25.02
N ARG J 480 -1.70 -19.49 -25.74
CA ARG J 480 -3.00 -19.41 -25.08
C ARG J 480 -3.49 -20.85 -24.82
N SER J 481 -2.70 -21.84 -25.21
CA SER J 481 -3.03 -23.26 -25.02
C SER J 481 -2.85 -23.72 -23.61
N THR J 482 -3.30 -24.94 -23.38
CA THR J 482 -3.21 -25.58 -22.07
C THR J 482 -2.55 -26.93 -22.23
N THR J 483 -1.55 -27.26 -21.38
CA THR J 483 -0.95 -28.58 -21.49
C THR J 483 -1.25 -29.36 -20.21
N LEU J 484 -1.59 -28.67 -19.14
CA LEU J 484 -1.92 -29.29 -17.84
C LEU J 484 -3.38 -29.77 -17.73
N GLY J 485 -3.60 -30.79 -16.87
CA GLY J 485 -4.94 -31.30 -16.65
C GLY J 485 -5.50 -32.09 -17.79
N TYR J 486 -6.79 -32.39 -17.71
CA TYR J 486 -7.52 -33.14 -18.73
C TYR J 486 -7.62 -32.28 -19.99
N GLU J 487 -7.91 -31.01 -19.78
CA GLU J 487 -8.06 -30.09 -20.88
C GLU J 487 -6.74 -30.02 -21.63
N GLY J 488 -5.64 -29.93 -20.88
CA GLY J 488 -4.33 -29.88 -21.51
C GLY J 488 -4.13 -31.18 -22.28
N ALA J 489 -4.49 -32.30 -21.68
CA ALA J 489 -4.33 -33.61 -22.29
C ALA J 489 -5.14 -33.64 -23.59
N MET J 490 -6.37 -33.12 -23.56
CA MET J 490 -7.24 -33.12 -24.74
C MET J 490 -6.65 -32.26 -25.84
N GLN J 491 -6.04 -31.14 -25.46
CA GLN J 491 -5.48 -30.29 -26.49
C GLN J 491 -4.29 -30.99 -27.10
N ILE J 492 -3.46 -31.59 -26.27
CA ILE J 492 -2.28 -32.29 -26.76
C ILE J 492 -2.72 -33.46 -27.65
N LEU J 493 -3.73 -34.21 -27.23
CA LEU J 493 -4.20 -35.34 -28.00
C LEU J 493 -4.70 -34.96 -29.39
N THR J 494 -5.47 -33.88 -29.43
CA THR J 494 -6.03 -33.39 -30.68
C THR J 494 -4.92 -32.96 -31.63
N THR J 495 -3.94 -32.24 -31.09
CA THR J 495 -2.84 -31.77 -31.91
C THR J 495 -2.05 -32.96 -32.50
N LEU J 496 -1.77 -33.98 -31.67
CA LEU J 496 -1.02 -35.12 -32.16
C LEU J 496 -1.75 -35.96 -33.19
N VAL J 497 -3.01 -36.24 -32.94
CA VAL J 497 -3.75 -37.07 -33.91
C VAL J 497 -3.93 -36.27 -35.18
N ASN J 498 -4.29 -35.01 -35.05
CA ASN J 498 -4.48 -34.18 -36.23
C ASN J 498 -3.18 -33.89 -36.98
N SER J 499 -2.06 -33.85 -36.29
CA SER J 499 -0.78 -33.60 -36.93
C SER J 499 -0.54 -34.87 -37.79
N ILE J 500 -0.82 -36.03 -37.20
CA ILE J 500 -0.62 -37.28 -37.90
C ILE J 500 -1.57 -37.40 -39.11
N LEU J 501 -2.85 -37.04 -38.98
CA LEU J 501 -3.77 -37.11 -40.10
C LEU J 501 -3.44 -36.07 -41.21
N GLU J 502 -2.95 -34.91 -40.82
CA GLU J 502 -2.61 -33.84 -41.74
C GLU J 502 -1.50 -34.37 -42.65
N ARG J 503 -0.55 -35.04 -42.05
CA ARG J 503 0.60 -35.61 -42.74
C ARG J 503 0.22 -36.71 -43.71
N LEU J 504 -0.66 -37.58 -43.28
CA LEU J 504 -1.11 -38.67 -44.12
C LEU J 504 -1.81 -38.06 -45.36
N ASP J 505 -2.61 -36.99 -45.19
CA ASP J 505 -3.33 -36.32 -46.28
C ASP J 505 -2.33 -35.79 -47.25
N GLU J 506 -1.26 -35.19 -46.76
CA GLU J 506 -0.23 -34.65 -47.64
C GLU J 506 0.42 -35.78 -48.43
N GLU J 507 0.73 -36.88 -47.76
CA GLU J 507 1.38 -37.99 -48.41
C GLU J 507 0.48 -38.71 -49.43
N THR J 508 -0.80 -38.70 -49.24
CA THR J 508 -1.72 -39.34 -50.16
C THR J 508 -2.41 -38.39 -51.12
N ARG J 509 -1.98 -37.16 -51.15
CA ARG J 509 -2.61 -36.20 -52.05
C ARG J 509 -2.24 -36.32 -53.53
N GLY J 510 -1.22 -37.09 -53.86
CA GLY J 510 -0.92 -37.19 -55.28
C GLY J 510 -1.99 -37.91 -56.10
N MET J 511 -2.32 -37.23 -57.19
CA MET J 511 -3.30 -37.67 -58.15
C MET J 511 -2.87 -38.88 -58.91
N GLN J 512 -3.71 -39.90 -58.83
CA GLN J 512 -3.53 -41.19 -59.49
C GLN J 512 -2.15 -41.74 -59.14
N ALA J 513 -1.71 -41.48 -57.93
CA ALA J 513 -0.42 -41.97 -57.53
C ALA J 513 -0.60 -42.54 -56.16
N THR J 514 -1.02 -41.66 -55.24
CA THR J 514 -1.25 -42.03 -53.84
C THR J 514 -2.64 -41.65 -53.31
N ASP J 515 -3.47 -41.05 -54.17
CA ASP J 515 -4.82 -40.64 -53.78
C ASP J 515 -5.76 -41.79 -53.50
N TYR J 516 -5.28 -43.02 -53.71
CA TYR J 516 -6.17 -44.15 -53.47
C TYR J 516 -6.40 -44.20 -51.97
N ASN J 517 -5.41 -43.78 -51.21
CA ASN J 517 -5.55 -43.80 -49.77
C ASN J 517 -5.90 -42.42 -49.20
N HIS J 518 -6.23 -41.48 -50.08
CA HIS J 518 -6.58 -40.13 -49.68
C HIS J 518 -8.04 -40.09 -49.33
N ASP J 519 -8.38 -40.78 -48.22
CA ASP J 519 -9.77 -40.94 -47.66
C ASP J 519 -10.58 -39.79 -47.05
N LEU J 520 -11.87 -39.76 -47.37
CA LEU J 520 -12.81 -38.75 -46.90
C LEU J 520 -13.02 -38.94 -45.41
N VAL J 521 -13.18 -40.18 -44.99
CA VAL J 521 -13.40 -40.45 -43.58
C VAL J 521 -12.25 -41.19 -42.96
N ARG J 522 -11.70 -40.59 -41.93
CA ARG J 522 -10.57 -41.17 -41.21
C ARG J 522 -10.90 -41.22 -39.71
N SER K 4 -22.78 -72.35 -22.22
CA SER K 4 -23.50 -73.65 -22.48
C SER K 4 -24.73 -73.44 -23.36
N ARG K 5 -25.30 -74.51 -23.89
CA ARG K 5 -26.47 -74.38 -24.74
C ARG K 5 -27.71 -73.90 -23.99
N GLU K 6 -27.92 -74.42 -22.79
CA GLU K 6 -29.08 -74.05 -21.98
C GLU K 6 -28.97 -72.59 -21.56
N GLU K 7 -27.75 -72.15 -21.25
CA GLU K 7 -27.48 -70.79 -20.83
C GLU K 7 -27.70 -69.80 -21.99
N VAL K 8 -27.24 -70.14 -23.21
CA VAL K 8 -27.41 -69.27 -24.37
C VAL K 8 -28.89 -69.15 -24.70
N GLU K 9 -29.61 -70.28 -24.68
CA GLU K 9 -31.04 -70.38 -24.99
C GLU K 9 -31.82 -69.53 -23.98
N SER K 10 -31.39 -69.57 -22.73
CA SER K 10 -32.04 -68.81 -21.67
C SER K 10 -31.81 -67.31 -21.93
N LEU K 11 -30.59 -66.98 -22.34
CA LEU K 11 -30.17 -65.60 -22.63
C LEU K 11 -31.05 -65.05 -23.73
N ILE K 12 -31.30 -65.84 -24.77
CA ILE K 12 -32.14 -65.37 -25.86
C ILE K 12 -33.59 -65.11 -25.35
N GLN K 13 -34.09 -66.04 -24.55
CA GLN K 13 -35.45 -65.92 -24.02
C GLN K 13 -35.57 -64.74 -23.11
N GLU K 14 -34.58 -64.57 -22.28
CA GLU K 14 -34.51 -63.49 -21.31
C GLU K 14 -34.54 -62.13 -22.00
N VAL K 15 -33.79 -61.98 -23.07
CA VAL K 15 -33.73 -60.72 -23.81
C VAL K 15 -35.04 -60.39 -24.51
N LEU K 16 -35.69 -61.39 -25.10
CA LEU K 16 -36.93 -61.18 -25.83
C LEU K 16 -38.10 -60.79 -24.96
N GLU K 17 -37.93 -60.76 -23.65
CA GLU K 17 -39.06 -60.39 -22.77
C GLU K 17 -39.56 -58.95 -22.84
N VAL K 18 -38.66 -58.05 -23.20
CA VAL K 18 -38.92 -56.64 -23.33
C VAL K 18 -39.85 -56.28 -24.48
N TYR K 19 -39.71 -56.97 -25.60
CA TYR K 19 -40.54 -56.72 -26.78
C TYR K 19 -42.06 -57.09 -26.69
N PRO K 20 -42.89 -56.34 -27.43
CA PRO K 20 -44.33 -56.50 -27.53
C PRO K 20 -44.41 -57.86 -28.24
N GLU K 21 -45.57 -58.50 -28.21
CA GLU K 21 -45.73 -59.83 -28.83
C GLU K 21 -45.51 -60.04 -30.34
N LYS K 22 -46.02 -59.19 -31.22
CA LYS K 22 -45.80 -59.46 -32.63
C LYS K 22 -44.29 -59.40 -32.91
N ALA K 23 -43.61 -58.40 -32.35
CA ALA K 23 -42.15 -58.20 -32.51
C ALA K 23 -41.40 -59.33 -31.80
N ARG K 24 -41.83 -59.69 -30.60
CA ARG K 24 -41.16 -60.76 -29.87
C ARG K 24 -41.32 -62.08 -30.58
N LYS K 25 -42.51 -62.38 -31.06
CA LYS K 25 -42.72 -63.63 -31.75
C LYS K 25 -41.83 -63.72 -32.97
N ASP K 26 -41.75 -62.64 -33.72
CA ASP K 26 -40.95 -62.58 -34.96
C ASP K 26 -39.44 -62.65 -34.69
N ARG K 27 -38.98 -61.95 -33.70
CA ARG K 27 -37.58 -61.95 -33.37
C ARG K 27 -37.01 -63.28 -32.95
N ASN K 28 -37.71 -64.02 -32.11
CA ASN K 28 -37.19 -65.30 -31.67
C ASN K 28 -36.76 -66.18 -32.84
N LYS K 29 -37.40 -66.00 -33.98
CA LYS K 29 -37.10 -66.76 -35.17
C LYS K 29 -35.71 -66.41 -35.71
N HIS K 30 -35.26 -65.21 -35.39
CA HIS K 30 -33.94 -64.72 -35.83
C HIS K 30 -32.73 -64.90 -34.93
N LEU K 31 -32.99 -65.46 -33.76
CA LEU K 31 -31.93 -65.71 -32.77
C LEU K 31 -31.76 -67.21 -32.53
N ALA K 32 -30.56 -67.73 -32.72
CA ALA K 32 -30.33 -69.15 -32.51
C ALA K 32 -29.02 -69.52 -31.84
N VAL K 33 -29.01 -70.65 -31.15
CA VAL K 33 -27.82 -71.16 -30.47
C VAL K 33 -27.27 -72.10 -31.54
N ASN K 34 -26.04 -71.92 -31.97
CA ASN K 34 -25.51 -72.79 -33.03
C ASN K 34 -25.13 -74.23 -32.85
N ASP K 35 -25.63 -75.01 -33.78
CA ASP K 35 -25.35 -76.43 -33.79
C ASP K 35 -24.56 -76.61 -35.08
N PRO K 36 -23.28 -77.00 -34.99
CA PRO K 36 -22.42 -77.18 -36.16
C PRO K 36 -22.86 -78.35 -37.00
N ALA K 37 -23.57 -79.24 -36.33
CA ALA K 37 -24.09 -80.45 -36.92
C ALA K 37 -25.17 -80.18 -37.96
N VAL K 38 -26.09 -79.25 -37.67
CA VAL K 38 -27.17 -79.02 -38.64
C VAL K 38 -26.81 -78.55 -40.03
N THR K 39 -27.31 -79.37 -40.96
CA THR K 39 -27.19 -79.20 -42.41
C THR K 39 -27.93 -78.04 -42.99
N GLN K 40 -29.16 -77.88 -42.53
CA GLN K 40 -30.06 -76.83 -42.98
C GLN K 40 -30.28 -75.76 -41.94
N SER K 41 -30.12 -74.53 -42.41
CA SER K 41 -30.27 -73.34 -41.62
C SER K 41 -31.69 -73.11 -41.19
N LYS K 42 -32.64 -73.33 -42.08
CA LYS K 42 -34.01 -73.11 -41.71
C LYS K 42 -34.44 -73.82 -40.43
N LYS K 43 -33.83 -74.95 -40.07
CA LYS K 43 -34.32 -75.56 -38.84
C LYS K 43 -33.89 -74.59 -37.73
N CYS K 44 -32.63 -74.20 -37.75
CA CYS K 44 -32.08 -73.28 -36.77
C CYS K 44 -32.50 -71.83 -36.70
N ILE K 45 -32.47 -71.15 -37.84
CA ILE K 45 -32.80 -69.74 -37.91
C ILE K 45 -33.57 -69.31 -39.16
N ILE K 46 -34.32 -68.23 -39.07
CA ILE K 46 -35.07 -67.77 -40.20
C ILE K 46 -34.39 -66.46 -40.54
N SER K 47 -34.34 -66.05 -41.82
CA SER K 47 -33.68 -64.81 -42.22
C SER K 47 -34.21 -64.10 -43.46
N ASN K 48 -33.75 -62.87 -43.67
CA ASN K 48 -34.14 -62.06 -44.82
C ASN K 48 -35.62 -61.78 -44.90
N LYS K 49 -36.15 -61.28 -43.78
CA LYS K 49 -37.54 -60.94 -43.61
C LYS K 49 -37.61 -59.46 -43.25
N LYS K 50 -38.75 -58.81 -43.52
CA LYS K 50 -38.88 -57.39 -43.23
C LYS K 50 -38.68 -57.19 -41.74
N SER K 51 -37.92 -56.14 -41.43
CA SER K 51 -37.57 -55.73 -40.06
C SER K 51 -38.78 -55.16 -39.33
N GLN K 52 -38.83 -55.42 -38.02
CA GLN K 52 -39.90 -54.94 -37.12
C GLN K 52 -39.62 -53.47 -36.87
N PRO K 53 -40.63 -52.59 -37.01
CA PRO K 53 -40.42 -51.15 -36.80
C PRO K 53 -40.11 -50.68 -35.37
N GLY K 54 -39.29 -49.63 -35.28
CA GLY K 54 -38.93 -49.09 -33.99
C GLY K 54 -37.91 -49.84 -33.17
N LEU K 55 -37.30 -50.87 -33.72
CA LEU K 55 -36.32 -51.67 -33.02
C LEU K 55 -34.83 -51.39 -33.27
N MET K 56 -34.57 -50.35 -34.07
CA MET K 56 -33.21 -49.95 -34.42
C MET K 56 -32.32 -50.92 -35.15
N THR K 57 -32.83 -51.46 -36.25
CA THR K 57 -32.13 -52.41 -37.10
C THR K 57 -30.99 -51.62 -37.77
N ILE K 58 -29.90 -52.31 -38.03
CA ILE K 58 -28.71 -51.77 -38.65
C ILE K 58 -28.74 -51.78 -40.19
N ARG K 59 -29.81 -52.35 -40.76
CA ARG K 59 -29.96 -52.43 -42.21
C ARG K 59 -30.11 -51.19 -43.06
N GLY K 60 -29.45 -51.20 -44.20
CA GLY K 60 -29.52 -50.09 -45.12
C GLY K 60 -30.68 -50.38 -46.07
N CYS K 61 -30.79 -49.62 -47.16
CA CYS K 61 -31.83 -49.76 -48.18
C CYS K 61 -31.27 -50.42 -49.44
N ALA K 62 -32.14 -50.64 -50.42
CA ALA K 62 -31.81 -51.25 -51.70
C ALA K 62 -30.90 -50.34 -52.50
N TYR K 63 -31.02 -49.04 -52.26
CA TYR K 63 -30.21 -48.06 -52.95
C TYR K 63 -28.78 -48.26 -52.48
N ALA K 64 -28.59 -48.47 -51.20
CA ALA K 64 -27.25 -48.66 -50.66
C ALA K 64 -26.72 -49.93 -51.26
N GLY K 65 -27.51 -50.99 -51.32
CA GLY K 65 -26.90 -52.16 -51.91
C GLY K 65 -26.59 -51.95 -53.38
N SER K 66 -27.50 -51.43 -54.18
CA SER K 66 -27.10 -51.22 -55.58
C SER K 66 -26.11 -50.09 -55.93
N LYS K 67 -26.39 -48.87 -55.47
CA LYS K 67 -25.49 -47.75 -55.75
C LYS K 67 -24.22 -47.79 -54.93
N GLY K 68 -24.42 -48.11 -53.67
CA GLY K 68 -23.38 -48.18 -52.68
C GLY K 68 -22.36 -49.27 -52.81
N VAL K 69 -22.83 -50.48 -53.11
CA VAL K 69 -21.89 -51.55 -53.20
C VAL K 69 -21.57 -52.07 -54.60
N VAL K 70 -22.53 -52.57 -55.38
CA VAL K 70 -22.15 -53.04 -56.72
C VAL K 70 -21.70 -52.01 -57.78
N TRP K 71 -22.50 -50.99 -58.00
CA TRP K 71 -22.23 -49.92 -58.96
C TRP K 71 -21.22 -48.81 -58.74
N GLY K 72 -21.26 -48.26 -57.53
CA GLY K 72 -20.38 -47.17 -57.20
C GLY K 72 -18.93 -47.43 -57.44
N PRO K 73 -18.40 -48.59 -57.07
CA PRO K 73 -16.99 -48.82 -57.34
C PRO K 73 -16.51 -48.79 -58.80
N ILE K 74 -17.36 -48.95 -59.81
CA ILE K 74 -16.76 -48.92 -61.15
C ILE K 74 -16.18 -47.54 -61.40
N LYS K 75 -14.89 -47.48 -61.69
CA LYS K 75 -14.27 -46.21 -61.92
C LYS K 75 -14.59 -45.37 -63.12
N ASP K 76 -14.66 -45.99 -64.30
CA ASP K 76 -14.95 -45.25 -65.53
C ASP K 76 -16.33 -44.67 -65.64
N MET K 77 -17.35 -45.42 -65.24
CA MET K 77 -18.71 -44.91 -65.34
C MET K 77 -19.10 -43.88 -64.31
N ILE K 78 -20.13 -43.11 -64.64
CA ILE K 78 -20.66 -42.07 -63.76
C ILE K 78 -22.02 -42.56 -63.22
N HIS K 79 -22.22 -42.48 -61.90
CA HIS K 79 -23.49 -42.95 -61.34
C HIS K 79 -24.27 -41.77 -60.78
N ILE K 80 -25.48 -41.63 -61.27
CA ILE K 80 -26.35 -40.55 -60.86
C ILE K 80 -27.29 -41.05 -59.82
N SER K 81 -27.37 -40.33 -58.72
CA SER K 81 -28.26 -40.78 -57.66
C SER K 81 -29.47 -39.98 -58.10
N HIS K 82 -30.53 -40.70 -58.46
CA HIS K 82 -31.75 -40.06 -58.92
C HIS K 82 -32.77 -39.94 -57.80
N GLY K 83 -33.17 -38.70 -57.53
CA GLY K 83 -34.12 -38.41 -56.47
C GLY K 83 -33.64 -37.20 -55.70
N PRO K 84 -34.07 -37.05 -54.44
CA PRO K 84 -33.66 -35.93 -53.60
C PRO K 84 -32.16 -36.03 -53.28
N VAL K 85 -31.60 -34.92 -52.81
CA VAL K 85 -30.19 -34.77 -52.47
C VAL K 85 -29.58 -35.60 -51.37
N GLY K 86 -30.33 -36.03 -50.39
CA GLY K 86 -29.72 -36.82 -49.34
C GLY K 86 -29.00 -38.16 -49.49
N CYS K 87 -29.55 -39.10 -50.27
CA CYS K 87 -28.97 -40.44 -50.47
C CYS K 87 -27.57 -40.35 -51.06
N GLY K 88 -27.39 -39.49 -52.03
CA GLY K 88 -26.08 -39.34 -52.64
C GLY K 88 -25.11 -38.74 -51.64
N GLN K 89 -25.63 -37.81 -50.87
CA GLN K 89 -24.78 -37.14 -49.91
C GLN K 89 -24.26 -37.94 -48.75
N TYR K 90 -25.13 -38.73 -48.14
CA TYR K 90 -24.74 -39.54 -47.01
C TYR K 90 -23.78 -40.58 -47.47
N SER K 91 -24.06 -41.21 -48.61
CA SER K 91 -23.20 -42.24 -49.15
C SER K 91 -21.89 -41.81 -49.88
N ARG K 92 -21.70 -40.53 -50.19
CA ARG K 92 -20.45 -40.15 -50.88
C ARG K 92 -19.15 -40.40 -50.10
N ALA K 93 -18.24 -41.08 -50.77
CA ALA K 93 -16.94 -41.44 -50.25
C ALA K 93 -17.03 -42.15 -48.90
N GLY K 94 -18.20 -42.69 -48.62
CA GLY K 94 -18.42 -43.40 -47.38
C GLY K 94 -17.65 -44.71 -47.24
N ARG K 95 -17.66 -45.47 -48.33
CA ARG K 95 -17.03 -46.77 -48.48
C ARG K 95 -15.76 -46.73 -49.24
N ARG K 96 -14.74 -47.37 -48.71
CA ARG K 96 -13.45 -47.37 -49.37
C ARG K 96 -13.21 -48.39 -50.47
N ASN K 97 -13.89 -48.27 -51.60
CA ASN K 97 -13.64 -49.26 -52.64
C ASN K 97 -12.56 -48.49 -53.37
N TYR K 98 -11.33 -48.88 -53.10
CA TYR K 98 -10.18 -48.24 -53.68
C TYR K 98 -10.00 -48.43 -55.18
N TYR K 99 -9.63 -47.34 -55.82
CA TYR K 99 -9.42 -47.32 -57.27
C TYR K 99 -8.28 -46.44 -57.74
N ILE K 100 -7.77 -46.67 -58.95
CA ILE K 100 -6.68 -45.81 -59.43
C ILE K 100 -7.22 -45.04 -60.66
N GLY K 101 -7.16 -43.72 -60.63
CA GLY K 101 -7.64 -42.95 -61.77
C GLY K 101 -7.48 -41.46 -61.54
N THR K 102 -7.88 -40.65 -62.52
CA THR K 102 -7.75 -39.21 -62.33
C THR K 102 -9.19 -38.89 -62.13
N THR K 103 -9.48 -38.46 -60.90
CA THR K 103 -10.84 -38.16 -60.54
C THR K 103 -11.42 -36.90 -61.09
N GLY K 104 -12.64 -37.06 -61.57
CA GLY K 104 -13.41 -35.98 -62.18
C GLY K 104 -12.99 -35.87 -63.64
N VAL K 105 -11.91 -36.54 -64.04
CA VAL K 105 -11.53 -36.46 -65.44
C VAL K 105 -11.83 -37.81 -66.09
N ASN K 106 -11.21 -38.89 -65.59
CA ASN K 106 -11.47 -40.21 -66.15
C ASN K 106 -12.09 -41.21 -65.19
N ALA K 107 -11.93 -40.94 -63.91
CA ALA K 107 -12.47 -41.81 -62.88
C ALA K 107 -13.35 -40.96 -61.96
N PHE K 108 -14.55 -41.46 -61.67
CA PHE K 108 -15.46 -40.70 -60.82
C PHE K 108 -16.03 -41.33 -59.53
N VAL K 109 -15.30 -42.22 -58.84
CA VAL K 109 -15.88 -42.83 -57.65
C VAL K 109 -16.26 -42.01 -56.43
N THR K 110 -15.39 -41.10 -55.99
CA THR K 110 -15.68 -40.27 -54.82
C THR K 110 -16.67 -39.15 -55.13
N MET K 111 -16.86 -38.85 -56.42
CA MET K 111 -17.77 -37.80 -56.82
C MET K 111 -19.27 -38.11 -56.56
N ASN K 112 -20.03 -37.07 -56.22
CA ASN K 112 -21.45 -37.27 -55.98
C ASN K 112 -22.21 -36.61 -57.13
N PHE K 113 -22.94 -37.42 -57.91
CA PHE K 113 -23.72 -36.91 -59.05
C PHE K 113 -25.15 -37.19 -58.70
N THR K 114 -25.95 -36.12 -58.71
CA THR K 114 -27.37 -36.16 -58.37
C THR K 114 -28.34 -35.27 -59.16
N SER K 115 -29.56 -35.77 -59.33
CA SER K 115 -30.64 -35.08 -60.02
C SER K 115 -31.14 -33.96 -59.12
N ASP K 116 -30.93 -34.15 -57.82
CA ASP K 116 -31.35 -33.16 -56.83
C ASP K 116 -32.79 -32.69 -56.89
N PHE K 117 -33.71 -33.63 -56.73
CA PHE K 117 -35.14 -33.35 -56.80
C PHE K 117 -35.62 -32.36 -55.75
N GLN K 118 -36.44 -31.45 -56.26
CA GLN K 118 -37.08 -30.38 -55.56
C GLN K 118 -38.53 -30.76 -55.75
N GLU K 119 -39.47 -29.98 -55.23
CA GLU K 119 -40.88 -30.34 -55.36
C GLU K 119 -41.48 -30.28 -56.76
N LYS K 120 -40.95 -29.38 -57.58
CA LYS K 120 -41.41 -29.21 -58.94
C LYS K 120 -41.16 -30.60 -59.59
N ASP K 121 -40.01 -31.19 -59.32
CA ASP K 121 -39.67 -32.48 -59.88
C ASP K 121 -40.56 -33.54 -59.30
N ILE K 122 -40.85 -33.47 -58.02
CA ILE K 122 -41.71 -34.50 -57.47
C ILE K 122 -43.10 -34.35 -58.06
N VAL K 123 -43.66 -33.13 -58.14
CA VAL K 123 -45.00 -33.06 -58.72
C VAL K 123 -45.08 -33.40 -60.25
N PHE K 124 -44.24 -32.73 -61.04
CA PHE K 124 -44.12 -32.88 -62.49
C PHE K 124 -43.55 -34.23 -62.98
N GLY K 125 -42.48 -34.62 -62.28
CA GLY K 125 -41.74 -35.84 -62.55
C GLY K 125 -40.36 -35.48 -63.07
N GLY K 126 -39.41 -36.39 -62.85
CA GLY K 126 -38.01 -36.23 -63.25
C GLY K 126 -37.38 -36.70 -64.54
N ASP K 127 -38.17 -37.22 -65.49
CA ASP K 127 -37.65 -37.74 -66.77
C ASP K 127 -36.98 -36.71 -67.66
N LYS K 128 -37.61 -35.57 -67.78
CA LYS K 128 -37.11 -34.48 -68.60
C LYS K 128 -35.78 -34.04 -67.97
N LYS K 129 -35.76 -33.94 -66.65
CA LYS K 129 -34.57 -33.54 -65.93
C LYS K 129 -33.44 -34.57 -66.08
N LEU K 130 -33.77 -35.84 -65.98
CA LEU K 130 -32.77 -36.90 -66.10
C LEU K 130 -32.12 -36.80 -67.47
N ALA K 131 -32.91 -36.53 -68.50
CA ALA K 131 -32.44 -36.40 -69.89
C ALA K 131 -31.54 -35.15 -69.96
N LYS K 132 -31.96 -34.06 -69.34
CA LYS K 132 -31.19 -32.82 -69.34
C LYS K 132 -29.89 -33.08 -68.56
N LEU K 133 -29.97 -33.82 -67.46
CA LEU K 133 -28.81 -34.13 -66.64
C LEU K 133 -27.84 -35.00 -67.48
N ILE K 134 -28.36 -35.99 -68.23
CA ILE K 134 -27.53 -36.86 -69.04
C ILE K 134 -26.76 -36.02 -70.08
N ASP K 135 -27.42 -35.07 -70.73
CA ASP K 135 -26.78 -34.21 -71.74
C ASP K 135 -25.68 -33.39 -71.06
N GLU K 136 -25.98 -32.85 -69.89
CA GLU K 136 -25.08 -32.01 -69.10
C GLU K 136 -23.88 -32.81 -68.64
N VAL K 137 -24.12 -34.04 -68.22
CA VAL K 137 -23.09 -34.93 -67.74
C VAL K 137 -22.12 -35.12 -68.85
N GLU K 138 -22.63 -35.31 -70.05
CA GLU K 138 -21.80 -35.53 -71.21
C GLU K 138 -20.92 -34.32 -71.57
N THR K 139 -21.43 -33.09 -71.55
CA THR K 139 -20.53 -32.00 -71.92
C THR K 139 -19.41 -31.74 -70.92
N LEU K 140 -19.76 -31.76 -69.63
CA LEU K 140 -18.84 -31.54 -68.53
C LEU K 140 -17.80 -32.63 -68.32
N PHE K 141 -18.21 -33.90 -68.40
CA PHE K 141 -17.24 -34.96 -68.19
C PHE K 141 -17.19 -35.85 -69.44
N PRO K 142 -16.41 -35.43 -70.44
CA PRO K 142 -16.23 -36.11 -71.74
C PRO K 142 -15.59 -37.50 -71.80
N LEU K 143 -14.78 -37.86 -70.82
CA LEU K 143 -14.11 -39.16 -70.81
C LEU K 143 -14.79 -40.28 -70.05
N ASN K 144 -15.98 -40.05 -69.52
CA ASN K 144 -16.67 -41.10 -68.78
C ASN K 144 -17.04 -42.16 -69.79
N LYS K 145 -16.94 -43.42 -69.38
CA LYS K 145 -17.24 -44.57 -70.24
C LYS K 145 -18.63 -45.14 -70.06
N GLY K 146 -19.42 -44.56 -69.17
CA GLY K 146 -20.77 -45.08 -68.98
C GLY K 146 -21.56 -44.21 -68.03
N ILE K 147 -22.84 -44.46 -67.89
CA ILE K 147 -23.65 -43.68 -67.00
C ILE K 147 -24.64 -44.63 -66.40
N SER K 148 -25.02 -44.43 -65.15
CA SER K 148 -25.99 -45.33 -64.55
C SER K 148 -26.90 -44.46 -63.75
N VAL K 149 -28.17 -44.83 -63.68
CA VAL K 149 -29.09 -44.03 -62.92
C VAL K 149 -29.54 -44.94 -61.79
N GLN K 150 -29.31 -44.48 -60.57
CA GLN K 150 -29.67 -45.24 -59.40
C GLN K 150 -30.91 -44.58 -58.86
N SER K 151 -32.00 -45.34 -58.83
CA SER K 151 -33.25 -44.80 -58.37
C SER K 151 -33.41 -44.75 -56.91
N GLU K 152 -33.72 -43.55 -56.43
CA GLU K 152 -33.95 -43.27 -55.03
C GLU K 152 -35.40 -43.65 -54.74
N CYS K 153 -35.88 -43.47 -53.52
CA CYS K 153 -37.26 -43.88 -53.27
C CYS K 153 -38.31 -43.15 -54.06
N PRO K 154 -38.23 -41.85 -54.19
CA PRO K 154 -39.29 -41.20 -54.99
C PRO K 154 -39.45 -41.62 -56.46
N ILE K 155 -38.45 -42.21 -57.06
CA ILE K 155 -38.58 -42.58 -58.47
C ILE K 155 -39.64 -43.65 -58.72
N GLY K 156 -39.67 -44.67 -57.89
CA GLY K 156 -40.64 -45.74 -58.06
C GLY K 156 -42.04 -45.20 -57.76
N LEU K 157 -42.16 -44.43 -56.70
CA LEU K 157 -43.42 -43.87 -56.29
C LEU K 157 -44.04 -42.84 -57.23
N ILE K 158 -43.27 -41.88 -57.77
CA ILE K 158 -43.87 -40.87 -58.67
C ILE K 158 -44.17 -41.29 -60.13
N GLY K 159 -43.86 -42.55 -60.49
CA GLY K 159 -44.13 -43.00 -61.84
C GLY K 159 -43.20 -42.53 -62.95
N ASP K 160 -41.96 -42.25 -62.59
CA ASP K 160 -40.94 -41.81 -63.54
C ASP K 160 -40.47 -43.03 -64.35
N ASP K 161 -40.31 -42.91 -65.67
CA ASP K 161 -39.84 -44.08 -66.45
C ASP K 161 -38.39 -43.74 -66.79
N ILE K 162 -37.45 -44.39 -66.16
CA ILE K 162 -36.06 -44.08 -66.47
C ILE K 162 -35.44 -44.97 -67.55
N GLU K 163 -36.13 -46.06 -67.87
CA GLU K 163 -35.69 -47.02 -68.88
C GLU K 163 -35.70 -46.41 -70.26
N SER K 164 -36.76 -45.66 -70.53
CA SER K 164 -36.97 -45.00 -71.82
C SER K 164 -35.93 -43.90 -72.02
N VAL K 165 -35.68 -43.10 -70.99
CA VAL K 165 -34.72 -41.99 -71.04
C VAL K 165 -33.34 -42.57 -71.25
N SER K 166 -33.07 -43.66 -70.55
CA SER K 166 -31.80 -44.36 -70.61
C SER K 166 -31.67 -44.97 -72.01
N LYS K 167 -32.74 -45.56 -72.51
CA LYS K 167 -32.65 -46.17 -73.83
C LYS K 167 -32.50 -45.10 -74.95
N VAL K 168 -33.27 -44.03 -74.86
CA VAL K 168 -33.23 -42.97 -75.86
C VAL K 168 -31.93 -42.18 -75.89
N LYS K 169 -31.44 -41.77 -74.72
CA LYS K 169 -30.19 -41.02 -74.60
C LYS K 169 -28.99 -41.87 -75.00
N GLY K 170 -29.01 -43.10 -74.52
CA GLY K 170 -27.94 -44.02 -74.79
C GLY K 170 -27.78 -44.13 -76.28
N ALA K 171 -28.91 -44.23 -76.95
CA ALA K 171 -28.93 -44.35 -78.38
C ALA K 171 -28.40 -43.05 -78.98
N GLU K 172 -28.84 -41.91 -78.46
CA GLU K 172 -28.41 -40.63 -78.97
C GLU K 172 -26.91 -40.38 -78.77
N LEU K 173 -26.41 -40.71 -77.59
CA LEU K 173 -25.00 -40.53 -77.24
C LEU K 173 -24.10 -41.73 -77.58
N SER K 174 -24.70 -42.82 -78.07
CA SER K 174 -23.92 -44.02 -78.39
C SER K 174 -23.08 -44.38 -77.18
N LYS K 175 -23.73 -44.16 -76.05
CA LYS K 175 -23.15 -44.42 -74.76
C LYS K 175 -24.06 -45.38 -73.96
N THR K 176 -23.47 -46.25 -73.13
CA THR K 176 -24.32 -47.17 -72.38
C THR K 176 -24.83 -46.48 -71.12
N ILE K 177 -26.14 -46.42 -70.95
CA ILE K 177 -26.74 -45.79 -69.77
C ILE K 177 -27.54 -46.90 -69.09
N VAL K 178 -27.26 -47.18 -67.83
CA VAL K 178 -27.99 -48.23 -67.20
C VAL K 178 -28.99 -47.77 -66.18
N PRO K 179 -30.27 -47.93 -66.49
CA PRO K 179 -31.24 -47.50 -65.48
C PRO K 179 -31.23 -48.56 -64.41
N VAL K 180 -31.30 -48.19 -63.13
CA VAL K 180 -31.31 -49.24 -62.11
C VAL K 180 -32.38 -48.87 -61.10
N ARG K 181 -33.32 -49.80 -60.90
CA ARG K 181 -34.38 -49.57 -59.95
C ARG K 181 -34.15 -50.04 -58.54
N CYS K 182 -33.22 -49.39 -57.85
CA CYS K 182 -32.92 -49.76 -56.48
C CYS K 182 -33.63 -48.79 -55.57
N GLU K 183 -34.95 -48.72 -55.66
CA GLU K 183 -35.67 -47.79 -54.81
C GLU K 183 -35.58 -48.37 -53.41
N GLY K 184 -35.39 -47.49 -52.43
CA GLY K 184 -35.26 -47.88 -51.04
C GLY K 184 -36.37 -48.76 -50.52
N PHE K 185 -37.60 -48.47 -50.91
CA PHE K 185 -38.74 -49.26 -50.43
C PHE K 185 -38.73 -50.67 -50.98
N ARG K 186 -38.16 -50.90 -52.15
CA ARG K 186 -38.13 -52.25 -52.69
C ARG K 186 -37.16 -53.08 -51.79
N GLY K 187 -37.56 -54.33 -51.54
CA GLY K 187 -36.75 -55.24 -50.72
C GLY K 187 -36.87 -54.93 -49.25
N VAL K 188 -36.05 -55.59 -48.42
CA VAL K 188 -36.08 -55.36 -46.98
C VAL K 188 -34.70 -55.07 -46.40
N SER K 189 -33.68 -55.02 -47.26
CA SER K 189 -32.31 -54.78 -46.81
C SER K 189 -31.45 -54.40 -47.99
N GLN K 190 -30.17 -54.16 -47.75
CA GLN K 190 -29.25 -53.80 -48.81
C GLN K 190 -29.21 -54.94 -49.82
N SER K 191 -29.77 -56.08 -49.48
CA SER K 191 -29.73 -57.24 -50.37
C SER K 191 -30.43 -57.27 -51.72
N LEU K 192 -31.65 -56.80 -51.82
CA LEU K 192 -32.39 -56.82 -53.07
C LEU K 192 -31.69 -55.91 -54.04
N GLY K 193 -31.01 -54.91 -53.51
CA GLY K 193 -30.26 -53.93 -54.29
C GLY K 193 -29.14 -54.66 -55.05
N HIS K 194 -28.48 -55.63 -54.42
CA HIS K 194 -27.40 -56.37 -55.09
C HIS K 194 -27.98 -57.07 -56.30
N HIS K 195 -29.14 -57.68 -56.11
CA HIS K 195 -29.83 -58.42 -57.14
C HIS K 195 -30.31 -57.50 -58.24
N ILE K 196 -30.86 -56.36 -57.85
CA ILE K 196 -31.37 -55.38 -58.79
C ILE K 196 -30.15 -54.90 -59.57
N ALA K 197 -29.06 -54.64 -58.89
CA ALA K 197 -27.85 -54.18 -59.53
C ALA K 197 -27.26 -55.27 -60.44
N ASN K 198 -27.23 -56.50 -59.99
CA ASN K 198 -26.67 -57.61 -60.76
C ASN K 198 -27.46 -57.81 -62.04
N ASP K 199 -28.77 -57.75 -61.92
CA ASP K 199 -29.67 -57.95 -63.03
C ASP K 199 -29.53 -56.82 -64.01
N ALA K 200 -29.28 -55.62 -63.49
CA ALA K 200 -29.11 -54.38 -64.29
C ALA K 200 -27.82 -54.54 -65.10
N VAL K 201 -26.77 -55.05 -64.46
CA VAL K 201 -25.47 -55.25 -65.12
C VAL K 201 -25.67 -56.25 -66.24
N ARG K 202 -26.41 -57.31 -65.94
CA ARG K 202 -26.62 -58.32 -66.97
C ARG K 202 -27.50 -57.80 -68.11
N ASP K 203 -28.62 -57.13 -67.87
CA ASP K 203 -29.39 -56.66 -69.02
C ASP K 203 -28.72 -55.54 -69.84
N TRP K 204 -28.16 -54.52 -69.20
CA TRP K 204 -27.51 -53.44 -69.93
C TRP K 204 -26.00 -53.43 -70.25
N VAL K 205 -25.17 -54.18 -69.50
CA VAL K 205 -23.72 -54.18 -69.78
C VAL K 205 -22.93 -55.46 -70.06
N LEU K 206 -23.42 -56.60 -69.64
CA LEU K 206 -22.72 -57.85 -69.86
C LEU K 206 -22.58 -58.40 -71.29
N GLY K 207 -23.67 -58.36 -72.04
CA GLY K 207 -23.65 -58.88 -73.40
C GLY K 207 -23.16 -58.00 -74.53
N LYS K 208 -22.48 -56.89 -74.22
CA LYS K 208 -22.05 -56.04 -75.30
C LYS K 208 -21.00 -56.70 -76.18
N ARG K 209 -20.01 -57.36 -75.61
CA ARG K 209 -19.02 -58.01 -76.46
C ARG K 209 -19.45 -59.47 -76.60
N ASP K 210 -20.73 -59.67 -76.86
CA ASP K 210 -21.25 -61.02 -77.02
C ASP K 210 -20.67 -61.66 -78.27
N GLU K 211 -20.64 -60.89 -79.36
CA GLU K 211 -20.11 -61.39 -80.61
C GLU K 211 -18.65 -60.99 -80.90
N ASP K 212 -18.03 -60.19 -80.05
CA ASP K 212 -16.65 -59.77 -80.30
C ASP K 212 -15.63 -60.79 -79.81
N THR K 213 -14.78 -61.21 -80.75
CA THR K 213 -13.70 -62.18 -80.57
C THR K 213 -12.26 -61.66 -80.71
N THR K 214 -12.10 -60.35 -80.72
CA THR K 214 -10.80 -59.70 -80.88
C THR K 214 -9.86 -59.89 -79.68
N PHE K 215 -10.37 -59.76 -78.46
CA PHE K 215 -9.51 -59.94 -77.28
C PHE K 215 -8.96 -61.36 -77.24
N ALA K 216 -7.66 -61.44 -77.04
CA ALA K 216 -6.97 -62.72 -76.98
C ALA K 216 -7.05 -63.31 -75.60
N SER K 217 -7.56 -64.53 -75.50
CA SER K 217 -7.70 -65.20 -74.21
C SER K 217 -6.93 -66.47 -73.94
N THR K 218 -6.15 -66.47 -72.87
CA THR K 218 -5.36 -67.62 -72.42
C THR K 218 -6.28 -68.51 -71.59
N PRO K 219 -5.99 -69.79 -71.49
CA PRO K 219 -6.81 -70.73 -70.72
C PRO K 219 -6.81 -70.41 -69.22
N TYR K 220 -5.79 -69.66 -68.81
CA TYR K 220 -5.59 -69.25 -67.42
C TYR K 220 -6.37 -68.02 -66.93
N ASP K 221 -7.08 -67.36 -67.85
CA ASP K 221 -7.85 -66.16 -67.52
C ASP K 221 -8.95 -66.40 -66.48
N VAL K 222 -9.00 -65.52 -65.48
CA VAL K 222 -9.99 -65.61 -64.42
C VAL K 222 -10.47 -64.24 -64.02
N ALA K 223 -11.67 -64.20 -63.46
CA ALA K 223 -12.25 -62.94 -63.02
C ALA K 223 -12.60 -63.02 -61.54
N ILE K 224 -12.19 -61.98 -60.76
CA ILE K 224 -12.50 -61.93 -59.34
C ILE K 224 -13.89 -61.33 -59.31
N ILE K 225 -14.81 -62.05 -58.69
CA ILE K 225 -16.19 -61.62 -58.61
C ILE K 225 -16.55 -61.34 -57.16
N GLY K 226 -17.14 -60.18 -56.88
CA GLY K 226 -17.50 -59.86 -55.52
C GLY K 226 -16.41 -59.45 -54.55
N ASP K 227 -15.33 -58.87 -55.05
CA ASP K 227 -14.28 -58.40 -54.15
C ASP K 227 -14.38 -56.93 -54.53
N TYR K 228 -14.60 -56.08 -53.53
CA TYR K 228 -14.74 -54.64 -53.73
C TYR K 228 -13.54 -53.78 -53.41
N ASN K 229 -12.40 -54.40 -53.22
CA ASN K 229 -11.16 -53.69 -52.92
C ASN K 229 -11.20 -52.72 -51.77
N ILE K 230 -11.90 -53.06 -50.70
CA ILE K 230 -11.95 -52.12 -49.58
C ILE K 230 -10.54 -52.09 -49.02
N GLY K 231 -9.95 -50.92 -48.96
CA GLY K 231 -8.61 -50.80 -48.43
C GLY K 231 -7.65 -51.47 -49.34
N GLY K 232 -8.02 -51.71 -50.58
CA GLY K 232 -7.08 -52.38 -51.47
C GLY K 232 -7.00 -53.91 -51.29
N ASP K 233 -8.11 -54.50 -50.84
CA ASP K 233 -8.27 -55.96 -50.59
C ASP K 233 -8.15 -56.74 -51.90
N ALA K 234 -8.79 -56.23 -52.95
CA ALA K 234 -8.77 -56.88 -54.23
C ALA K 234 -7.37 -56.90 -54.78
N TRP K 235 -6.66 -55.78 -54.70
CA TRP K 235 -5.29 -55.66 -55.20
C TRP K 235 -4.39 -56.65 -54.47
N SER K 236 -4.54 -56.77 -53.17
CA SER K 236 -3.71 -57.71 -52.44
C SER K 236 -4.15 -59.14 -52.88
N SER K 237 -5.44 -59.36 -53.12
CA SER K 237 -5.98 -60.67 -53.57
C SER K 237 -5.48 -60.99 -54.98
N ARG K 238 -5.53 -59.99 -55.84
CA ARG K 238 -5.13 -60.04 -57.24
C ARG K 238 -3.70 -60.41 -57.46
N ILE K 239 -2.80 -59.87 -56.66
CA ILE K 239 -1.37 -60.16 -56.83
C ILE K 239 -1.09 -61.62 -56.55
N LEU K 240 -1.82 -62.24 -55.64
CA LEU K 240 -1.60 -63.65 -55.31
C LEU K 240 -1.98 -64.54 -56.49
N LEU K 241 -3.11 -64.27 -57.12
CA LEU K 241 -3.60 -65.06 -58.25
C LEU K 241 -2.63 -64.89 -59.44
N GLU K 242 -2.13 -63.68 -59.65
CA GLU K 242 -1.21 -63.42 -60.73
C GLU K 242 0.12 -64.18 -60.49
N GLU K 243 0.60 -64.22 -59.26
CA GLU K 243 1.86 -64.88 -58.93
C GLU K 243 1.70 -66.39 -59.11
N MET K 244 0.47 -66.90 -58.95
CA MET K 244 0.18 -68.32 -59.10
C MET K 244 0.13 -68.68 -60.59
N GLY K 245 0.10 -67.67 -61.45
CA GLY K 245 0.05 -67.90 -62.90
C GLY K 245 -1.25 -67.65 -63.64
N LEU K 246 -2.30 -67.30 -62.91
CA LEU K 246 -3.60 -67.03 -63.53
C LEU K 246 -3.56 -65.58 -64.00
N ARG K 247 -4.39 -65.21 -64.95
CA ARG K 247 -4.41 -63.81 -65.44
C ARG K 247 -5.74 -63.25 -65.00
N CYS K 248 -5.74 -62.09 -64.36
CA CYS K 248 -7.04 -61.59 -63.94
C CYS K 248 -7.63 -60.53 -64.86
N VAL K 249 -8.58 -60.96 -65.67
CA VAL K 249 -9.24 -60.09 -66.59
C VAL K 249 -10.15 -59.07 -65.92
N ALA K 250 -10.93 -59.51 -64.94
CA ALA K 250 -11.84 -58.58 -64.26
C ALA K 250 -12.08 -58.60 -62.76
N GLN K 251 -12.36 -57.41 -62.20
CA GLN K 251 -12.64 -57.28 -60.77
C GLN K 251 -14.06 -56.75 -60.56
N TRP K 252 -14.89 -57.47 -59.81
CA TRP K 252 -16.24 -56.98 -59.60
C TRP K 252 -16.54 -56.63 -58.14
N SER K 253 -16.72 -55.35 -57.87
CA SER K 253 -16.63 -54.30 -58.86
C SER K 253 -15.57 -53.31 -58.39
N GLY K 254 -14.79 -53.67 -57.36
CA GLY K 254 -13.79 -52.75 -56.87
C GLY K 254 -12.71 -52.49 -57.85
N ASP K 255 -12.40 -51.22 -58.02
CA ASP K 255 -11.38 -50.71 -58.94
C ASP K 255 -11.75 -51.25 -60.30
N GLY K 256 -13.03 -51.49 -60.50
CA GLY K 256 -13.47 -52.01 -61.77
C GLY K 256 -13.68 -50.97 -62.83
N SER K 257 -13.73 -51.45 -64.06
CA SER K 257 -13.92 -50.62 -65.22
C SER K 257 -14.98 -51.34 -66.02
N ILE K 258 -15.73 -50.62 -66.85
CA ILE K 258 -16.80 -51.22 -67.63
C ILE K 258 -16.21 -52.16 -68.70
N SER K 259 -15.02 -51.82 -69.16
CA SER K 259 -14.33 -52.59 -70.18
C SER K 259 -14.00 -53.95 -69.60
N GLU K 260 -13.57 -54.00 -68.34
CA GLU K 260 -13.21 -55.26 -67.64
C GLU K 260 -14.44 -56.12 -67.51
N ILE K 261 -15.56 -55.52 -67.13
CA ILE K 261 -16.81 -56.25 -66.97
C ILE K 261 -17.28 -56.82 -68.29
N GLU K 262 -17.20 -56.04 -69.37
CA GLU K 262 -17.66 -56.52 -70.67
C GLU K 262 -16.79 -57.68 -71.19
N LEU K 263 -15.52 -57.68 -70.79
CA LEU K 263 -14.54 -58.70 -71.15
C LEU K 263 -14.58 -59.92 -70.23
N THR K 264 -15.42 -59.88 -69.19
CA THR K 264 -15.51 -60.99 -68.23
C THR K 264 -15.98 -62.32 -68.76
N PRO K 265 -17.03 -62.32 -69.59
CA PRO K 265 -17.48 -63.65 -70.08
C PRO K 265 -16.39 -64.43 -70.86
N LYS K 266 -15.39 -63.75 -71.35
CA LYS K 266 -14.28 -64.36 -72.08
C LYS K 266 -13.44 -65.24 -71.14
N VAL K 267 -13.48 -64.94 -69.84
CA VAL K 267 -12.69 -65.69 -68.86
C VAL K 267 -13.09 -67.17 -68.61
N LYS K 268 -12.08 -67.99 -68.37
CA LYS K 268 -12.25 -69.41 -68.13
C LYS K 268 -12.96 -69.75 -66.83
N LEU K 269 -12.60 -69.09 -65.73
CA LEU K 269 -13.25 -69.38 -64.42
C LEU K 269 -13.61 -68.13 -63.62
N ASN K 270 -14.68 -68.18 -62.85
CA ASN K 270 -15.05 -67.01 -62.07
C ASN K 270 -14.84 -67.42 -60.63
N LEU K 271 -14.02 -66.65 -59.92
CA LEU K 271 -13.72 -66.91 -58.51
C LEU K 271 -14.67 -65.95 -57.78
N VAL K 272 -15.54 -66.49 -56.94
CA VAL K 272 -16.46 -65.63 -56.25
C VAL K 272 -16.14 -65.45 -54.78
N HIS K 273 -15.65 -64.26 -54.41
CA HIS K 273 -15.35 -63.96 -53.02
C HIS K 273 -16.55 -63.69 -52.16
N CYS K 274 -17.46 -62.90 -52.70
CA CYS K 274 -18.66 -62.57 -51.92
C CYS K 274 -19.83 -63.26 -52.57
N TYR K 275 -20.32 -64.29 -51.90
CA TYR K 275 -21.44 -65.06 -52.41
C TYR K 275 -22.75 -64.34 -52.48
N ARG K 276 -23.07 -63.61 -51.42
CA ARG K 276 -24.33 -62.89 -51.34
C ARG K 276 -24.56 -61.82 -52.38
N SER K 277 -23.58 -60.93 -52.59
CA SER K 277 -23.68 -59.85 -53.57
C SER K 277 -23.72 -60.17 -55.08
N MET K 278 -22.86 -61.07 -55.51
CA MET K 278 -22.79 -61.40 -56.92
C MET K 278 -23.00 -62.84 -57.41
N ASN K 279 -23.62 -63.64 -56.57
CA ASN K 279 -23.87 -65.02 -56.92
C ASN K 279 -24.88 -65.02 -58.06
N TYR K 280 -25.75 -64.00 -58.09
CA TYR K 280 -26.79 -63.92 -59.14
C TYR K 280 -26.12 -63.82 -60.53
N ILE K 281 -25.11 -62.98 -60.65
CA ILE K 281 -24.40 -62.84 -61.92
C ILE K 281 -23.59 -64.09 -62.27
N SER K 282 -23.03 -64.73 -61.27
CA SER K 282 -22.22 -65.93 -61.43
C SER K 282 -23.03 -67.08 -62.00
N ARG K 283 -24.23 -67.26 -61.50
CA ARG K 283 -25.13 -68.33 -61.94
C ARG K 283 -25.51 -68.06 -63.41
N HIS K 284 -25.81 -66.81 -63.70
CA HIS K 284 -26.21 -66.36 -65.02
C HIS K 284 -25.13 -66.62 -66.04
N MET K 285 -23.90 -66.33 -65.67
CA MET K 285 -22.78 -66.53 -66.55
C MET K 285 -22.62 -68.03 -66.77
N GLU K 286 -22.82 -68.82 -65.75
CA GLU K 286 -22.65 -70.24 -65.96
C GLU K 286 -23.77 -70.65 -66.91
N GLU K 287 -25.00 -70.20 -66.72
CA GLU K 287 -26.00 -70.65 -67.66
C GLU K 287 -25.76 -70.10 -69.08
N LYS K 288 -25.56 -68.80 -69.24
CA LYS K 288 -25.32 -68.30 -70.60
C LYS K 288 -24.02 -68.69 -71.29
N TYR K 289 -22.91 -68.46 -70.61
CA TYR K 289 -21.61 -68.78 -71.17
C TYR K 289 -20.95 -70.08 -70.70
N GLY K 290 -21.56 -70.76 -69.75
CA GLY K 290 -20.94 -71.99 -69.33
C GLY K 290 -19.73 -71.80 -68.45
N ILE K 291 -19.45 -70.57 -68.02
CA ILE K 291 -18.27 -70.39 -67.17
C ILE K 291 -18.67 -70.75 -65.76
N PRO K 292 -17.91 -71.70 -65.16
CA PRO K 292 -18.05 -72.23 -63.80
C PRO K 292 -17.63 -71.20 -62.75
N TRP K 293 -18.26 -71.23 -61.57
CA TRP K 293 -17.87 -70.28 -60.52
C TRP K 293 -17.60 -70.95 -59.18
N MET K 294 -16.49 -70.60 -58.55
CA MET K 294 -16.16 -71.16 -57.26
C MET K 294 -15.93 -70.12 -56.14
N GLU K 295 -16.57 -70.34 -55.00
CA GLU K 295 -16.45 -69.45 -53.86
C GLU K 295 -15.08 -69.67 -53.24
N TYR K 296 -14.40 -68.58 -52.89
CA TYR K 296 -13.07 -68.68 -52.26
C TYR K 296 -12.94 -67.71 -51.11
N ASN K 297 -12.05 -68.03 -50.17
CA ASN K 297 -11.82 -67.18 -49.00
C ASN K 297 -10.35 -66.82 -48.84
N PHE K 298 -10.03 -65.53 -48.79
CA PHE K 298 -8.65 -65.05 -48.62
C PHE K 298 -8.34 -64.43 -47.25
N PHE K 299 -9.23 -64.58 -46.29
CA PHE K 299 -8.94 -63.99 -45.01
C PHE K 299 -8.10 -64.98 -44.20
N GLY K 300 -6.92 -64.58 -43.77
CA GLY K 300 -6.08 -65.46 -42.97
C GLY K 300 -5.23 -66.42 -43.79
N PRO K 301 -4.05 -66.81 -43.29
CA PRO K 301 -3.24 -67.72 -44.09
C PRO K 301 -3.86 -69.08 -44.40
N THR K 302 -4.66 -69.62 -43.48
CA THR K 302 -5.26 -70.94 -43.69
C THR K 302 -6.29 -70.96 -44.81
N LYS K 303 -7.20 -70.00 -44.86
CA LYS K 303 -8.21 -69.93 -45.90
C LYS K 303 -7.57 -69.61 -47.24
N THR K 304 -6.56 -68.76 -47.23
CA THR K 304 -5.87 -68.39 -48.47
C THR K 304 -5.12 -69.59 -49.07
N ILE K 305 -4.43 -70.36 -48.24
CA ILE K 305 -3.67 -71.52 -48.70
C ILE K 305 -4.65 -72.54 -49.20
N GLU K 306 -5.72 -72.75 -48.47
CA GLU K 306 -6.76 -73.68 -48.84
C GLU K 306 -7.37 -73.15 -50.15
N SER K 307 -7.62 -71.85 -50.24
CA SER K 307 -8.22 -71.26 -51.43
C SER K 307 -7.34 -71.32 -52.66
N LEU K 308 -6.06 -70.99 -52.50
CA LEU K 308 -5.11 -70.98 -53.61
C LEU K 308 -5.03 -72.39 -54.14
N ARG K 309 -5.01 -73.35 -53.23
CA ARG K 309 -4.91 -74.77 -53.59
C ARG K 309 -6.11 -75.25 -54.44
N ALA K 310 -7.34 -74.87 -54.07
CA ALA K 310 -8.59 -75.25 -54.75
C ALA K 310 -8.67 -74.61 -56.14
N ILE K 311 -8.31 -73.33 -56.21
CA ILE K 311 -8.36 -72.65 -57.48
C ILE K 311 -7.36 -73.32 -58.43
N ALA K 312 -6.18 -73.62 -57.94
CA ALA K 312 -5.11 -74.24 -58.75
C ALA K 312 -5.46 -75.64 -59.24
N ALA K 313 -6.26 -76.37 -58.49
CA ALA K 313 -6.64 -77.71 -58.88
C ALA K 313 -7.50 -77.59 -60.14
N LYS K 314 -8.39 -76.60 -60.17
CA LYS K 314 -9.25 -76.41 -61.32
C LYS K 314 -8.41 -76.17 -62.61
N PHE K 315 -7.12 -75.93 -62.45
CA PHE K 315 -6.19 -75.68 -63.55
C PHE K 315 -5.14 -76.79 -63.68
N ASP K 316 -4.24 -76.69 -64.65
CA ASP K 316 -3.20 -77.72 -64.86
C ASP K 316 -2.02 -77.72 -63.86
N GLU K 317 -1.19 -78.77 -63.92
CA GLU K 317 -0.03 -78.94 -63.04
C GLU K 317 0.98 -77.79 -62.93
N SER K 318 1.11 -76.99 -63.97
CA SER K 318 2.07 -75.87 -63.94
C SER K 318 1.56 -74.85 -62.91
N ILE K 319 0.25 -74.59 -62.96
CA ILE K 319 -0.42 -73.66 -62.09
C ILE K 319 -0.36 -74.23 -60.66
N GLN K 320 -0.60 -75.53 -60.53
CA GLN K 320 -0.59 -76.23 -59.23
C GLN K 320 0.79 -76.13 -58.62
N LYS K 321 1.80 -76.28 -59.45
CA LYS K 321 3.18 -76.20 -59.03
C LYS K 321 3.48 -74.73 -58.62
N LYS K 322 3.01 -73.76 -59.41
CA LYS K 322 3.23 -72.34 -59.12
C LYS K 322 2.56 -71.96 -57.79
N CYS K 323 1.41 -72.58 -57.53
CA CYS K 323 0.62 -72.36 -56.33
C CYS K 323 1.50 -72.75 -55.12
N GLU K 324 2.19 -73.84 -55.25
CA GLU K 324 3.05 -74.28 -54.17
C GLU K 324 4.25 -73.38 -53.93
N GLU K 325 4.76 -72.76 -54.97
CA GLU K 325 5.93 -71.86 -54.83
C GLU K 325 5.54 -70.62 -54.03
N VAL K 326 4.36 -70.11 -54.37
CA VAL K 326 3.77 -68.92 -53.74
C VAL K 326 3.49 -69.24 -52.28
N ILE K 327 2.93 -70.41 -51.99
CA ILE K 327 2.64 -70.71 -50.61
C ILE K 327 3.95 -70.82 -49.91
N ALA K 328 4.95 -71.29 -50.61
CA ALA K 328 6.26 -71.43 -50.03
C ALA K 328 6.85 -70.06 -49.74
N LYS K 329 6.70 -69.15 -50.71
CA LYS K 329 7.22 -67.78 -50.65
C LYS K 329 6.70 -66.90 -49.52
N TYR K 330 5.39 -66.95 -49.29
CA TYR K 330 4.75 -66.17 -48.26
C TYR K 330 4.61 -66.95 -46.97
N LYS K 331 5.10 -68.19 -46.92
CA LYS K 331 4.92 -68.90 -45.66
C LYS K 331 5.74 -68.30 -44.57
N PRO K 332 7.00 -67.96 -44.83
CA PRO K 332 7.79 -67.36 -43.76
C PRO K 332 7.23 -66.04 -43.33
N GLU K 333 6.63 -65.30 -44.27
CA GLU K 333 6.09 -64.01 -43.88
C GLU K 333 4.86 -64.12 -42.93
N TRP K 334 3.92 -64.97 -43.25
CA TRP K 334 2.74 -65.12 -42.41
C TRP K 334 3.00 -65.75 -41.04
N GLU K 335 3.89 -66.73 -40.99
CA GLU K 335 4.19 -67.39 -39.74
C GLU K 335 4.91 -66.41 -38.80
N ALA K 336 5.64 -65.45 -39.35
CA ALA K 336 6.40 -64.46 -38.58
C ALA K 336 5.36 -63.59 -37.87
N VAL K 337 4.28 -63.29 -38.58
CA VAL K 337 3.19 -62.48 -38.07
C VAL K 337 2.53 -63.31 -36.97
N VAL K 338 2.29 -64.60 -37.20
CA VAL K 338 1.65 -65.45 -36.22
C VAL K 338 2.49 -65.54 -34.96
N ALA K 339 3.80 -65.70 -35.11
CA ALA K 339 4.71 -65.78 -33.99
C ALA K 339 4.65 -64.47 -33.20
N LYS K 340 4.73 -63.33 -33.85
CA LYS K 340 4.67 -62.09 -33.09
C LYS K 340 3.32 -61.76 -32.43
N TYR K 341 2.21 -61.95 -33.15
CA TYR K 341 0.88 -61.66 -32.61
C TYR K 341 -0.03 -62.71 -31.95
N ARG K 342 0.23 -63.99 -32.12
CA ARG K 342 -0.65 -65.01 -31.50
C ARG K 342 -0.54 -64.98 -29.97
N PRO K 343 0.70 -64.88 -29.45
CA PRO K 343 0.82 -64.87 -28.00
C PRO K 343 0.04 -63.68 -27.48
N ARG K 344 0.05 -62.59 -28.20
CA ARG K 344 -0.66 -61.39 -27.80
C ARG K 344 -2.17 -61.54 -27.83
N LEU K 345 -2.71 -62.18 -28.85
CA LEU K 345 -4.18 -62.37 -28.97
C LEU K 345 -4.85 -63.71 -28.59
N GLU K 346 -4.07 -64.66 -28.10
CA GLU K 346 -4.57 -65.98 -27.73
C GLU K 346 -5.66 -66.14 -26.67
N GLY K 347 -6.66 -66.93 -27.04
CA GLY K 347 -7.77 -67.19 -26.15
C GLY K 347 -8.81 -66.08 -26.00
N LYS K 348 -8.63 -65.00 -26.75
CA LYS K 348 -9.55 -63.88 -26.68
C LYS K 348 -10.86 -64.16 -27.46
N ARG K 349 -11.99 -63.93 -26.81
CA ARG K 349 -13.29 -64.16 -27.42
C ARG K 349 -13.74 -62.98 -28.27
N VAL K 350 -14.29 -63.30 -29.44
CA VAL K 350 -14.77 -62.29 -30.36
C VAL K 350 -16.22 -62.43 -30.78
N MET K 351 -16.89 -61.29 -30.88
CA MET K 351 -18.31 -61.17 -31.29
C MET K 351 -18.34 -60.30 -32.54
N LEU K 352 -19.03 -60.78 -33.56
CA LEU K 352 -19.13 -60.08 -34.81
C LEU K 352 -20.50 -59.84 -35.37
N TYR K 353 -20.77 -58.63 -35.87
CA TYR K 353 -22.05 -58.35 -36.50
C TYR K 353 -21.65 -57.57 -37.79
N ILE K 354 -22.05 -58.06 -38.95
CA ILE K 354 -21.74 -57.43 -40.23
C ILE K 354 -22.84 -57.88 -41.20
N GLY K 355 -23.01 -57.23 -42.32
CA GLY K 355 -24.07 -57.69 -43.20
C GLY K 355 -24.29 -58.94 -44.02
N GLY K 356 -23.30 -59.43 -44.74
CA GLY K 356 -23.57 -60.64 -45.52
C GLY K 356 -22.48 -61.66 -45.75
N LEU K 357 -21.27 -61.21 -46.07
CA LEU K 357 -20.16 -62.13 -46.29
C LEU K 357 -19.15 -62.34 -45.16
N ARG K 358 -18.83 -61.24 -44.51
CA ARG K 358 -17.85 -61.27 -43.47
C ARG K 358 -18.05 -61.97 -42.15
N PRO K 359 -19.30 -62.05 -41.66
CA PRO K 359 -19.38 -62.73 -40.35
C PRO K 359 -18.84 -64.15 -40.41
N ARG K 360 -19.18 -64.91 -41.45
CA ARG K 360 -18.65 -66.25 -41.58
C ARG K 360 -17.19 -66.29 -42.02
N HIS K 361 -16.84 -65.41 -42.99
CA HIS K 361 -15.50 -65.34 -43.56
C HIS K 361 -14.28 -64.98 -42.71
N VAL K 362 -14.36 -63.98 -41.86
CA VAL K 362 -13.21 -63.63 -41.06
C VAL K 362 -12.95 -64.57 -39.90
N ILE K 363 -13.74 -65.63 -39.78
CA ILE K 363 -13.56 -66.55 -38.67
C ILE K 363 -12.24 -67.26 -38.73
N GLY K 364 -11.86 -67.72 -39.88
CA GLY K 364 -10.59 -68.40 -40.00
C GLY K 364 -9.41 -67.55 -39.56
N ALA K 365 -9.39 -66.28 -39.98
CA ALA K 365 -8.29 -65.36 -39.64
C ALA K 365 -8.16 -65.15 -38.13
N TYR K 366 -9.28 -64.97 -37.45
CA TYR K 366 -9.31 -64.76 -36.00
C TYR K 366 -8.76 -66.04 -35.38
N GLU K 367 -9.19 -67.19 -35.87
CA GLU K 367 -8.72 -68.47 -35.32
C GLU K 367 -7.24 -68.64 -35.64
N ASP K 368 -6.79 -68.05 -36.73
CA ASP K 368 -5.40 -68.19 -37.11
C ASP K 368 -4.58 -67.45 -36.07
N LEU K 369 -5.21 -66.53 -35.37
CA LEU K 369 -4.55 -65.74 -34.33
C LEU K 369 -4.86 -66.31 -32.93
N GLY K 370 -5.58 -67.41 -32.88
CA GLY K 370 -5.92 -68.02 -31.60
C GLY K 370 -7.12 -67.44 -30.91
N MET K 371 -7.77 -66.52 -31.60
CA MET K 371 -8.95 -65.89 -31.06
C MET K 371 -10.12 -66.81 -31.38
N GLU K 372 -11.08 -66.84 -30.48
CA GLU K 372 -12.28 -67.67 -30.60
C GLU K 372 -13.49 -66.79 -30.88
N VAL K 373 -14.27 -67.13 -31.90
CA VAL K 373 -15.42 -66.28 -32.15
C VAL K 373 -16.62 -66.89 -31.45
N VAL K 374 -16.96 -66.27 -30.33
CA VAL K 374 -18.07 -66.69 -29.51
C VAL K 374 -19.41 -66.51 -30.17
N GLY K 375 -19.64 -65.39 -30.84
CA GLY K 375 -20.91 -65.21 -31.51
C GLY K 375 -20.74 -64.43 -32.81
N THR K 376 -21.69 -64.57 -33.73
CA THR K 376 -21.66 -63.90 -35.04
C THR K 376 -23.07 -63.74 -35.58
N GLY K 377 -23.27 -62.78 -36.47
CA GLY K 377 -24.59 -62.57 -37.01
C GLY K 377 -24.49 -61.90 -38.34
N TYR K 378 -25.64 -61.64 -38.96
CA TYR K 378 -25.70 -60.99 -40.28
C TYR K 378 -26.75 -59.91 -40.41
N GLU K 379 -26.40 -58.80 -41.06
CA GLU K 379 -27.37 -57.72 -41.25
C GLU K 379 -28.51 -58.08 -42.17
N PHE K 380 -28.16 -58.62 -43.33
CA PHE K 380 -29.17 -58.99 -44.29
C PHE K 380 -28.97 -60.28 -45.05
N ALA K 381 -28.26 -61.23 -44.45
CA ALA K 381 -28.00 -62.53 -45.08
C ALA K 381 -29.16 -63.54 -45.24
N HIS K 382 -29.17 -64.18 -46.40
CA HIS K 382 -30.14 -65.20 -46.75
C HIS K 382 -29.80 -66.49 -46.01
N ASN K 383 -30.69 -67.48 -46.06
CA ASN K 383 -30.46 -68.76 -45.39
C ASN K 383 -29.33 -69.58 -45.98
N ASP K 384 -29.04 -69.42 -47.27
CA ASP K 384 -27.96 -70.20 -47.86
C ASP K 384 -26.65 -69.73 -47.23
N ASP K 385 -26.65 -68.48 -46.83
CA ASP K 385 -25.52 -67.81 -46.19
C ASP K 385 -25.37 -68.49 -44.82
N TYR K 386 -26.50 -68.69 -44.15
CA TYR K 386 -26.56 -69.32 -42.82
C TYR K 386 -26.17 -70.80 -42.87
N ASP K 387 -26.41 -71.44 -44.01
CA ASP K 387 -26.09 -72.86 -44.19
C ASP K 387 -24.57 -72.94 -44.16
N ARG K 388 -23.92 -72.01 -44.84
CA ARG K 388 -22.47 -71.95 -44.90
C ARG K 388 -21.82 -71.55 -43.56
N THR K 389 -22.56 -70.76 -42.79
CA THR K 389 -22.12 -70.26 -41.50
C THR K 389 -21.94 -71.21 -40.32
N MET K 390 -22.86 -72.13 -40.10
CA MET K 390 -22.77 -73.04 -38.96
C MET K 390 -21.60 -74.02 -38.92
N LYS K 391 -21.10 -74.42 -40.06
CA LYS K 391 -19.98 -75.34 -40.08
C LYS K 391 -18.80 -74.52 -39.52
N GLU K 392 -18.66 -73.28 -39.95
CA GLU K 392 -17.58 -72.40 -39.52
C GLU K 392 -17.69 -72.03 -38.02
N MET K 393 -18.89 -71.70 -37.55
CA MET K 393 -19.14 -71.34 -36.14
C MET K 393 -19.00 -72.54 -35.19
N GLY K 394 -18.48 -72.30 -33.99
CA GLY K 394 -18.32 -73.38 -33.05
C GLY K 394 -19.66 -73.78 -32.44
N ASP K 395 -19.65 -74.82 -31.62
CA ASP K 395 -20.86 -75.29 -30.99
C ASP K 395 -21.34 -74.40 -29.86
N SER K 396 -22.66 -74.27 -29.78
CA SER K 396 -23.36 -73.48 -28.78
C SER K 396 -23.03 -71.99 -28.77
N THR K 397 -22.52 -71.53 -29.90
CA THR K 397 -22.17 -70.14 -30.08
C THR K 397 -23.44 -69.42 -30.49
N LEU K 398 -23.58 -68.15 -30.10
CA LEU K 398 -24.75 -67.37 -30.44
C LEU K 398 -24.79 -66.86 -31.89
N LEU K 399 -25.96 -66.99 -32.54
CA LEU K 399 -26.17 -66.55 -33.94
C LEU K 399 -27.38 -65.62 -34.01
N TYR K 400 -27.25 -64.47 -34.69
CA TYR K 400 -28.38 -63.55 -34.78
C TYR K 400 -28.57 -62.92 -36.14
N ASP K 401 -29.81 -62.83 -36.60
CA ASP K 401 -30.07 -62.23 -37.91
C ASP K 401 -30.89 -60.92 -37.76
N ASP K 402 -30.33 -59.85 -38.29
CA ASP K 402 -30.98 -58.56 -38.21
C ASP K 402 -31.13 -58.24 -36.72
N VAL K 403 -30.04 -58.34 -35.99
CA VAL K 403 -30.13 -58.07 -34.59
C VAL K 403 -30.41 -56.60 -34.43
N THR K 404 -31.28 -56.32 -33.46
CA THR K 404 -31.72 -54.97 -33.10
C THR K 404 -30.57 -54.46 -32.22
N GLY K 405 -30.54 -53.17 -32.02
CA GLY K 405 -29.50 -52.57 -31.19
C GLY K 405 -29.61 -53.04 -29.75
N TYR K 406 -30.82 -53.05 -29.21
CA TYR K 406 -31.09 -53.46 -27.84
C TYR K 406 -30.65 -54.90 -27.57
N GLU K 407 -30.96 -55.80 -28.51
CA GLU K 407 -30.63 -57.21 -28.41
C GLU K 407 -29.13 -57.36 -28.38
N PHE K 408 -28.48 -56.62 -29.24
CA PHE K 408 -27.01 -56.66 -29.33
C PHE K 408 -26.31 -56.21 -28.05
N GLU K 409 -26.77 -55.14 -27.43
CA GLU K 409 -26.13 -54.65 -26.22
C GLU K 409 -26.32 -55.66 -25.10
N GLU K 410 -27.52 -56.18 -24.99
CA GLU K 410 -27.82 -57.16 -23.97
C GLU K 410 -26.99 -58.43 -24.18
N PHE K 411 -26.88 -58.92 -25.40
CA PHE K 411 -26.11 -60.13 -25.65
C PHE K 411 -24.65 -59.93 -25.23
N VAL K 412 -24.09 -58.79 -25.59
CA VAL K 412 -22.71 -58.43 -25.31
C VAL K 412 -22.47 -58.27 -23.81
N LYS K 413 -23.46 -57.70 -23.09
CA LYS K 413 -23.27 -57.51 -21.66
C LYS K 413 -23.19 -58.89 -21.02
N ARG K 414 -24.06 -59.80 -21.39
CA ARG K 414 -23.99 -61.16 -20.84
C ARG K 414 -22.80 -62.01 -21.24
N ILE K 415 -22.52 -62.05 -22.52
CA ILE K 415 -21.41 -62.81 -23.10
C ILE K 415 -20.06 -62.27 -22.73
N LYS K 416 -19.97 -60.95 -22.73
CA LYS K 416 -18.73 -60.34 -22.37
C LYS K 416 -17.47 -60.62 -23.17
N PRO K 417 -17.55 -60.45 -24.48
CA PRO K 417 -16.44 -60.69 -25.39
C PRO K 417 -15.34 -59.66 -25.18
N ASP K 418 -14.11 -60.09 -25.39
CA ASP K 418 -12.92 -59.27 -25.28
C ASP K 418 -12.91 -58.22 -26.39
N LEU K 419 -13.27 -58.61 -27.62
CA LEU K 419 -13.30 -57.67 -28.74
C LEU K 419 -14.56 -57.90 -29.58
N ILE K 420 -15.07 -56.80 -30.15
CA ILE K 420 -16.27 -56.82 -31.00
C ILE K 420 -16.01 -56.24 -32.39
N GLY K 421 -16.29 -57.00 -33.44
CA GLY K 421 -16.07 -56.45 -34.78
C GLY K 421 -17.48 -56.16 -35.33
N SER K 422 -17.69 -54.92 -35.72
CA SER K 422 -18.96 -54.48 -36.25
C SER K 422 -18.82 -53.18 -37.00
N GLY K 423 -19.94 -52.60 -37.39
CA GLY K 423 -19.91 -51.35 -38.13
C GLY K 423 -19.81 -50.05 -37.28
N ILE K 424 -19.93 -48.91 -37.96
CA ILE K 424 -19.84 -47.59 -37.38
C ILE K 424 -20.95 -47.29 -36.46
N LYS K 425 -22.18 -47.65 -36.78
CA LYS K 425 -23.21 -47.29 -35.84
C LYS K 425 -22.97 -47.96 -34.48
N GLU K 426 -22.63 -49.24 -34.49
CA GLU K 426 -22.37 -50.04 -33.30
C GLU K 426 -21.12 -49.72 -32.50
N LYS K 427 -20.10 -49.19 -33.13
CA LYS K 427 -18.81 -48.89 -32.47
C LYS K 427 -18.67 -47.94 -31.29
N PHE K 428 -19.30 -46.78 -31.35
CA PHE K 428 -19.17 -45.88 -30.23
C PHE K 428 -19.86 -46.34 -28.91
N ILE K 429 -20.92 -47.14 -29.03
CA ILE K 429 -21.64 -47.61 -27.86
C ILE K 429 -20.71 -48.54 -27.11
N PHE K 430 -20.05 -49.43 -27.82
CA PHE K 430 -19.15 -50.39 -27.20
C PHE K 430 -17.86 -49.87 -26.56
N GLN K 431 -17.29 -48.83 -27.15
CA GLN K 431 -16.07 -48.28 -26.61
C GLN K 431 -16.46 -47.65 -25.26
N LYS K 432 -17.63 -47.02 -25.21
CA LYS K 432 -18.04 -46.39 -23.98
C LYS K 432 -18.13 -47.51 -23.00
N MET K 433 -18.73 -48.61 -23.41
CA MET K 433 -18.85 -49.75 -22.53
C MET K 433 -17.47 -50.29 -22.10
N GLY K 434 -16.39 -49.84 -22.73
CA GLY K 434 -15.09 -50.35 -22.36
C GLY K 434 -14.57 -51.56 -23.14
N ILE K 435 -15.38 -52.06 -24.05
CA ILE K 435 -15.02 -53.22 -24.89
C ILE K 435 -14.32 -52.77 -26.17
N PRO K 436 -13.13 -53.30 -26.43
CA PRO K 436 -12.39 -52.94 -27.65
C PRO K 436 -13.24 -53.32 -28.86
N PHE K 437 -13.30 -52.36 -29.78
CA PHE K 437 -14.05 -52.42 -31.01
C PHE K 437 -13.25 -52.12 -32.24
N ARG K 438 -13.39 -52.98 -33.26
CA ARG K 438 -12.71 -52.88 -34.55
C ARG K 438 -13.82 -52.82 -35.57
N GLU K 439 -13.77 -51.88 -36.50
CA GLU K 439 -14.86 -51.83 -37.46
C GLU K 439 -14.57 -52.84 -38.58
N MET K 440 -15.49 -53.77 -38.79
CA MET K 440 -15.35 -54.75 -39.80
C MET K 440 -15.61 -54.29 -41.21
N HIS K 441 -16.54 -53.34 -41.37
CA HIS K 441 -16.83 -52.85 -42.70
C HIS K 441 -15.71 -52.06 -43.38
N SER K 442 -15.19 -51.06 -42.66
CA SER K 442 -14.14 -50.19 -43.21
C SER K 442 -12.75 -50.52 -42.81
N TRP K 443 -12.65 -51.60 -42.07
CA TRP K 443 -11.39 -52.07 -41.58
C TRP K 443 -10.82 -50.92 -40.79
N ASP K 444 -11.70 -50.12 -40.19
CA ASP K 444 -11.29 -48.99 -39.38
C ASP K 444 -10.25 -48.12 -40.04
N TYR K 445 -10.47 -47.85 -41.30
CA TYR K 445 -9.57 -47.05 -42.10
C TYR K 445 -8.14 -47.65 -42.23
N SER K 446 -8.03 -48.96 -42.09
CA SER K 446 -6.73 -49.56 -42.23
C SER K 446 -6.74 -50.50 -43.46
N GLY K 447 -6.38 -51.77 -43.29
CA GLY K 447 -6.37 -52.73 -44.39
C GLY K 447 -5.24 -52.58 -45.42
N PRO K 448 -5.30 -53.39 -46.47
CA PRO K 448 -6.30 -54.41 -46.73
C PRO K 448 -6.13 -55.59 -45.78
N TYR K 449 -7.23 -56.28 -45.52
CA TYR K 449 -7.17 -57.44 -44.65
C TYR K 449 -7.07 -58.76 -45.50
N HIS K 450 -7.29 -58.70 -46.81
CA HIS K 450 -7.22 -59.89 -47.67
C HIS K 450 -5.84 -60.32 -48.02
N GLY K 451 -5.70 -61.63 -48.14
CA GLY K 451 -4.42 -62.23 -48.50
C GLY K 451 -3.41 -62.27 -47.39
N PHE K 452 -2.20 -62.66 -47.74
CA PHE K 452 -1.06 -62.76 -46.84
C PHE K 452 -0.60 -61.39 -46.35
N ASP K 453 -0.53 -60.43 -47.27
CA ASP K 453 -0.10 -59.04 -47.00
C ASP K 453 -1.20 -58.42 -46.13
N GLY K 454 -2.44 -58.76 -46.43
CA GLY K 454 -3.59 -58.25 -45.68
C GLY K 454 -3.60 -58.80 -44.26
N PHE K 455 -3.19 -60.04 -44.10
CA PHE K 455 -3.17 -60.72 -42.79
C PHE K 455 -2.25 -60.02 -41.78
N ALA K 456 -1.08 -59.54 -42.19
CA ALA K 456 -0.13 -58.85 -41.25
C ALA K 456 -0.80 -57.60 -40.66
N ILE K 457 -1.50 -56.84 -41.50
CA ILE K 457 -2.18 -55.63 -41.10
C ILE K 457 -3.29 -56.05 -40.15
N PHE K 458 -4.02 -57.11 -40.45
CA PHE K 458 -5.11 -57.57 -39.60
C PHE K 458 -4.66 -58.02 -38.19
N ALA K 459 -3.59 -58.77 -38.11
CA ALA K 459 -3.13 -59.25 -36.82
C ALA K 459 -2.67 -58.07 -36.02
N ARG K 460 -1.94 -57.19 -36.69
CA ARG K 460 -1.41 -55.98 -36.06
C ARG K 460 -2.57 -55.10 -35.54
N ASP K 461 -3.64 -54.97 -36.32
CA ASP K 461 -4.80 -54.17 -35.97
C ASP K 461 -5.56 -54.76 -34.80
N MET K 462 -5.77 -56.07 -34.78
CA MET K 462 -6.50 -56.67 -33.65
C MET K 462 -5.66 -56.48 -32.41
N ASP K 463 -4.36 -56.71 -32.52
CA ASP K 463 -3.49 -56.54 -31.38
C ASP K 463 -3.43 -55.09 -30.83
N MET K 464 -3.31 -54.06 -31.69
CA MET K 464 -3.24 -52.71 -31.12
C MET K 464 -4.53 -52.30 -30.43
N THR K 465 -5.67 -52.57 -31.05
CA THR K 465 -6.93 -52.23 -30.44
C THR K 465 -7.26 -53.03 -29.19
N LEU K 466 -7.04 -54.34 -29.25
CA LEU K 466 -7.38 -55.21 -28.12
C LEU K 466 -6.53 -54.94 -26.90
N ASN K 467 -5.24 -54.72 -27.15
CA ASN K 467 -4.31 -54.47 -26.08
C ASN K 467 -3.91 -53.00 -25.83
N ASN K 468 -4.64 -52.08 -26.43
CA ASN K 468 -4.31 -50.69 -26.25
C ASN K 468 -4.49 -50.30 -24.79
N PRO K 469 -3.57 -49.48 -24.26
CA PRO K 469 -3.54 -48.98 -22.89
C PRO K 469 -4.77 -48.17 -22.44
N CYS K 470 -5.54 -47.69 -23.38
CA CYS K 470 -6.71 -46.91 -23.01
C CYS K 470 -7.81 -47.74 -22.29
N TRP K 471 -7.91 -49.03 -22.52
CA TRP K 471 -8.97 -49.81 -21.86
C TRP K 471 -8.81 -49.98 -20.34
N LYS K 472 -7.59 -49.95 -19.85
CA LYS K 472 -7.26 -50.09 -18.43
C LYS K 472 -7.79 -48.82 -17.71
N LYS K 473 -7.62 -47.67 -18.35
CA LYS K 473 -8.03 -46.36 -17.82
C LYS K 473 -9.48 -45.92 -17.62
N LEU K 474 -10.47 -46.71 -18.01
CA LEU K 474 -11.86 -46.24 -17.81
C LEU K 474 -12.47 -45.97 -16.43
N GLN K 475 -12.29 -46.80 -15.41
CA GLN K 475 -12.90 -46.45 -14.11
C GLN K 475 -12.03 -45.39 -13.40
N ALA K 476 -12.62 -44.36 -12.80
CA ALA K 476 -11.82 -43.34 -12.13
C ALA K 476 -11.19 -43.98 -10.91
N PRO K 477 -9.94 -43.60 -10.56
CA PRO K 477 -9.20 -44.13 -9.42
C PRO K 477 -9.94 -43.90 -8.13
N TRP K 478 -10.64 -42.78 -8.04
CA TRP K 478 -11.34 -42.53 -6.80
C TRP K 478 -12.65 -43.26 -6.88
N GLU K 479 -12.51 -44.58 -6.91
CA GLU K 479 -13.63 -45.51 -6.99
C GLU K 479 -14.59 -45.30 -8.16
N SER L 1 4.40 -58.40 -50.18
CA SER L 1 5.29 -58.92 -49.08
C SER L 1 5.30 -57.95 -47.92
N GLN L 2 5.41 -58.43 -46.69
CA GLN L 2 5.44 -57.53 -45.54
C GLN L 2 6.54 -57.81 -44.53
N GLN L 3 7.32 -56.80 -44.16
CA GLN L 3 8.35 -57.07 -43.16
C GLN L 3 7.51 -57.06 -41.89
N VAL L 4 7.66 -58.04 -41.02
CA VAL L 4 6.85 -58.03 -39.81
C VAL L 4 7.22 -56.90 -38.84
N ASP L 5 8.46 -56.45 -38.90
CA ASP L 5 8.89 -55.38 -38.03
C ASP L 5 8.17 -54.13 -38.43
N LYS L 6 8.07 -53.82 -39.72
CA LYS L 6 7.34 -52.59 -40.07
C LYS L 6 6.34 -52.99 -41.12
N ILE L 7 5.11 -53.16 -40.70
CA ILE L 7 4.05 -53.54 -41.58
C ILE L 7 3.61 -52.31 -42.32
N LYS L 8 3.19 -52.47 -43.56
CA LYS L 8 2.73 -51.37 -44.38
C LYS L 8 1.24 -51.48 -44.63
N ALA L 9 0.54 -50.37 -44.43
CA ALA L 9 -0.91 -50.26 -44.63
C ALA L 9 -1.10 -50.00 -46.13
N SER L 10 -2.33 -49.77 -46.60
CA SER L 10 -2.58 -49.56 -48.04
C SER L 10 -1.52 -48.62 -48.56
N TYR L 11 -1.26 -47.59 -47.80
CA TYR L 11 -0.26 -46.61 -48.19
C TYR L 11 0.78 -46.82 -47.12
N PRO L 12 2.03 -47.08 -47.49
CA PRO L 12 2.63 -47.21 -48.80
C PRO L 12 2.82 -48.64 -49.32
N LEU L 13 1.91 -49.53 -48.97
CA LEU L 13 2.06 -50.90 -49.42
C LEU L 13 1.89 -51.03 -50.92
N PHE L 14 0.88 -50.42 -51.49
CA PHE L 14 0.66 -50.49 -52.91
C PHE L 14 1.73 -49.75 -53.74
N LEU L 15 2.63 -49.09 -53.03
CA LEU L 15 3.69 -48.30 -53.63
C LEU L 15 4.86 -49.17 -53.94
N ASP L 16 4.76 -50.41 -53.50
CA ASP L 16 5.79 -51.42 -53.70
C ASP L 16 5.84 -51.76 -55.17
N GLN L 17 7.02 -52.12 -55.64
CA GLN L 17 7.23 -52.44 -57.04
C GLN L 17 6.41 -53.57 -57.60
N ASP L 18 6.23 -54.67 -56.89
CA ASP L 18 5.43 -55.82 -57.42
C ASP L 18 4.00 -55.36 -57.71
N TYR L 19 3.45 -54.59 -56.79
CA TYR L 19 2.08 -54.04 -56.87
C TYR L 19 1.98 -53.01 -58.01
N LYS L 20 2.98 -52.16 -58.13
CA LYS L 20 2.99 -51.15 -59.16
C LYS L 20 2.98 -51.86 -60.52
N ASP L 21 3.78 -52.89 -60.66
CA ASP L 21 3.85 -53.62 -61.91
C ASP L 21 2.49 -54.28 -62.17
N MET L 22 1.89 -54.81 -61.13
CA MET L 22 0.61 -55.48 -61.27
C MET L 22 -0.50 -54.56 -61.72
N LEU L 23 -0.56 -53.39 -61.13
CA LEU L 23 -1.58 -52.42 -61.45
C LEU L 23 -1.45 -51.97 -62.88
N ALA L 24 -0.22 -51.70 -63.29
CA ALA L 24 0.05 -51.25 -64.65
C ALA L 24 -0.40 -52.33 -65.61
N LYS L 25 -0.09 -53.57 -65.31
CA LYS L 25 -0.49 -54.65 -66.18
C LYS L 25 -1.99 -54.65 -66.28
N LYS L 26 -2.64 -54.49 -65.15
CA LYS L 26 -4.08 -54.48 -65.08
C LYS L 26 -4.59 -53.30 -65.88
N ARG L 27 -3.97 -52.15 -65.74
CA ARG L 27 -4.48 -51.01 -66.47
C ARG L 27 -4.27 -51.20 -67.97
N ASP L 28 -3.08 -51.65 -68.39
CA ASP L 28 -2.80 -51.86 -69.82
C ASP L 28 -3.60 -53.04 -70.40
N GLY L 29 -3.63 -54.11 -69.64
CA GLY L 29 -4.36 -55.28 -70.07
C GLY L 29 -5.85 -55.32 -70.19
N PHE L 30 -6.61 -54.80 -69.20
CA PHE L 30 -8.08 -54.86 -69.31
C PHE L 30 -8.92 -53.61 -69.04
N GLU L 31 -8.28 -52.53 -68.59
CA GLU L 31 -8.96 -51.26 -68.30
C GLU L 31 -9.34 -50.39 -69.53
N GLU L 32 -8.63 -50.55 -70.66
CA GLU L 32 -8.94 -49.78 -71.88
C GLU L 32 -8.99 -48.30 -71.55
N LYS L 33 -8.06 -47.87 -70.73
CA LYS L 33 -7.94 -46.50 -70.28
C LYS L 33 -7.53 -45.57 -71.40
N TYR L 34 -8.01 -44.34 -71.33
CA TYR L 34 -7.72 -43.30 -72.31
C TYR L 34 -6.27 -42.99 -72.02
N PRO L 35 -5.54 -42.52 -73.04
CA PRO L 35 -4.12 -42.21 -72.87
C PRO L 35 -3.94 -41.16 -71.81
N GLN L 36 -2.77 -41.13 -71.22
CA GLN L 36 -2.47 -40.18 -70.14
C GLN L 36 -2.42 -38.76 -70.65
N ASP L 37 -2.05 -38.62 -71.91
CA ASP L 37 -1.94 -37.34 -72.56
C ASP L 37 -3.38 -36.82 -72.68
N LYS L 38 -4.31 -37.68 -73.07
CA LYS L 38 -5.71 -37.28 -73.22
C LYS L 38 -6.26 -36.91 -71.85
N ILE L 39 -5.92 -37.70 -70.85
CA ILE L 39 -6.41 -37.44 -69.51
C ILE L 39 -5.83 -36.07 -69.12
N ASP L 40 -4.56 -35.84 -69.41
CA ASP L 40 -3.94 -34.57 -69.08
C ASP L 40 -4.61 -33.42 -69.82
N GLU L 41 -4.90 -33.61 -71.10
CA GLU L 41 -5.53 -32.60 -71.94
C GLU L 41 -6.89 -32.25 -71.34
N VAL L 42 -7.64 -33.26 -70.93
CA VAL L 42 -8.94 -33.03 -70.35
C VAL L 42 -8.91 -32.34 -68.99
N PHE L 43 -7.91 -32.70 -68.20
CA PHE L 43 -7.78 -32.11 -66.87
C PHE L 43 -7.44 -30.65 -66.95
N GLN L 44 -6.54 -30.26 -67.83
CA GLN L 44 -6.13 -28.86 -67.97
C GLN L 44 -7.37 -28.09 -68.47
N TRP L 45 -8.23 -28.76 -69.25
CA TRP L 45 -9.44 -28.14 -69.79
C TRP L 45 -10.39 -27.72 -68.68
N THR L 46 -10.57 -28.57 -67.68
CA THR L 46 -11.49 -28.24 -66.57
C THR L 46 -10.99 -27.09 -65.73
N THR L 47 -9.68 -26.86 -65.70
CA THR L 47 -9.15 -25.75 -64.91
C THR L 47 -9.42 -24.42 -65.62
N THR L 48 -9.82 -24.48 -66.88
CA THR L 48 -10.08 -23.25 -67.65
C THR L 48 -11.42 -22.54 -67.47
N LYS L 49 -11.41 -21.29 -67.93
CA LYS L 49 -12.50 -20.32 -67.91
C LYS L 49 -13.60 -20.81 -68.86
N GLU L 50 -13.22 -21.36 -70.00
CA GLU L 50 -14.19 -21.85 -70.98
C GLU L 50 -15.04 -22.94 -70.34
N TYR L 51 -14.41 -23.85 -69.60
CA TYR L 51 -15.09 -24.94 -68.93
C TYR L 51 -15.99 -24.41 -67.84
N GLN L 52 -15.56 -23.38 -67.14
CA GLN L 52 -16.34 -22.81 -66.03
C GLN L 52 -17.67 -22.34 -66.57
N GLU L 53 -17.68 -21.73 -67.75
CA GLU L 53 -18.93 -21.25 -68.32
C GLU L 53 -19.91 -22.36 -68.61
N LEU L 54 -19.44 -23.46 -69.17
CA LEU L 54 -20.28 -24.62 -69.49
C LEU L 54 -20.73 -25.20 -68.16
N ASN L 55 -19.81 -25.23 -67.21
CA ASN L 55 -20.10 -25.77 -65.91
C ASN L 55 -21.14 -24.91 -65.20
N PHE L 56 -21.01 -23.59 -65.26
CA PHE L 56 -21.97 -22.73 -64.60
C PHE L 56 -23.31 -22.63 -65.34
N GLN L 57 -23.33 -23.13 -66.58
CA GLN L 57 -24.54 -23.16 -67.44
C GLN L 57 -25.55 -24.28 -67.06
N ARG L 58 -25.14 -25.22 -66.21
CA ARG L 58 -25.99 -26.36 -65.81
C ARG L 58 -27.28 -26.00 -65.13
N GLU L 59 -28.32 -26.65 -65.62
CA GLU L 59 -29.63 -26.44 -65.08
C GLU L 59 -30.19 -27.71 -64.45
N ALA L 60 -29.68 -28.88 -64.81
CA ALA L 60 -30.24 -30.09 -64.22
C ALA L 60 -29.37 -31.04 -63.41
N LEU L 61 -28.06 -30.95 -63.58
CA LEU L 61 -27.11 -31.81 -62.89
C LEU L 61 -26.31 -31.13 -61.76
N THR L 62 -26.38 -31.72 -60.58
CA THR L 62 -25.70 -31.21 -59.40
C THR L 62 -24.53 -32.16 -59.16
N VAL L 63 -23.35 -31.59 -58.96
CA VAL L 63 -22.17 -32.38 -58.71
C VAL L 63 -21.58 -32.04 -57.35
N ASN L 64 -21.39 -33.00 -56.45
CA ASN L 64 -20.84 -32.61 -55.15
C ASN L 64 -21.54 -31.49 -54.34
N PRO L 65 -22.81 -31.72 -53.99
CA PRO L 65 -23.58 -30.74 -53.20
C PRO L 65 -22.99 -30.45 -51.80
N ALA L 66 -23.31 -29.27 -51.28
CA ALA L 66 -22.92 -28.73 -50.01
C ALA L 66 -24.11 -28.72 -49.05
N LYS L 67 -25.14 -29.48 -49.40
CA LYS L 67 -26.36 -29.57 -48.59
C LYS L 67 -26.81 -31.01 -48.41
N ALA L 68 -27.56 -31.28 -47.35
CA ALA L 68 -28.07 -32.62 -47.06
C ALA L 68 -29.61 -32.51 -46.88
N CYS L 69 -30.31 -33.64 -46.73
CA CYS L 69 -31.77 -33.61 -46.58
C CYS L 69 -32.40 -33.19 -45.22
N GLN L 70 -33.71 -33.03 -45.20
CA GLN L 70 -34.39 -32.61 -43.98
C GLN L 70 -34.40 -33.46 -42.73
N PRO L 71 -34.63 -34.76 -42.84
CA PRO L 71 -34.68 -35.61 -41.64
C PRO L 71 -33.40 -35.58 -40.83
N LEU L 72 -32.28 -35.22 -41.46
CA LEU L 72 -30.99 -35.16 -40.75
C LEU L 72 -31.13 -33.99 -39.76
N GLY L 73 -31.70 -32.89 -40.28
CA GLY L 73 -31.95 -31.68 -39.52
C GLY L 73 -32.95 -32.02 -38.41
N ALA L 74 -33.98 -32.80 -38.72
CA ALA L 74 -35.01 -33.19 -37.76
C ALA L 74 -34.46 -34.15 -36.66
N VAL L 75 -33.64 -35.13 -37.03
CA VAL L 75 -33.10 -36.08 -36.07
C VAL L 75 -32.20 -35.33 -35.06
N LEU L 76 -31.36 -34.41 -35.54
CA LEU L 76 -30.46 -33.64 -34.70
C LEU L 76 -31.22 -32.82 -33.69
N CYS L 77 -32.29 -32.19 -34.13
CA CYS L 77 -33.08 -31.36 -33.24
C CYS L 77 -33.78 -32.22 -32.16
N ALA L 78 -34.29 -33.37 -32.57
CA ALA L 78 -34.99 -34.28 -31.68
C ALA L 78 -34.02 -34.74 -30.62
N LEU L 79 -32.75 -34.78 -30.99
CA LEU L 79 -31.73 -35.22 -30.07
C LEU L 79 -31.55 -34.21 -28.92
N GLY L 80 -31.86 -32.94 -29.18
CA GLY L 80 -31.75 -31.91 -28.16
C GLY L 80 -32.58 -32.06 -26.88
N PHE L 81 -33.71 -32.76 -26.99
CA PHE L 81 -34.65 -33.02 -25.87
C PHE L 81 -34.38 -34.17 -24.93
N GLU L 82 -34.65 -33.97 -23.65
CA GLU L 82 -34.39 -35.04 -22.67
C GLU L 82 -35.14 -36.37 -22.82
N LYS L 83 -34.37 -37.47 -22.74
CA LYS L 83 -34.91 -38.82 -22.87
C LYS L 83 -35.76 -38.90 -24.12
N THR L 84 -35.36 -38.22 -25.16
CA THR L 84 -36.11 -38.23 -26.39
C THR L 84 -35.42 -39.06 -27.46
N MET L 85 -36.20 -39.91 -28.12
CA MET L 85 -35.73 -40.78 -29.19
C MET L 85 -36.13 -40.22 -30.56
N PRO L 86 -35.16 -39.98 -31.45
CA PRO L 86 -35.67 -39.46 -32.74
C PRO L 86 -36.34 -40.64 -33.43
N TYR L 87 -37.47 -40.40 -34.08
CA TYR L 87 -38.18 -41.46 -34.79
C TYR L 87 -38.49 -40.97 -36.20
N VAL L 88 -38.05 -41.68 -37.22
CA VAL L 88 -38.34 -41.22 -38.58
C VAL L 88 -39.28 -42.22 -39.26
N HIS L 89 -40.40 -41.68 -39.71
CA HIS L 89 -41.46 -42.43 -40.38
C HIS L 89 -41.04 -42.51 -41.84
N GLY L 90 -40.97 -43.73 -42.35
CA GLY L 90 -40.57 -43.90 -43.73
C GLY L 90 -39.63 -45.09 -43.85
N SER L 91 -38.84 -45.12 -44.91
CA SER L 91 -37.89 -46.21 -45.15
C SER L 91 -36.67 -46.11 -44.24
N GLN L 92 -36.16 -47.28 -43.85
CA GLN L 92 -34.99 -47.44 -42.98
C GLN L 92 -33.60 -47.08 -43.43
N GLY L 93 -33.34 -47.14 -44.73
CA GLY L 93 -32.01 -46.83 -45.27
C GLY L 93 -31.62 -45.42 -44.93
N CYS L 94 -32.59 -44.54 -44.77
CA CYS L 94 -32.37 -43.15 -44.44
C CYS L 94 -31.80 -43.03 -43.02
N VAL L 95 -32.37 -43.78 -42.10
CA VAL L 95 -31.95 -43.75 -40.70
C VAL L 95 -30.51 -44.25 -40.60
N ALA L 96 -30.18 -45.32 -41.32
CA ALA L 96 -28.83 -45.87 -41.28
C ALA L 96 -27.86 -44.78 -41.72
N TYR L 97 -28.22 -44.07 -42.78
CA TYR L 97 -27.36 -42.99 -43.30
C TYR L 97 -27.27 -41.81 -42.29
N PHE L 98 -28.37 -41.43 -41.69
CA PHE L 98 -28.29 -40.32 -40.77
C PHE L 98 -27.40 -40.72 -39.59
N ARG L 99 -27.57 -41.90 -39.05
CA ARG L 99 -26.74 -42.23 -37.92
C ARG L 99 -25.28 -42.26 -38.29
N SER L 100 -24.98 -42.86 -39.41
CA SER L 100 -23.59 -42.93 -39.80
C SER L 100 -22.98 -41.55 -40.05
N TYR L 101 -23.71 -40.65 -40.75
CA TYR L 101 -23.20 -39.31 -41.08
C TYR L 101 -22.95 -38.62 -39.76
N PHE L 102 -23.85 -38.73 -38.82
CA PHE L 102 -23.67 -38.12 -37.51
C PHE L 102 -22.55 -38.78 -36.70
N ASN L 103 -22.49 -40.12 -36.77
CA ASN L 103 -21.48 -40.88 -36.03
C ASN L 103 -20.09 -40.47 -36.46
N ARG L 104 -19.89 -40.32 -37.74
CA ARG L 104 -18.58 -39.95 -38.18
C ARG L 104 -18.20 -38.57 -37.77
N HIS L 105 -19.12 -37.62 -37.91
CA HIS L 105 -18.76 -36.25 -37.51
C HIS L 105 -18.56 -36.09 -36.01
N PHE L 106 -19.46 -36.67 -35.21
CA PHE L 106 -19.34 -36.55 -33.75
C PHE L 106 -18.55 -37.66 -33.06
N ARG L 107 -18.25 -38.75 -33.79
CA ARG L 107 -17.48 -39.87 -33.22
C ARG L 107 -18.10 -40.32 -31.88
N GLU L 108 -19.42 -40.24 -31.88
CA GLU L 108 -20.25 -40.59 -30.75
C GLU L 108 -21.47 -41.38 -31.21
N PRO L 109 -22.05 -42.18 -30.31
CA PRO L 109 -23.21 -42.90 -30.81
C PRO L 109 -24.36 -42.00 -31.09
N VAL L 110 -25.17 -42.33 -32.10
CA VAL L 110 -26.34 -41.54 -32.44
C VAL L 110 -27.54 -42.51 -32.41
N SER L 111 -28.54 -42.22 -31.58
CA SER L 111 -29.70 -43.10 -31.49
C SER L 111 -30.87 -42.62 -32.35
N CYS L 112 -31.31 -43.48 -33.25
CA CYS L 112 -32.41 -43.12 -34.12
C CYS L 112 -33.14 -44.34 -34.56
N VAL L 113 -34.44 -44.23 -34.78
CA VAL L 113 -35.24 -45.40 -35.20
C VAL L 113 -36.17 -45.13 -36.40
N SER L 114 -36.51 -46.21 -37.08
CA SER L 114 -37.39 -46.09 -38.23
C SER L 114 -38.56 -47.11 -38.09
N ASP L 115 -39.69 -46.80 -38.72
CA ASP L 115 -40.86 -47.68 -38.68
C ASP L 115 -40.74 -48.69 -39.82
N SER L 116 -39.69 -48.51 -40.61
CA SER L 116 -39.41 -49.41 -41.70
C SER L 116 -40.42 -49.67 -42.77
N MET L 117 -40.97 -48.63 -43.38
CA MET L 117 -41.96 -48.80 -44.42
C MET L 117 -41.35 -49.41 -45.68
N THR L 118 -42.03 -50.47 -46.15
CA THR L 118 -41.75 -51.30 -47.34
C THR L 118 -42.57 -50.99 -48.58
N GLU L 119 -42.37 -51.80 -49.61
CA GLU L 119 -43.04 -51.68 -50.89
C GLU L 119 -44.51 -51.84 -50.62
N ASP L 120 -44.85 -52.82 -49.80
CA ASP L 120 -46.23 -53.11 -49.45
C ASP L 120 -46.78 -51.95 -48.67
N ALA L 121 -45.95 -51.40 -47.82
CA ALA L 121 -46.34 -50.28 -46.99
C ALA L 121 -46.59 -49.12 -47.94
N ALA L 122 -45.96 -49.11 -49.10
CA ALA L 122 -46.19 -47.99 -50.01
C ALA L 122 -47.60 -48.00 -50.54
N VAL L 123 -48.15 -49.13 -50.96
CA VAL L 123 -49.52 -49.11 -51.45
C VAL L 123 -50.58 -48.81 -50.36
N PHE L 124 -50.56 -49.53 -49.23
CA PHE L 124 -51.49 -49.35 -48.10
C PHE L 124 -51.41 -48.06 -47.30
N GLY L 125 -50.19 -47.66 -46.97
CA GLY L 125 -49.98 -46.45 -46.20
C GLY L 125 -49.08 -46.80 -45.04
N GLY L 126 -48.71 -45.79 -44.28
CA GLY L 126 -47.82 -45.92 -43.13
C GLY L 126 -48.43 -46.16 -41.78
N GLN L 127 -49.72 -46.48 -41.74
CA GLN L 127 -50.45 -46.69 -40.49
C GLN L 127 -50.02 -47.84 -39.58
N GLN L 128 -49.75 -49.02 -40.11
CA GLN L 128 -49.34 -50.15 -39.29
C GLN L 128 -47.95 -49.99 -38.66
N ASN L 129 -47.03 -49.50 -39.46
CA ASN L 129 -45.63 -49.26 -39.12
C ASN L 129 -45.60 -48.24 -38.00
N MET L 130 -46.44 -47.22 -38.11
CA MET L 130 -46.48 -46.20 -37.10
C MET L 130 -47.01 -46.77 -35.78
N LYS L 131 -48.08 -47.57 -35.77
CA LYS L 131 -48.59 -48.12 -34.50
C LYS L 131 -47.62 -49.13 -33.86
N ASP L 132 -47.11 -50.05 -34.67
CA ASP L 132 -46.16 -51.06 -34.22
C ASP L 132 -44.84 -50.40 -33.86
N GLY L 133 -44.40 -49.48 -34.74
CA GLY L 133 -43.16 -48.77 -34.53
C GLY L 133 -43.19 -47.96 -33.24
N LEU L 134 -44.28 -47.25 -32.99
CA LEU L 134 -44.39 -46.44 -31.77
C LEU L 134 -44.43 -47.40 -30.58
N GLN L 135 -45.19 -48.46 -30.70
CA GLN L 135 -45.28 -49.39 -29.61
C GLN L 135 -43.97 -50.12 -29.33
N ASN L 136 -43.31 -50.58 -30.37
CA ASN L 136 -42.06 -51.31 -30.20
C ASN L 136 -40.91 -50.47 -29.64
N CYS L 137 -40.78 -49.28 -30.19
CA CYS L 137 -39.73 -48.34 -29.81
C CYS L 137 -39.89 -47.96 -28.37
N LYS L 138 -41.13 -47.69 -27.94
CA LYS L 138 -41.34 -47.29 -26.57
C LYS L 138 -41.02 -48.48 -25.65
N ALA L 139 -41.48 -49.67 -25.99
CA ALA L 139 -41.17 -50.76 -25.09
C ALA L 139 -39.68 -51.01 -25.04
N THR L 140 -39.02 -51.09 -26.20
CA THR L 140 -37.59 -51.32 -26.21
C THR L 140 -36.56 -50.28 -25.70
N TYR L 141 -36.74 -49.02 -26.09
CA TYR L 141 -35.79 -48.00 -25.65
C TYR L 141 -36.20 -47.08 -24.48
N LYS L 142 -37.43 -47.22 -24.01
CA LYS L 142 -37.92 -46.43 -22.89
C LYS L 142 -37.75 -44.93 -23.00
N PRO L 143 -37.88 -44.35 -24.20
CA PRO L 143 -37.72 -42.91 -24.36
C PRO L 143 -38.90 -42.20 -23.72
N ASP L 144 -38.68 -41.09 -23.04
CA ASP L 144 -39.76 -40.35 -22.43
C ASP L 144 -40.62 -39.75 -23.54
N MET L 145 -39.95 -39.28 -24.57
CA MET L 145 -40.60 -38.68 -25.71
C MET L 145 -40.07 -39.27 -27.00
N ILE L 146 -40.94 -39.36 -28.00
CA ILE L 146 -40.59 -39.88 -29.32
C ILE L 146 -40.96 -38.76 -30.27
N ALA L 147 -40.02 -38.27 -31.09
CA ALA L 147 -40.35 -37.17 -32.02
C ALA L 147 -40.31 -37.63 -33.45
N VAL L 148 -41.47 -37.58 -34.11
CA VAL L 148 -41.59 -38.02 -35.50
C VAL L 148 -41.31 -37.03 -36.63
N SER L 149 -40.54 -37.53 -37.58
CA SER L 149 -40.09 -36.84 -38.76
C SER L 149 -40.39 -37.82 -39.84
N THR L 150 -40.32 -37.41 -41.09
CA THR L 150 -40.61 -38.36 -42.16
C THR L 150 -39.63 -38.37 -43.34
N THR L 151 -39.43 -39.56 -43.93
CA THR L 151 -38.55 -39.73 -45.09
C THR L 151 -39.35 -39.41 -46.38
N CYS L 152 -38.66 -39.00 -47.45
CA CYS L 152 -39.36 -38.68 -48.68
C CYS L 152 -40.32 -39.73 -49.25
N MET L 153 -40.12 -41.01 -48.97
CA MET L 153 -41.05 -42.02 -49.51
C MET L 153 -42.40 -41.74 -48.87
N ALA L 154 -42.35 -41.49 -47.57
CA ALA L 154 -43.52 -41.20 -46.80
C ALA L 154 -44.12 -39.90 -47.29
N GLU L 155 -43.31 -38.90 -47.54
CA GLU L 155 -43.85 -37.64 -48.00
C GLU L 155 -44.54 -37.74 -49.33
N VAL L 156 -43.96 -38.46 -50.30
CA VAL L 156 -44.58 -38.59 -51.62
C VAL L 156 -45.88 -39.43 -51.52
N ILE L 157 -45.92 -40.54 -50.79
CA ILE L 157 -47.17 -41.31 -50.71
C ILE L 157 -48.20 -40.52 -49.92
N GLY L 158 -47.75 -39.57 -49.12
CA GLY L 158 -48.78 -38.83 -48.40
C GLY L 158 -49.38 -39.30 -47.10
N ASP L 159 -48.61 -40.03 -46.28
CA ASP L 159 -49.15 -40.51 -45.01
C ASP L 159 -49.41 -39.31 -44.13
N ASP L 160 -50.54 -39.37 -43.41
CA ASP L 160 -50.90 -38.27 -42.53
C ASP L 160 -50.29 -38.65 -41.17
N LEU L 161 -49.36 -37.84 -40.71
CA LEU L 161 -48.66 -38.06 -39.43
C LEU L 161 -49.51 -37.92 -38.19
N ASN L 162 -50.30 -36.86 -38.21
CA ASN L 162 -51.18 -36.49 -37.12
C ASN L 162 -52.28 -37.52 -36.95
N ALA L 163 -52.85 -37.97 -38.06
CA ALA L 163 -53.90 -38.96 -38.04
C ALA L 163 -53.35 -40.29 -37.56
N PHE L 164 -52.18 -40.64 -38.07
CA PHE L 164 -51.53 -41.90 -37.71
C PHE L 164 -51.15 -41.97 -36.26
N ILE L 165 -50.61 -40.89 -35.75
CA ILE L 165 -50.20 -40.85 -34.36
C ILE L 165 -51.41 -40.91 -33.41
N ASN L 166 -52.47 -40.19 -33.77
CA ASN L 166 -53.69 -40.15 -32.97
C ASN L 166 -54.35 -41.52 -32.97
N ASN L 167 -54.40 -42.18 -34.11
CA ASN L 167 -55.01 -43.50 -34.19
C ASN L 167 -54.17 -44.52 -33.42
N SER L 168 -52.89 -44.29 -33.32
CA SER L 168 -52.04 -45.21 -32.61
C SER L 168 -52.43 -45.16 -31.13
N LYS L 169 -52.61 -43.94 -30.63
CA LYS L 169 -52.99 -43.70 -29.24
C LYS L 169 -54.42 -44.19 -28.96
N LYS L 170 -55.29 -43.87 -29.91
CA LYS L 170 -56.71 -44.20 -29.89
C LYS L 170 -56.89 -45.72 -29.91
N GLU L 171 -56.13 -46.39 -30.74
CA GLU L 171 -56.23 -47.82 -30.84
C GLU L 171 -55.55 -48.45 -29.62
N GLY L 172 -54.80 -47.66 -28.84
CA GLY L 172 -54.13 -48.20 -27.67
C GLY L 172 -52.70 -48.70 -27.74
N PHE L 173 -52.02 -48.40 -28.83
CA PHE L 173 -50.64 -48.86 -29.02
C PHE L 173 -49.71 -48.17 -28.04
N ILE L 174 -49.87 -46.87 -27.86
CA ILE L 174 -49.06 -46.12 -26.95
C ILE L 174 -50.02 -45.27 -26.13
N PRO L 175 -49.61 -44.84 -24.92
CA PRO L 175 -50.51 -44.03 -24.10
C PRO L 175 -50.92 -42.72 -24.77
N ASP L 176 -52.06 -42.18 -24.35
CA ASP L 176 -52.61 -40.95 -24.88
C ASP L 176 -51.70 -39.81 -24.46
N GLU L 177 -51.33 -39.90 -23.19
CA GLU L 177 -50.46 -38.94 -22.53
C GLU L 177 -48.99 -38.91 -23.01
N PHE L 178 -48.48 -40.03 -23.54
CA PHE L 178 -47.09 -40.06 -24.00
C PHE L 178 -46.83 -39.03 -25.11
N PRO L 179 -45.83 -38.16 -24.90
CA PRO L 179 -45.53 -37.13 -25.91
C PRO L 179 -45.04 -37.63 -27.25
N VAL L 180 -45.69 -37.19 -28.32
CA VAL L 180 -45.32 -37.60 -29.67
C VAL L 180 -45.41 -36.45 -30.62
N PRO L 181 -44.53 -35.45 -30.48
CA PRO L 181 -44.56 -34.30 -31.40
C PRO L 181 -44.12 -34.89 -32.75
N PHE L 182 -44.65 -34.32 -33.83
CA PHE L 182 -44.30 -34.78 -35.19
C PHE L 182 -44.14 -33.63 -36.19
N ALA L 183 -43.27 -33.75 -37.17
CA ALA L 183 -43.13 -32.66 -38.14
C ALA L 183 -42.92 -33.31 -39.50
N HIS L 184 -43.60 -32.84 -40.54
CA HIS L 184 -43.38 -33.45 -41.86
C HIS L 184 -42.04 -32.91 -42.36
N THR L 185 -41.15 -33.76 -42.87
CA THR L 185 -39.89 -33.21 -43.33
C THR L 185 -39.45 -33.68 -44.71
N PRO L 186 -40.09 -33.11 -45.75
CA PRO L 186 -39.76 -33.47 -47.12
C PRO L 186 -38.33 -33.18 -47.49
N SER L 187 -37.66 -34.21 -47.99
CA SER L 187 -36.28 -34.12 -48.42
C SER L 187 -36.19 -33.23 -49.68
N PHE L 188 -37.18 -33.31 -50.58
CA PHE L 188 -37.09 -32.48 -51.79
C PHE L 188 -37.16 -31.00 -51.36
N VAL L 189 -38.06 -30.63 -50.45
CA VAL L 189 -38.08 -29.24 -50.04
C VAL L 189 -36.91 -28.95 -49.07
N GLY L 190 -36.29 -27.82 -49.26
CA GLY L 190 -35.18 -27.38 -48.44
C GLY L 190 -33.88 -28.09 -48.24
N SER L 191 -33.48 -28.22 -46.99
CA SER L 191 -32.21 -28.84 -46.56
C SER L 191 -32.38 -29.38 -45.15
N HIS L 192 -31.27 -29.81 -44.56
CA HIS L 192 -31.30 -30.36 -43.20
C HIS L 192 -31.64 -29.21 -42.24
N VAL L 193 -31.26 -27.99 -42.58
CA VAL L 193 -31.53 -26.81 -41.73
C VAL L 193 -33.04 -26.59 -41.66
N THR L 194 -33.73 -26.69 -42.79
CA THR L 194 -35.18 -26.51 -42.83
C THR L 194 -35.71 -27.72 -42.08
N GLY L 195 -35.13 -28.87 -42.30
CA GLY L 195 -35.58 -30.05 -41.59
C GLY L 195 -35.55 -29.78 -40.08
N TRP L 196 -34.48 -29.15 -39.61
CA TRP L 196 -34.30 -28.85 -38.18
C TRP L 196 -35.38 -27.86 -37.73
N ASP L 197 -35.63 -26.84 -38.56
CA ASP L 197 -36.61 -25.83 -38.23
C ASP L 197 -38.00 -26.43 -38.07
N ASN L 198 -38.39 -27.33 -38.96
CA ASN L 198 -39.70 -27.96 -38.89
C ASN L 198 -39.91 -28.82 -37.65
N MET L 199 -38.90 -29.63 -37.30
CA MET L 199 -38.98 -30.50 -36.15
C MET L 199 -39.14 -29.64 -34.92
N PHE L 200 -38.40 -28.54 -34.85
CA PHE L 200 -38.47 -27.66 -33.70
C PHE L 200 -39.80 -26.92 -33.54
N GLU L 201 -40.34 -26.40 -34.62
CA GLU L 201 -41.62 -25.67 -34.53
C GLU L 201 -42.63 -26.70 -34.09
N GLY L 202 -42.51 -27.90 -34.60
CA GLY L 202 -43.42 -28.97 -34.25
C GLY L 202 -43.33 -29.32 -32.77
N ILE L 203 -42.14 -29.43 -32.22
CA ILE L 203 -41.99 -29.77 -30.81
C ILE L 203 -42.51 -28.62 -29.94
N ALA L 204 -42.17 -27.41 -30.33
CA ALA L 204 -42.57 -26.18 -29.63
C ALA L 204 -44.07 -26.02 -29.68
N ARG L 205 -44.64 -26.27 -30.85
CA ARG L 205 -46.08 -26.16 -31.07
C ARG L 205 -46.82 -27.25 -30.26
N TYR L 206 -46.34 -28.48 -30.24
CA TYR L 206 -47.05 -29.54 -29.49
C TYR L 206 -47.15 -29.22 -28.01
N PHE L 207 -46.06 -28.87 -27.38
CA PHE L 207 -46.06 -28.55 -25.96
C PHE L 207 -46.82 -27.27 -25.54
N THR L 208 -46.63 -26.19 -26.27
CA THR L 208 -47.30 -24.93 -25.94
C THR L 208 -48.63 -24.46 -26.61
N LEU L 209 -49.11 -25.11 -27.67
CA LEU L 209 -50.35 -24.69 -28.35
C LEU L 209 -51.68 -24.80 -27.70
N LYS L 210 -51.92 -25.92 -27.04
CA LYS L 210 -53.20 -26.11 -26.38
C LYS L 210 -53.33 -25.14 -25.17
N SER L 211 -52.28 -24.99 -24.36
CA SER L 211 -52.39 -24.07 -23.23
C SER L 211 -51.57 -22.77 -23.37
N MET L 212 -52.27 -21.68 -23.63
CA MET L 212 -51.66 -20.36 -23.80
C MET L 212 -52.22 -19.27 -22.85
N ASP L 213 -53.39 -19.52 -22.29
CA ASP L 213 -54.07 -18.59 -21.41
C ASP L 213 -53.33 -18.42 -20.11
N ASP L 214 -52.87 -19.54 -19.57
CA ASP L 214 -52.13 -19.55 -18.31
C ASP L 214 -50.81 -18.81 -18.63
N LYS L 215 -50.16 -19.10 -19.75
CA LYS L 215 -48.92 -18.41 -20.07
C LYS L 215 -49.02 -16.88 -20.23
N VAL L 216 -48.09 -16.19 -19.58
CA VAL L 216 -47.97 -14.75 -19.60
C VAL L 216 -46.50 -14.44 -19.92
N VAL L 217 -46.27 -13.61 -20.93
CA VAL L 217 -44.91 -13.28 -21.33
C VAL L 217 -44.09 -12.57 -20.28
N GLY L 218 -42.84 -13.02 -20.14
CA GLY L 218 -41.92 -12.44 -19.17
C GLY L 218 -42.15 -12.83 -17.72
N SER L 219 -43.12 -13.72 -17.49
CA SER L 219 -43.45 -14.16 -16.17
C SER L 219 -42.31 -14.99 -15.58
N ASN L 220 -41.71 -15.91 -16.34
CA ASN L 220 -40.59 -16.70 -15.79
C ASN L 220 -39.19 -16.01 -15.75
N LYS L 221 -39.06 -14.85 -16.41
CA LYS L 221 -37.81 -14.05 -16.48
C LYS L 221 -36.52 -14.73 -16.92
N LYS L 222 -36.64 -15.53 -17.97
CA LYS L 222 -35.55 -16.30 -18.57
C LYS L 222 -35.72 -15.97 -20.01
N ILE L 223 -34.65 -16.14 -20.75
CA ILE L 223 -34.68 -15.86 -22.16
C ILE L 223 -34.52 -17.19 -22.94
N ASN L 224 -35.46 -17.50 -23.83
CA ASN L 224 -35.35 -18.73 -24.62
C ASN L 224 -34.33 -18.52 -25.72
N ILE L 225 -33.42 -19.50 -25.88
CA ILE L 225 -32.39 -19.47 -26.91
C ILE L 225 -32.64 -20.67 -27.84
N VAL L 226 -32.79 -20.42 -29.14
CA VAL L 226 -33.00 -21.58 -29.99
C VAL L 226 -31.74 -21.61 -30.84
N PRO L 227 -30.92 -22.67 -30.66
CA PRO L 227 -29.67 -22.92 -31.35
C PRO L 227 -29.67 -23.14 -32.86
N GLY L 228 -30.70 -23.79 -33.35
CA GLY L 228 -30.75 -24.06 -34.77
C GLY L 228 -29.97 -25.33 -35.02
N PHE L 229 -29.60 -25.62 -36.25
CA PHE L 229 -28.88 -26.85 -36.50
C PHE L 229 -27.44 -26.55 -36.21
N GLU L 230 -26.91 -27.16 -35.16
CA GLU L 230 -25.53 -26.92 -34.77
C GLU L 230 -24.70 -28.19 -34.49
N THR L 231 -23.54 -28.27 -35.13
CA THR L 231 -22.64 -29.41 -34.94
C THR L 231 -21.34 -29.20 -34.16
N TYR L 232 -21.21 -28.06 -33.48
CA TYR L 232 -20.02 -27.73 -32.68
C TYR L 232 -20.54 -27.64 -31.26
N LEU L 233 -19.93 -28.43 -30.39
CA LEU L 233 -20.32 -28.49 -28.99
C LEU L 233 -19.98 -27.18 -28.29
N GLY L 234 -18.82 -26.62 -28.62
CA GLY L 234 -18.35 -25.38 -28.03
C GLY L 234 -19.37 -24.29 -28.12
N ASN L 235 -20.18 -24.31 -29.18
CA ASN L 235 -21.20 -23.30 -29.37
C ASN L 235 -22.30 -23.40 -28.31
N PHE L 236 -22.76 -24.61 -28.01
CA PHE L 236 -23.80 -24.79 -27.03
C PHE L 236 -23.22 -24.35 -25.70
N ARG L 237 -22.02 -24.79 -25.46
CA ARG L 237 -21.33 -24.47 -24.24
C ARG L 237 -21.05 -22.97 -24.11
N VAL L 238 -20.61 -22.30 -25.16
CA VAL L 238 -20.31 -20.85 -25.08
C VAL L 238 -21.52 -19.95 -24.85
N ILE L 239 -22.63 -20.28 -25.47
CA ILE L 239 -23.81 -19.47 -25.31
C ILE L 239 -24.27 -19.55 -23.85
N LYS L 240 -24.26 -20.76 -23.29
CA LYS L 240 -24.68 -20.97 -21.91
C LYS L 240 -23.71 -20.30 -20.93
N ARG L 241 -22.41 -20.42 -21.18
CA ARG L 241 -21.43 -19.83 -20.31
C ARG L 241 -21.56 -18.34 -20.20
N MET L 242 -21.74 -17.64 -21.32
CA MET L 242 -21.86 -16.17 -21.29
C MET L 242 -23.14 -15.75 -20.60
N LEU L 243 -24.25 -16.41 -20.89
CA LEU L 243 -25.49 -16.00 -20.22
C LEU L 243 -25.26 -16.21 -18.70
N SER L 244 -24.67 -17.33 -18.34
CA SER L 244 -24.38 -17.66 -16.96
C SER L 244 -23.49 -16.61 -16.37
N GLU L 245 -22.48 -16.18 -17.11
CA GLU L 245 -21.49 -15.16 -16.69
C GLU L 245 -22.23 -13.85 -16.43
N MET L 246 -23.14 -13.53 -17.33
CA MET L 246 -23.94 -12.32 -17.22
C MET L 246 -25.04 -12.43 -16.17
N GLY L 247 -25.30 -13.64 -15.67
CA GLY L 247 -26.35 -13.72 -14.66
C GLY L 247 -27.74 -13.78 -15.23
N VAL L 248 -27.85 -13.83 -16.55
CA VAL L 248 -29.14 -13.91 -17.20
C VAL L 248 -29.76 -15.30 -17.09
N GLY L 249 -31.02 -15.40 -16.71
CA GLY L 249 -31.64 -16.71 -16.63
C GLY L 249 -31.95 -17.14 -18.05
N TYR L 250 -31.87 -18.43 -18.36
CA TYR L 250 -32.13 -18.82 -19.73
C TYR L 250 -32.59 -20.22 -19.92
N SER L 251 -33.24 -20.47 -21.04
CA SER L 251 -33.69 -21.81 -21.34
C SER L 251 -33.15 -22.13 -22.72
N LEU L 252 -32.31 -23.13 -22.85
CA LEU L 252 -31.80 -23.43 -24.19
C LEU L 252 -32.72 -24.55 -24.68
N LEU L 253 -33.47 -24.26 -25.74
CA LEU L 253 -34.38 -25.25 -26.29
C LEU L 253 -33.64 -26.11 -27.31
N SER L 254 -33.67 -27.42 -27.10
CA SER L 254 -32.98 -28.32 -28.01
C SER L 254 -31.48 -28.27 -27.76
N ASP L 255 -31.05 -28.78 -26.60
CA ASP L 255 -29.63 -28.80 -26.28
C ASP L 255 -29.17 -30.25 -26.39
N PRO L 256 -28.44 -30.60 -27.45
CA PRO L 256 -27.92 -31.95 -27.71
C PRO L 256 -26.46 -32.12 -27.23
N GLU L 257 -25.92 -31.17 -26.46
CA GLU L 257 -24.53 -31.25 -26.00
C GLU L 257 -24.16 -32.36 -25.01
N GLU L 258 -24.99 -32.68 -24.04
CA GLU L 258 -24.60 -33.76 -23.13
C GLU L 258 -24.55 -35.13 -23.81
N VAL L 259 -25.58 -35.41 -24.62
CA VAL L 259 -25.71 -36.69 -25.31
C VAL L 259 -24.68 -36.93 -26.36
N LEU L 260 -24.33 -35.90 -27.10
CA LEU L 260 -23.31 -36.01 -28.15
C LEU L 260 -21.92 -36.05 -27.47
N ASP L 261 -21.84 -35.75 -26.19
CA ASP L 261 -20.56 -35.79 -25.51
C ASP L 261 -20.43 -36.68 -24.25
N THR L 262 -21.14 -37.80 -24.15
CA THR L 262 -21.08 -38.67 -22.95
C THR L 262 -19.74 -39.35 -22.79
N PRO L 263 -19.24 -39.43 -21.55
CA PRO L 263 -17.96 -40.03 -21.13
C PRO L 263 -17.86 -41.51 -21.26
N ALA L 264 -16.67 -42.01 -21.55
CA ALA L 264 -16.55 -43.47 -21.64
C ALA L 264 -16.06 -43.82 -20.22
N ASP L 265 -17.01 -44.25 -19.42
CA ASP L 265 -16.78 -44.64 -18.03
C ASP L 265 -17.26 -46.07 -17.81
N GLY L 266 -17.33 -46.87 -18.87
CA GLY L 266 -17.79 -48.23 -18.74
C GLY L 266 -19.29 -48.41 -18.95
N GLN L 267 -20.09 -47.36 -19.01
CA GLN L 267 -21.51 -47.61 -19.23
C GLN L 267 -22.02 -46.78 -20.41
N PHE L 268 -22.79 -47.39 -21.32
CA PHE L 268 -23.33 -46.69 -22.50
C PHE L 268 -24.62 -45.91 -22.19
N ARG L 269 -24.63 -44.62 -22.47
CA ARG L 269 -25.82 -43.86 -22.20
C ARG L 269 -26.49 -43.48 -23.45
N MET L 270 -27.69 -44.02 -23.64
CA MET L 270 -28.45 -43.71 -24.81
C MET L 270 -28.88 -42.28 -24.75
N TYR L 271 -29.35 -41.86 -23.58
CA TYR L 271 -29.82 -40.49 -23.40
C TYR L 271 -29.08 -39.73 -22.33
N ALA L 272 -28.72 -38.49 -22.64
CA ALA L 272 -28.03 -37.67 -21.65
C ALA L 272 -28.52 -36.24 -21.76
N GLY L 273 -28.78 -35.61 -20.64
CA GLY L 273 -29.23 -34.24 -20.63
C GLY L 273 -30.49 -33.97 -21.43
N GLY L 274 -30.41 -32.92 -22.24
CA GLY L 274 -31.49 -32.48 -23.11
C GLY L 274 -32.42 -31.45 -22.51
N THR L 275 -33.22 -30.84 -23.37
CA THR L 275 -34.17 -29.84 -22.97
C THR L 275 -35.33 -30.59 -22.34
N THR L 276 -35.77 -30.16 -21.17
CA THR L 276 -36.87 -30.80 -20.46
C THR L 276 -38.21 -30.45 -21.08
N GLN L 277 -39.17 -31.34 -20.85
CA GLN L 277 -40.50 -31.15 -21.41
C GLN L 277 -41.08 -29.92 -20.71
N GLU L 278 -40.88 -29.83 -19.40
CA GLU L 278 -41.39 -28.70 -18.67
C GLU L 278 -40.74 -27.43 -19.16
N GLU L 279 -39.47 -27.47 -19.53
CA GLU L 279 -38.76 -26.29 -20.02
C GLU L 279 -39.52 -25.84 -21.29
N MET L 280 -39.89 -26.81 -22.11
CA MET L 280 -40.63 -26.57 -23.36
C MET L 280 -42.01 -26.05 -23.07
N LYS L 281 -42.67 -26.65 -22.09
CA LYS L 281 -44.03 -26.20 -21.77
C LYS L 281 -44.04 -24.78 -21.18
N ASP L 282 -43.14 -24.49 -20.26
CA ASP L 282 -42.99 -23.18 -19.61
C ASP L 282 -42.32 -22.10 -20.46
N ALA L 283 -42.00 -22.41 -21.71
CA ALA L 283 -41.30 -21.50 -22.64
C ALA L 283 -41.99 -20.19 -22.96
N PRO L 284 -43.29 -20.25 -23.22
CA PRO L 284 -43.96 -18.98 -23.55
C PRO L 284 -43.85 -17.95 -22.41
N ASN L 285 -43.58 -18.38 -21.17
CA ASN L 285 -43.42 -17.49 -20.03
C ASN L 285 -42.08 -16.70 -19.97
N ALA L 286 -41.23 -16.88 -20.97
CA ALA L 286 -39.94 -16.22 -21.04
C ALA L 286 -40.18 -14.75 -21.46
N LEU L 287 -39.22 -13.88 -21.18
CA LEU L 287 -39.29 -12.46 -21.50
C LEU L 287 -39.26 -12.34 -22.99
N ASN L 288 -38.35 -13.11 -23.59
CA ASN L 288 -38.18 -13.13 -25.03
C ASN L 288 -37.46 -14.41 -25.52
N THR L 289 -37.55 -14.68 -26.82
CA THR L 289 -36.91 -15.86 -27.41
C THR L 289 -35.86 -15.38 -28.41
N VAL L 290 -34.60 -15.79 -28.26
CA VAL L 290 -33.54 -15.37 -29.18
C VAL L 290 -33.20 -16.55 -30.07
N LEU L 291 -33.12 -16.33 -31.38
CA LEU L 291 -32.81 -17.40 -32.30
C LEU L 291 -31.38 -17.15 -32.76
N LEU L 292 -30.51 -18.10 -32.50
CA LEU L 292 -29.10 -18.01 -32.85
C LEU L 292 -28.83 -18.01 -34.36
N GLN L 293 -29.53 -18.88 -35.09
CA GLN L 293 -29.32 -18.90 -36.54
C GLN L 293 -30.70 -18.66 -37.12
N PRO L 294 -30.99 -17.38 -37.36
CA PRO L 294 -32.24 -16.88 -37.89
C PRO L 294 -32.56 -17.24 -39.31
N TRP L 295 -31.56 -17.46 -40.14
CA TRP L 295 -31.88 -17.80 -41.50
C TRP L 295 -32.57 -19.13 -41.63
N HIS L 296 -32.23 -20.16 -40.84
CA HIS L 296 -32.98 -21.38 -41.04
C HIS L 296 -34.06 -21.55 -39.98
N LEU L 297 -34.22 -20.56 -39.13
CA LEU L 297 -35.22 -20.61 -38.07
C LEU L 297 -36.50 -19.79 -38.37
N GLU L 298 -36.81 -19.63 -39.66
CA GLU L 298 -37.98 -18.86 -40.09
C GLU L 298 -39.36 -19.39 -39.67
N LYS L 299 -39.60 -20.68 -39.74
CA LYS L 299 -40.89 -21.24 -39.36
C LYS L 299 -41.10 -21.09 -37.87
N THR L 300 -40.04 -21.34 -37.13
CA THR L 300 -40.06 -21.26 -35.67
C THR L 300 -40.29 -19.79 -35.31
N LYS L 301 -39.69 -18.85 -36.04
CA LYS L 301 -39.89 -17.42 -35.73
C LYS L 301 -41.39 -17.12 -35.85
N LYS L 302 -42.05 -17.62 -36.89
CA LYS L 302 -43.47 -17.38 -37.10
C LYS L 302 -44.29 -17.96 -35.96
N PHE L 303 -43.98 -19.19 -35.53
CA PHE L 303 -44.76 -19.77 -34.45
C PHE L 303 -44.53 -19.02 -33.13
N VAL L 304 -43.26 -18.70 -32.84
CA VAL L 304 -42.94 -18.01 -31.59
C VAL L 304 -43.52 -16.58 -31.59
N GLU L 305 -43.40 -15.81 -32.69
CA GLU L 305 -43.98 -14.49 -32.67
C GLU L 305 -45.51 -14.58 -32.63
N GLY L 306 -46.07 -15.40 -33.50
CA GLY L 306 -47.52 -15.46 -33.49
C GLY L 306 -48.21 -16.07 -32.31
N THR L 307 -47.81 -17.28 -31.94
CA THR L 307 -48.40 -17.95 -30.79
C THR L 307 -48.02 -17.52 -29.38
N TRP L 308 -46.72 -17.30 -29.16
CA TRP L 308 -46.20 -16.90 -27.84
C TRP L 308 -46.12 -15.41 -27.67
N LYS L 309 -46.31 -14.72 -28.78
CA LYS L 309 -46.26 -13.29 -28.73
C LYS L 309 -44.93 -12.70 -28.25
N HIS L 310 -43.83 -13.40 -28.45
CA HIS L 310 -42.53 -12.90 -28.05
C HIS L 310 -42.05 -12.02 -29.17
N GLU L 311 -41.41 -10.92 -28.89
CA GLU L 311 -40.98 -10.14 -30.04
C GLU L 311 -39.53 -10.61 -30.20
N VAL L 312 -39.29 -11.44 -31.20
CA VAL L 312 -37.94 -11.94 -31.40
C VAL L 312 -37.06 -10.82 -31.96
N PRO L 313 -35.95 -10.51 -31.32
CA PRO L 313 -35.05 -9.44 -31.75
C PRO L 313 -34.35 -9.74 -33.05
N LYS L 314 -34.05 -8.75 -33.88
CA LYS L 314 -33.38 -9.15 -35.10
C LYS L 314 -31.92 -9.09 -34.76
N LEU L 315 -31.32 -10.27 -34.72
CA LEU L 315 -29.93 -10.40 -34.42
C LEU L 315 -29.38 -11.43 -35.32
N ASN L 316 -28.14 -11.17 -35.74
CA ASN L 316 -27.41 -12.07 -36.61
C ASN L 316 -26.79 -13.08 -35.66
N ILE L 317 -26.34 -14.19 -36.23
CA ILE L 317 -25.74 -15.26 -35.48
C ILE L 317 -24.55 -14.58 -34.82
N PRO L 318 -24.39 -14.80 -33.53
CA PRO L 318 -23.29 -14.19 -32.78
C PRO L 318 -21.90 -14.68 -33.13
N MET L 319 -21.41 -14.17 -34.25
CA MET L 319 -20.12 -14.50 -34.79
C MET L 319 -19.37 -13.22 -35.08
N GLY L 320 -18.11 -13.19 -34.68
CA GLY L 320 -17.33 -12.00 -34.95
C GLY L 320 -17.43 -11.01 -33.83
N LEU L 321 -16.67 -9.94 -33.93
CA LEU L 321 -16.67 -8.94 -32.90
C LEU L 321 -17.98 -8.14 -32.77
N ASP L 322 -18.45 -7.63 -33.89
CA ASP L 322 -19.66 -6.82 -33.87
C ASP L 322 -20.96 -7.55 -33.52
N TRP L 323 -21.15 -8.72 -34.09
CA TRP L 323 -22.35 -9.50 -33.86
C TRP L 323 -22.44 -9.97 -32.43
N THR L 324 -21.31 -10.36 -31.85
CA THR L 324 -21.30 -10.82 -30.46
C THR L 324 -21.60 -9.66 -29.50
N ASP L 325 -21.15 -8.46 -29.87
CA ASP L 325 -21.35 -7.24 -29.06
C ASP L 325 -22.84 -7.00 -29.06
N GLU L 326 -23.44 -7.14 -30.23
CA GLU L 326 -24.86 -6.94 -30.46
C GLU L 326 -25.76 -7.93 -29.71
N PHE L 327 -25.32 -9.15 -29.69
CA PHE L 327 -26.07 -10.18 -29.02
C PHE L 327 -26.05 -9.94 -27.52
N LEU L 328 -24.89 -9.57 -26.96
CA LEU L 328 -24.73 -9.31 -25.53
C LEU L 328 -25.50 -8.08 -25.07
N MET L 329 -25.42 -7.01 -25.84
CA MET L 329 -26.10 -5.79 -25.51
C MET L 329 -27.59 -6.10 -25.52
N LYS L 330 -28.02 -6.84 -26.52
CA LYS L 330 -29.43 -7.22 -26.66
C LYS L 330 -29.90 -8.04 -25.47
N VAL L 331 -29.08 -8.97 -25.03
CA VAL L 331 -29.41 -9.85 -23.89
C VAL L 331 -29.47 -8.93 -22.68
N SER L 332 -28.59 -7.97 -22.63
CA SER L 332 -28.59 -7.07 -21.51
C SER L 332 -29.89 -6.30 -21.51
N GLU L 333 -30.33 -5.81 -22.66
CA GLU L 333 -31.57 -5.06 -22.67
C GLU L 333 -32.73 -6.00 -22.31
N ILE L 334 -32.82 -7.21 -22.83
CA ILE L 334 -33.95 -8.07 -22.48
C ILE L 334 -33.94 -8.55 -21.04
N SER L 335 -32.78 -8.99 -20.55
CA SER L 335 -32.54 -9.49 -19.17
C SER L 335 -32.62 -8.39 -18.10
N GLY L 336 -32.04 -7.25 -18.44
CA GLY L 336 -32.02 -6.12 -17.54
C GLY L 336 -30.71 -6.22 -16.76
N GLN L 337 -30.01 -7.32 -16.99
CA GLN L 337 -28.70 -7.58 -16.38
C GLN L 337 -27.59 -6.89 -17.22
N PRO L 338 -26.58 -6.27 -16.58
CA PRO L 338 -25.44 -5.60 -17.24
C PRO L 338 -24.41 -6.59 -17.79
N ILE L 339 -23.58 -6.13 -18.72
CA ILE L 339 -22.57 -7.03 -19.26
C ILE L 339 -21.44 -6.89 -18.21
N PRO L 340 -21.01 -8.01 -17.64
CA PRO L 340 -19.98 -8.05 -16.62
C PRO L 340 -18.60 -7.70 -17.12
N ALA L 341 -17.76 -7.41 -16.15
CA ALA L 341 -16.39 -7.02 -16.34
C ALA L 341 -15.70 -8.17 -17.01
N SER L 342 -16.04 -9.38 -16.61
CA SER L 342 -15.39 -10.56 -17.18
C SER L 342 -15.58 -10.67 -18.67
N LEU L 343 -16.79 -10.46 -19.17
CA LEU L 343 -17.03 -10.54 -20.62
C LEU L 343 -16.35 -9.45 -21.42
N THR L 344 -16.26 -8.25 -20.84
CA THR L 344 -15.64 -7.10 -21.48
C THR L 344 -14.16 -7.35 -21.63
N LYS L 345 -13.57 -8.07 -20.71
CA LYS L 345 -12.15 -8.38 -20.79
C LYS L 345 -11.94 -9.33 -21.99
N GLU L 346 -12.83 -10.31 -22.14
CA GLU L 346 -12.73 -11.28 -23.21
C GLU L 346 -12.79 -10.53 -24.53
N ARG L 347 -13.69 -9.58 -24.66
CA ARG L 347 -13.76 -8.84 -25.91
C ARG L 347 -12.43 -8.13 -26.16
N GLY L 348 -11.88 -7.52 -25.11
CA GLY L 348 -10.59 -6.82 -25.23
C GLY L 348 -9.45 -7.72 -25.77
N ARG L 349 -9.45 -8.96 -25.31
CA ARG L 349 -8.48 -9.99 -25.67
C ARG L 349 -8.67 -10.35 -27.13
N LEU L 350 -9.91 -10.41 -27.58
CA LEU L 350 -10.15 -10.76 -28.97
C LEU L 350 -9.53 -9.67 -29.85
N VAL L 351 -9.73 -8.40 -29.46
CA VAL L 351 -9.19 -7.24 -30.23
C VAL L 351 -7.68 -7.25 -30.21
N ASP L 352 -7.11 -7.58 -29.06
CA ASP L 352 -5.66 -7.64 -28.91
C ASP L 352 -5.17 -8.75 -29.88
N MET L 353 -5.88 -9.87 -29.97
CA MET L 353 -5.43 -10.94 -30.86
C MET L 353 -5.51 -10.42 -32.26
N MET L 354 -6.56 -9.66 -32.54
CA MET L 354 -6.75 -9.10 -33.88
C MET L 354 -5.62 -8.10 -34.22
N THR L 355 -5.26 -7.22 -33.29
CA THR L 355 -4.22 -6.26 -33.55
C THR L 355 -2.93 -7.01 -33.73
N ASP L 356 -2.68 -8.01 -32.91
CA ASP L 356 -1.47 -8.84 -32.95
C ASP L 356 -1.28 -9.61 -34.26
N SER L 357 -2.35 -10.19 -34.80
CA SER L 357 -2.26 -10.97 -36.06
C SER L 357 -2.71 -10.29 -37.36
N HIS L 358 -2.98 -8.99 -37.31
CA HIS L 358 -3.45 -8.28 -38.50
C HIS L 358 -2.57 -8.25 -39.71
N THR L 359 -1.27 -8.08 -39.59
CA THR L 359 -0.43 -8.05 -40.81
C THR L 359 -0.49 -9.35 -41.63
N TRP L 360 -0.42 -10.52 -40.99
CA TRP L 360 -0.48 -11.80 -41.74
C TRP L 360 -1.87 -11.99 -42.35
N LEU L 361 -2.90 -11.68 -41.59
CA LEU L 361 -4.28 -11.82 -42.06
C LEU L 361 -4.74 -10.89 -43.15
N HIS L 362 -4.14 -9.70 -43.19
CA HIS L 362 -4.53 -8.70 -44.16
C HIS L 362 -4.42 -8.99 -45.61
N GLY L 363 -5.54 -8.79 -46.29
CA GLY L 363 -5.59 -9.00 -47.72
C GLY L 363 -5.66 -10.44 -48.19
N LYS L 364 -5.74 -11.41 -47.28
CA LYS L 364 -5.80 -12.82 -47.69
C LYS L 364 -7.10 -13.13 -48.39
N ARG L 365 -7.05 -13.87 -49.47
CA ARG L 365 -8.26 -14.20 -50.22
C ARG L 365 -8.78 -15.60 -49.88
N PHE L 366 -10.07 -15.64 -49.53
CA PHE L 366 -10.74 -16.89 -49.16
C PHE L 366 -11.99 -17.26 -49.95
N ALA L 367 -12.13 -18.54 -50.17
CA ALA L 367 -13.27 -19.07 -50.91
C ALA L 367 -13.87 -19.87 -49.79
N LEU L 368 -15.13 -19.65 -49.43
CA LEU L 368 -15.75 -20.41 -48.36
C LEU L 368 -17.18 -20.83 -48.63
N TRP L 369 -17.61 -21.92 -48.00
CA TRP L 369 -18.97 -22.43 -48.15
C TRP L 369 -19.53 -23.06 -46.88
N GLY L 370 -20.85 -23.11 -46.74
CA GLY L 370 -21.45 -23.72 -45.56
C GLY L 370 -22.95 -23.48 -45.57
N ASP L 371 -23.54 -23.53 -44.38
CA ASP L 371 -24.98 -23.29 -44.22
C ASP L 371 -25.07 -21.74 -44.23
N PRO L 372 -26.24 -21.20 -44.56
CA PRO L 372 -26.23 -19.74 -44.60
C PRO L 372 -25.92 -18.90 -43.38
N ASP L 373 -26.30 -19.29 -42.17
CA ASP L 373 -25.97 -18.45 -40.99
C ASP L 373 -24.47 -18.38 -40.67
N PHE L 374 -23.87 -19.56 -40.75
CA PHE L 374 -22.46 -19.78 -40.48
C PHE L 374 -21.62 -19.04 -41.54
N VAL L 375 -22.01 -19.13 -42.80
CA VAL L 375 -21.26 -18.50 -43.86
C VAL L 375 -21.35 -16.99 -43.69
N MET L 376 -22.54 -16.58 -43.39
CA MET L 376 -22.82 -15.18 -43.20
C MET L 376 -21.96 -14.67 -42.04
N GLY L 377 -21.89 -15.43 -40.96
CA GLY L 377 -21.12 -15.06 -39.78
C GLY L 377 -19.62 -14.98 -40.05
N LEU L 378 -19.13 -15.95 -40.81
CA LEU L 378 -17.72 -16.10 -41.19
C LEU L 378 -17.29 -14.97 -42.11
N VAL L 379 -18.17 -14.61 -43.04
CA VAL L 379 -17.91 -13.53 -43.99
C VAL L 379 -17.77 -12.20 -43.21
N LYS L 380 -18.65 -11.99 -42.25
CA LYS L 380 -18.63 -10.78 -41.45
C LYS L 380 -17.34 -10.72 -40.68
N PHE L 381 -16.92 -11.84 -40.12
CA PHE L 381 -15.68 -11.86 -39.33
C PHE L 381 -14.41 -11.62 -40.12
N LEU L 382 -14.32 -12.24 -41.27
CA LEU L 382 -13.17 -12.12 -42.13
C LEU L 382 -13.06 -10.64 -42.49
N LEU L 383 -14.18 -10.00 -42.82
CA LEU L 383 -14.15 -8.58 -43.19
C LEU L 383 -13.69 -7.79 -42.02
N GLU L 384 -14.04 -8.23 -40.82
CA GLU L 384 -13.64 -7.55 -39.58
C GLU L 384 -12.12 -7.69 -39.41
N LEU L 385 -11.59 -8.79 -39.97
CA LEU L 385 -10.16 -9.06 -39.89
C LEU L 385 -9.44 -8.44 -41.08
N GLY L 386 -10.17 -7.84 -42.00
CA GLY L 386 -9.47 -7.25 -43.13
C GLY L 386 -9.05 -8.28 -44.19
N CYS L 387 -9.58 -9.48 -44.08
CA CYS L 387 -9.27 -10.51 -45.05
C CYS L 387 -10.23 -10.27 -46.21
N GLU L 388 -9.93 -10.82 -47.37
CA GLU L 388 -10.80 -10.61 -48.51
C GLU L 388 -11.54 -11.88 -48.90
N PRO L 389 -12.82 -11.92 -48.62
CA PRO L 389 -13.41 -13.18 -49.07
C PRO L 389 -13.80 -13.18 -50.55
N VAL L 390 -13.03 -13.80 -51.43
CA VAL L 390 -13.39 -13.80 -52.85
C VAL L 390 -14.62 -14.57 -53.29
N HIS L 391 -14.73 -15.83 -52.92
CA HIS L 391 -15.90 -16.61 -53.34
C HIS L 391 -16.73 -17.09 -52.19
N ILE L 392 -18.00 -16.69 -52.13
CA ILE L 392 -18.85 -17.13 -51.03
C ILE L 392 -19.95 -17.97 -51.60
N LEU L 393 -20.02 -19.19 -51.13
CA LEU L 393 -21.03 -20.09 -51.62
C LEU L 393 -21.91 -20.79 -50.65
N CYS L 394 -23.20 -20.65 -50.79
CA CYS L 394 -24.08 -21.34 -49.86
C CYS L 394 -25.01 -22.12 -50.77
N HIS L 395 -24.93 -23.44 -50.70
CA HIS L 395 -25.77 -24.25 -51.54
C HIS L 395 -27.22 -24.18 -51.20
N ASN L 396 -27.50 -24.24 -49.90
CA ASN L 396 -28.89 -24.18 -49.46
C ASN L 396 -29.39 -22.79 -49.15
N GLY L 397 -28.72 -21.77 -49.68
CA GLY L 397 -29.17 -20.40 -49.41
C GLY L 397 -30.27 -19.88 -50.32
N ASN L 398 -30.66 -18.62 -50.12
CA ASN L 398 -31.72 -17.99 -50.91
C ASN L 398 -31.45 -16.53 -51.35
N LYS L 399 -32.41 -15.95 -52.06
CA LYS L 399 -32.29 -14.60 -52.56
C LYS L 399 -32.25 -13.55 -51.46
N ARG L 400 -33.11 -13.70 -50.46
CA ARG L 400 -33.13 -12.73 -49.38
C ARG L 400 -31.78 -12.72 -48.66
N TRP L 401 -31.28 -13.94 -48.40
CA TRP L 401 -30.03 -14.19 -47.71
C TRP L 401 -28.87 -13.64 -48.50
N LYS L 402 -28.88 -13.88 -49.79
CA LYS L 402 -27.81 -13.40 -50.64
C LYS L 402 -27.83 -11.85 -50.59
N LYS L 403 -29.03 -11.29 -50.56
CA LYS L 403 -29.21 -9.86 -50.53
C LYS L 403 -28.59 -9.35 -49.21
N ALA L 404 -28.85 -10.05 -48.13
CA ALA L 404 -28.35 -9.69 -46.80
C ALA L 404 -26.81 -9.70 -46.76
N VAL L 405 -26.20 -10.72 -47.35
CA VAL L 405 -24.76 -10.87 -47.39
C VAL L 405 -24.12 -9.79 -48.27
N ASP L 406 -24.70 -9.53 -49.43
CA ASP L 406 -24.14 -8.53 -50.33
C ASP L 406 -24.12 -7.18 -49.58
N ALA L 407 -25.12 -6.98 -48.73
CA ALA L 407 -25.22 -5.75 -47.97
C ALA L 407 -24.02 -5.67 -47.04
N ILE L 408 -23.73 -6.79 -46.41
CA ILE L 408 -22.62 -6.92 -45.46
C ILE L 408 -21.31 -6.64 -46.18
N LEU L 409 -21.18 -7.20 -47.37
CA LEU L 409 -20.00 -7.04 -48.19
C LEU L 409 -19.86 -5.58 -48.63
N ALA L 410 -20.98 -4.95 -48.98
CA ALA L 410 -20.99 -3.55 -49.44
C ALA L 410 -20.57 -2.59 -48.35
N ALA L 411 -20.86 -2.94 -47.10
CA ALA L 411 -20.52 -2.14 -45.93
C ALA L 411 -19.00 -2.04 -45.65
N SER L 412 -18.26 -3.06 -46.09
CA SER L 412 -16.82 -3.14 -45.92
C SER L 412 -15.99 -3.01 -47.21
N PRO L 413 -14.96 -2.15 -47.17
CA PRO L 413 -14.08 -1.92 -48.32
C PRO L 413 -13.39 -3.23 -48.72
N TYR L 414 -13.37 -4.14 -47.76
CA TYR L 414 -12.79 -5.45 -47.90
C TYR L 414 -13.56 -6.39 -48.85
N GLY L 415 -14.89 -6.35 -48.82
CA GLY L 415 -15.70 -7.21 -49.70
C GLY L 415 -15.84 -6.85 -51.20
N LYS L 416 -14.81 -6.19 -51.72
CA LYS L 416 -14.79 -5.75 -53.11
C LYS L 416 -14.74 -6.81 -54.21
N ASN L 417 -13.91 -7.81 -54.02
CA ASN L 417 -13.77 -8.88 -55.02
C ASN L 417 -14.74 -10.01 -54.75
N ALA L 418 -15.43 -9.86 -53.64
CA ALA L 418 -16.38 -10.86 -53.22
C ALA L 418 -17.64 -11.04 -53.98
N THR L 419 -17.97 -12.29 -54.24
CA THR L 419 -19.19 -12.67 -54.94
C THR L 419 -19.96 -13.79 -54.23
N VAL L 420 -21.25 -13.64 -54.04
CA VAL L 420 -22.02 -14.67 -53.35
C VAL L 420 -22.75 -15.55 -54.35
N TYR L 421 -22.66 -16.87 -54.19
CA TYR L 421 -23.33 -17.80 -55.11
C TYR L 421 -24.25 -18.72 -54.31
N ILE L 422 -25.46 -18.93 -54.79
CA ILE L 422 -26.39 -19.80 -54.11
C ILE L 422 -26.91 -20.82 -55.10
N GLY L 423 -27.23 -22.04 -54.63
CA GLY L 423 -27.71 -23.05 -55.53
C GLY L 423 -26.58 -23.66 -56.36
N LYS L 424 -25.32 -23.25 -56.11
CA LYS L 424 -24.13 -23.75 -56.82
C LYS L 424 -23.38 -24.73 -55.93
N ASP L 425 -23.01 -25.86 -56.49
CA ASP L 425 -22.30 -26.91 -55.79
C ASP L 425 -20.79 -26.74 -55.72
N LEU L 426 -20.12 -27.72 -55.12
CA LEU L 426 -18.67 -27.73 -54.94
C LEU L 426 -17.92 -27.89 -56.27
N TRP L 427 -18.60 -28.45 -57.25
CA TRP L 427 -18.06 -28.65 -58.58
C TRP L 427 -17.87 -27.22 -59.18
N HIS L 428 -18.85 -26.36 -58.89
CA HIS L 428 -18.89 -24.96 -59.36
C HIS L 428 -17.72 -24.21 -58.68
N LEU L 429 -17.57 -24.47 -57.40
CA LEU L 429 -16.54 -23.83 -56.61
C LEU L 429 -15.12 -24.26 -57.06
N ARG L 430 -15.01 -25.50 -57.49
CA ARG L 430 -13.74 -26.05 -57.93
C ARG L 430 -13.31 -25.21 -59.08
N SER L 431 -14.26 -24.91 -59.94
CA SER L 431 -14.03 -24.11 -61.14
C SER L 431 -13.66 -22.72 -60.68
N LEU L 432 -14.39 -22.21 -59.69
CA LEU L 432 -14.08 -20.88 -59.24
C LEU L 432 -12.65 -20.78 -58.65
N VAL L 433 -12.24 -21.74 -57.82
CA VAL L 433 -10.88 -21.67 -57.26
C VAL L 433 -9.88 -21.76 -58.40
N PHE L 434 -10.13 -22.59 -59.42
CA PHE L 434 -9.17 -22.62 -60.50
C PHE L 434 -9.14 -21.29 -61.33
N THR L 435 -10.29 -20.75 -61.72
CA THR L 435 -10.22 -19.52 -62.51
C THR L 435 -9.73 -18.30 -61.81
N ASP L 436 -10.22 -18.06 -60.61
CA ASP L 436 -9.82 -16.91 -59.83
C ASP L 436 -9.32 -17.60 -58.57
N LYS L 437 -8.03 -17.49 -58.26
CA LYS L 437 -7.52 -18.18 -57.08
C LYS L 437 -7.43 -17.60 -55.69
N PRO L 438 -8.20 -18.18 -54.76
CA PRO L 438 -8.20 -17.75 -53.36
C PRO L 438 -6.91 -18.28 -52.75
N ASP L 439 -6.46 -17.64 -51.68
CA ASP L 439 -5.26 -18.06 -50.94
C ASP L 439 -5.59 -19.38 -50.26
N PHE L 440 -6.80 -19.39 -49.68
CA PHE L 440 -7.40 -20.50 -48.93
C PHE L 440 -8.89 -20.76 -49.15
N MET L 441 -9.32 -21.93 -48.75
CA MET L 441 -10.71 -22.37 -48.85
C MET L 441 -11.21 -22.66 -47.40
N ILE L 442 -12.35 -22.15 -46.98
CA ILE L 442 -12.76 -22.49 -45.62
C ILE L 442 -14.03 -23.33 -45.88
N GLY L 443 -14.05 -24.57 -45.38
CA GLY L 443 -15.20 -25.44 -45.60
C GLY L 443 -15.08 -26.78 -44.89
N ASN L 444 -15.99 -27.72 -45.18
CA ASN L 444 -15.99 -29.03 -44.57
C ASN L 444 -15.07 -29.94 -45.31
N SER L 445 -15.01 -31.19 -44.87
CA SER L 445 -14.13 -32.21 -45.47
C SER L 445 -14.33 -32.53 -46.96
N TYR L 446 -15.41 -32.09 -47.55
CA TYR L 446 -15.64 -32.34 -48.94
C TYR L 446 -14.64 -31.56 -49.78
N GLY L 447 -14.05 -30.52 -49.19
CA GLY L 447 -13.07 -29.69 -49.90
C GLY L 447 -11.65 -30.24 -50.02
N LYS L 448 -11.44 -31.38 -49.39
CA LYS L 448 -10.17 -32.06 -49.38
C LYS L 448 -9.94 -32.43 -50.86
N PHE L 449 -10.99 -32.86 -51.54
CA PHE L 449 -10.91 -33.22 -52.95
C PHE L 449 -10.64 -31.98 -53.84
N ILE L 450 -11.24 -30.82 -53.56
CA ILE L 450 -10.98 -29.65 -54.39
C ILE L 450 -9.48 -29.32 -54.25
N GLN L 451 -8.96 -29.40 -53.02
CA GLN L 451 -7.54 -29.11 -52.78
C GLN L 451 -6.66 -30.04 -53.57
N ARG L 452 -7.03 -31.30 -53.61
CA ARG L 452 -6.29 -32.37 -54.33
C ARG L 452 -6.25 -32.00 -55.83
N ASP L 453 -7.38 -31.53 -56.39
CA ASP L 453 -7.46 -31.17 -57.79
C ASP L 453 -6.55 -30.00 -58.11
N THR L 454 -6.52 -28.97 -57.26
CA THR L 454 -5.66 -27.81 -57.51
C THR L 454 -4.19 -28.19 -57.46
N LEU L 455 -3.78 -28.99 -56.48
CA LEU L 455 -2.39 -29.38 -56.36
C LEU L 455 -2.02 -30.15 -57.61
N HIS L 456 -3.00 -30.79 -58.18
CA HIS L 456 -2.72 -31.55 -59.39
C HIS L 456 -2.29 -30.58 -60.51
N LYS L 457 -2.95 -29.42 -60.64
CA LYS L 457 -2.55 -28.52 -61.71
C LYS L 457 -1.11 -28.13 -61.38
N GLY L 458 -0.82 -27.80 -60.13
CA GLY L 458 0.54 -27.47 -59.82
C GLY L 458 0.67 -27.15 -58.37
N LYS L 459 1.88 -26.98 -57.89
CA LYS L 459 2.07 -26.64 -56.50
C LYS L 459 1.56 -25.26 -56.17
N GLU L 460 1.90 -24.36 -57.07
CA GLU L 460 1.58 -22.94 -57.02
C GLU L 460 0.08 -22.66 -57.20
N PHE L 461 -0.64 -23.56 -57.87
CA PHE L 461 -2.09 -23.39 -58.05
C PHE L 461 -2.90 -24.01 -56.89
N GLU L 462 -2.28 -24.78 -56.01
CA GLU L 462 -3.02 -25.41 -54.90
C GLU L 462 -3.62 -24.46 -53.88
N VAL L 463 -4.87 -24.74 -53.49
CA VAL L 463 -5.54 -23.92 -52.50
C VAL L 463 -5.75 -24.81 -51.29
N PRO L 464 -5.03 -24.52 -50.20
CA PRO L 464 -5.21 -25.37 -49.01
C PRO L 464 -6.57 -25.22 -48.41
N LEU L 465 -7.13 -26.35 -47.95
CA LEU L 465 -8.46 -26.35 -47.31
C LEU L 465 -8.31 -26.15 -45.80
N ILE L 466 -9.10 -25.24 -45.20
CA ILE L 466 -9.05 -24.96 -43.75
C ILE L 466 -10.44 -25.43 -43.38
N ARG L 467 -10.51 -26.38 -42.45
CA ARG L 467 -11.81 -26.90 -42.07
C ARG L 467 -12.52 -26.31 -40.88
N ILE L 468 -13.64 -25.68 -41.21
CA ILE L 468 -14.51 -25.07 -40.21
C ILE L 468 -15.80 -25.42 -40.91
N GLY L 469 -16.77 -25.96 -40.20
CA GLY L 469 -17.99 -26.29 -40.91
C GLY L 469 -18.39 -27.70 -40.58
N PHE L 470 -19.41 -28.21 -41.29
CA PHE L 470 -19.89 -29.56 -41.08
C PHE L 470 -20.23 -30.17 -42.41
N PRO L 471 -19.93 -31.45 -42.60
CA PRO L 471 -19.26 -32.43 -41.73
C PRO L 471 -17.74 -32.41 -41.77
N ILE L 472 -17.08 -32.73 -40.68
CA ILE L 472 -15.61 -32.78 -40.75
C ILE L 472 -15.36 -34.29 -40.41
N PHE L 473 -14.81 -35.05 -41.37
CA PHE L 473 -14.54 -36.47 -41.18
C PHE L 473 -13.05 -36.88 -41.22
N ASP L 474 -12.17 -36.04 -41.71
CA ASP L 474 -10.78 -36.44 -41.78
C ASP L 474 -9.88 -35.93 -40.68
N ARG L 475 -10.46 -35.29 -39.70
CA ARG L 475 -9.69 -34.77 -38.60
C ARG L 475 -10.46 -35.18 -37.36
N HIS L 476 -9.80 -35.29 -36.21
CA HIS L 476 -10.47 -35.68 -34.98
C HIS L 476 -10.76 -34.60 -33.94
N HIS L 477 -11.93 -34.73 -33.35
CA HIS L 477 -12.37 -33.82 -32.32
C HIS L 477 -12.49 -32.37 -32.63
N LEU L 478 -12.68 -32.02 -33.89
CA LEU L 478 -12.81 -30.62 -34.21
C LEU L 478 -14.20 -30.15 -33.80
N HIS L 479 -15.13 -31.10 -33.68
CA HIS L 479 -16.50 -30.74 -33.30
C HIS L 479 -16.58 -30.23 -31.87
N ARG L 480 -15.45 -30.29 -31.21
CA ARG L 480 -15.37 -29.84 -29.85
C ARG L 480 -15.05 -28.34 -29.86
N SER L 481 -14.83 -27.78 -31.05
CA SER L 481 -14.51 -26.36 -31.20
C SER L 481 -15.69 -25.41 -31.00
N THR L 482 -15.37 -24.13 -30.97
CA THR L 482 -16.40 -23.13 -30.80
C THR L 482 -16.33 -22.08 -31.91
N THR L 483 -17.43 -21.71 -32.56
CA THR L 483 -17.29 -20.67 -33.56
C THR L 483 -18.02 -19.40 -33.05
N LEU L 484 -18.95 -19.58 -32.11
CA LEU L 484 -19.72 -18.47 -31.54
C LEU L 484 -19.07 -17.65 -30.44
N GLY L 485 -19.43 -16.39 -30.34
CA GLY L 485 -18.86 -15.56 -29.31
C GLY L 485 -17.43 -15.15 -29.57
N TYR L 486 -16.83 -14.56 -28.55
CA TYR L 486 -15.45 -14.09 -28.55
C TYR L 486 -14.53 -15.31 -28.62
N GLU L 487 -14.89 -16.31 -27.84
CA GLU L 487 -14.12 -17.53 -27.79
C GLU L 487 -14.14 -18.17 -29.18
N GLY L 488 -15.29 -18.18 -29.82
CA GLY L 488 -15.35 -18.77 -31.13
C GLY L 488 -14.47 -17.95 -32.08
N ALA L 489 -14.58 -16.62 -31.95
CA ALA L 489 -13.81 -15.69 -32.81
C ALA L 489 -12.31 -15.94 -32.61
N MET L 490 -11.88 -16.12 -31.37
CA MET L 490 -10.46 -16.36 -31.07
C MET L 490 -10.01 -17.67 -31.70
N GLN L 491 -10.82 -18.71 -31.63
CA GLN L 491 -10.45 -20.00 -32.21
C GLN L 491 -10.34 -19.84 -33.72
N ILE L 492 -11.30 -19.16 -34.34
CA ILE L 492 -11.29 -18.97 -35.77
C ILE L 492 -10.08 -18.12 -36.15
N LEU L 493 -9.76 -17.11 -35.35
CA LEU L 493 -8.63 -16.26 -35.67
C LEU L 493 -7.30 -17.02 -35.65
N THR L 494 -7.16 -17.84 -34.63
CA THR L 494 -5.95 -18.62 -34.46
C THR L 494 -5.77 -19.61 -35.59
N THR L 495 -6.85 -20.27 -35.96
CA THR L 495 -6.80 -21.24 -37.05
C THR L 495 -6.44 -20.52 -38.36
N LEU L 496 -7.06 -19.38 -38.65
CA LEU L 496 -6.71 -18.71 -39.91
C LEU L 496 -5.29 -18.16 -39.98
N VAL L 497 -4.82 -17.49 -38.92
CA VAL L 497 -3.47 -16.94 -38.96
C VAL L 497 -2.49 -18.11 -38.99
N ASN L 498 -2.72 -19.13 -38.16
CA ASN L 498 -1.83 -20.26 -38.15
C ASN L 498 -1.89 -21.07 -39.47
N SER L 499 -3.03 -21.10 -40.14
CA SER L 499 -3.14 -21.85 -41.41
C SER L 499 -2.24 -21.07 -42.40
N ILE L 500 -2.31 -19.75 -42.31
CA ILE L 500 -1.51 -18.91 -43.20
C ILE L 500 0.01 -19.05 -42.95
N LEU L 501 0.40 -19.05 -41.68
CA LEU L 501 1.81 -19.19 -41.30
C LEU L 501 2.37 -20.58 -41.62
N GLU L 502 1.53 -21.59 -41.47
CA GLU L 502 1.89 -22.99 -41.72
C GLU L 502 2.26 -23.14 -43.19
N ARG L 503 1.45 -22.52 -44.04
CA ARG L 503 1.60 -22.54 -45.48
C ARG L 503 2.88 -21.81 -45.90
N LEU L 504 3.14 -20.66 -45.31
CA LEU L 504 4.33 -19.85 -45.63
C LEU L 504 5.58 -20.73 -45.31
N ASP L 505 5.56 -21.42 -44.18
CA ASP L 505 6.68 -22.27 -43.76
C ASP L 505 6.89 -23.35 -44.82
N GLU L 506 5.81 -23.94 -45.29
CA GLU L 506 5.95 -24.97 -46.30
C GLU L 506 6.56 -24.38 -47.58
N GLU L 507 6.09 -23.21 -47.99
CA GLU L 507 6.61 -22.60 -49.19
C GLU L 507 8.08 -22.13 -49.05
N THR L 508 8.53 -21.79 -47.86
CA THR L 508 9.89 -21.34 -47.66
C THR L 508 10.86 -22.38 -47.13
N ARG L 509 10.38 -23.58 -46.98
CA ARG L 509 11.19 -24.67 -46.48
C ARG L 509 12.28 -25.13 -47.42
N GLY L 510 12.21 -24.86 -48.73
CA GLY L 510 13.30 -25.36 -49.55
C GLY L 510 14.68 -24.76 -49.24
N MET L 511 15.63 -25.68 -49.12
CA MET L 511 17.02 -25.41 -48.80
C MET L 511 17.74 -24.69 -49.90
N GLN L 512 18.31 -23.56 -49.51
CA GLN L 512 19.06 -22.71 -50.42
C GLN L 512 18.25 -22.40 -51.65
N ALA L 513 16.93 -22.28 -51.48
CA ALA L 513 16.07 -21.97 -52.59
C ALA L 513 15.14 -20.90 -52.10
N THR L 514 14.33 -21.25 -51.10
CA THR L 514 13.36 -20.33 -50.48
C THR L 514 13.50 -20.18 -48.96
N ASP L 515 14.53 -20.81 -48.39
CA ASP L 515 14.74 -20.75 -46.96
C ASP L 515 15.20 -19.44 -46.48
N TYR L 516 15.52 -18.52 -47.36
CA TYR L 516 15.99 -17.22 -46.89
C TYR L 516 14.78 -16.57 -46.17
N ASN L 517 13.57 -16.90 -46.58
CA ASN L 517 12.43 -16.30 -45.93
C ASN L 517 11.79 -17.25 -44.91
N HIS L 518 12.46 -18.38 -44.60
CA HIS L 518 11.97 -19.37 -43.64
C HIS L 518 12.38 -18.90 -42.24
N ASP L 519 11.74 -17.82 -41.78
CA ASP L 519 11.95 -17.15 -40.49
C ASP L 519 11.59 -17.80 -39.15
N LEU L 520 12.49 -17.65 -38.17
CA LEU L 520 12.25 -18.20 -36.83
C LEU L 520 11.11 -17.46 -36.16
N VAL L 521 11.13 -16.15 -36.28
CA VAL L 521 10.12 -15.33 -35.68
C VAL L 521 9.24 -14.70 -36.69
N ARG L 522 7.94 -14.95 -36.54
CA ARG L 522 6.91 -14.41 -37.41
C ARG L 522 5.82 -13.80 -36.55
N GLN M 4 55.49 10.88 -24.90
CA GLN M 4 54.93 10.18 -23.70
C GLN M 4 55.86 9.03 -23.37
N CYS M 5 56.26 8.98 -22.10
CA CYS M 5 57.18 7.96 -21.61
C CYS M 5 56.69 7.32 -20.34
N ALA M 6 57.16 6.09 -20.10
CA ALA M 6 56.80 5.34 -18.91
C ALA M 6 58.06 4.83 -18.22
N ILE M 7 58.01 4.72 -16.90
CA ILE M 7 59.16 4.23 -16.14
C ILE M 7 58.71 2.87 -15.55
N TYR M 8 59.39 1.79 -15.95
CA TYR M 8 59.09 0.44 -15.46
C TYR M 8 60.26 -0.07 -14.65
N GLY M 9 59.97 -0.60 -13.47
CA GLY M 9 61.03 -1.11 -12.64
C GLY M 9 60.50 -2.01 -11.56
N LYS M 10 61.44 -2.64 -10.87
CA LYS M 10 61.15 -3.58 -9.79
C LYS M 10 60.71 -2.68 -8.65
N GLY M 11 59.87 -3.16 -7.74
CA GLY M 11 59.45 -2.31 -6.66
C GLY M 11 60.64 -1.94 -5.78
N GLY M 12 60.56 -0.73 -5.22
CA GLY M 12 61.59 -0.18 -4.35
C GLY M 12 62.93 0.16 -4.97
N ILE M 13 62.99 0.34 -6.29
CA ILE M 13 64.25 0.66 -6.93
C ILE M 13 64.35 2.11 -7.35
N GLY M 14 63.41 2.91 -6.86
CA GLY M 14 63.40 4.32 -7.20
C GLY M 14 62.74 4.87 -8.45
N LYS M 15 61.71 4.20 -8.94
CA LYS M 15 61.05 4.68 -10.14
C LYS M 15 60.33 6.00 -9.81
N SER M 16 59.65 6.02 -8.67
CA SER M 16 58.90 7.22 -8.29
C SER M 16 59.89 8.32 -7.99
N THR M 17 60.95 8.00 -7.27
CA THR M 17 61.93 9.01 -6.96
C THR M 17 62.72 9.47 -8.19
N THR M 18 63.13 8.54 -9.04
CA THR M 18 63.88 8.91 -10.23
C THR M 18 62.98 9.67 -11.20
N THR M 19 61.71 9.31 -11.26
CA THR M 19 60.78 9.99 -12.15
C THR M 19 60.50 11.46 -11.73
N GLN M 20 60.28 11.69 -10.42
CA GLN M 20 59.98 13.00 -9.84
C GLN M 20 61.12 14.00 -9.87
N ASN M 21 62.29 13.52 -9.55
CA ASN M 21 63.45 14.35 -9.53
C ASN M 21 63.66 14.74 -10.95
N LEU M 22 63.55 13.76 -11.82
CA LEU M 22 63.73 13.95 -13.22
C LEU M 22 62.67 14.93 -13.73
N VAL M 23 61.41 14.79 -13.31
CA VAL M 23 60.36 15.69 -13.78
C VAL M 23 60.52 17.13 -13.34
N ALA M 24 61.09 17.31 -12.14
CA ALA M 24 61.33 18.63 -11.53
C ALA M 24 62.37 19.40 -12.35
N ALA M 25 63.39 18.69 -12.80
CA ALA M 25 64.50 19.18 -13.60
C ALA M 25 63.84 19.62 -14.91
N LEU M 26 62.83 18.91 -15.37
CA LEU M 26 62.15 19.27 -16.60
C LEU M 26 61.39 20.55 -16.37
N ALA M 27 60.80 20.68 -15.21
CA ALA M 27 60.02 21.85 -14.83
C ALA M 27 60.88 23.14 -14.77
N GLU M 28 62.08 23.02 -14.20
CA GLU M 28 63.06 24.10 -14.01
C GLU M 28 63.46 24.52 -15.42
N MET M 29 63.70 23.52 -16.26
CA MET M 29 64.07 23.62 -17.67
C MET M 29 62.93 24.44 -18.25
N GLY M 30 61.78 24.31 -17.62
CA GLY M 30 60.58 25.00 -18.03
C GLY M 30 59.68 24.22 -18.97
N LYS M 31 59.94 22.93 -19.11
CA LYS M 31 59.12 22.05 -19.97
C LYS M 31 57.81 21.74 -19.24
N LYS M 32 56.68 21.74 -19.95
CA LYS M 32 55.42 21.44 -19.29
C LYS M 32 55.30 19.91 -19.26
N VAL M 33 55.11 19.34 -18.05
CA VAL M 33 55.00 17.89 -17.81
C VAL M 33 53.91 17.41 -16.84
N MET M 34 53.38 16.21 -17.11
CA MET M 34 52.32 15.54 -16.29
C MET M 34 52.71 14.18 -15.71
N ILE M 35 52.62 13.98 -14.39
CA ILE M 35 53.00 12.66 -13.89
C ILE M 35 51.76 11.88 -13.54
N VAL M 36 51.56 10.78 -14.25
CA VAL M 36 50.40 9.93 -14.03
C VAL M 36 50.94 8.74 -13.27
N GLY M 37 50.45 8.51 -12.05
CA GLY M 37 50.95 7.38 -11.27
C GLY M 37 50.22 6.08 -11.44
N CYS M 38 50.91 5.05 -11.94
CA CYS M 38 50.29 3.75 -12.14
C CYS M 38 50.59 2.71 -11.04
N ASP M 39 51.43 3.09 -10.09
CA ASP M 39 51.81 2.22 -8.98
C ASP M 39 50.69 2.08 -7.97
N PRO M 40 50.49 0.87 -7.46
CA PRO M 40 49.43 0.63 -6.46
C PRO M 40 49.68 1.44 -5.19
N LYS M 41 50.95 1.82 -5.03
CA LYS M 41 51.46 2.61 -3.89
C LYS M 41 50.94 4.05 -3.82
N ALA M 42 50.89 4.72 -4.98
CA ALA M 42 50.42 6.11 -5.07
C ALA M 42 51.25 7.13 -4.31
N ASP M 43 52.54 6.84 -4.21
CA ASP M 43 53.53 7.66 -3.54
C ASP M 43 54.29 8.21 -4.75
N SER M 44 53.70 8.04 -5.91
CA SER M 44 54.25 8.48 -7.19
C SER M 44 54.30 10.01 -7.30
N THR M 45 53.22 10.66 -6.90
CA THR M 45 53.11 12.12 -6.97
C THR M 45 53.39 12.86 -5.66
N ARG M 46 53.91 12.18 -4.65
CA ARG M 46 54.17 12.82 -3.36
C ARG M 46 55.26 13.89 -3.29
N LEU M 47 56.45 13.69 -3.88
CA LEU M 47 57.51 14.74 -3.81
C LEU M 47 57.18 16.03 -4.60
N ILE M 48 56.67 15.84 -5.80
CA ILE M 48 56.30 16.92 -6.71
C ILE M 48 55.10 17.72 -6.22
N LEU M 49 54.19 17.04 -5.54
CA LEU M 49 52.98 17.66 -5.01
C LEU M 49 52.96 18.06 -3.53
N HIS M 50 54.02 17.81 -2.77
CA HIS M 50 54.01 18.20 -1.34
C HIS M 50 52.78 17.67 -0.61
N SER M 51 52.36 16.48 -0.98
CA SER M 51 51.20 15.84 -0.38
C SER M 51 51.61 14.49 0.17
N LYS M 52 51.04 14.16 1.31
CA LYS M 52 51.32 12.90 2.00
C LYS M 52 50.74 11.82 1.10
N ALA M 53 49.53 12.06 0.61
CA ALA M 53 48.84 11.14 -0.29
C ALA M 53 48.08 12.00 -1.30
N GLN M 54 47.79 11.46 -2.48
CA GLN M 54 47.05 12.24 -3.46
C GLN M 54 45.83 11.38 -3.64
N ASN M 55 44.66 11.99 -3.66
CA ASN M 55 43.46 11.19 -3.84
C ASN M 55 43.54 10.64 -5.27
N THR M 56 43.27 9.35 -5.39
CA THR M 56 43.28 8.60 -6.65
C THR M 56 41.95 8.74 -7.37
N ILE M 57 41.95 8.40 -8.63
CA ILE M 57 40.76 8.47 -9.42
C ILE M 57 39.92 7.41 -8.75
N MET M 58 40.56 6.31 -8.34
CA MET M 58 39.86 5.19 -7.67
C MET M 58 39.33 5.56 -6.28
N GLU M 59 40.11 6.25 -5.47
CA GLU M 59 39.64 6.62 -4.13
C GLU M 59 38.49 7.62 -4.32
N MET M 60 38.67 8.57 -5.21
CA MET M 60 37.69 9.60 -5.52
C MET M 60 36.42 9.10 -6.18
N ALA M 61 36.60 8.23 -7.16
CA ALA M 61 35.49 7.66 -7.93
C ALA M 61 34.59 6.74 -7.12
N ALA M 62 35.13 6.14 -6.06
CA ALA M 62 34.34 5.24 -5.23
C ALA M 62 33.22 5.96 -4.44
N GLU M 63 33.50 7.13 -3.83
CA GLU M 63 32.46 7.86 -3.05
C GLU M 63 31.36 8.43 -3.94
N ALA M 64 31.76 9.02 -5.06
CA ALA M 64 30.84 9.60 -6.06
C ALA M 64 30.08 8.44 -6.67
N GLY M 65 30.90 7.42 -6.97
CA GLY M 65 30.48 6.17 -7.57
C GLY M 65 30.43 6.11 -9.07
N THR M 66 30.54 7.24 -9.78
CA THR M 66 30.50 7.22 -11.23
C THR M 66 31.76 7.89 -11.76
N VAL M 67 32.39 7.28 -12.77
CA VAL M 67 33.62 7.85 -13.32
C VAL M 67 33.56 9.17 -14.09
N GLU M 68 32.59 9.35 -14.97
CA GLU M 68 32.52 10.62 -15.70
C GLU M 68 31.85 11.68 -14.83
N ASP M 69 31.24 11.20 -13.74
CA ASP M 69 30.54 12.06 -12.80
C ASP M 69 31.55 12.42 -11.73
N LEU M 70 32.69 12.93 -12.16
CA LEU M 70 33.76 13.34 -11.27
C LEU M 70 34.49 14.45 -12.01
N GLU M 71 35.00 15.42 -11.24
CA GLU M 71 35.74 16.56 -11.79
C GLU M 71 37.21 16.32 -12.06
N LEU M 72 37.65 16.87 -13.17
CA LEU M 72 39.01 16.81 -13.72
C LEU M 72 39.99 17.57 -12.84
N GLU M 73 39.57 18.75 -12.44
CA GLU M 73 40.33 19.68 -11.59
C GLU M 73 40.53 19.01 -10.23
N ASP M 74 39.49 18.39 -9.69
CA ASP M 74 39.56 17.72 -8.39
C ASP M 74 40.56 16.56 -8.46
N VAL M 75 40.49 15.77 -9.54
CA VAL M 75 41.35 14.61 -9.76
C VAL M 75 42.83 14.93 -10.01
N LEU M 76 43.09 15.94 -10.84
CA LEU M 76 44.45 16.36 -11.21
C LEU M 76 44.89 17.68 -10.55
N LYS M 77 46.00 17.67 -9.82
CA LYS M 77 46.51 18.87 -9.16
C LYS M 77 47.97 19.11 -9.61
N ALA M 78 48.27 20.33 -10.03
CA ALA M 78 49.63 20.65 -10.47
C ALA M 78 50.49 21.00 -9.25
N GLY M 79 51.59 20.29 -9.14
CA GLY M 79 52.58 20.44 -8.09
C GLY M 79 53.54 21.54 -8.43
N TYR M 80 54.71 21.42 -7.82
CA TYR M 80 55.81 22.37 -7.98
C TYR M 80 56.28 22.46 -9.44
N GLY M 81 56.44 23.69 -9.90
CA GLY M 81 56.86 23.89 -11.26
C GLY M 81 55.62 23.85 -12.14
N GLY M 82 54.49 23.62 -11.49
CA GLY M 82 53.26 23.59 -12.25
C GLY M 82 53.10 22.32 -13.02
N VAL M 83 54.01 21.38 -12.84
CA VAL M 83 53.86 20.14 -13.59
C VAL M 83 52.61 19.49 -12.96
N LYS M 84 51.70 19.03 -13.82
CA LYS M 84 50.45 18.42 -13.39
C LYS M 84 50.69 17.02 -12.82
N CYS M 85 50.05 16.72 -11.69
CA CYS M 85 50.18 15.42 -11.03
C CYS M 85 48.88 14.63 -10.79
N VAL M 86 48.88 13.36 -11.21
CA VAL M 86 47.72 12.46 -11.07
C VAL M 86 48.02 11.01 -10.66
N GLU M 87 47.11 10.38 -9.91
CA GLU M 87 47.27 9.00 -9.48
C GLU M 87 46.19 8.06 -10.03
N SER M 88 46.64 7.03 -10.72
CA SER M 88 45.80 5.99 -11.31
C SER M 88 45.18 5.22 -10.19
N GLY M 89 46.02 4.92 -9.20
CA GLY M 89 45.58 4.16 -8.05
C GLY M 89 45.08 2.80 -8.50
N GLY M 90 44.22 2.16 -7.72
CA GLY M 90 43.71 0.84 -8.09
C GLY M 90 42.73 0.26 -7.08
N PRO M 91 42.22 -0.96 -7.35
CA PRO M 91 41.26 -1.72 -6.55
C PRO M 91 41.75 -2.27 -5.22
N GLU M 92 40.80 -2.66 -4.38
CA GLU M 92 41.10 -3.22 -3.07
C GLU M 92 41.72 -4.52 -3.54
N PRO M 93 42.81 -5.00 -2.89
CA PRO M 93 43.51 -6.24 -3.27
C PRO M 93 42.57 -7.43 -3.37
N GLY M 94 42.86 -8.27 -4.34
CA GLY M 94 42.07 -9.46 -4.58
C GLY M 94 40.82 -9.25 -5.42
N VAL M 95 40.55 -8.02 -5.86
CA VAL M 95 39.37 -7.78 -6.67
C VAL M 95 39.65 -7.32 -8.09
N GLY M 96 39.13 -8.05 -9.07
CA GLY M 96 39.34 -7.68 -10.46
C GLY M 96 40.81 -7.68 -10.80
N CYS M 97 41.26 -6.62 -11.45
CA CYS M 97 42.66 -6.48 -11.84
C CYS M 97 43.27 -5.15 -11.35
N ALA M 98 44.45 -5.22 -10.75
CA ALA M 98 45.12 -4.05 -10.23
C ALA M 98 45.39 -3.22 -11.46
N GLY M 99 45.84 -3.88 -12.51
CA GLY M 99 46.13 -3.24 -13.77
C GLY M 99 44.91 -2.56 -14.41
N ARG M 100 43.71 -2.94 -13.99
CA ARG M 100 42.49 -2.36 -14.55
C ARG M 100 42.36 -0.88 -14.15
N GLY M 101 42.69 -0.55 -12.91
CA GLY M 101 42.62 0.85 -12.48
C GLY M 101 43.51 1.80 -13.28
N VAL M 102 44.62 1.29 -13.83
CA VAL M 102 45.57 2.07 -14.61
C VAL M 102 44.86 2.45 -15.88
N ILE M 103 44.16 1.48 -16.45
CA ILE M 103 43.42 1.63 -17.69
C ILE M 103 42.32 2.66 -17.62
N THR M 104 41.59 2.60 -16.53
CA THR M 104 40.47 3.50 -16.27
C THR M 104 40.97 4.91 -16.10
N ALA M 105 42.05 5.07 -15.36
CA ALA M 105 42.63 6.37 -15.09
C ALA M 105 43.10 7.10 -16.35
N ILE M 106 43.75 6.40 -17.25
CA ILE M 106 44.26 6.97 -18.50
C ILE M 106 43.14 7.38 -19.44
N ASN M 107 42.15 6.50 -19.54
CA ASN M 107 40.94 6.64 -20.38
C ASN M 107 40.16 7.90 -19.96
N PHE M 108 40.05 8.09 -18.65
CA PHE M 108 39.35 9.20 -17.99
C PHE M 108 39.95 10.55 -18.38
N LEU M 109 41.26 10.61 -18.44
CA LEU M 109 42.02 11.80 -18.78
C LEU M 109 41.84 12.27 -20.24
N GLU M 110 41.83 11.38 -21.21
CA GLU M 110 41.65 11.79 -22.61
C GLU M 110 40.30 12.44 -22.84
N GLU M 111 39.24 11.87 -22.27
CA GLU M 111 37.88 12.39 -22.40
C GLU M 111 37.90 13.72 -21.62
N GLU M 112 38.54 13.73 -20.46
CA GLU M 112 38.63 14.93 -19.63
C GLU M 112 39.52 15.95 -20.36
N GLY M 113 40.46 15.50 -21.19
CA GLY M 113 41.28 16.48 -21.89
C GLY M 113 42.65 16.97 -21.47
N ALA M 114 43.38 16.13 -20.76
CA ALA M 114 44.71 16.48 -20.30
C ALA M 114 45.66 16.61 -21.49
N TYR M 115 45.55 15.66 -22.39
CA TYR M 115 46.37 15.60 -23.59
C TYR M 115 45.99 16.65 -24.63
N GLU M 116 46.97 16.99 -25.47
CA GLU M 116 46.84 17.99 -26.53
C GLU M 116 46.58 19.36 -25.90
N ASP M 117 47.10 19.47 -24.67
CA ASP M 117 47.01 20.65 -23.81
C ASP M 117 48.45 21.20 -23.85
N ASP M 118 49.17 20.70 -24.85
CA ASP M 118 50.57 21.04 -25.14
C ASP M 118 51.63 20.92 -24.04
N LEU M 119 51.50 19.92 -23.17
CA LEU M 119 52.50 19.73 -22.12
C LEU M 119 53.54 18.98 -22.92
N ASP M 120 54.82 19.32 -22.75
CA ASP M 120 55.89 18.66 -23.49
C ASP M 120 56.12 17.21 -23.10
N PHE M 121 56.10 16.97 -21.80
CA PHE M 121 56.29 15.60 -21.30
C PHE M 121 55.28 14.94 -20.37
N VAL M 122 54.95 13.71 -20.75
CA VAL M 122 54.01 12.85 -20.05
C VAL M 122 54.79 11.65 -19.55
N PHE M 123 54.74 11.42 -18.25
CA PHE M 123 55.43 10.31 -17.62
C PHE M 123 54.48 9.37 -16.86
N TYR M 124 54.59 8.07 -17.15
CA TYR M 124 53.76 7.06 -16.53
C TYR M 124 54.65 6.26 -15.61
N ASP M 125 54.30 6.23 -14.34
CA ASP M 125 55.08 5.50 -13.36
C ASP M 125 54.33 4.18 -13.28
N VAL M 126 54.96 3.08 -13.67
CA VAL M 126 54.29 1.80 -13.64
C VAL M 126 55.18 0.69 -13.10
N LEU M 127 54.54 -0.27 -12.45
CA LEU M 127 55.25 -1.40 -11.86
C LEU M 127 55.81 -2.43 -12.88
N GLY M 128 57.09 -2.72 -12.68
CA GLY M 128 57.83 -3.65 -13.51
C GLY M 128 57.90 -5.03 -12.92
N ASP M 129 57.20 -5.31 -11.83
CA ASP M 129 57.27 -6.64 -11.23
C ASP M 129 56.66 -7.76 -12.07
N VAL M 130 55.50 -7.52 -12.63
CA VAL M 130 54.90 -8.53 -13.44
C VAL M 130 54.29 -7.78 -14.60
N VAL M 131 54.46 -8.28 -15.81
CA VAL M 131 53.87 -7.62 -16.96
C VAL M 131 52.49 -8.30 -17.05
N CYS M 132 51.40 -7.53 -17.02
CA CYS M 132 50.05 -8.09 -17.08
C CYS M 132 49.27 -7.26 -18.06
N GLY M 133 48.18 -7.80 -18.59
CA GLY M 133 47.39 -7.04 -19.55
C GLY M 133 47.07 -5.69 -18.93
N GLY M 134 46.67 -5.67 -17.66
CA GLY M 134 46.35 -4.40 -17.04
C GLY M 134 47.61 -3.56 -16.88
N PHE M 135 48.68 -4.21 -16.43
CA PHE M 135 49.98 -3.59 -16.23
C PHE M 135 50.74 -3.13 -17.48
N ALA M 136 50.73 -4.00 -18.49
CA ALA M 136 51.40 -3.76 -19.77
C ALA M 136 50.41 -3.12 -20.72
N MET M 137 49.38 -2.56 -20.13
CA MET M 137 48.35 -1.92 -20.89
C MET M 137 48.88 -0.67 -21.55
N PRO M 138 49.66 0.13 -20.83
CA PRO M 138 50.12 1.30 -21.57
C PRO M 138 50.97 0.83 -22.74
N ILE M 139 51.60 -0.34 -22.59
CA ILE M 139 52.44 -0.92 -23.62
C ILE M 139 51.61 -1.36 -24.84
N ARG M 140 50.46 -2.00 -24.62
CA ARG M 140 49.67 -2.43 -25.79
C ARG M 140 49.08 -1.26 -26.57
N GLU M 141 48.48 -0.31 -25.86
CA GLU M 141 47.88 0.87 -26.47
C GLU M 141 49.11 1.76 -26.59
N ASN M 142 49.16 2.71 -27.52
CA ASN M 142 50.39 3.49 -27.54
C ASN M 142 50.27 4.59 -26.52
N LYS M 143 50.08 4.23 -25.26
CA LYS M 143 49.98 5.23 -24.23
C LYS M 143 51.34 5.88 -24.12
N ALA M 144 52.38 5.04 -24.12
CA ALA M 144 53.74 5.53 -24.03
C ALA M 144 54.70 5.08 -25.14
N GLN M 145 55.21 6.04 -25.90
CA GLN M 145 56.14 5.76 -26.98
C GLN M 145 57.52 5.26 -26.52
N GLU M 146 58.07 5.92 -25.50
CA GLU M 146 59.38 5.57 -24.95
C GLU M 146 59.34 5.08 -23.54
N ILE M 147 59.90 3.88 -23.35
CA ILE M 147 59.94 3.25 -22.03
C ILE M 147 61.33 3.23 -21.37
N TYR M 148 61.44 3.69 -20.13
CA TYR M 148 62.75 3.68 -19.47
C TYR M 148 62.57 2.72 -18.32
N ILE M 149 63.42 1.70 -18.27
CA ILE M 149 63.32 0.76 -17.20
C ILE M 149 64.35 1.13 -16.19
N VAL M 150 63.96 1.36 -14.95
CA VAL M 150 64.96 1.70 -13.95
C VAL M 150 65.48 0.29 -13.68
N CYS M 151 66.79 0.14 -13.66
CA CYS M 151 67.41 -1.15 -13.42
C CYS M 151 68.47 -0.95 -12.39
N SER M 152 68.79 -2.04 -11.71
CA SER M 152 69.81 -2.06 -10.66
C SER M 152 70.64 -3.33 -10.82
N GLY M 153 71.80 -3.35 -10.16
CA GLY M 153 72.75 -4.46 -10.14
C GLY M 153 72.12 -5.75 -9.59
N GLU M 154 71.02 -5.55 -8.89
CA GLU M 154 70.28 -6.60 -8.27
C GLU M 154 69.72 -7.45 -9.42
N MET M 155 69.58 -8.75 -9.19
CA MET M 155 69.07 -9.71 -10.18
C MET M 155 67.58 -9.52 -10.50
N MET M 156 66.78 -9.28 -9.47
CA MET M 156 65.33 -9.08 -9.59
C MET M 156 65.18 -7.89 -10.50
N ALA M 157 65.99 -6.85 -10.36
CA ALA M 157 65.86 -5.68 -11.23
C ALA M 157 66.27 -6.08 -12.66
N MET M 158 67.27 -6.94 -12.85
CA MET M 158 67.68 -7.34 -14.20
C MET M 158 66.64 -8.19 -14.95
N TYR M 159 66.06 -9.17 -14.26
CA TYR M 159 65.04 -10.08 -14.81
C TYR M 159 63.86 -9.21 -15.20
N ALA M 160 63.51 -8.26 -14.34
CA ALA M 160 62.41 -7.33 -14.50
C ALA M 160 62.63 -6.50 -15.77
N ALA M 161 63.86 -6.08 -15.96
CA ALA M 161 64.25 -5.27 -17.11
C ALA M 161 64.03 -6.11 -18.36
N ASN M 162 64.43 -7.36 -18.28
CA ASN M 162 64.29 -8.28 -19.41
C ASN M 162 62.78 -8.52 -19.61
N ASN M 163 62.02 -8.71 -18.53
CA ASN M 163 60.58 -8.96 -18.62
C ASN M 163 59.81 -7.81 -19.23
N ILE M 164 60.16 -6.62 -18.80
CA ILE M 164 59.52 -5.39 -19.25
C ILE M 164 59.77 -5.24 -20.73
N SER M 165 61.02 -5.50 -21.07
CA SER M 165 61.59 -5.44 -22.41
C SER M 165 61.00 -6.56 -23.34
N LYS M 166 60.69 -7.75 -22.81
CA LYS M 166 60.13 -8.86 -23.60
C LYS M 166 58.71 -8.35 -23.97
N GLY M 167 58.01 -7.76 -22.99
CA GLY M 167 56.66 -7.25 -23.25
C GLY M 167 56.67 -6.16 -24.32
N ILE M 168 57.77 -5.42 -24.46
CA ILE M 168 57.88 -4.39 -25.46
C ILE M 168 57.92 -4.99 -26.86
N VAL M 169 58.65 -6.11 -26.98
CA VAL M 169 58.83 -6.84 -28.25
C VAL M 169 57.53 -7.43 -28.81
N LYS M 170 56.73 -8.03 -27.93
CA LYS M 170 55.45 -8.66 -28.31
C LYS M 170 54.53 -7.60 -28.87
N TYR M 171 54.47 -6.44 -28.24
CA TYR M 171 53.62 -5.36 -28.72
C TYR M 171 54.38 -4.40 -29.66
N ALA M 172 55.48 -4.86 -30.23
CA ALA M 172 56.28 -4.03 -31.16
C ALA M 172 55.56 -3.72 -32.47
N ASN M 173 54.95 -4.76 -33.01
CA ASN M 173 54.23 -4.66 -34.28
C ASN M 173 52.98 -3.81 -34.27
N SER M 174 52.15 -3.95 -33.26
CA SER M 174 50.95 -3.13 -33.22
C SER M 174 51.38 -1.92 -32.37
N GLY M 175 51.38 -0.72 -32.93
CA GLY M 175 51.79 0.44 -32.15
C GLY M 175 53.26 0.80 -32.22
N SER M 176 53.57 1.92 -31.57
CA SER M 176 54.90 2.52 -31.49
C SER M 176 55.81 2.34 -30.27
N VAL M 177 55.42 1.61 -29.23
CA VAL M 177 56.35 1.53 -28.10
C VAL M 177 57.73 0.96 -28.30
N ARG M 178 58.70 1.77 -27.88
CA ARG M 178 60.11 1.44 -27.98
C ARG M 178 60.75 1.75 -26.63
N LEU M 179 61.83 1.04 -26.32
CA LEU M 179 62.53 1.23 -25.08
C LEU M 179 63.66 2.27 -25.29
N GLY M 180 63.53 3.41 -24.60
CA GLY M 180 64.52 4.50 -24.70
C GLY M 180 65.92 4.28 -24.16
N GLY M 181 66.00 3.69 -22.96
CA GLY M 181 67.27 3.42 -22.33
C GLY M 181 67.02 2.75 -20.99
N LEU M 182 68.08 2.42 -20.27
CA LEU M 182 67.93 1.81 -18.96
C LEU M 182 68.52 2.83 -17.98
N ILE M 183 67.75 3.18 -16.96
CA ILE M 183 68.17 4.16 -15.96
C ILE M 183 68.66 3.36 -14.75
N CYS M 184 69.97 3.34 -14.62
CA CYS M 184 70.62 2.63 -13.54
C CYS M 184 70.60 3.42 -12.23
N ASN M 185 70.29 2.76 -11.13
CA ASN M 185 70.24 3.40 -9.81
C ASN M 185 71.26 2.66 -8.92
N SER M 186 72.10 3.38 -8.18
CA SER M 186 73.13 2.75 -7.33
C SER M 186 72.71 2.10 -6.00
N ARG M 187 73.15 0.86 -5.82
CA ARG M 187 72.87 0.09 -4.62
C ARG M 187 73.45 0.40 -3.24
N ASN M 188 74.74 0.72 -3.04
CA ASN M 188 75.84 0.83 -3.98
C ASN M 188 76.49 -0.53 -4.32
N THR M 189 76.74 -0.76 -5.60
CA THR M 189 77.34 -2.01 -6.09
C THR M 189 78.78 -1.75 -6.54
N ASP M 190 79.64 -2.76 -6.51
CA ASP M 190 81.04 -2.52 -6.92
C ASP M 190 81.19 -2.22 -8.43
N ARG M 191 80.54 -2.99 -9.31
CA ARG M 191 80.67 -2.71 -10.75
C ARG M 191 79.26 -2.69 -11.39
N GLU M 192 78.43 -1.79 -10.88
CA GLU M 192 77.04 -1.55 -11.28
C GLU M 192 76.96 -0.96 -12.67
N ASP M 193 77.83 -0.01 -12.93
CA ASP M 193 77.86 0.68 -14.22
C ASP M 193 78.22 -0.27 -15.36
N GLU M 194 79.21 -1.11 -15.16
CA GLU M 194 79.64 -2.04 -16.17
C GLU M 194 78.62 -3.13 -16.46
N LEU M 195 77.98 -3.67 -15.42
CA LEU M 195 76.98 -4.75 -15.57
C LEU M 195 75.73 -4.27 -16.32
N ILE M 196 75.23 -3.10 -15.99
CA ILE M 196 74.04 -2.54 -16.64
C ILE M 196 74.24 -2.17 -18.10
N ILE M 197 75.41 -1.60 -18.37
CA ILE M 197 75.87 -1.12 -19.69
C ILE M 197 75.98 -2.29 -20.68
N ALA M 198 76.52 -3.42 -20.19
CA ALA M 198 76.71 -4.67 -20.96
C ALA M 198 75.31 -5.24 -21.29
N LEU M 199 74.42 -5.19 -20.28
CA LEU M 199 73.03 -5.68 -20.31
C LEU M 199 72.32 -4.75 -21.28
N ALA M 200 72.61 -3.46 -21.18
CA ALA M 200 72.02 -2.44 -22.04
C ALA M 200 72.46 -2.83 -23.47
N ASN M 201 73.72 -3.21 -23.64
CA ASN M 201 74.28 -3.61 -24.92
C ASN M 201 73.65 -4.92 -25.41
N LYS M 202 73.49 -5.90 -24.54
CA LYS M 202 72.90 -7.20 -24.87
C LYS M 202 71.45 -6.98 -25.25
N LEU M 203 70.75 -6.16 -24.50
CA LEU M 203 69.36 -5.86 -24.75
C LEU M 203 69.28 -5.08 -26.06
N GLY M 204 70.29 -4.26 -26.36
CA GLY M 204 70.25 -3.47 -27.58
C GLY M 204 69.93 -1.97 -27.41
N THR M 205 69.82 -1.55 -26.16
CA THR M 205 69.52 -0.17 -25.77
C THR M 205 70.63 0.32 -24.84
N GLN M 206 71.03 1.56 -25.02
CA GLN M 206 72.08 2.15 -24.19
C GLN M 206 71.56 2.52 -22.80
N MET M 207 72.42 2.42 -21.78
CA MET M 207 71.98 2.78 -20.44
C MET M 207 71.93 4.29 -20.62
N ILE M 208 70.80 4.90 -20.28
CA ILE M 208 70.63 6.36 -20.41
C ILE M 208 71.45 7.25 -19.48
N HIS M 209 71.52 6.88 -18.19
CA HIS M 209 72.28 7.64 -17.22
C HIS M 209 72.60 6.77 -15.99
N PHE M 210 73.59 7.14 -15.18
CA PHE M 210 73.96 6.38 -13.98
C PHE M 210 73.59 7.30 -12.81
N VAL M 211 72.77 6.85 -11.88
CA VAL M 211 72.40 7.73 -10.78
C VAL M 211 73.02 7.20 -9.49
N PRO M 212 73.91 7.98 -8.88
CA PRO M 212 74.63 7.65 -7.63
C PRO M 212 73.70 7.62 -6.40
N ARG M 213 74.01 6.76 -5.43
CA ARG M 213 73.18 6.69 -4.24
C ARG M 213 73.75 7.83 -3.35
N ASP M 214 72.89 8.79 -2.98
CA ASP M 214 73.27 9.95 -2.12
C ASP M 214 72.13 10.22 -1.14
N ASN M 215 72.46 10.43 0.13
CA ASN M 215 71.46 10.69 1.15
C ASN M 215 70.72 12.02 1.04
N VAL M 216 71.13 12.82 0.07
CA VAL M 216 70.51 14.11 -0.14
C VAL M 216 69.11 13.74 -0.62
N VAL M 217 68.99 12.60 -1.29
CA VAL M 217 67.71 12.14 -1.81
C VAL M 217 66.80 11.79 -0.64
N GLN M 218 67.35 11.10 0.35
CA GLN M 218 66.62 10.66 1.55
C GLN M 218 66.13 11.86 2.41
N ARG M 219 66.99 12.86 2.59
CA ARG M 219 66.65 14.05 3.38
C ARG M 219 65.51 14.90 2.82
N ALA M 220 65.53 15.12 1.52
CA ALA M 220 64.53 15.91 0.81
C ALA M 220 63.21 15.12 0.86
N GLU M 221 63.33 13.82 1.04
CA GLU M 221 62.18 12.90 1.12
C GLU M 221 61.38 13.14 2.38
N ILE M 222 62.06 13.33 3.51
CA ILE M 222 61.33 13.56 4.77
C ILE M 222 60.64 14.91 4.57
N ARG M 223 61.35 15.86 3.99
CA ARG M 223 60.79 17.19 3.74
C ARG M 223 59.68 17.11 2.67
N ARG M 224 59.46 15.93 2.10
CA ARG M 224 58.45 15.73 1.07
C ARG M 224 58.53 16.61 -0.16
N MET M 225 59.77 16.88 -0.57
CA MET M 225 60.08 17.69 -1.74
C MET M 225 61.25 17.05 -2.47
N THR M 226 61.36 17.33 -3.76
CA THR M 226 62.40 16.82 -4.64
C THR M 226 63.76 17.43 -4.31
N VAL M 227 64.80 16.69 -4.62
CA VAL M 227 66.16 17.10 -4.36
C VAL M 227 66.41 18.36 -5.16
N ILE M 228 65.89 18.40 -6.37
CA ILE M 228 66.06 19.56 -7.22
C ILE M 228 65.42 20.72 -6.44
N GLU M 229 64.23 20.53 -5.88
CA GLU M 229 63.61 21.61 -5.12
C GLU M 229 64.35 21.94 -3.82
N TYR M 230 64.77 20.93 -3.05
CA TYR M 230 65.45 21.16 -1.78
C TYR M 230 66.84 21.80 -1.90
N ASP M 231 67.70 21.26 -2.75
CA ASP M 231 69.03 21.83 -2.90
C ASP M 231 69.26 22.01 -4.38
N PRO M 232 69.10 23.23 -4.90
CA PRO M 232 69.32 23.40 -6.33
C PRO M 232 70.80 23.20 -6.63
N LYS M 233 71.60 23.43 -5.58
CA LYS M 233 73.07 23.35 -5.52
C LYS M 233 73.66 21.93 -5.27
N ALA M 234 72.79 20.98 -4.96
CA ALA M 234 73.21 19.61 -4.68
C ALA M 234 73.73 18.96 -5.96
N LYS M 235 74.78 18.16 -5.81
CA LYS M 235 75.46 17.42 -6.88
C LYS M 235 74.52 16.33 -7.40
N GLN M 236 73.71 15.76 -6.51
CA GLN M 236 72.75 14.70 -6.85
C GLN M 236 71.67 15.32 -7.73
N ALA M 237 71.42 16.60 -7.50
CA ALA M 237 70.45 17.42 -8.21
C ALA M 237 70.92 17.62 -9.65
N ASP M 238 72.24 17.82 -9.79
CA ASP M 238 72.92 18.04 -11.07
C ASP M 238 72.76 16.72 -11.86
N GLU M 239 72.89 15.59 -11.16
CA GLU M 239 72.79 14.28 -11.78
C GLU M 239 71.43 14.09 -12.44
N TYR M 240 70.38 14.48 -11.75
CA TYR M 240 69.03 14.32 -12.28
C TYR M 240 68.86 15.25 -13.45
N ARG M 241 69.57 16.38 -13.43
CA ARG M 241 69.48 17.35 -14.52
C ARG M 241 70.12 16.65 -15.74
N ALA M 242 71.11 15.82 -15.47
CA ALA M 242 71.84 15.05 -16.47
C ALA M 242 70.88 14.03 -17.06
N LEU M 243 70.09 13.43 -16.20
CA LEU M 243 69.13 12.42 -16.60
C LEU M 243 68.06 13.09 -17.44
N ALA M 244 67.61 14.25 -17.01
CA ALA M 244 66.56 14.97 -17.72
C ALA M 244 67.07 15.46 -19.07
N ARG M 245 68.31 15.95 -19.09
CA ARG M 245 68.94 16.47 -20.30
C ARG M 245 69.11 15.30 -21.27
N LYS M 246 69.54 14.17 -20.76
CA LYS M 246 69.74 13.02 -21.60
C LYS M 246 68.39 12.52 -22.14
N VAL M 247 67.37 12.47 -21.31
CA VAL M 247 66.06 11.98 -21.73
C VAL M 247 65.48 12.79 -22.86
N VAL M 248 65.56 14.11 -22.77
CA VAL M 248 65.02 14.96 -23.84
C VAL M 248 65.82 14.83 -25.13
N ASP M 249 67.12 14.80 -24.98
CA ASP M 249 68.08 14.70 -26.08
C ASP M 249 68.13 13.38 -26.89
N ASN M 250 68.10 12.24 -26.21
CA ASN M 250 68.19 10.97 -26.91
C ASN M 250 67.10 10.69 -27.93
N LYS M 251 67.60 10.41 -29.14
CA LYS M 251 66.80 10.09 -30.33
C LYS M 251 66.73 8.58 -30.65
N LEU M 252 67.45 7.73 -29.90
CA LEU M 252 67.44 6.28 -30.18
C LEU M 252 66.54 5.45 -29.28
N LEU M 253 65.47 4.95 -29.91
CA LEU M 253 64.46 4.11 -29.26
C LEU M 253 64.62 2.78 -30.00
N VAL M 254 64.87 1.70 -29.29
CA VAL M 254 65.07 0.39 -29.91
C VAL M 254 64.16 -0.76 -29.50
N ILE M 255 63.85 -1.67 -30.43
CA ILE M 255 62.99 -2.78 -30.05
C ILE M 255 64.07 -3.61 -29.36
N PRO M 256 63.84 -3.95 -28.10
CA PRO M 256 64.75 -4.74 -27.26
C PRO M 256 64.87 -6.16 -27.68
N ASN M 257 66.06 -6.71 -27.55
CA ASN M 257 66.20 -8.08 -27.92
C ASN M 257 66.46 -8.65 -26.55
N PRO M 258 65.55 -9.51 -26.08
CA PRO M 258 65.73 -10.11 -24.76
C PRO M 258 66.77 -11.23 -24.60
N ILE M 259 67.48 -11.17 -23.47
CA ILE M 259 68.52 -12.10 -23.07
C ILE M 259 67.93 -13.39 -22.46
N THR M 260 68.63 -14.50 -22.63
CA THR M 260 68.20 -15.79 -22.11
C THR M 260 68.39 -15.95 -20.60
N MET M 261 67.81 -17.03 -20.08
CA MET M 261 67.87 -17.34 -18.66
C MET M 261 69.27 -17.72 -18.20
N ASP M 262 69.99 -18.53 -18.96
CA ASP M 262 71.35 -18.92 -18.56
C ASP M 262 72.24 -17.70 -18.67
N GLU M 263 72.02 -16.98 -19.75
CA GLU M 263 72.73 -15.78 -20.10
C GLU M 263 72.49 -14.75 -18.98
N LEU M 264 71.26 -14.62 -18.52
CA LEU M 264 70.98 -13.69 -17.44
C LEU M 264 71.65 -14.22 -16.16
N GLU M 265 71.49 -15.54 -15.95
CA GLU M 265 72.02 -16.26 -14.78
C GLU M 265 73.53 -16.42 -14.64
N GLU M 266 74.22 -16.74 -15.74
CA GLU M 266 75.67 -16.94 -15.77
C GLU M 266 76.31 -15.63 -15.35
N LEU M 267 75.77 -14.55 -15.90
CA LEU M 267 76.22 -13.19 -15.63
C LEU M 267 76.02 -12.92 -14.14
N LEU M 268 74.88 -13.33 -13.58
CA LEU M 268 74.60 -13.10 -12.18
C LEU M 268 75.51 -13.84 -11.19
N MET M 269 75.79 -15.13 -11.38
CA MET M 269 76.70 -15.79 -10.42
C MET M 269 78.15 -15.26 -10.50
N GLU M 270 78.65 -15.30 -11.74
CA GLU M 270 79.99 -14.88 -12.14
C GLU M 270 80.44 -13.42 -12.13
N PHE M 271 79.60 -12.54 -12.65
CA PHE M 271 79.89 -11.11 -12.72
C PHE M 271 79.66 -10.33 -11.41
N GLN N 4 44.57 -26.76 4.69
CA GLN N 4 44.86 -25.76 3.63
C GLN N 4 45.39 -24.40 4.16
N CYS N 5 46.56 -24.00 3.62
CA CYS N 5 47.34 -22.77 3.93
C CYS N 5 48.02 -22.02 2.76
N ALA N 6 48.15 -20.69 2.89
CA ALA N 6 48.79 -19.78 1.91
C ALA N 6 49.87 -18.79 2.46
N ILE N 7 50.99 -18.64 1.75
CA ILE N 7 52.12 -17.73 2.14
C ILE N 7 52.07 -16.56 1.11
N TYR N 8 51.80 -15.34 1.59
CA TYR N 8 51.71 -14.14 0.73
C TYR N 8 52.66 -13.01 1.20
N GLY N 9 53.37 -12.37 0.28
CA GLY N 9 54.26 -11.29 0.69
C GLY N 9 55.02 -10.61 -0.44
N LYS N 10 55.84 -9.63 -0.07
CA LYS N 10 56.65 -8.90 -1.02
C LYS N 10 57.67 -9.96 -1.47
N GLY N 11 58.09 -9.93 -2.72
CA GLY N 11 59.04 -10.93 -3.14
C GLY N 11 60.37 -10.68 -2.45
N GLY N 12 61.17 -11.73 -2.22
CA GLY N 12 62.46 -11.57 -1.56
C GLY N 12 62.50 -11.36 -0.06
N ILE N 13 61.33 -11.49 0.58
CA ILE N 13 61.15 -11.31 2.03
C ILE N 13 61.09 -12.62 2.78
N GLY N 14 61.47 -13.71 2.12
CA GLY N 14 61.43 -15.00 2.78
C GLY N 14 60.25 -15.89 2.63
N LYS N 15 59.37 -15.64 1.67
CA LYS N 15 58.21 -16.50 1.53
C LYS N 15 58.58 -17.92 1.09
N SER N 16 59.46 -18.06 0.10
CA SER N 16 59.85 -19.39 -0.36
C SER N 16 60.70 -20.29 0.57
N THR N 17 61.73 -19.68 1.11
CA THR N 17 62.69 -20.28 2.02
C THR N 17 62.12 -20.65 3.39
N THR N 18 61.31 -19.75 4.00
CA THR N 18 60.69 -19.94 5.31
C THR N 18 59.65 -21.05 5.19
N THR N 19 58.97 -21.10 4.05
CA THR N 19 57.94 -22.11 3.76
C THR N 19 58.57 -23.55 3.61
N GLN N 20 59.71 -23.64 2.91
CA GLN N 20 60.43 -24.92 2.67
C GLN N 20 61.02 -25.39 4.03
N ASN N 21 61.59 -24.46 4.77
CA ASN N 21 62.18 -24.75 6.07
C ASN N 21 61.07 -25.18 7.01
N LEU N 22 59.95 -24.46 6.97
CA LEU N 22 58.79 -24.76 7.83
C LEU N 22 58.26 -26.19 7.51
N VAL N 23 58.17 -26.51 6.22
CA VAL N 23 57.68 -27.79 5.67
C VAL N 23 58.60 -28.95 6.07
N ALA N 24 59.90 -28.70 6.05
CA ALA N 24 60.94 -29.68 6.40
C ALA N 24 60.80 -29.94 7.91
N ALA N 25 60.51 -28.88 8.65
CA ALA N 25 60.33 -28.94 10.09
C ALA N 25 59.15 -29.90 10.31
N LEU N 26 58.10 -29.73 9.53
CA LEU N 26 56.88 -30.55 9.57
C LEU N 26 57.18 -31.98 9.14
N ALA N 27 57.98 -32.10 8.08
CA ALA N 27 58.40 -33.36 7.47
C ALA N 27 59.18 -34.16 8.52
N GLU N 28 60.02 -33.45 9.27
CA GLU N 28 60.85 -34.01 10.31
C GLU N 28 59.88 -34.55 11.37
N MET N 29 58.81 -33.81 11.63
CA MET N 29 57.79 -34.21 12.58
C MET N 29 57.05 -35.44 12.04
N GLY N 30 57.01 -35.57 10.70
CA GLY N 30 56.30 -36.70 10.09
C GLY N 30 54.97 -36.44 9.41
N LYS N 31 54.59 -35.17 9.36
CA LYS N 31 53.35 -34.73 8.73
C LYS N 31 53.55 -34.81 7.22
N LYS N 32 52.60 -35.38 6.49
CA LYS N 32 52.79 -35.43 5.05
C LYS N 32 52.49 -33.97 4.62
N VAL N 33 53.36 -33.39 3.80
CA VAL N 33 53.14 -32.01 3.35
C VAL N 33 53.42 -31.93 1.84
N MET N 34 52.67 -31.07 1.17
CA MET N 34 52.75 -30.84 -0.28
C MET N 34 53.02 -29.36 -0.51
N ILE N 35 54.06 -29.01 -1.27
CA ILE N 35 54.35 -27.61 -1.51
C ILE N 35 54.16 -27.30 -3.00
N VAL N 36 53.31 -26.33 -3.26
CA VAL N 36 52.96 -25.87 -4.60
C VAL N 36 53.47 -24.45 -4.62
N GLY N 37 54.27 -24.10 -5.61
CA GLY N 37 54.75 -22.74 -5.67
C GLY N 37 53.88 -22.05 -6.70
N CYS N 38 53.28 -20.94 -6.34
CA CYS N 38 52.43 -20.22 -7.26
C CYS N 38 53.26 -19.05 -7.83
N ASP N 39 54.50 -18.99 -7.38
CA ASP N 39 55.49 -17.98 -7.77
C ASP N 39 56.08 -18.27 -9.16
N PRO N 40 56.15 -17.27 -10.05
CA PRO N 40 56.71 -17.40 -11.39
C PRO N 40 58.20 -17.65 -11.29
N LYS N 41 58.74 -17.40 -10.10
CA LYS N 41 60.17 -17.55 -9.74
C LYS N 41 60.56 -19.04 -9.76
N ALA N 42 59.66 -19.85 -9.19
CA ALA N 42 59.81 -21.30 -9.10
C ALA N 42 61.09 -21.85 -8.53
N ASP N 43 61.64 -21.12 -7.58
CA ASP N 43 62.87 -21.51 -6.91
C ASP N 43 62.31 -21.91 -5.57
N SER N 44 60.99 -21.99 -5.56
CA SER N 44 60.13 -22.33 -4.44
C SER N 44 60.25 -23.78 -3.94
N THR N 45 60.31 -24.73 -4.87
CA THR N 45 60.40 -26.15 -4.50
C THR N 45 61.90 -26.57 -4.43
N ARG N 46 62.80 -25.61 -4.61
CA ARG N 46 64.25 -25.89 -4.59
C ARG N 46 65.01 -26.40 -3.36
N LEU N 47 64.80 -25.87 -2.15
CA LEU N 47 65.59 -26.42 -1.05
C LEU N 47 65.20 -27.88 -0.72
N ILE N 48 63.92 -28.20 -0.68
CA ILE N 48 63.46 -29.58 -0.39
C ILE N 48 63.80 -30.55 -1.54
N LEU N 49 63.59 -30.13 -2.79
CA LEU N 49 63.84 -30.94 -3.99
C LEU N 49 65.29 -31.29 -4.38
N HIS N 50 66.29 -30.45 -4.11
CA HIS N 50 67.67 -30.80 -4.52
C HIS N 50 67.80 -30.85 -6.03
N SER N 51 67.08 -29.93 -6.66
CA SER N 51 67.06 -29.78 -8.09
C SER N 51 67.48 -28.34 -8.34
N LYS N 52 68.26 -28.11 -9.40
CA LYS N 52 68.68 -26.73 -9.66
C LYS N 52 67.43 -25.96 -10.06
N ALA N 53 66.63 -26.57 -10.95
CA ALA N 53 65.39 -25.95 -11.44
C ALA N 53 64.26 -26.99 -11.55
N GLN N 54 63.07 -26.68 -11.05
CA GLN N 54 61.94 -27.64 -11.15
C GLN N 54 61.11 -27.40 -12.39
N ASN N 55 60.88 -28.44 -13.18
CA ASN N 55 60.08 -28.24 -14.37
C ASN N 55 58.65 -27.95 -13.96
N THR N 56 58.12 -26.90 -14.55
CA THR N 56 56.76 -26.52 -14.24
C THR N 56 55.79 -27.31 -15.09
N ILE N 57 54.55 -27.32 -14.64
CA ILE N 57 53.43 -27.99 -15.27
C ILE N 57 53.22 -27.20 -16.57
N MET N 58 53.35 -25.89 -16.48
CA MET N 58 53.18 -25.01 -17.63
C MET N 58 54.31 -25.25 -18.61
N GLU N 59 55.55 -25.37 -18.15
CA GLU N 59 56.65 -25.59 -19.08
C GLU N 59 56.52 -26.96 -19.73
N MET N 60 56.19 -27.96 -18.94
CA MET N 60 56.02 -29.34 -19.37
C MET N 60 54.79 -29.45 -20.27
N ALA N 61 53.70 -28.80 -19.90
CA ALA N 61 52.44 -28.85 -20.68
C ALA N 61 52.57 -28.16 -22.06
N ALA N 62 53.44 -27.17 -22.14
CA ALA N 62 53.68 -26.42 -23.37
C ALA N 62 54.35 -27.24 -24.49
N GLU N 63 55.35 -28.03 -24.15
CA GLU N 63 56.05 -28.85 -25.15
C GLU N 63 55.05 -29.91 -25.63
N ALA N 64 54.33 -30.51 -24.68
CA ALA N 64 53.33 -31.55 -24.93
C ALA N 64 52.19 -30.86 -25.67
N GLY N 65 51.85 -29.68 -25.18
CA GLY N 65 50.78 -28.88 -25.76
C GLY N 65 49.41 -29.12 -25.19
N THR N 66 49.27 -30.13 -24.33
CA THR N 66 47.97 -30.42 -23.73
C THR N 66 47.96 -30.75 -22.22
N VAL N 67 47.00 -30.17 -21.50
CA VAL N 67 46.84 -30.39 -20.06
C VAL N 67 46.09 -31.72 -19.96
N GLU N 68 46.34 -32.46 -18.90
CA GLU N 68 45.73 -33.77 -18.65
C GLU N 68 46.26 -34.73 -19.70
N ASP N 69 47.26 -34.32 -20.47
CA ASP N 69 47.83 -35.19 -21.49
C ASP N 69 49.29 -35.28 -21.06
N LEU N 70 49.48 -34.77 -19.85
CA LEU N 70 50.75 -34.71 -19.18
C LEU N 70 50.51 -35.44 -17.86
N GLU N 71 51.38 -36.37 -17.51
CA GLU N 71 51.27 -37.14 -16.27
C GLU N 71 51.63 -36.50 -14.95
N LEU N 72 50.96 -36.96 -13.89
CA LEU N 72 51.15 -36.47 -12.53
C LEU N 72 52.52 -36.81 -11.92
N GLU N 73 53.02 -38.00 -12.16
CA GLU N 73 54.34 -38.40 -11.61
C GLU N 73 55.41 -37.47 -12.20
N ASP N 74 55.34 -37.14 -13.49
CA ASP N 74 56.35 -36.27 -14.07
C ASP N 74 56.19 -34.86 -13.47
N VAL N 75 54.96 -34.40 -13.34
CA VAL N 75 54.68 -33.08 -12.77
C VAL N 75 55.03 -33.02 -11.27
N LEU N 76 54.67 -34.03 -10.49
CA LEU N 76 54.97 -33.99 -9.08
C LEU N 76 55.96 -35.10 -8.67
N LYS N 77 57.09 -34.66 -8.12
CA LYS N 77 58.17 -35.51 -7.64
C LYS N 77 58.32 -35.33 -6.13
N ALA N 78 58.25 -36.42 -5.39
CA ALA N 78 58.38 -36.32 -3.94
C ALA N 78 59.82 -36.01 -3.51
N GLY N 79 59.89 -35.05 -2.60
CA GLY N 79 61.12 -34.55 -2.00
C GLY N 79 61.60 -35.20 -0.70
N TYR N 80 62.50 -34.49 -0.04
CA TYR N 80 63.09 -34.92 1.24
C TYR N 80 61.93 -34.87 2.22
N GLY N 81 61.86 -35.86 3.09
CA GLY N 81 60.78 -35.92 4.07
C GLY N 81 59.48 -36.50 3.53
N GLY N 82 59.50 -36.95 2.27
CA GLY N 82 58.32 -37.51 1.62
C GLY N 82 57.31 -36.48 1.13
N VAL N 83 57.65 -35.22 1.27
CA VAL N 83 56.79 -34.11 0.84
C VAL N 83 56.79 -33.91 -0.67
N LYS N 84 55.58 -33.77 -1.21
CA LYS N 84 55.36 -33.57 -2.64
C LYS N 84 55.52 -32.08 -2.99
N CYS N 85 56.42 -31.79 -3.93
CA CYS N 85 56.66 -30.41 -4.36
C CYS N 85 56.35 -30.19 -5.84
N VAL N 86 55.55 -29.16 -6.11
CA VAL N 86 55.17 -28.80 -7.48
C VAL N 86 55.16 -27.28 -7.73
N GLU N 87 55.51 -26.90 -8.95
CA GLU N 87 55.57 -25.49 -9.35
C GLU N 87 54.47 -25.18 -10.37
N SER N 88 53.68 -24.15 -10.10
CA SER N 88 52.65 -23.83 -11.06
C SER N 88 53.36 -23.31 -12.32
N GLY N 89 54.36 -22.44 -12.11
CA GLY N 89 55.07 -21.92 -13.26
C GLY N 89 54.09 -20.92 -13.86
N GLY N 90 54.30 -20.49 -15.09
CA GLY N 90 53.37 -19.55 -15.68
C GLY N 90 53.71 -19.15 -17.10
N PRO N 91 52.87 -18.29 -17.68
CA PRO N 91 52.98 -17.73 -19.02
C PRO N 91 54.11 -16.74 -19.09
N GLU N 92 54.51 -16.43 -20.31
CA GLU N 92 55.59 -15.52 -20.62
C GLU N 92 55.28 -14.08 -20.27
N PRO N 93 56.31 -13.33 -19.89
CA PRO N 93 56.14 -11.94 -19.50
C PRO N 93 55.55 -11.13 -20.64
N GLY N 94 54.53 -10.34 -20.31
CA GLY N 94 53.86 -9.53 -21.32
C GLY N 94 52.73 -10.29 -22.00
N VAL N 95 52.56 -11.60 -21.70
CA VAL N 95 51.48 -12.39 -22.31
C VAL N 95 50.48 -12.89 -21.27
N GLY N 96 49.21 -12.54 -21.50
CA GLY N 96 48.11 -12.91 -20.64
C GLY N 96 48.15 -12.43 -19.20
N CYS N 97 47.90 -13.32 -18.25
CA CYS N 97 47.90 -13.02 -16.82
C CYS N 97 48.67 -14.18 -16.15
N ALA N 98 49.61 -13.84 -15.28
CA ALA N 98 50.45 -14.81 -14.59
C ALA N 98 49.70 -15.69 -13.57
N GLY N 99 48.85 -15.05 -12.80
CA GLY N 99 48.08 -15.74 -11.79
C GLY N 99 47.19 -16.82 -12.36
N ARG N 100 46.94 -16.76 -13.65
CA ARG N 100 46.12 -17.70 -14.36
C ARG N 100 46.86 -19.03 -14.32
N GLY N 101 48.16 -18.98 -14.56
CA GLY N 101 48.95 -20.19 -14.55
C GLY N 101 48.86 -20.87 -13.19
N VAL N 102 48.57 -20.10 -12.16
CA VAL N 102 48.44 -20.59 -10.80
C VAL N 102 47.18 -21.49 -10.76
N ILE N 103 46.14 -21.04 -11.46
CA ILE N 103 44.84 -21.71 -11.58
C ILE N 103 44.87 -23.04 -12.34
N THR N 104 45.59 -23.08 -13.44
CA THR N 104 45.69 -24.29 -14.26
C THR N 104 46.38 -25.38 -13.45
N ALA N 105 47.45 -25.03 -12.76
CA ALA N 105 48.23 -25.97 -11.96
C ALA N 105 47.46 -26.57 -10.78
N ILE N 106 46.73 -25.74 -10.06
CA ILE N 106 45.93 -26.12 -8.91
C ILE N 106 44.83 -27.08 -9.36
N ASN N 107 44.20 -26.75 -10.48
CA ASN N 107 43.12 -27.55 -11.07
C ASN N 107 43.68 -28.87 -11.57
N PHE N 108 44.92 -28.85 -12.06
CA PHE N 108 45.62 -30.02 -12.61
C PHE N 108 45.86 -30.99 -11.48
N LEU N 109 46.29 -30.46 -10.35
CA LEU N 109 46.58 -31.24 -9.15
C LEU N 109 45.32 -31.92 -8.56
N GLU N 110 44.17 -31.24 -8.49
CA GLU N 110 42.93 -31.83 -7.93
C GLU N 110 42.34 -32.98 -8.81
N GLU N 111 42.29 -32.78 -10.13
CA GLU N 111 41.75 -33.76 -11.10
C GLU N 111 42.67 -34.98 -11.04
N GLU N 112 43.96 -34.70 -10.97
CA GLU N 112 45.03 -35.66 -10.92
C GLU N 112 45.16 -36.51 -9.66
N GLY N 113 44.33 -36.27 -8.64
CA GLY N 113 44.39 -37.05 -7.40
C GLY N 113 45.44 -36.72 -6.34
N ALA N 114 45.97 -35.52 -6.42
CA ALA N 114 46.98 -35.06 -5.49
C ALA N 114 46.32 -34.88 -4.11
N TYR N 115 45.14 -34.28 -4.10
CA TYR N 115 44.37 -34.02 -2.89
C TYR N 115 43.66 -35.28 -2.30
N GLU N 116 43.21 -35.18 -1.03
CA GLU N 116 42.57 -36.30 -0.33
C GLU N 116 43.50 -37.52 -0.47
N ASP N 117 44.80 -37.22 -0.42
CA ASP N 117 45.88 -38.17 -0.52
C ASP N 117 46.33 -38.40 0.92
N ASP N 118 45.55 -37.87 1.86
CA ASP N 118 45.86 -37.99 3.29
C ASP N 118 47.12 -37.27 3.65
N LEU N 119 47.28 -36.15 2.97
CA LEU N 119 48.39 -35.25 3.11
C LEU N 119 47.95 -34.35 4.27
N ASP N 120 48.74 -34.22 5.30
CA ASP N 120 48.36 -33.39 6.43
C ASP N 120 48.32 -31.92 6.10
N PHE N 121 49.35 -31.45 5.39
CA PHE N 121 49.39 -30.04 5.01
C PHE N 121 49.86 -29.64 3.61
N VAL N 122 49.19 -28.62 3.09
CA VAL N 122 49.44 -28.05 1.77
C VAL N 122 49.93 -26.59 1.98
N PHE N 123 51.11 -26.28 1.44
CA PHE N 123 51.67 -24.95 1.55
C PHE N 123 51.81 -24.35 0.16
N TYR N 124 51.30 -23.14 0.04
CA TYR N 124 51.34 -22.41 -1.22
C TYR N 124 52.33 -21.26 -1.07
N ASP N 125 53.24 -21.22 -2.03
CA ASP N 125 54.26 -20.19 -2.06
C ASP N 125 53.58 -19.13 -2.93
N VAL N 126 53.30 -17.98 -2.34
CA VAL N 126 52.63 -16.95 -3.09
C VAL N 126 53.25 -15.58 -3.10
N LEU N 127 53.17 -14.96 -4.26
CA LEU N 127 53.69 -13.64 -4.47
C LEU N 127 52.63 -12.65 -4.06
N GLY N 128 53.01 -11.78 -3.15
CA GLY N 128 52.14 -10.75 -2.62
C GLY N 128 52.46 -9.40 -3.24
N ASP N 129 53.25 -9.38 -4.29
CA ASP N 129 53.58 -8.09 -4.84
C ASP N 129 52.30 -7.55 -5.40
N VAL N 130 51.54 -8.36 -6.10
CA VAL N 130 50.30 -7.84 -6.64
C VAL N 130 49.12 -8.74 -6.31
N VAL N 131 48.08 -8.21 -5.66
CA VAL N 131 46.94 -9.06 -5.35
C VAL N 131 46.05 -8.71 -6.53
N CYS N 132 45.79 -9.71 -7.35
CA CYS N 132 44.96 -9.61 -8.55
C CYS N 132 44.08 -10.84 -8.68
N GLY N 133 43.27 -10.86 -9.73
CA GLY N 133 42.37 -11.98 -9.92
C GLY N 133 43.13 -13.27 -10.13
N GLY N 134 44.17 -13.26 -10.94
CA GLY N 134 44.90 -14.51 -11.13
C GLY N 134 45.61 -14.89 -9.84
N PHE N 135 46.24 -13.92 -9.19
CA PHE N 135 46.97 -14.11 -7.93
C PHE N 135 46.21 -14.44 -6.64
N ALA N 136 45.10 -13.73 -6.43
CA ALA N 136 44.24 -13.87 -5.25
C ALA N 136 43.31 -15.04 -5.51
N MET N 137 43.61 -15.78 -6.56
CA MET N 137 42.82 -16.94 -6.97
C MET N 137 42.79 -17.96 -5.84
N PRO N 138 43.94 -18.24 -5.20
CA PRO N 138 43.81 -19.24 -4.13
C PRO N 138 42.80 -18.74 -3.06
N ILE N 139 42.77 -17.44 -2.83
CA ILE N 139 41.87 -16.83 -1.87
C ILE N 139 40.39 -16.89 -2.29
N ARG N 140 40.11 -16.61 -3.57
CA ARG N 140 38.72 -16.59 -4.10
C ARG N 140 38.13 -17.98 -4.09
N GLU N 141 38.92 -18.94 -4.54
CA GLU N 141 38.50 -20.31 -4.55
C GLU N 141 38.89 -20.54 -3.10
N ASN N 142 38.27 -21.47 -2.39
CA ASN N 142 38.74 -21.62 -1.00
C ASN N 142 39.93 -22.56 -1.13
N LYS N 143 40.93 -22.12 -1.88
CA LYS N 143 42.11 -22.95 -2.05
C LYS N 143 42.84 -23.03 -0.71
N ALA N 144 42.99 -21.90 -0.03
CA ALA N 144 43.68 -21.91 1.25
C ALA N 144 42.82 -21.42 2.41
N GLN N 145 42.60 -22.26 3.41
CA GLN N 145 41.80 -21.87 4.55
C GLN N 145 42.40 -20.79 5.50
N GLU N 146 43.68 -20.92 5.82
CA GLU N 146 44.37 -19.99 6.71
C GLU N 146 45.60 -19.42 5.98
N ILE N 147 45.71 -18.10 5.98
CA ILE N 147 46.82 -17.40 5.31
C ILE N 147 47.85 -16.76 6.22
N TYR N 148 49.13 -17.01 5.94
CA TYR N 148 50.23 -16.47 6.73
C TYR N 148 50.99 -15.55 5.77
N ILE N 149 51.24 -14.33 6.23
CA ILE N 149 51.94 -13.39 5.38
C ILE N 149 53.28 -13.05 5.96
N VAL N 150 54.28 -13.32 5.13
CA VAL N 150 55.65 -13.06 5.49
C VAL N 150 55.68 -11.53 5.33
N CYS N 151 56.20 -10.84 6.34
CA CYS N 151 56.29 -9.39 6.35
C CYS N 151 57.60 -8.95 7.01
N SER N 152 58.05 -7.73 6.72
CA SER N 152 59.29 -7.17 7.27
C SER N 152 59.23 -5.72 7.83
N GLY N 153 60.29 -5.34 8.54
CA GLY N 153 60.36 -4.01 9.14
C GLY N 153 60.29 -2.88 8.13
N GLU N 154 60.63 -3.18 6.89
CA GLU N 154 60.57 -2.18 5.84
C GLU N 154 59.10 -1.98 5.46
N MET N 155 58.85 -0.94 4.67
CA MET N 155 57.52 -0.51 4.21
C MET N 155 56.77 -1.42 3.23
N MET N 156 57.46 -1.96 2.23
CA MET N 156 56.81 -2.84 1.26
C MET N 156 56.14 -4.13 1.80
N ALA N 157 56.83 -4.84 2.68
CA ALA N 157 56.32 -6.08 3.26
C ALA N 157 55.05 -5.75 4.07
N MET N 158 55.10 -4.67 4.85
CA MET N 158 53.97 -4.25 5.69
C MET N 158 52.78 -3.86 4.79
N TYR N 159 53.08 -3.12 3.72
CA TYR N 159 52.10 -2.62 2.74
C TYR N 159 51.49 -3.77 1.93
N ALA N 160 52.35 -4.73 1.56
CA ALA N 160 51.96 -5.91 0.78
C ALA N 160 51.05 -6.80 1.64
N ALA N 161 51.44 -6.96 2.90
CA ALA N 161 50.73 -7.77 3.86
C ALA N 161 49.39 -7.09 4.03
N ASN N 162 49.44 -5.78 4.07
CA ASN N 162 48.24 -4.97 4.22
C ASN N 162 47.30 -5.23 3.04
N ASN N 163 47.87 -5.29 1.83
CA ASN N 163 47.15 -5.53 0.58
C ASN N 163 46.59 -6.95 0.63
N ILE N 164 47.42 -7.85 1.13
CA ILE N 164 47.09 -9.25 1.24
C ILE N 164 45.86 -9.38 2.15
N SER N 165 45.85 -8.60 3.21
CA SER N 165 44.76 -8.62 4.16
C SER N 165 43.42 -8.11 3.60
N LYS N 166 43.42 -7.01 2.88
CA LYS N 166 42.17 -6.47 2.35
C LYS N 166 41.57 -7.57 1.46
N GLY N 167 42.38 -8.20 0.64
CA GLY N 167 41.85 -9.24 -0.23
C GLY N 167 41.24 -10.39 0.56
N ILE N 168 41.74 -10.58 1.75
CA ILE N 168 41.21 -11.64 2.58
C ILE N 168 39.80 -11.19 2.91
N VAL N 169 39.63 -9.89 3.17
CA VAL N 169 38.33 -9.26 3.51
C VAL N 169 37.24 -9.30 2.40
N LYS N 170 37.58 -9.04 1.14
CA LYS N 170 36.57 -9.06 0.07
C LYS N 170 36.01 -10.46 -0.19
N TYR N 171 36.78 -11.49 0.06
CA TYR N 171 36.29 -12.84 -0.18
C TYR N 171 36.01 -13.56 1.13
N ALA N 172 35.87 -12.76 2.20
CA ALA N 172 35.61 -13.30 3.51
C ALA N 172 34.21 -13.95 3.45
N ASN N 173 33.22 -13.31 2.85
CA ASN N 173 31.87 -13.90 2.76
C ASN N 173 31.81 -15.14 1.84
N SER N 174 32.44 -15.09 0.66
CA SER N 174 32.39 -16.27 -0.23
C SER N 174 33.17 -17.43 0.34
N GLY N 175 34.36 -17.13 0.81
CA GLY N 175 35.22 -18.15 1.37
C GLY N 175 35.23 -18.49 2.84
N SER N 176 36.09 -19.46 3.15
CA SER N 176 36.31 -19.96 4.51
C SER N 176 37.69 -19.43 4.92
N VAL N 177 38.27 -18.63 4.03
CA VAL N 177 39.60 -18.03 4.23
C VAL N 177 39.65 -16.92 5.29
N ARG N 178 40.70 -17.01 6.12
CA ARG N 178 40.99 -16.08 7.21
C ARG N 178 42.49 -15.93 7.30
N LEU N 179 42.96 -14.81 7.85
CA LEU N 179 44.39 -14.66 7.96
C LEU N 179 44.77 -15.15 9.36
N GLY N 180 45.54 -16.24 9.37
CA GLY N 180 46.02 -16.89 10.58
C GLY N 180 47.04 -16.19 11.48
N GLY N 181 48.05 -15.60 10.84
CA GLY N 181 49.09 -14.90 11.57
C GLY N 181 50.12 -14.32 10.60
N LEU N 182 51.08 -13.56 11.14
CA LEU N 182 52.12 -12.93 10.34
C LEU N 182 53.47 -13.51 10.73
N ILE N 183 54.20 -14.05 9.77
CA ILE N 183 55.53 -14.62 10.03
C ILE N 183 56.49 -13.44 9.87
N CYS N 184 57.33 -13.21 10.86
CA CYS N 184 58.26 -12.11 10.75
C CYS N 184 59.62 -12.65 10.33
N ASN N 185 60.18 -11.99 9.32
CA ASN N 185 61.46 -12.31 8.75
C ASN N 185 62.39 -11.21 9.20
N SER N 186 63.56 -11.60 9.67
CA SER N 186 64.47 -10.58 10.13
C SER N 186 65.35 -9.91 9.06
N ARG N 187 65.25 -8.59 9.00
CA ARG N 187 65.98 -7.73 8.07
C ARG N 187 67.05 -6.97 8.87
N ASN N 188 67.20 -7.36 10.13
CA ASN N 188 68.15 -6.73 11.05
C ASN N 188 67.77 -5.29 11.42
N THR N 189 66.47 -5.06 11.53
CA THR N 189 65.92 -3.75 11.88
C THR N 189 66.13 -3.54 13.37
N ASP N 190 66.29 -2.29 13.80
CA ASP N 190 66.51 -2.00 15.20
C ASP N 190 65.30 -2.46 16.01
N ARG N 191 64.08 -2.18 15.55
CA ARG N 191 62.91 -2.61 16.31
C ARG N 191 61.88 -3.22 15.34
N GLU N 192 62.25 -4.35 14.74
CA GLU N 192 61.43 -5.10 13.78
C GLU N 192 60.15 -5.79 14.26
N ASP N 193 60.29 -6.54 15.35
CA ASP N 193 59.23 -7.32 16.01
C ASP N 193 58.10 -6.58 16.69
N GLU N 194 58.48 -5.55 17.42
CA GLU N 194 57.58 -4.69 18.16
C GLU N 194 56.66 -4.13 17.11
N LEU N 195 57.26 -3.81 15.97
CA LEU N 195 56.57 -3.23 14.82
C LEU N 195 55.59 -4.25 14.18
N ILE N 196 56.02 -5.50 14.06
CA ILE N 196 55.21 -6.58 13.47
C ILE N 196 54.02 -6.91 14.38
N ILE N 197 54.29 -6.98 15.68
CA ILE N 197 53.28 -7.30 16.66
C ILE N 197 52.27 -6.17 16.76
N ALA N 198 52.74 -4.93 16.67
CA ALA N 198 51.89 -3.73 16.74
C ALA N 198 51.02 -3.75 15.47
N LEU N 199 51.65 -4.07 14.36
CA LEU N 199 51.01 -4.15 13.05
C LEU N 199 50.03 -5.35 13.06
N ALA N 200 50.50 -6.46 13.61
CA ALA N 200 49.74 -7.71 13.72
C ALA N 200 48.50 -7.40 14.57
N ASN N 201 48.73 -6.65 15.64
CA ASN N 201 47.72 -6.23 16.60
C ASN N 201 46.68 -5.27 16.03
N LYS N 202 47.13 -4.30 15.26
CA LYS N 202 46.26 -3.31 14.63
C LYS N 202 45.30 -4.04 13.68
N LEU N 203 45.83 -5.01 12.92
CA LEU N 203 45.06 -5.81 11.96
C LEU N 203 44.09 -6.71 12.78
N GLY N 204 44.54 -7.32 13.87
CA GLY N 204 43.62 -8.16 14.63
C GLY N 204 44.06 -9.60 14.61
N THR N 205 45.29 -9.79 14.14
CA THR N 205 45.86 -11.12 14.08
C THR N 205 47.22 -11.06 14.70
N GLN N 206 47.56 -12.20 15.28
CA GLN N 206 48.80 -12.51 15.98
C GLN N 206 50.02 -12.74 15.13
N MET N 207 51.18 -12.27 15.59
CA MET N 207 52.37 -12.51 14.81
C MET N 207 52.65 -13.89 15.33
N ILE N 208 52.63 -14.85 14.44
CA ILE N 208 52.87 -16.21 14.85
C ILE N 208 54.30 -16.52 15.33
N HIS N 209 55.27 -16.01 14.57
CA HIS N 209 56.68 -16.22 14.88
C HIS N 209 57.56 -15.07 14.36
N PHE N 210 58.73 -14.88 15.00
CA PHE N 210 59.74 -13.86 14.65
C PHE N 210 60.94 -14.72 14.29
N VAL N 211 61.61 -14.46 13.17
CA VAL N 211 62.75 -15.29 12.83
C VAL N 211 64.06 -14.49 12.69
N PRO N 212 65.13 -14.96 13.33
CA PRO N 212 66.46 -14.30 13.29
C PRO N 212 67.12 -14.35 11.92
N ARG N 213 67.89 -13.32 11.59
CA ARG N 213 68.57 -13.27 10.30
C ARG N 213 69.93 -13.92 10.61
N ASP N 214 70.23 -15.05 9.95
CA ASP N 214 71.50 -15.81 10.15
C ASP N 214 72.15 -16.37 8.87
N ASN N 215 73.46 -16.58 8.93
CA ASN N 215 74.27 -17.09 7.80
C ASN N 215 74.16 -18.59 7.49
N VAL N 216 73.57 -19.34 8.40
CA VAL N 216 73.42 -20.79 8.26
C VAL N 216 72.47 -21.00 7.07
N VAL N 217 71.41 -20.19 7.00
CA VAL N 217 70.40 -20.26 5.95
C VAL N 217 71.05 -20.01 4.58
N GLN N 218 71.92 -19.00 4.54
CA GLN N 218 72.68 -18.55 3.35
C GLN N 218 73.71 -19.61 2.90
N ARG N 219 74.37 -20.22 3.88
CA ARG N 219 75.40 -21.26 3.68
C ARG N 219 74.80 -22.57 3.10
N ALA N 220 73.65 -22.98 3.62
CA ALA N 220 72.92 -24.20 3.20
C ALA N 220 72.33 -24.13 1.78
N GLU N 221 71.81 -22.95 1.42
CA GLU N 221 71.18 -22.65 0.14
C GLU N 221 72.05 -22.64 -1.09
N ILE N 222 73.31 -22.30 -0.91
CA ILE N 222 74.28 -22.24 -1.97
C ILE N 222 74.42 -23.74 -2.33
N ARG N 223 74.21 -24.61 -1.34
CA ARG N 223 74.26 -26.08 -1.46
C ARG N 223 72.94 -26.71 -1.94
N ARG N 224 71.88 -25.92 -2.01
CA ARG N 224 70.55 -26.37 -2.44
C ARG N 224 69.85 -27.35 -1.49
N MET N 225 70.05 -27.13 -0.20
CA MET N 225 69.44 -27.93 0.84
C MET N 225 68.93 -26.96 1.88
N THR N 226 67.98 -27.45 2.64
CA THR N 226 67.37 -26.66 3.67
C THR N 226 68.29 -26.55 4.87
N VAL N 227 67.92 -25.60 5.71
CA VAL N 227 68.61 -25.25 6.93
C VAL N 227 68.46 -26.40 7.88
N ILE N 228 67.23 -26.93 7.91
CA ILE N 228 66.89 -28.06 8.75
C ILE N 228 67.75 -29.31 8.39
N GLU N 229 67.82 -29.65 7.11
CA GLU N 229 68.59 -30.83 6.65
C GLU N 229 70.10 -30.63 6.83
N TYR N 230 70.60 -29.47 6.49
CA TYR N 230 72.01 -29.21 6.62
C TYR N 230 72.38 -29.18 8.09
N ASP N 231 71.57 -28.50 8.90
CA ASP N 231 71.83 -28.39 10.33
C ASP N 231 70.79 -28.60 11.44
N PRO N 232 70.39 -29.85 11.77
CA PRO N 232 69.41 -30.11 12.84
C PRO N 232 70.03 -29.69 14.17
N LYS N 233 71.36 -29.60 14.14
CA LYS N 233 72.18 -29.20 15.29
C LYS N 233 71.92 -27.71 15.62
N ALA N 234 71.86 -26.90 14.57
CA ALA N 234 71.61 -25.45 14.55
C ALA N 234 70.43 -24.73 15.23
N LYS N 235 70.72 -23.51 15.68
CA LYS N 235 69.80 -22.59 16.34
C LYS N 235 68.71 -22.13 15.36
N GLN N 236 69.08 -21.90 14.11
CA GLN N 236 68.14 -21.44 13.08
C GLN N 236 67.08 -22.51 12.76
N ALA N 237 67.51 -23.77 12.74
CA ALA N 237 66.66 -24.94 12.45
C ALA N 237 65.62 -25.09 13.56
N ASP N 238 66.06 -24.82 14.79
CA ASP N 238 65.23 -24.88 16.01
C ASP N 238 64.15 -23.81 15.91
N GLU N 239 64.52 -22.64 15.38
CA GLU N 239 63.60 -21.52 15.22
C GLU N 239 62.55 -22.02 14.21
N TYR N 240 62.97 -22.69 13.13
CA TYR N 240 62.02 -23.17 12.13
C TYR N 240 61.16 -24.30 12.74
N ARG N 241 61.71 -25.01 13.70
CA ARG N 241 61.00 -26.11 14.36
C ARG N 241 59.86 -25.43 15.16
N ALA N 242 60.18 -24.29 15.79
CA ALA N 242 59.26 -23.49 16.62
C ALA N 242 58.07 -22.97 15.81
N LEU N 243 58.34 -22.48 14.62
CA LEU N 243 57.32 -21.94 13.72
C LEU N 243 56.34 -23.03 13.25
N ALA N 244 56.89 -24.18 12.88
CA ALA N 244 56.14 -25.34 12.40
C ALA N 244 55.30 -25.87 13.56
N ARG N 245 55.91 -25.92 14.74
CA ARG N 245 55.22 -26.41 15.93
C ARG N 245 54.08 -25.42 16.19
N LYS N 246 54.34 -24.11 16.07
CA LYS N 246 53.32 -23.07 16.29
C LYS N 246 52.22 -23.10 15.21
N VAL N 247 52.60 -23.43 13.99
CA VAL N 247 51.66 -23.47 12.88
C VAL N 247 50.66 -24.62 13.12
N VAL N 248 51.15 -25.78 13.54
CA VAL N 248 50.30 -26.95 13.80
C VAL N 248 49.45 -26.59 15.02
N ASP N 249 50.10 -25.96 16.00
CA ASP N 249 49.51 -25.54 17.26
C ASP N 249 48.47 -24.40 17.18
N ASN N 250 48.70 -23.34 16.38
CA ASN N 250 47.75 -22.24 16.30
C ASN N 250 46.37 -22.61 15.71
N LYS N 251 45.32 -22.22 16.45
CA LYS N 251 43.89 -22.41 16.16
C LYS N 251 43.12 -21.12 15.92
N LEU N 252 43.85 -20.03 16.01
CA LEU N 252 43.28 -18.72 15.82
C LEU N 252 43.37 -18.22 14.40
N LEU N 253 42.20 -18.04 13.79
CA LEU N 253 42.08 -17.57 12.43
C LEU N 253 41.12 -16.41 12.57
N VAL N 254 41.50 -15.27 12.01
CA VAL N 254 40.66 -14.08 12.08
C VAL N 254 40.60 -13.28 10.79
N ILE N 255 39.46 -12.62 10.59
CA ILE N 255 39.24 -11.79 9.42
C ILE N 255 39.79 -10.40 9.75
N PRO N 256 40.73 -9.91 8.94
CA PRO N 256 41.37 -8.60 9.09
C PRO N 256 40.63 -7.28 8.88
N ASN N 257 41.04 -6.26 9.65
CA ASN N 257 40.45 -4.94 9.52
C ASN N 257 41.69 -4.29 8.91
N PRO N 258 41.67 -3.98 7.62
CA PRO N 258 42.89 -3.37 7.09
C PRO N 258 43.16 -1.97 7.63
N ILE N 259 44.43 -1.71 7.92
CA ILE N 259 44.87 -0.44 8.44
C ILE N 259 45.09 0.63 7.37
N THR N 260 44.88 1.89 7.74
CA THR N 260 45.06 2.99 6.79
C THR N 260 46.51 3.44 6.60
N MET N 261 46.70 4.15 5.49
CA MET N 261 47.97 4.70 5.04
C MET N 261 48.48 5.81 5.96
N ASP N 262 47.59 6.71 6.39
CA ASP N 262 47.94 7.83 7.27
C ASP N 262 48.42 7.27 8.59
N GLU N 263 47.72 6.28 9.10
CA GLU N 263 48.07 5.67 10.36
C GLU N 263 49.40 4.88 10.23
N LEU N 264 49.69 4.40 9.03
CA LEU N 264 50.90 3.64 8.76
C LEU N 264 52.08 4.57 9.07
N GLU N 265 51.98 5.80 8.61
CA GLU N 265 52.98 6.82 8.82
C GLU N 265 53.15 7.29 10.28
N GLU N 266 52.05 7.42 11.04
CA GLU N 266 52.16 7.86 12.45
C GLU N 266 52.93 6.73 13.19
N LEU N 267 52.51 5.51 12.86
CA LEU N 267 53.03 4.26 13.37
C LEU N 267 54.47 4.10 12.91
N LEU N 268 54.71 4.42 11.64
CA LEU N 268 56.03 4.32 11.03
C LEU N 268 57.01 5.34 11.65
N MET N 269 56.57 6.58 11.84
CA MET N 269 57.40 7.64 12.44
C MET N 269 57.65 7.29 13.90
N GLU N 270 56.64 6.64 14.52
CA GLU N 270 56.64 6.21 15.91
C GLU N 270 57.63 5.10 16.24
N PHE N 271 57.75 4.08 15.40
CA PHE N 271 58.68 3.01 15.67
C PHE N 271 60.11 3.44 15.29
N GLY N 272 60.17 4.56 14.55
CA GLY N 272 61.41 5.15 14.09
C GLY N 272 61.89 4.91 12.67
N ILE N 273 61.16 4.15 11.84
CA ILE N 273 61.70 4.00 10.49
C ILE N 273 61.73 5.43 9.96
N MET O 2 -40.03 -75.88 -67.17
CA MET O 2 -41.41 -75.63 -66.64
C MET O 2 -41.98 -74.37 -67.25
N ARG O 3 -42.87 -74.57 -68.22
CA ARG O 3 -43.45 -73.42 -68.86
C ARG O 3 -44.47 -72.87 -67.88
N GLN O 4 -44.37 -71.56 -67.69
CA GLN O 4 -45.20 -70.74 -66.82
C GLN O 4 -45.81 -69.87 -67.88
N CYS O 5 -47.11 -69.70 -67.85
CA CYS O 5 -47.74 -68.87 -68.86
C CYS O 5 -48.79 -67.95 -68.23
N ALA O 6 -48.99 -66.76 -68.80
CA ALA O 6 -50.01 -65.89 -68.21
C ALA O 6 -51.17 -65.55 -69.16
N ILE O 7 -52.38 -65.90 -68.75
CA ILE O 7 -53.54 -65.60 -69.57
C ILE O 7 -53.85 -64.14 -69.28
N TYR O 8 -54.08 -63.33 -70.31
CA TYR O 8 -54.40 -61.91 -70.07
C TYR O 8 -55.62 -61.55 -70.92
N GLY O 9 -56.46 -60.65 -70.43
CA GLY O 9 -57.62 -60.27 -71.20
C GLY O 9 -58.50 -59.24 -70.53
N LYS O 10 -59.54 -58.88 -71.27
CA LYS O 10 -60.58 -57.91 -70.91
C LYS O 10 -61.55 -58.62 -69.99
N GLY O 11 -62.17 -57.89 -69.08
CA GLY O 11 -63.11 -58.54 -68.17
C GLY O 11 -64.38 -59.07 -68.86
N GLY O 12 -64.95 -60.15 -68.34
CA GLY O 12 -66.14 -60.69 -68.95
C GLY O 12 -65.90 -61.48 -70.24
N ILE O 13 -64.66 -61.75 -70.62
CA ILE O 13 -64.44 -62.52 -71.86
C ILE O 13 -64.13 -64.00 -71.71
N GLY O 14 -64.16 -64.54 -70.52
CA GLY O 14 -63.85 -65.95 -70.42
C GLY O 14 -62.40 -66.39 -70.27
N LYS O 15 -61.61 -65.51 -69.69
CA LYS O 15 -60.20 -65.79 -69.44
C LYS O 15 -60.23 -66.90 -68.38
N SER O 16 -61.10 -66.71 -67.38
CA SER O 16 -61.20 -67.65 -66.29
C SER O 16 -61.73 -69.03 -66.64
N THR O 17 -62.79 -69.10 -67.44
CA THR O 17 -63.38 -70.37 -67.82
C THR O 17 -62.45 -71.19 -68.72
N THR O 18 -61.86 -70.48 -69.67
CA THR O 18 -60.96 -71.02 -70.63
C THR O 18 -59.67 -71.50 -69.89
N THR O 19 -59.16 -70.72 -68.96
CA THR O 19 -57.95 -71.13 -68.24
C THR O 19 -58.17 -72.38 -67.37
N GLN O 20 -59.28 -72.46 -66.64
CA GLN O 20 -59.54 -73.64 -65.79
C GLN O 20 -59.79 -74.86 -66.70
N ASN O 21 -60.58 -74.67 -67.76
CA ASN O 21 -60.96 -75.70 -68.75
C ASN O 21 -59.72 -76.20 -69.46
N LEU O 22 -58.89 -75.26 -69.82
CA LEU O 22 -57.64 -75.48 -70.50
C LEU O 22 -56.67 -76.25 -69.59
N VAL O 23 -56.64 -75.88 -68.32
CA VAL O 23 -55.79 -76.48 -67.28
C VAL O 23 -56.11 -77.95 -66.98
N ALA O 24 -57.40 -78.27 -66.96
CA ALA O 24 -57.98 -79.60 -66.70
C ALA O 24 -57.64 -80.57 -67.86
N ALA O 25 -57.75 -80.09 -69.11
CA ALA O 25 -57.48 -80.84 -70.34
C ALA O 25 -56.01 -81.23 -70.22
N LEU O 26 -55.21 -80.30 -69.72
CA LEU O 26 -53.77 -80.47 -69.52
C LEU O 26 -53.58 -81.55 -68.41
N ALA O 27 -54.38 -81.46 -67.36
CA ALA O 27 -54.34 -82.40 -66.23
C ALA O 27 -54.83 -83.83 -66.65
N GLU O 28 -55.81 -83.87 -67.54
CA GLU O 28 -56.45 -85.08 -68.09
C GLU O 28 -55.31 -85.82 -68.79
N MET O 29 -54.48 -85.06 -69.49
CA MET O 29 -53.32 -85.56 -70.22
C MET O 29 -52.21 -86.10 -69.29
N GLY O 30 -51.92 -85.45 -68.18
CA GLY O 30 -50.88 -85.96 -67.31
C GLY O 30 -49.72 -85.06 -66.97
N LYS O 31 -49.93 -83.75 -67.11
CA LYS O 31 -48.92 -82.74 -66.80
C LYS O 31 -49.31 -82.11 -65.45
N LYS O 32 -48.35 -82.00 -64.53
CA LYS O 32 -48.62 -81.43 -63.23
C LYS O 32 -48.80 -79.93 -63.46
N VAL O 33 -49.88 -79.36 -62.91
CA VAL O 33 -50.15 -77.92 -63.09
C VAL O 33 -50.66 -77.11 -61.89
N MET O 34 -50.42 -75.79 -61.95
CA MET O 34 -50.84 -74.85 -60.90
C MET O 34 -51.37 -73.57 -61.56
N ILE O 35 -52.43 -73.00 -60.97
CA ILE O 35 -53.07 -71.76 -61.45
C ILE O 35 -53.05 -70.74 -60.34
N VAL O 36 -52.59 -69.54 -60.65
CA VAL O 36 -52.53 -68.50 -59.66
C VAL O 36 -53.49 -67.48 -60.23
N GLY O 37 -54.53 -67.12 -59.48
CA GLY O 37 -55.46 -66.16 -60.03
C GLY O 37 -55.05 -64.84 -59.48
N CYS O 38 -54.75 -63.95 -60.41
CA CYS O 38 -54.33 -62.59 -60.14
C CYS O 38 -55.48 -61.64 -60.33
N ASP O 39 -56.62 -62.16 -60.76
CA ASP O 39 -57.82 -61.40 -61.01
C ASP O 39 -58.40 -61.05 -59.63
N PRO O 40 -58.77 -59.78 -59.42
CA PRO O 40 -59.32 -59.28 -58.15
C PRO O 40 -60.61 -59.99 -57.75
N LYS O 41 -61.24 -60.55 -58.75
CA LYS O 41 -62.49 -61.29 -58.65
C LYS O 41 -62.41 -62.60 -57.91
N ALA O 42 -61.34 -63.35 -58.17
CA ALA O 42 -61.09 -64.66 -57.54
C ALA O 42 -62.12 -65.78 -57.71
N ASP O 43 -62.76 -65.77 -58.87
CA ASP O 43 -63.75 -66.78 -59.22
C ASP O 43 -63.00 -67.62 -60.28
N SER O 44 -61.71 -67.32 -60.37
CA SER O 44 -60.72 -67.91 -61.27
C SER O 44 -60.41 -69.36 -60.95
N THR O 45 -60.41 -69.68 -59.67
CA THR O 45 -60.12 -71.04 -59.25
C THR O 45 -61.35 -71.92 -58.90
N ARG O 46 -62.55 -71.38 -59.13
CA ARG O 46 -63.81 -72.04 -58.82
C ARG O 46 -64.21 -73.34 -59.52
N LEU O 47 -64.05 -73.47 -60.82
CA LEU O 47 -64.42 -74.72 -61.51
C LEU O 47 -63.59 -75.97 -61.19
N ILE O 48 -62.27 -75.82 -61.14
CA ILE O 48 -61.37 -76.96 -60.85
C ILE O 48 -61.55 -77.42 -59.40
N LEU O 49 -61.58 -76.45 -58.49
CA LEU O 49 -61.74 -76.60 -57.04
C LEU O 49 -63.10 -77.00 -56.44
N HIS O 50 -64.20 -76.56 -57.06
CA HIS O 50 -65.59 -76.81 -56.61
C HIS O 50 -65.82 -76.09 -55.30
N SER O 51 -65.10 -75.01 -55.11
CA SER O 51 -65.22 -74.20 -53.92
C SER O 51 -66.21 -73.12 -54.34
N LYS O 52 -67.08 -72.65 -53.45
CA LYS O 52 -68.01 -71.62 -53.90
C LYS O 52 -67.06 -70.42 -54.12
N ALA O 53 -66.15 -70.21 -53.18
CA ALA O 53 -65.14 -69.14 -53.23
C ALA O 53 -63.87 -69.71 -52.59
N GLN O 54 -62.69 -69.30 -53.03
CA GLN O 54 -61.44 -69.81 -52.46
C GLN O 54 -60.88 -68.73 -51.59
N ASN O 55 -60.47 -69.08 -50.37
CA ASN O 55 -59.92 -68.05 -49.50
C ASN O 55 -58.56 -67.67 -50.12
N THR O 56 -58.35 -66.36 -50.28
CA THR O 56 -57.14 -65.78 -50.84
C THR O 56 -55.96 -65.70 -49.90
N ILE O 57 -54.81 -65.40 -50.46
CA ILE O 57 -53.56 -65.24 -49.73
C ILE O 57 -53.83 -63.96 -48.92
N MET O 58 -54.45 -63.00 -49.58
CA MET O 58 -54.80 -61.73 -48.96
C MET O 58 -55.89 -61.90 -47.89
N GLU O 59 -56.92 -62.72 -48.14
CA GLU O 59 -57.97 -62.89 -47.10
C GLU O 59 -57.42 -63.64 -45.85
N MET O 60 -56.65 -64.70 -46.10
CA MET O 60 -56.04 -65.56 -45.06
C MET O 60 -54.94 -64.88 -44.23
N ALA O 61 -54.12 -64.10 -44.93
CA ALA O 61 -52.99 -63.37 -44.35
C ALA O 61 -53.47 -62.25 -43.42
N ALA O 62 -54.67 -61.72 -43.69
CA ALA O 62 -55.26 -60.63 -42.89
C ALA O 62 -55.70 -60.94 -41.45
N GLU O 63 -56.39 -62.06 -41.26
CA GLU O 63 -56.90 -62.53 -39.99
C GLU O 63 -55.66 -62.89 -39.17
N ALA O 64 -54.74 -63.56 -39.84
CA ALA O 64 -53.49 -64.02 -39.25
C ALA O 64 -52.69 -62.75 -38.94
N GLY O 65 -52.71 -61.84 -39.90
CA GLY O 65 -52.02 -60.57 -39.78
C GLY O 65 -50.61 -60.54 -40.30
N THR O 66 -50.08 -61.71 -40.63
CA THR O 66 -48.72 -61.74 -41.14
C THR O 66 -48.50 -62.75 -42.26
N VAL O 67 -47.75 -62.35 -43.28
CA VAL O 67 -47.45 -63.26 -44.38
C VAL O 67 -46.33 -64.21 -43.90
N GLU O 68 -46.32 -65.44 -44.36
CA GLU O 68 -45.35 -66.49 -43.98
C GLU O 68 -45.60 -66.87 -42.51
N ASP O 69 -46.71 -66.40 -41.93
CA ASP O 69 -47.11 -66.69 -40.54
C ASP O 69 -48.37 -67.48 -40.81
N LEU O 70 -48.58 -67.64 -42.11
CA LEU O 70 -49.69 -68.32 -42.75
C LEU O 70 -49.22 -69.56 -43.53
N GLU O 71 -49.81 -70.73 -43.25
CA GLU O 71 -49.41 -71.94 -43.95
C GLU O 71 -49.82 -72.08 -45.42
N LEU O 72 -48.90 -72.65 -46.18
CA LEU O 72 -48.98 -72.95 -47.61
C LEU O 72 -50.02 -74.03 -47.86
N GLU O 73 -50.17 -74.93 -46.88
CA GLU O 73 -51.14 -76.03 -47.00
C GLU O 73 -52.55 -75.35 -46.97
N ASP O 74 -52.71 -74.42 -46.04
CA ASP O 74 -53.97 -73.67 -45.89
C ASP O 74 -54.15 -72.80 -47.13
N VAL O 75 -53.07 -72.16 -47.51
CA VAL O 75 -53.01 -71.28 -48.67
C VAL O 75 -53.18 -71.88 -50.07
N LEU O 76 -52.51 -73.01 -50.32
CA LEU O 76 -52.60 -73.67 -51.62
C LEU O 76 -53.38 -74.99 -51.56
N LYS O 77 -54.43 -75.12 -52.38
CA LYS O 77 -55.23 -76.35 -52.36
C LYS O 77 -55.26 -77.02 -53.74
N ALA O 78 -55.01 -78.32 -53.75
CA ALA O 78 -55.02 -79.06 -54.99
C ALA O 78 -56.46 -79.32 -55.46
N GLY O 79 -56.67 -79.02 -56.73
CA GLY O 79 -57.94 -79.20 -57.40
C GLY O 79 -58.14 -80.52 -58.09
N TYR O 80 -59.14 -80.56 -58.97
CA TYR O 80 -59.45 -81.76 -59.72
C TYR O 80 -58.29 -81.95 -60.67
N GLY O 81 -57.93 -83.20 -60.91
CA GLY O 81 -56.83 -83.55 -61.78
C GLY O 81 -55.50 -83.38 -61.10
N GLY O 82 -55.56 -83.05 -59.81
CA GLY O 82 -54.33 -82.86 -59.06
C GLY O 82 -53.61 -81.57 -59.33
N VAL O 83 -54.28 -80.63 -59.98
CA VAL O 83 -53.64 -79.36 -60.27
C VAL O 83 -53.78 -78.43 -59.05
N LYS O 84 -52.65 -77.92 -58.53
CA LYS O 84 -52.68 -77.04 -57.36
C LYS O 84 -53.31 -75.70 -57.74
N CYS O 85 -54.19 -75.17 -56.89
CA CYS O 85 -54.88 -73.90 -57.13
C CYS O 85 -54.73 -72.82 -56.00
N VAL O 86 -54.32 -71.60 -56.34
CA VAL O 86 -54.15 -70.51 -55.34
C VAL O 86 -54.67 -69.12 -55.80
N GLU O 87 -55.12 -68.28 -54.85
CA GLU O 87 -55.63 -66.94 -55.16
C GLU O 87 -54.78 -65.85 -54.56
N SER O 88 -54.29 -64.95 -55.41
CA SER O 88 -53.48 -63.84 -54.94
C SER O 88 -54.38 -62.95 -54.11
N GLY O 89 -55.57 -62.72 -54.66
CA GLY O 89 -56.53 -61.88 -53.98
C GLY O 89 -56.13 -60.42 -54.14
N GLY O 90 -56.75 -59.55 -53.36
CA GLY O 90 -56.43 -58.16 -53.50
C GLY O 90 -57.05 -57.29 -52.44
N PRO O 91 -56.68 -56.03 -52.45
CA PRO O 91 -57.09 -54.93 -51.57
C PRO O 91 -58.53 -54.52 -51.77
N GLU O 92 -59.11 -54.02 -50.68
CA GLU O 92 -60.50 -53.56 -50.62
C GLU O 92 -60.43 -52.34 -51.54
N PRO O 93 -61.56 -52.00 -52.15
CA PRO O 93 -61.62 -50.86 -53.06
C PRO O 93 -61.21 -49.54 -52.40
N GLY O 94 -60.44 -48.78 -53.17
CA GLY O 94 -59.94 -47.49 -52.75
C GLY O 94 -58.66 -47.50 -51.93
N VAL O 95 -58.25 -48.68 -51.46
CA VAL O 95 -57.04 -48.76 -50.65
C VAL O 95 -55.96 -49.51 -51.43
N GLY O 96 -54.85 -48.80 -51.57
CA GLY O 96 -53.73 -49.33 -52.28
C GLY O 96 -54.01 -49.67 -53.74
N CYS O 97 -53.19 -50.58 -54.23
CA CYS O 97 -53.19 -51.10 -55.58
C CYS O 97 -53.63 -52.55 -55.57
N ALA O 98 -54.56 -52.86 -56.47
CA ALA O 98 -55.13 -54.17 -56.64
C ALA O 98 -53.98 -55.11 -57.07
N GLY O 99 -53.16 -54.61 -58.00
CA GLY O 99 -52.00 -55.32 -58.53
C GLY O 99 -50.86 -55.75 -57.59
N ARG O 100 -50.69 -55.03 -56.48
CA ARG O 100 -49.64 -55.31 -55.51
C ARG O 100 -50.07 -56.55 -54.73
N GLY O 101 -51.32 -56.91 -54.93
CA GLY O 101 -51.92 -58.06 -54.31
C GLY O 101 -51.22 -59.28 -54.88
N VAL O 102 -51.02 -59.27 -56.19
CA VAL O 102 -50.37 -60.37 -56.96
C VAL O 102 -48.85 -60.52 -56.67
N ILE O 103 -48.23 -59.40 -56.35
CA ILE O 103 -46.82 -59.31 -56.04
C ILE O 103 -46.59 -60.05 -54.74
N THR O 104 -47.48 -59.79 -53.82
CA THR O 104 -47.45 -60.39 -52.51
C THR O 104 -47.57 -61.93 -52.57
N ALA O 105 -48.47 -62.41 -53.42
CA ALA O 105 -48.75 -63.84 -53.60
C ALA O 105 -47.65 -64.65 -54.22
N ILE O 106 -47.02 -64.15 -55.28
CA ILE O 106 -45.91 -64.84 -56.01
C ILE O 106 -44.66 -64.95 -55.13
N ASN O 107 -44.36 -63.84 -54.45
CA ASN O 107 -43.23 -63.71 -53.53
C ASN O 107 -43.46 -64.79 -52.45
N PHE O 108 -44.70 -64.91 -51.97
CA PHE O 108 -45.11 -65.87 -50.93
C PHE O 108 -44.99 -67.32 -51.42
N LEU O 109 -45.44 -67.60 -52.64
CA LEU O 109 -45.40 -68.93 -53.25
C LEU O 109 -43.97 -69.37 -53.51
N GLU O 110 -43.10 -68.44 -53.92
CA GLU O 110 -41.70 -68.73 -54.22
C GLU O 110 -40.85 -69.10 -52.99
N GLU O 111 -41.02 -68.36 -51.89
CA GLU O 111 -40.29 -68.57 -50.63
C GLU O 111 -40.76 -69.90 -50.03
N GLU O 112 -42.07 -70.09 -50.06
CA GLU O 112 -42.68 -71.28 -49.53
C GLU O 112 -42.37 -72.53 -50.34
N GLY O 113 -41.66 -72.37 -51.45
CA GLY O 113 -41.31 -73.51 -52.28
C GLY O 113 -42.28 -74.21 -53.21
N ALA O 114 -43.29 -73.51 -53.70
CA ALA O 114 -44.28 -74.11 -54.58
C ALA O 114 -43.64 -74.48 -55.92
N TYR O 115 -42.82 -73.59 -56.46
CA TYR O 115 -42.16 -73.83 -57.74
C TYR O 115 -41.00 -74.81 -57.48
N GLU O 116 -40.39 -75.33 -58.54
CA GLU O 116 -39.30 -76.31 -58.42
C GLU O 116 -39.81 -77.56 -57.71
N ASP O 117 -41.12 -77.78 -57.94
CA ASP O 117 -41.96 -78.88 -57.45
C ASP O 117 -42.23 -79.79 -58.66
N ASP O 118 -41.51 -79.56 -59.75
CA ASP O 118 -41.69 -80.33 -60.97
C ASP O 118 -43.12 -80.24 -61.49
N LEU O 119 -43.71 -79.06 -61.32
CA LEU O 119 -45.06 -78.82 -61.78
C LEU O 119 -44.73 -78.68 -63.25
N ASP O 120 -45.46 -79.35 -64.14
CA ASP O 120 -45.13 -79.20 -65.56
C ASP O 120 -45.41 -77.81 -66.13
N PHE O 121 -46.56 -77.25 -65.79
CA PHE O 121 -47.01 -75.94 -66.25
C PHE O 121 -47.53 -75.05 -65.17
N VAL O 122 -47.48 -73.74 -65.38
CA VAL O 122 -47.99 -72.84 -64.36
C VAL O 122 -48.91 -71.90 -65.08
N PHE O 123 -49.95 -71.45 -64.40
CA PHE O 123 -50.88 -70.55 -65.03
C PHE O 123 -51.34 -69.46 -64.16
N TYR O 124 -51.32 -68.29 -64.76
CA TYR O 124 -51.72 -67.10 -64.11
C TYR O 124 -52.94 -66.54 -64.81
N ASP O 125 -54.00 -66.29 -64.04
CA ASP O 125 -55.23 -65.73 -64.56
C ASP O 125 -55.04 -64.29 -64.12
N VAL O 126 -54.99 -63.39 -65.09
CA VAL O 126 -54.78 -62.00 -64.81
C VAL O 126 -55.81 -61.08 -65.43
N LEU O 127 -56.04 -59.94 -64.77
CA LEU O 127 -56.99 -58.93 -65.22
C LEU O 127 -56.14 -58.03 -66.10
N GLY O 128 -56.56 -57.96 -67.36
CA GLY O 128 -55.96 -57.18 -68.41
C GLY O 128 -56.62 -55.87 -68.76
N ASP O 129 -57.55 -55.40 -67.95
CA ASP O 129 -58.24 -54.15 -68.30
C ASP O 129 -57.37 -52.93 -68.25
N VAL O 130 -56.55 -52.81 -67.21
CA VAL O 130 -55.66 -51.67 -67.08
C VAL O 130 -54.27 -52.25 -66.87
N VAL O 131 -53.30 -51.86 -67.70
CA VAL O 131 -51.95 -52.41 -67.52
C VAL O 131 -51.21 -51.41 -66.67
N CYS O 132 -50.92 -51.83 -65.45
CA CYS O 132 -50.22 -51.00 -64.49
C CYS O 132 -49.28 -51.97 -63.81
N GLY O 133 -48.25 -51.41 -63.21
CA GLY O 133 -47.22 -52.17 -62.53
C GLY O 133 -47.57 -53.21 -61.48
N GLY O 134 -48.55 -53.03 -60.62
CA GLY O 134 -48.77 -54.11 -59.67
C GLY O 134 -49.26 -55.25 -60.56
N PHE O 135 -50.16 -54.86 -61.44
CA PHE O 135 -50.81 -55.71 -62.40
C PHE O 135 -50.01 -56.31 -63.51
N ALA O 136 -49.16 -55.51 -64.11
CA ALA O 136 -48.32 -55.94 -65.21
C ALA O 136 -47.04 -56.43 -64.59
N MET O 137 -47.15 -56.76 -63.29
CA MET O 137 -46.05 -57.26 -62.46
C MET O 137 -45.59 -58.66 -62.90
N PRO O 138 -46.52 -59.55 -63.24
CA PRO O 138 -46.07 -60.89 -63.67
C PRO O 138 -45.16 -60.75 -64.91
N ILE O 139 -45.46 -59.80 -65.80
CA ILE O 139 -44.63 -59.57 -66.99
C ILE O 139 -43.25 -59.00 -66.61
N ARG O 140 -43.23 -58.03 -65.69
CA ARG O 140 -41.99 -57.37 -65.26
C ARG O 140 -40.98 -58.32 -64.64
N GLU O 141 -41.39 -59.11 -63.66
CA GLU O 141 -40.46 -60.06 -63.07
C GLU O 141 -40.66 -61.12 -64.13
N ASN O 142 -39.71 -62.02 -64.33
CA ASN O 142 -40.05 -62.96 -65.37
C ASN O 142 -40.90 -64.07 -64.81
N LYS O 143 -42.06 -63.71 -64.26
CA LYS O 143 -42.99 -64.70 -63.71
C LYS O 143 -43.60 -65.58 -64.82
N ALA O 144 -44.06 -64.94 -65.91
CA ALA O 144 -44.67 -65.68 -67.02
C ALA O 144 -43.95 -65.45 -68.32
N GLN O 145 -43.38 -66.53 -68.84
CA GLN O 145 -42.63 -66.51 -70.09
C GLN O 145 -43.40 -66.24 -71.38
N GLU O 146 -44.55 -66.89 -71.50
CA GLU O 146 -45.44 -66.77 -72.65
C GLU O 146 -46.81 -66.29 -72.26
N ILE O 147 -47.28 -65.24 -72.93
CA ILE O 147 -48.60 -64.71 -72.61
C ILE O 147 -49.56 -65.02 -73.75
N TYR O 148 -50.80 -65.30 -73.38
CA TYR O 148 -51.87 -65.62 -74.32
C TYR O 148 -52.97 -64.64 -73.91
N ILE O 149 -53.56 -63.94 -74.87
CA ILE O 149 -54.60 -62.98 -74.53
C ILE O 149 -55.98 -63.39 -75.10
N VAL O 150 -56.94 -63.61 -74.21
CA VAL O 150 -58.29 -64.00 -74.61
C VAL O 150 -58.91 -62.73 -75.13
N CYS O 151 -59.55 -62.79 -76.28
CA CYS O 151 -60.16 -61.58 -76.80
C CYS O 151 -61.28 -61.97 -77.74
N SER O 152 -62.17 -61.03 -78.02
CA SER O 152 -63.31 -61.27 -78.90
C SER O 152 -63.44 -60.18 -79.93
N GLY O 153 -64.42 -60.32 -80.83
CA GLY O 153 -64.69 -59.37 -81.89
C GLY O 153 -65.03 -57.97 -81.43
N GLU O 154 -65.51 -57.83 -80.22
CA GLU O 154 -65.84 -56.53 -79.68
C GLU O 154 -64.53 -55.68 -79.68
N MET O 155 -64.69 -54.36 -79.54
CA MET O 155 -63.60 -53.38 -79.52
C MET O 155 -62.61 -53.36 -78.36
N MET O 156 -63.09 -53.48 -77.13
CA MET O 156 -62.26 -53.46 -75.94
C MET O 156 -61.33 -54.64 -75.78
N ALA O 157 -61.72 -55.77 -76.33
CA ALA O 157 -60.96 -56.98 -76.25
C ALA O 157 -59.70 -56.69 -77.04
N MET O 158 -59.90 -56.06 -78.19
CA MET O 158 -58.83 -55.71 -79.08
C MET O 158 -57.95 -54.64 -78.42
N TYR O 159 -58.60 -53.66 -77.82
CA TYR O 159 -57.88 -52.57 -77.17
C TYR O 159 -57.11 -53.06 -76.00
N ALA O 160 -57.73 -53.91 -75.20
CA ALA O 160 -57.13 -54.50 -74.00
C ALA O 160 -55.98 -55.40 -74.42
N ALA O 161 -56.20 -56.19 -75.47
CA ALA O 161 -55.17 -57.10 -75.94
C ALA O 161 -54.03 -56.27 -76.52
N ASN O 162 -54.35 -55.25 -77.30
CA ASN O 162 -53.34 -54.41 -77.90
C ASN O 162 -52.58 -53.79 -76.76
N ASN O 163 -53.30 -53.36 -75.74
CA ASN O 163 -52.68 -52.74 -74.59
C ASN O 163 -51.72 -53.70 -73.92
N ILE O 164 -52.08 -54.96 -73.75
CA ILE O 164 -51.18 -55.90 -73.09
C ILE O 164 -49.93 -56.14 -74.01
N SER O 165 -50.11 -56.07 -75.33
CA SER O 165 -49.02 -56.29 -76.28
C SER O 165 -48.01 -55.17 -76.00
N LYS O 166 -48.50 -54.01 -75.57
CA LYS O 166 -47.65 -52.86 -75.24
C LYS O 166 -46.81 -53.20 -73.97
N GLY O 167 -47.48 -53.82 -73.00
CA GLY O 167 -46.86 -54.23 -71.76
C GLY O 167 -45.74 -55.22 -72.08
N ILE O 168 -45.98 -56.16 -72.98
CA ILE O 168 -44.92 -57.12 -73.31
C ILE O 168 -43.73 -56.48 -74.04
N VAL O 169 -43.96 -55.55 -74.96
CA VAL O 169 -42.89 -54.89 -75.74
C VAL O 169 -42.00 -53.96 -74.89
N LYS O 170 -42.60 -53.34 -73.87
CA LYS O 170 -41.93 -52.42 -72.95
C LYS O 170 -40.90 -53.16 -72.09
N TYR O 171 -41.28 -54.33 -71.63
CA TYR O 171 -40.38 -55.11 -70.79
C TYR O 171 -39.62 -56.23 -71.51
N ALA O 172 -39.37 -56.03 -72.80
CA ALA O 172 -38.67 -56.98 -73.66
C ALA O 172 -37.23 -57.08 -73.23
N ASN O 173 -36.60 -55.94 -72.96
CA ASN O 173 -35.21 -55.96 -72.53
C ASN O 173 -34.89 -56.65 -71.21
N SER O 174 -35.63 -56.34 -70.14
CA SER O 174 -35.36 -56.98 -68.86
C SER O 174 -35.68 -58.47 -68.86
N GLY O 175 -36.84 -58.81 -69.40
CA GLY O 175 -37.23 -60.21 -69.42
C GLY O 175 -37.10 -61.12 -70.64
N SER O 176 -37.53 -62.34 -70.36
CA SER O 176 -37.57 -63.49 -71.26
C SER O 176 -39.03 -63.68 -71.72
N VAL O 177 -39.88 -62.75 -71.30
CA VAL O 177 -41.31 -62.76 -71.63
C VAL O 177 -41.62 -62.49 -73.10
N ARG O 178 -42.59 -63.22 -73.63
CA ARG O 178 -43.03 -63.11 -75.03
C ARG O 178 -44.51 -63.41 -75.12
N LEU O 179 -45.17 -62.95 -76.17
CA LEU O 179 -46.61 -63.24 -76.26
C LEU O 179 -46.77 -64.46 -77.12
N GLY O 180 -47.29 -65.54 -76.53
CA GLY O 180 -47.50 -66.78 -77.27
C GLY O 180 -48.53 -66.87 -78.38
N GLY O 181 -49.72 -66.34 -78.11
CA GLY O 181 -50.80 -66.34 -79.09
C GLY O 181 -52.05 -65.67 -78.52
N LEU O 182 -53.11 -65.54 -79.31
CA LEU O 182 -54.37 -64.94 -78.85
C LEU O 182 -55.43 -66.04 -78.91
N ILE O 183 -56.09 -66.31 -77.79
CA ILE O 183 -57.12 -67.33 -77.69
C ILE O 183 -58.38 -66.51 -77.88
N CYS O 184 -59.27 -66.96 -78.72
CA CYS O 184 -60.47 -66.18 -78.91
C CYS O 184 -61.68 -66.87 -78.34
N ASN O 185 -62.44 -66.17 -77.52
CA ASN O 185 -63.62 -66.76 -76.97
C ASN O 185 -64.61 -66.12 -77.95
N SER O 186 -65.50 -66.93 -78.49
CA SER O 186 -66.49 -66.45 -79.45
C SER O 186 -67.65 -65.69 -78.82
N ARG O 187 -67.95 -64.52 -79.39
CA ARG O 187 -69.03 -63.63 -78.96
C ARG O 187 -70.17 -63.92 -79.90
N ASN O 188 -69.96 -64.88 -80.78
CA ASN O 188 -70.97 -65.24 -81.76
C ASN O 188 -71.17 -64.11 -82.76
N THR O 189 -70.04 -63.46 -83.08
CA THR O 189 -69.96 -62.33 -84.02
C THR O 189 -69.87 -62.86 -85.45
N ASP O 190 -70.13 -61.98 -86.42
CA ASP O 190 -70.11 -62.41 -87.80
C ASP O 190 -68.80 -62.84 -88.45
N ARG O 191 -67.72 -62.12 -88.22
CA ARG O 191 -66.44 -62.51 -88.83
C ARG O 191 -65.34 -62.32 -87.82
N GLU O 192 -65.55 -62.94 -86.67
CA GLU O 192 -64.67 -62.93 -85.50
C GLU O 192 -63.28 -63.63 -85.57
N ASP O 193 -63.23 -64.83 -86.14
CA ASP O 193 -62.00 -65.61 -86.27
C ASP O 193 -61.05 -64.93 -87.23
N GLU O 194 -61.61 -64.45 -88.33
CA GLU O 194 -60.89 -63.77 -89.41
C GLU O 194 -60.34 -62.44 -88.88
N LEU O 195 -61.17 -61.75 -88.10
CA LEU O 195 -60.85 -60.45 -87.52
C LEU O 195 -59.70 -60.55 -86.52
N ILE O 196 -59.75 -61.56 -85.66
CA ILE O 196 -58.77 -61.89 -84.61
C ILE O 196 -57.44 -62.34 -85.30
N ILE O 197 -57.57 -63.16 -86.32
CA ILE O 197 -56.43 -63.66 -87.06
C ILE O 197 -55.76 -62.46 -87.72
N ALA O 198 -56.52 -61.51 -88.22
CA ALA O 198 -55.97 -60.32 -88.87
C ALA O 198 -55.23 -59.43 -87.85
N LEU O 199 -55.85 -59.25 -86.70
CA LEU O 199 -55.35 -58.46 -85.57
C LEU O 199 -54.07 -59.07 -85.07
N ALA O 200 -54.10 -60.38 -85.01
CA ALA O 200 -53.01 -61.22 -84.56
C ALA O 200 -51.95 -61.01 -85.64
N ASN O 201 -52.35 -61.01 -86.89
CA ASN O 201 -51.38 -60.82 -87.94
C ASN O 201 -50.75 -59.46 -87.80
N LYS O 202 -51.54 -58.42 -87.55
CA LYS O 202 -51.00 -57.06 -87.43
C LYS O 202 -50.09 -56.97 -86.18
N LEU O 203 -50.44 -57.68 -85.12
CA LEU O 203 -49.71 -57.77 -83.83
C LEU O 203 -48.39 -58.50 -84.09
N GLY O 204 -48.49 -59.51 -84.96
CA GLY O 204 -47.38 -60.35 -85.34
C GLY O 204 -47.43 -61.73 -84.69
N THR O 205 -48.47 -62.06 -83.95
CA THR O 205 -48.51 -63.38 -83.34
C THR O 205 -49.70 -64.08 -83.93
N GLN O 206 -49.58 -65.38 -84.06
CA GLN O 206 -50.62 -66.24 -84.60
C GLN O 206 -51.75 -66.41 -83.61
N MET O 207 -52.98 -66.57 -84.10
CA MET O 207 -54.05 -66.78 -83.14
C MET O 207 -53.98 -68.30 -82.87
N ILE O 208 -53.81 -68.64 -81.61
CA ILE O 208 -53.71 -70.03 -81.22
C ILE O 208 -54.99 -70.90 -81.35
N HIS O 209 -56.14 -70.39 -80.95
CA HIS O 209 -57.35 -71.19 -81.07
C HIS O 209 -58.65 -70.39 -81.09
N PHE O 210 -59.69 -70.98 -81.67
CA PHE O 210 -61.00 -70.33 -81.73
C PHE O 210 -61.91 -71.29 -80.99
N VAL O 211 -62.57 -70.75 -79.98
CA VAL O 211 -63.46 -71.54 -79.18
C VAL O 211 -64.86 -71.01 -79.32
N PRO O 212 -65.78 -71.84 -79.83
CA PRO O 212 -67.19 -71.50 -80.03
C PRO O 212 -67.98 -71.32 -78.75
N ARG O 213 -68.97 -70.43 -78.79
CA ARG O 213 -69.80 -70.19 -77.61
C ARG O 213 -70.76 -71.39 -77.50
N ASP O 214 -70.87 -72.00 -76.33
CA ASP O 214 -71.75 -73.16 -76.14
C ASP O 214 -72.44 -73.20 -74.74
N ASN O 215 -73.64 -73.78 -74.64
CA ASN O 215 -74.37 -73.86 -73.38
C ASN O 215 -73.82 -74.92 -72.42
N VAL O 216 -72.94 -75.79 -72.92
CA VAL O 216 -72.34 -76.85 -72.11
C VAL O 216 -71.45 -76.19 -71.06
N VAL O 217 -70.80 -75.10 -71.42
CA VAL O 217 -69.92 -74.35 -70.53
C VAL O 217 -70.84 -73.72 -69.45
N GLN O 218 -72.00 -73.23 -69.87
CA GLN O 218 -72.94 -72.60 -68.95
C GLN O 218 -73.54 -73.59 -67.97
N ARG O 219 -73.91 -74.76 -68.46
CA ARG O 219 -74.50 -75.84 -67.67
C ARG O 219 -73.48 -76.38 -66.69
N ALA O 220 -72.25 -76.54 -67.13
CA ALA O 220 -71.17 -77.05 -66.27
C ALA O 220 -70.81 -76.04 -65.14
N GLU O 221 -70.75 -74.74 -65.45
CA GLU O 221 -70.39 -73.72 -64.44
C GLU O 221 -71.43 -73.59 -63.32
N ILE O 222 -72.70 -73.81 -63.63
CA ILE O 222 -73.78 -73.70 -62.65
C ILE O 222 -73.45 -74.89 -61.71
N ARG O 223 -73.11 -76.01 -62.32
CA ARG O 223 -72.74 -77.25 -61.63
C ARG O 223 -71.38 -76.99 -60.95
N ARG O 224 -70.81 -75.81 -61.16
CA ARG O 224 -69.51 -75.46 -60.57
C ARG O 224 -68.35 -76.42 -60.85
N MET O 225 -68.37 -76.97 -62.06
CA MET O 225 -67.38 -77.92 -62.56
C MET O 225 -67.07 -77.56 -64.01
N THR O 226 -65.91 -77.99 -64.50
CA THR O 226 -65.51 -77.69 -65.86
C THR O 226 -66.20 -78.51 -66.97
N VAL O 227 -65.97 -78.08 -68.22
CA VAL O 227 -66.53 -78.71 -69.41
C VAL O 227 -65.87 -80.08 -69.57
N ILE O 228 -64.55 -80.18 -69.39
CA ILE O 228 -63.89 -81.47 -69.55
C ILE O 228 -64.30 -82.46 -68.46
N GLU O 229 -64.35 -82.02 -67.21
CA GLU O 229 -64.75 -82.92 -66.14
C GLU O 229 -66.24 -83.25 -66.30
N TYR O 230 -67.06 -82.25 -66.59
CA TYR O 230 -68.48 -82.45 -66.76
C TYR O 230 -68.99 -83.22 -67.95
N ASP O 231 -68.47 -82.95 -69.14
CA ASP O 231 -68.90 -83.64 -70.36
C ASP O 231 -67.70 -83.95 -71.25
N PRO O 232 -66.89 -84.96 -70.90
CA PRO O 232 -65.70 -85.33 -71.69
C PRO O 232 -66.08 -85.75 -73.10
N LYS O 233 -67.30 -86.25 -73.22
CA LYS O 233 -67.86 -86.71 -74.49
C LYS O 233 -68.18 -85.53 -75.44
N ALA O 234 -68.30 -84.35 -74.84
CA ALA O 234 -68.61 -83.09 -75.52
C ALA O 234 -67.58 -82.42 -76.47
N LYS O 235 -68.13 -81.67 -77.41
CA LYS O 235 -67.45 -80.93 -78.46
C LYS O 235 -66.63 -79.78 -77.88
N GLN O 236 -67.21 -79.06 -76.93
CA GLN O 236 -66.56 -77.92 -76.29
C GLN O 236 -65.38 -78.52 -75.53
N ALA O 237 -65.55 -79.71 -74.97
CA ALA O 237 -64.49 -80.40 -74.21
C ALA O 237 -63.37 -80.72 -75.18
N ASP O 238 -63.74 -81.16 -76.38
CA ASP O 238 -62.75 -81.51 -77.42
C ASP O 238 -61.97 -80.22 -77.81
N GLU O 239 -62.62 -79.06 -77.72
CA GLU O 239 -61.98 -77.79 -78.06
C GLU O 239 -60.87 -77.35 -77.09
N TYR O 240 -61.10 -77.48 -75.78
CA TYR O 240 -60.13 -77.09 -74.75
C TYR O 240 -58.94 -78.07 -74.84
N ARG O 241 -59.21 -79.29 -75.28
CA ARG O 241 -58.18 -80.31 -75.45
C ARG O 241 -57.34 -79.76 -76.61
N ALA O 242 -58.02 -79.27 -77.63
CA ALA O 242 -57.35 -78.74 -78.81
C ALA O 242 -56.57 -77.49 -78.41
N LEU O 243 -57.17 -76.61 -77.60
CA LEU O 243 -56.48 -75.40 -77.17
C LEU O 243 -55.31 -75.87 -76.31
N ALA O 244 -55.57 -76.83 -75.43
CA ALA O 244 -54.52 -77.35 -74.54
C ALA O 244 -53.37 -78.00 -75.31
N ARG O 245 -53.72 -78.81 -76.29
CA ARG O 245 -52.73 -79.51 -77.09
C ARG O 245 -51.98 -78.52 -77.93
N LYS O 246 -52.66 -77.46 -78.36
CA LYS O 246 -52.11 -76.39 -79.19
C LYS O 246 -51.05 -75.56 -78.45
N VAL O 247 -51.33 -75.23 -77.20
CA VAL O 247 -50.47 -74.44 -76.28
C VAL O 247 -49.22 -75.26 -75.94
N VAL O 248 -49.38 -76.54 -75.66
CA VAL O 248 -48.22 -77.36 -75.33
C VAL O 248 -47.35 -77.48 -76.57
N ASP O 249 -47.99 -77.73 -77.70
CA ASP O 249 -47.31 -77.91 -79.00
C ASP O 249 -46.67 -76.61 -79.46
N ASN O 250 -47.31 -75.47 -79.18
CA ASN O 250 -46.73 -74.20 -79.61
C ASN O 250 -45.36 -73.85 -79.02
N LYS O 251 -44.48 -73.46 -79.94
CA LYS O 251 -43.08 -73.07 -79.67
C LYS O 251 -42.87 -71.65 -80.18
N LEU O 252 -43.95 -70.98 -80.56
CA LEU O 252 -43.78 -69.63 -81.07
C LEU O 252 -44.03 -68.56 -80.04
N LEU O 253 -42.95 -67.83 -79.76
CA LEU O 253 -42.95 -66.74 -78.81
C LEU O 253 -42.31 -65.52 -79.51
N VAL O 254 -43.04 -64.41 -79.54
CA VAL O 254 -42.52 -63.21 -80.17
C VAL O 254 -42.93 -61.96 -79.45
N ILE O 255 -42.12 -60.91 -79.58
CA ILE O 255 -42.43 -59.66 -78.94
C ILE O 255 -43.34 -59.11 -80.01
N PRO O 256 -44.56 -58.77 -79.62
CA PRO O 256 -45.58 -58.24 -80.51
C PRO O 256 -45.26 -56.84 -81.00
N ASN O 257 -45.94 -56.44 -82.06
CA ASN O 257 -45.74 -55.13 -82.56
C ASN O 257 -47.14 -54.51 -82.37
N PRO O 258 -47.30 -53.55 -81.42
CA PRO O 258 -48.57 -52.88 -81.13
C PRO O 258 -49.03 -52.01 -82.27
N ILE O 259 -50.31 -52.04 -82.51
CA ILE O 259 -50.88 -51.26 -83.58
C ILE O 259 -51.53 -50.03 -83.02
N THR O 260 -51.77 -49.06 -83.88
CA THR O 260 -52.41 -47.83 -83.43
C THR O 260 -53.91 -48.06 -83.43
N MET O 261 -54.60 -47.18 -82.75
CA MET O 261 -56.04 -47.20 -82.61
C MET O 261 -56.54 -46.90 -84.01
N ASP O 262 -55.77 -46.15 -84.79
CA ASP O 262 -56.14 -45.80 -86.15
C ASP O 262 -56.09 -47.13 -86.88
N GLU O 263 -55.04 -47.91 -86.63
CA GLU O 263 -54.85 -49.23 -87.25
C GLU O 263 -55.99 -50.16 -86.88
N ALA P 6 -68.24 -37.05 -61.61
CA ALA P 6 -67.66 -38.00 -62.58
C ALA P 6 -68.56 -39.20 -62.85
N ILE P 7 -68.15 -39.96 -63.85
CA ILE P 7 -68.87 -41.15 -64.28
C ILE P 7 -67.91 -42.31 -64.24
N TYR P 8 -68.39 -43.44 -63.72
CA TYR P 8 -67.59 -44.65 -63.61
C TYR P 8 -68.30 -45.86 -64.19
N GLY P 9 -67.54 -46.80 -64.77
CA GLY P 9 -68.13 -48.01 -65.34
C GLY P 9 -67.14 -48.98 -65.96
N LYS P 10 -67.63 -50.16 -66.36
CA LYS P 10 -66.79 -51.20 -66.98
C LYS P 10 -66.57 -50.62 -68.37
N GLY P 11 -65.39 -50.81 -68.95
CA GLY P 11 -65.17 -50.25 -70.27
C GLY P 11 -66.13 -50.79 -71.32
N GLY P 12 -66.46 -49.97 -72.30
CA GLY P 12 -67.38 -50.41 -73.34
C GLY P 12 -68.88 -50.41 -73.01
N ILE P 13 -69.25 -49.93 -71.83
CA ILE P 13 -70.65 -49.90 -71.47
C ILE P 13 -71.18 -48.55 -71.85
N GLY P 14 -70.29 -47.67 -72.34
CA GLY P 14 -70.73 -46.34 -72.73
C GLY P 14 -70.57 -45.17 -71.77
N LYS P 15 -69.59 -45.23 -70.89
CA LYS P 15 -69.43 -44.14 -69.94
C LYS P 15 -69.16 -42.84 -70.66
N SER P 16 -68.28 -42.85 -71.66
CA SER P 16 -67.93 -41.64 -72.43
C SER P 16 -69.00 -41.02 -73.34
N THR P 17 -69.73 -41.86 -74.09
CA THR P 17 -70.77 -41.39 -75.00
C THR P 17 -71.90 -40.83 -74.18
N THR P 18 -72.26 -41.54 -73.13
CA THR P 18 -73.33 -41.11 -72.26
C THR P 18 -72.84 -39.86 -71.54
N THR P 19 -71.63 -39.84 -71.06
CA THR P 19 -71.17 -38.65 -70.38
C THR P 19 -71.20 -37.46 -71.36
N GLN P 20 -70.74 -37.65 -72.58
CA GLN P 20 -70.69 -36.55 -73.57
C GLN P 20 -71.99 -35.99 -74.07
N ASN P 21 -72.93 -36.86 -74.39
CA ASN P 21 -74.20 -36.42 -74.90
C ASN P 21 -74.97 -35.69 -73.77
N LEU P 22 -74.67 -36.04 -72.52
CA LEU P 22 -75.26 -35.45 -71.30
C LEU P 22 -74.75 -34.00 -71.28
N VAL P 23 -73.48 -33.84 -71.61
CA VAL P 23 -72.79 -32.55 -71.65
C VAL P 23 -73.33 -31.67 -72.77
N ALA P 24 -73.58 -32.24 -73.95
CA ALA P 24 -74.12 -31.53 -75.14
C ALA P 24 -75.48 -30.93 -74.76
N ALA P 25 -76.29 -31.71 -74.07
CA ALA P 25 -77.62 -31.30 -73.62
C ALA P 25 -77.46 -30.20 -72.52
N LEU P 26 -76.46 -30.32 -71.64
CA LEU P 26 -76.19 -29.36 -70.56
C LEU P 26 -75.75 -28.01 -71.20
N ALA P 27 -74.91 -28.07 -72.23
CA ALA P 27 -74.39 -26.90 -72.97
C ALA P 27 -75.55 -26.25 -73.74
N GLU P 28 -76.37 -27.09 -74.34
CA GLU P 28 -77.53 -26.67 -75.13
C GLU P 28 -78.49 -25.89 -74.23
N MET P 29 -78.72 -26.39 -73.02
CA MET P 29 -79.62 -25.72 -72.07
C MET P 29 -78.92 -24.43 -71.67
N GLY P 30 -77.60 -24.43 -71.72
CA GLY P 30 -76.86 -23.23 -71.35
C GLY P 30 -75.96 -23.28 -70.13
N LYS P 31 -75.75 -24.48 -69.60
CA LYS P 31 -74.89 -24.68 -68.43
C LYS P 31 -73.41 -24.70 -68.89
N LYS P 32 -72.51 -24.02 -68.20
CA LYS P 32 -71.10 -24.07 -68.62
C LYS P 32 -70.57 -25.40 -68.13
N VAL P 33 -69.88 -26.14 -69.00
CA VAL P 33 -69.35 -27.43 -68.57
C VAL P 33 -67.92 -27.73 -68.98
N MET P 34 -67.22 -28.38 -68.05
CA MET P 34 -65.83 -28.77 -68.21
C MET P 34 -65.71 -30.28 -68.18
N ILE P 35 -65.01 -30.81 -69.18
CA ILE P 35 -64.78 -32.24 -69.33
C ILE P 35 -63.31 -32.62 -69.21
N VAL P 36 -63.02 -33.55 -68.32
CA VAL P 36 -61.65 -34.04 -68.10
C VAL P 36 -61.76 -35.56 -68.27
N GLY P 37 -60.96 -36.19 -69.12
CA GLY P 37 -61.14 -37.62 -69.21
C GLY P 37 -60.07 -38.28 -68.37
N CYS P 38 -60.49 -39.19 -67.48
CA CYS P 38 -59.57 -39.92 -66.61
C CYS P 38 -59.34 -41.35 -67.13
N ASP P 39 -60.05 -41.71 -68.19
CA ASP P 39 -59.94 -43.03 -68.81
C ASP P 39 -58.73 -43.04 -69.75
N PRO P 40 -57.97 -44.14 -69.77
CA PRO P 40 -56.77 -44.31 -70.62
C PRO P 40 -57.04 -44.28 -72.13
N LYS P 41 -58.29 -44.53 -72.52
CA LYS P 41 -58.68 -44.55 -73.94
C LYS P 41 -58.62 -43.19 -74.64
N ALA P 42 -59.11 -42.14 -73.98
CA ALA P 42 -59.11 -40.77 -74.53
C ALA P 42 -60.00 -40.61 -75.75
N ASP P 43 -61.06 -41.41 -75.76
CA ASP P 43 -62.05 -41.41 -76.82
C ASP P 43 -63.19 -40.58 -76.22
N SER P 44 -62.91 -40.11 -75.00
CA SER P 44 -63.81 -39.31 -74.16
C SER P 44 -64.21 -37.89 -74.55
N THR P 45 -63.25 -37.10 -75.00
CA THR P 45 -63.43 -35.70 -75.41
C THR P 45 -63.67 -35.58 -76.91
N ARG P 46 -63.74 -36.71 -77.59
CA ARG P 46 -63.93 -36.75 -79.03
C ARG P 46 -65.20 -36.30 -79.74
N LEU P 47 -66.37 -36.67 -79.24
CA LEU P 47 -67.59 -36.27 -79.92
C LEU P 47 -67.83 -34.76 -79.86
N ILE P 48 -67.64 -34.12 -78.70
CA ILE P 48 -67.84 -32.67 -78.59
C ILE P 48 -66.78 -31.86 -79.42
N LEU P 49 -65.51 -32.28 -79.29
CA LEU P 49 -64.32 -31.68 -79.95
C LEU P 49 -64.18 -31.80 -81.47
N HIS P 50 -64.73 -32.88 -82.03
CA HIS P 50 -64.66 -33.06 -83.48
C HIS P 50 -63.21 -33.25 -83.96
N SER P 51 -62.43 -33.93 -83.13
CA SER P 51 -61.03 -34.22 -83.39
C SER P 51 -60.94 -35.73 -83.27
N LYS P 52 -60.07 -36.33 -84.09
CA LYS P 52 -59.88 -37.77 -84.11
C LYS P 52 -59.38 -38.17 -82.73
N ALA P 53 -58.44 -37.38 -82.24
CA ALA P 53 -57.85 -37.60 -80.94
C ALA P 53 -57.65 -36.25 -80.28
N GLN P 54 -57.64 -36.23 -78.95
CA GLN P 54 -57.44 -34.97 -78.24
C GLN P 54 -56.04 -35.08 -77.73
N ASN P 55 -55.26 -34.01 -77.77
CA ASN P 55 -53.91 -34.15 -77.25
C ASN P 55 -54.07 -33.99 -75.74
N THR P 56 -53.58 -35.02 -75.04
CA THR P 56 -53.64 -35.13 -73.59
C THR P 56 -52.56 -34.45 -72.79
N ILE P 57 -52.86 -34.30 -71.50
CA ILE P 57 -51.96 -33.67 -70.58
C ILE P 57 -50.69 -34.48 -70.56
N MET P 58 -50.76 -35.80 -70.52
CA MET P 58 -49.55 -36.63 -70.51
C MET P 58 -48.72 -36.62 -71.81
N GLU P 59 -49.36 -36.72 -72.96
CA GLU P 59 -48.64 -36.76 -74.24
C GLU P 59 -47.99 -35.40 -74.49
N MET P 60 -48.74 -34.34 -74.23
CA MET P 60 -48.28 -32.96 -74.42
C MET P 60 -47.13 -32.68 -73.44
N ALA P 61 -47.32 -33.13 -72.21
CA ALA P 61 -46.35 -32.96 -71.12
C ALA P 61 -45.02 -33.69 -71.34
N ALA P 62 -45.06 -34.87 -71.92
CA ALA P 62 -43.80 -35.61 -72.13
C ALA P 62 -42.73 -34.94 -73.00
N GLU P 63 -43.09 -34.35 -74.14
CA GLU P 63 -42.05 -33.72 -74.95
C GLU P 63 -41.41 -32.47 -74.34
N ALA P 64 -42.15 -31.77 -73.48
CA ALA P 64 -41.59 -30.56 -72.88
C ALA P 64 -40.35 -30.84 -72.01
N GLY P 65 -40.34 -31.83 -71.13
CA GLY P 65 -41.44 -32.72 -70.88
C GLY P 65 -41.97 -32.29 -69.53
N THR P 66 -41.51 -31.14 -69.09
CA THR P 66 -41.92 -30.58 -67.80
C THR P 66 -43.34 -30.02 -67.67
N VAL P 67 -43.95 -30.24 -66.51
CA VAL P 67 -45.31 -29.77 -66.26
C VAL P 67 -45.25 -28.28 -65.80
N GLU P 68 -46.38 -27.59 -65.87
CA GLU P 68 -46.50 -26.17 -65.50
C GLU P 68 -45.60 -25.37 -66.45
N ASP P 69 -45.14 -26.06 -67.50
CA ASP P 69 -44.29 -25.50 -68.53
C ASP P 69 -45.23 -25.72 -69.70
N LEU P 70 -46.41 -26.24 -69.35
CA LEU P 70 -47.43 -26.53 -70.34
C LEU P 70 -48.51 -25.46 -70.26
N GLU P 71 -48.76 -24.80 -71.38
CA GLU P 71 -49.77 -23.78 -71.38
C GLU P 71 -51.12 -24.45 -71.35
N LEU P 72 -52.00 -23.84 -70.58
CA LEU P 72 -53.36 -24.31 -70.36
C LEU P 72 -54.23 -24.21 -71.59
N GLU P 73 -53.94 -23.24 -72.43
CA GLU P 73 -54.69 -23.02 -73.65
C GLU P 73 -54.39 -24.21 -74.55
N ASP P 74 -53.14 -24.60 -74.58
CA ASP P 74 -52.73 -25.73 -75.41
C ASP P 74 -53.35 -27.04 -74.85
N VAL P 75 -53.30 -27.22 -73.53
CA VAL P 75 -53.86 -28.40 -72.87
C VAL P 75 -55.40 -28.45 -72.94
N LEU P 76 -56.02 -27.29 -72.69
CA LEU P 76 -57.48 -27.18 -72.72
C LEU P 76 -57.99 -26.38 -73.91
N LYS P 77 -58.74 -27.07 -74.75
CA LYS P 77 -59.32 -26.50 -75.94
C LYS P 77 -60.82 -26.56 -75.75
N ALA P 78 -61.53 -25.44 -75.92
CA ALA P 78 -62.97 -25.43 -75.74
C ALA P 78 -63.73 -26.07 -76.89
N GLY P 79 -64.65 -26.94 -76.50
CA GLY P 79 -65.49 -27.68 -77.42
C GLY P 79 -66.77 -26.99 -77.87
N TYR P 80 -67.71 -27.82 -78.33
CA TYR P 80 -69.04 -27.44 -78.82
C TYR P 80 -69.80 -26.94 -77.60
N GLY P 81 -70.58 -25.86 -77.80
CA GLY P 81 -71.34 -25.30 -76.71
C GLY P 81 -70.39 -24.51 -75.83
N GLY P 82 -69.13 -24.46 -76.30
CA GLY P 82 -68.13 -23.74 -75.55
C GLY P 82 -67.68 -24.53 -74.35
N VAL P 83 -68.05 -25.80 -74.28
CA VAL P 83 -67.64 -26.60 -73.14
C VAL P 83 -66.15 -26.96 -73.18
N LYS P 84 -65.50 -26.85 -72.03
CA LYS P 84 -64.08 -27.15 -71.87
C LYS P 84 -63.80 -28.65 -71.86
N CYS P 85 -62.82 -29.08 -72.64
CA CYS P 85 -62.46 -30.49 -72.71
C CYS P 85 -60.95 -30.72 -72.52
N VAL P 86 -60.59 -31.62 -71.62
CA VAL P 86 -59.18 -31.90 -71.41
C VAL P 86 -58.97 -33.40 -71.19
N GLU P 87 -57.81 -33.93 -71.60
CA GLU P 87 -57.52 -35.36 -71.45
C GLU P 87 -56.36 -35.63 -70.50
N SER P 88 -56.62 -36.41 -69.45
CA SER P 88 -55.58 -36.75 -68.46
C SER P 88 -54.52 -37.65 -69.05
N GLY P 89 -55.02 -38.63 -69.79
CA GLY P 89 -54.19 -39.63 -70.43
C GLY P 89 -53.35 -40.43 -69.43
N GLY P 90 -52.23 -41.00 -69.88
CA GLY P 90 -51.45 -41.78 -68.94
C GLY P 90 -50.17 -42.39 -69.46
N PRO P 91 -49.51 -43.22 -68.64
CA PRO P 91 -48.26 -43.90 -68.98
C PRO P 91 -48.42 -45.04 -69.96
N GLU P 92 -47.32 -45.42 -70.61
CA GLU P 92 -47.33 -46.52 -71.56
C GLU P 92 -47.59 -47.73 -70.67
N PRO P 93 -48.32 -48.74 -71.18
CA PRO P 93 -48.62 -49.93 -70.38
C PRO P 93 -47.40 -50.58 -69.78
N GLY P 94 -47.57 -51.01 -68.54
CA GLY P 94 -46.52 -51.65 -67.80
C GLY P 94 -45.63 -50.70 -67.04
N VAL P 95 -45.82 -49.38 -67.21
CA VAL P 95 -45.00 -48.43 -66.49
C VAL P 95 -45.82 -47.54 -65.56
N GLY P 96 -45.37 -47.50 -64.33
CA GLY P 96 -45.98 -46.74 -63.27
C GLY P 96 -47.41 -47.17 -63.02
N CYS P 97 -48.30 -46.21 -62.90
CA CYS P 97 -49.67 -46.54 -62.66
C CYS P 97 -50.46 -45.66 -63.58
N ALA P 98 -51.57 -46.22 -64.04
CA ALA P 98 -52.42 -45.51 -64.95
C ALA P 98 -53.09 -44.32 -64.28
N GLY P 99 -53.60 -44.52 -63.07
CA GLY P 99 -54.28 -43.41 -62.38
C GLY P 99 -53.49 -42.16 -62.09
N ARG P 100 -52.18 -42.27 -61.93
CA ARG P 100 -51.29 -41.13 -61.68
C ARG P 100 -51.51 -40.04 -62.72
N GLY P 101 -51.96 -40.46 -63.90
CA GLY P 101 -52.24 -39.59 -65.03
C GLY P 101 -53.37 -38.64 -64.63
N VAL P 102 -54.38 -39.22 -63.98
CA VAL P 102 -55.58 -38.53 -63.50
C VAL P 102 -55.15 -37.59 -62.39
N ILE P 103 -54.27 -38.08 -61.52
CA ILE P 103 -53.74 -37.30 -60.40
C ILE P 103 -52.98 -36.07 -60.91
N THR P 104 -52.10 -36.26 -61.89
CA THR P 104 -51.28 -35.21 -62.50
C THR P 104 -52.16 -34.24 -63.28
N ALA P 105 -53.15 -34.77 -63.99
CA ALA P 105 -54.04 -33.97 -64.79
C ALA P 105 -54.89 -32.95 -64.00
N ILE P 106 -55.48 -33.36 -62.88
CA ILE P 106 -56.32 -32.53 -61.99
C ILE P 106 -55.60 -31.38 -61.24
N ASN P 107 -54.41 -31.66 -60.74
CA ASN P 107 -53.56 -30.73 -60.00
C ASN P 107 -53.13 -29.62 -60.97
N PHE P 108 -52.74 -30.01 -62.17
CA PHE P 108 -52.29 -29.06 -63.17
C PHE P 108 -53.49 -28.15 -63.48
N LEU P 109 -54.67 -28.70 -63.66
CA LEU P 109 -55.84 -27.87 -63.96
C LEU P 109 -56.14 -26.99 -62.75
N GLU P 110 -56.09 -27.56 -61.54
CA GLU P 110 -56.38 -26.77 -60.35
C GLU P 110 -55.33 -25.65 -60.21
N GLU P 111 -54.06 -25.97 -60.42
CA GLU P 111 -52.99 -24.98 -60.31
C GLU P 111 -53.12 -23.93 -61.44
N GLU P 112 -53.38 -24.41 -62.65
CA GLU P 112 -53.56 -23.57 -63.84
C GLU P 112 -54.82 -22.73 -63.77
N GLY P 113 -55.66 -22.89 -62.73
CA GLY P 113 -56.87 -22.09 -62.67
C GLY P 113 -58.09 -22.39 -63.53
N ALA P 114 -58.35 -23.64 -63.90
CA ALA P 114 -59.53 -23.95 -64.73
C ALA P 114 -60.67 -23.64 -63.74
N TYR P 115 -60.49 -24.08 -62.48
CA TYR P 115 -61.40 -23.88 -61.35
C TYR P 115 -60.66 -22.65 -60.73
N GLU P 116 -61.32 -21.58 -60.30
CA GLU P 116 -62.73 -21.41 -60.31
C GLU P 116 -63.03 -20.44 -61.44
N ASP P 117 -63.74 -20.96 -62.44
CA ASP P 117 -64.18 -20.28 -63.65
C ASP P 117 -65.61 -20.48 -63.28
N ASP P 118 -66.51 -19.63 -63.71
CA ASP P 118 -67.88 -19.87 -63.30
C ASP P 118 -68.49 -20.90 -64.20
N LEU P 119 -67.95 -22.10 -64.05
CA LEU P 119 -68.35 -23.29 -64.78
C LEU P 119 -69.38 -23.94 -63.90
N ASP P 120 -70.55 -24.17 -64.45
CA ASP P 120 -71.69 -24.78 -63.78
C ASP P 120 -71.52 -26.27 -63.41
N PHE P 121 -71.01 -27.09 -64.32
CA PHE P 121 -70.80 -28.53 -64.04
C PHE P 121 -69.48 -29.08 -64.55
N VAL P 122 -68.92 -30.01 -63.77
CA VAL P 122 -67.66 -30.66 -64.09
C VAL P 122 -67.83 -32.19 -64.15
N PHE P 123 -67.43 -32.80 -65.27
CA PHE P 123 -67.55 -34.24 -65.47
C PHE P 123 -66.20 -34.88 -65.77
N TYR P 124 -65.91 -35.98 -65.07
CA TYR P 124 -64.67 -36.76 -65.19
C TYR P 124 -65.11 -38.12 -65.71
N ASP P 125 -64.52 -38.51 -66.84
CA ASP P 125 -64.87 -39.80 -67.40
C ASP P 125 -63.76 -40.66 -66.75
N VAL P 126 -64.15 -41.60 -65.91
CA VAL P 126 -63.22 -42.48 -65.20
C VAL P 126 -63.45 -43.99 -65.42
N LEU P 127 -62.38 -44.70 -65.73
CA LEU P 127 -62.51 -46.15 -65.95
C LEU P 127 -62.85 -46.79 -64.60
N GLY P 128 -63.92 -47.57 -64.59
CA GLY P 128 -64.38 -48.27 -63.40
C GLY P 128 -64.05 -49.74 -63.25
N ASP P 129 -63.18 -50.28 -64.10
CA ASP P 129 -62.89 -51.69 -63.98
C ASP P 129 -62.21 -52.06 -62.70
N VAL P 130 -61.23 -51.29 -62.30
CA VAL P 130 -60.54 -51.62 -61.06
C VAL P 130 -60.66 -50.44 -60.08
N VAL P 131 -61.10 -50.65 -58.83
CA VAL P 131 -61.15 -49.47 -57.97
C VAL P 131 -59.77 -49.57 -57.39
N CYS P 132 -58.98 -48.54 -57.73
CA CYS P 132 -57.56 -48.39 -57.36
C CYS P 132 -57.25 -47.03 -56.85
N GLY P 133 -56.11 -46.89 -56.20
CA GLY P 133 -55.74 -45.60 -55.66
C GLY P 133 -55.55 -44.50 -56.72
N GLY P 134 -54.88 -44.75 -57.83
CA GLY P 134 -54.72 -43.68 -58.82
C GLY P 134 -56.09 -43.37 -59.40
N PHE P 135 -56.82 -44.43 -59.71
CA PHE P 135 -58.16 -44.38 -60.28
C PHE P 135 -59.27 -43.84 -59.39
N ALA P 136 -59.25 -44.30 -58.14
CA ALA P 136 -60.19 -43.93 -57.10
C ALA P 136 -59.71 -42.63 -56.47
N MET P 137 -58.74 -42.00 -57.12
CA MET P 137 -58.15 -40.77 -56.65
C MET P 137 -59.17 -39.64 -56.71
N PRO P 138 -59.93 -39.52 -57.80
CA PRO P 138 -60.86 -38.40 -57.72
C PRO P 138 -61.79 -38.68 -56.52
N ILE P 139 -61.92 -39.96 -56.19
CA ILE P 139 -62.74 -40.41 -55.07
C ILE P 139 -62.20 -40.00 -53.69
N ARG P 140 -60.89 -40.16 -53.45
CA ARG P 140 -60.26 -39.83 -52.16
C ARG P 140 -60.25 -38.34 -51.83
N GLU P 141 -59.83 -37.55 -52.82
CA GLU P 141 -59.79 -36.09 -52.69
C GLU P 141 -61.24 -35.87 -53.16
N ASN P 142 -61.93 -34.81 -52.78
CA ASN P 142 -63.31 -34.71 -53.28
C ASN P 142 -63.37 -34.07 -54.67
N LYS P 143 -62.80 -34.72 -55.68
CA LYS P 143 -62.83 -34.18 -57.04
C LYS P 143 -64.29 -34.24 -57.53
N ALA P 144 -64.96 -35.36 -57.28
CA ALA P 144 -66.34 -35.47 -57.71
C ALA P 144 -67.24 -35.65 -56.49
N GLN P 145 -68.08 -34.65 -56.25
CA GLN P 145 -69.04 -34.66 -55.15
C GLN P 145 -70.12 -35.74 -55.42
N GLU P 146 -70.58 -35.77 -56.67
CA GLU P 146 -71.60 -36.70 -57.14
C GLU P 146 -70.97 -37.62 -58.22
N ILE P 147 -71.05 -38.94 -57.98
CA ILE P 147 -70.52 -40.00 -58.84
C ILE P 147 -71.70 -40.72 -59.50
N TYR P 148 -71.70 -40.83 -60.82
CA TYR P 148 -72.79 -41.51 -61.51
C TYR P 148 -72.23 -42.78 -62.15
N ILE P 149 -72.86 -43.92 -61.89
CA ILE P 149 -72.37 -45.17 -62.46
C ILE P 149 -73.22 -45.72 -63.61
N VAL P 150 -72.65 -45.74 -64.82
CA VAL P 150 -73.41 -46.28 -65.96
C VAL P 150 -73.21 -47.80 -65.87
N CYS P 151 -74.26 -48.56 -66.11
CA CYS P 151 -74.14 -49.99 -66.03
C CYS P 151 -75.19 -50.68 -66.87
N SER P 152 -74.99 -51.97 -67.03
CA SER P 152 -75.87 -52.79 -67.82
C SER P 152 -76.35 -54.01 -67.06
N GLY P 153 -77.33 -54.64 -67.67
CA GLY P 153 -77.96 -55.83 -67.15
C GLY P 153 -76.91 -56.92 -67.01
N GLU P 154 -75.79 -56.78 -67.71
CA GLU P 154 -74.73 -57.77 -67.66
C GLU P 154 -74.02 -57.87 -66.31
N MET P 155 -73.45 -59.04 -66.06
CA MET P 155 -72.75 -59.32 -64.82
C MET P 155 -71.54 -58.44 -64.48
N MET P 156 -70.65 -58.15 -65.43
CA MET P 156 -69.45 -57.32 -65.14
C MET P 156 -69.73 -55.84 -64.77
N ALA P 157 -70.72 -55.22 -65.40
CA ALA P 157 -71.08 -53.82 -65.14
C ALA P 157 -71.63 -53.66 -63.74
N MET P 158 -72.40 -54.64 -63.29
CA MET P 158 -73.03 -54.69 -61.96
C MET P 158 -72.00 -54.85 -60.84
N TYR P 159 -71.05 -55.74 -61.08
CA TYR P 159 -69.94 -56.07 -60.17
C TYR P 159 -69.05 -54.79 -60.11
N ALA P 160 -68.90 -54.09 -61.23
CA ALA P 160 -68.10 -52.86 -61.37
C ALA P 160 -68.76 -51.71 -60.58
N ALA P 161 -70.08 -51.60 -60.71
CA ALA P 161 -70.95 -50.58 -60.08
C ALA P 161 -70.95 -50.82 -58.59
N ASN P 162 -71.05 -52.07 -58.22
CA ASN P 162 -71.04 -52.49 -56.84
C ASN P 162 -69.65 -52.23 -56.23
N ASN P 163 -68.59 -52.48 -56.99
CA ASN P 163 -67.19 -52.28 -56.54
C ASN P 163 -66.91 -50.78 -56.34
N ILE P 164 -67.35 -49.94 -57.26
CA ILE P 164 -67.09 -48.51 -57.14
C ILE P 164 -67.88 -47.99 -55.92
N SER P 165 -69.02 -48.62 -55.64
CA SER P 165 -69.88 -48.24 -54.51
C SER P 165 -68.94 -48.48 -53.33
N LYS P 166 -68.20 -49.56 -53.38
CA LYS P 166 -67.25 -49.92 -52.33
C LYS P 166 -66.19 -48.80 -52.18
N GLY P 167 -65.81 -48.17 -53.28
CA GLY P 167 -64.83 -47.09 -53.28
C GLY P 167 -65.47 -45.97 -52.47
N ILE P 168 -66.75 -45.72 -52.73
CA ILE P 168 -67.52 -44.69 -52.03
C ILE P 168 -67.77 -44.98 -50.53
N VAL P 169 -68.08 -46.22 -50.15
CA VAL P 169 -68.34 -46.56 -48.74
C VAL P 169 -67.04 -46.32 -47.94
N LYS P 170 -65.92 -46.74 -48.49
CA LYS P 170 -64.62 -46.60 -47.86
C LYS P 170 -64.10 -45.17 -47.71
N TYR P 171 -64.30 -44.34 -48.72
CA TYR P 171 -63.81 -42.97 -48.69
C TYR P 171 -64.86 -41.91 -48.35
N ALA P 172 -65.98 -42.44 -47.88
CA ALA P 172 -67.15 -41.66 -47.47
C ALA P 172 -66.89 -40.77 -46.26
N ASN P 173 -66.21 -41.30 -45.24
CA ASN P 173 -65.97 -40.48 -44.04
C ASN P 173 -65.01 -39.31 -44.31
N SER P 174 -63.92 -39.56 -45.03
CA SER P 174 -62.98 -38.47 -45.32
C SER P 174 -63.57 -37.43 -46.26
N GLY P 175 -64.24 -37.92 -47.29
CA GLY P 175 -64.87 -37.05 -48.27
C GLY P 175 -66.33 -36.72 -48.11
N SER P 176 -66.83 -35.92 -49.04
CA SER P 176 -68.22 -35.48 -49.11
C SER P 176 -68.84 -36.21 -50.30
N VAL P 177 -68.12 -37.20 -50.82
CA VAL P 177 -68.61 -37.96 -51.97
C VAL P 177 -69.74 -38.96 -51.73
N ARG P 178 -70.75 -38.89 -52.59
CA ARG P 178 -71.95 -39.73 -52.57
C ARG P 178 -72.30 -40.08 -54.01
N LEU P 179 -72.85 -41.25 -54.24
CA LEU P 179 -73.21 -41.65 -55.61
C LEU P 179 -74.65 -41.16 -55.83
N GLY P 180 -74.82 -40.30 -56.85
CA GLY P 180 -76.16 -39.81 -57.11
C GLY P 180 -77.14 -40.86 -57.61
N GLY P 181 -76.65 -41.66 -58.55
CA GLY P 181 -77.50 -42.68 -59.12
C GLY P 181 -76.83 -43.54 -60.18
N LEU P 182 -77.61 -44.47 -60.74
CA LEU P 182 -77.08 -45.32 -61.75
C LEU P 182 -77.76 -45.15 -63.08
N ILE P 183 -76.93 -44.86 -64.05
CA ILE P 183 -77.32 -44.65 -65.42
C ILE P 183 -77.37 -46.02 -66.06
N CYS P 184 -78.36 -46.26 -66.90
CA CYS P 184 -78.47 -47.55 -67.54
C CYS P 184 -78.29 -47.38 -69.06
N ASN P 185 -77.35 -48.14 -69.62
CA ASN P 185 -77.05 -48.11 -71.06
C ASN P 185 -77.59 -49.45 -71.55
N SER P 186 -78.37 -49.41 -72.62
CA SER P 186 -78.95 -50.63 -73.17
C SER P 186 -78.19 -51.58 -74.10
N ARG P 187 -78.25 -52.85 -73.72
CA ARG P 187 -77.62 -53.94 -74.45
C ARG P 187 -78.79 -54.70 -75.09
N ASN P 188 -79.98 -54.09 -75.06
CA ASN P 188 -81.19 -54.70 -75.61
C ASN P 188 -81.53 -55.98 -74.87
N THR P 189 -81.28 -55.95 -73.56
CA THR P 189 -81.53 -57.05 -72.64
C THR P 189 -83.05 -57.04 -72.39
N ASP P 190 -83.63 -58.19 -72.01
CA ASP P 190 -85.08 -58.27 -71.77
C ASP P 190 -85.63 -57.49 -70.57
N ARG P 191 -84.97 -57.60 -69.43
CA ARG P 191 -85.45 -56.88 -68.27
C ARG P 191 -84.28 -56.16 -67.62
N GLU P 192 -83.68 -55.30 -68.46
CA GLU P 192 -82.55 -54.47 -68.13
C GLU P 192 -82.91 -53.39 -67.11
N ASP P 193 -84.06 -52.78 -67.37
CA ASP P 193 -84.59 -51.71 -66.53
C ASP P 193 -84.99 -52.28 -65.18
N GLU P 194 -85.64 -53.43 -65.21
CA GLU P 194 -86.10 -54.10 -64.01
C GLU P 194 -84.90 -54.59 -63.23
N LEU P 195 -83.90 -55.17 -63.88
CA LEU P 195 -82.70 -55.67 -63.17
C LEU P 195 -81.83 -54.57 -62.51
N ILE P 196 -81.57 -53.47 -63.20
CA ILE P 196 -80.74 -52.37 -62.67
C ILE P 196 -81.43 -51.69 -61.46
N ILE P 197 -82.75 -51.48 -61.58
CA ILE P 197 -83.58 -50.84 -60.56
C ILE P 197 -83.64 -51.78 -59.37
N ALA P 198 -83.51 -53.07 -59.59
CA ALA P 198 -83.55 -54.04 -58.50
C ALA P 198 -82.26 -53.73 -57.70
N LEU P 199 -81.18 -53.55 -58.46
CA LEU P 199 -79.81 -53.26 -58.01
C LEU P 199 -79.65 -51.89 -57.39
N ALA P 200 -80.39 -50.92 -57.87
CA ALA P 200 -80.31 -49.56 -57.35
C ALA P 200 -80.89 -49.64 -55.93
N ASN P 201 -82.01 -50.34 -55.78
CA ASN P 201 -82.67 -50.51 -54.49
C ASN P 201 -81.86 -51.35 -53.51
N LYS P 202 -81.10 -52.31 -54.03
CA LYS P 202 -80.28 -53.18 -53.19
C LYS P 202 -79.22 -52.24 -52.62
N LEU P 203 -78.68 -51.38 -53.49
CA LEU P 203 -77.66 -50.39 -53.12
C LEU P 203 -78.28 -49.33 -52.20
N GLY P 204 -79.48 -48.88 -52.55
CA GLY P 204 -80.19 -47.86 -51.77
C GLY P 204 -80.27 -46.53 -52.49
N THR P 205 -79.70 -46.48 -53.68
CA THR P 205 -79.71 -45.29 -54.51
C THR P 205 -80.58 -45.58 -55.76
N GLN P 206 -81.45 -44.65 -56.13
CA GLN P 206 -82.37 -44.75 -57.28
C GLN P 206 -81.72 -44.74 -58.70
N MET P 207 -82.27 -45.50 -59.67
CA MET P 207 -81.70 -45.53 -61.04
C MET P 207 -82.01 -44.14 -61.62
N ILE P 208 -80.98 -43.42 -62.06
CA ILE P 208 -81.21 -42.09 -62.61
C ILE P 208 -81.96 -42.04 -63.94
N HIS P 209 -81.52 -42.80 -64.94
CA HIS P 209 -82.21 -42.80 -66.23
C HIS P 209 -81.96 -44.09 -66.98
N PHE P 210 -82.94 -44.52 -67.76
CA PHE P 210 -82.78 -45.74 -68.54
C PHE P 210 -82.57 -45.22 -69.93
N VAL P 211 -81.48 -45.65 -70.56
CA VAL P 211 -81.17 -45.17 -71.90
C VAL P 211 -81.23 -46.24 -72.99
N PRO P 212 -82.10 -46.00 -73.97
CA PRO P 212 -82.30 -46.89 -75.11
C PRO P 212 -81.12 -46.94 -76.05
N ARG P 213 -80.92 -48.09 -76.68
CA ARG P 213 -79.83 -48.31 -77.62
C ARG P 213 -80.31 -47.86 -78.99
N ASP P 214 -79.59 -46.95 -79.63
CA ASP P 214 -80.02 -46.50 -80.94
C ASP P 214 -78.91 -46.29 -81.95
N ASN P 215 -79.23 -46.57 -83.20
CA ASN P 215 -78.35 -46.44 -84.36
C ASN P 215 -77.99 -45.00 -84.72
N VAL P 216 -78.82 -44.07 -84.25
CA VAL P 216 -78.69 -42.62 -84.48
C VAL P 216 -77.41 -42.23 -83.70
N VAL P 217 -77.18 -42.96 -82.60
CA VAL P 217 -76.01 -42.78 -81.73
C VAL P 217 -74.72 -43.19 -82.48
N GLN P 218 -74.80 -44.32 -83.17
CA GLN P 218 -73.70 -44.89 -83.94
C GLN P 218 -73.31 -44.03 -85.13
N ARG P 219 -74.32 -43.59 -85.84
CA ARG P 219 -74.19 -42.76 -87.04
C ARG P 219 -73.57 -41.40 -86.74
N ALA P 220 -73.99 -40.83 -85.62
CA ALA P 220 -73.51 -39.55 -85.16
C ALA P 220 -71.98 -39.63 -84.85
N GLU P 221 -71.55 -40.72 -84.20
CA GLU P 221 -70.13 -40.98 -83.80
C GLU P 221 -69.13 -41.22 -84.95
N ILE P 222 -69.57 -41.86 -86.03
CA ILE P 222 -68.70 -42.15 -87.18
C ILE P 222 -68.45 -40.72 -87.68
N ARG P 223 -69.53 -39.96 -87.68
CA ARG P 223 -69.55 -38.55 -88.09
C ARG P 223 -68.74 -37.73 -87.07
N ARG P 224 -68.28 -38.37 -86.01
CA ARG P 224 -67.50 -37.68 -84.99
C ARG P 224 -68.21 -36.51 -84.29
N MET P 225 -69.53 -36.61 -84.15
CA MET P 225 -70.34 -35.58 -83.49
C MET P 225 -71.36 -36.27 -82.56
N THR P 226 -71.87 -35.55 -81.56
CA THR P 226 -72.82 -36.13 -80.62
C THR P 226 -74.16 -36.26 -81.30
N VAL P 227 -75.06 -36.96 -80.64
CA VAL P 227 -76.39 -37.21 -81.17
C VAL P 227 -77.24 -35.94 -81.28
N ILE P 228 -77.19 -35.10 -80.23
CA ILE P 228 -77.95 -33.84 -80.18
C ILE P 228 -77.49 -32.80 -81.20
N GLU P 229 -76.18 -32.61 -81.30
CA GLU P 229 -75.60 -31.68 -82.25
C GLU P 229 -75.82 -32.22 -83.65
N TYR P 230 -75.59 -33.52 -83.81
CA TYR P 230 -75.76 -34.19 -85.09
C TYR P 230 -77.23 -34.26 -85.51
N ASP P 231 -78.10 -34.62 -84.56
CA ASP P 231 -79.54 -34.74 -84.83
C ASP P 231 -80.40 -34.32 -83.63
N PRO P 232 -80.67 -33.01 -83.48
CA PRO P 232 -81.46 -32.51 -82.36
C PRO P 232 -82.96 -32.91 -82.40
N LYS P 233 -83.48 -33.19 -83.59
CA LYS P 233 -84.89 -33.59 -83.81
C LYS P 233 -85.16 -34.98 -83.19
N ALA P 234 -84.25 -35.93 -83.41
CA ALA P 234 -84.36 -37.31 -82.89
C ALA P 234 -84.64 -37.52 -81.39
N LYS P 235 -85.28 -38.66 -81.11
CA LYS P 235 -85.67 -39.10 -79.79
C LYS P 235 -84.48 -39.44 -78.87
N GLN P 236 -83.42 -40.03 -79.42
CA GLN P 236 -82.23 -40.42 -78.65
C GLN P 236 -81.61 -39.10 -78.20
N ALA P 237 -81.71 -38.06 -79.02
CA ALA P 237 -81.16 -36.76 -78.66
C ALA P 237 -82.06 -36.30 -77.47
N ASP P 238 -83.34 -36.67 -77.53
CA ASP P 238 -84.35 -36.34 -76.51
C ASP P 238 -84.11 -37.04 -75.15
N GLU P 239 -83.77 -38.33 -75.20
CA GLU P 239 -83.50 -39.16 -74.02
C GLU P 239 -82.28 -38.60 -73.29
N TYR P 240 -81.27 -38.16 -74.03
CA TYR P 240 -80.02 -37.60 -73.48
C TYR P 240 -80.38 -36.23 -72.81
N ARG P 241 -81.42 -35.55 -73.30
CA ARG P 241 -81.86 -34.26 -72.74
C ARG P 241 -82.43 -34.53 -71.30
N ALA P 242 -83.15 -35.64 -71.20
CA ALA P 242 -83.83 -36.17 -70.00
C ALA P 242 -82.77 -36.61 -68.99
N LEU P 243 -81.66 -37.18 -69.44
CA LEU P 243 -80.56 -37.63 -68.56
C LEU P 243 -79.96 -36.35 -67.96
N ALA P 244 -79.78 -35.35 -68.81
CA ALA P 244 -79.19 -34.04 -68.48
C ALA P 244 -80.14 -33.26 -67.57
N ARG P 245 -81.41 -33.31 -67.92
CA ARG P 245 -82.50 -32.64 -67.21
C ARG P 245 -82.61 -33.25 -65.80
N LYS P 246 -82.52 -34.59 -65.73
CA LYS P 246 -82.60 -35.35 -64.48
C LYS P 246 -81.38 -35.10 -63.61
N VAL P 247 -80.23 -34.98 -64.26
CA VAL P 247 -78.98 -34.76 -63.57
C VAL P 247 -79.00 -33.40 -62.84
N VAL P 248 -79.49 -32.33 -63.46
CA VAL P 248 -79.49 -31.02 -62.78
C VAL P 248 -80.49 -31.06 -61.62
N ASP P 249 -81.63 -31.65 -61.91
CA ASP P 249 -82.76 -31.82 -60.98
C ASP P 249 -82.57 -32.74 -59.75
N ASN P 250 -81.96 -33.92 -59.89
CA ASN P 250 -81.78 -34.78 -58.70
C ASN P 250 -80.90 -34.13 -57.61
N LYS P 251 -81.50 -34.05 -56.42
CA LYS P 251 -80.94 -33.49 -55.21
C LYS P 251 -80.60 -34.57 -54.19
N LEU P 252 -80.77 -35.84 -54.55
CA LEU P 252 -80.47 -36.96 -53.62
C LEU P 252 -79.07 -37.56 -53.76
N LEU P 253 -78.33 -37.52 -52.66
CA LEU P 253 -76.97 -38.05 -52.60
C LEU P 253 -76.98 -39.02 -51.43
N VAL P 254 -76.61 -40.26 -51.69
CA VAL P 254 -76.59 -41.30 -50.65
C VAL P 254 -75.37 -42.23 -50.64
N ILE P 255 -74.82 -42.51 -49.46
CA ILE P 255 -73.64 -43.42 -49.41
C ILE P 255 -74.32 -44.78 -49.66
N PRO P 256 -73.84 -45.56 -50.65
CA PRO P 256 -74.41 -46.87 -50.97
C PRO P 256 -74.06 -48.03 -50.02
N ASN P 257 -74.93 -49.02 -49.91
CA ASN P 257 -74.64 -50.15 -49.04
C ASN P 257 -74.38 -51.21 -50.11
N PRO P 258 -73.11 -51.65 -50.25
CA PRO P 258 -72.78 -52.66 -51.27
C PRO P 258 -73.35 -54.05 -51.04
N ILE P 259 -73.92 -54.61 -52.10
CA ILE P 259 -74.51 -55.94 -52.11
C ILE P 259 -73.50 -57.06 -52.35
N THR P 260 -73.82 -58.25 -51.88
CA THR P 260 -72.98 -59.44 -52.02
C THR P 260 -73.06 -60.18 -53.35
N MET P 261 -72.06 -61.03 -53.59
CA MET P 261 -71.88 -61.86 -54.79
C MET P 261 -73.02 -62.87 -54.82
N ASP P 262 -73.36 -63.41 -53.67
CA ASP P 262 -74.42 -64.41 -53.50
C ASP P 262 -75.73 -63.73 -53.92
N GLU P 263 -75.91 -62.51 -53.48
CA GLU P 263 -77.09 -61.68 -53.75
C GLU P 263 -77.12 -61.45 -55.26
N LEU P 264 -75.92 -61.24 -55.80
CA LEU P 264 -75.65 -61.00 -57.22
C LEU P 264 -75.97 -62.25 -58.06
N GLU P 265 -75.77 -63.44 -57.49
CA GLU P 265 -76.04 -64.73 -58.16
C GLU P 265 -77.56 -64.76 -58.28
N GLU P 266 -78.20 -64.36 -57.19
CA GLU P 266 -79.65 -64.31 -57.08
C GLU P 266 -80.22 -63.22 -58.00
N LEU P 267 -79.45 -62.17 -58.26
CA LEU P 267 -79.97 -61.10 -59.12
C LEU P 267 -80.15 -61.57 -60.56
N LEU P 268 -79.17 -62.30 -61.09
CA LEU P 268 -79.19 -62.83 -62.46
C LEU P 268 -80.29 -63.91 -62.45
N MET P 269 -80.34 -64.64 -61.33
CA MET P 269 -81.30 -65.73 -61.10
C MET P 269 -82.75 -65.29 -60.98
N GLU P 270 -83.06 -64.24 -60.24
CA GLU P 270 -84.48 -63.90 -60.17
C GLU P 270 -84.96 -63.40 -61.55
N PHE P 271 -84.21 -62.45 -62.13
CA PHE P 271 -84.50 -61.84 -63.44
C PHE P 271 -84.35 -62.69 -64.72
N GLY P 272 -83.27 -63.44 -64.80
CA GLY P 272 -83.05 -64.28 -65.97
C GLY P 272 -83.33 -65.69 -65.46
C1 HCA Q . -27.94 28.11 28.22
C2 HCA Q . -27.15 28.70 29.39
C3 HCA Q . -26.77 30.11 29.23
C4 HCA Q . -25.66 30.18 28.30
C5 HCA Q . -25.59 31.55 27.61
C6 HCA Q . -24.23 32.18 27.74
C7 HCA Q . -26.24 30.55 30.46
O1 HCA Q . -27.81 26.90 27.91
O2 HCA Q . -28.72 28.88 27.61
O3 HCA Q . -23.80 32.35 28.88
O4 HCA Q . -23.58 32.49 26.70
O5 HCA Q . -26.65 31.62 30.96
O6 HCA Q . -25.37 29.81 30.96
O7 HCA Q . -27.90 30.98 28.74
S3A CFN R . -32.06 35.63 30.79
FE4 CFN R . -33.09 34.00 31.95
S1A CFN R . -35.00 33.11 31.15
S4A CFN R . -33.44 34.30 34.16
FE3 CFN R . -32.40 32.35 33.71
S2A CFN R . -34.01 30.79 33.71
FE7 CFN R . -30.16 32.11 32.65
S4B CFN R . -28.88 33.80 32.07
MO1 CFN R . -28.64 32.19 30.43
S1B CFN R . -30.46 32.71 29.00
FE6 CFN R . -31.26 31.32 30.59
FE2 CFN R . -33.50 31.54 31.66
FE1 CFN R . -34.96 32.80 33.41
FE5 CFN R . -30.82 33.78 30.92
S2B CFN R . -33.00 30.01 30.10
S3B CFN R . -29.52 30.33 31.50
S5A CFN R . -30.53 31.88 34.82
NX CFN R . -31.86 32.52 31.90
CA CA S . -8.98 36.45 23.04
CA CA T . 21.95 24.66 32.43
FE1 CLF U . -27.52 19.59 20.37
FE2 CLF U . -29.19 17.61 20.23
FE3 CLF U . -29.68 19.80 21.75
FE4 CLF U . -28.05 17.93 22.40
S1 CLF U . -26.74 17.62 20.78
S2A CLF U . -29.57 19.75 19.53
S4A CLF U . -30.20 17.70 22.28
S3A CLF U . -27.66 20.15 22.52
FE5 CLF U . -25.17 16.50 21.65
FE6 CLF U . -26.02 15.64 19.38
FE7 CLF U . -23.42 16.10 19.74
FE8 CLF U . -25.19 17.98 19.37
S2B CLF U . -24.61 14.53 20.78
S3B CLF U . -24.60 16.48 17.87
S4B CLF U . -23.59 17.96 20.94
C1 HCA V . 31.46 27.41 51.36
C2 HCA V . 30.24 26.54 51.32
C3 HCA V . 30.27 25.42 50.40
C4 HCA V . 30.04 25.92 49.06
C5 HCA V . 30.65 24.95 48.07
C6 HCA V . 29.67 24.52 46.95
C7 HCA V . 29.12 24.59 50.76
O1 HCA V . 31.34 28.64 51.55
O2 HCA V . 32.55 26.84 51.18
O3 HCA V . 28.62 23.95 47.31
O4 HCA V . 29.93 24.74 45.73
O5 HCA V . 29.27 23.38 51.04
O6 HCA V . 28.01 25.14 50.76
O7 HCA V . 31.56 24.70 50.49
S3A CFN W . 34.00 18.98 52.65
FE4 CFN W . 33.77 19.82 54.77
S1A CFN W . 35.58 20.61 55.84
S4A CFN W . 32.63 18.62 56.26
FE3 CFN W . 31.91 20.71 56.12
S2A CFN W . 32.84 21.84 57.74
FE7 CFN W . 30.89 21.73 54.09
S4B CFN W . 30.60 20.64 52.17
MO1 CFN W . 31.30 22.86 51.60
S1B CFN W . 33.56 22.63 51.65
FE6 CFN W . 32.92 23.08 53.72
FE2 CFN W . 33.89 22.06 55.81
FE1 CFN W . 34.04 20.04 57.36
FE5 CFN W . 32.71 20.82 52.72
S2B CFN W . 34.37 24.09 55.02
S3B CFN W . 30.86 23.90 53.63
S5A CFN W . 29.69 20.98 55.85
NX CFN W . 32.68 21.36 54.54
FE1 CLF X . 34.91 38.34 49.37
FE2 CLF X . 35.91 39.83 51.17
FE3 CLF X . 35.57 37.29 51.61
FE4 CLF X . 33.68 38.97 51.59
S1 CLF X . 33.78 40.09 49.89
S2A CLF X . 36.99 38.18 50.13
S4A CLF X . 35.27 38.89 53.10
S3A CLF X . 33.64 37.01 50.58
FE5 CLF X . 31.89 41.01 49.88
FE6 CLF X . 33.85 42.50 49.31
FE7 CLF X . 31.74 42.40 47.67
FE8 CLF X . 33.59 40.62 47.82
S2B CLF X . 31.72 43.20 49.75
S3B CLF X . 33.85 42.66 47.07
S4B CLF X . 31.40 40.19 47.79
MG MG Y . -56.36 3.86 5.51
PB ADP Z . -58.40 0.24 5.27
O1B ADP Z . -59.19 -0.59 6.22
O2B ADP Z . -56.95 -0.16 5.20
O3B ADP Z . -58.63 1.79 5.40
PA ADP Z . -60.28 0.31 3.03
O1A ADP Z . -59.80 0.95 1.75
O2A ADP Z . -61.11 1.20 3.85
O3A ADP Z . -59.00 -0.20 3.84
O5' ADP Z . -61.05 -1.01 2.57
C5' ADP Z . -60.44 -1.89 1.58
C4' ADP Z . -61.15 -2.04 0.20
O4' ADP Z . -62.35 -2.85 0.25
C3' ADP Z . -61.57 -0.74 -0.55
O3' ADP Z . -60.95 -0.76 -1.86
C2' ADP Z . -63.12 -0.77 -0.57
O2' ADP Z . -63.66 -0.40 -1.85
C1' ADP Z . -63.51 -2.20 -0.23
N9 ADP Z . -64.57 -2.26 0.81
C8 ADP Z . -64.42 -1.97 2.13
N7 ADP Z . -65.53 -2.13 2.82
C5 ADP Z . -66.44 -2.53 1.91
C6 ADP Z . -67.83 -2.86 2.06
N6 ADP Z . -68.53 -2.84 3.15
N1 ADP Z . -68.42 -3.24 0.85
C2 ADP Z . -67.74 -3.30 -0.36
N3 ADP Z . -66.48 -3.00 -0.48
C4 ADP Z . -65.87 -2.62 0.66
MG MG AA . -47.37 -15.13 9.72
FE1 SF4 BA . -42.40 3.81 15.71
FE2 SF4 BA . -43.61 1.60 16.42
FE3 SF4 BA . -41.04 1.78 16.73
FE4 SF4 BA . -42.08 1.62 14.31
S1 SF4 BA . -42.13 0.02 15.91
S2 SF4 BA . -40.43 3.01 14.94
S3 SF4 BA . -43.98 2.76 14.51
S4 SF4 BA . -42.56 3.02 17.81
PB ADP CA . -49.28 -14.01 7.40
O1B ADP CA . -49.60 -12.99 6.37
O2B ADP CA . -49.69 -13.60 8.80
O3B ADP CA . -47.81 -14.58 7.30
PA ADP CA . -50.07 -16.76 7.03
O1A ADP CA . -50.75 -17.36 8.23
O2A ADP CA . -48.61 -17.08 6.90
O3A ADP CA . -50.29 -15.22 7.06
O5' ADP CA . -50.98 -17.25 5.79
C5' ADP CA . -52.34 -16.71 5.52
C4' ADP CA . -53.48 -17.74 5.59
O4' ADP CA . -53.86 -18.26 4.29
C3' ADP CA . -53.26 -19.01 6.44
O3' ADP CA . -54.47 -19.23 7.18
C2' ADP CA . -52.95 -20.10 5.44
O2' ADP CA . -53.49 -21.35 5.85
C1' ADP CA . -53.60 -19.64 4.11
N9 ADP CA . -52.72 -19.83 2.86
C8 ADP CA . -51.40 -19.47 2.67
N7 ADP CA . -50.94 -19.79 1.42
C5 ADP CA . -51.99 -20.37 0.81
C6 ADP CA . -52.13 -20.93 -0.55
N6 ADP CA . -51.25 -20.99 -1.45
N1 ADP CA . -53.38 -21.45 -0.81
C2 ADP CA . -54.41 -21.44 0.12
N3 ADP CA . -54.32 -20.94 1.35
C4 ADP CA . -53.11 -20.42 1.65
MG MG DA . 65.75 53.09 66.11
FE1 SF4 EA . 50.25 51.94 57.37
FE2 SF4 EA . 50.54 53.76 59.25
FE3 SF4 EA . 48.92 54.13 57.24
FE4 SF4 EA . 51.49 54.19 56.82
S1 SF4 EA . 50.35 55.65 58.08
S2 SF4 EA . 49.96 53.19 55.53
S3 SF4 EA . 52.21 52.61 58.26
S4 SF4 EA . 48.69 52.56 58.82
PB ADP FA . 66.71 55.61 67.95
O1B ADP FA . 66.95 56.12 66.60
O2B ADP FA . 66.68 54.13 68.02
O3B ADP FA . 65.59 56.35 68.71
PA ADP FA . 69.28 55.14 68.83
O1A ADP FA . 69.59 54.72 67.39
O2A ADP FA . 69.13 54.05 69.83
O3A ADP FA . 68.00 55.97 68.73
O5' ADP FA . 70.37 56.24 69.22
C5' ADP FA . 70.67 57.43 68.39
C4' ADP FA . 72.13 57.91 68.56
O4' ADP FA . 72.43 58.57 69.88
C3' ADP FA . 73.24 56.83 68.44
O3' ADP FA . 74.29 57.34 67.60
C2' ADP FA . 73.63 56.52 69.92
O2' ADP FA . 74.98 56.11 70.17
C1' ADP FA . 73.37 57.80 70.67
N9 ADP FA . 72.91 57.58 72.10
C8 ADP FA . 71.72 57.11 72.54
N7 ADP FA . 71.65 57.06 73.89
C5 ADP FA . 72.83 57.52 74.29
C6 ADP FA . 73.36 57.74 75.61
N6 ADP FA . 72.78 57.52 76.71
N1 ADP FA . 74.62 58.24 75.62
C2 ADP FA . 75.36 58.53 74.48
N3 ADP FA . 74.89 58.35 73.27
C4 ADP FA . 73.64 57.85 73.21
MG MG GA . 54.72 71.21 63.56
PB ADP HA . 58.48 70.58 62.78
O1B ADP HA . 57.36 69.89 62.10
O2B ADP HA . 58.81 71.91 62.22
O3B ADP HA . 59.70 69.63 63.07
PA ADP HA . 58.44 71.73 65.43
O1A ADP HA . 59.80 71.20 65.73
O2A ADP HA . 57.48 71.67 66.60
O3A ADP HA . 57.86 70.96 64.20
O5' ADP HA . 58.76 73.20 64.88
C5' ADP HA . 58.91 74.33 65.83
C4' ADP HA . 60.03 74.17 66.90
O4' ADP HA . 61.35 74.04 66.26
C3' ADP HA . 60.16 75.30 67.93
O3' ADP HA . 59.48 74.83 69.14
C2' ADP HA . 61.71 75.54 68.07
O2' ADP HA . 62.23 75.03 69.30
C1' ADP HA . 62.39 74.78 66.93
N9 ADP HA . 63.22 75.65 65.97
C8 ADP HA . 63.13 75.66 64.63
N7 ADP HA . 63.99 76.50 64.04
C5 ADP HA . 64.67 77.05 65.05
C6 ADP HA . 65.75 78.03 65.04
N6 ADP HA . 66.30 78.60 64.01
N1 ADP HA . 66.20 78.36 66.31
C2 ADP HA . 65.67 77.80 67.49
N3 ADP HA . 64.71 76.91 67.51
C4 ADP HA . 64.23 76.55 66.28
C1 HCA IA . 19.60 -5.44 -31.87
C2 HCA IA . 18.73 -5.87 -33.05
C3 HCA IA . 17.50 -5.03 -33.23
C4 HCA IA . 16.50 -5.36 -32.25
C5 HCA IA . 15.55 -4.21 -32.04
C6 HCA IA . 14.09 -4.63 -32.19
C7 HCA IA . 16.95 -5.41 -34.45
O1 HCA IA . 20.24 -6.29 -31.18
O2 HCA IA . 19.64 -4.21 -31.64
O3 HCA IA . 13.73 -5.13 -33.28
O4 HCA IA . 13.31 -4.48 -31.23
O5 HCA IA . 16.70 -4.52 -35.29
O6 HCA IA . 16.74 -6.62 -34.63
O7 HCA IA . 17.81 -3.60 -33.18
S3A CFN JA . 18.27 1.69 -37.09
FE4 CFN JA . 20.23 0.79 -37.78
S1A CFN JA . 22.13 1.64 -36.97
S4A CFN JA . 20.49 0.55 -39.99
FE3 CFN JA . 20.93 -1.32 -38.84
S2A CFN JA . 23.12 -1.43 -38.54
FE7 CFN JA . 19.24 -2.52 -37.46
S4B CFN JA . 17.10 -1.89 -37.28
MO1 CFN JA . 17.82 -2.72 -35.22
S1B CFN JA . 18.72 -0.78 -34.27
FE6 CFN JA . 20.34 -1.74 -35.43
FE2 CFN JA . 22.07 -0.60 -36.78
FE1 CFN JA . 22.53 0.67 -39.01
FE5 CFN JA . 18.56 -0.44 -36.47
S2B CFN JA . 22.50 -1.43 -34.81
S3B CFN JA . 19.72 -3.86 -35.74
S5A CFN JA . 19.93 -3.22 -39.52
NX CFN JA . 20.24 -0.97 -37.11
CA CA KA . -16.64 -40.07 -28.93
FE1 CLF LA . 23.73 -9.23 -21.73
FE2 CLF LA . 26.24 -9.62 -21.22
FE3 CLF LA . 25.47 -8.24 -23.33
FE4 CLF LA . 25.33 -10.80 -23.19
S1 CLF LA . 24.38 -11.32 -21.38
S2A CLF LA . 25.16 -7.63 -21.25
S4A CLF LA . 27.20 -9.63 -23.26
S3A CLF LA . 23.70 -9.45 -23.94
FE5 CLF LA . 23.94 -13.35 -21.67
FE6 CLF LA . 24.90 -12.75 -19.36
FE7 CLF LA . 22.69 -14.14 -19.52
FE8 CLF LA . 22.82 -11.60 -20.00
S2B CLF LA . 24.70 -14.83 -20.19
S3B CLF LA . 23.12 -12.57 -18.03
S4B CLF LA . 21.75 -13.09 -21.28
C1 HCA MA . -23.57 -49.92 -46.59
C2 HCA MA . -22.08 -49.75 -46.44
C3 HCA MA . -21.52 -50.32 -45.22
C4 HCA MA . -21.79 -49.44 -44.14
C5 HCA MA . -21.77 -50.20 -42.83
C6 HCA MA . -20.85 -49.53 -41.79
C7 HCA MA . -20.11 -50.30 -45.34
O1 HCA MA . -24.24 -49.04 -47.17
O2 HCA MA . -24.07 -50.96 -46.17
O3 HCA MA . -19.66 -49.40 -42.10
O4 HCA MA . -21.31 -49.13 -40.68
O5 HCA MA . -19.46 -51.34 -45.17
O6 HCA MA . -19.58 -49.21 -45.60
O7 HCA MA . -22.07 -51.69 -44.94
S3A CFN NA . -20.10 -57.99 -44.94
FE4 CFN NA . -20.25 -57.91 -47.16
S1A CFN NA . -22.08 -58.75 -48.19
S4A CFN NA . -18.50 -58.56 -48.32
FE3 CFN NA . -19.24 -56.52 -48.96
S2A CFN NA . -20.49 -56.78 -50.74
FE7 CFN NA . -19.34 -54.51 -47.43
S4B CFN NA . -18.63 -54.51 -45.34
MO1 CFN NA . -20.53 -53.19 -45.42
S1B CFN NA . -22.21 -54.81 -45.14
FE6 CFN NA . -21.78 -54.71 -47.29
FE2 CFN NA . -21.68 -56.65 -48.90
FE1 CFN NA . -20.33 -58.75 -49.63
FE5 CFN NA . -20.34 -55.88 -45.71
S2B CFN NA . -23.43 -55.26 -48.73
S3B CFN NA . -20.70 -52.79 -47.70
S5A CFN NA . -17.74 -54.80 -49.01
NX CFN NA . -20.44 -56.03 -47.59
CA CA OA . -0.89 -9.52 -27.40
FE1 CLF PA . -33.25 -43.64 -47.65
FE2 CLF PA . -34.80 -43.67 -49.73
FE3 CLF PA . -32.93 -45.52 -49.36
FE4 CLF PA . -32.43 -43.12 -50.12
S1 CLF PA . -33.40 -41.79 -48.88
S2A CLF PA . -34.70 -45.25 -48.09
S4A CLF PA . -33.52 -44.61 -51.33
S3A CLF PA . -31.30 -44.25 -48.57
FE5 CLF PA . -32.51 -39.96 -49.30
FE6 CLF PA . -35.07 -39.96 -48.98
FE7 CLF PA . -33.55 -38.18 -47.66
FE8 CLF PA . -33.80 -40.68 -47.01
S2B CLF PA . -33.82 -38.27 -49.91
S3B CLF PA . -35.40 -39.16 -46.89
S4B CLF PA . -31.88 -39.60 -47.17
MG MG QA . 56.42 4.42 -6.25
PB ADP RA . 59.46 2.80 -5.95
O1B ADP RA . 59.32 1.58 -5.08
O2B ADP RA . 58.38 3.83 -5.71
O3B ADP RA . 59.78 2.47 -7.44
PA ADP RA . 61.11 4.60 -4.40
O1A ADP RA . 59.81 5.05 -3.77
O2A ADP RA . 61.94 5.65 -5.05
O3A ADP RA . 60.83 3.44 -5.42
O5' ADP RA . 61.83 3.87 -3.19
C5' ADP RA . 63.26 3.52 -3.30
C4' ADP RA . 64.10 4.00 -2.11
O4' ADP RA . 65.47 4.31 -2.48
C3' ADP RA . 63.62 5.27 -1.38
O3' ADP RA . 63.85 5.06 0.01
C2' ADP RA . 64.47 6.39 -2.04
O2' ADP RA . 64.78 7.51 -1.21
C1' ADP RA . 65.76 5.71 -2.43
N9 ADP RA . 66.36 6.24 -3.73
C8 ADP RA . 65.78 6.48 -4.96
N7 ADP RA . 66.67 6.96 -5.86
C5 ADP RA . 67.82 7.01 -5.18
C6 ADP RA . 69.15 7.44 -5.58
N6 ADP RA . 69.51 7.86 -6.71
N1 ADP RA . 70.08 7.34 -4.59
C2 ADP RA . 69.78 6.88 -3.31
N3 ADP RA . 68.58 6.50 -2.95
C4 ADP RA . 67.64 6.57 -3.88
MG MG SA . 62.10 -16.61 -6.17
FE1 SF4 TA . 45.32 -8.91 -13.62
FE2 SF4 TA . 47.95 -8.91 -13.76
FE3 SF4 TA . 46.59 -11.18 -13.71
FE4 SF4 TA . 46.77 -9.69 -11.56
S1 SF4 TA . 48.49 -10.72 -12.53
S2 SF4 TA . 44.92 -10.72 -12.34
S3 SF4 TA . 46.72 -7.62 -12.41
S4 SF4 TA . 46.51 -9.64 -15.35
PB ADP UA . 61.35 -15.11 -2.90
O1B ADP UA . 62.36 -14.15 -3.46
O2B ADP UA . 60.56 -15.82 -3.94
O3B ADP UA . 60.50 -14.51 -1.73
PA ADP UA . 63.17 -16.46 -1.05
O1A ADP UA . 64.03 -17.67 -1.23
O2A ADP UA . 62.34 -16.50 0.22
O3A ADP UA . 62.27 -16.29 -2.33
O5' ADP UA . 64.26 -15.31 -1.10
C5' ADP UA . 64.84 -14.76 0.16
C4' ADP UA . 66.31 -15.12 0.55
O4' ADP UA . 66.59 -14.48 1.84
C3' ADP UA . 66.66 -16.62 0.77
O3' ADP UA . 67.34 -17.15 -0.40
C2' ADP UA . 67.48 -16.67 2.09
O2' ADP UA . 68.89 -16.88 1.92
C1' ADP UA . 67.29 -15.30 2.76
N9 ADP UA . 66.55 -15.42 4.08
C8 ADP UA . 65.22 -15.61 4.30
N7 ADP UA . 64.92 -15.69 5.61
C5 ADP UA . 66.08 -15.55 6.25
C6 ADP UA . 66.41 -15.54 7.68
N6 ADP UA . 65.60 -15.68 8.66
N1 ADP UA . 67.75 -15.38 7.94
C2 ADP UA . 68.71 -15.22 6.94
N3 ADP UA . 68.43 -15.21 5.64
C4 ADP UA . 67.13 -15.38 5.33
MG MG VA . -62.30 -64.35 -63.94
PB ADP WA . -63.10 -63.22 -67.14
O1B ADP WA . -62.24 -63.74 -66.00
O2B ADP WA . -62.33 -63.00 -68.44
O3B ADP WA . -64.13 -62.08 -66.76
PA ADP WA . -65.14 -65.22 -66.77
O1A ADP WA . -65.14 -64.68 -65.33
O2A ADP WA . -64.99 -66.71 -66.93
O3A ADP WA . -64.00 -64.49 -67.53
O5' ADP WA . -66.45 -64.60 -67.40
C5' ADP WA . -66.81 -65.01 -68.72
C4' ADP WA . -68.32 -65.09 -68.95
O4' ADP WA . -68.61 -65.71 -70.24
C3' ADP WA . -69.11 -65.94 -68.00
O3' ADP WA . -70.46 -65.40 -68.01
C2' ADP WA . -68.92 -67.36 -68.61
O2' ADP WA . -69.94 -68.29 -68.20
C1' ADP WA . -69.02 -67.08 -70.12
N9 ADP WA . -68.11 -68.00 -70.95
C8 ADP WA . -66.78 -68.26 -70.74
N7 ADP WA . -66.25 -69.10 -71.63
C5 ADP WA . -67.26 -69.41 -72.46
C6 ADP WA . -67.30 -70.27 -73.63
N6 ADP WA . -66.32 -70.96 -74.13
N1 ADP WA . -68.53 -70.33 -74.23
C2 ADP WA . -69.67 -69.62 -73.77
N3 ADP WA . -69.65 -68.82 -72.70
C4 ADP WA . -68.44 -68.73 -72.08
MG MG XA . -64.10 -43.62 -72.87
FE1 SF4 YA . -52.73 -48.69 -58.71
FE2 SF4 YA . -52.72 -50.56 -60.53
FE3 SF4 YA . -52.61 -48.07 -61.24
FE4 SF4 YA . -54.85 -49.05 -60.27
S1 SF4 YA . -53.87 -49.65 -62.21
S2 SF4 YA . -53.93 -47.07 -59.72
S3 SF4 YA . -54.06 -50.51 -58.74
S4 SF4 YA . -51.03 -49.15 -60.10
PB ADP ZA . -66.38 -46.13 -72.72
O1B ADP ZA . -67.27 -47.13 -72.13
O2B ADP ZA . -65.32 -46.68 -73.62
O3B ADP ZA . -65.88 -45.08 -71.65
PA ADP ZA . -68.15 -45.72 -75.05
O1A ADP ZA . -67.24 -45.45 -76.24
O2A ADP ZA . -69.46 -44.97 -75.09
O3A ADP ZA . -67.38 -45.34 -73.70
O5' ADP ZA . -68.30 -47.30 -75.10
C5' ADP ZA . -69.54 -47.90 -75.64
C4' ADP ZA . -69.52 -48.31 -77.15
O4' ADP ZA . -70.86 -48.78 -77.58
C3' ADP ZA . -69.22 -47.22 -78.20
O3' ADP ZA . -68.53 -47.84 -79.30
C2' ADP ZA . -70.61 -46.64 -78.51
O2' ADP ZA . -70.72 -46.00 -79.78
C1' ADP ZA . -71.55 -47.85 -78.42
N9 ADP ZA . -72.92 -47.44 -77.85
C8 ADP ZA . -73.20 -46.97 -76.60
N7 ADP ZA . -74.49 -46.70 -76.39
C5 ADP ZA . -75.07 -47.00 -77.56
C6 ADP ZA . -76.45 -46.91 -77.98
N6 ADP ZA . -77.44 -46.50 -77.28
N1 ADP ZA . -76.66 -47.32 -79.29
C2 ADP ZA . -75.63 -47.78 -80.13
N3 ADP ZA . -74.37 -47.86 -79.77
C4 ADP ZA . -74.13 -47.47 -78.50
#